data_3MT6
#
_entry.id   3MT6
#
_cell.length_a   93.254
_cell.length_b   121.150
_cell.length_c   276.170
_cell.angle_alpha   90.00
_cell.angle_beta   91.38
_cell.angle_gamma   90.00
#
_symmetry.space_group_name_H-M   'P 1 21 1'
#
loop_
_entity.id
_entity.type
_entity.pdbx_description
1 polymer 'ATP-dependent Clp protease proteolytic subunit'
2 polymer 'ACYLDEPSIPEPTIDE 1'
3 non-polymer (4S)-2-METHYL-2,4-PENTANEDIOL
4 water water
#
loop_
_entity_poly.entity_id
_entity_poly.type
_entity_poly.pdbx_seq_one_letter_code
_entity_poly.pdbx_strand_id
1 'polypeptide(L)'
;MSYSGERDNFAPHMALVPMVIEQTSRGERSFDIYSRLLKERVIFLTGQVEDHMANLIVAQMLFLEAENPEKDIYLYINSP
GGVITAGMSIYDTMQFIKPDVSTICMGQAASMGAFLLTAGAKGKRFCLPNSRVMIHQPLGGYQGQATDIEIHAREILKVK
GRMNELMALHTGQSLEQIERDTERDRFLSAPEAVEYGLVDSILTHRN
;
R,S,T,U,O,P,Q,Y,Z,a,b,V,W,X,M,L,K,J,I,H,N,F,E,D,C,B,A,G
2 'polypeptide(L)' (OTT)FSP(MAA)A(MP8) 1,2,c,d,e,f,g,h,i,j,k,l,m,n,o,p,q,r,s,t,v,w,x,y,z,3,4,u
#
# COMPACT_ATOMS: atom_id res chain seq x y z
N VAL A 17 -6.54 -12.98 13.05
CA VAL A 17 -5.30 -12.69 12.35
C VAL A 17 -4.91 -11.21 12.49
N PRO A 18 -3.68 -10.96 12.98
CA PRO A 18 -3.17 -9.61 13.16
C PRO A 18 -3.08 -8.85 11.84
N MET A 19 -3.23 -7.54 11.91
CA MET A 19 -3.06 -6.68 10.75
C MET A 19 -1.80 -5.84 10.94
N VAL A 20 -1.09 -5.57 9.84
CA VAL A 20 0.15 -4.80 9.93
C VAL A 20 0.23 -3.74 8.83
N SER A 30 -2.76 -1.69 4.44
CA SER A 30 -3.07 -2.63 5.51
C SER A 30 -3.24 -4.06 4.98
N PHE A 31 -2.63 -5.02 5.67
CA PHE A 31 -2.72 -6.42 5.29
C PHE A 31 -2.78 -7.28 6.54
N ASP A 32 -3.45 -8.43 6.45
CA ASP A 32 -3.28 -9.45 7.47
C ASP A 32 -1.83 -9.89 7.41
N ILE A 33 -1.34 -10.52 8.48
CA ILE A 33 0.10 -10.82 8.58
C ILE A 33 0.61 -11.72 7.45
N TYR A 34 -0.21 -12.67 7.00
CA TYR A 34 0.21 -13.58 5.95
C TYR A 34 0.29 -12.89 4.59
N SER A 35 -0.68 -12.05 4.29
CA SER A 35 -0.65 -11.26 3.07
C SER A 35 0.58 -10.35 3.08
N ARG A 36 0.92 -9.84 4.26
CA ARG A 36 2.10 -8.99 4.41
C ARG A 36 3.37 -9.76 4.06
N LEU A 37 3.49 -10.98 4.57
CA LEU A 37 4.65 -11.80 4.28
C LEU A 37 4.67 -12.28 2.83
N LEU A 38 3.49 -12.48 2.25
CA LEU A 38 3.39 -12.83 0.84
C LEU A 38 4.01 -11.74 -0.03
N LYS A 39 3.93 -10.50 0.45
CA LYS A 39 4.52 -9.37 -0.28
C LYS A 39 6.03 -9.52 -0.37
N GLU A 40 6.62 -10.22 0.59
CA GLU A 40 8.06 -10.50 0.58
C GLU A 40 8.34 -11.88 0.00
N ARG A 41 7.37 -12.42 -0.74
CA ARG A 41 7.53 -13.67 -1.48
C ARG A 41 7.58 -14.91 -0.57
N VAL A 42 6.97 -14.81 0.59
CA VAL A 42 6.90 -15.94 1.51
C VAL A 42 5.51 -16.57 1.51
N ILE A 43 5.47 -17.88 1.28
CA ILE A 43 4.23 -18.64 1.28
C ILE A 43 4.24 -19.67 2.41
N PHE A 44 3.13 -19.80 3.12
CA PHE A 44 3.04 -20.78 4.19
C PHE A 44 2.27 -22.03 3.75
N LEU A 45 2.84 -23.19 4.05
CA LEU A 45 2.18 -24.46 3.87
C LEU A 45 1.98 -25.07 5.25
N THR A 46 0.75 -25.06 5.73
CA THR A 46 0.48 -25.40 7.12
C THR A 46 -0.68 -26.38 7.27
N GLY A 47 -0.52 -27.33 8.20
CA GLY A 47 -1.55 -28.32 8.45
C GLY A 47 -1.69 -29.32 7.33
N GLN A 48 -2.87 -29.92 7.24
CA GLN A 48 -3.16 -30.99 6.29
C GLN A 48 -3.04 -30.57 4.84
N VAL A 49 -2.35 -31.38 4.05
CA VAL A 49 -2.30 -31.16 2.61
C VAL A 49 -3.57 -31.67 1.95
N GLU A 50 -4.32 -30.75 1.36
CA GLU A 50 -5.55 -31.11 0.65
C GLU A 50 -5.82 -30.13 -0.50
N ASP A 51 -6.79 -30.48 -1.33
CA ASP A 51 -7.07 -29.76 -2.59
C ASP A 51 -7.11 -28.25 -2.48
N HIS A 52 -7.86 -27.75 -1.50
CA HIS A 52 -8.11 -26.31 -1.41
C HIS A 52 -6.90 -25.51 -0.95
N MET A 53 -6.28 -25.96 0.13
CA MET A 53 -5.07 -25.30 0.63
C MET A 53 -3.96 -25.39 -0.41
N ALA A 54 -3.93 -26.48 -1.16
CA ALA A 54 -2.90 -26.71 -2.17
C ALA A 54 -3.08 -25.80 -3.38
N ASN A 55 -4.31 -25.67 -3.86
CA ASN A 55 -4.58 -24.79 -4.99
C ASN A 55 -4.32 -23.33 -4.65
N LEU A 56 -4.46 -22.99 -3.38
CA LEU A 56 -4.18 -21.63 -2.92
C LEU A 56 -2.68 -21.38 -2.98
N ILE A 57 -1.89 -22.39 -2.62
CA ILE A 57 -0.43 -22.31 -2.70
C ILE A 57 0.02 -22.21 -4.14
N VAL A 58 -0.61 -22.98 -5.02
CA VAL A 58 -0.34 -22.92 -6.44
C VAL A 58 -0.60 -21.51 -6.96
N ALA A 59 -1.72 -20.94 -6.55
CA ALA A 59 -2.11 -19.60 -6.98
C ALA A 59 -1.08 -18.56 -6.54
N GLN A 60 -0.64 -18.67 -5.29
CA GLN A 60 0.37 -17.77 -4.75
C GLN A 60 1.68 -17.88 -5.52
N MET A 61 2.08 -19.11 -5.85
CA MET A 61 3.31 -19.34 -6.58
C MET A 61 3.26 -18.72 -7.98
N LEU A 62 2.15 -18.93 -8.66
CA LEU A 62 1.95 -18.36 -9.99
C LEU A 62 1.96 -16.84 -9.95
N PHE A 63 1.32 -16.27 -8.94
CA PHE A 63 1.31 -14.82 -8.76
C PHE A 63 2.72 -14.28 -8.56
N LEU A 64 3.47 -14.89 -7.64
CA LEU A 64 4.82 -14.43 -7.35
C LEU A 64 5.72 -14.48 -8.59
N GLU A 65 5.60 -15.53 -9.39
CA GLU A 65 6.39 -15.63 -10.61
C GLU A 65 6.06 -14.50 -11.59
N ALA A 66 4.78 -14.17 -11.69
CA ALA A 66 4.34 -13.10 -12.58
C ALA A 66 4.85 -11.75 -12.09
N GLU A 67 4.94 -11.60 -10.77
CA GLU A 67 5.49 -10.38 -10.19
C GLU A 67 6.97 -10.25 -10.54
N ASN A 68 7.72 -11.31 -10.26
CA ASN A 68 9.12 -11.40 -10.68
C ASN A 68 9.56 -12.84 -10.82
N PRO A 69 9.87 -13.25 -12.06
CA PRO A 69 10.23 -14.62 -12.41
C PRO A 69 11.68 -14.97 -12.07
N GLU A 70 12.43 -14.00 -11.56
CA GLU A 70 13.86 -14.21 -11.24
CA GLU A 70 13.83 -14.29 -11.24
C GLU A 70 14.11 -14.31 -9.74
N LYS A 71 13.24 -13.68 -8.95
CA LYS A 71 13.42 -13.64 -7.51
C LYS A 71 12.97 -14.92 -6.83
N ASP A 72 13.75 -15.37 -5.85
CA ASP A 72 13.43 -16.59 -5.11
C ASP A 72 12.07 -16.50 -4.44
N ILE A 73 11.44 -17.65 -4.26
CA ILE A 73 10.19 -17.75 -3.51
C ILE A 73 10.45 -18.64 -2.31
N TYR A 74 9.78 -18.36 -1.19
CA TYR A 74 10.01 -19.10 0.03
C TYR A 74 8.75 -19.83 0.47
N LEU A 75 8.90 -21.13 0.70
CA LEU A 75 7.79 -21.98 1.13
C LEU A 75 8.08 -22.50 2.53
N TYR A 76 7.34 -21.98 3.52
CA TYR A 76 7.53 -22.36 4.91
C TYR A 76 6.59 -23.49 5.26
N ILE A 77 7.17 -24.63 5.63
CA ILE A 77 6.42 -25.86 5.80
C ILE A 77 6.31 -26.31 7.26
N ASN A 78 5.07 -26.43 7.73
CA ASN A 78 4.76 -27.05 9.02
C ASN A 78 3.53 -27.92 8.82
N SER A 79 3.74 -29.19 8.52
CA SER A 79 2.66 -30.05 8.06
C SER A 79 2.90 -31.53 8.35
N PRO A 80 1.83 -32.27 8.67
CA PRO A 80 1.88 -33.72 8.85
C PRO A 80 1.71 -34.44 7.51
N GLY A 81 1.56 -33.67 6.45
CA GLY A 81 1.34 -34.24 5.12
C GLY A 81 -0.14 -34.28 4.77
N GLY A 82 -0.51 -35.20 3.88
CA GLY A 82 -1.89 -35.33 3.47
C GLY A 82 -2.07 -35.98 2.11
N VAL A 83 -3.04 -35.48 1.35
CA VAL A 83 -3.41 -36.06 0.07
C VAL A 83 -2.32 -35.90 -0.98
N ILE A 84 -1.91 -37.01 -1.58
CA ILE A 84 -0.80 -37.00 -2.53
C ILE A 84 -1.07 -36.19 -3.79
N THR A 85 -2.22 -36.41 -4.44
CA THR A 85 -2.54 -35.65 -5.65
C THR A 85 -2.50 -34.15 -5.39
N ALA A 86 -3.03 -33.72 -4.25
CA ALA A 86 -3.01 -32.31 -3.89
C ALA A 86 -1.57 -31.82 -3.72
N GLY A 87 -0.77 -32.62 -3.03
CA GLY A 87 0.64 -32.29 -2.85
C GLY A 87 1.35 -32.18 -4.17
N MET A 88 0.98 -33.04 -5.12
CA MET A 88 1.65 -33.07 -6.42
C MET A 88 1.31 -31.87 -7.30
N SER A 89 0.17 -31.22 -7.06
CA SER A 89 -0.13 -29.99 -7.76
C SER A 89 0.87 -28.91 -7.33
N ILE A 90 1.20 -28.91 -6.05
CA ILE A 90 2.21 -27.99 -5.53
C ILE A 90 3.58 -28.35 -6.07
N TYR A 91 3.91 -29.65 -6.05
CA TYR A 91 5.21 -30.10 -6.52
C TYR A 91 5.47 -29.69 -7.96
N ASP A 92 4.52 -29.98 -8.84
CA ASP A 92 4.69 -29.67 -10.26
C ASP A 92 4.76 -28.16 -10.53
N THR A 93 4.05 -27.39 -9.72
CA THR A 93 4.10 -25.93 -9.85
C THR A 93 5.47 -25.44 -9.43
N MET A 94 5.99 -25.99 -8.33
CA MET A 94 7.32 -25.66 -7.86
C MET A 94 8.38 -25.88 -8.95
N GLN A 95 8.29 -27.01 -9.63
CA GLN A 95 9.27 -27.36 -10.65
C GLN A 95 9.07 -26.56 -11.94
N PHE A 96 7.82 -26.20 -12.24
CA PHE A 96 7.52 -25.50 -13.48
C PHE A 96 7.99 -24.05 -13.48
N ILE A 97 7.67 -23.32 -12.42
CA ILE A 97 7.96 -21.89 -12.39
C ILE A 97 9.45 -21.58 -12.41
N LYS A 98 9.80 -20.42 -12.94
CA LYS A 98 11.20 -20.03 -13.10
C LYS A 98 11.94 -19.80 -11.77
N PRO A 99 11.32 -19.09 -10.83
CA PRO A 99 11.99 -18.83 -9.55
C PRO A 99 12.39 -20.10 -8.81
N ASP A 100 13.52 -20.04 -8.11
CA ASP A 100 13.89 -21.09 -7.17
C ASP A 100 12.87 -21.07 -6.03
N VAL A 101 12.40 -22.24 -5.61
CA VAL A 101 11.56 -22.30 -4.43
C VAL A 101 12.37 -22.81 -3.25
N SER A 102 12.72 -21.91 -2.35
CA SER A 102 13.45 -22.27 -1.14
C SER A 102 12.46 -22.79 -0.09
N THR A 103 12.79 -23.92 0.52
CA THR A 103 11.89 -24.52 1.51
C THR A 103 12.49 -24.53 2.92
N ILE A 104 11.64 -24.27 3.91
CA ILE A 104 12.07 -24.25 5.31
C ILE A 104 11.13 -25.10 6.15
N CYS A 105 11.70 -26.00 6.94
CA CYS A 105 10.92 -26.86 7.82
C CYS A 105 10.83 -26.27 9.23
N MET A 106 9.61 -25.96 9.65
CA MET A 106 9.34 -25.45 10.98
C MET A 106 8.44 -26.45 11.72
N GLY A 107 8.81 -26.82 12.93
CA GLY A 107 8.00 -27.75 13.69
C GLY A 107 8.14 -29.16 13.13
N GLN A 108 7.41 -29.45 12.06
CA GLN A 108 7.49 -30.75 11.41
C GLN A 108 7.22 -30.69 9.92
N ALA A 109 7.83 -31.62 9.19
CA ALA A 109 7.44 -31.91 7.82
C ALA A 109 7.36 -33.42 7.71
N ALA A 110 6.13 -33.95 7.70
CA ALA A 110 5.93 -35.39 7.64
C ALA A 110 5.20 -35.78 6.36
N SER A 111 5.55 -36.96 5.84
CA SER A 111 4.87 -37.50 4.68
C SER A 111 4.95 -36.54 3.51
N MET A 112 3.82 -36.20 2.92
CA MET A 112 3.82 -35.28 1.79
C MET A 112 4.50 -33.95 2.14
N GLY A 113 4.47 -33.58 3.42
CA GLY A 113 5.17 -32.40 3.89
C GLY A 113 6.68 -32.51 3.69
N ALA A 114 7.23 -33.65 4.06
CA ALA A 114 8.66 -33.91 3.89
C ALA A 114 9.03 -33.96 2.41
N PHE A 115 8.12 -34.49 1.60
CA PHE A 115 8.35 -34.61 0.18
C PHE A 115 8.47 -33.23 -0.47
N LEU A 116 7.57 -32.33 -0.11
CA LEU A 116 7.60 -30.97 -0.65
C LEU A 116 8.79 -30.20 -0.13
N LEU A 117 9.21 -30.50 1.10
CA LEU A 117 10.39 -29.88 1.68
C LEU A 117 11.63 -30.19 0.83
N THR A 118 11.83 -31.47 0.52
CA THR A 118 13.01 -31.89 -0.21
C THR A 118 12.92 -31.51 -1.68
N ALA A 119 11.72 -31.16 -2.13
CA ALA A 119 11.50 -30.78 -3.52
C ALA A 119 11.96 -29.36 -3.82
N GLY A 120 12.35 -28.64 -2.76
CA GLY A 120 12.81 -27.27 -2.91
C GLY A 120 14.09 -27.19 -3.72
N ALA A 121 14.46 -25.98 -4.14
CA ALA A 121 15.66 -25.79 -4.93
C ALA A 121 16.91 -26.27 -4.20
N LYS A 122 17.71 -27.09 -4.90
CA LYS A 122 18.95 -27.61 -4.35
C LYS A 122 19.83 -26.50 -3.78
N GLY A 123 20.19 -26.62 -2.51
CA GLY A 123 21.02 -25.64 -1.84
C GLY A 123 20.22 -24.65 -0.99
N LYS A 124 18.91 -24.64 -1.20
CA LYS A 124 18.06 -23.67 -0.52
C LYS A 124 16.95 -24.35 0.30
N ARG A 125 17.21 -25.58 0.73
CA ARG A 125 16.28 -26.29 1.59
C ARG A 125 16.81 -26.32 3.03
N PHE A 126 15.98 -25.87 3.96
CA PHE A 126 16.44 -25.69 5.34
C PHE A 126 15.56 -26.41 6.36
N CYS A 127 16.18 -26.80 7.47
CA CYS A 127 15.49 -27.31 8.63
C CYS A 127 15.82 -26.42 9.81
N LEU A 128 14.84 -26.10 10.64
CA LEU A 128 15.13 -25.43 11.91
C LEU A 128 15.73 -26.48 12.84
N PRO A 129 16.57 -26.05 13.80
CA PRO A 129 17.36 -26.94 14.64
C PRO A 129 16.58 -28.04 15.33
N ASN A 130 15.37 -27.75 15.79
CA ASN A 130 14.58 -28.74 16.50
C ASN A 130 13.35 -29.20 15.75
N SER A 131 13.28 -28.86 14.47
CA SER A 131 12.24 -29.38 13.62
C SER A 131 12.60 -30.83 13.35
N ARG A 132 11.62 -31.64 12.99
CA ARG A 132 11.90 -33.02 12.64
C ARG A 132 11.14 -33.42 11.40
N VAL A 133 11.67 -34.41 10.70
CA VAL A 133 11.05 -34.90 9.47
C VAL A 133 10.68 -36.37 9.65
N MET A 134 9.63 -36.78 8.96
CA MET A 134 9.26 -38.19 8.91
C MET A 134 8.90 -38.56 7.47
N ILE A 135 9.42 -39.69 7.01
CA ILE A 135 9.12 -40.18 5.68
C ILE A 135 8.51 -41.57 5.75
N HIS A 136 7.70 -41.91 4.75
CA HIS A 136 7.12 -43.24 4.64
C HIS A 136 6.45 -43.43 3.28
N GLN A 137 5.83 -44.60 3.09
CA GLN A 137 5.21 -44.94 1.81
C GLN A 137 3.74 -44.54 1.80
N PRO A 138 3.13 -44.47 0.60
CA PRO A 138 1.74 -44.03 0.47
C PRO A 138 0.76 -44.85 1.28
N LEU A 139 -0.29 -44.19 1.77
CA LEU A 139 -1.38 -44.85 2.46
C LEU A 139 -2.63 -44.78 1.59
N GLY A 140 -3.42 -45.83 1.61
CA GLY A 140 -4.62 -45.85 0.80
C GLY A 140 -5.61 -46.88 1.28
N GLY A 141 -6.56 -47.19 0.41
CA GLY A 141 -7.60 -48.15 0.75
C GLY A 141 -8.70 -48.11 -0.26
N TYR A 142 -9.31 -49.26 -0.50
CA TYR A 142 -10.44 -49.37 -1.39
C TYR A 142 -11.29 -50.53 -0.94
N GLN A 143 -12.58 -50.47 -1.25
CA GLN A 143 -13.46 -51.61 -1.00
C GLN A 143 -14.42 -51.78 -2.16
N GLY A 144 -14.66 -53.04 -2.53
CA GLY A 144 -15.51 -53.35 -3.66
C GLY A 144 -15.12 -54.68 -4.28
N GLN A 145 -15.41 -54.82 -5.57
CA GLN A 145 -15.11 -56.05 -6.29
C GLN A 145 -13.61 -56.28 -6.43
N ALA A 146 -13.21 -57.54 -6.43
CA ALA A 146 -11.82 -57.92 -6.60
C ALA A 146 -11.19 -57.25 -7.82
N THR A 147 -11.91 -57.24 -8.94
CA THR A 147 -11.39 -56.60 -10.14
C THR A 147 -11.03 -55.14 -9.89
N ASP A 148 -11.89 -54.45 -9.15
CA ASP A 148 -11.66 -53.04 -8.83
C ASP A 148 -10.57 -52.87 -7.80
N ILE A 149 -10.48 -53.79 -6.86
CA ILE A 149 -9.42 -53.76 -5.86
C ILE A 149 -8.06 -53.86 -6.54
N GLU A 150 -7.97 -54.70 -7.57
CA GLU A 150 -6.71 -54.86 -8.30
C GLU A 150 -6.35 -53.58 -9.04
N ILE A 151 -7.35 -52.93 -9.62
CA ILE A 151 -7.12 -51.67 -10.33
C ILE A 151 -6.52 -50.62 -9.41
N HIS A 152 -7.11 -50.44 -8.23
CA HIS A 152 -6.67 -49.42 -7.29
C HIS A 152 -5.37 -49.78 -6.58
N ALA A 153 -5.15 -51.07 -6.36
CA ALA A 153 -3.89 -51.53 -5.77
C ALA A 153 -2.78 -51.29 -6.78
N ARG A 154 -3.05 -51.61 -8.04
CA ARG A 154 -2.10 -51.37 -9.11
C ARG A 154 -1.70 -49.90 -9.16
N GLU A 155 -2.68 -49.02 -8.99
CA GLU A 155 -2.44 -47.58 -9.08
C GLU A 155 -1.60 -47.03 -7.94
N ILE A 156 -1.92 -47.41 -6.71
CA ILE A 156 -1.15 -46.88 -5.58
C ILE A 156 0.29 -47.39 -5.59
N LEU A 157 0.51 -48.55 -6.20
CA LEU A 157 1.86 -49.06 -6.35
C LEU A 157 2.64 -48.22 -7.36
N LYS A 158 1.97 -47.78 -8.43
CA LYS A 158 2.58 -46.89 -9.39
C LYS A 158 2.91 -45.55 -8.76
N VAL A 159 1.97 -45.02 -7.98
CA VAL A 159 2.19 -43.76 -7.26
C VAL A 159 3.40 -43.90 -6.34
N LYS A 160 3.45 -44.99 -5.61
CA LYS A 160 4.54 -45.27 -4.68
C LYS A 160 5.88 -45.27 -5.40
N GLY A 161 5.92 -45.87 -6.59
CA GLY A 161 7.14 -45.94 -7.37
C GLY A 161 7.59 -44.57 -7.86
N ARG A 162 6.63 -43.77 -8.34
CA ARG A 162 6.94 -42.42 -8.80
C ARG A 162 7.46 -41.56 -7.67
N MET A 163 6.78 -41.61 -6.52
CA MET A 163 7.18 -40.81 -5.37
C MET A 163 8.60 -41.16 -4.93
N ASN A 164 8.92 -42.46 -4.96
CA ASN A 164 10.26 -42.91 -4.58
C ASN A 164 11.32 -42.43 -5.56
N GLU A 165 11.00 -42.49 -6.86
CA GLU A 165 11.91 -41.98 -7.88
C GLU A 165 12.19 -40.50 -7.69
N LEU A 166 11.15 -39.72 -7.41
CA LEU A 166 11.31 -38.28 -7.22
C LEU A 166 12.11 -37.96 -5.95
N MET A 167 11.91 -38.77 -4.92
CA MET A 167 12.68 -38.62 -3.68
C MET A 167 14.16 -38.89 -3.93
N ALA A 168 14.45 -39.92 -4.72
CA ALA A 168 15.83 -40.26 -5.08
C ALA A 168 16.47 -39.11 -5.83
N LEU A 169 15.71 -38.54 -6.77
CA LEU A 169 16.17 -37.40 -7.57
C LEU A 169 16.58 -36.23 -6.69
N HIS A 170 15.76 -35.90 -5.71
CA HIS A 170 15.97 -34.69 -4.91
C HIS A 170 16.94 -34.86 -3.75
N THR A 171 16.95 -36.04 -3.14
CA THR A 171 17.80 -36.28 -1.96
C THR A 171 19.23 -36.64 -2.35
N GLY A 172 19.38 -37.24 -3.53
CA GLY A 172 20.68 -37.73 -3.95
C GLY A 172 20.90 -39.15 -3.46
N GLN A 173 19.89 -39.70 -2.78
CA GLN A 173 19.93 -41.10 -2.38
C GLN A 173 19.54 -41.95 -3.58
N SER A 174 19.98 -43.21 -3.58
CA SER A 174 19.58 -44.14 -4.61
C SER A 174 18.10 -44.50 -4.42
N LEU A 175 17.46 -44.95 -5.49
CA LEU A 175 16.07 -45.38 -5.39
C LEU A 175 15.92 -46.49 -4.35
N GLU A 176 16.83 -47.46 -4.40
CA GLU A 176 16.81 -48.58 -3.46
C GLU A 176 16.82 -48.07 -2.03
N GLN A 177 17.68 -47.08 -1.76
CA GLN A 177 17.78 -46.52 -0.42
C GLN A 177 16.43 -45.96 0.04
N ILE A 178 15.81 -45.15 -0.82
CA ILE A 178 14.51 -44.56 -0.52
C ILE A 178 13.44 -45.63 -0.27
N GLU A 179 13.33 -46.58 -1.19
CA GLU A 179 12.38 -47.68 -1.04
C GLU A 179 12.51 -48.36 0.31
N ARG A 180 13.74 -48.80 0.61
CA ARG A 180 14.02 -49.52 1.83
C ARG A 180 13.71 -48.69 3.08
N ASP A 181 14.02 -47.40 3.00
CA ASP A 181 13.91 -46.53 4.17
C ASP A 181 12.50 -45.98 4.40
N THR A 182 11.61 -46.16 3.43
CA THR A 182 10.25 -45.64 3.55
C THR A 182 9.18 -46.72 3.67
N GLU A 183 9.60 -47.99 3.70
CA GLU A 183 8.64 -49.08 3.89
C GLU A 183 7.90 -48.91 5.21
N ARG A 184 8.59 -48.35 6.21
CA ARG A 184 7.97 -48.00 7.48
C ARG A 184 8.34 -46.58 7.86
N ASP A 185 7.54 -45.99 8.75
CA ASP A 185 7.80 -44.65 9.25
C ASP A 185 9.27 -44.51 9.63
N ARG A 186 9.89 -43.42 9.16
CA ARG A 186 11.28 -43.15 9.45
C ARG A 186 11.43 -41.69 9.86
N PHE A 187 11.84 -41.46 11.11
CA PHE A 187 12.06 -40.10 11.59
C PHE A 187 13.49 -39.66 11.33
N LEU A 188 13.65 -38.39 11.00
CA LEU A 188 14.98 -37.79 10.85
C LEU A 188 15.05 -36.46 11.58
N SER A 189 15.99 -36.33 12.50
CA SER A 189 16.26 -35.06 13.13
C SER A 189 16.83 -34.10 12.10
N ALA A 190 16.94 -32.84 12.45
CA ALA A 190 17.48 -31.84 11.53
C ALA A 190 18.85 -32.24 10.97
N PRO A 191 19.80 -32.60 11.85
CA PRO A 191 21.11 -33.00 11.34
C PRO A 191 21.04 -34.25 10.48
N GLU A 192 20.16 -35.17 10.84
CA GLU A 192 20.00 -36.40 10.05
C GLU A 192 19.39 -36.11 8.68
N ALA A 193 18.46 -35.16 8.62
CA ALA A 193 17.86 -34.77 7.35
C ALA A 193 18.91 -34.15 6.43
N VAL A 194 19.82 -33.37 7.00
CA VAL A 194 20.94 -32.83 6.23
C VAL A 194 21.80 -33.97 5.70
N GLU A 195 22.21 -34.87 6.59
CA GLU A 195 23.03 -36.01 6.21
C GLU A 195 22.37 -36.85 5.12
N TYR A 196 21.04 -36.97 5.19
CA TYR A 196 20.30 -37.82 4.27
C TYR A 196 20.10 -37.13 2.92
N GLY A 197 20.28 -35.82 2.90
CA GLY A 197 20.10 -35.05 1.68
C GLY A 197 18.68 -34.58 1.48
N LEU A 198 17.86 -34.70 2.52
CA LEU A 198 16.49 -34.20 2.49
C LEU A 198 16.48 -32.68 2.44
N VAL A 199 17.36 -32.07 3.22
CA VAL A 199 17.57 -30.62 3.17
C VAL A 199 19.06 -30.33 3.05
N ASP A 200 19.41 -29.06 2.87
CA ASP A 200 20.80 -28.70 2.61
C ASP A 200 21.55 -28.27 3.87
N SER A 201 20.83 -27.69 4.82
CA SER A 201 21.47 -27.26 6.05
C SER A 201 20.45 -26.92 7.12
N ILE A 202 20.94 -26.73 8.33
CA ILE A 202 20.11 -26.31 9.44
C ILE A 202 20.16 -24.78 9.57
N LEU A 203 18.99 -24.16 9.63
CA LEU A 203 18.89 -22.72 9.84
C LEU A 203 19.31 -22.37 11.26
N THR A 204 20.26 -21.46 11.39
CA THR A 204 20.76 -21.09 12.70
C THR A 204 20.99 -19.59 12.87
N HIS A 205 20.92 -19.15 14.12
CA HIS A 205 21.35 -17.83 14.54
C HIS A 205 22.23 -17.14 13.50
N LEU B 16 -7.10 -19.38 5.12
CA LEU B 16 -7.54 -18.04 4.73
C LEU B 16 -7.01 -17.67 3.35
N VAL B 17 -7.73 -16.81 2.65
CA VAL B 17 -7.32 -16.38 1.33
C VAL B 17 -6.46 -15.11 1.40
N PRO B 18 -5.23 -15.18 0.87
CA PRO B 18 -4.30 -14.05 0.87
C PRO B 18 -4.78 -12.92 -0.02
N MET B 19 -4.47 -11.69 0.38
CA MET B 19 -4.76 -10.53 -0.43
C MET B 19 -3.49 -10.03 -1.10
N VAL B 20 -3.63 -9.48 -2.30
CA VAL B 20 -2.50 -8.87 -3.00
C VAL B 20 -2.93 -7.50 -3.52
N ILE B 21 -1.95 -6.66 -3.84
CA ILE B 21 -2.24 -5.35 -4.41
C ILE B 21 -1.69 -5.22 -5.83
N GLU B 22 -2.52 -4.71 -6.72
CA GLU B 22 -2.13 -4.48 -8.10
C GLU B 22 -1.85 -3.00 -8.33
N ARG B 29 -5.32 -1.34 -6.14
CA ARG B 29 -6.48 -2.15 -5.80
C ARG B 29 -6.08 -3.40 -5.02
N SER B 30 -6.80 -3.67 -3.94
CA SER B 30 -6.57 -4.89 -3.17
C SER B 30 -7.42 -6.02 -3.74
N PHE B 31 -6.81 -7.19 -3.92
CA PHE B 31 -7.49 -8.34 -4.47
C PHE B 31 -7.25 -9.57 -3.62
N ASP B 32 -8.24 -10.44 -3.50
CA ASP B 32 -7.96 -11.79 -3.04
C ASP B 32 -7.22 -12.47 -4.18
N ILE B 33 -6.43 -13.48 -3.86
CA ILE B 33 -5.53 -14.07 -4.86
C ILE B 33 -6.26 -14.63 -6.09
N TYR B 34 -7.45 -15.20 -5.87
CA TYR B 34 -8.20 -15.78 -6.99
C TYR B 34 -8.79 -14.72 -7.91
N SER B 35 -9.30 -13.64 -7.33
CA SER B 35 -9.78 -12.52 -8.13
C SER B 35 -8.62 -11.93 -8.94
N ARG B 36 -7.44 -11.93 -8.35
CA ARG B 36 -6.25 -11.41 -9.02
C ARG B 36 -5.92 -12.22 -10.27
N LEU B 37 -5.97 -13.55 -10.15
CA LEU B 37 -5.70 -14.40 -11.30
C LEU B 37 -6.82 -14.35 -12.34
N LEU B 38 -8.05 -14.16 -11.87
CA LEU B 38 -9.19 -14.04 -12.79
C LEU B 38 -8.98 -12.88 -13.74
N LYS B 39 -8.25 -11.88 -13.28
CA LYS B 39 -7.93 -10.71 -14.09
C LYS B 39 -7.08 -11.10 -15.30
N GLU B 40 -6.23 -12.12 -15.11
CA GLU B 40 -5.41 -12.64 -16.19
C GLU B 40 -6.12 -13.79 -16.92
N ARG B 41 -7.43 -13.88 -16.70
CA ARG B 41 -8.30 -14.82 -17.41
C ARG B 41 -8.09 -16.27 -16.97
N VAL B 42 -7.64 -16.44 -15.72
CA VAL B 42 -7.44 -17.78 -15.17
C VAL B 42 -8.57 -18.11 -14.20
N ILE B 43 -9.21 -19.24 -14.41
CA ILE B 43 -10.29 -19.72 -13.56
C ILE B 43 -9.88 -21.05 -12.92
N PHE B 44 -10.13 -21.18 -11.63
CA PHE B 44 -9.83 -22.43 -10.93
C PHE B 44 -11.06 -23.31 -10.77
N LEU B 45 -10.89 -24.59 -11.08
CA LEU B 45 -11.91 -25.59 -10.79
C LEU B 45 -11.32 -26.51 -9.74
N THR B 46 -11.82 -26.38 -8.51
CA THR B 46 -11.17 -27.00 -7.35
C THR B 46 -12.12 -27.89 -6.57
N GLY B 47 -11.70 -29.13 -6.33
CA GLY B 47 -12.49 -30.05 -5.53
C GLY B 47 -13.74 -30.57 -6.20
N GLN B 48 -14.71 -30.97 -5.39
CA GLN B 48 -15.93 -31.60 -5.88
C GLN B 48 -16.75 -30.71 -6.81
N VAL B 49 -17.17 -31.27 -7.94
CA VAL B 49 -18.07 -30.57 -8.85
C VAL B 49 -19.50 -30.65 -8.34
N GLU B 50 -20.12 -29.49 -8.16
CA GLU B 50 -21.51 -29.41 -7.76
C GLU B 50 -22.11 -28.08 -8.21
N ASP B 51 -23.43 -27.95 -8.09
CA ASP B 51 -24.16 -26.81 -8.64
C ASP B 51 -23.52 -25.45 -8.38
N HIS B 52 -23.24 -25.14 -7.13
CA HIS B 52 -22.80 -23.80 -6.77
C HIS B 52 -21.40 -23.43 -7.27
N MET B 53 -20.43 -24.32 -7.11
CA MET B 53 -19.08 -24.06 -7.60
C MET B 53 -19.08 -24.02 -9.13
N ALA B 54 -19.94 -24.84 -9.73
CA ALA B 54 -20.04 -24.93 -11.19
C ALA B 54 -20.62 -23.66 -11.79
N ASN B 55 -21.71 -23.18 -11.20
CA ASN B 55 -22.34 -21.95 -11.68
C ASN B 55 -21.42 -20.75 -11.51
N LEU B 56 -20.59 -20.76 -10.47
CA LEU B 56 -19.60 -19.71 -10.27
C LEU B 56 -18.58 -19.74 -11.41
N ILE B 57 -18.25 -20.93 -11.88
CA ILE B 57 -17.34 -21.06 -13.01
C ILE B 57 -17.99 -20.58 -14.30
N VAL B 58 -19.27 -20.87 -14.45
CA VAL B 58 -20.04 -20.39 -15.60
C VAL B 58 -20.04 -18.86 -15.63
N ALA B 59 -20.31 -18.25 -14.48
CA ALA B 59 -20.33 -16.79 -14.38
C ALA B 59 -18.98 -16.20 -14.78
N GLN B 60 -17.90 -16.82 -14.34
CA GLN B 60 -16.56 -16.33 -14.64
C GLN B 60 -16.28 -16.39 -16.14
N MET B 61 -16.67 -17.49 -16.78
CA MET B 61 -16.47 -17.65 -18.21
C MET B 61 -17.25 -16.62 -19.01
N LEU B 62 -18.52 -16.42 -18.66
CA LEU B 62 -19.36 -15.45 -19.33
C LEU B 62 -18.81 -14.04 -19.18
N PHE B 63 -18.32 -13.73 -17.99
CA PHE B 63 -17.72 -12.43 -17.73
C PHE B 63 -16.47 -12.21 -18.57
N LEU B 64 -15.60 -13.21 -18.61
CA LEU B 64 -14.36 -13.12 -19.38
C LEU B 64 -14.62 -12.96 -20.87
N GLU B 65 -15.60 -13.68 -21.40
CA GLU B 65 -15.96 -13.53 -22.81
C GLU B 65 -16.35 -12.08 -23.08
N ALA B 66 -17.20 -11.53 -22.21
CA ALA B 66 -17.65 -10.16 -22.36
C ALA B 66 -16.48 -9.18 -22.38
N GLU B 67 -15.55 -9.35 -21.44
CA GLU B 67 -14.39 -8.46 -21.37
C GLU B 67 -13.61 -8.49 -22.67
N ASN B 68 -13.23 -9.70 -23.09
CA ASN B 68 -12.59 -9.90 -24.38
C ASN B 68 -13.01 -11.23 -24.98
N PRO B 69 -13.73 -11.19 -26.11
CA PRO B 69 -14.22 -12.39 -26.80
C PRO B 69 -13.16 -13.09 -27.65
N GLU B 70 -12.00 -12.46 -27.80
CA GLU B 70 -10.92 -13.01 -28.63
C GLU B 70 -9.86 -13.75 -27.82
N LYS B 71 -9.58 -13.27 -26.62
CA LYS B 71 -8.51 -13.83 -25.78
C LYS B 71 -8.86 -15.18 -25.16
N ASP B 72 -7.88 -16.07 -25.12
CA ASP B 72 -8.06 -17.37 -24.50
C ASP B 72 -8.45 -17.25 -23.03
N ILE B 73 -9.14 -18.26 -22.54
CA ILE B 73 -9.46 -18.36 -21.12
C ILE B 73 -8.82 -19.63 -20.61
N TYR B 74 -8.39 -19.63 -19.34
CA TYR B 74 -7.70 -20.78 -18.78
C TYR B 74 -8.45 -21.39 -17.62
N LEU B 75 -8.63 -22.70 -17.66
CA LEU B 75 -9.31 -23.43 -16.61
C LEU B 75 -8.34 -24.41 -15.96
N TYR B 76 -7.93 -24.10 -14.74
CA TYR B 76 -6.99 -24.94 -13.99
C TYR B 76 -7.76 -25.95 -13.14
N ILE B 77 -7.57 -27.22 -13.43
CA ILE B 77 -8.41 -28.27 -12.84
C ILE B 77 -7.66 -29.14 -11.85
N ASN B 78 -8.16 -29.18 -10.63
CA ASN B 78 -7.71 -30.11 -9.61
C ASN B 78 -8.94 -30.65 -8.89
N SER B 79 -9.46 -31.78 -9.37
CA SER B 79 -10.79 -32.23 -8.94
C SER B 79 -10.95 -33.74 -9.04
N PRO B 80 -11.65 -34.33 -8.05
CA PRO B 80 -11.99 -35.75 -8.09
C PRO B 80 -13.27 -35.98 -8.89
N GLY B 81 -13.85 -34.90 -9.41
CA GLY B 81 -15.09 -35.01 -10.17
C GLY B 81 -16.31 -34.66 -9.33
N GLY B 82 -17.48 -35.11 -9.76
CA GLY B 82 -18.71 -34.85 -9.03
C GLY B 82 -19.98 -34.95 -9.87
N VAL B 83 -20.96 -34.12 -9.53
CA VAL B 83 -22.28 -34.17 -10.16
C VAL B 83 -22.23 -33.87 -11.66
N ILE B 84 -22.76 -34.79 -12.45
CA ILE B 84 -22.68 -34.69 -13.91
C ILE B 84 -23.39 -33.47 -14.50
N THR B 85 -24.65 -33.25 -14.13
CA THR B 85 -25.39 -32.12 -14.67
C THR B 85 -24.70 -30.79 -14.35
N ALA B 86 -24.14 -30.69 -13.15
CA ALA B 86 -23.39 -29.51 -12.75
C ALA B 86 -22.17 -29.34 -13.65
N GLY B 87 -21.49 -30.45 -13.92
CA GLY B 87 -20.35 -30.42 -14.81
C GLY B 87 -20.74 -30.05 -16.23
N MET B 88 -21.90 -30.53 -16.67
CA MET B 88 -22.34 -30.26 -18.03
C MET B 88 -22.71 -28.80 -18.27
N SER B 89 -23.06 -28.09 -17.19
CA SER B 89 -23.32 -26.66 -17.31
C SER B 89 -22.02 -25.94 -17.67
N ILE B 90 -20.91 -26.41 -17.10
CA ILE B 90 -19.61 -25.87 -17.43
C ILE B 90 -19.21 -26.24 -18.86
N TYR B 91 -19.41 -27.51 -19.20
CA TYR B 91 -19.07 -28.01 -20.53
C TYR B 91 -19.73 -27.19 -21.63
N ASP B 92 -21.04 -27.00 -21.53
CA ASP B 92 -21.79 -26.28 -22.55
C ASP B 92 -21.37 -24.81 -22.64
N THR B 93 -20.99 -24.23 -21.50
CA THR B 93 -20.52 -22.85 -21.49
C THR B 93 -19.18 -22.74 -22.20
N MET B 94 -18.30 -23.71 -21.94
CA MET B 94 -17.01 -23.76 -22.63
C MET B 94 -17.18 -23.79 -24.14
N GLN B 95 -18.07 -24.65 -24.62
CA GLN B 95 -18.28 -24.78 -26.06
C GLN B 95 -19.01 -23.59 -26.67
N PHE B 96 -19.89 -22.97 -25.88
CA PHE B 96 -20.68 -21.85 -26.38
C PHE B 96 -19.86 -20.59 -26.62
N ILE B 97 -19.04 -20.21 -25.64
CA ILE B 97 -18.32 -18.95 -25.72
C ILE B 97 -17.27 -18.94 -26.83
N LYS B 98 -16.97 -17.76 -27.35
CA LYS B 98 -16.04 -17.63 -28.47
C LYS B 98 -14.58 -17.90 -28.10
N PRO B 99 -14.12 -17.41 -26.95
CA PRO B 99 -12.73 -17.68 -26.57
C PRO B 99 -12.45 -19.18 -26.47
N ASP B 100 -11.25 -19.58 -26.87
CA ASP B 100 -10.79 -20.94 -26.61
C ASP B 100 -10.67 -21.10 -25.10
N VAL B 101 -11.11 -22.25 -24.59
CA VAL B 101 -10.87 -22.55 -23.18
C VAL B 101 -9.76 -23.57 -23.04
N SER B 102 -8.59 -23.09 -22.63
CA SER B 102 -7.44 -23.94 -22.40
C SER B 102 -7.53 -24.59 -21.02
N THR B 103 -7.30 -25.90 -20.95
CA THR B 103 -7.44 -26.62 -19.69
C THR B 103 -6.10 -27.18 -19.21
N ILE B 104 -5.87 -27.12 -17.91
CA ILE B 104 -4.66 -27.63 -17.30
C ILE B 104 -4.98 -28.53 -16.12
N CYS B 105 -4.47 -29.76 -16.16
CA CYS B 105 -4.65 -30.70 -15.06
C CYS B 105 -3.54 -30.57 -14.02
N MET B 106 -3.90 -30.15 -12.82
CA MET B 106 -2.96 -30.06 -11.71
C MET B 106 -3.35 -31.04 -10.62
N GLY B 107 -2.43 -31.93 -10.26
CA GLY B 107 -2.71 -32.92 -9.23
C GLY B 107 -3.51 -34.08 -9.78
N GLN B 108 -4.82 -33.86 -9.96
CA GLN B 108 -5.68 -34.87 -10.54
C GLN B 108 -6.90 -34.26 -11.24
N ALA B 109 -7.33 -34.91 -12.31
CA ALA B 109 -8.62 -34.63 -12.91
C ALA B 109 -9.30 -35.98 -13.09
N ALA B 110 -10.24 -36.28 -12.20
CA ALA B 110 -10.93 -37.57 -12.24
C ALA B 110 -12.42 -37.40 -12.53
N SER B 111 -12.98 -38.39 -13.21
CA SER B 111 -14.41 -38.40 -13.49
C SER B 111 -14.82 -37.16 -14.27
N MET B 112 -15.82 -36.43 -13.80
CA MET B 112 -16.24 -35.22 -14.49
C MET B 112 -15.07 -34.23 -14.61
N GLY B 113 -14.14 -34.30 -13.68
CA GLY B 113 -12.95 -33.47 -13.73
C GLY B 113 -12.15 -33.77 -14.98
N ALA B 114 -11.98 -35.06 -15.26
CA ALA B 114 -11.27 -35.51 -16.44
C ALA B 114 -12.06 -35.16 -17.70
N PHE B 115 -13.38 -35.23 -17.61
CA PHE B 115 -14.22 -34.92 -18.76
C PHE B 115 -14.05 -33.46 -19.20
N LEU B 116 -14.05 -32.55 -18.24
CA LEU B 116 -13.91 -31.14 -18.52
C LEU B 116 -12.49 -30.81 -19.00
N LEU B 117 -11.52 -31.56 -18.53
CA LEU B 117 -10.14 -31.42 -19.00
C LEU B 117 -10.06 -31.70 -20.50
N THR B 118 -10.64 -32.81 -20.93
CA THR B 118 -10.56 -33.22 -22.33
C THR B 118 -11.44 -32.35 -23.21
N ALA B 119 -12.34 -31.59 -22.59
CA ALA B 119 -13.28 -30.76 -23.33
C ALA B 119 -12.68 -29.41 -23.73
N GLY B 120 -11.46 -29.15 -23.26
CA GLY B 120 -10.77 -27.92 -23.59
C GLY B 120 -10.45 -27.82 -25.07
N ALA B 121 -10.15 -26.62 -25.53
CA ALA B 121 -9.84 -26.40 -26.94
C ALA B 121 -8.72 -27.31 -27.43
N LYS B 122 -8.93 -27.91 -28.60
CA LYS B 122 -7.93 -28.78 -29.21
C LYS B 122 -6.58 -28.08 -29.29
N GLY B 123 -5.53 -28.76 -28.83
CA GLY B 123 -4.20 -28.21 -28.85
C GLY B 123 -3.85 -27.40 -27.62
N LYS B 124 -4.86 -27.12 -26.79
CA LYS B 124 -4.65 -26.29 -25.61
C LYS B 124 -5.06 -27.01 -24.32
N ARG B 125 -4.96 -28.33 -24.32
CA ARG B 125 -5.22 -29.12 -23.12
C ARG B 125 -3.89 -29.67 -22.60
N PHE B 126 -3.61 -29.40 -21.33
CA PHE B 126 -2.31 -29.76 -20.75
C PHE B 126 -2.42 -30.61 -19.49
N CYS B 127 -1.43 -31.47 -19.29
CA CYS B 127 -1.22 -32.15 -18.02
C CYS B 127 0.09 -31.67 -17.42
N LEU B 128 0.10 -31.37 -16.13
CA LEU B 128 1.37 -31.20 -15.43
C LEU B 128 2.03 -32.57 -15.36
N PRO B 129 3.37 -32.61 -15.32
CA PRO B 129 4.13 -33.85 -15.51
C PRO B 129 3.73 -35.00 -14.59
N ASN B 130 3.36 -34.70 -13.35
CA ASN B 130 3.04 -35.75 -12.39
C ASN B 130 1.58 -35.73 -11.93
N SER B 131 0.75 -35.01 -12.67
CA SER B 131 -0.68 -35.06 -12.45
C SER B 131 -1.18 -36.38 -13.01
N ARG B 132 -2.37 -36.80 -12.62
CA ARG B 132 -2.95 -38.02 -13.16
C ARG B 132 -4.42 -37.82 -13.48
N VAL B 133 -4.95 -38.71 -14.32
CA VAL B 133 -6.34 -38.64 -14.73
C VAL B 133 -7.00 -39.97 -14.44
N MET B 134 -8.29 -39.95 -14.12
CA MET B 134 -9.06 -41.17 -13.99
C MET B 134 -10.40 -41.01 -14.70
N ILE B 135 -10.82 -42.05 -15.41
CA ILE B 135 -12.10 -42.03 -16.10
C ILE B 135 -12.92 -43.24 -15.71
N HIS B 136 -14.24 -43.08 -15.75
CA HIS B 136 -15.17 -44.18 -15.49
C HIS B 136 -16.59 -43.80 -15.91
N GLN B 137 -17.54 -44.69 -15.65
CA GLN B 137 -18.92 -44.46 -16.07
C GLN B 137 -19.75 -43.85 -14.95
N PRO B 138 -20.93 -43.31 -15.29
CA PRO B 138 -21.74 -42.64 -14.26
C PRO B 138 -22.12 -43.54 -13.10
N LEU B 139 -22.27 -42.93 -11.93
CA LEU B 139 -22.75 -43.63 -10.75
C LEU B 139 -24.07 -43.00 -10.33
N GLY B 140 -24.97 -43.83 -9.81
CA GLY B 140 -26.26 -43.32 -9.39
C GLY B 140 -26.95 -44.26 -8.43
N GLY B 141 -28.22 -44.00 -8.18
CA GLY B 141 -28.98 -44.82 -7.27
C GLY B 141 -30.38 -44.29 -7.14
N TYR B 142 -31.34 -45.19 -7.21
CA TYR B 142 -32.73 -44.81 -7.02
C TYR B 142 -33.41 -45.85 -6.14
N GLN B 143 -34.50 -45.45 -5.52
CA GLN B 143 -35.25 -46.35 -4.65
C GLN B 143 -36.73 -46.07 -4.87
N GLY B 144 -37.53 -47.13 -5.03
CA GLY B 144 -38.95 -46.98 -5.21
C GLY B 144 -39.59 -48.08 -6.04
N GLN B 145 -40.70 -47.76 -6.70
CA GLN B 145 -41.44 -48.70 -7.52
C GLN B 145 -40.65 -49.13 -8.75
N ALA B 146 -40.88 -50.37 -9.18
CA ALA B 146 -40.21 -50.91 -10.36
C ALA B 146 -40.36 -49.99 -11.58
N THR B 147 -41.57 -49.47 -11.78
CA THR B 147 -41.82 -48.58 -12.91
C THR B 147 -40.87 -47.38 -12.88
N ASP B 148 -40.71 -46.80 -11.70
CA ASP B 148 -39.85 -45.63 -11.54
C ASP B 148 -38.38 -46.01 -11.62
N ILE B 149 -38.04 -47.20 -11.15
CA ILE B 149 -36.67 -47.70 -11.24
C ILE B 149 -36.24 -47.79 -12.69
N GLU B 150 -37.16 -48.26 -13.54
CA GLU B 150 -36.90 -48.37 -14.97
C GLU B 150 -36.68 -46.99 -15.60
N ILE B 151 -37.53 -46.04 -15.23
CA ILE B 151 -37.39 -44.67 -15.74
C ILE B 151 -36.02 -44.09 -15.44
N HIS B 152 -35.57 -44.24 -14.20
CA HIS B 152 -34.30 -43.65 -13.78
C HIS B 152 -33.08 -44.44 -14.25
N ALA B 153 -33.23 -45.75 -14.34
CA ALA B 153 -32.18 -46.60 -14.91
C ALA B 153 -31.99 -46.26 -16.39
N ARG B 154 -33.08 -46.11 -17.13
CA ARG B 154 -32.99 -45.73 -18.54
C ARG B 154 -32.28 -44.40 -18.69
N GLU B 155 -32.60 -43.45 -17.81
CA GLU B 155 -32.01 -42.12 -17.89
C GLU B 155 -30.49 -42.14 -17.66
N ILE B 156 -30.04 -42.85 -16.63
CA ILE B 156 -28.61 -42.88 -16.34
C ILE B 156 -27.84 -43.60 -17.45
N LEU B 157 -28.49 -44.54 -18.11
CA LEU B 157 -27.89 -45.20 -19.26
C LEU B 157 -27.74 -44.23 -20.43
N LYS B 158 -28.71 -43.35 -20.61
CA LYS B 158 -28.63 -42.31 -21.63
C LYS B 158 -27.52 -41.32 -21.30
N VAL B 159 -27.41 -40.96 -20.03
CA VAL B 159 -26.34 -40.09 -19.58
C VAL B 159 -24.99 -40.73 -19.87
N LYS B 160 -24.87 -42.02 -19.55
CA LYS B 160 -23.65 -42.78 -19.80
C LYS B 160 -23.28 -42.72 -21.28
N GLY B 161 -24.28 -42.94 -22.14
CA GLY B 161 -24.06 -42.92 -23.58
C GLY B 161 -23.56 -41.58 -24.07
N ARG B 162 -24.17 -40.50 -23.57
CA ARG B 162 -23.77 -39.15 -23.99
C ARG B 162 -22.34 -38.83 -23.57
N MET B 163 -21.99 -39.17 -22.33
CA MET B 163 -20.65 -38.91 -21.82
C MET B 163 -19.60 -39.65 -22.65
N ASN B 164 -19.91 -40.90 -23.01
CA ASN B 164 -19.00 -41.69 -23.84
C ASN B 164 -18.88 -41.12 -25.26
N GLU B 165 -20.01 -40.75 -25.85
CA GLU B 165 -20.01 -40.13 -27.17
C GLU B 165 -19.14 -38.88 -27.21
N LEU B 166 -19.28 -38.03 -26.19
CA LEU B 166 -18.53 -36.79 -26.13
C LEU B 166 -17.05 -37.03 -25.86
N MET B 167 -16.75 -38.06 -25.07
CA MET B 167 -15.36 -38.48 -24.86
C MET B 167 -14.73 -38.91 -26.17
N ALA B 168 -15.44 -39.74 -26.91
CA ALA B 168 -14.96 -40.18 -28.22
C ALA B 168 -14.67 -38.99 -29.12
N LEU B 169 -15.60 -38.04 -29.13
CA LEU B 169 -15.45 -36.84 -29.95
C LEU B 169 -14.19 -36.05 -29.62
N HIS B 170 -13.95 -35.83 -28.33
CA HIS B 170 -12.82 -35.00 -27.90
C HIS B 170 -11.47 -35.72 -27.94
N THR B 171 -11.47 -37.04 -27.72
CA THR B 171 -10.21 -37.79 -27.70
C THR B 171 -9.83 -38.31 -29.08
N GLY B 172 -10.82 -38.64 -29.90
CA GLY B 172 -10.57 -39.21 -31.21
C GLY B 172 -10.59 -40.73 -31.16
N GLN B 173 -10.78 -41.28 -29.96
CA GLN B 173 -10.92 -42.72 -29.80
C GLN B 173 -12.30 -43.14 -30.31
N SER B 174 -12.43 -44.42 -30.67
CA SER B 174 -13.72 -44.94 -31.08
C SER B 174 -14.62 -45.03 -29.86
N LEU B 175 -15.93 -44.96 -30.09
CA LEU B 175 -16.90 -45.07 -29.01
C LEU B 175 -16.70 -46.38 -28.25
N GLU B 176 -16.44 -47.45 -28.98
CA GLU B 176 -16.23 -48.77 -28.37
C GLU B 176 -15.03 -48.77 -27.43
N GLN B 177 -13.95 -48.11 -27.85
CA GLN B 177 -12.75 -48.03 -27.03
C GLN B 177 -13.03 -47.26 -25.74
N ILE B 178 -13.72 -46.13 -25.88
CA ILE B 178 -14.12 -45.34 -24.72
C ILE B 178 -14.94 -46.18 -23.75
N GLU B 179 -15.92 -46.90 -24.29
CA GLU B 179 -16.80 -47.75 -23.48
C GLU B 179 -16.01 -48.80 -22.72
N ARG B 180 -15.12 -49.50 -23.43
CA ARG B 180 -14.29 -50.52 -22.81
C ARG B 180 -13.46 -49.91 -21.69
N ASP B 181 -12.92 -48.72 -21.94
CA ASP B 181 -12.00 -48.08 -21.01
C ASP B 181 -12.69 -47.38 -19.83
N THR B 182 -14.01 -47.24 -19.89
CA THR B 182 -14.73 -46.54 -18.83
C THR B 182 -15.69 -47.43 -18.03
N GLU B 183 -15.81 -48.70 -18.42
CA GLU B 183 -16.67 -49.63 -17.67
C GLU B 183 -16.23 -49.69 -16.22
N ARG B 184 -14.92 -49.64 -16.00
CA ARG B 184 -14.37 -49.59 -14.65
C ARG B 184 -13.36 -48.46 -14.53
N ASP B 185 -13.04 -48.09 -13.29
CA ASP B 185 -12.06 -47.03 -13.04
C ASP B 185 -10.80 -47.26 -13.86
N ARG B 186 -10.35 -46.22 -14.56
CA ARG B 186 -9.17 -46.32 -15.40
CA ARG B 186 -9.16 -46.32 -15.40
C ARG B 186 -8.26 -45.12 -15.18
N PHE B 187 -7.04 -45.38 -14.70
CA PHE B 187 -6.09 -44.31 -14.45
C PHE B 187 -5.17 -44.10 -15.65
N LEU B 188 -4.85 -42.83 -15.92
CA LEU B 188 -3.88 -42.49 -16.95
C LEU B 188 -2.85 -41.53 -16.39
N SER B 189 -1.58 -41.84 -16.58
CA SER B 189 -0.50 -40.92 -16.26
C SER B 189 -0.58 -39.78 -17.27
N ALA B 190 0.22 -38.74 -17.06
CA ALA B 190 0.26 -37.61 -17.99
C ALA B 190 0.62 -38.06 -19.41
N PRO B 191 1.72 -38.82 -19.56
CA PRO B 191 2.10 -39.30 -20.89
C PRO B 191 1.01 -40.18 -21.50
N GLU B 192 0.37 -41.00 -20.68
CA GLU B 192 -0.72 -41.85 -21.16
C GLU B 192 -1.91 -41.02 -21.64
N ALA B 193 -2.18 -39.93 -20.93
CA ALA B 193 -3.28 -39.05 -21.29
C ALA B 193 -3.03 -38.38 -22.64
N VAL B 194 -1.79 -37.99 -22.89
CA VAL B 194 -1.42 -37.42 -24.18
C VAL B 194 -1.62 -38.47 -25.28
N GLU B 195 -1.12 -39.67 -25.03
CA GLU B 195 -1.24 -40.77 -25.98
C GLU B 195 -2.70 -41.12 -26.28
N TYR B 196 -3.55 -41.00 -25.26
CA TYR B 196 -4.95 -41.39 -25.39
C TYR B 196 -5.77 -40.33 -26.11
N GLY B 197 -5.24 -39.10 -26.16
CA GLY B 197 -5.96 -38.00 -26.78
C GLY B 197 -6.79 -37.23 -25.77
N LEU B 198 -6.59 -37.53 -24.49
CA LEU B 198 -7.28 -36.82 -23.42
C LEU B 198 -6.79 -35.38 -23.33
N VAL B 199 -5.48 -35.21 -23.37
CA VAL B 199 -4.87 -33.89 -23.44
C VAL B 199 -3.90 -33.87 -24.61
N ASP B 200 -3.36 -32.70 -24.92
CA ASP B 200 -2.52 -32.55 -26.09
C ASP B 200 -1.03 -32.63 -25.77
N SER B 201 -0.64 -32.20 -24.57
CA SER B 201 0.76 -32.24 -24.19
C SER B 201 1.00 -32.06 -22.69
N ILE B 202 2.21 -32.39 -22.27
CA ILE B 202 2.64 -32.21 -20.89
C ILE B 202 3.35 -30.88 -20.77
N LEU B 203 3.07 -30.15 -19.69
CA LEU B 203 3.73 -28.87 -19.45
C LEU B 203 5.16 -29.07 -18.98
N THR B 204 6.11 -28.52 -19.74
CA THR B 204 7.52 -28.62 -19.39
C THR B 204 8.04 -27.31 -18.84
N HIS B 205 8.96 -27.39 -17.87
CA HIS B 205 9.46 -26.23 -17.15
C HIS B 205 9.49 -24.96 -17.99
N LEU C 16 -16.04 -18.56 -1.63
CA LEU C 16 -15.42 -17.32 -2.07
C LEU C 16 -15.93 -16.91 -3.46
N VAL C 17 -16.58 -15.75 -3.53
CA VAL C 17 -17.02 -15.20 -4.80
C VAL C 17 -16.00 -14.19 -5.31
N PRO C 18 -15.48 -14.41 -6.52
CA PRO C 18 -14.48 -13.51 -7.09
C PRO C 18 -15.00 -12.09 -7.27
N MET C 19 -14.12 -11.11 -7.08
CA MET C 19 -14.46 -9.72 -7.33
C MET C 19 -13.94 -9.32 -8.71
N VAL C 20 -14.66 -8.42 -9.37
CA VAL C 20 -14.23 -7.89 -10.66
C VAL C 20 -14.38 -6.38 -10.69
N ILE C 21 -13.87 -5.75 -11.75
CA ILE C 21 -13.92 -4.29 -11.86
C ILE C 21 -14.76 -3.83 -13.06
N GLU C 22 -15.62 -2.84 -12.80
CA GLU C 22 -16.39 -2.22 -13.87
C GLU C 22 -15.93 -0.76 -14.03
N GLN C 23 -16.33 -0.15 -15.13
CA GLN C 23 -16.03 1.27 -15.37
C GLN C 23 -17.32 2.08 -15.33
N GLU C 28 -13.38 3.74 -11.04
CA GLU C 28 -13.66 2.32 -11.15
C GLU C 28 -14.33 1.78 -9.91
N ARG C 29 -15.13 0.72 -10.08
CA ARG C 29 -15.87 0.11 -8.97
C ARG C 29 -15.65 -1.40 -8.98
N SER C 30 -15.75 -2.01 -7.80
CA SER C 30 -15.56 -3.44 -7.65
C SER C 30 -16.84 -4.15 -7.19
N PHE C 31 -17.25 -5.18 -7.94
CA PHE C 31 -18.42 -5.99 -7.63
C PHE C 31 -18.04 -7.45 -7.49
N ASP C 32 -18.75 -8.17 -6.64
CA ASP C 32 -18.69 -9.63 -6.71
C ASP C 32 -19.25 -9.99 -8.09
N ILE C 33 -18.83 -11.12 -8.64
CA ILE C 33 -19.16 -11.45 -10.01
C ILE C 33 -20.67 -11.55 -10.29
N TYR C 34 -21.42 -12.02 -9.31
CA TYR C 34 -22.87 -12.13 -9.48
C TYR C 34 -23.53 -10.75 -9.55
N SER C 35 -23.08 -9.83 -8.71
CA SER C 35 -23.58 -8.47 -8.76
C SER C 35 -23.21 -7.82 -10.10
N ARG C 36 -22.04 -8.17 -10.62
CA ARG C 36 -21.60 -7.65 -11.91
C ARG C 36 -22.55 -8.11 -13.03
N LEU C 37 -22.90 -9.39 -13.02
CA LEU C 37 -23.80 -9.91 -14.03
C LEU C 37 -25.22 -9.38 -13.86
N LEU C 38 -25.61 -9.12 -12.61
CA LEU C 38 -26.91 -8.52 -12.33
C LEU C 38 -27.01 -7.16 -13.01
N LYS C 39 -25.88 -6.46 -13.07
CA LYS C 39 -25.79 -5.17 -13.74
C LYS C 39 -26.17 -5.29 -15.21
N GLU C 40 -25.94 -6.46 -15.80
CA GLU C 40 -26.29 -6.71 -17.18
C GLU C 40 -27.63 -7.43 -17.30
N ARG C 41 -28.41 -7.39 -16.22
CA ARG C 41 -29.77 -7.92 -16.20
C ARG C 41 -29.83 -9.45 -16.22
N VAL C 42 -28.78 -10.08 -15.72
CA VAL C 42 -28.75 -11.54 -15.60
C VAL C 42 -28.93 -11.96 -14.15
N ILE C 43 -29.90 -12.85 -13.92
CA ILE C 43 -30.16 -13.40 -12.60
C ILE C 43 -29.95 -14.91 -12.63
N PHE C 44 -29.29 -15.43 -11.60
CA PHE C 44 -29.06 -16.87 -11.51
C PHE C 44 -30.06 -17.53 -10.57
N LEU C 45 -30.62 -18.66 -11.02
CA LEU C 45 -31.43 -19.51 -10.16
C LEU C 45 -30.66 -20.81 -10.01
N THR C 46 -30.08 -21.02 -8.83
CA THR C 46 -29.15 -22.11 -8.63
C THR C 46 -29.55 -23.01 -7.46
N GLY C 47 -29.58 -24.31 -7.71
CA GLY C 47 -29.87 -25.26 -6.66
C GLY C 47 -31.34 -25.36 -6.27
N GLN C 48 -31.58 -25.89 -5.08
CA GLN C 48 -32.93 -26.15 -4.59
CA GLN C 48 -32.94 -26.16 -4.63
C GLN C 48 -33.76 -24.88 -4.49
N VAL C 49 -34.99 -24.93 -4.97
CA VAL C 49 -35.90 -23.80 -4.86
C VAL C 49 -36.52 -23.75 -3.45
N GLU C 50 -36.37 -22.60 -2.79
CA GLU C 50 -36.95 -22.41 -1.46
C GLU C 50 -37.13 -20.92 -1.17
N ASP C 51 -37.91 -20.62 -0.13
CA ASP C 51 -38.34 -19.26 0.18
C ASP C 51 -37.28 -18.17 0.03
N HIS C 52 -36.13 -18.36 0.67
CA HIS C 52 -35.14 -17.29 0.74
C HIS C 52 -34.41 -17.04 -0.58
N MET C 53 -33.97 -18.11 -1.25
CA MET C 53 -33.36 -17.96 -2.56
C MET C 53 -34.39 -17.44 -3.55
N ALA C 54 -35.64 -17.86 -3.38
CA ALA C 54 -36.72 -17.44 -4.27
C ALA C 54 -37.02 -15.95 -4.11
N ASN C 55 -37.13 -15.49 -2.87
CA ASN C 55 -37.41 -14.08 -2.64
CA ASN C 55 -37.39 -14.08 -2.59
C ASN C 55 -36.28 -13.18 -3.11
N LEU C 56 -35.05 -13.68 -3.06
CA LEU C 56 -33.91 -12.93 -3.56
C LEU C 56 -34.05 -12.73 -5.07
N ILE C 57 -34.56 -13.75 -5.75
CA ILE C 57 -34.78 -13.67 -7.19
C ILE C 57 -35.92 -12.69 -7.50
N VAL C 58 -36.96 -12.70 -6.67
CA VAL C 58 -38.06 -11.75 -6.84
C VAL C 58 -37.55 -10.31 -6.69
N ALA C 59 -36.75 -10.07 -5.67
CA ALA C 59 -36.19 -8.75 -5.43
C ALA C 59 -35.36 -8.29 -6.63
N GLN C 60 -34.53 -9.19 -7.15
CA GLN C 60 -33.71 -8.88 -8.32
C GLN C 60 -34.57 -8.51 -9.53
N MET C 61 -35.65 -9.26 -9.75
CA MET C 61 -36.55 -9.01 -10.86
C MET C 61 -37.25 -7.65 -10.74
N LEU C 62 -37.72 -7.33 -9.54
CA LEU C 62 -38.39 -6.07 -9.30
C LEU C 62 -37.42 -4.90 -9.47
N PHE C 63 -36.19 -5.08 -8.99
CA PHE C 63 -35.16 -4.06 -9.15
C PHE C 63 -34.88 -3.79 -10.63
N LEU C 64 -34.69 -4.86 -11.39
CA LEU C 64 -34.40 -4.73 -12.82
C LEU C 64 -35.54 -4.07 -13.58
N GLU C 65 -36.79 -4.41 -13.24
CA GLU C 65 -37.92 -3.75 -13.89
C GLU C 65 -37.89 -2.25 -13.63
N ALA C 66 -37.64 -1.88 -12.37
CA ALA C 66 -37.60 -0.46 -12.00
C ALA C 66 -36.46 0.24 -12.73
N GLU C 67 -35.35 -0.45 -12.90
CA GLU C 67 -34.22 0.12 -13.60
C GLU C 67 -34.59 0.43 -15.03
N ASN C 68 -35.17 -0.56 -15.70
CA ASN C 68 -35.60 -0.39 -17.08
C ASN C 68 -36.77 -1.34 -17.39
N PRO C 69 -37.99 -0.77 -17.44
CA PRO C 69 -39.23 -1.50 -17.70
C PRO C 69 -39.27 -2.13 -19.09
N GLU C 70 -38.35 -1.73 -19.95
CA GLU C 70 -38.36 -2.15 -21.35
C GLU C 70 -37.41 -3.30 -21.69
N LYS C 71 -36.22 -3.30 -21.09
CA LYS C 71 -35.19 -4.27 -21.44
C LYS C 71 -35.47 -5.68 -20.94
N ASP C 72 -35.09 -6.68 -21.74
CA ASP C 72 -35.23 -8.06 -21.35
C ASP C 72 -34.47 -8.36 -20.06
N ILE C 73 -34.95 -9.35 -19.32
CA ILE C 73 -34.25 -9.85 -18.14
C ILE C 73 -33.92 -11.31 -18.39
N TYR C 74 -32.80 -11.77 -17.85
CA TYR C 74 -32.35 -13.14 -18.11
C TYR C 74 -32.28 -13.96 -16.83
N LEU C 75 -32.89 -15.13 -16.88
CA LEU C 75 -32.90 -16.04 -15.74
C LEU C 75 -32.19 -17.33 -16.12
N TYR C 76 -30.99 -17.51 -15.59
CA TYR C 76 -30.18 -18.69 -15.88
C TYR C 76 -30.44 -19.76 -14.84
N ILE C 77 -31.01 -20.87 -15.29
CA ILE C 77 -31.52 -21.89 -14.39
C ILE C 77 -30.67 -23.16 -14.36
N ASN C 78 -30.24 -23.54 -13.16
CA ASN C 78 -29.62 -24.83 -12.91
C ASN C 78 -30.12 -25.35 -11.56
N SER C 79 -31.21 -26.11 -11.60
CA SER C 79 -31.92 -26.46 -10.38
C SER C 79 -32.60 -27.82 -10.46
N PRO C 80 -32.60 -28.56 -9.34
CA PRO C 80 -33.33 -29.82 -9.19
C PRO C 80 -34.80 -29.61 -8.84
N GLY C 81 -35.18 -28.35 -8.66
CA GLY C 81 -36.55 -28.03 -8.27
C GLY C 81 -36.65 -27.67 -6.80
N GLY C 82 -37.85 -27.78 -6.23
CA GLY C 82 -38.04 -27.51 -4.82
C GLY C 82 -39.45 -27.14 -4.43
N VAL C 83 -39.57 -26.29 -3.42
CA VAL C 83 -40.86 -25.89 -2.86
C VAL C 83 -41.72 -25.19 -3.91
N ILE C 84 -42.94 -25.68 -4.10
CA ILE C 84 -43.84 -25.14 -5.12
C ILE C 84 -44.24 -23.68 -4.85
N THR C 85 -44.69 -23.38 -3.64
CA THR C 85 -45.12 -22.02 -3.34
C THR C 85 -43.97 -21.02 -3.54
N ALA C 86 -42.76 -21.41 -3.16
CA ALA C 86 -41.59 -20.55 -3.37
C ALA C 86 -41.38 -20.29 -4.86
N GLY C 87 -41.52 -21.34 -5.66
CA GLY C 87 -41.38 -21.21 -7.10
C GLY C 87 -42.45 -20.32 -7.69
N MET C 88 -43.66 -20.40 -7.14
CA MET C 88 -44.78 -19.62 -7.67
C MET C 88 -44.64 -18.13 -7.39
N SER C 89 -43.87 -17.77 -6.37
CA SER C 89 -43.58 -16.36 -6.13
C SER C 89 -42.72 -15.82 -7.27
N ILE C 90 -41.80 -16.64 -7.74
CA ILE C 90 -40.98 -16.30 -8.90
C ILE C 90 -41.84 -16.25 -10.16
N TYR C 91 -42.65 -17.29 -10.36
CA TYR C 91 -43.51 -17.36 -11.54
C TYR C 91 -44.40 -16.12 -11.68
N ASP C 92 -45.13 -15.79 -10.62
CA ASP C 92 -46.04 -14.65 -10.65
C ASP C 92 -45.30 -13.33 -10.86
N THR C 93 -44.08 -13.25 -10.34
CA THR C 93 -43.28 -12.05 -10.54
C THR C 93 -42.85 -11.94 -12.00
N MET C 94 -42.47 -13.07 -12.58
CA MET C 94 -42.09 -13.12 -13.99
C MET C 94 -43.22 -12.62 -14.89
N GLN C 95 -44.44 -13.09 -14.60
CA GLN C 95 -45.58 -12.72 -15.44
C GLN C 95 -46.05 -11.30 -15.17
N PHE C 96 -45.82 -10.80 -13.97
CA PHE C 96 -46.28 -9.46 -13.61
C PHE C 96 -45.47 -8.37 -14.29
N ILE C 97 -44.14 -8.45 -14.19
CA ILE C 97 -43.27 -7.39 -14.67
C ILE C 97 -43.38 -7.21 -16.18
N LYS C 98 -43.13 -5.99 -16.64
CA LYS C 98 -43.22 -5.66 -18.06
C LYS C 98 -42.12 -6.32 -18.90
N PRO C 99 -40.87 -6.30 -18.41
CA PRO C 99 -39.79 -6.91 -19.19
C PRO C 99 -40.06 -8.38 -19.51
N ASP C 100 -39.69 -8.80 -20.71
CA ASP C 100 -39.68 -10.21 -21.04
C ASP C 100 -38.64 -10.88 -20.16
N VAL C 101 -38.98 -12.02 -19.58
CA VAL C 101 -37.99 -12.80 -18.85
C VAL C 101 -37.53 -13.99 -19.70
N SER C 102 -36.32 -13.86 -20.22
CA SER C 102 -35.72 -14.92 -21.03
C SER C 102 -35.09 -15.96 -20.11
N THR C 103 -35.36 -17.23 -20.36
CA THR C 103 -34.85 -18.30 -19.50
C THR C 103 -33.86 -19.21 -20.23
N ILE C 104 -32.81 -19.63 -19.51
CA ILE C 104 -31.83 -20.54 -20.07
C ILE C 104 -31.56 -21.70 -19.11
N CYS C 105 -31.68 -22.91 -19.62
CA CYS C 105 -31.42 -24.11 -18.83
C CYS C 105 -29.96 -24.52 -18.97
N MET C 106 -29.23 -24.48 -17.85
CA MET C 106 -27.84 -24.94 -17.80
C MET C 106 -27.73 -26.14 -16.87
N GLY C 107 -27.19 -27.24 -17.38
CA GLY C 107 -27.07 -28.45 -16.59
C GLY C 107 -28.39 -29.18 -16.51
N GLN C 108 -29.26 -28.72 -15.62
CA GLN C 108 -30.60 -29.29 -15.53
C GLN C 108 -31.63 -28.27 -15.04
N ALA C 109 -32.87 -28.50 -15.45
CA ALA C 109 -34.00 -27.81 -14.85
C ALA C 109 -35.05 -28.87 -14.59
N ALA C 110 -35.18 -29.28 -13.33
CA ALA C 110 -36.09 -30.35 -12.97
C ALA C 110 -37.23 -29.84 -12.10
N SER C 111 -38.41 -30.42 -12.31
CA SER C 111 -39.57 -30.11 -11.48
C SER C 111 -39.88 -28.61 -11.51
N MET C 112 -39.90 -27.97 -10.35
CA MET C 112 -40.17 -26.54 -10.30
C MET C 112 -39.15 -25.76 -11.15
N GLY C 113 -37.94 -26.30 -11.27
CA GLY C 113 -36.93 -25.70 -12.13
C GLY C 113 -37.37 -25.73 -13.59
N ALA C 114 -37.95 -26.86 -13.99
CA ALA C 114 -38.47 -27.00 -15.35
C ALA C 114 -39.68 -26.12 -15.57
N PHE C 115 -40.50 -25.97 -14.54
CA PHE C 115 -41.69 -25.13 -14.62
C PHE C 115 -41.32 -23.68 -14.89
N LEU C 116 -40.35 -23.17 -14.14
CA LEU C 116 -39.93 -21.78 -14.29
C LEU C 116 -39.19 -21.57 -15.62
N LEU C 117 -38.57 -22.62 -16.13
CA LEU C 117 -37.91 -22.56 -17.43
C LEU C 117 -38.93 -22.30 -18.53
N THR C 118 -39.97 -23.13 -18.57
CA THR C 118 -40.98 -23.02 -19.61
C THR C 118 -41.84 -21.78 -19.44
N ALA C 119 -41.79 -21.18 -18.26
CA ALA C 119 -42.59 -20.00 -17.96
C ALA C 119 -41.96 -18.73 -18.52
N GLY C 120 -40.79 -18.88 -19.13
CA GLY C 120 -40.12 -17.75 -19.75
C GLY C 120 -40.91 -17.19 -20.92
N ALA C 121 -40.55 -15.99 -21.36
CA ALA C 121 -41.21 -15.35 -22.49
C ALA C 121 -41.14 -16.23 -23.74
N LYS C 122 -42.29 -16.40 -24.39
CA LYS C 122 -42.33 -17.22 -25.60
C LYS C 122 -41.32 -16.72 -26.63
N GLY C 123 -40.56 -17.64 -27.20
CA GLY C 123 -39.53 -17.30 -28.16
C GLY C 123 -38.18 -17.06 -27.52
N LYS C 124 -38.16 -16.93 -26.20
CA LYS C 124 -36.94 -16.58 -25.50
C LYS C 124 -36.58 -17.59 -24.40
N ARG C 125 -36.97 -18.84 -24.60
CA ARG C 125 -36.62 -19.92 -23.67
C ARG C 125 -35.61 -20.85 -24.33
N PHE C 126 -34.48 -21.08 -23.66
CA PHE C 126 -33.38 -21.83 -24.26
C PHE C 126 -32.90 -22.99 -23.40
N CYS C 127 -32.45 -24.04 -24.08
CA CYS C 127 -31.69 -25.11 -23.45
C CYS C 127 -30.27 -25.09 -23.99
N LEU C 128 -29.28 -25.25 -23.12
CA LEU C 128 -27.93 -25.53 -23.60
C LEU C 128 -27.96 -26.94 -24.16
N PRO C 129 -27.11 -27.23 -25.16
CA PRO C 129 -27.17 -28.47 -25.92
C PRO C 129 -27.20 -29.76 -25.10
N ASN C 130 -26.49 -29.78 -23.98
CA ASN C 130 -26.41 -30.99 -23.17
C ASN C 130 -27.10 -30.89 -21.82
N SER C 131 -27.91 -29.85 -21.66
CA SER C 131 -28.74 -29.73 -20.46
C SER C 131 -29.91 -30.68 -20.59
N ARG C 132 -30.56 -31.00 -19.47
CA ARG C 132 -31.75 -31.85 -19.52
C ARG C 132 -32.85 -31.28 -18.63
N VAL C 133 -34.07 -31.77 -18.86
CA VAL C 133 -35.24 -31.33 -18.12
C VAL C 133 -35.94 -32.53 -17.53
N MET C 134 -36.59 -32.36 -16.40
CA MET C 134 -37.46 -33.40 -15.85
C MET C 134 -38.75 -32.78 -15.34
N ILE C 135 -39.87 -33.44 -15.63
CA ILE C 135 -41.17 -32.97 -15.18
C ILE C 135 -41.88 -34.08 -14.44
N HIS C 136 -42.79 -33.68 -13.55
CA HIS C 136 -43.57 -34.63 -12.79
C HIS C 136 -44.64 -33.91 -11.98
N GLN C 137 -45.36 -34.65 -11.14
CA GLN C 137 -46.46 -34.08 -10.37
C GLN C 137 -46.03 -33.71 -8.95
N PRO C 138 -46.85 -32.90 -8.27
CA PRO C 138 -46.51 -32.43 -6.93
C PRO C 138 -46.29 -33.58 -5.95
N LEU C 139 -45.35 -33.38 -5.05
CA LEU C 139 -45.10 -34.30 -3.95
C LEU C 139 -45.50 -33.61 -2.65
N GLY C 140 -46.06 -34.36 -1.72
CA GLY C 140 -46.45 -33.80 -0.45
C GLY C 140 -46.58 -34.87 0.62
N GLY C 141 -47.20 -34.51 1.72
CA GLY C 141 -47.39 -35.44 2.81
C GLY C 141 -48.03 -34.76 3.99
N TYR C 142 -48.96 -35.47 4.64
CA TYR C 142 -49.58 -34.95 5.85
C TYR C 142 -49.78 -36.09 6.84
N GLN C 143 -49.83 -35.74 8.12
CA GLN C 143 -50.07 -36.70 9.18
C GLN C 143 -51.09 -36.13 10.14
N GLY C 144 -52.12 -36.91 10.47
CA GLY C 144 -53.11 -36.47 11.43
C GLY C 144 -54.46 -37.13 11.26
N GLN C 145 -55.51 -36.41 11.68
CA GLN C 145 -56.87 -36.91 11.58
C GLN C 145 -57.33 -37.06 10.14
N ALA C 146 -58.22 -38.02 9.90
CA ALA C 146 -58.75 -38.26 8.56
C ALA C 146 -59.32 -36.97 7.94
N THR C 147 -60.04 -36.20 8.74
CA THR C 147 -60.64 -34.95 8.26
C THR C 147 -59.57 -34.03 7.70
N ASP C 148 -58.48 -33.88 8.44
CA ASP C 148 -57.39 -32.98 8.05
C ASP C 148 -56.62 -33.54 6.86
N ILE C 149 -56.46 -34.86 6.84
CA ILE C 149 -55.82 -35.51 5.70
C ILE C 149 -56.59 -35.18 4.43
N GLU C 150 -57.91 -35.21 4.49
CA GLU C 150 -58.72 -34.93 3.31
C GLU C 150 -58.56 -33.49 2.87
N ILE C 151 -58.53 -32.58 3.83
CA ILE C 151 -58.34 -31.16 3.52
C ILE C 151 -57.04 -30.93 2.74
N HIS C 152 -55.97 -31.56 3.21
CA HIS C 152 -54.67 -31.37 2.58
C HIS C 152 -54.52 -32.13 1.27
N ALA C 153 -55.11 -33.32 1.19
CA ALA C 153 -55.12 -34.07 -0.06
C ALA C 153 -55.90 -33.30 -1.14
N ARG C 154 -57.05 -32.77 -0.75
CA ARG C 154 -57.85 -31.94 -1.65
C ARG C 154 -57.02 -30.79 -2.20
N GLU C 155 -56.26 -30.15 -1.33
CA GLU C 155 -55.46 -28.98 -1.72
C GLU C 155 -54.34 -29.34 -2.68
N ILE C 156 -53.59 -30.39 -2.39
CA ILE C 156 -52.48 -30.75 -3.26
C ILE C 156 -52.98 -31.17 -4.65
N LEU C 157 -54.17 -31.73 -4.72
CA LEU C 157 -54.78 -32.07 -6.00
C LEU C 157 -55.12 -30.80 -6.79
N LYS C 158 -55.57 -29.76 -6.07
CA LYS C 158 -55.82 -28.48 -6.70
C LYS C 158 -54.54 -27.84 -7.23
N VAL C 159 -53.47 -27.95 -6.44
CA VAL C 159 -52.17 -27.46 -6.86
C VAL C 159 -51.70 -28.16 -8.14
N LYS C 160 -51.78 -29.48 -8.12
CA LYS C 160 -51.41 -30.29 -9.27
C LYS C 160 -52.21 -29.85 -10.50
N GLY C 161 -53.50 -29.61 -10.31
CA GLY C 161 -54.35 -29.16 -11.39
C GLY C 161 -53.89 -27.84 -11.99
N ARG C 162 -53.56 -26.89 -11.12
CA ARG C 162 -53.09 -25.58 -11.56
C ARG C 162 -51.76 -25.69 -12.30
N MET C 163 -50.85 -26.47 -11.74
CA MET C 163 -49.53 -26.63 -12.34
C MET C 163 -49.66 -27.24 -13.75
N ASN C 164 -50.54 -28.21 -13.90
CA ASN C 164 -50.75 -28.84 -15.21
C ASN C 164 -51.38 -27.88 -16.21
N GLU C 165 -52.35 -27.10 -15.77
CA GLU C 165 -52.97 -26.08 -16.62
C GLU C 165 -51.92 -25.09 -17.12
N LEU C 166 -51.06 -24.64 -16.22
CA LEU C 166 -50.02 -23.67 -16.58
C LEU C 166 -48.98 -24.27 -17.53
N MET C 167 -48.63 -25.54 -17.31
CA MET C 167 -47.71 -26.23 -18.21
C MET C 167 -48.31 -26.32 -19.62
N ALA C 168 -49.58 -26.69 -19.70
CA ALA C 168 -50.28 -26.77 -20.98
C ALA C 168 -50.23 -25.42 -21.68
N LEU C 169 -50.53 -24.36 -20.93
CA LEU C 169 -50.51 -23.01 -21.47
C LEU C 169 -49.17 -22.66 -22.09
N HIS C 170 -48.09 -22.91 -21.35
CA HIS C 170 -46.75 -22.50 -21.77
C HIS C 170 -46.13 -23.39 -22.84
N THR C 171 -46.44 -24.68 -22.82
CA THR C 171 -45.87 -25.62 -23.79
C THR C 171 -46.68 -25.67 -25.08
N GLY C 172 -47.98 -25.40 -24.97
CA GLY C 172 -48.89 -25.54 -26.10
C GLY C 172 -49.46 -26.94 -26.21
N GLN C 173 -49.06 -27.80 -25.28
CA GLN C 173 -49.62 -29.15 -25.23
C GLN C 173 -51.02 -29.09 -24.65
N SER C 174 -51.84 -30.10 -24.94
CA SER C 174 -53.16 -30.20 -24.33
C SER C 174 -53.01 -30.53 -22.86
N LEU C 175 -53.98 -30.15 -22.05
CA LEU C 175 -53.97 -30.48 -20.63
C LEU C 175 -53.92 -31.99 -20.45
N GLU C 176 -54.68 -32.69 -21.28
CA GLU C 176 -54.74 -34.14 -21.24
C GLU C 176 -53.35 -34.75 -21.41
N GLN C 177 -52.58 -34.19 -22.35
CA GLN C 177 -51.25 -34.68 -22.65
C GLN C 177 -50.30 -34.41 -21.48
N ILE C 178 -50.38 -33.19 -20.94
CA ILE C 178 -49.56 -32.82 -19.78
C ILE C 178 -49.82 -33.76 -18.61
N GLU C 179 -51.09 -34.01 -18.34
CA GLU C 179 -51.49 -34.89 -17.24
C GLU C 179 -50.89 -36.28 -17.40
N ARG C 180 -50.97 -36.83 -18.60
CA ARG C 180 -50.40 -38.15 -18.89
C ARG C 180 -48.89 -38.16 -18.72
N ASP C 181 -48.23 -37.10 -19.18
CA ASP C 181 -46.79 -37.04 -19.20
C ASP C 181 -46.15 -36.70 -17.84
N THR C 182 -46.96 -36.28 -16.88
CA THR C 182 -46.42 -35.85 -15.59
C THR C 182 -46.81 -36.76 -14.41
N GLU C 183 -47.59 -37.80 -14.67
CA GLU C 183 -47.97 -38.73 -13.61
C GLU C 183 -46.71 -39.35 -12.98
N ARG C 184 -45.71 -39.61 -13.79
CA ARG C 184 -44.44 -40.11 -13.29
C ARG C 184 -43.28 -39.29 -13.84
N ASP C 185 -42.14 -39.37 -13.15
CA ASP C 185 -40.94 -38.68 -13.59
C ASP C 185 -40.72 -38.87 -15.09
N ARG C 186 -40.53 -37.77 -15.80
CA ARG C 186 -40.28 -37.83 -17.24
CA ARG C 186 -40.29 -37.83 -17.24
C ARG C 186 -39.12 -36.93 -17.62
N PHE C 187 -38.06 -37.53 -18.16
CA PHE C 187 -36.87 -36.78 -18.57
C PHE C 187 -36.98 -36.35 -20.03
N LEU C 188 -36.49 -35.16 -20.32
CA LEU C 188 -36.41 -34.69 -21.70
C LEU C 188 -35.03 -34.11 -21.99
N SER C 189 -34.40 -34.58 -23.05
CA SER C 189 -33.15 -33.99 -23.52
C SER C 189 -33.45 -32.62 -24.09
N ALA C 190 -32.41 -31.86 -24.41
CA ALA C 190 -32.58 -30.53 -24.98
C ALA C 190 -33.46 -30.54 -26.24
N PRO C 191 -33.15 -31.43 -27.20
CA PRO C 191 -33.97 -31.50 -28.42
C PRO C 191 -35.41 -31.91 -28.11
N GLU C 192 -35.59 -32.79 -27.14
CA GLU C 192 -36.92 -33.25 -26.76
C GLU C 192 -37.73 -32.12 -26.11
N ALA C 193 -37.05 -31.25 -25.38
CA ALA C 193 -37.70 -30.11 -24.73
C ALA C 193 -38.20 -29.12 -25.79
N VAL C 194 -37.40 -28.91 -26.83
CA VAL C 194 -37.83 -28.05 -27.93
C VAL C 194 -39.07 -28.65 -28.60
N GLU C 195 -38.99 -29.93 -28.92
CA GLU C 195 -40.09 -30.62 -29.58
CA GLU C 195 -40.08 -30.64 -29.58
C GLU C 195 -41.37 -30.58 -28.74
N TYR C 196 -41.21 -30.67 -27.42
CA TYR C 196 -42.35 -30.70 -26.51
C TYR C 196 -42.95 -29.32 -26.28
N GLY C 197 -42.20 -28.27 -26.60
CA GLY C 197 -42.65 -26.91 -26.40
C GLY C 197 -42.24 -26.33 -25.04
N LEU C 198 -41.38 -27.06 -24.33
CA LEU C 198 -40.87 -26.59 -23.05
C LEU C 198 -39.95 -25.39 -23.21
N VAL C 199 -39.09 -25.45 -24.22
CA VAL C 199 -38.27 -24.31 -24.59
C VAL C 199 -38.42 -24.06 -26.08
N ASP C 200 -37.88 -22.95 -26.55
CA ASP C 200 -38.08 -22.55 -27.94
C ASP C 200 -36.95 -23.04 -28.85
N SER C 201 -35.74 -23.12 -28.31
CA SER C 201 -34.61 -23.59 -29.10
C SER C 201 -33.41 -23.97 -28.24
N ILE C 202 -32.44 -24.61 -28.86
CA ILE C 202 -31.19 -24.96 -28.22
C ILE C 202 -30.16 -23.88 -28.54
N LEU C 203 -29.42 -23.42 -27.53
CA LEU C 203 -28.39 -22.42 -27.74
C LEU C 203 -27.21 -23.01 -28.49
N THR C 204 -26.89 -22.41 -29.64
CA THR C 204 -25.77 -22.85 -30.44
C THR C 204 -24.73 -21.74 -30.51
N HIS C 205 -23.49 -22.11 -30.81
CA HIS C 205 -22.43 -21.12 -30.97
C HIS C 205 -22.07 -20.93 -32.44
N LEU D 16 -25.04 -15.07 -0.47
CA LEU D 16 -24.74 -13.75 -1.03
C LEU D 16 -25.99 -12.92 -1.33
N VAL D 17 -25.98 -11.66 -0.90
CA VAL D 17 -27.01 -10.71 -1.29
C VAL D 17 -26.36 -9.74 -2.29
N PRO D 18 -26.85 -9.74 -3.54
CA PRO D 18 -26.24 -8.91 -4.58
C PRO D 18 -26.16 -7.45 -4.17
N MET D 19 -25.15 -6.75 -4.66
CA MET D 19 -25.04 -5.32 -4.44
C MET D 19 -25.50 -4.61 -5.70
N VAL D 20 -26.21 -3.50 -5.54
CA VAL D 20 -26.61 -2.68 -6.68
C VAL D 20 -26.17 -1.25 -6.44
N ILE D 21 -26.18 -0.45 -7.51
CA ILE D 21 -25.77 0.95 -7.42
C ILE D 21 -26.96 1.86 -7.60
N GLU D 22 -27.05 2.90 -6.77
CA GLU D 22 -27.98 3.97 -7.04
C GLU D 22 -27.23 5.25 -7.37
N GLN D 23 -27.56 5.85 -8.51
CA GLN D 23 -26.88 7.06 -8.97
C GLN D 23 -27.72 8.32 -8.84
N GLU D 28 -22.40 8.26 -6.60
CA GLU D 28 -23.27 7.08 -6.59
C GLU D 28 -23.05 6.26 -5.32
N ARG D 29 -24.10 5.56 -4.90
CA ARG D 29 -24.04 4.78 -3.66
C ARG D 29 -24.32 3.30 -3.89
N SER D 30 -23.67 2.45 -3.09
CA SER D 30 -23.86 1.01 -3.20
C SER D 30 -24.79 0.50 -2.09
N PHE D 31 -25.60 -0.49 -2.44
CA PHE D 31 -26.62 -1.03 -1.55
C PHE D 31 -26.73 -2.53 -1.79
N ASP D 32 -26.86 -3.33 -0.74
CA ASP D 32 -27.33 -4.69 -0.94
C ASP D 32 -28.77 -4.53 -1.43
N ILE D 33 -29.27 -5.49 -2.20
CA ILE D 33 -30.54 -5.31 -2.89
C ILE D 33 -31.73 -5.12 -1.93
N TYR D 34 -31.69 -5.75 -0.77
CA TYR D 34 -32.78 -5.58 0.19
C TYR D 34 -32.80 -4.19 0.82
N SER D 35 -31.62 -3.67 1.14
CA SER D 35 -31.52 -2.31 1.67
C SER D 35 -31.94 -1.31 0.61
N ARG D 36 -31.65 -1.63 -0.64
CA ARG D 36 -32.05 -0.78 -1.77
C ARG D 36 -33.57 -0.70 -1.89
N LEU D 37 -34.24 -1.84 -1.75
CA LEU D 37 -35.70 -1.86 -1.83
C LEU D 37 -36.33 -1.23 -0.59
N LEU D 38 -35.67 -1.38 0.55
CA LEU D 38 -36.14 -0.73 1.78
C LEU D 38 -36.15 0.79 1.57
N LYS D 39 -35.19 1.29 0.79
CA LYS D 39 -35.14 2.71 0.49
C LYS D 39 -36.34 3.15 -0.33
N GLU D 40 -36.92 2.21 -1.07
CA GLU D 40 -38.15 2.48 -1.81
C GLU D 40 -39.38 2.10 -0.98
N ARG D 41 -39.16 1.93 0.32
CA ARG D 41 -40.24 1.67 1.29
C ARG D 41 -40.87 0.28 1.12
N VAL D 42 -40.06 -0.67 0.67
CA VAL D 42 -40.50 -2.05 0.54
C VAL D 42 -39.84 -2.94 1.60
N ILE D 43 -40.67 -3.62 2.38
CA ILE D 43 -40.19 -4.52 3.43
C ILE D 43 -40.61 -5.95 3.11
N PHE D 44 -39.68 -6.89 3.30
CA PHE D 44 -39.99 -8.30 3.04
C PHE D 44 -40.26 -9.05 4.34
N LEU D 45 -41.33 -9.84 4.33
CA LEU D 45 -41.61 -10.77 5.40
C LEU D 45 -41.49 -12.18 4.80
N THR D 46 -40.41 -12.87 5.15
CA THR D 46 -40.04 -14.11 4.47
C THR D 46 -39.81 -15.24 5.48
N GLY D 47 -40.47 -16.37 5.24
CA GLY D 47 -40.29 -17.55 6.07
C GLY D 47 -41.01 -17.48 7.40
N GLN D 48 -40.60 -18.32 8.34
CA GLN D 48 -41.24 -18.40 9.65
C GLN D 48 -41.17 -17.08 10.40
N VAL D 49 -42.29 -16.66 10.99
CA VAL D 49 -42.25 -15.48 11.84
C VAL D 49 -41.84 -15.88 13.26
N GLU D 50 -40.82 -15.19 13.76
CA GLU D 50 -40.34 -15.36 15.13
C GLU D 50 -39.74 -14.04 15.58
N ASP D 51 -39.40 -13.95 16.86
CA ASP D 51 -39.02 -12.67 17.47
C ASP D 51 -38.04 -11.82 16.68
N HIS D 52 -36.94 -12.42 16.25
CA HIS D 52 -35.86 -11.63 15.66
C HIS D 52 -36.17 -11.07 14.27
N MET D 53 -36.68 -11.90 13.37
CA MET D 53 -37.12 -11.41 12.06
C MET D 53 -38.27 -10.43 12.23
N ALA D 54 -39.10 -10.66 13.24
CA ALA D 54 -40.26 -9.81 13.50
C ALA D 54 -39.85 -8.43 13.99
N ASN D 55 -38.95 -8.38 14.97
CA ASN D 55 -38.45 -7.11 15.49
C ASN D 55 -37.71 -6.31 14.43
N LEU D 56 -37.08 -7.01 13.49
CA LEU D 56 -36.38 -6.35 12.39
C LEU D 56 -37.41 -5.65 11.49
N ILE D 57 -38.54 -6.31 11.28
CA ILE D 57 -39.62 -5.74 10.48
C ILE D 57 -40.22 -4.52 11.18
N VAL D 58 -40.37 -4.60 12.49
CA VAL D 58 -40.86 -3.49 13.28
C VAL D 58 -39.91 -2.29 13.17
N ALA D 59 -38.61 -2.56 13.28
CA ALA D 59 -37.61 -1.51 13.16
C ALA D 59 -37.70 -0.81 11.81
N GLN D 60 -37.88 -1.60 10.76
CA GLN D 60 -37.99 -1.06 9.40
C GLN D 60 -39.23 -0.18 9.25
N MET D 61 -40.34 -0.61 9.84
CA MET D 61 -41.58 0.17 9.76
C MET D 61 -41.44 1.50 10.49
N LEU D 62 -40.91 1.45 11.70
CA LEU D 62 -40.71 2.67 12.50
C LEU D 62 -39.76 3.62 11.78
N PHE D 63 -38.72 3.07 11.17
CA PHE D 63 -37.77 3.88 10.41
C PHE D 63 -38.43 4.59 9.24
N LEU D 64 -39.20 3.83 8.46
CA LEU D 64 -39.86 4.39 7.27
C LEU D 64 -40.86 5.49 7.62
N GLU D 65 -41.59 5.32 8.72
CA GLU D 65 -42.52 6.36 9.16
C GLU D 65 -41.77 7.67 9.41
N ALA D 66 -40.62 7.57 10.07
CA ALA D 66 -39.81 8.74 10.37
C ALA D 66 -39.26 9.37 9.10
N GLU D 67 -38.75 8.55 8.19
CA GLU D 67 -38.22 9.02 6.92
C GLU D 67 -39.27 9.81 6.13
N ASN D 68 -40.48 9.27 6.06
CA ASN D 68 -41.60 9.94 5.39
C ASN D 68 -42.95 9.48 5.94
N PRO D 69 -43.54 10.28 6.83
CA PRO D 69 -44.80 9.98 7.52
C PRO D 69 -45.99 9.90 6.57
N GLU D 70 -45.87 10.45 5.36
CA GLU D 70 -47.00 10.51 4.43
C GLU D 70 -47.14 9.33 3.46
N LYS D 71 -46.02 8.77 3.02
CA LYS D 71 -46.04 7.79 1.95
C LYS D 71 -46.26 6.35 2.41
N ASP D 72 -46.99 5.60 1.59
CA ASP D 72 -47.28 4.20 1.86
C ASP D 72 -46.02 3.37 2.10
N ILE D 73 -46.18 2.32 2.89
CA ILE D 73 -45.13 1.33 3.10
C ILE D 73 -45.66 0.02 2.55
N TYR D 74 -44.77 -0.81 2.02
CA TYR D 74 -45.18 -2.07 1.42
C TYR D 74 -44.57 -3.26 2.14
N LEU D 75 -45.42 -4.23 2.45
CA LEU D 75 -45.00 -5.44 3.12
C LEU D 75 -45.25 -6.63 2.18
N TYR D 76 -44.17 -7.21 1.68
CA TYR D 76 -44.26 -8.32 0.75
C TYR D 76 -44.13 -9.64 1.52
N ILE D 77 -45.23 -10.38 1.59
CA ILE D 77 -45.31 -11.55 2.45
C ILE D 77 -45.18 -12.89 1.70
N ASN D 78 -44.22 -13.69 2.13
CA ASN D 78 -44.11 -15.09 1.71
C ASN D 78 -43.74 -15.92 2.93
N SER D 79 -44.75 -16.45 3.59
CA SER D 79 -44.56 -17.02 4.92
C SER D 79 -45.57 -18.10 5.26
N PRO D 80 -45.14 -19.14 5.99
CA PRO D 80 -46.00 -20.20 6.52
C PRO D 80 -46.55 -19.81 7.89
N GLY D 81 -46.17 -18.62 8.36
CA GLY D 81 -46.61 -18.15 9.66
C GLY D 81 -45.58 -18.42 10.74
N GLY D 82 -46.03 -18.52 11.98
CA GLY D 82 -45.14 -18.78 13.09
C GLY D 82 -45.66 -18.30 14.42
N VAL D 83 -44.75 -17.80 15.27
CA VAL D 83 -45.08 -17.40 16.63
C VAL D 83 -46.06 -16.23 16.68
N ILE D 84 -47.15 -16.40 17.40
CA ILE D 84 -48.21 -15.39 17.45
C ILE D 84 -47.77 -14.06 18.06
N THR D 85 -47.16 -14.09 19.24
CA THR D 85 -46.73 -12.84 19.87
C THR D 85 -45.78 -12.07 18.96
N ALA D 86 -44.92 -12.79 18.25
CA ALA D 86 -44.01 -12.16 17.30
C ALA D 86 -44.79 -11.49 16.18
N GLY D 87 -45.79 -12.19 15.66
CA GLY D 87 -46.63 -11.65 14.62
C GLY D 87 -47.38 -10.41 15.09
N MET D 88 -47.83 -10.44 16.33
CA MET D 88 -48.61 -9.33 16.88
C MET D 88 -47.79 -8.07 17.11
N SER D 89 -46.48 -8.22 17.31
CA SER D 89 -45.62 -7.04 17.41
C SER D 89 -45.65 -6.32 16.07
N ILE D 90 -45.67 -7.08 14.98
CA ILE D 90 -45.79 -6.50 13.65
C ILE D 90 -47.19 -5.91 13.42
N TYR D 91 -48.21 -6.68 13.77
CA TYR D 91 -49.58 -6.20 13.60
C TYR D 91 -49.79 -4.84 14.26
N ASP D 92 -49.44 -4.74 15.53
CA ASP D 92 -49.65 -3.50 16.29
C ASP D 92 -48.84 -2.34 15.72
N THR D 93 -47.66 -2.62 15.21
CA THR D 93 -46.83 -1.60 14.59
C THR D 93 -47.50 -1.10 13.31
N MET D 94 -48.01 -2.04 12.51
CA MET D 94 -48.72 -1.69 11.28
C MET D 94 -49.89 -0.75 11.54
N GLN D 95 -50.65 -1.02 12.59
CA GLN D 95 -51.83 -0.21 12.90
C GLN D 95 -51.44 1.12 13.56
N PHE D 96 -50.31 1.12 14.26
CA PHE D 96 -49.85 2.32 14.96
C PHE D 96 -49.38 3.41 14.01
N ILE D 97 -48.48 3.05 13.10
CA ILE D 97 -47.80 4.03 12.26
C ILE D 97 -48.77 4.76 11.32
N LYS D 98 -48.40 5.97 10.95
CA LYS D 98 -49.24 6.82 10.10
C LYS D 98 -49.38 6.31 8.67
N PRO D 99 -48.27 5.90 8.02
CA PRO D 99 -48.40 5.41 6.65
C PRO D 99 -49.33 4.19 6.53
N ASP D 100 -50.10 4.12 5.43
CA ASP D 100 -50.84 2.91 5.11
C ASP D 100 -49.80 1.81 4.87
N VAL D 101 -50.04 0.63 5.40
CA VAL D 101 -49.18 -0.50 5.09
C VAL D 101 -49.87 -1.41 4.07
N SER D 102 -49.40 -1.34 2.83
CA SER D 102 -49.94 -2.16 1.76
C SER D 102 -49.27 -3.53 1.79
N THR D 103 -50.08 -4.58 1.69
CA THR D 103 -49.56 -5.94 1.81
C THR D 103 -49.75 -6.73 0.52
N ILE D 104 -48.76 -7.56 0.20
CA ILE D 104 -48.81 -8.37 -1.01
C ILE D 104 -48.41 -9.81 -0.69
N CYS D 105 -49.27 -10.74 -1.10
CA CYS D 105 -49.02 -12.17 -0.89
C CYS D 105 -48.27 -12.74 -2.10
N MET D 106 -47.07 -13.26 -1.85
CA MET D 106 -46.25 -13.89 -2.88
C MET D 106 -45.97 -15.33 -2.47
N GLY D 107 -46.33 -16.28 -3.32
CA GLY D 107 -46.13 -17.69 -2.99
C GLY D 107 -47.22 -18.15 -2.04
N GLN D 108 -47.05 -17.85 -0.75
CA GLN D 108 -48.06 -18.20 0.24
C GLN D 108 -48.08 -17.24 1.43
N ALA D 109 -49.24 -17.12 2.05
CA ALA D 109 -49.37 -16.46 3.33
C ALA D 109 -50.27 -17.35 4.18
N ALA D 110 -49.65 -18.12 5.07
CA ALA D 110 -50.39 -19.06 5.90
C ALA D 110 -50.35 -18.68 7.37
N SER D 111 -51.45 -18.94 8.07
CA SER D 111 -51.53 -18.69 9.50
C SER D 111 -51.21 -17.23 9.83
N MET D 112 -50.26 -17.00 10.73
CA MET D 112 -49.88 -15.62 11.07
C MET D 112 -49.51 -14.83 9.82
N GLY D 113 -49.00 -15.51 8.81
CA GLY D 113 -48.70 -14.87 7.54
C GLY D 113 -49.95 -14.32 6.90
N ALA D 114 -51.01 -15.13 6.89
CA ALA D 114 -52.30 -14.72 6.35
C ALA D 114 -52.92 -13.61 7.18
N PHE D 115 -52.72 -13.68 8.49
CA PHE D 115 -53.26 -12.68 9.39
C PHE D 115 -52.66 -11.30 9.12
N LEU D 116 -51.35 -11.25 8.96
CA LEU D 116 -50.67 -9.99 8.68
C LEU D 116 -51.01 -9.47 7.28
N LEU D 117 -51.26 -10.39 6.36
CA LEU D 117 -51.70 -10.01 5.02
C LEU D 117 -53.03 -9.25 5.07
N THR D 118 -53.99 -9.83 5.77
CA THR D 118 -55.32 -9.23 5.85
C THR D 118 -55.33 -7.98 6.71
N ALA D 119 -54.28 -7.80 7.51
CA ALA D 119 -54.17 -6.65 8.41
C ALA D 119 -53.69 -5.40 7.70
N GLY D 120 -53.41 -5.53 6.40
CA GLY D 120 -52.96 -4.39 5.61
C GLY D 120 -54.05 -3.35 5.43
N ALA D 121 -53.66 -2.17 4.96
CA ALA D 121 -54.61 -1.07 4.73
C ALA D 121 -55.72 -1.48 3.78
N LYS D 122 -56.97 -1.26 4.20
CA LYS D 122 -58.12 -1.59 3.38
C LYS D 122 -58.00 -1.00 1.98
N GLY D 123 -58.18 -1.83 0.97
CA GLY D 123 -58.07 -1.40 -0.41
C GLY D 123 -56.68 -1.59 -0.99
N LYS D 124 -55.72 -1.90 -0.11
CA LYS D 124 -54.33 -2.02 -0.53
C LYS D 124 -53.72 -3.37 -0.15
N ARG D 125 -54.55 -4.40 -0.07
CA ARG D 125 -54.08 -5.76 0.20
C ARG D 125 -54.22 -6.60 -1.06
N PHE D 126 -53.12 -7.21 -1.49
CA PHE D 126 -53.09 -7.91 -2.77
C PHE D 126 -52.63 -9.36 -2.69
N CYS D 127 -53.12 -10.17 -3.62
CA CYS D 127 -52.59 -11.50 -3.87
C CYS D 127 -52.03 -11.55 -5.28
N LEU D 128 -50.87 -12.16 -5.45
CA LEU D 128 -50.40 -12.51 -6.78
C LEU D 128 -51.28 -13.64 -7.29
N PRO D 129 -51.51 -13.70 -8.61
CA PRO D 129 -52.52 -14.58 -9.21
C PRO D 129 -52.46 -16.04 -8.76
N ASN D 130 -51.27 -16.57 -8.51
CA ASN D 130 -51.14 -17.97 -8.15
C ASN D 130 -50.65 -18.21 -6.72
N SER D 131 -50.65 -17.14 -5.92
CA SER D 131 -50.34 -17.27 -4.51
C SER D 131 -51.53 -17.92 -3.84
N ARG D 132 -51.34 -18.41 -2.62
CA ARG D 132 -52.44 -18.99 -1.87
C ARG D 132 -52.37 -18.61 -0.40
N VAL D 133 -53.48 -18.78 0.30
CA VAL D 133 -53.59 -18.41 1.70
C VAL D 133 -54.15 -19.59 2.48
N MET D 134 -53.75 -19.72 3.73
CA MET D 134 -54.34 -20.72 4.62
C MET D 134 -54.56 -20.12 5.99
N ILE D 135 -55.71 -20.42 6.58
CA ILE D 135 -56.04 -19.91 7.90
C ILE D 135 -56.44 -21.06 8.82
N HIS D 136 -56.25 -20.86 10.11
CA HIS D 136 -56.56 -21.87 11.11
C HIS D 136 -56.44 -21.27 12.51
N GLN D 137 -56.71 -22.07 13.53
CA GLN D 137 -56.69 -21.57 14.90
C GLN D 137 -55.31 -21.75 15.54
N PRO D 138 -55.09 -21.10 16.69
CA PRO D 138 -53.81 -21.17 17.38
C PRO D 138 -53.38 -22.60 17.73
N LEU D 139 -52.08 -22.87 17.60
CA LEU D 139 -51.49 -24.11 18.07
C LEU D 139 -50.66 -23.84 19.32
N GLY D 140 -50.66 -24.78 20.24
CA GLY D 140 -49.90 -24.61 21.45
C GLY D 140 -49.67 -25.92 22.18
N GLY D 141 -49.29 -25.80 23.43
CA GLY D 141 -48.98 -26.96 24.24
C GLY D 141 -48.32 -26.56 25.54
N TYR D 142 -48.60 -27.33 26.59
CA TYR D 142 -47.99 -27.11 27.88
C TYR D 142 -47.89 -28.44 28.59
N GLN D 143 -46.96 -28.55 29.53
CA GLN D 143 -46.90 -29.74 30.37
C GLN D 143 -46.59 -29.32 31.80
N GLY D 144 -47.28 -29.96 32.75
CA GLY D 144 -47.11 -29.65 34.15
C GLY D 144 -48.34 -30.00 34.96
N GLN D 145 -48.51 -29.32 36.10
CA GLN D 145 -49.64 -29.57 36.96
C GLN D 145 -50.95 -29.14 36.32
N ALA D 146 -52.04 -29.81 36.68
CA ALA D 146 -53.35 -29.49 36.15
C ALA D 146 -53.70 -28.02 36.32
N THR D 147 -53.33 -27.44 37.46
CA THR D 147 -53.61 -26.03 37.71
C THR D 147 -52.95 -25.15 36.65
N ASP D 148 -51.71 -25.46 36.31
CA ASP D 148 -50.97 -24.67 35.33
C ASP D 148 -51.45 -24.95 33.91
N ILE D 149 -51.84 -26.19 33.65
CA ILE D 149 -52.44 -26.55 32.36
C ILE D 149 -53.69 -25.71 32.14
N GLU D 150 -54.51 -25.57 33.17
CA GLU D 150 -55.72 -24.79 33.09
C GLU D 150 -55.41 -23.32 32.78
N ILE D 151 -54.41 -22.78 33.47
CA ILE D 151 -54.01 -21.39 33.26
C ILE D 151 -53.61 -21.14 31.80
N HIS D 152 -52.78 -22.01 31.24
CA HIS D 152 -52.30 -21.82 29.89
C HIS D 152 -53.35 -22.17 28.83
N ALA D 153 -54.21 -23.13 29.13
CA ALA D 153 -55.31 -23.48 28.23
C ALA D 153 -56.29 -22.32 28.10
N ARG D 154 -56.60 -21.67 29.22
CA ARG D 154 -57.51 -20.54 29.21
C ARG D 154 -56.92 -19.38 28.41
N GLU D 155 -55.61 -19.17 28.54
CA GLU D 155 -54.94 -18.11 27.82
C GLU D 155 -54.96 -18.31 26.31
N ILE D 156 -54.66 -19.52 25.85
CA ILE D 156 -54.65 -19.75 24.41
C ILE D 156 -56.05 -19.63 23.82
N LEU D 157 -57.06 -19.93 24.62
CA LEU D 157 -58.44 -19.76 24.18
C LEU D 157 -58.76 -18.27 24.04
N LYS D 158 -58.20 -17.46 24.92
CA LYS D 158 -58.36 -16.01 24.83
C LYS D 158 -57.66 -15.46 23.60
N VAL D 159 -56.46 -15.97 23.33
CA VAL D 159 -55.71 -15.58 22.16
C VAL D 159 -56.52 -15.91 20.91
N LYS D 160 -57.06 -17.12 20.88
CA LYS D 160 -57.89 -17.58 19.78
C LYS D 160 -59.05 -16.63 19.52
N GLY D 161 -59.70 -16.20 20.61
CA GLY D 161 -60.82 -15.29 20.50
C GLY D 161 -60.45 -13.96 19.90
N ARG D 162 -59.31 -13.42 20.32
CA ARG D 162 -58.83 -12.14 19.82
C ARG D 162 -58.48 -12.22 18.33
N MET D 163 -57.78 -13.29 17.95
CA MET D 163 -57.40 -13.47 16.55
C MET D 163 -58.63 -13.54 15.67
N ASN D 164 -59.64 -14.27 16.13
CA ASN D 164 -60.90 -14.38 15.39
C ASN D 164 -61.62 -13.04 15.29
N GLU D 165 -61.59 -12.28 16.38
CA GLU D 165 -62.20 -10.95 16.37
C GLU D 165 -61.51 -10.05 15.36
N LEU D 166 -60.19 -10.01 15.40
CA LEU D 166 -59.43 -9.17 14.47
C LEU D 166 -59.60 -9.63 13.03
N MET D 167 -59.68 -10.94 12.83
CA MET D 167 -59.93 -11.49 11.50
C MET D 167 -61.28 -11.03 10.97
N ALA D 168 -62.29 -11.04 11.84
CA ALA D 168 -63.62 -10.57 11.47
C ALA D 168 -63.55 -9.10 11.06
N LEU D 169 -62.90 -8.30 11.89
CA LEU D 169 -62.74 -6.88 11.62
C LEU D 169 -62.15 -6.59 10.24
N HIS D 170 -61.04 -7.25 9.93
CA HIS D 170 -60.31 -6.96 8.70
C HIS D 170 -60.95 -7.56 7.45
N THR D 171 -61.64 -8.69 7.60
CA THR D 171 -62.25 -9.34 6.45
C THR D 171 -63.67 -8.84 6.18
N GLY D 172 -64.36 -8.43 7.23
CA GLY D 172 -65.75 -8.00 7.12
C GLY D 172 -66.71 -9.15 7.33
N GLN D 173 -66.16 -10.34 7.59
CA GLN D 173 -66.97 -11.50 7.90
C GLN D 173 -67.46 -11.40 9.34
N SER D 174 -68.54 -12.09 9.65
CA SER D 174 -69.03 -12.15 11.02
C SER D 174 -68.05 -12.98 11.85
N LEU D 175 -68.00 -12.70 13.16
CA LEU D 175 -67.17 -13.47 14.07
C LEU D 175 -67.53 -14.95 13.98
N GLU D 176 -68.82 -15.22 13.90
CA GLU D 176 -69.31 -16.60 13.83
C GLU D 176 -68.80 -17.32 12.60
N GLN D 177 -68.73 -16.62 11.47
CA GLN D 177 -68.23 -17.20 10.24
C GLN D 177 -66.73 -17.50 10.36
N ILE D 178 -65.98 -16.54 10.87
CA ILE D 178 -64.55 -16.71 11.09
C ILE D 178 -64.28 -17.94 11.96
N GLU D 179 -64.96 -17.99 13.10
CA GLU D 179 -64.83 -19.12 14.02
C GLU D 179 -65.08 -20.44 13.30
N ARG D 180 -66.13 -20.46 12.48
CA ARG D 180 -66.50 -21.67 11.75
CA ARG D 180 -66.50 -21.67 11.75
C ARG D 180 -65.42 -22.10 10.76
N ASP D 181 -64.84 -21.12 10.07
CA ASP D 181 -63.88 -21.38 9.01
C ASP D 181 -62.44 -21.61 9.47
N THR D 182 -62.17 -21.37 10.76
CA THR D 182 -60.80 -21.49 11.25
C THR D 182 -60.59 -22.64 12.23
N GLU D 183 -61.66 -23.40 12.50
CA GLU D 183 -61.54 -24.55 13.39
C GLU D 183 -60.54 -25.55 12.83
N ARG D 184 -60.53 -25.70 11.51
CA ARG D 184 -59.53 -26.55 10.85
C ARG D 184 -58.85 -25.80 9.71
N ASP D 185 -57.69 -26.30 9.30
CA ASP D 185 -56.97 -25.70 8.19
C ASP D 185 -57.91 -25.40 7.03
N ARG D 186 -57.79 -24.20 6.47
CA ARG D 186 -58.67 -23.75 5.41
CA ARG D 186 -58.65 -23.78 5.37
C ARG D 186 -57.86 -23.03 4.33
N PHE D 187 -57.80 -23.60 3.13
CA PHE D 187 -57.06 -23.00 2.02
C PHE D 187 -57.93 -22.08 1.18
N LEU D 188 -57.37 -20.93 0.80
CA LEU D 188 -58.05 -20.01 -0.10
C LEU D 188 -57.14 -19.66 -1.27
N SER D 189 -57.63 -19.87 -2.48
CA SER D 189 -56.93 -19.40 -3.67
C SER D 189 -56.99 -17.88 -3.69
N ALA D 190 -56.21 -17.26 -4.57
CA ALA D 190 -56.22 -15.80 -4.69
C ALA D 190 -57.62 -15.24 -4.91
N PRO D 191 -58.38 -15.79 -5.88
CA PRO D 191 -59.73 -15.30 -6.11
C PRO D 191 -60.64 -15.53 -4.90
N GLU D 192 -60.44 -16.65 -4.21
CA GLU D 192 -61.22 -16.96 -3.03
C GLU D 192 -60.90 -16.00 -1.89
N ALA D 193 -59.63 -15.63 -1.77
CA ALA D 193 -59.20 -14.69 -0.74
C ALA D 193 -59.83 -13.32 -0.96
N VAL D 194 -59.97 -12.92 -2.22
CA VAL D 194 -60.66 -11.67 -2.54
C VAL D 194 -62.13 -11.75 -2.16
N GLU D 195 -62.78 -12.82 -2.58
CA GLU D 195 -64.19 -13.04 -2.25
C GLU D 195 -64.44 -13.05 -0.75
N TYR D 196 -63.45 -13.54 0.00
CA TYR D 196 -63.61 -13.70 1.44
C TYR D 196 -63.38 -12.37 2.17
N GLY D 197 -62.82 -11.39 1.46
CA GLY D 197 -62.50 -10.10 2.06
C GLY D 197 -61.15 -10.11 2.76
N LEU D 198 -60.37 -11.16 2.51
CA LEU D 198 -59.05 -11.29 3.11
C LEU D 198 -58.03 -10.37 2.43
N VAL D 199 -58.14 -10.22 1.11
CA VAL D 199 -57.40 -9.21 0.39
C VAL D 199 -58.38 -8.46 -0.48
N ASP D 200 -57.95 -7.38 -1.11
CA ASP D 200 -58.85 -6.53 -1.88
C ASP D 200 -58.89 -6.88 -3.36
N SER D 201 -57.76 -7.32 -3.90
CA SER D 201 -57.72 -7.69 -5.32
C SER D 201 -56.50 -8.53 -5.67
N ILE D 202 -56.53 -9.10 -6.87
CA ILE D 202 -55.40 -9.84 -7.39
C ILE D 202 -54.52 -8.90 -8.20
N LEU D 203 -53.23 -8.88 -7.89
CA LEU D 203 -52.30 -8.09 -8.68
C LEU D 203 -52.22 -8.63 -10.10
N THR D 204 -52.82 -7.90 -11.04
CA THR D 204 -52.83 -8.31 -12.44
C THR D 204 -51.69 -7.64 -13.21
N HIS D 205 -51.13 -8.35 -14.19
CA HIS D 205 -49.99 -7.86 -14.97
C HIS D 205 -49.98 -6.34 -15.16
N LEU E 16 -29.03 -11.03 8.10
CA LEU E 16 -28.83 -9.78 7.38
C LEU E 16 -29.59 -8.62 7.99
N VAL E 17 -28.85 -7.60 8.43
CA VAL E 17 -29.48 -6.39 8.95
C VAL E 17 -29.37 -5.27 7.92
N PRO E 18 -30.52 -4.74 7.50
CA PRO E 18 -30.60 -3.70 6.46
C PRO E 18 -29.76 -2.47 6.81
N MET E 19 -29.20 -1.84 5.79
CA MET E 19 -28.50 -0.58 5.95
C MET E 19 -29.41 0.55 5.50
N VAL E 20 -29.35 1.69 6.20
CA VAL E 20 -30.16 2.84 5.83
C VAL E 20 -29.32 4.10 5.79
N ILE E 21 -29.79 5.09 5.03
CA ILE E 21 -29.04 6.31 4.80
C ILE E 21 -29.55 7.47 5.66
N GLU E 22 -28.62 8.29 6.15
CA GLU E 22 -28.96 9.52 6.82
C GLU E 22 -28.36 10.70 6.08
N GLN E 23 -29.18 11.67 5.71
CA GLN E 23 -28.70 12.88 5.09
C GLN E 23 -28.06 13.80 6.12
N THR E 24 -26.84 14.24 5.83
CA THR E 24 -26.16 15.22 6.67
C THR E 24 -25.56 16.31 5.80
N SER E 25 -25.13 17.40 6.41
CA SER E 25 -24.55 18.52 5.67
C SER E 25 -23.15 18.14 5.16
N ARG E 26 -22.55 17.14 5.80
CA ARG E 26 -21.25 16.63 5.39
C ARG E 26 -21.44 15.56 4.30
N GLY E 27 -22.68 15.30 3.95
CA GLY E 27 -23.00 14.31 2.94
C GLY E 27 -23.70 13.10 3.54
N GLU E 28 -24.14 12.18 2.71
CA GLU E 28 -24.90 11.02 3.19
C GLU E 28 -24.05 10.09 4.03
N ARG E 29 -24.72 9.17 4.73
CA ARG E 29 -24.08 8.37 5.76
C ARG E 29 -24.89 7.08 6.02
N SER E 30 -24.18 5.96 6.20
CA SER E 30 -24.83 4.64 6.26
C SER E 30 -24.74 3.95 7.63
N PHE E 31 -25.89 3.47 8.12
CA PHE E 31 -25.94 2.67 9.34
C PHE E 31 -26.76 1.41 9.14
N ASP E 32 -26.46 0.38 9.92
CA ASP E 32 -27.40 -0.73 10.05
C ASP E 32 -28.60 -0.15 10.80
N ILE E 33 -29.79 -0.72 10.58
CA ILE E 33 -31.01 -0.09 11.05
C ILE E 33 -31.11 0.04 12.57
N TYR E 34 -30.51 -0.90 13.30
CA TYR E 34 -30.52 -0.84 14.76
C TYR E 34 -29.63 0.29 15.29
N SER E 35 -28.46 0.45 14.70
CA SER E 35 -27.59 1.56 15.06
C SER E 35 -28.27 2.88 14.74
N ARG E 36 -29.00 2.91 13.63
CA ARG E 36 -29.72 4.10 13.21
CA ARG E 36 -29.72 4.10 13.22
C ARG E 36 -30.74 4.50 14.28
N LEU E 37 -31.49 3.52 14.77
CA LEU E 37 -32.50 3.79 15.78
C LEU E 37 -31.89 4.17 17.12
N LEU E 38 -30.72 3.61 17.42
CA LEU E 38 -30.00 3.96 18.64
C LEU E 38 -29.66 5.45 18.62
N LYS E 39 -29.44 5.99 17.43
CA LYS E 39 -29.12 7.40 17.29
C LYS E 39 -30.26 8.29 17.77
N GLU E 40 -31.48 7.76 17.74
CA GLU E 40 -32.64 8.47 18.25
C GLU E 40 -33.02 7.99 19.66
N ARG E 41 -32.06 7.32 20.30
CA ARG E 41 -32.20 6.92 21.71
C ARG E 41 -33.16 5.74 21.92
N VAL E 42 -33.36 4.95 20.87
CA VAL E 42 -34.17 3.75 20.95
C VAL E 42 -33.30 2.50 21.09
N ILE E 43 -33.56 1.72 22.14
CA ILE E 43 -32.84 0.48 22.40
C ILE E 43 -33.81 -0.69 22.36
N PHE E 44 -33.42 -1.78 21.70
CA PHE E 44 -34.25 -2.97 21.63
C PHE E 44 -33.81 -4.03 22.65
N LEU E 45 -34.79 -4.59 23.34
CA LEU E 45 -34.56 -5.74 24.20
C LEU E 45 -35.38 -6.89 23.63
N THR E 46 -34.71 -7.82 22.96
CA THR E 46 -35.39 -8.83 22.16
C THR E 46 -34.96 -10.24 22.54
N GLY E 47 -35.93 -11.12 22.73
CA GLY E 47 -35.65 -12.51 23.04
C GLY E 47 -35.24 -12.75 24.48
N GLN E 48 -34.65 -13.92 24.73
CA GLN E 48 -34.26 -14.31 26.08
C GLN E 48 -33.21 -13.38 26.66
N VAL E 49 -33.39 -12.97 27.91
CA VAL E 49 -32.38 -12.14 28.56
C VAL E 49 -31.30 -12.98 29.21
N GLU E 50 -30.06 -12.64 28.92
CA GLU E 50 -28.88 -13.28 29.49
C GLU E 50 -27.75 -12.27 29.49
N ASP E 51 -26.64 -12.63 30.13
CA ASP E 51 -25.54 -11.69 30.37
C ASP E 51 -25.14 -10.82 29.18
N HIS E 52 -24.85 -11.45 28.05
CA HIS E 52 -24.27 -10.73 26.92
C HIS E 52 -25.22 -9.72 26.26
N MET E 53 -26.46 -10.14 26.00
CA MET E 53 -27.45 -9.23 25.44
C MET E 53 -27.81 -8.14 26.44
N ALA E 54 -27.74 -8.48 27.72
CA ALA E 54 -28.07 -7.53 28.78
C ALA E 54 -26.97 -6.48 28.93
N ASN E 55 -25.72 -6.91 28.90
CA ASN E 55 -24.62 -5.97 29.02
CA ASN E 55 -24.57 -6.02 28.98
C ASN E 55 -24.56 -5.02 27.83
N LEU E 56 -24.95 -5.50 26.65
CA LEU E 56 -25.02 -4.65 25.48
C LEU E 56 -26.04 -3.54 25.70
N ILE E 57 -27.14 -3.89 26.36
CA ILE E 57 -28.17 -2.92 26.69
C ILE E 57 -27.68 -1.93 27.75
N VAL E 58 -26.93 -2.42 28.73
CA VAL E 58 -26.30 -1.55 29.72
C VAL E 58 -25.40 -0.54 29.03
N ALA E 59 -24.56 -1.02 28.13
CA ALA E 59 -23.63 -0.17 27.41
C ALA E 59 -24.35 0.92 26.61
N GLN E 60 -25.44 0.53 25.94
CA GLN E 60 -26.23 1.48 25.17
C GLN E 60 -26.83 2.57 26.06
N MET E 61 -27.34 2.18 27.22
CA MET E 61 -27.92 3.12 28.16
C MET E 61 -26.88 4.10 28.70
N LEU E 62 -25.70 3.58 29.02
CA LEU E 62 -24.63 4.41 29.53
C LEU E 62 -24.15 5.39 28.46
N PHE E 63 -24.12 4.93 27.22
CA PHE E 63 -23.72 5.78 26.10
C PHE E 63 -24.73 6.91 25.89
N LEU E 64 -26.01 6.58 25.91
CA LEU E 64 -27.05 7.58 25.70
C LEU E 64 -27.08 8.62 26.82
N GLU E 65 -26.92 8.19 28.07
CA GLU E 65 -26.87 9.14 29.19
C GLU E 65 -25.74 10.14 29.00
N ALA E 66 -24.58 9.65 28.57
CA ALA E 66 -23.43 10.51 28.34
C ALA E 66 -23.68 11.47 27.19
N GLU E 67 -24.34 10.99 26.14
CA GLU E 67 -24.67 11.86 25.01
C GLU E 67 -25.56 13.01 25.45
N ASN E 68 -26.61 12.69 26.19
CA ASN E 68 -27.46 13.70 26.83
C ASN E 68 -28.12 13.11 28.06
N PRO E 69 -27.84 13.70 29.22
CA PRO E 69 -28.28 13.20 30.53
C PRO E 69 -29.74 13.50 30.82
N GLU E 70 -30.39 14.30 29.99
CA GLU E 70 -31.77 14.72 30.24
C GLU E 70 -32.82 14.13 29.30
N LYS E 71 -32.42 13.80 28.08
CA LYS E 71 -33.37 13.29 27.09
C LYS E 71 -33.81 11.88 27.44
N ASP E 72 -35.09 11.59 27.21
CA ASP E 72 -35.64 10.28 27.48
C ASP E 72 -34.95 9.20 26.66
N ILE E 73 -34.85 8.01 27.23
CA ILE E 73 -34.34 6.84 26.53
C ILE E 73 -35.49 5.86 26.36
N TYR E 74 -35.56 5.20 25.23
CA TYR E 74 -36.66 4.28 24.95
C TYR E 74 -36.19 2.83 24.88
N LEU E 75 -36.87 1.99 25.65
CA LEU E 75 -36.54 0.57 25.68
C LEU E 75 -37.72 -0.23 25.15
N TYR E 76 -37.53 -0.78 23.96
CA TYR E 76 -38.58 -1.53 23.28
C TYR E 76 -38.44 -3.02 23.61
N ILE E 77 -39.44 -3.55 24.30
CA ILE E 77 -39.35 -4.90 24.85
C ILE E 77 -40.24 -5.94 24.15
N ASN E 78 -39.58 -6.97 23.63
CA ASN E 78 -40.24 -8.18 23.14
C ASN E 78 -39.46 -9.39 23.62
N SER E 79 -39.85 -9.91 24.78
CA SER E 79 -39.05 -10.93 25.46
C SER E 79 -39.87 -11.89 26.30
N PRO E 80 -39.46 -13.17 26.33
CA PRO E 80 -40.07 -14.17 27.22
C PRO E 80 -39.40 -14.15 28.58
N GLY E 81 -38.45 -13.24 28.76
CA GLY E 81 -37.71 -13.14 30.00
C GLY E 81 -36.40 -13.89 29.95
N GLY E 82 -35.93 -14.36 31.10
CA GLY E 82 -34.69 -15.09 31.18
C GLY E 82 -33.99 -14.96 32.53
N VAL E 83 -32.66 -14.93 32.50
CA VAL E 83 -31.85 -14.93 33.71
C VAL E 83 -32.05 -13.68 34.56
N ILE E 84 -32.36 -13.88 35.84
CA ILE E 84 -32.68 -12.77 36.73
C ILE E 84 -31.51 -11.81 36.95
N THR E 85 -30.33 -12.33 37.27
CA THR E 85 -29.17 -11.47 37.52
C THR E 85 -28.84 -10.62 36.30
N ALA E 86 -28.94 -11.20 35.11
CA ALA E 86 -28.71 -10.46 33.88
C ALA E 86 -29.73 -9.34 33.75
N GLY E 87 -30.98 -9.64 34.05
CA GLY E 87 -32.04 -8.66 34.02
C GLY E 87 -31.81 -7.53 35.03
N MET E 88 -31.26 -7.88 36.18
CA MET E 88 -31.04 -6.90 37.24
C MET E 88 -29.90 -5.93 36.92
N SER E 89 -28.98 -6.34 36.06
CA SER E 89 -27.94 -5.42 35.61
C SER E 89 -28.61 -4.31 34.80
N ILE E 90 -29.63 -4.68 34.03
CA ILE E 90 -30.40 -3.71 33.26
C ILE E 90 -31.25 -2.85 34.18
N TYR E 91 -31.93 -3.49 35.12
CA TYR E 91 -32.79 -2.77 36.06
C TYR E 91 -32.03 -1.67 36.79
N ASP E 92 -30.91 -2.03 37.39
CA ASP E 92 -30.12 -1.08 38.19
C ASP E 92 -29.57 0.05 37.33
N THR E 93 -29.23 -0.24 36.08
CA THR E 93 -28.76 0.80 35.17
C THR E 93 -29.89 1.77 34.83
N MET E 94 -31.08 1.22 34.61
CA MET E 94 -32.25 2.04 34.34
C MET E 94 -32.49 3.03 35.47
N GLN E 95 -32.39 2.55 36.71
CA GLN E 95 -32.65 3.40 37.87
C GLN E 95 -31.51 4.38 38.13
N PHE E 96 -30.28 3.97 37.86
CA PHE E 96 -29.13 4.83 38.12
C PHE E 96 -29.06 6.06 37.23
N ILE E 97 -29.21 5.86 35.93
CA ILE E 97 -29.03 6.95 34.97
C ILE E 97 -30.08 8.05 35.13
N LYS E 98 -29.68 9.29 34.82
CA LYS E 98 -30.55 10.44 34.95
C LYS E 98 -31.75 10.42 33.98
N PRO E 99 -31.52 10.01 32.73
CA PRO E 99 -32.65 10.01 31.79
C PRO E 99 -33.75 9.05 32.22
N ASP E 100 -35.00 9.49 32.07
CA ASP E 100 -36.13 8.59 32.18
C ASP E 100 -35.98 7.49 31.15
N VAL E 101 -36.23 6.25 31.54
CA VAL E 101 -36.28 5.17 30.57
C VAL E 101 -37.74 4.80 30.31
N SER E 102 -38.22 5.18 29.13
CA SER E 102 -39.57 4.85 28.71
C SER E 102 -39.60 3.44 28.13
N THR E 103 -40.54 2.62 28.57
CA THR E 103 -40.60 1.23 28.13
C THR E 103 -41.87 0.94 27.32
N ILE E 104 -41.72 0.14 26.27
CA ILE E 104 -42.83 -0.23 25.42
C ILE E 104 -42.88 -1.74 25.21
N CYS E 105 -44.02 -2.34 25.54
CA CYS E 105 -44.21 -3.77 25.32
C CYS E 105 -44.76 -4.03 23.93
N MET E 106 -44.04 -4.83 23.13
CA MET E 106 -44.51 -5.24 21.82
C MET E 106 -44.43 -6.76 21.68
N GLY E 107 -45.56 -7.38 21.30
CA GLY E 107 -45.64 -8.82 21.25
C GLY E 107 -45.86 -9.39 22.64
N GLN E 108 -44.80 -9.53 23.40
CA GLN E 108 -44.90 -9.99 24.78
C GLN E 108 -43.78 -9.47 25.67
N ALA E 109 -44.08 -9.34 26.96
CA ALA E 109 -43.07 -9.12 27.98
C ALA E 109 -43.42 -10.07 29.11
N ALA E 110 -42.68 -11.17 29.20
CA ALA E 110 -42.97 -12.20 30.20
C ALA E 110 -41.84 -12.31 31.21
N SER E 111 -42.20 -12.61 32.44
CA SER E 111 -41.22 -12.81 33.51
C SER E 111 -40.30 -11.61 33.63
N MET E 112 -38.99 -11.84 33.51
CA MET E 112 -38.02 -10.74 33.64
C MET E 112 -38.33 -9.62 32.65
N GLY E 113 -38.85 -9.99 31.48
CA GLY E 113 -39.26 -9.00 30.50
C GLY E 113 -40.35 -8.10 31.03
N ALA E 114 -41.33 -8.70 31.70
CA ALA E 114 -42.42 -7.94 32.31
C ALA E 114 -41.87 -7.06 33.43
N PHE E 115 -40.91 -7.57 34.17
CA PHE E 115 -40.30 -6.82 35.27
C PHE E 115 -39.63 -5.54 34.76
N LEU E 116 -38.82 -5.69 33.73
CA LEU E 116 -38.13 -4.54 33.15
C LEU E 116 -39.11 -3.57 32.51
N LEU E 117 -40.21 -4.09 31.98
CA LEU E 117 -41.27 -3.26 31.43
C LEU E 117 -41.85 -2.33 32.51
N THR E 118 -42.16 -2.90 33.66
CA THR E 118 -42.77 -2.11 34.74
C THR E 118 -41.74 -1.23 35.45
N ALA E 119 -40.46 -1.50 35.22
CA ALA E 119 -39.39 -0.72 35.85
C ALA E 119 -39.13 0.60 35.14
N GLY E 120 -39.83 0.82 34.03
CA GLY E 120 -39.70 2.06 33.28
C GLY E 120 -40.16 3.25 34.09
N ALA E 121 -39.82 4.46 33.63
CA ALA E 121 -40.21 5.69 34.31
C ALA E 121 -41.73 5.79 34.42
N LYS E 122 -42.21 6.09 35.63
CA LYS E 122 -43.63 6.24 35.89
C LYS E 122 -44.26 7.22 34.91
N GLY E 123 -45.35 6.81 34.28
CA GLY E 123 -46.03 7.64 33.30
C GLY E 123 -45.55 7.40 31.88
N LYS E 124 -44.44 6.68 31.75
CA LYS E 124 -43.83 6.46 30.44
C LYS E 124 -43.67 4.98 30.11
N ARG E 125 -44.55 4.15 30.67
CA ARG E 125 -44.56 2.72 30.38
C ARG E 125 -45.79 2.38 29.53
N PHE E 126 -45.57 1.68 28.42
CA PHE E 126 -46.65 1.42 27.46
C PHE E 126 -46.77 -0.04 27.06
N CYS E 127 -48.01 -0.45 26.76
CA CYS E 127 -48.28 -1.68 26.05
C CYS E 127 -48.88 -1.34 24.69
N LEU E 128 -48.47 -2.05 23.65
CA LEU E 128 -49.20 -1.96 22.39
C LEU E 128 -50.52 -2.68 22.57
N PRO E 129 -51.55 -2.32 21.79
CA PRO E 129 -52.92 -2.78 22.01
C PRO E 129 -53.09 -4.29 22.16
N ASN E 130 -52.34 -5.07 21.37
CA ASN E 130 -52.50 -6.53 21.39
C ASN E 130 -51.30 -7.27 21.98
N SER E 131 -50.41 -6.55 22.65
CA SER E 131 -49.30 -7.17 23.34
C SER E 131 -49.83 -7.78 24.63
N ARG E 132 -49.09 -8.73 25.20
CA ARG E 132 -49.49 -9.32 26.46
C ARG E 132 -48.33 -9.42 27.43
N VAL E 133 -48.67 -9.65 28.70
CA VAL E 133 -47.69 -9.70 29.77
C VAL E 133 -47.91 -10.97 30.58
N MET E 134 -46.84 -11.52 31.13
CA MET E 134 -46.98 -12.64 32.06
C MET E 134 -46.01 -12.49 33.22
N ILE E 135 -46.49 -12.77 34.43
CA ILE E 135 -45.66 -12.66 35.62
C ILE E 135 -45.69 -13.97 36.40
N HIS E 136 -44.63 -14.22 37.15
CA HIS E 136 -44.56 -15.37 38.03
C HIS E 136 -43.39 -15.25 38.99
N GLN E 137 -43.12 -16.31 39.73
CA GLN E 137 -42.03 -16.30 40.71
C GLN E 137 -40.77 -16.92 40.09
N PRO E 138 -39.61 -16.70 40.73
CA PRO E 138 -38.36 -17.22 40.20
C PRO E 138 -38.38 -18.74 39.99
N LEU E 139 -37.66 -19.19 38.97
CA LEU E 139 -37.44 -20.60 38.74
C LEU E 139 -35.96 -20.88 38.95
N GLY E 140 -35.67 -22.05 39.49
CA GLY E 140 -34.29 -22.41 39.76
C GLY E 140 -34.12 -23.90 39.94
N GLY E 141 -32.92 -24.31 40.32
CA GLY E 141 -32.65 -25.72 40.53
C GLY E 141 -31.25 -25.92 41.05
N TYR E 142 -31.11 -26.84 42.00
CA TYR E 142 -29.80 -27.21 42.50
C TYR E 142 -29.70 -28.72 42.67
N GLN E 143 -28.47 -29.21 42.75
CA GLN E 143 -28.21 -30.62 42.94
C GLN E 143 -26.95 -30.75 43.78
N GLY E 144 -27.03 -31.54 44.85
CA GLY E 144 -25.88 -31.75 45.73
C GLY E 144 -26.26 -32.08 47.16
N GLN E 145 -25.35 -31.79 48.09
CA GLN E 145 -25.56 -32.07 49.50
C GLN E 145 -26.70 -31.24 50.09
N ALA E 146 -27.39 -31.81 51.07
CA ALA E 146 -28.48 -31.12 51.74
C ALA E 146 -28.04 -29.73 52.25
N THR E 147 -26.86 -29.65 52.83
CA THR E 147 -26.36 -28.38 53.35
C THR E 147 -26.32 -27.32 52.25
N ASP E 148 -25.83 -27.70 51.07
CA ASP E 148 -25.75 -26.78 49.94
C ASP E 148 -27.12 -26.49 49.35
N ILE E 149 -28.00 -27.49 49.37
CA ILE E 149 -29.36 -27.31 48.91
C ILE E 149 -30.05 -26.22 49.75
N GLU E 150 -29.81 -26.26 51.05
CA GLU E 150 -30.39 -25.27 51.97
C GLU E 150 -29.89 -23.87 51.61
N ILE E 151 -28.59 -23.77 51.38
CA ILE E 151 -27.97 -22.49 51.03
C ILE E 151 -28.61 -21.88 49.79
N HIS E 152 -28.77 -22.68 48.74
CA HIS E 152 -29.30 -22.20 47.47
C HIS E 152 -30.81 -21.99 47.49
N ALA E 153 -31.52 -22.83 48.25
CA ALA E 153 -32.95 -22.64 48.42
C ALA E 153 -33.19 -21.32 49.16
N ARG E 154 -32.39 -21.07 50.18
CA ARG E 154 -32.49 -19.84 50.96
C ARG E 154 -32.28 -18.62 50.07
N GLU E 155 -31.32 -18.71 49.14
CA GLU E 155 -30.99 -17.59 48.27
C GLU E 155 -32.09 -17.26 47.28
N ILE E 156 -32.68 -18.27 46.65
CA ILE E 156 -33.74 -17.99 45.66
C ILE E 156 -35.00 -17.46 46.33
N LEU E 157 -35.23 -17.86 47.58
CA LEU E 157 -36.34 -17.32 48.35
C LEU E 157 -36.12 -15.83 48.61
N LYS E 158 -34.87 -15.46 48.89
CA LYS E 158 -34.52 -14.05 49.08
C LYS E 158 -34.71 -13.28 47.79
N VAL E 159 -34.30 -13.88 46.68
CA VAL E 159 -34.46 -13.28 45.36
C VAL E 159 -35.95 -13.06 45.08
N LYS E 160 -36.76 -14.07 45.37
CA LYS E 160 -38.20 -13.99 45.19
C LYS E 160 -38.78 -12.82 45.98
N GLY E 161 -38.34 -12.66 47.22
CA GLY E 161 -38.81 -11.58 48.07
C GLY E 161 -38.46 -10.21 47.51
N ARG E 162 -37.22 -10.06 47.07
CA ARG E 162 -36.77 -8.78 46.50
C ARG E 162 -37.54 -8.43 45.24
N MET E 163 -37.73 -9.42 44.36
CA MET E 163 -38.45 -9.19 43.11
C MET E 163 -39.89 -8.75 43.39
N ASN E 164 -40.52 -9.40 44.37
CA ASN E 164 -41.88 -9.02 44.75
C ASN E 164 -41.96 -7.60 45.31
N GLU E 165 -41.00 -7.25 46.15
CA GLU E 165 -40.93 -5.91 46.73
C GLU E 165 -40.81 -4.87 45.64
N LEU E 166 -39.94 -5.13 44.67
CA LEU E 166 -39.72 -4.20 43.57
C LEU E 166 -40.94 -4.11 42.66
N MET E 167 -41.61 -5.25 42.45
CA MET E 167 -42.86 -5.26 41.68
C MET E 167 -43.93 -4.42 42.37
N ALA E 168 -44.03 -4.56 43.69
CA ALA E 168 -44.99 -3.78 44.47
C ALA E 168 -44.69 -2.30 44.33
N LEU E 169 -43.40 -1.96 44.45
CA LEU E 169 -42.96 -0.58 44.32
C LEU E 169 -43.40 0.05 43.00
N HIS E 170 -43.12 -0.65 41.89
CA HIS E 170 -43.35 -0.10 40.56
C HIS E 170 -44.80 -0.14 40.10
N THR E 171 -45.56 -1.14 40.55
CA THR E 171 -46.98 -1.24 40.18
C THR E 171 -47.86 -0.40 41.09
N GLY E 172 -47.44 -0.27 42.35
CA GLY E 172 -48.24 0.42 43.34
C GLY E 172 -49.18 -0.53 44.05
N GLN E 173 -49.06 -1.81 43.73
CA GLN E 173 -49.82 -2.85 44.41
C GLN E 173 -49.14 -3.19 45.73
N SER E 174 -49.90 -3.75 46.67
CA SER E 174 -49.33 -4.17 47.94
C SER E 174 -48.42 -5.37 47.72
N LEU E 175 -47.44 -5.53 48.61
CA LEU E 175 -46.55 -6.68 48.54
C LEU E 175 -47.36 -7.97 48.60
N GLU E 176 -48.42 -7.95 49.39
CA GLU E 176 -49.29 -9.11 49.56
C GLU E 176 -50.00 -9.45 48.26
N GLN E 177 -50.45 -8.42 47.54
CA GLN E 177 -51.13 -8.63 46.26
C GLN E 177 -50.19 -9.23 45.22
N ILE E 178 -48.97 -8.71 45.15
CA ILE E 178 -47.97 -9.23 44.21
C ILE E 178 -47.66 -10.69 44.53
N GLU E 179 -47.51 -10.99 45.81
CA GLU E 179 -47.24 -12.35 46.25
C GLU E 179 -48.32 -13.32 45.77
N ARG E 180 -49.57 -12.93 45.95
CA ARG E 180 -50.70 -13.76 45.51
C ARG E 180 -50.70 -13.97 44.00
N ASP E 181 -50.44 -12.89 43.26
CA ASP E 181 -50.57 -12.91 41.81
C ASP E 181 -49.38 -13.54 41.07
N THR E 182 -48.30 -13.79 41.78
CA THR E 182 -47.09 -14.34 41.14
C THR E 182 -46.74 -15.76 41.60
N GLU E 183 -47.55 -16.34 42.47
CA GLU E 183 -47.32 -17.71 42.91
C GLU E 183 -47.34 -18.67 41.71
N ARG E 184 -48.24 -18.41 40.77
CA ARG E 184 -48.29 -19.17 39.53
C ARG E 184 -48.35 -18.23 38.34
N ASP E 185 -48.04 -18.76 37.16
CA ASP E 185 -48.10 -17.98 35.93
C ASP E 185 -49.38 -17.17 35.84
N ARG E 186 -49.27 -15.88 35.55
CA ARG E 186 -50.45 -15.04 35.41
C ARG E 186 -50.33 -14.13 34.21
N PHE E 187 -51.27 -14.26 33.27
CA PHE E 187 -51.29 -13.42 32.08
C PHE E 187 -52.09 -12.15 32.32
N LEU E 188 -51.63 -11.04 31.74
CA LEU E 188 -52.39 -9.80 31.73
C LEU E 188 -52.45 -9.28 30.31
N SER E 189 -53.67 -9.01 29.84
CA SER E 189 -53.84 -8.33 28.57
C SER E 189 -53.34 -6.90 28.73
N ALA E 190 -53.21 -6.19 27.61
CA ALA E 190 -52.77 -4.80 27.66
C ALA E 190 -53.62 -3.96 28.61
N PRO E 191 -54.95 -3.99 28.44
CA PRO E 191 -55.83 -3.21 29.32
C PRO E 191 -55.68 -3.61 30.79
N GLU E 192 -55.46 -4.89 31.06
CA GLU E 192 -55.27 -5.36 32.42
C GLU E 192 -53.95 -4.88 33.01
N ALA E 193 -52.92 -4.85 32.16
CA ALA E 193 -51.62 -4.36 32.58
C ALA E 193 -51.72 -2.90 33.05
N VAL E 194 -52.53 -2.12 32.35
CA VAL E 194 -52.77 -0.74 32.73
C VAL E 194 -53.51 -0.68 34.08
N GLU E 195 -54.58 -1.44 34.20
CA GLU E 195 -55.39 -1.46 35.42
C GLU E 195 -54.58 -1.89 36.64
N TYR E 196 -53.55 -2.71 36.41
CA TYR E 196 -52.74 -3.29 37.48
C TYR E 196 -51.61 -2.37 37.92
N GLY E 197 -51.32 -1.37 37.11
CA GLY E 197 -50.24 -0.44 37.40
C GLY E 197 -48.91 -0.94 36.88
N LEU E 198 -48.96 -1.99 36.07
CA LEU E 198 -47.76 -2.56 35.47
C LEU E 198 -47.26 -1.65 34.37
N VAL E 199 -48.21 -1.05 33.66
CA VAL E 199 -47.94 -0.13 32.57
C VAL E 199 -48.85 1.09 32.76
N ASP E 200 -48.52 2.20 32.12
CA ASP E 200 -49.27 3.43 32.34
C ASP E 200 -50.43 3.63 31.37
N SER E 201 -50.26 3.17 30.13
CA SER E 201 -51.33 3.28 29.15
C SER E 201 -51.08 2.39 27.94
N ILE E 202 -52.09 2.27 27.10
CA ILE E 202 -51.95 1.56 25.83
C ILE E 202 -51.56 2.55 24.75
N LEU E 203 -50.58 2.19 23.94
CA LEU E 203 -50.12 3.03 22.84
C LEU E 203 -51.11 2.98 21.68
N THR E 204 -51.63 4.14 21.30
CA THR E 204 -52.65 4.21 20.25
C THR E 204 -52.13 4.86 18.97
N LEU F 16 -24.76 -8.85 16.88
CA LEU F 16 -24.60 -7.51 16.36
C LEU F 16 -24.34 -6.49 17.46
N VAL F 17 -23.18 -5.84 17.38
CA VAL F 17 -22.85 -4.76 18.31
C VAL F 17 -23.11 -3.43 17.62
N PRO F 18 -23.97 -2.59 18.22
CA PRO F 18 -24.34 -1.32 17.59
C PRO F 18 -23.15 -0.41 17.35
N MET F 19 -23.20 0.36 16.27
CA MET F 19 -22.18 1.34 15.97
C MET F 19 -22.64 2.72 16.41
N VAL F 20 -21.70 3.55 16.86
CA VAL F 20 -22.03 4.92 17.27
C VAL F 20 -21.01 5.89 16.70
N ILE F 21 -21.36 7.17 16.70
CA ILE F 21 -20.50 8.22 16.17
C ILE F 21 -19.88 9.07 17.27
N GLU F 22 -18.60 9.38 17.13
CA GLU F 22 -17.95 10.33 18.03
C GLU F 22 -17.51 11.57 17.25
N GLN F 23 -17.90 12.74 17.77
CA GLN F 23 -17.58 14.01 17.13
C GLN F 23 -16.23 14.52 17.62
N THR F 24 -15.27 14.62 16.70
CA THR F 24 -13.92 15.08 17.06
C THR F 24 -13.43 16.12 16.07
N SER F 25 -12.56 17.01 16.53
CA SER F 25 -11.99 18.05 15.67
C SER F 25 -11.24 17.46 14.48
N ARG F 26 -10.84 16.20 14.60
CA ARG F 26 -10.16 15.51 13.52
C ARG F 26 -11.17 14.99 12.51
N GLY F 27 -12.44 15.10 12.85
CA GLY F 27 -13.51 14.61 11.99
C GLY F 27 -14.38 13.58 12.68
N GLU F 28 -15.34 13.06 11.93
CA GLU F 28 -16.32 12.13 12.47
C GLU F 28 -15.80 10.69 12.43
N ARG F 29 -15.96 9.98 13.54
CA ARG F 29 -15.49 8.59 13.61
C ARG F 29 -16.58 7.65 14.10
N SER F 30 -16.64 6.46 13.51
CA SER F 30 -17.60 5.45 13.90
C SER F 30 -16.94 4.35 14.72
N PHE F 31 -17.60 3.94 15.80
CA PHE F 31 -17.09 2.89 16.68
C PHE F 31 -18.20 1.91 17.02
N ASP F 32 -17.84 0.64 17.20
CA ASP F 32 -18.76 -0.28 17.87
C ASP F 32 -18.86 0.23 19.30
N ILE F 33 -19.96 -0.07 19.98
CA ILE F 33 -20.23 0.58 21.25
C ILE F 33 -19.24 0.24 22.37
N TYR F 34 -18.68 -0.97 22.34
CA TYR F 34 -17.69 -1.34 23.35
C TYR F 34 -16.37 -0.62 23.14
N SER F 35 -15.97 -0.47 21.87
CA SER F 35 -14.77 0.31 21.56
C SER F 35 -14.97 1.75 21.97
N ARG F 36 -16.21 2.24 21.83
CA ARG F 36 -16.54 3.62 22.20
C ARG F 36 -16.39 3.83 23.70
N LEU F 37 -16.85 2.86 24.48
CA LEU F 37 -16.70 2.95 25.93
C LEU F 37 -15.27 2.71 26.37
N LEU F 38 -14.52 1.93 25.60
CA LEU F 38 -13.11 1.69 25.90
C LEU F 38 -12.34 3.01 25.80
N LYS F 39 -12.83 3.91 24.96
CA LYS F 39 -12.22 5.23 24.79
C LYS F 39 -12.35 6.06 26.06
N GLU F 40 -13.34 5.72 26.89
CA GLU F 40 -13.54 6.38 28.17
C GLU F 40 -12.96 5.57 29.33
N ARG F 41 -12.10 4.61 29.00
CA ARG F 41 -11.39 3.81 29.99
C ARG F 41 -12.33 2.84 30.73
N VAL F 42 -13.40 2.45 30.07
CA VAL F 42 -14.33 1.46 30.62
C VAL F 42 -14.16 0.11 29.93
N ILE F 43 -13.91 -0.91 30.74
CA ILE F 43 -13.75 -2.27 30.23
C ILE F 43 -14.83 -3.16 30.83
N PHE F 44 -15.39 -4.03 30.00
CA PHE F 44 -16.41 -4.97 30.45
C PHE F 44 -15.85 -6.36 30.67
N LEU F 45 -16.20 -6.95 31.80
CA LEU F 45 -15.91 -8.35 32.08
C LEU F 45 -17.26 -9.06 32.14
N THR F 46 -17.60 -9.79 31.09
CA THR F 46 -18.94 -10.34 30.93
C THR F 46 -18.97 -11.86 30.76
N GLY F 47 -19.80 -12.52 31.56
CA GLY F 47 -19.96 -13.96 31.46
C GLY F 47 -18.79 -14.72 32.06
N GLN F 48 -18.61 -15.96 31.59
CA GLN F 48 -17.60 -16.84 32.18
C GLN F 48 -16.16 -16.37 31.95
N VAL F 49 -15.36 -16.45 33.00
CA VAL F 49 -13.93 -16.14 32.93
C VAL F 49 -13.19 -17.30 32.28
N GLU F 50 -12.50 -17.02 31.18
CA GLU F 50 -11.67 -18.01 30.52
C GLU F 50 -10.55 -17.31 29.76
N ASP F 51 -9.54 -18.08 29.35
CA ASP F 51 -8.30 -17.55 28.80
C ASP F 51 -8.46 -16.41 27.80
N HIS F 52 -9.35 -16.57 26.83
CA HIS F 52 -9.44 -15.63 25.72
C HIS F 52 -10.12 -14.31 26.08
N MET F 53 -11.25 -14.37 26.78
CA MET F 53 -11.91 -13.15 27.24
C MET F 53 -11.03 -12.44 28.26
N ALA F 54 -10.32 -13.23 29.06
CA ALA F 54 -9.41 -12.69 30.08
C ALA F 54 -8.23 -11.97 29.44
N ASN F 55 -7.62 -12.61 28.45
CA ASN F 55 -6.49 -12.02 27.75
C ASN F 55 -6.88 -10.70 27.09
N LEU F 56 -8.10 -10.66 26.55
CA LEU F 56 -8.62 -9.45 25.92
C LEU F 56 -8.72 -8.33 26.93
N ILE F 57 -9.12 -8.67 28.16
CA ILE F 57 -9.19 -7.67 29.23
C ILE F 57 -7.79 -7.20 29.63
N VAL F 58 -6.82 -8.12 29.64
CA VAL F 58 -5.45 -7.77 29.94
C VAL F 58 -4.93 -6.77 28.91
N ALA F 59 -5.17 -7.06 27.63
CA ALA F 59 -4.74 -6.17 26.55
C ALA F 59 -5.34 -4.77 26.68
N GLN F 60 -6.63 -4.71 27.00
CA GLN F 60 -7.31 -3.42 27.16
C GLN F 60 -6.72 -2.61 28.31
N MET F 61 -6.37 -3.29 29.40
CA MET F 61 -5.79 -2.61 30.56
C MET F 61 -4.40 -2.07 30.25
N LEU F 62 -3.57 -2.89 29.60
CA LEU F 62 -2.23 -2.46 29.21
C LEU F 62 -2.32 -1.29 28.24
N PHE F 63 -3.25 -1.36 27.30
CA PHE F 63 -3.45 -0.29 26.34
C PHE F 63 -3.82 1.00 27.03
N LEU F 64 -4.77 0.93 27.97
CA LEU F 64 -5.22 2.12 28.68
C LEU F 64 -4.13 2.74 29.54
N GLU F 65 -3.32 1.91 30.20
CA GLU F 65 -2.22 2.44 30.99
C GLU F 65 -1.26 3.21 30.10
N ALA F 66 -0.95 2.65 28.94
CA ALA F 66 -0.08 3.30 27.97
C ALA F 66 -0.65 4.64 27.55
N GLU F 67 -1.95 4.67 27.28
CA GLU F 67 -2.62 5.91 26.87
C GLU F 67 -2.50 6.98 27.94
N ASN F 68 -2.90 6.65 29.16
CA ASN F 68 -2.75 7.56 30.29
C ASN F 68 -2.50 6.78 31.57
N PRO F 69 -1.25 6.80 32.05
CA PRO F 69 -0.80 6.09 33.24
C PRO F 69 -1.43 6.61 34.53
N GLU F 70 -2.02 7.80 34.48
CA GLU F 70 -2.51 8.45 35.70
C GLU F 70 -4.01 8.32 35.92
N LYS F 71 -4.76 8.20 34.82
CA LYS F 71 -6.22 8.15 34.88
C LYS F 71 -6.75 6.79 35.31
N ASP F 72 -7.82 6.81 36.11
CA ASP F 72 -8.47 5.60 36.56
C ASP F 72 -8.98 4.77 35.39
N ILE F 73 -9.05 3.45 35.60
CA ILE F 73 -9.65 2.54 34.64
C ILE F 73 -10.86 1.90 35.31
N TYR F 74 -11.89 1.62 34.54
CA TYR F 74 -13.12 1.06 35.11
C TYR F 74 -13.42 -0.34 34.57
N LEU F 75 -13.67 -1.25 35.49
CA LEU F 75 -13.97 -2.64 35.14
C LEU F 75 -15.39 -2.96 35.59
N TYR F 76 -16.30 -3.09 34.61
CA TYR F 76 -17.70 -3.41 34.90
C TYR F 76 -17.90 -4.91 34.83
N ILE F 77 -18.26 -5.51 35.96
CA ILE F 77 -18.27 -6.96 36.10
C ILE F 77 -19.68 -7.52 36.24
N ASN F 78 -20.02 -8.43 35.33
CA ASN F 78 -21.21 -9.27 35.45
C ASN F 78 -20.81 -10.69 35.07
N SER F 79 -20.49 -11.50 36.06
CA SER F 79 -19.88 -12.81 35.81
C SER F 79 -20.20 -13.84 36.89
N PRO F 80 -20.39 -15.10 36.47
CA PRO F 80 -20.61 -16.22 37.40
C PRO F 80 -19.28 -16.81 37.84
N GLY F 81 -18.18 -16.24 37.34
CA GLY F 81 -16.85 -16.74 37.65
C GLY F 81 -16.27 -17.55 36.52
N GLY F 82 -15.32 -18.43 36.84
CA GLY F 82 -14.68 -19.27 35.84
C GLY F 82 -13.29 -19.73 36.23
N VAL F 83 -12.44 -19.92 35.22
CA VAL F 83 -11.10 -20.48 35.42
C VAL F 83 -10.21 -19.57 36.26
N ILE F 84 -9.65 -20.12 37.32
CA ILE F 84 -8.84 -19.33 38.25
C ILE F 84 -7.59 -18.71 37.60
N THR F 85 -6.83 -19.52 36.88
CA THR F 85 -5.61 -19.01 36.26
C THR F 85 -5.90 -17.89 35.27
N ALA F 86 -7.01 -18.01 34.54
CA ALA F 86 -7.42 -16.95 33.62
C ALA F 86 -7.76 -15.68 34.40
N GLY F 87 -8.48 -15.86 35.51
CA GLY F 87 -8.82 -14.73 36.36
C GLY F 87 -7.59 -14.06 36.93
N MET F 88 -6.60 -14.86 37.31
CA MET F 88 -5.39 -14.33 37.95
C MET F 88 -4.52 -13.55 36.98
N SER F 89 -4.67 -13.79 35.67
CA SER F 89 -3.96 -13.01 34.68
C SER F 89 -4.50 -11.59 34.71
N ILE F 90 -5.79 -11.46 34.94
CA ILE F 90 -6.42 -10.15 35.08
C ILE F 90 -6.03 -9.50 36.41
N TYR F 91 -6.10 -10.28 37.48
CA TYR F 91 -5.77 -9.78 38.81
C TYR F 91 -4.37 -9.17 38.85
N ASP F 92 -3.39 -9.92 38.37
CA ASP F 92 -2.01 -9.45 38.37
C ASP F 92 -1.81 -8.22 37.50
N THR F 93 -2.57 -8.13 36.41
CA THR F 93 -2.50 -6.95 35.55
C THR F 93 -3.07 -5.74 36.28
N MET F 94 -4.17 -5.95 36.98
CA MET F 94 -4.79 -4.88 37.78
C MET F 94 -3.81 -4.31 38.80
N GLN F 95 -3.07 -5.18 39.49
CA GLN F 95 -2.16 -4.75 40.54
C GLN F 95 -0.86 -4.16 39.98
N PHE F 96 -0.47 -4.59 38.79
CA PHE F 96 0.78 -4.13 38.19
C PHE F 96 0.69 -2.70 37.65
N ILE F 97 -0.38 -2.42 36.91
CA ILE F 97 -0.52 -1.14 36.22
C ILE F 97 -0.67 0.03 37.19
N LYS F 98 -0.22 1.21 36.76
CA LYS F 98 -0.23 2.39 37.62
C LYS F 98 -1.64 2.92 37.92
N PRO F 99 -2.52 2.96 36.91
CA PRO F 99 -3.88 3.44 37.17
C PRO F 99 -4.61 2.60 38.21
N ASP F 100 -5.39 3.24 39.06
CA ASP F 100 -6.32 2.54 39.91
C ASP F 100 -7.36 1.84 39.03
N VAL F 101 -7.69 0.61 39.34
CA VAL F 101 -8.78 -0.05 38.62
C VAL F 101 -10.03 -0.06 39.50
N SER F 102 -10.99 0.79 39.15
CA SER F 102 -12.26 0.85 39.85
C SER F 102 -13.16 -0.25 39.34
N THR F 103 -13.77 -1.00 40.26
CA THR F 103 -14.62 -2.13 39.87
C THR F 103 -16.08 -1.91 40.24
N ILE F 104 -16.97 -2.34 39.35
CA ILE F 104 -18.41 -2.22 39.59
C ILE F 104 -19.10 -3.55 39.32
N CYS F 105 -19.90 -4.00 40.28
CA CYS F 105 -20.66 -5.22 40.12
C CYS F 105 -22.06 -4.94 39.59
N MET F 106 -22.37 -5.48 38.41
CA MET F 106 -23.70 -5.35 37.82
C MET F 106 -24.32 -6.72 37.67
N GLY F 107 -25.51 -6.91 38.22
CA GLY F 107 -26.18 -8.19 38.15
C GLY F 107 -25.61 -9.17 39.16
N GLN F 108 -24.43 -9.71 38.85
CA GLN F 108 -23.76 -10.61 39.77
C GLN F 108 -22.25 -10.66 39.57
N ALA F 109 -21.54 -10.94 40.65
CA ALA F 109 -20.12 -11.26 40.60
C ALA F 109 -19.91 -12.46 41.52
N ALA F 110 -19.81 -13.64 40.92
CA ALA F 110 -19.66 -14.87 41.69
C ALA F 110 -18.30 -15.52 41.45
N SER F 111 -17.78 -16.17 42.49
CA SER F 111 -16.52 -16.88 42.40
C SER F 111 -15.39 -15.97 41.98
N MET F 112 -14.72 -16.30 40.88
CA MET F 112 -13.62 -15.45 40.41
C MET F 112 -14.13 -14.05 40.11
N GLY F 113 -15.38 -13.95 39.70
CA GLY F 113 -16.00 -12.66 39.45
C GLY F 113 -15.99 -11.80 40.69
N ALA F 114 -16.36 -12.40 41.82
CA ALA F 114 -16.34 -11.70 43.10
C ALA F 114 -14.92 -11.35 43.51
N PHE F 115 -13.98 -12.23 43.17
CA PHE F 115 -12.59 -12.02 43.52
C PHE F 115 -12.02 -10.79 42.81
N LEU F 116 -12.28 -10.68 41.52
CA LEU F 116 -11.79 -9.55 40.74
C LEU F 116 -12.49 -8.25 41.16
N LEU F 117 -13.74 -8.37 41.58
CA LEU F 117 -14.48 -7.22 42.10
C LEU F 117 -13.79 -6.65 43.34
N THR F 118 -13.47 -7.53 44.29
CA THR F 118 -12.85 -7.09 45.53
C THR F 118 -11.39 -6.67 45.31
N ALA F 119 -10.83 -7.06 44.17
CA ALA F 119 -9.45 -6.75 43.84
C ALA F 119 -9.28 -5.31 43.36
N GLY F 120 -10.40 -4.62 43.19
CA GLY F 120 -10.37 -3.25 42.72
C GLY F 120 -9.69 -2.31 43.69
N ALA F 121 -9.36 -1.10 43.23
CA ALA F 121 -8.69 -0.11 44.07
C ALA F 121 -9.51 0.20 45.32
N LYS F 122 -8.85 0.14 46.48
CA LYS F 122 -9.50 0.49 47.74
C LYS F 122 -10.25 1.82 47.63
N GLY F 123 -11.53 1.81 48.00
CA GLY F 123 -12.33 3.01 47.95
C GLY F 123 -13.09 3.19 46.65
N LYS F 124 -12.76 2.37 45.65
CA LYS F 124 -13.35 2.52 44.33
C LYS F 124 -14.02 1.23 43.84
N ARG F 125 -14.48 0.42 44.79
CA ARG F 125 -15.19 -0.82 44.46
C ARG F 125 -16.67 -0.66 44.78
N PHE F 126 -17.53 -0.91 43.79
CA PHE F 126 -18.96 -0.63 43.93
C PHE F 126 -19.85 -1.82 43.61
N CYS F 127 -20.99 -1.89 44.27
CA CYS F 127 -22.08 -2.78 43.88
C CYS F 127 -23.29 -1.94 43.47
N LEU F 128 -23.92 -2.31 42.37
CA LEU F 128 -25.23 -1.75 42.06
C LEU F 128 -26.20 -2.26 43.12
N PRO F 129 -27.26 -1.50 43.43
CA PRO F 129 -28.12 -1.77 44.58
C PRO F 129 -28.70 -3.18 44.63
N ASN F 130 -29.00 -3.76 43.48
CA ASN F 130 -29.66 -5.06 43.43
C ASN F 130 -28.80 -6.17 42.84
N SER F 131 -27.50 -5.91 42.72
CA SER F 131 -26.56 -6.93 42.28
C SER F 131 -26.25 -7.82 43.48
N ARG F 132 -25.75 -9.02 43.23
CA ARG F 132 -25.41 -9.93 44.31
C ARG F 132 -24.03 -10.53 44.09
N VAL F 133 -23.44 -11.01 45.18
CA VAL F 133 -22.12 -11.60 45.15
C VAL F 133 -22.17 -13.00 45.76
N MET F 134 -21.30 -13.88 45.30
CA MET F 134 -21.16 -15.20 45.91
C MET F 134 -19.69 -15.58 45.96
N ILE F 135 -19.28 -16.12 47.11
CA ILE F 135 -17.91 -16.56 47.28
C ILE F 135 -17.88 -18.03 47.67
N HIS F 136 -16.82 -18.73 47.29
CA HIS F 136 -16.62 -20.11 47.70
C HIS F 136 -15.17 -20.53 47.48
N GLN F 137 -14.91 -21.83 47.58
CA GLN F 137 -13.54 -22.33 47.43
C GLN F 137 -13.32 -22.91 46.03
N PRO F 138 -12.04 -23.14 45.66
CA PRO F 138 -11.71 -23.69 44.35
C PRO F 138 -12.35 -25.05 44.09
N LEU F 139 -12.78 -25.25 42.85
CA LEU F 139 -13.29 -26.53 42.41
C LEU F 139 -12.29 -27.13 41.43
N GLY F 140 -12.12 -28.44 41.48
CA GLY F 140 -11.17 -29.10 40.61
C GLY F 140 -11.55 -30.53 40.33
N GLY F 141 -10.66 -31.23 39.65
CA GLY F 141 -10.90 -32.62 39.31
C GLY F 141 -9.69 -33.20 38.61
N TYR F 142 -9.32 -34.41 39.00
CA TYR F 142 -8.24 -35.12 38.34
C TYR F 142 -8.53 -36.61 38.35
N GLN F 143 -7.97 -37.31 37.36
CA GLN F 143 -8.10 -38.75 37.28
C GLN F 143 -6.75 -39.35 36.92
N GLY F 144 -6.39 -40.45 37.57
CA GLY F 144 -5.15 -41.13 37.27
C GLY F 144 -4.56 -41.86 38.46
N GLN F 145 -3.25 -42.03 38.44
CA GLN F 145 -2.55 -42.73 39.50
C GLN F 145 -2.61 -41.96 40.81
N ALA F 146 -2.61 -42.71 41.92
CA ALA F 146 -2.62 -42.11 43.24
C ALA F 146 -1.50 -41.08 43.39
N THR F 147 -0.31 -41.43 42.89
CA THR F 147 0.82 -40.51 42.96
C THR F 147 0.47 -39.16 42.33
N ASP F 148 -0.14 -39.19 41.17
CA ASP F 148 -0.51 -37.97 40.45
C ASP F 148 -1.67 -37.25 41.12
N ILE F 149 -2.63 -38.02 41.63
CA ILE F 149 -3.75 -37.46 42.38
C ILE F 149 -3.24 -36.61 43.54
N GLU F 150 -2.23 -37.12 44.24
CA GLU F 150 -1.66 -36.40 45.38
C GLU F 150 -1.04 -35.07 44.93
N ILE F 151 -0.28 -35.12 43.85
CA ILE F 151 0.34 -33.92 43.28
C ILE F 151 -0.69 -32.84 42.99
N HIS F 152 -1.77 -33.23 42.31
CA HIS F 152 -2.80 -32.27 41.93
C HIS F 152 -3.66 -31.83 43.12
N ALA F 153 -3.87 -32.74 44.06
CA ALA F 153 -4.59 -32.39 45.28
C ALA F 153 -3.81 -31.33 46.06
N ARG F 154 -2.51 -31.55 46.23
CA ARG F 154 -1.67 -30.59 46.93
C ARG F 154 -1.74 -29.22 46.27
N GLU F 155 -1.69 -29.20 44.94
CA GLU F 155 -1.69 -27.94 44.20
C GLU F 155 -2.98 -27.15 44.43
N ILE F 156 -4.13 -27.79 44.29
CA ILE F 156 -5.39 -27.06 44.46
C ILE F 156 -5.57 -26.56 45.89
N LEU F 157 -4.97 -27.26 46.85
CA LEU F 157 -4.99 -26.80 48.23
C LEU F 157 -4.12 -25.56 48.40
N LYS F 158 -3.00 -25.52 47.67
CA LYS F 158 -2.15 -24.33 47.66
C LYS F 158 -2.87 -23.15 47.02
N VAL F 159 -3.59 -23.43 45.93
CA VAL F 159 -4.37 -22.40 45.25
C VAL F 159 -5.43 -21.84 46.19
N LYS F 160 -6.13 -22.75 46.87
CA LYS F 160 -7.15 -22.37 47.83
C LYS F 160 -6.55 -21.45 48.90
N GLY F 161 -5.39 -21.82 49.41
CA GLY F 161 -4.71 -21.02 50.41
C GLY F 161 -4.38 -19.63 49.92
N ARG F 162 -3.81 -19.53 48.73
CA ARG F 162 -3.44 -18.25 48.15
C ARG F 162 -4.66 -17.37 47.96
N MET F 163 -5.73 -17.93 47.40
CA MET F 163 -6.95 -17.17 47.14
C MET F 163 -7.54 -16.63 48.43
N ASN F 164 -7.51 -17.43 49.49
CA ASN F 164 -8.01 -16.98 50.78
C ASN F 164 -7.16 -15.85 51.37
N GLU F 165 -5.84 -15.97 51.25
CA GLU F 165 -4.93 -14.92 51.69
C GLU F 165 -5.24 -13.60 50.99
N LEU F 166 -5.42 -13.66 49.67
CA LEU F 166 -5.71 -12.47 48.88
C LEU F 166 -7.07 -11.89 49.22
N MET F 167 -8.06 -12.75 49.42
CA MET F 167 -9.38 -12.29 49.84
C MET F 167 -9.28 -11.56 51.18
N ALA F 168 -8.50 -12.11 52.09
CA ALA F 168 -8.27 -11.47 53.39
C ALA F 168 -7.66 -10.08 53.20
N LEU F 169 -6.62 -10.01 52.39
CA LEU F 169 -5.93 -8.76 52.12
C LEU F 169 -6.87 -7.66 51.62
N HIS F 170 -7.76 -8.01 50.70
CA HIS F 170 -8.61 -7.02 50.06
C HIS F 170 -9.87 -6.65 50.83
N THR F 171 -10.40 -7.60 51.61
CA THR F 171 -11.62 -7.36 52.37
C THR F 171 -11.33 -6.75 53.75
N GLY F 172 -10.17 -7.07 54.30
CA GLY F 172 -9.82 -6.63 55.63
C GLY F 172 -10.16 -7.69 56.66
N GLN F 173 -10.82 -8.75 56.21
CA GLN F 173 -11.16 -9.87 57.08
C GLN F 173 -9.92 -10.68 57.39
N SER F 174 -9.93 -11.38 58.51
CA SER F 174 -8.82 -12.27 58.85
C SER F 174 -8.85 -13.49 57.93
N LEU F 175 -7.69 -14.12 57.76
CA LEU F 175 -7.62 -15.34 56.97
C LEU F 175 -8.59 -16.38 57.52
N GLU F 176 -8.62 -16.50 58.85
CA GLU F 176 -9.51 -17.46 59.50
C GLU F 176 -10.96 -17.25 59.08
N GLN F 177 -11.41 -16.00 59.12
CA GLN F 177 -12.80 -15.68 58.78
C GLN F 177 -13.10 -16.02 57.33
N ILE F 178 -12.19 -15.65 56.43
CA ILE F 178 -12.35 -15.95 55.01
C ILE F 178 -12.48 -17.45 54.79
N GLU F 179 -11.58 -18.21 55.40
CA GLU F 179 -11.60 -19.66 55.32
C GLU F 179 -12.97 -20.19 55.76
N ARG F 180 -13.46 -19.70 56.88
CA ARG F 180 -14.75 -20.12 57.41
C ARG F 180 -15.91 -19.79 56.47
N ASP F 181 -15.84 -18.64 55.82
CA ASP F 181 -16.95 -18.15 55.02
C ASP F 181 -16.96 -18.69 53.58
N THR F 182 -15.88 -19.33 53.17
CA THR F 182 -15.76 -19.80 51.78
C THR F 182 -15.73 -21.32 51.63
N GLU F 183 -15.82 -22.03 52.74
CA GLU F 183 -15.85 -23.49 52.69
C GLU F 183 -17.03 -23.96 51.85
N ARG F 184 -18.15 -23.25 51.95
CA ARG F 184 -19.30 -23.52 51.10
C ARG F 184 -19.79 -22.23 50.47
N ASP F 185 -20.57 -22.37 49.40
CA ASP F 185 -21.16 -21.21 48.73
C ASP F 185 -21.75 -20.25 49.75
N ARG F 186 -21.36 -18.98 49.63
CA ARG F 186 -21.87 -17.94 50.51
C ARG F 186 -22.35 -16.75 49.68
N PHE F 187 -23.63 -16.45 49.75
CA PHE F 187 -24.18 -15.31 49.02
C PHE F 187 -24.14 -14.04 49.85
N LEU F 188 -23.83 -12.93 49.19
CA LEU F 188 -23.84 -11.61 49.83
C LEU F 188 -24.66 -10.63 49.01
N SER F 189 -25.62 -9.99 49.64
CA SER F 189 -26.33 -8.89 49.01
C SER F 189 -25.39 -7.71 48.89
N ALA F 190 -25.82 -6.67 48.18
CA ALA F 190 -25.00 -5.48 48.02
C ALA F 190 -24.61 -4.85 49.36
N PRO F 191 -25.59 -4.64 50.25
CA PRO F 191 -25.25 -4.08 51.56
C PRO F 191 -24.31 -4.99 52.34
N GLU F 192 -24.52 -6.30 52.23
CA GLU F 192 -23.69 -7.27 52.94
C GLU F 192 -22.26 -7.27 52.39
N ALA F 193 -22.14 -7.04 51.08
CA ALA F 193 -20.83 -6.95 50.46
C ALA F 193 -20.05 -5.76 51.00
N VAL F 194 -20.74 -4.64 51.19
CA VAL F 194 -20.13 -3.45 51.77
C VAL F 194 -19.70 -3.73 53.20
N GLU F 195 -20.59 -4.32 53.98
CA GLU F 195 -20.32 -4.64 55.37
C GLU F 195 -19.12 -5.58 55.51
N TYR F 196 -18.97 -6.49 54.55
CA TYR F 196 -17.93 -7.52 54.60
C TYR F 196 -16.58 -6.96 54.18
N GLY F 197 -16.57 -5.75 53.63
CA GLY F 197 -15.35 -5.14 53.15
C GLY F 197 -14.97 -5.61 51.76
N LEU F 198 -15.92 -6.24 51.08
CA LEU F 198 -15.68 -6.79 49.75
C LEU F 198 -15.78 -5.71 48.66
N VAL F 199 -16.75 -4.81 48.80
CA VAL F 199 -16.78 -3.59 48.01
C VAL F 199 -16.81 -2.42 48.98
N ASP F 200 -16.67 -1.20 48.46
CA ASP F 200 -16.58 -0.03 49.32
C ASP F 200 -17.92 0.65 49.53
N SER F 201 -18.78 0.61 48.50
CA SER F 201 -20.09 1.23 48.62
C SER F 201 -21.03 0.74 47.53
N ILE F 202 -22.31 1.03 47.71
CA ILE F 202 -23.31 0.77 46.69
C ILE F 202 -23.46 2.02 45.83
N LEU F 203 -23.51 1.82 44.51
CA LEU F 203 -23.71 2.93 43.60
C LEU F 203 -25.11 3.51 43.77
N THR F 204 -25.20 4.69 44.38
CA THR F 204 -26.48 5.36 44.59
C THR F 204 -26.66 6.49 43.58
N HIS F 205 -27.89 6.97 43.47
CA HIS F 205 -28.22 8.02 42.50
C HIS F 205 -29.12 9.09 43.11
N VAL G 17 -13.58 -8.07 19.30
CA VAL G 17 -12.31 -7.45 19.62
C VAL G 17 -12.36 -5.94 19.42
N PRO G 18 -12.13 -5.18 20.50
CA PRO G 18 -12.21 -3.72 20.46
C PRO G 18 -11.25 -3.12 19.44
N MET G 19 -11.62 -1.98 18.87
CA MET G 19 -10.77 -1.26 17.95
C MET G 19 -10.23 0.00 18.64
N VAL G 20 -9.05 0.45 18.22
CA VAL G 20 -8.43 1.63 18.80
C VAL G 20 -7.80 2.50 17.72
N ILE G 21 -7.43 3.73 18.10
CA ILE G 21 -6.86 4.68 17.14
C ILE G 21 -5.43 5.07 17.48
N GLU G 22 -4.55 4.95 16.47
CA GLU G 22 -3.18 5.46 16.60
C GLU G 22 -2.95 6.63 15.66
N GLN G 23 -2.42 7.72 16.19
CA GLN G 23 -2.07 8.87 15.39
C GLN G 23 -0.70 8.63 14.75
N THR G 24 -0.65 8.70 13.43
CA THR G 24 0.58 8.36 12.71
C THR G 24 1.03 9.48 11.76
N GLY G 27 -1.87 10.32 8.86
CA GLY G 27 -2.66 10.78 9.99
C GLY G 27 -3.10 9.64 10.90
N GLU G 28 -4.19 9.86 11.62
CA GLU G 28 -4.71 8.86 12.55
C GLU G 28 -5.43 7.72 11.84
N ARG G 29 -5.23 6.50 12.33
CA ARG G 29 -5.85 5.32 11.74
C ARG G 29 -6.38 4.36 12.80
N SER G 30 -6.92 3.23 12.36
CA SER G 30 -7.65 2.31 13.24
C SER G 30 -7.03 0.92 13.31
N PHE G 31 -7.16 0.26 14.46
CA PHE G 31 -6.59 -1.06 14.68
C PHE G 31 -7.41 -1.86 15.69
N ASP G 32 -7.48 -3.18 15.50
CA ASP G 32 -7.96 -4.05 16.56
C ASP G 32 -6.89 -4.05 17.65
N ILE G 33 -7.26 -4.35 18.88
CA ILE G 33 -6.35 -4.12 20.00
C ILE G 33 -5.07 -4.97 19.97
N TYR G 34 -5.17 -6.20 19.46
CA TYR G 34 -4.00 -7.06 19.37
C TYR G 34 -3.03 -6.54 18.31
N SER G 35 -3.57 -6.06 17.20
CA SER G 35 -2.74 -5.46 16.16
C SER G 35 -2.09 -4.19 16.68
N ARG G 36 -2.78 -3.50 17.59
CA ARG G 36 -2.26 -2.29 18.19
C ARG G 36 -1.05 -2.59 19.07
N LEU G 37 -1.14 -3.68 19.83
CA LEU G 37 -0.04 -4.07 20.71
C LEU G 37 1.11 -4.68 19.93
N LEU G 38 0.80 -5.31 18.81
CA LEU G 38 1.83 -5.86 17.94
C LEU G 38 2.71 -4.72 17.42
N LYS G 39 2.11 -3.55 17.24
CA LYS G 39 2.82 -2.37 16.79
C LYS G 39 3.89 -1.98 17.81
N GLU G 40 3.69 -2.37 19.07
CA GLU G 40 4.65 -2.12 20.12
C GLU G 40 5.50 -3.36 20.37
N ARG G 41 5.48 -4.27 19.39
CA ARG G 41 6.30 -5.48 19.43
C ARG G 41 5.87 -6.47 20.52
N VAL G 42 4.59 -6.43 20.88
CA VAL G 42 4.04 -7.38 21.84
C VAL G 42 3.22 -8.46 21.13
N ILE G 43 3.54 -9.71 21.41
CA ILE G 43 2.83 -10.85 20.83
C ILE G 43 2.18 -11.66 21.94
N PHE G 44 0.95 -12.11 21.72
CA PHE G 44 0.25 -12.92 22.70
C PHE G 44 0.25 -14.39 22.32
N LEU G 45 0.59 -15.23 23.31
CA LEU G 45 0.44 -16.67 23.16
C LEU G 45 -0.65 -17.12 24.13
N THR G 46 -1.83 -17.39 23.60
CA THR G 46 -3.00 -17.61 24.44
C THR G 46 -3.66 -18.95 24.18
N GLY G 47 -3.89 -19.71 25.25
CA GLY G 47 -4.61 -20.97 25.13
C GLY G 47 -3.80 -22.11 24.55
N GLN G 48 -4.53 -23.06 23.97
CA GLN G 48 -3.92 -24.29 23.46
CA GLN G 48 -3.95 -24.30 23.43
C GLN G 48 -2.88 -24.03 22.38
N VAL G 49 -1.72 -24.68 22.52
CA VAL G 49 -0.69 -24.60 21.51
C VAL G 49 -0.97 -25.60 20.39
N GLU G 50 -1.08 -25.10 19.17
CA GLU G 50 -1.33 -25.94 18.01
C GLU G 50 -0.90 -25.21 16.74
N ASP G 51 -0.79 -25.95 15.64
CA ASP G 51 -0.20 -25.45 14.41
C ASP G 51 -0.62 -24.05 13.98
N HIS G 52 -1.93 -23.78 14.01
CA HIS G 52 -2.44 -22.53 13.46
C HIS G 52 -2.12 -21.29 14.30
N MET G 53 -2.35 -21.37 15.60
CA MET G 53 -1.97 -20.27 16.48
C MET G 53 -0.46 -20.12 16.54
N ALA G 54 0.25 -21.24 16.41
CA ALA G 54 1.71 -21.25 16.45
C ALA G 54 2.33 -20.62 15.21
N ASN G 55 1.81 -20.96 14.04
CA ASN G 55 2.29 -20.37 12.80
C ASN G 55 2.03 -18.88 12.77
N LEU G 56 0.91 -18.46 13.35
CA LEU G 56 0.58 -17.04 13.43
C LEU G 56 1.62 -16.32 14.27
N ILE G 57 2.05 -16.96 15.36
CA ILE G 57 3.06 -16.38 16.23
C ILE G 57 4.42 -16.31 15.52
N VAL G 58 4.78 -17.37 14.81
CA VAL G 58 6.01 -17.37 14.04
C VAL G 58 6.02 -16.21 13.03
N ALA G 59 4.90 -16.05 12.34
CA ALA G 59 4.79 -14.97 11.35
C ALA G 59 4.98 -13.60 12.00
N GLN G 60 4.40 -13.42 13.17
CA GLN G 60 4.53 -12.16 13.90
C GLN G 60 5.98 -11.90 14.30
N MET G 61 6.67 -12.94 14.75
CA MET G 61 8.07 -12.80 15.14
C MET G 61 8.94 -12.43 13.96
N LEU G 62 8.74 -13.11 12.83
CA LEU G 62 9.50 -12.81 11.62
C LEU G 62 9.24 -11.38 11.15
N PHE G 63 7.98 -10.96 11.22
CA PHE G 63 7.60 -9.61 10.84
C PHE G 63 8.30 -8.56 11.72
N LEU G 64 8.25 -8.79 13.03
CA LEU G 64 8.87 -7.85 13.97
C LEU G 64 10.38 -7.76 13.74
N GLU G 65 11.02 -8.90 13.49
CA GLU G 65 12.46 -8.89 13.23
C GLU G 65 12.78 -8.07 11.98
N ALA G 66 11.95 -8.24 10.95
CA ALA G 66 12.13 -7.53 9.69
C ALA G 66 11.98 -6.02 9.87
N GLU G 67 11.12 -5.62 10.79
CA GLU G 67 10.89 -4.20 11.07
C GLU G 67 12.10 -3.60 11.77
N ASN G 68 12.60 -4.32 12.75
CA ASN G 68 13.82 -3.92 13.46
C ASN G 68 14.51 -5.12 14.10
N PRO G 69 15.60 -5.57 13.49
CA PRO G 69 16.32 -6.79 13.87
C PRO G 69 16.96 -6.73 15.25
N GLU G 70 17.03 -5.55 15.86
CA GLU G 70 17.72 -5.40 17.15
C GLU G 70 16.84 -4.98 18.34
N LYS G 71 15.56 -4.70 18.11
CA LYS G 71 14.69 -4.32 19.23
C LYS G 71 14.09 -5.55 19.88
N ASP G 72 13.97 -5.53 21.20
CA ASP G 72 13.37 -6.64 21.92
C ASP G 72 11.94 -6.92 21.44
N ILE G 73 11.57 -8.18 21.52
CA ILE G 73 10.19 -8.59 21.24
C ILE G 73 9.61 -9.19 22.51
N TYR G 74 8.31 -9.01 22.71
CA TYR G 74 7.67 -9.49 23.93
C TYR G 74 6.62 -10.55 23.64
N LEU G 75 6.74 -11.68 24.32
CA LEU G 75 5.81 -12.80 24.17
C LEU G 75 5.07 -13.00 25.48
N TYR G 76 3.79 -12.64 25.49
CA TYR G 76 2.97 -12.76 26.69
C TYR G 76 2.24 -14.10 26.70
N ILE G 77 2.60 -14.97 27.64
CA ILE G 77 2.12 -16.34 27.65
C ILE G 77 1.06 -16.63 28.71
N ASN G 78 -0.07 -17.17 28.26
CA ASN G 78 -1.07 -17.74 29.15
C ASN G 78 -1.61 -18.99 28.48
N SER G 79 -1.03 -20.14 28.80
CA SER G 79 -1.29 -21.36 28.05
C SER G 79 -1.12 -22.62 28.88
N PRO G 80 -1.95 -23.64 28.61
CA PRO G 80 -1.85 -24.96 29.23
C PRO G 80 -0.92 -25.86 28.43
N GLY G 81 -0.31 -25.31 27.38
CA GLY G 81 0.57 -26.09 26.53
C GLY G 81 -0.17 -26.66 25.33
N GLY G 82 0.36 -27.72 24.75
CA GLY G 82 -0.26 -28.35 23.61
C GLY G 82 0.69 -29.19 22.77
N VAL G 83 0.53 -29.12 21.45
CA VAL G 83 1.30 -29.94 20.52
C VAL G 83 2.77 -29.56 20.50
N ILE G 84 3.64 -30.55 20.70
CA ILE G 84 5.08 -30.29 20.80
C ILE G 84 5.71 -29.69 19.54
N THR G 85 5.42 -30.28 18.38
CA THR G 85 6.02 -29.78 17.14
C THR G 85 5.60 -28.34 16.87
N ALA G 86 4.33 -28.03 17.13
CA ALA G 86 3.84 -26.67 16.98
C ALA G 86 4.61 -25.71 17.87
N GLY G 87 4.82 -26.12 19.12
CA GLY G 87 5.58 -25.32 20.06
C GLY G 87 7.03 -25.14 19.66
N MET G 88 7.61 -26.19 19.07
CA MET G 88 9.00 -26.15 18.67
C MET G 88 9.24 -25.23 17.46
N SER G 89 8.20 -25.02 16.67
CA SER G 89 8.31 -24.05 15.58
C SER G 89 8.49 -22.66 16.18
N ILE G 90 7.77 -22.40 17.26
CA ILE G 90 7.90 -21.13 17.98
C ILE G 90 9.26 -21.05 18.67
N TYR G 91 9.66 -22.13 19.32
CA TYR G 91 10.94 -22.17 20.02
C TYR G 91 12.10 -21.84 19.09
N ASP G 92 12.15 -22.53 17.95
CA ASP G 92 13.25 -22.35 16.99
C ASP G 92 13.25 -20.95 16.39
N THR G 93 12.06 -20.39 16.19
CA THR G 93 11.97 -19.03 15.67
C THR G 93 12.50 -18.03 16.69
N MET G 94 12.16 -18.26 17.95
CA MET G 94 12.65 -17.42 19.04
C MET G 94 14.17 -17.39 19.08
N GLN G 95 14.80 -18.55 18.93
CA GLN G 95 16.25 -18.65 19.02
C GLN G 95 16.95 -18.19 17.74
N PHE G 96 16.25 -18.30 16.61
CA PHE G 96 16.83 -17.90 15.34
C PHE G 96 16.91 -16.38 15.18
N ILE G 97 15.80 -15.70 15.43
CA ILE G 97 15.73 -14.27 15.20
C ILE G 97 16.71 -13.50 16.08
N LYS G 98 17.22 -12.39 15.55
CA LYS G 98 18.22 -11.59 16.24
C LYS G 98 17.68 -10.91 17.51
N PRO G 99 16.44 -10.41 17.46
CA PRO G 99 15.91 -9.76 18.67
C PRO G 99 15.82 -10.70 19.86
N ASP G 100 16.11 -10.18 21.05
CA ASP G 100 15.82 -10.89 22.28
C ASP G 100 14.32 -11.07 22.38
N VAL G 101 13.86 -12.27 22.71
CA VAL G 101 12.44 -12.45 22.99
C VAL G 101 12.20 -12.51 24.50
N SER G 102 11.65 -11.43 25.04
CA SER G 102 11.29 -11.36 26.45
C SER G 102 9.97 -12.09 26.66
N THR G 103 9.90 -12.92 27.69
CA THR G 103 8.70 -13.70 27.95
C THR G 103 8.06 -13.35 29.29
N ILE G 104 6.73 -13.34 29.32
CA ILE G 104 6.00 -13.03 30.54
C ILE G 104 4.88 -14.04 30.75
N CYS G 105 4.90 -14.68 31.91
CA CYS G 105 3.86 -15.63 32.28
C CYS G 105 2.73 -14.93 33.04
N MET G 106 1.53 -14.99 32.48
CA MET G 106 0.36 -14.45 33.15
C MET G 106 -0.72 -15.51 33.25
N GLY G 107 -1.22 -15.73 34.46
CA GLY G 107 -2.15 -16.82 34.70
C GLY G 107 -1.40 -18.12 34.88
N GLN G 108 -1.11 -18.78 33.77
CA GLN G 108 -0.34 -20.03 33.80
C GLN G 108 0.48 -20.22 32.55
N ALA G 109 1.57 -20.95 32.70
CA ALA G 109 2.33 -21.48 31.57
C ALA G 109 2.67 -22.93 31.91
N ALA G 110 1.91 -23.85 31.33
CA ALA G 110 2.09 -25.26 31.63
C ALA G 110 2.58 -26.03 30.42
N SER G 111 3.42 -27.03 30.67
CA SER G 111 3.95 -27.91 29.63
C SER G 111 4.69 -27.12 28.55
N MET G 112 4.27 -27.25 27.30
CA MET G 112 4.93 -26.52 26.23
C MET G 112 4.87 -25.01 26.51
N GLY G 113 3.85 -24.59 27.23
CA GLY G 113 3.74 -23.20 27.64
C GLY G 113 4.88 -22.80 28.55
N ALA G 114 5.20 -23.67 29.51
CA ALA G 114 6.31 -23.43 30.42
C ALA G 114 7.64 -23.50 29.68
N PHE G 115 7.71 -24.40 28.71
CA PHE G 115 8.92 -24.56 27.92
C PHE G 115 9.25 -23.29 27.13
N LEU G 116 8.23 -22.71 26.51
CA LEU G 116 8.42 -21.49 25.73
C LEU G 116 8.70 -20.28 26.63
N LEU G 117 8.11 -20.29 27.81
CA LEU G 117 8.38 -19.24 28.80
C LEU G 117 9.87 -19.22 29.15
N THR G 118 10.43 -20.39 29.46
CA THR G 118 11.82 -20.47 29.88
C THR G 118 12.77 -20.28 28.71
N ALA G 119 12.23 -20.36 27.49
CA ALA G 119 13.03 -20.22 26.28
C ALA G 119 13.33 -18.76 25.95
N GLY G 120 12.78 -17.86 26.75
CA GLY G 120 12.99 -16.43 26.54
C GLY G 120 14.43 -16.00 26.77
N ALA G 121 14.77 -14.81 26.31
CA ALA G 121 16.13 -14.28 26.47
C ALA G 121 16.53 -14.26 27.94
N LYS G 122 17.75 -14.72 28.22
CA LYS G 122 18.25 -14.74 29.59
C LYS G 122 18.14 -13.35 30.22
N GLY G 123 17.57 -13.29 31.41
CA GLY G 123 17.41 -12.02 32.11
C GLY G 123 16.12 -11.30 31.79
N LYS G 124 15.39 -11.78 30.77
CA LYS G 124 14.18 -11.11 30.33
C LYS G 124 12.96 -12.03 30.34
N ARG G 125 12.99 -13.02 31.24
CA ARG G 125 11.86 -13.92 31.44
C ARG G 125 11.21 -13.60 32.77
N PHE G 126 9.89 -13.40 32.77
CA PHE G 126 9.19 -12.93 33.96
C PHE G 126 7.94 -13.74 34.29
N CYS G 127 7.64 -13.82 35.59
CA CYS G 127 6.36 -14.32 36.05
C CYS G 127 5.61 -13.18 36.73
N LEU G 128 4.31 -13.07 36.48
CA LEU G 128 3.49 -12.19 37.29
C LEU G 128 3.36 -12.83 38.67
N PRO G 129 3.19 -12.00 39.71
CA PRO G 129 3.25 -12.45 41.11
C PRO G 129 2.44 -13.71 41.42
N ASN G 130 1.24 -13.82 40.86
CA ASN G 130 0.36 -14.95 41.17
C ASN G 130 0.13 -15.89 39.99
N SER G 131 1.01 -15.83 39.01
CA SER G 131 0.97 -16.79 37.91
C SER G 131 1.64 -18.07 38.39
N ARG G 132 1.39 -19.17 37.69
CA ARG G 132 2.03 -20.42 38.06
C ARG G 132 2.51 -21.16 36.83
N VAL G 133 3.45 -22.07 37.04
CA VAL G 133 4.04 -22.85 35.98
C VAL G 133 3.91 -24.33 36.31
N MET G 134 3.82 -25.17 35.29
CA MET G 134 3.86 -26.62 35.50
C MET G 134 4.70 -27.28 34.41
N ILE G 135 5.54 -28.22 34.81
CA ILE G 135 6.37 -28.94 33.87
C ILE G 135 6.13 -30.43 33.95
N HIS G 136 6.39 -31.13 32.84
CA HIS G 136 6.27 -32.58 32.81
C HIS G 136 6.84 -33.14 31.51
N GLN G 137 6.85 -34.47 31.38
CA GLN G 137 7.42 -35.11 30.19
C GLN G 137 6.43 -35.24 29.04
N PRO G 138 6.93 -35.54 27.83
CA PRO G 138 6.09 -35.67 26.63
C PRO G 138 4.98 -36.70 26.78
N LEU G 139 3.81 -36.38 26.25
CA LEU G 139 2.69 -37.30 26.18
C LEU G 139 2.51 -37.73 24.73
N GLY G 140 2.19 -38.99 24.52
CA GLY G 140 2.01 -39.50 23.18
C GLY G 140 1.14 -40.73 23.14
N GLY G 141 1.12 -41.39 22.00
CA GLY G 141 0.32 -42.58 21.83
C GLY G 141 0.37 -43.07 20.41
N TYR G 142 0.44 -44.38 20.24
CA TYR G 142 0.43 -44.98 18.92
C TYR G 142 -0.30 -46.31 18.96
N GLN G 143 -0.82 -46.71 17.80
CA GLN G 143 -1.53 -47.98 17.67
C GLN G 143 -1.10 -48.66 16.38
N GLY G 144 -0.81 -49.96 16.47
CA GLY G 144 -0.45 -50.72 15.29
C GLY G 144 0.48 -51.88 15.57
N GLN G 145 1.25 -52.27 14.56
CA GLN G 145 2.18 -53.38 14.67
C GLN G 145 3.28 -53.07 15.67
N ALA G 146 3.79 -54.11 16.33
CA ALA G 146 4.86 -53.95 17.31
C ALA G 146 6.04 -53.20 16.72
N THR G 147 6.41 -53.52 15.48
CA THR G 147 7.53 -52.87 14.82
C THR G 147 7.34 -51.35 14.76
N ASP G 148 6.14 -50.93 14.38
CA ASP G 148 5.83 -49.50 14.28
C ASP G 148 5.73 -48.87 15.66
N ILE G 149 5.27 -49.65 16.64
CA ILE G 149 5.22 -49.18 18.01
C ILE G 149 6.65 -48.88 18.50
N GLU G 150 7.59 -49.73 18.11
CA GLU G 150 8.99 -49.53 18.48
C GLU G 150 9.51 -48.24 17.88
N ILE G 151 9.20 -48.01 16.61
CA ILE G 151 9.64 -46.81 15.92
C ILE G 151 9.16 -45.53 16.61
N HIS G 152 7.89 -45.49 16.96
CA HIS G 152 7.30 -44.29 17.54
C HIS G 152 7.63 -44.11 19.02
N ALA G 153 7.82 -45.21 19.73
CA ALA G 153 8.26 -45.15 21.12
C ALA G 153 9.67 -44.59 21.17
N ARG G 154 10.53 -45.11 20.31
CA ARG G 154 11.91 -44.66 20.20
C ARG G 154 11.97 -43.16 19.93
N GLU G 155 11.11 -42.69 19.03
CA GLU G 155 11.09 -41.28 18.65
C GLU G 155 10.66 -40.36 19.81
N ILE G 156 9.60 -40.73 20.52
CA ILE G 156 9.13 -39.88 21.62
C ILE G 156 10.14 -39.85 22.76
N LEU G 157 10.94 -40.90 22.88
CA LEU G 157 11.98 -40.93 23.89
C LEU G 157 13.11 -39.99 23.50
N LYS G 158 13.40 -39.90 22.20
CA LYS G 158 14.39 -38.96 21.71
C LYS G 158 13.91 -37.52 21.92
N VAL G 159 12.63 -37.28 21.64
CA VAL G 159 12.02 -35.99 21.88
C VAL G 159 12.14 -35.61 23.35
N LYS G 160 11.82 -36.56 24.23
CA LYS G 160 11.91 -36.34 25.66
C LYS G 160 13.33 -35.94 26.05
N GLY G 161 14.31 -36.61 25.47
CA GLY G 161 15.70 -36.32 25.73
C GLY G 161 16.06 -34.90 25.34
N ARG G 162 15.66 -34.50 24.14
CA ARG G 162 15.95 -33.16 23.65
C ARG G 162 15.30 -32.09 24.52
N MET G 163 14.04 -32.30 24.86
CA MET G 163 13.30 -31.35 25.69
C MET G 163 13.97 -31.17 27.04
N ASN G 164 14.42 -32.27 27.63
CA ASN G 164 15.11 -32.21 28.92
C ASN G 164 16.45 -31.48 28.82
N GLU G 165 17.20 -31.75 27.75
CA GLU G 165 18.47 -31.07 27.53
C GLU G 165 18.27 -29.56 27.39
N LEU G 166 17.24 -29.17 26.65
CA LEU G 166 16.96 -27.75 26.43
C LEU G 166 16.47 -27.08 27.71
N MET G 167 15.71 -27.82 28.51
CA MET G 167 15.27 -27.31 29.81
C MET G 167 16.47 -27.07 30.72
N ALA G 168 17.40 -28.02 30.73
CA ALA G 168 18.63 -27.88 31.51
C ALA G 168 19.37 -26.62 31.07
N LEU G 169 19.50 -26.45 29.75
CA LEU G 169 20.21 -25.30 29.20
C LEU G 169 19.61 -23.97 29.67
N HIS G 170 18.29 -23.85 29.59
CA HIS G 170 17.63 -22.58 29.89
C HIS G 170 17.46 -22.30 31.38
N THR G 171 17.32 -23.35 32.18
CA THR G 171 17.11 -23.17 33.62
C THR G 171 18.42 -23.14 34.40
N GLY G 172 19.44 -23.81 33.89
CA GLY G 172 20.72 -23.90 34.57
C GLY G 172 20.73 -25.03 35.58
N GLN G 173 19.62 -25.77 35.64
CA GLN G 173 19.54 -26.97 36.48
C GLN G 173 20.30 -28.09 35.78
N SER G 174 20.85 -29.01 36.58
CA SER G 174 21.54 -30.16 36.00
C SER G 174 20.56 -31.00 35.21
N LEU G 175 21.08 -31.73 34.22
CA LEU G 175 20.22 -32.56 33.37
C LEU G 175 19.48 -33.62 34.20
N GLU G 176 20.20 -34.28 35.09
CA GLU G 176 19.61 -35.31 35.94
C GLU G 176 18.47 -34.75 36.77
N GLN G 177 18.61 -33.51 37.22
CA GLN G 177 17.59 -32.89 38.04
C GLN G 177 16.34 -32.59 37.23
N ILE G 178 16.53 -32.09 36.01
CA ILE G 178 15.42 -31.87 35.10
C ILE G 178 14.65 -33.17 34.88
N GLU G 179 15.40 -34.24 34.58
CA GLU G 179 14.81 -35.55 34.36
C GLU G 179 13.94 -36.01 35.54
N ARG G 180 14.48 -35.87 36.75
CA ARG G 180 13.74 -36.26 37.95
C ARG G 180 12.49 -35.42 38.14
N ASP G 181 12.62 -34.11 37.91
CA ASP G 181 11.54 -33.16 38.17
C ASP G 181 10.42 -33.24 37.14
N THR G 182 10.69 -33.84 35.97
CA THR G 182 9.70 -33.86 34.91
C THR G 182 9.06 -35.24 34.65
N GLU G 183 9.50 -36.25 35.39
CA GLU G 183 8.89 -37.57 35.27
C GLU G 183 7.38 -37.51 35.52
N ARG G 184 6.98 -36.67 36.47
CA ARG G 184 5.58 -36.43 36.76
C ARG G 184 5.30 -34.93 36.81
N ASP G 185 4.02 -34.56 36.75
CA ASP G 185 3.63 -33.15 36.84
C ASP G 185 4.25 -32.47 38.05
N ARG G 186 4.89 -31.33 37.84
CA ARG G 186 5.38 -30.52 38.94
C ARG G 186 4.96 -29.06 38.79
N PHE G 187 4.29 -28.54 39.81
CA PHE G 187 3.88 -27.14 39.83
C PHE G 187 4.94 -26.26 40.47
N LEU G 188 5.08 -25.05 39.93
CA LEU G 188 6.02 -24.07 40.46
C LEU G 188 5.30 -22.74 40.60
N SER G 189 5.26 -22.21 41.82
CA SER G 189 4.75 -20.86 42.03
C SER G 189 5.72 -19.89 41.37
N ALA G 190 5.35 -18.62 41.31
CA ALA G 190 6.23 -17.62 40.72
C ALA G 190 7.59 -17.60 41.41
N PRO G 191 7.62 -17.47 42.74
CA PRO G 191 8.90 -17.48 43.44
C PRO G 191 9.69 -18.76 43.18
N GLU G 192 8.99 -19.89 43.16
CA GLU G 192 9.63 -21.17 42.90
C GLU G 192 10.20 -21.24 41.49
N ALA G 193 9.51 -20.62 40.54
CA ALA G 193 9.98 -20.57 39.16
C ALA G 193 11.28 -19.78 39.06
N VAL G 194 11.36 -18.69 39.82
CA VAL G 194 12.57 -17.88 39.86
C VAL G 194 13.72 -18.69 40.44
N GLU G 195 13.48 -19.31 41.59
CA GLU G 195 14.51 -20.12 42.24
C GLU G 195 14.94 -21.29 41.37
N TYR G 196 14.02 -21.77 40.52
CA TYR G 196 14.30 -22.93 39.68
C TYR G 196 15.15 -22.53 38.48
N GLY G 197 15.18 -21.24 38.17
CA GLY G 197 15.90 -20.77 36.99
C GLY G 197 15.06 -20.89 35.72
N LEU G 198 13.77 -21.13 35.88
CA LEU G 198 12.86 -21.21 34.74
C LEU G 198 12.46 -19.80 34.29
N VAL G 199 12.36 -18.89 35.25
CA VAL G 199 12.07 -17.49 34.98
C VAL G 199 13.14 -16.68 35.73
N ASP G 200 13.40 -15.45 35.29
CA ASP G 200 14.50 -14.66 35.87
C ASP G 200 14.08 -13.87 37.10
N SER G 201 12.86 -13.36 37.09
CA SER G 201 12.36 -12.59 38.22
C SER G 201 10.85 -12.47 38.17
N ILE G 202 10.26 -12.00 39.26
CA ILE G 202 8.83 -11.72 39.29
C ILE G 202 8.59 -10.27 38.91
N LEU G 203 7.61 -10.05 38.03
CA LEU G 203 7.24 -8.71 37.61
C LEU G 203 6.40 -8.04 38.69
N THR G 204 7.01 -7.11 39.41
CA THR G 204 6.29 -6.35 40.44
C THR G 204 6.02 -4.91 39.96
N HIS G 205 4.92 -4.34 40.45
CA HIS G 205 4.42 -3.04 39.97
C HIS G 205 5.43 -2.21 39.20
N LEU H 16 -40.29 -66.71 18.93
CA LEU H 16 -40.67 -68.01 19.49
C LEU H 16 -40.71 -69.08 18.41
N VAL H 17 -40.06 -70.21 18.67
CA VAL H 17 -40.10 -71.34 17.74
C VAL H 17 -41.08 -72.39 18.25
N PRO H 18 -42.05 -72.78 17.40
CA PRO H 18 -43.07 -73.75 17.78
C PRO H 18 -42.48 -75.07 18.27
N MET H 19 -43.13 -75.67 19.27
CA MET H 19 -42.75 -76.99 19.75
C MET H 19 -43.65 -78.04 19.13
N VAL H 20 -43.13 -79.24 18.96
CA VAL H 20 -43.91 -80.35 18.43
C VAL H 20 -43.63 -81.61 19.23
N ILE H 21 -44.50 -82.61 19.09
CA ILE H 21 -44.34 -83.86 19.82
C ILE H 21 -44.05 -85.01 18.89
N GLU H 22 -43.16 -85.90 19.33
CA GLU H 22 -42.90 -87.14 18.60
C GLU H 22 -43.12 -88.34 19.51
N GLN H 23 -44.12 -89.16 19.18
CA GLN H 23 -44.42 -90.33 19.99
C GLN H 23 -43.48 -91.48 19.66
N THR H 24 -42.69 -91.90 20.64
CA THR H 24 -41.81 -93.06 20.48
C THR H 24 -42.41 -94.29 21.13
N ARG H 29 -40.99 -87.52 22.72
CA ARG H 29 -39.99 -86.46 22.83
C ARG H 29 -40.60 -85.10 22.55
N SER H 30 -40.00 -84.06 23.12
CA SER H 30 -40.37 -82.69 22.78
C SER H 30 -39.27 -82.05 21.94
N PHE H 31 -39.67 -81.44 20.83
CA PHE H 31 -38.73 -80.80 19.92
C PHE H 31 -39.24 -79.42 19.52
N ASP H 32 -38.34 -78.44 19.41
CA ASP H 32 -38.66 -77.24 18.66
C ASP H 32 -38.65 -77.68 17.20
N ILE H 33 -39.38 -76.97 16.35
CA ILE H 33 -39.57 -77.44 14.98
C ILE H 33 -38.26 -77.69 14.21
N TYR H 34 -37.27 -76.83 14.41
CA TYR H 34 -35.99 -77.01 13.71
C TYR H 34 -35.24 -78.25 14.18
N SER H 35 -35.26 -78.48 15.49
CA SER H 35 -34.63 -79.68 16.04
C SER H 35 -35.35 -80.92 15.55
N ARG H 36 -36.67 -80.83 15.42
CA ARG H 36 -37.47 -81.94 14.91
C ARG H 36 -37.07 -82.31 13.48
N LEU H 37 -36.87 -81.29 12.65
CA LEU H 37 -36.47 -81.52 11.27
C LEU H 37 -35.03 -81.98 11.17
N LEU H 38 -34.19 -81.49 12.07
CA LEU H 38 -32.80 -81.95 12.13
C LEU H 38 -32.76 -83.47 12.35
N LYS H 39 -33.71 -83.97 13.13
CA LYS H 39 -33.80 -85.40 13.39
C LYS H 39 -34.04 -86.17 12.09
N GLU H 40 -34.65 -85.51 11.11
CA GLU H 40 -34.87 -86.12 9.81
C GLU H 40 -33.75 -85.73 8.84
N ARG H 41 -32.64 -85.25 9.41
CA ARG H 41 -31.43 -84.93 8.65
C ARG H 41 -31.61 -83.73 7.72
N VAL H 42 -32.49 -82.81 8.10
CA VAL H 42 -32.69 -81.56 7.37
C VAL H 42 -32.07 -80.39 8.12
N ILE H 43 -31.21 -79.63 7.42
CA ILE H 43 -30.57 -78.45 8.00
C ILE H 43 -30.97 -77.20 7.21
N PHE H 44 -31.27 -76.12 7.93
CA PHE H 44 -31.61 -74.86 7.28
C PHE H 44 -30.44 -73.89 7.26
N LEU H 45 -30.23 -73.29 6.10
CA LEU H 45 -29.28 -72.19 5.96
C LEU H 45 -30.09 -70.95 5.60
N THR H 46 -30.23 -70.04 6.56
CA THR H 46 -31.19 -68.95 6.44
C THR H 46 -30.56 -67.57 6.63
N GLY H 47 -30.80 -66.67 5.68
CA GLY H 47 -30.30 -65.31 5.77
C GLY H 47 -28.80 -65.20 5.54
N GLN H 48 -28.22 -64.12 6.03
CA GLN H 48 -26.82 -63.80 5.73
C GLN H 48 -25.85 -64.84 6.28
N VAL H 49 -24.82 -65.16 5.49
CA VAL H 49 -23.79 -66.07 5.92
C VAL H 49 -22.72 -65.35 6.75
N GLU H 50 -22.56 -65.80 7.99
CA GLU H 50 -21.50 -65.28 8.86
C GLU H 50 -21.06 -66.36 9.85
N ASP H 51 -19.98 -66.09 10.57
CA ASP H 51 -19.32 -67.11 11.39
C ASP H 51 -20.24 -67.94 12.29
N HIS H 52 -21.14 -67.28 13.01
CA HIS H 52 -21.94 -67.99 14.02
C HIS H 52 -22.99 -68.93 13.42
N MET H 53 -23.78 -68.44 12.47
CA MET H 53 -24.75 -69.29 11.81
C MET H 53 -24.06 -70.41 11.03
N ALA H 54 -22.89 -70.11 10.48
CA ALA H 54 -22.14 -71.05 9.66
C ALA H 54 -21.55 -72.18 10.50
N ASN H 55 -20.99 -71.82 11.65
CA ASN H 55 -20.44 -72.84 12.53
C ASN H 55 -21.53 -73.72 13.12
N LEU H 56 -22.72 -73.15 13.27
CA LEU H 56 -23.88 -73.93 13.72
C LEU H 56 -24.25 -74.96 12.65
N ILE H 57 -24.15 -74.56 11.39
CA ILE H 57 -24.43 -75.47 10.27
C ILE H 57 -23.38 -76.58 10.20
N VAL H 58 -22.12 -76.20 10.39
CA VAL H 58 -21.04 -77.19 10.41
C VAL H 58 -21.27 -78.20 11.53
N ALA H 59 -21.64 -77.70 12.70
CA ALA H 59 -21.92 -78.57 13.85
C ALA H 59 -23.03 -79.57 13.55
N GLN H 60 -24.10 -79.08 12.92
CA GLN H 60 -25.21 -79.94 12.54
C GLN H 60 -24.78 -81.02 11.55
N MET H 61 -23.96 -80.65 10.57
CA MET H 61 -23.48 -81.59 9.57
C MET H 61 -22.61 -82.67 10.19
N LEU H 62 -21.71 -82.28 11.09
CA LEU H 62 -20.86 -83.24 11.76
C LEU H 62 -21.68 -84.17 12.66
N PHE H 63 -22.70 -83.62 13.30
CA PHE H 63 -23.59 -84.41 14.14
C PHE H 63 -24.31 -85.47 13.32
N LEU H 64 -24.88 -85.06 12.20
CA LEU H 64 -25.63 -85.97 11.34
C LEU H 64 -24.72 -87.05 10.74
N GLU H 65 -23.48 -86.68 10.41
CA GLU H 65 -22.53 -87.66 9.91
C GLU H 65 -22.29 -88.74 10.94
N ALA H 66 -22.10 -88.33 12.19
CA ALA H 66 -21.81 -89.27 13.26
C ALA H 66 -23.02 -90.11 13.64
N GLU H 67 -24.22 -89.57 13.39
CA GLU H 67 -25.45 -90.32 13.66
C GLU H 67 -25.60 -91.45 12.65
N ASN H 68 -25.43 -91.12 11.37
CA ASN H 68 -25.41 -92.12 10.30
C ASN H 68 -24.66 -91.61 9.09
N PRO H 69 -23.41 -92.06 8.95
CA PRO H 69 -22.49 -91.62 7.89
C PRO H 69 -23.00 -92.01 6.50
N GLU H 70 -23.89 -92.99 6.42
CA GLU H 70 -24.35 -93.49 5.13
C GLU H 70 -25.57 -92.76 4.56
N LYS H 71 -26.31 -92.07 5.42
CA LYS H 71 -27.57 -91.44 5.00
C LYS H 71 -27.38 -90.00 4.51
N ASP H 72 -28.10 -89.65 3.45
CA ASP H 72 -28.04 -88.31 2.88
C ASP H 72 -28.40 -87.23 3.90
N ILE H 73 -27.82 -86.06 3.73
CA ILE H 73 -28.16 -84.89 4.52
C ILE H 73 -28.78 -83.85 3.59
N TYR H 74 -29.73 -83.08 4.11
CA TYR H 74 -30.42 -82.09 3.29
C TYR H 74 -30.19 -80.67 3.80
N LEU H 75 -29.71 -79.80 2.91
CA LEU H 75 -29.44 -78.41 3.25
C LEU H 75 -30.37 -77.48 2.49
N TYR H 76 -31.30 -76.87 3.22
CA TYR H 76 -32.29 -75.97 2.62
C TYR H 76 -31.80 -74.53 2.68
N ILE H 77 -31.59 -73.95 1.50
CA ILE H 77 -30.93 -72.66 1.40
C ILE H 77 -31.88 -71.52 1.02
N ASN H 78 -31.87 -70.47 1.85
CA ASN H 78 -32.52 -69.20 1.54
C ASN H 78 -31.65 -68.07 2.06
N SER H 79 -30.75 -67.59 1.22
CA SER H 79 -29.68 -66.71 1.67
C SER H 79 -29.21 -65.74 0.60
N PRO H 80 -28.87 -64.51 0.99
CA PRO H 80 -28.30 -63.49 0.11
C PRO H 80 -26.77 -63.61 0.03
N GLY H 81 -26.22 -64.62 0.70
CA GLY H 81 -24.78 -64.80 0.75
C GLY H 81 -24.17 -64.15 1.97
N GLY H 82 -22.87 -63.87 1.92
CA GLY H 82 -22.20 -63.23 3.04
C GLY H 82 -20.71 -63.49 3.10
N VAL H 83 -20.19 -63.68 4.31
CA VAL H 83 -18.75 -63.82 4.54
C VAL H 83 -18.19 -65.07 3.87
N ILE H 84 -17.16 -64.89 3.04
CA ILE H 84 -16.61 -66.00 2.27
C ILE H 84 -15.97 -67.10 3.12
N THR H 85 -15.13 -66.72 4.08
CA THR H 85 -14.47 -67.72 4.92
C THR H 85 -15.49 -68.55 5.70
N ALA H 86 -16.55 -67.89 6.17
CA ALA H 86 -17.62 -68.60 6.86
C ALA H 86 -18.30 -69.59 5.94
N GLY H 87 -18.58 -69.14 4.71
CA GLY H 87 -19.18 -69.99 3.71
C GLY H 87 -18.29 -71.17 3.36
N MET H 88 -17.00 -70.93 3.24
CA MET H 88 -16.06 -71.99 2.88
C MET H 88 -15.93 -73.06 3.97
N SER H 89 -16.20 -72.68 5.22
CA SER H 89 -16.19 -73.66 6.30
C SER H 89 -17.33 -74.65 6.09
N ILE H 90 -18.46 -74.15 5.59
CA ILE H 90 -19.59 -75.01 5.25
C ILE H 90 -19.26 -75.85 4.02
N TYR H 91 -18.69 -75.22 3.00
CA TYR H 91 -18.34 -75.91 1.77
C TYR H 91 -17.44 -77.12 2.03
N ASP H 92 -16.33 -76.87 2.73
CA ASP H 92 -15.36 -77.93 2.98
C ASP H 92 -15.94 -79.05 3.83
N THR H 93 -16.79 -78.69 4.80
CA THR H 93 -17.46 -79.70 5.61
C THR H 93 -18.36 -80.56 4.73
N MET H 94 -19.10 -79.90 3.85
CA MET H 94 -19.98 -80.61 2.93
C MET H 94 -19.22 -81.65 2.13
N GLN H 95 -18.08 -81.26 1.57
CA GLN H 95 -17.29 -82.16 0.73
C GLN H 95 -16.59 -83.23 1.56
N PHE H 96 -16.23 -82.88 2.80
CA PHE H 96 -15.46 -83.80 3.63
C PHE H 96 -16.28 -84.96 4.21
N ILE H 97 -17.43 -84.65 4.79
CA ILE H 97 -18.24 -85.67 5.44
C ILE H 97 -18.70 -86.73 4.44
N LYS H 98 -18.89 -87.95 4.92
CA LYS H 98 -19.27 -89.07 4.05
C LYS H 98 -20.65 -88.92 3.40
N PRO H 99 -21.65 -88.49 4.17
CA PRO H 99 -23.00 -88.34 3.58
C PRO H 99 -23.00 -87.41 2.37
N ASP H 100 -23.81 -87.74 1.37
CA ASP H 100 -24.12 -86.81 0.30
C ASP H 100 -24.92 -85.66 0.90
N VAL H 101 -24.60 -84.44 0.51
CA VAL H 101 -25.38 -83.29 0.96
C VAL H 101 -26.23 -82.78 -0.18
N SER H 102 -27.53 -83.04 -0.10
CA SER H 102 -28.49 -82.58 -1.08
C SER H 102 -28.91 -81.15 -0.75
N THR H 103 -28.91 -80.28 -1.75
CA THR H 103 -29.22 -78.86 -1.52
C THR H 103 -30.51 -78.45 -2.22
N ILE H 104 -31.29 -77.59 -1.56
CA ILE H 104 -32.50 -77.05 -2.15
C ILE H 104 -32.52 -75.53 -2.00
N CYS H 105 -32.75 -74.84 -3.11
CA CYS H 105 -32.89 -73.39 -3.08
C CYS H 105 -34.36 -72.99 -2.86
N MET H 106 -34.61 -72.25 -1.78
CA MET H 106 -35.93 -71.71 -1.51
C MET H 106 -35.84 -70.20 -1.46
N GLY H 107 -36.68 -69.51 -2.23
CA GLY H 107 -36.64 -68.06 -2.27
C GLY H 107 -35.48 -67.56 -3.11
N GLN H 108 -34.29 -67.53 -2.51
CA GLN H 108 -33.10 -67.15 -3.25
C GLN H 108 -31.84 -67.84 -2.71
N ALA H 109 -30.88 -68.01 -3.60
CA ALA H 109 -29.53 -68.38 -3.21
C ALA H 109 -28.60 -67.46 -3.97
N ALA H 110 -28.10 -66.43 -3.29
CA ALA H 110 -27.28 -65.42 -3.95
C ALA H 110 -25.83 -65.47 -3.44
N SER H 111 -24.89 -65.28 -4.37
CA SER H 111 -23.47 -65.20 -4.02
C SER H 111 -22.97 -66.46 -3.31
N MET H 112 -22.46 -66.32 -2.09
CA MET H 112 -22.03 -67.49 -1.34
C MET H 112 -23.20 -68.47 -1.15
N GLY H 113 -24.42 -67.94 -1.14
CA GLY H 113 -25.60 -68.79 -1.07
C GLY H 113 -25.70 -69.69 -2.29
N ALA H 114 -25.46 -69.10 -3.46
CA ALA H 114 -25.47 -69.84 -4.71
C ALA H 114 -24.30 -70.82 -4.78
N PHE H 115 -23.17 -70.42 -4.24
CA PHE H 115 -21.98 -71.27 -4.23
C PHE H 115 -22.24 -72.56 -3.45
N LEU H 116 -22.86 -72.43 -2.29
CA LEU H 116 -23.14 -73.59 -1.45
C LEU H 116 -24.25 -74.45 -2.07
N LEU H 117 -25.18 -73.81 -2.76
CA LEU H 117 -26.22 -74.55 -3.46
C LEU H 117 -25.62 -75.49 -4.51
N THR H 118 -24.72 -74.96 -5.34
CA THR H 118 -24.14 -75.73 -6.42
C THR H 118 -23.13 -76.76 -5.92
N ALA H 119 -22.70 -76.59 -4.67
CA ALA H 119 -21.72 -77.49 -4.08
C ALA H 119 -22.36 -78.79 -3.57
N GLY H 120 -23.68 -78.88 -3.69
CA GLY H 120 -24.38 -80.07 -3.27
C GLY H 120 -23.98 -81.27 -4.10
N ALA H 121 -24.28 -82.47 -3.61
CA ALA H 121 -23.95 -83.70 -4.32
C ALA H 121 -24.60 -83.71 -5.71
N LYS H 122 -23.79 -84.03 -6.72
CA LYS H 122 -24.28 -84.09 -8.10
C LYS H 122 -25.54 -84.93 -8.22
N GLY H 123 -26.54 -84.39 -8.89
CA GLY H 123 -27.81 -85.07 -9.06
C GLY H 123 -28.78 -84.82 -7.92
N LYS H 124 -28.31 -84.14 -6.88
CA LYS H 124 -29.13 -83.93 -5.69
C LYS H 124 -29.22 -82.45 -5.32
N ARG H 125 -29.12 -81.58 -6.31
CA ARG H 125 -29.25 -80.14 -6.11
C ARG H 125 -30.52 -79.65 -6.78
N PHE H 126 -31.36 -78.94 -6.03
CA PHE H 126 -32.68 -78.57 -6.52
C PHE H 126 -32.96 -77.08 -6.38
N CYS H 127 -33.80 -76.57 -7.28
CA CYS H 127 -34.40 -75.24 -7.14
C CYS H 127 -35.90 -75.41 -7.03
N LEU H 128 -36.53 -74.68 -6.12
CA LEU H 128 -37.98 -74.56 -6.15
C LEU H 128 -38.33 -73.70 -7.37
N PRO H 129 -39.50 -73.94 -7.97
CA PRO H 129 -39.87 -73.36 -9.28
C PRO H 129 -39.66 -71.85 -9.40
N ASN H 130 -39.97 -71.11 -8.33
CA ASN H 130 -39.88 -69.65 -8.39
C ASN H 130 -38.74 -69.05 -7.57
N SER H 131 -37.80 -69.90 -7.17
CA SER H 131 -36.61 -69.42 -6.49
C SER H 131 -35.69 -68.80 -7.52
N ARG H 132 -34.74 -67.99 -7.07
CA ARG H 132 -33.76 -67.44 -7.99
C ARG H 132 -32.36 -67.51 -7.44
N VAL H 133 -31.39 -67.36 -8.33
CA VAL H 133 -29.98 -67.48 -7.98
C VAL H 133 -29.23 -66.27 -8.52
N MET H 134 -28.18 -65.86 -7.82
CA MET H 134 -27.33 -64.79 -8.32
C MET H 134 -25.88 -65.15 -8.04
N ILE H 135 -25.02 -64.92 -9.02
CA ILE H 135 -23.61 -65.20 -8.87
C ILE H 135 -22.79 -63.95 -9.16
N HIS H 136 -21.60 -63.87 -8.57
CA HIS H 136 -20.72 -62.74 -8.79
C HIS H 136 -19.33 -63.01 -8.22
N GLN H 137 -18.45 -62.01 -8.27
CA GLN H 137 -17.08 -62.19 -7.79
C GLN H 137 -16.91 -61.70 -6.36
N PRO H 138 -15.80 -62.11 -5.71
CA PRO H 138 -15.53 -61.74 -4.32
C PRO H 138 -15.52 -60.23 -4.09
N LEU H 139 -16.05 -59.83 -2.94
CA LEU H 139 -16.02 -58.43 -2.51
C LEU H 139 -15.09 -58.31 -1.32
N GLY H 140 -14.37 -57.20 -1.24
CA GLY H 140 -13.45 -57.01 -0.15
C GLY H 140 -13.04 -55.56 0.06
N GLY H 141 -12.05 -55.38 0.92
CA GLY H 141 -11.55 -54.05 1.20
C GLY H 141 -10.41 -54.12 2.18
N TYR H 142 -9.45 -53.23 2.01
CA TYR H 142 -8.37 -53.09 2.97
C TYR H 142 -7.94 -51.63 2.98
N GLN H 143 -7.36 -51.21 4.10
CA GLN H 143 -6.91 -49.83 4.25
C GLN H 143 -5.57 -49.83 4.96
N GLY H 144 -4.59 -49.12 4.39
CA GLY H 144 -3.28 -49.02 5.02
C GLY H 144 -2.16 -48.71 4.05
N GLN H 145 -0.97 -49.21 4.37
CA GLN H 145 0.20 -48.99 3.54
C GLN H 145 0.09 -49.71 2.20
N ALA H 146 0.66 -49.11 1.16
CA ALA H 146 0.66 -49.71 -0.17
C ALA H 146 1.14 -51.16 -0.16
N THR H 147 2.20 -51.43 0.60
CA THR H 147 2.74 -52.78 0.69
C THR H 147 1.68 -53.77 1.16
N ASP H 148 0.95 -53.41 2.21
CA ASP H 148 -0.08 -54.28 2.76
C ASP H 148 -1.29 -54.37 1.84
N ILE H 149 -1.63 -53.26 1.20
CA ILE H 149 -2.69 -53.24 0.20
C ILE H 149 -2.40 -54.28 -0.87
N GLU H 150 -1.16 -54.35 -1.31
CA GLU H 150 -0.74 -55.30 -2.32
CA GLU H 150 -0.74 -55.31 -2.33
C GLU H 150 -0.91 -56.74 -1.83
N ILE H 151 -0.50 -56.99 -0.60
CA ILE H 151 -0.62 -58.32 -0.01
C ILE H 151 -2.08 -58.77 0.01
N HIS H 152 -2.96 -57.88 0.44
CA HIS H 152 -4.37 -58.24 0.56
C HIS H 152 -5.07 -58.28 -0.79
N ALA H 153 -4.60 -57.46 -1.74
CA ALA H 153 -5.15 -57.50 -3.08
C ALA H 153 -4.83 -58.82 -3.77
N ARG H 154 -3.57 -59.24 -3.69
CA ARG H 154 -3.16 -60.53 -4.23
C ARG H 154 -4.00 -61.66 -3.67
N GLU H 155 -4.24 -61.60 -2.36
CA GLU H 155 -4.97 -62.67 -1.67
C GLU H 155 -6.41 -62.80 -2.19
N ILE H 156 -7.12 -61.69 -2.30
CA ILE H 156 -8.51 -61.77 -2.75
C ILE H 156 -8.58 -62.21 -4.21
N LEU H 157 -7.52 -61.94 -4.97
CA LEU H 157 -7.45 -62.39 -6.35
C LEU H 157 -7.25 -63.89 -6.44
N LYS H 158 -6.51 -64.44 -5.47
CA LYS H 158 -6.36 -65.89 -5.37
C LYS H 158 -7.66 -66.54 -4.93
N VAL H 159 -8.34 -65.90 -3.97
CA VAL H 159 -9.64 -66.38 -3.52
C VAL H 159 -10.61 -66.43 -4.70
N LYS H 160 -10.63 -65.35 -5.49
CA LYS H 160 -11.48 -65.25 -6.66
C LYS H 160 -11.19 -66.39 -7.64
N GLY H 161 -9.91 -66.67 -7.85
CA GLY H 161 -9.51 -67.72 -8.77
C GLY H 161 -9.98 -69.09 -8.31
N ARG H 162 -9.83 -69.35 -7.01
CA ARG H 162 -10.25 -70.63 -6.44
C ARG H 162 -11.77 -70.80 -6.53
N MET H 163 -12.50 -69.74 -6.20
CA MET H 163 -13.96 -69.79 -6.24
C MET H 163 -14.45 -70.10 -7.65
N ASN H 164 -13.83 -69.45 -8.63
CA ASN H 164 -14.18 -69.69 -10.04
C ASN H 164 -13.88 -71.12 -10.47
N GLU H 165 -12.74 -71.65 -10.04
CA GLU H 165 -12.38 -73.02 -10.36
C GLU H 165 -13.39 -73.99 -9.80
N LEU H 166 -13.78 -73.78 -8.54
CA LEU H 166 -14.75 -74.65 -7.89
C LEU H 166 -16.13 -74.54 -8.55
N MET H 167 -16.50 -73.32 -8.93
CA MET H 167 -17.75 -73.11 -9.66
C MET H 167 -17.75 -73.88 -10.97
N ALA H 168 -16.63 -73.81 -11.70
CA ALA H 168 -16.50 -74.53 -12.95
C ALA H 168 -16.65 -76.03 -12.72
N LEU H 169 -15.99 -76.53 -11.67
CA LEU H 169 -16.05 -77.95 -11.32
C LEU H 169 -17.46 -78.43 -11.06
N HIS H 170 -18.20 -77.69 -10.24
CA HIS H 170 -19.54 -78.10 -9.83
C HIS H 170 -20.62 -77.93 -10.91
N THR H 171 -20.47 -76.90 -11.74
CA THR H 171 -21.45 -76.65 -12.81
C THR H 171 -21.15 -77.42 -14.09
N GLY H 172 -19.86 -77.66 -14.33
CA GLY H 172 -19.43 -78.30 -15.57
C GLY H 172 -19.17 -77.28 -16.65
N GLN H 173 -19.29 -76.00 -16.31
CA GLN H 173 -18.93 -74.93 -17.23
C GLN H 173 -17.41 -74.81 -17.28
N SER H 174 -16.89 -74.28 -18.38
CA SER H 174 -15.46 -74.04 -18.48
C SER H 174 -15.09 -72.91 -17.51
N LEU H 175 -13.83 -72.87 -17.11
CA LEU H 175 -13.35 -71.82 -16.23
C LEU H 175 -13.56 -70.46 -16.89
N GLU H 176 -13.31 -70.41 -18.19
CA GLU H 176 -13.44 -69.17 -18.95
C GLU H 176 -14.88 -68.65 -18.92
N GLN H 177 -15.84 -69.57 -19.03
CA GLN H 177 -17.25 -69.21 -19.01
C GLN H 177 -17.62 -68.64 -17.64
N ILE H 178 -17.20 -69.31 -16.58
CA ILE H 178 -17.45 -68.86 -15.22
C ILE H 178 -16.89 -67.45 -14.98
N GLU H 179 -15.66 -67.23 -15.42
CA GLU H 179 -15.01 -65.93 -15.28
C GLU H 179 -15.81 -64.84 -16.01
N ARG H 180 -16.24 -65.16 -17.22
CA ARG H 180 -17.06 -64.26 -18.03
CA ARG H 180 -17.04 -64.22 -18.01
C ARG H 180 -18.33 -63.86 -17.29
N ASP H 181 -18.98 -64.85 -16.69
CA ASP H 181 -20.30 -64.66 -16.09
C ASP H 181 -20.32 -64.12 -14.65
N THR H 182 -19.18 -64.10 -13.98
CA THR H 182 -19.16 -63.66 -12.58
C THR H 182 -18.47 -62.30 -12.35
N GLU H 183 -17.99 -61.69 -13.42
CA GLU H 183 -17.38 -60.36 -13.30
C GLU H 183 -18.37 -59.35 -12.72
N ARG H 184 -19.63 -59.49 -13.10
CA ARG H 184 -20.69 -58.67 -12.54
C ARG H 184 -21.86 -59.54 -12.11
N ASP H 185 -22.69 -59.01 -11.21
CA ASP H 185 -23.86 -59.73 -10.74
C ASP H 185 -24.61 -60.33 -11.91
N ARG H 186 -24.87 -61.63 -11.84
CA ARG H 186 -25.75 -62.26 -12.81
C ARG H 186 -26.85 -63.07 -12.15
N PHE H 187 -28.08 -62.77 -12.52
CA PHE H 187 -29.23 -63.48 -12.01
C PHE H 187 -29.60 -64.65 -12.89
N LEU H 188 -30.03 -65.75 -12.27
CA LEU H 188 -30.55 -66.89 -13.00
C LEU H 188 -31.86 -67.36 -12.40
N SER H 189 -32.87 -67.55 -13.24
CA SER H 189 -34.13 -68.13 -12.79
C SER H 189 -33.87 -69.60 -12.50
N ALA H 190 -34.85 -70.29 -11.93
CA ALA H 190 -34.70 -71.70 -11.62
C ALA H 190 -34.37 -72.55 -12.85
N PRO H 191 -35.12 -72.37 -13.95
CA PRO H 191 -34.83 -73.12 -15.18
C PRO H 191 -33.45 -72.78 -15.74
N GLU H 192 -33.05 -71.52 -15.60
CA GLU H 192 -31.73 -71.10 -16.06
C GLU H 192 -30.63 -71.72 -15.21
N ALA H 193 -30.89 -71.86 -13.91
CA ALA H 193 -29.95 -72.50 -13.01
C ALA H 193 -29.73 -73.97 -13.38
N VAL H 194 -30.80 -74.65 -13.79
CA VAL H 194 -30.68 -76.02 -14.26
C VAL H 194 -29.84 -76.08 -15.53
N GLU H 195 -30.16 -75.21 -16.48
CA GLU H 195 -29.46 -75.19 -17.76
C GLU H 195 -27.97 -74.83 -17.62
N TYR H 196 -27.65 -74.04 -16.60
CA TYR H 196 -26.28 -73.59 -16.37
C TYR H 196 -25.45 -74.66 -15.67
N GLY H 197 -26.11 -75.60 -15.01
CA GLY H 197 -25.44 -76.65 -14.26
C GLY H 197 -25.30 -76.30 -12.79
N LEU H 198 -25.93 -75.20 -12.38
CA LEU H 198 -25.90 -74.79 -10.98
C LEU H 198 -26.67 -75.77 -10.09
N VAL H 199 -27.84 -76.18 -10.56
CA VAL H 199 -28.60 -77.22 -9.90
C VAL H 199 -28.94 -78.30 -10.92
N ASP H 200 -29.48 -79.42 -10.44
CA ASP H 200 -29.76 -80.54 -11.32
C ASP H 200 -31.18 -80.54 -11.87
N SER H 201 -32.13 -80.08 -11.06
CA SER H 201 -33.52 -80.05 -11.49
C SER H 201 -34.37 -79.10 -10.65
N ILE H 202 -35.57 -78.81 -11.15
CA ILE H 202 -36.55 -78.03 -10.42
C ILE H 202 -37.49 -78.97 -9.67
N LEU H 203 -37.71 -78.70 -8.39
CA LEU H 203 -38.59 -79.52 -7.57
C LEU H 203 -40.04 -79.30 -7.97
N THR H 204 -40.69 -80.36 -8.45
CA THR H 204 -42.09 -80.29 -8.85
C THR H 204 -42.97 -81.01 -7.84
N HIS H 205 -44.18 -80.50 -7.66
CA HIS H 205 -45.11 -81.00 -6.65
C HIS H 205 -45.00 -82.51 -6.48
N LEU I 16 -44.66 -62.26 26.18
CA LEU I 16 -44.98 -63.53 26.81
C LEU I 16 -46.11 -64.24 26.07
N VAL I 17 -45.86 -65.49 25.68
CA VAL I 17 -46.89 -66.30 25.04
C VAL I 17 -47.53 -67.22 26.08
N PRO I 18 -48.87 -67.23 26.13
CA PRO I 18 -49.61 -68.04 27.11
C PRO I 18 -49.41 -69.54 26.87
N MET I 19 -49.38 -70.30 27.96
CA MET I 19 -49.31 -71.75 27.88
C MET I 19 -50.69 -72.35 28.11
N VAL I 20 -50.99 -73.44 27.41
CA VAL I 20 -52.24 -74.17 27.61
C VAL I 20 -51.93 -75.64 27.87
N ILE I 21 -52.98 -76.43 28.10
CA ILE I 21 -52.79 -77.84 28.43
C ILE I 21 -53.61 -78.80 27.58
N GLU I 22 -52.97 -79.86 27.10
CA GLU I 22 -53.68 -80.98 26.51
C GLU I 22 -53.15 -82.30 27.06
N SER I 30 -48.59 -79.76 27.95
CA SER I 30 -48.40 -78.32 28.07
C SER I 30 -47.76 -77.74 26.81
N PHE I 31 -48.42 -76.75 26.22
CA PHE I 31 -47.93 -76.09 25.02
C PHE I 31 -48.03 -74.58 25.16
N ASP I 32 -47.25 -73.85 24.37
CA ASP I 32 -47.52 -72.44 24.17
C ASP I 32 -48.67 -72.38 23.16
N ILE I 33 -49.40 -71.28 23.14
CA ILE I 33 -50.64 -71.20 22.36
C ILE I 33 -50.46 -71.51 20.87
N TYR I 34 -49.39 -70.99 20.27
CA TYR I 34 -49.15 -71.21 18.84
C TYR I 34 -48.81 -72.66 18.55
N SER I 35 -48.08 -73.30 19.45
CA SER I 35 -47.76 -74.72 19.29
C SER I 35 -49.02 -75.57 19.39
N ARG I 36 -49.90 -75.20 20.33
CA ARG I 36 -51.17 -75.90 20.48
C ARG I 36 -51.99 -75.83 19.21
N LEU I 37 -52.02 -74.65 18.58
CA LEU I 37 -52.76 -74.48 17.34
C LEU I 37 -52.09 -75.18 16.16
N LEU I 38 -50.77 -75.26 16.19
CA LEU I 38 -50.03 -75.99 15.16
C LEU I 38 -50.47 -77.45 15.14
N LYS I 39 -50.77 -77.98 16.33
CA LYS I 39 -51.23 -79.37 16.43
C LYS I 39 -52.51 -79.58 15.65
N GLU I 40 -53.29 -78.51 15.48
CA GLU I 40 -54.52 -78.59 14.69
C GLU I 40 -54.28 -78.14 13.25
N ARG I 41 -53.01 -78.09 12.87
CA ARG I 41 -52.60 -77.77 11.50
C ARG I 41 -52.83 -76.31 11.13
N VAL I 42 -52.77 -75.44 12.13
CA VAL I 42 -52.90 -74.00 11.90
C VAL I 42 -51.55 -73.31 12.04
N ILE I 43 -51.19 -72.54 11.01
CA ILE I 43 -49.95 -71.77 11.00
C ILE I 43 -50.26 -70.30 10.88
N PHE I 44 -49.59 -69.47 11.68
CA PHE I 44 -49.79 -68.03 11.62
C PHE I 44 -48.70 -67.34 10.80
N LEU I 45 -49.12 -66.42 9.94
CA LEU I 45 -48.20 -65.54 9.24
C LEU I 45 -48.48 -64.13 9.73
N THR I 46 -47.58 -63.62 10.57
CA THR I 46 -47.84 -62.39 11.31
C THR I 46 -46.81 -61.30 11.01
N GLY I 47 -47.29 -60.13 10.62
CA GLY I 47 -46.44 -58.99 10.39
C GLY I 47 -45.51 -59.12 9.19
N GLN I 48 -44.41 -58.38 9.25
CA GLN I 48 -43.47 -58.25 8.14
C GLN I 48 -42.90 -59.58 7.63
N VAL I 49 -42.99 -59.80 6.33
CA VAL I 49 -42.43 -61.00 5.72
C VAL I 49 -40.93 -60.85 5.50
N GLU I 50 -40.16 -61.78 6.05
CA GLU I 50 -38.72 -61.79 5.88
C GLU I 50 -38.15 -63.20 6.07
N ASP I 51 -36.89 -63.38 5.73
CA ASP I 51 -36.26 -64.70 5.68
C ASP I 51 -36.55 -65.62 6.86
N HIS I 52 -36.35 -65.11 8.07
CA HIS I 52 -36.45 -65.96 9.25
C HIS I 52 -37.87 -66.40 9.59
N MET I 53 -38.82 -65.47 9.60
CA MET I 53 -40.22 -65.83 9.85
C MET I 53 -40.75 -66.69 8.69
N ALA I 54 -40.25 -66.45 7.50
CA ALA I 54 -40.65 -67.19 6.32
C ALA I 54 -40.21 -68.65 6.41
N ASN I 55 -38.95 -68.87 6.77
CA ASN I 55 -38.43 -70.22 6.89
CA ASN I 55 -38.40 -70.21 6.91
C ASN I 55 -39.12 -71.00 8.00
N LEU I 56 -39.52 -70.32 9.05
CA LEU I 56 -40.26 -70.96 10.14
C LEU I 56 -41.59 -71.48 9.62
N ILE I 57 -42.21 -70.70 8.75
CA ILE I 57 -43.47 -71.10 8.14
C ILE I 57 -43.26 -72.28 7.19
N VAL I 58 -42.16 -72.26 6.44
CA VAL I 58 -41.82 -73.37 5.57
C VAL I 58 -41.63 -74.64 6.40
N ALA I 59 -40.88 -74.54 7.49
CA ALA I 59 -40.64 -75.69 8.37
C ALA I 59 -41.94 -76.27 8.90
N GLN I 60 -42.87 -75.41 9.30
CA GLN I 60 -44.16 -75.84 9.81
C GLN I 60 -44.98 -76.59 8.74
N MET I 61 -44.97 -76.06 7.53
CA MET I 61 -45.70 -76.68 6.43
C MET I 61 -45.15 -78.05 6.11
N LEU I 62 -43.82 -78.15 6.01
CA LEU I 62 -43.18 -79.42 5.71
C LEU I 62 -43.48 -80.45 6.80
N PHE I 63 -43.46 -80.00 8.04
CA PHE I 63 -43.76 -80.87 9.18
C PHE I 63 -45.19 -81.39 9.14
N LEU I 64 -46.15 -80.48 8.91
CA LEU I 64 -47.56 -80.87 8.85
C LEU I 64 -47.81 -81.84 7.71
N GLU I 65 -47.15 -81.63 6.58
CA GLU I 65 -47.28 -82.52 5.44
C GLU I 65 -46.85 -83.95 5.82
N ALA I 66 -45.75 -84.05 6.55
CA ALA I 66 -45.23 -85.35 6.97
C ALA I 66 -46.15 -86.05 7.97
N GLU I 67 -46.77 -85.27 8.86
CA GLU I 67 -47.72 -85.85 9.81
C GLU I 67 -48.91 -86.46 9.06
N ASN I 68 -49.44 -85.68 8.11
CA ASN I 68 -50.55 -86.15 7.28
C ASN I 68 -50.59 -85.44 5.93
N PRO I 69 -50.19 -86.16 4.88
CA PRO I 69 -50.14 -85.64 3.50
C PRO I 69 -51.52 -85.37 2.93
N GLU I 70 -52.58 -85.79 3.61
CA GLU I 70 -53.93 -85.66 3.06
C GLU I 70 -54.72 -84.49 3.66
N LYS I 71 -54.49 -84.21 4.94
CA LYS I 71 -55.27 -83.20 5.65
C LYS I 71 -54.90 -81.77 5.26
N ASP I 72 -55.91 -80.93 5.16
CA ASP I 72 -55.72 -79.51 4.86
C ASP I 72 -54.83 -78.85 5.90
N ILE I 73 -54.11 -77.82 5.45
CA ILE I 73 -53.31 -77.00 6.34
C ILE I 73 -53.89 -75.58 6.28
N TYR I 74 -53.80 -74.85 7.39
CA TYR I 74 -54.38 -73.51 7.43
C TYR I 74 -53.35 -72.43 7.70
N LEU I 75 -53.39 -71.39 6.87
CA LEU I 75 -52.46 -70.28 6.98
C LEU I 75 -53.22 -68.99 7.27
N TYR I 76 -53.12 -68.52 8.51
CA TYR I 76 -53.81 -67.31 8.94
C TYR I 76 -52.90 -66.10 8.76
N ILE I 77 -53.32 -65.19 7.88
CA ILE I 77 -52.46 -64.07 7.48
C ILE I 77 -52.90 -62.72 8.02
N ASN I 78 -52.00 -62.07 8.74
CA ASN I 78 -52.16 -60.67 9.11
C ASN I 78 -50.82 -59.99 8.90
N SER I 79 -50.64 -59.36 7.74
CA SER I 79 -49.33 -58.88 7.32
C SER I 79 -49.39 -57.71 6.36
N PRO I 80 -48.47 -56.74 6.52
CA PRO I 80 -48.33 -55.59 5.62
C PRO I 80 -47.48 -55.92 4.40
N GLY I 81 -46.95 -57.14 4.36
CA GLY I 81 -46.09 -57.54 3.25
C GLY I 81 -44.65 -57.68 3.68
N GLY I 82 -43.74 -57.61 2.72
CA GLY I 82 -42.32 -57.71 3.01
C GLY I 82 -41.49 -58.19 1.83
N VAL I 83 -40.40 -58.90 2.14
CA VAL I 83 -39.44 -59.33 1.13
C VAL I 83 -40.00 -60.37 0.18
N ILE I 84 -39.91 -60.12 -1.13
CA ILE I 84 -40.49 -61.00 -2.12
C ILE I 84 -39.87 -62.40 -2.14
N THR I 85 -38.54 -62.48 -2.17
CA THR I 85 -37.89 -63.78 -2.20
C THR I 85 -38.25 -64.60 -0.96
N ALA I 86 -38.35 -63.93 0.18
CA ALA I 86 -38.76 -64.60 1.42
C ALA I 86 -40.17 -65.16 1.28
N GLY I 87 -41.06 -64.35 0.71
CA GLY I 87 -42.42 -64.78 0.49
C GLY I 87 -42.50 -65.94 -0.48
N MET I 88 -41.64 -65.92 -1.49
CA MET I 88 -41.67 -66.95 -2.53
C MET I 88 -41.24 -68.32 -2.01
N SER I 89 -40.45 -68.36 -0.95
CA SER I 89 -40.10 -69.63 -0.33
C SER I 89 -41.36 -70.25 0.26
N ILE I 90 -42.22 -69.40 0.82
CA ILE I 90 -43.51 -69.86 1.33
C ILE I 90 -44.43 -70.26 0.19
N TYR I 91 -44.50 -69.42 -0.84
CA TYR I 91 -45.35 -69.71 -1.99
C TYR I 91 -45.03 -71.08 -2.59
N ASP I 92 -43.76 -71.29 -2.91
CA ASP I 92 -43.33 -72.54 -3.54
C ASP I 92 -43.61 -73.75 -2.66
N THR I 93 -43.46 -73.59 -1.34
CA THR I 93 -43.73 -74.67 -0.42
C THR I 93 -45.23 -75.00 -0.42
N MET I 94 -46.06 -73.96 -0.44
CA MET I 94 -47.50 -74.15 -0.50
C MET I 94 -47.91 -74.97 -1.72
N GLN I 95 -47.31 -74.66 -2.86
CA GLN I 95 -47.65 -75.36 -4.10
C GLN I 95 -47.04 -76.76 -4.14
N PHE I 96 -45.90 -76.95 -3.49
CA PHE I 96 -45.23 -78.25 -3.53
C PHE I 96 -45.94 -79.32 -2.70
N ILE I 97 -46.27 -79.00 -1.46
CA ILE I 97 -46.82 -79.99 -0.55
C ILE I 97 -48.19 -80.50 -1.02
N LYS I 98 -48.49 -81.76 -0.70
CA LYS I 98 -49.72 -82.39 -1.15
C LYS I 98 -50.98 -81.78 -0.53
N PRO I 99 -50.94 -81.46 0.77
CA PRO I 99 -52.13 -80.87 1.40
C PRO I 99 -52.54 -79.54 0.78
N ASP I 100 -53.85 -79.33 0.67
CA ASP I 100 -54.37 -78.01 0.31
C ASP I 100 -54.01 -77.04 1.42
N VAL I 101 -53.53 -75.87 1.06
CA VAL I 101 -53.29 -74.82 2.05
C VAL I 101 -54.43 -73.80 1.99
N SER I 102 -55.27 -73.80 3.02
CA SER I 102 -56.36 -72.85 3.11
C SER I 102 -55.86 -71.57 3.77
N THR I 103 -56.21 -70.43 3.19
CA THR I 103 -55.70 -69.15 3.69
C THR I 103 -56.82 -68.26 4.21
N ILE I 104 -56.53 -67.56 5.30
CA ILE I 104 -57.49 -66.64 5.89
C ILE I 104 -56.85 -65.28 6.16
N CYS I 105 -57.48 -64.23 5.62
CA CYS I 105 -57.02 -62.87 5.85
C CYS I 105 -57.68 -62.28 7.10
N MET I 106 -56.87 -61.97 8.10
CA MET I 106 -57.34 -61.34 9.32
C MET I 106 -56.72 -59.96 9.42
N GLY I 107 -57.53 -58.93 9.60
CA GLY I 107 -57.04 -57.58 9.70
C GLY I 107 -56.63 -57.05 8.34
N GLN I 108 -55.45 -57.45 7.88
CA GLN I 108 -54.98 -57.04 6.56
C GLN I 108 -54.04 -58.06 5.92
N ALA I 109 -54.06 -58.10 4.60
CA ALA I 109 -53.06 -58.81 3.83
C ALA I 109 -52.65 -57.90 2.69
N ALA I 110 -51.47 -57.31 2.81
CA ALA I 110 -50.99 -56.33 1.85
C ALA I 110 -49.73 -56.81 1.15
N SER I 111 -49.62 -56.49 -0.13
CA SER I 111 -48.43 -56.81 -0.91
C SER I 111 -48.16 -58.32 -0.89
N MET I 112 -46.95 -58.72 -0.52
CA MET I 112 -46.63 -60.14 -0.46
C MET I 112 -47.62 -60.90 0.42
N GLY I 113 -48.16 -60.23 1.43
CA GLY I 113 -49.20 -60.83 2.25
C GLY I 113 -50.43 -61.18 1.43
N ALA I 114 -50.83 -60.24 0.58
CA ALA I 114 -51.97 -60.43 -0.31
C ALA I 114 -51.68 -61.54 -1.33
N PHE I 115 -50.43 -61.59 -1.79
CA PHE I 115 -50.02 -62.60 -2.75
C PHE I 115 -50.17 -64.00 -2.18
N LEU I 116 -49.66 -64.19 -0.96
CA LEU I 116 -49.74 -65.49 -0.31
C LEU I 116 -51.18 -65.87 0.02
N LEU I 117 -52.00 -64.86 0.32
CA LEU I 117 -53.42 -65.09 0.56
C LEU I 117 -54.08 -65.72 -0.67
N THR I 118 -53.87 -65.11 -1.83
CA THR I 118 -54.51 -65.57 -3.06
C THR I 118 -53.87 -66.86 -3.58
N ALA I 119 -52.71 -67.19 -3.06
CA ALA I 119 -51.99 -68.40 -3.47
C ALA I 119 -52.58 -69.65 -2.83
N GLY I 120 -53.53 -69.46 -1.92
CA GLY I 120 -54.16 -70.58 -1.24
C GLY I 120 -54.93 -71.49 -2.19
N ALA I 121 -55.32 -72.66 -1.71
CA ALA I 121 -56.09 -73.60 -2.52
C ALA I 121 -57.39 -72.96 -3.00
N LYS I 122 -57.67 -73.10 -4.29
CA LYS I 122 -58.91 -72.56 -4.85
C LYS I 122 -60.11 -73.08 -4.07
N GLY I 123 -61.02 -72.18 -3.72
CA GLY I 123 -62.21 -72.54 -2.96
C GLY I 123 -61.98 -72.44 -1.46
N LYS I 124 -60.72 -72.32 -1.07
CA LYS I 124 -60.39 -72.34 0.35
C LYS I 124 -59.61 -71.10 0.80
N ARG I 125 -59.85 -69.98 0.11
CA ARG I 125 -59.24 -68.71 0.50
C ARG I 125 -60.32 -67.79 1.05
N PHE I 126 -60.11 -67.28 2.26
CA PHE I 126 -61.13 -66.51 2.95
C PHE I 126 -60.67 -65.12 3.40
N CYS I 127 -61.61 -64.19 3.44
CA CYS I 127 -61.43 -62.90 4.10
C CYS I 127 -62.38 -62.84 5.27
N LEU I 128 -61.90 -62.37 6.42
CA LEU I 128 -62.82 -62.00 7.49
C LEU I 128 -63.57 -60.76 7.02
N PRO I 129 -64.80 -60.55 7.52
CA PRO I 129 -65.69 -59.52 6.97
C PRO I 129 -65.11 -58.11 6.91
N ASN I 130 -64.28 -57.75 7.89
CA ASN I 130 -63.75 -56.39 7.96
C ASN I 130 -62.26 -56.30 7.69
N SER I 131 -61.68 -57.39 7.21
CA SER I 131 -60.28 -57.38 6.79
C SER I 131 -60.17 -56.66 5.46
N ARG I 132 -58.98 -56.19 5.12
CA ARG I 132 -58.79 -55.53 3.84
C ARG I 132 -57.51 -56.03 3.17
N VAL I 133 -57.46 -55.89 1.85
CA VAL I 133 -56.32 -56.31 1.06
C VAL I 133 -55.75 -55.11 0.33
N MET I 134 -54.44 -55.14 0.09
CA MET I 134 -53.81 -54.11 -0.72
C MET I 134 -52.80 -54.77 -1.64
N ILE I 135 -52.83 -54.40 -2.92
CA ILE I 135 -51.89 -54.93 -3.89
C ILE I 135 -51.14 -53.80 -4.56
N HIS I 136 -49.90 -54.08 -4.96
CA HIS I 136 -49.10 -53.12 -5.70
C HIS I 136 -47.89 -53.80 -6.32
N GLN I 137 -47.09 -53.04 -7.06
CA GLN I 137 -45.93 -53.59 -7.73
C GLN I 137 -44.70 -53.64 -6.82
N PRO I 138 -43.69 -54.42 -7.21
CA PRO I 138 -42.47 -54.57 -6.40
C PRO I 138 -41.78 -53.23 -6.13
N LEU I 139 -41.23 -53.11 -4.93
CA LEU I 139 -40.40 -51.97 -4.57
C LEU I 139 -38.96 -52.44 -4.47
N GLY I 140 -38.04 -51.58 -4.89
CA GLY I 140 -36.64 -51.94 -4.85
C GLY I 140 -35.75 -50.73 -4.84
N GLY I 141 -34.46 -50.97 -5.02
CA GLY I 141 -33.50 -49.89 -5.05
C GLY I 141 -32.11 -50.44 -5.28
N TYR I 142 -31.30 -49.69 -5.99
CA TYR I 142 -29.90 -50.03 -6.13
C TYR I 142 -29.07 -48.77 -6.17
N GLN I 143 -27.77 -48.93 -5.92
CA GLN I 143 -26.83 -47.83 -6.00
C GLN I 143 -25.51 -48.36 -6.53
N GLY I 144 -24.93 -47.65 -7.50
CA GLY I 144 -23.65 -48.06 -8.06
C GLY I 144 -23.48 -47.63 -9.49
N GLN I 145 -22.63 -48.34 -10.22
CA GLN I 145 -22.36 -48.03 -11.62
C GLN I 145 -23.60 -48.25 -12.48
N ALA I 146 -23.71 -47.47 -13.55
CA ALA I 146 -24.81 -47.60 -14.49
C ALA I 146 -24.97 -49.05 -14.97
N THR I 147 -23.86 -49.71 -15.27
CA THR I 147 -23.90 -51.09 -15.72
C THR I 147 -24.62 -52.00 -14.73
N ASP I 148 -24.30 -51.82 -13.45
CA ASP I 148 -24.91 -52.64 -12.40
C ASP I 148 -26.35 -52.22 -12.12
N ILE I 149 -26.63 -50.93 -12.25
CA ILE I 149 -27.99 -50.42 -12.09
C ILE I 149 -28.92 -51.08 -13.11
N GLU I 150 -28.43 -51.23 -14.34
CA GLU I 150 -29.19 -51.87 -15.40
C GLU I 150 -29.44 -53.34 -15.10
N ILE I 151 -28.42 -54.04 -14.64
CA ILE I 151 -28.56 -55.44 -14.27
C ILE I 151 -29.69 -55.62 -13.25
N HIS I 152 -29.68 -54.79 -12.21
CA HIS I 152 -30.66 -54.92 -11.15
C HIS I 152 -32.04 -54.37 -11.51
N ALA I 153 -32.09 -53.39 -12.41
CA ALA I 153 -33.37 -52.88 -12.90
C ALA I 153 -34.05 -53.95 -13.73
N ARG I 154 -33.27 -54.59 -14.61
CA ARG I 154 -33.79 -55.66 -15.44
C ARG I 154 -34.37 -56.78 -14.59
N GLU I 155 -33.67 -57.14 -13.51
CA GLU I 155 -34.10 -58.22 -12.65
C GLU I 155 -35.42 -57.91 -11.93
N ILE I 156 -35.57 -56.71 -11.38
CA ILE I 156 -36.79 -56.38 -10.67
C ILE I 156 -37.99 -56.31 -11.63
N LEU I 157 -37.73 -55.96 -12.88
CA LEU I 157 -38.78 -55.96 -13.89
C LEU I 157 -39.19 -57.40 -14.23
N LYS I 158 -38.23 -58.31 -14.24
CA LYS I 158 -38.53 -59.73 -14.44
C LYS I 158 -39.34 -60.27 -13.27
N VAL I 159 -38.95 -59.89 -12.05
CA VAL I 159 -39.68 -60.28 -10.86
C VAL I 159 -41.11 -59.77 -10.91
N LYS I 160 -41.26 -58.50 -11.27
CA LYS I 160 -42.58 -57.89 -11.42
C LYS I 160 -43.42 -58.68 -12.42
N GLY I 161 -42.81 -59.07 -13.52
CA GLY I 161 -43.51 -59.86 -14.53
C GLY I 161 -44.01 -61.18 -14.00
N ARG I 162 -43.15 -61.89 -13.28
CA ARG I 162 -43.51 -63.19 -12.73
C ARG I 162 -44.61 -63.08 -11.68
N MET I 163 -44.49 -62.10 -10.79
CA MET I 163 -45.49 -61.90 -9.75
C MET I 163 -46.84 -61.61 -10.38
N ASN I 164 -46.84 -60.80 -11.43
CA ASN I 164 -48.08 -60.49 -12.15
C ASN I 164 -48.70 -61.72 -12.82
N GLU I 165 -47.84 -62.56 -13.41
CA GLU I 165 -48.30 -63.80 -14.03
C GLU I 165 -48.98 -64.70 -13.00
N LEU I 166 -48.32 -64.87 -11.86
CA LEU I 166 -48.84 -65.74 -10.81
C LEU I 166 -50.12 -65.19 -10.20
N MET I 167 -50.19 -63.87 -10.06
CA MET I 167 -51.40 -63.22 -9.57
C MET I 167 -52.58 -63.47 -10.52
N ALA I 168 -52.30 -63.35 -11.82
CA ALA I 168 -53.32 -63.61 -12.84
C ALA I 168 -53.81 -65.05 -12.73
N LEU I 169 -52.87 -65.98 -12.59
CA LEU I 169 -53.19 -67.40 -12.48
C LEU I 169 -54.15 -67.69 -11.33
N HIS I 170 -53.84 -67.13 -10.15
CA HIS I 170 -54.61 -67.42 -8.95
C HIS I 170 -55.92 -66.66 -8.84
N THR I 171 -56.01 -65.51 -9.50
CA THR I 171 -57.20 -64.67 -9.40
C THR I 171 -58.19 -64.90 -10.55
N GLY I 172 -57.68 -65.33 -11.70
CA GLY I 172 -58.49 -65.47 -12.89
C GLY I 172 -58.51 -64.19 -13.71
N GLN I 173 -57.88 -63.15 -13.16
CA GLN I 173 -57.74 -61.91 -13.89
C GLN I 173 -56.75 -62.10 -15.03
N SER I 174 -56.78 -61.20 -16.01
CA SER I 174 -55.79 -61.24 -17.09
C SER I 174 -54.47 -60.67 -16.59
N LEU I 175 -53.38 -61.03 -17.26
CA LEU I 175 -52.07 -60.54 -16.89
C LEU I 175 -52.02 -59.01 -16.89
N GLU I 176 -52.49 -58.41 -17.98
CA GLU I 176 -52.42 -56.95 -18.11
C GLU I 176 -53.38 -56.21 -17.18
N GLN I 177 -54.46 -56.88 -16.76
CA GLN I 177 -55.35 -56.29 -15.76
C GLN I 177 -54.64 -56.21 -14.41
N ILE I 178 -53.95 -57.29 -14.04
CA ILE I 178 -53.14 -57.29 -12.83
C ILE I 178 -52.12 -56.15 -12.90
N GLU I 179 -51.47 -56.04 -14.04
CA GLU I 179 -50.46 -55.00 -14.25
C GLU I 179 -51.04 -53.60 -14.09
N ARG I 180 -52.20 -53.36 -14.71
CA ARG I 180 -52.86 -52.07 -14.59
C ARG I 180 -53.25 -51.75 -13.15
N ASP I 181 -53.76 -52.75 -12.45
CA ASP I 181 -54.29 -52.55 -11.10
C ASP I 181 -53.22 -52.45 -10.01
N THR I 182 -51.99 -52.83 -10.34
CA THR I 182 -50.92 -52.82 -9.35
C THR I 182 -49.84 -51.76 -9.60
N GLU I 183 -50.01 -50.97 -10.66
CA GLU I 183 -49.05 -49.90 -10.93
C GLU I 183 -48.96 -48.97 -9.72
N ARG I 184 -50.10 -48.73 -9.08
CA ARG I 184 -50.13 -47.97 -7.83
C ARG I 184 -50.90 -48.74 -6.78
N ASP I 185 -50.69 -48.39 -5.52
CA ASP I 185 -51.38 -49.05 -4.41
C ASP I 185 -52.88 -49.15 -4.69
N ARG I 186 -53.43 -50.34 -4.46
CA ARG I 186 -54.85 -50.58 -4.69
C ARG I 186 -55.44 -51.33 -3.50
N PHE I 187 -56.38 -50.71 -2.82
CA PHE I 187 -57.04 -51.33 -1.68
C PHE I 187 -58.30 -52.08 -2.12
N LEU I 188 -58.55 -53.23 -1.49
CA LEU I 188 -59.77 -53.97 -1.73
C LEU I 188 -60.40 -54.37 -0.41
N SER I 189 -61.69 -54.06 -0.25
CA SER I 189 -62.44 -54.54 0.90
C SER I 189 -62.64 -56.04 0.75
N ALA I 190 -63.16 -56.69 1.78
CA ALA I 190 -63.41 -58.12 1.72
C ALA I 190 -64.31 -58.50 0.54
N PRO I 191 -65.44 -57.81 0.39
CA PRO I 191 -66.33 -58.13 -0.74
C PRO I 191 -65.65 -57.88 -2.08
N GLU I 192 -64.85 -56.83 -2.15
CA GLU I 192 -64.13 -56.50 -3.38
C GLU I 192 -63.07 -57.55 -3.69
N ALA I 193 -62.48 -58.12 -2.66
CA ALA I 193 -61.46 -59.15 -2.83
C ALA I 193 -62.07 -60.42 -3.37
N VAL I 194 -63.29 -60.74 -2.93
CA VAL I 194 -64.02 -61.88 -3.45
C VAL I 194 -64.34 -61.64 -4.92
N GLU I 195 -64.88 -60.46 -5.22
CA GLU I 195 -65.25 -60.10 -6.58
C GLU I 195 -64.06 -60.12 -7.53
N TYR I 196 -62.89 -59.76 -7.01
CA TYR I 196 -61.67 -59.68 -7.82
C TYR I 196 -61.07 -61.06 -8.07
N GLY I 197 -61.46 -62.04 -7.26
CA GLY I 197 -60.95 -63.39 -7.38
C GLY I 197 -59.72 -63.63 -6.53
N LEU I 198 -59.44 -62.67 -5.64
CA LEU I 198 -58.31 -62.78 -4.71
C LEU I 198 -58.60 -63.84 -3.65
N VAL I 199 -59.83 -63.83 -3.14
CA VAL I 199 -60.27 -64.87 -2.22
C VAL I 199 -61.58 -65.45 -2.73
N ASP I 200 -62.01 -66.55 -2.12
CA ASP I 200 -63.19 -67.26 -2.60
C ASP I 200 -64.47 -66.82 -1.91
N SER I 201 -64.37 -66.47 -0.64
CA SER I 201 -65.54 -66.02 0.10
C SER I 201 -65.18 -65.26 1.37
N ILE I 202 -66.17 -64.59 1.94
CA ILE I 202 -66.04 -63.95 3.24
C ILE I 202 -66.49 -64.94 4.32
N LEU I 203 -65.68 -65.10 5.35
CA LEU I 203 -66.03 -65.97 6.46
C LEU I 203 -67.07 -65.33 7.36
N THR I 204 -68.23 -65.95 7.45
CA THR I 204 -69.29 -65.46 8.32
C THR I 204 -69.40 -66.33 9.57
N HIS I 205 -69.75 -65.69 10.69
CA HIS I 205 -69.86 -66.34 11.99
C HIS I 205 -69.75 -67.86 11.93
N VAL J 17 -43.49 -62.04 35.46
CA VAL J 17 -44.74 -62.70 35.76
C VAL J 17 -44.56 -63.77 36.83
N PRO J 18 -45.42 -63.76 37.87
CA PRO J 18 -45.37 -64.74 38.96
C PRO J 18 -45.92 -66.09 38.54
N MET J 19 -45.58 -67.14 39.27
CA MET J 19 -46.01 -68.50 38.97
C MET J 19 -47.02 -69.00 40.01
N VAL J 20 -47.94 -69.86 39.56
CA VAL J 20 -48.95 -70.44 40.44
C VAL J 20 -49.27 -71.87 40.04
N ILE J 21 -49.86 -72.63 40.96
CA ILE J 21 -50.24 -74.01 40.68
C ILE J 21 -51.75 -74.22 40.71
N SER J 30 -46.89 -75.69 37.45
CA SER J 30 -47.11 -74.25 37.57
C SER J 30 -47.55 -73.63 36.25
N PHE J 31 -48.20 -72.47 36.33
CA PHE J 31 -48.42 -71.61 35.19
C PHE J 31 -47.87 -70.25 35.57
N ASP J 32 -47.64 -69.40 34.58
CA ASP J 32 -47.50 -67.98 34.85
C ASP J 32 -48.91 -67.49 35.13
N ILE J 33 -49.05 -66.34 35.79
CA ILE J 33 -50.36 -65.88 36.22
C ILE J 33 -51.35 -65.73 35.06
N TYR J 34 -50.87 -65.26 33.91
CA TYR J 34 -51.75 -65.04 32.76
C TYR J 34 -52.24 -66.35 32.15
N SER J 35 -51.38 -67.37 32.12
CA SER J 35 -51.78 -68.68 31.65
C SER J 35 -52.82 -69.28 32.59
N ARG J 36 -52.67 -69.02 33.88
CA ARG J 36 -53.62 -69.52 34.86
C ARG J 36 -55.01 -68.91 34.61
N LEU J 37 -55.05 -67.60 34.36
CA LEU J 37 -56.31 -66.93 34.09
C LEU J 37 -56.89 -67.33 32.73
N LEU J 38 -56.02 -67.66 31.77
CA LEU J 38 -56.49 -68.13 30.48
C LEU J 38 -57.28 -69.42 30.63
N LYS J 39 -56.87 -70.27 31.56
CA LYS J 39 -57.58 -71.52 31.80
C LYS J 39 -59.03 -71.26 32.23
N GLU J 40 -59.27 -70.07 32.78
CA GLU J 40 -60.61 -69.68 33.18
C GLU J 40 -61.26 -68.80 32.11
N ARG J 41 -60.71 -68.84 30.90
CA ARG J 41 -61.28 -68.16 29.74
C ARG J 41 -61.19 -66.65 29.84
N VAL J 42 -60.17 -66.17 30.54
CA VAL J 42 -59.89 -64.74 30.63
C VAL J 42 -58.68 -64.37 29.78
N ILE J 43 -58.88 -63.45 28.85
CA ILE J 43 -57.81 -62.96 27.99
C ILE J 43 -57.54 -61.48 28.29
N PHE J 44 -56.27 -61.11 28.32
CA PHE J 44 -55.92 -59.71 28.55
C PHE J 44 -55.57 -58.98 27.26
N LEU J 45 -56.16 -57.80 27.08
CA LEU J 45 -55.80 -56.91 25.99
C LEU J 45 -55.16 -55.68 26.61
N THR J 46 -53.84 -55.62 26.54
CA THR J 46 -53.07 -54.68 27.33
C THR J 46 -52.14 -53.83 26.48
N GLY J 47 -52.11 -52.53 26.76
CA GLY J 47 -51.21 -51.63 26.07
C GLY J 47 -51.53 -51.44 24.60
N GLN J 48 -50.48 -51.30 23.80
CA GLN J 48 -50.60 -50.91 22.39
C GLN J 48 -51.15 -52.00 21.46
N VAL J 49 -52.22 -51.67 20.73
CA VAL J 49 -52.78 -52.60 19.75
C VAL J 49 -51.94 -52.67 18.47
N GLU J 50 -51.43 -53.86 18.18
CA GLU J 50 -50.66 -54.08 16.95
C GLU J 50 -50.67 -55.56 16.54
N ASP J 51 -50.13 -55.84 15.37
CA ASP J 51 -50.23 -57.16 14.74
C ASP J 51 -49.92 -58.35 15.64
N HIS J 52 -48.82 -58.27 16.39
CA HIS J 52 -48.36 -59.42 17.15
C HIS J 52 -49.20 -59.70 18.40
N MET J 53 -49.47 -58.67 19.19
CA MET J 53 -50.32 -58.83 20.37
C MET J 53 -51.74 -59.20 19.95
N ALA J 54 -52.14 -58.73 18.78
CA ALA J 54 -53.49 -58.96 18.27
C ALA J 54 -53.68 -60.39 17.80
N ASN J 55 -52.73 -60.89 17.02
CA ASN J 55 -52.80 -62.27 16.57
C ASN J 55 -52.73 -63.24 17.75
N LEU J 56 -52.03 -62.82 18.80
CA LEU J 56 -51.94 -63.61 20.03
C LEU J 56 -53.31 -63.70 20.71
N ILE J 57 -54.05 -62.60 20.70
CA ILE J 57 -55.40 -62.58 21.26
C ILE J 57 -56.35 -63.42 20.41
N VAL J 58 -56.17 -63.36 19.09
CA VAL J 58 -56.96 -64.17 18.17
C VAL J 58 -56.74 -65.66 18.45
N ALA J 59 -55.49 -66.05 18.59
CA ALA J 59 -55.14 -67.44 18.88
C ALA J 59 -55.81 -67.91 20.17
N GLN J 60 -55.79 -67.05 21.19
CA GLN J 60 -56.41 -67.37 22.48
C GLN J 60 -57.92 -67.57 22.35
N MET J 61 -58.58 -66.70 21.58
CA MET J 61 -60.02 -66.80 21.38
C MET J 61 -60.38 -68.08 20.63
N LEU J 62 -59.63 -68.38 19.57
CA LEU J 62 -59.86 -69.59 18.80
C LEU J 62 -59.66 -70.83 19.66
N PHE J 63 -58.61 -70.81 20.48
CA PHE J 63 -58.34 -71.92 21.39
C PHE J 63 -59.51 -72.10 22.35
N LEU J 64 -59.90 -71.02 23.00
CA LEU J 64 -61.00 -71.07 23.97
C LEU J 64 -62.29 -71.61 23.34
N GLU J 65 -62.60 -71.18 22.12
CA GLU J 65 -63.80 -71.66 21.44
C GLU J 65 -63.74 -73.17 21.21
N ALA J 66 -62.58 -73.65 20.77
CA ALA J 66 -62.39 -75.07 20.54
C ALA J 66 -62.56 -75.87 21.83
N GLU J 67 -62.07 -75.31 22.92
CA GLU J 67 -62.16 -75.97 24.21
C GLU J 67 -63.62 -76.05 24.65
N ASN J 68 -64.34 -74.94 24.50
CA ASN J 68 -65.77 -74.91 24.79
C ASN J 68 -66.50 -73.84 23.99
N PRO J 69 -67.23 -74.28 22.96
CA PRO J 69 -67.93 -73.40 22.02
C PRO J 69 -69.12 -72.67 22.67
N GLU J 70 -69.49 -73.07 23.87
CA GLU J 70 -70.70 -72.55 24.50
CA GLU J 70 -70.69 -72.54 24.51
C GLU J 70 -70.43 -71.57 25.66
N LYS J 71 -69.28 -71.72 26.32
CA LYS J 71 -68.98 -70.87 27.47
C LYS J 71 -68.45 -69.49 27.09
N ASP J 72 -68.81 -68.49 27.88
CA ASP J 72 -68.37 -67.12 27.64
C ASP J 72 -66.85 -66.98 27.72
N ILE J 73 -66.33 -66.04 26.95
CA ILE J 73 -64.92 -65.66 27.03
C ILE J 73 -64.86 -64.22 27.52
N TYR J 74 -63.83 -63.92 28.31
CA TYR J 74 -63.71 -62.58 28.87
C TYR J 74 -62.46 -61.86 28.35
N LEU J 75 -62.68 -60.65 27.84
CA LEU J 75 -61.59 -59.83 27.33
C LEU J 75 -61.41 -58.62 28.23
N TYR J 76 -60.33 -58.62 29.01
CA TYR J 76 -60.04 -57.51 29.91
C TYR J 76 -59.20 -56.47 29.20
N ILE J 77 -59.75 -55.27 29.07
CA ILE J 77 -59.14 -54.23 28.22
C ILE J 77 -58.56 -53.07 29.02
N ASN J 78 -57.25 -52.88 28.87
CA ASN J 78 -56.55 -51.69 29.35
C ASN J 78 -55.58 -51.23 28.28
N SER J 79 -56.05 -50.34 27.41
CA SER J 79 -55.31 -50.00 26.21
C SER J 79 -55.57 -48.58 25.73
N PRO J 80 -54.53 -47.90 25.24
CA PRO J 80 -54.66 -46.56 24.64
C PRO J 80 -55.08 -46.65 23.18
N GLY J 81 -55.27 -47.87 22.68
CA GLY J 81 -55.64 -48.08 21.30
C GLY J 81 -54.45 -48.49 20.45
N GLY J 82 -54.54 -48.26 19.15
CA GLY J 82 -53.45 -48.59 18.25
C GLY J 82 -53.86 -48.80 16.80
N VAL J 83 -53.20 -49.76 16.16
CA VAL J 83 -53.38 -50.01 14.73
C VAL J 83 -54.76 -50.58 14.41
N ILE J 84 -55.47 -49.93 13.50
CA ILE J 84 -56.85 -50.31 13.18
C ILE J 84 -56.99 -51.70 12.58
N THR J 85 -56.20 -52.01 11.55
CA THR J 85 -56.28 -53.35 10.94
C THR J 85 -55.99 -54.45 11.95
N ALA J 86 -55.03 -54.20 12.83
CA ALA J 86 -54.71 -55.17 13.88
C ALA J 86 -55.92 -55.36 14.79
N GLY J 87 -56.54 -54.25 15.19
CA GLY J 87 -57.72 -54.31 16.03
C GLY J 87 -58.85 -55.04 15.36
N MET J 88 -58.98 -54.87 14.04
CA MET J 88 -60.08 -55.49 13.30
C MET J 88 -59.94 -57.01 13.19
N SER J 89 -58.74 -57.53 13.34
CA SER J 89 -58.54 -58.97 13.37
C SER J 89 -59.17 -59.51 14.64
N ILE J 90 -59.00 -58.77 15.74
CA ILE J 90 -59.63 -59.14 17.00
C ILE J 90 -61.15 -59.02 16.89
N TYR J 91 -61.61 -57.88 16.38
CA TYR J 91 -63.04 -57.64 16.24
C TYR J 91 -63.73 -58.77 15.48
N ASP J 92 -63.23 -59.09 14.29
CA ASP J 92 -63.84 -60.11 13.45
C ASP J 92 -63.85 -61.49 14.11
N THR J 93 -62.78 -61.80 14.84
CA THR J 93 -62.71 -63.06 15.57
C THR J 93 -63.77 -63.09 16.66
N MET J 94 -63.92 -61.97 17.36
CA MET J 94 -64.93 -61.84 18.40
C MET J 94 -66.33 -62.12 17.84
N GLN J 95 -66.62 -61.55 16.68
CA GLN J 95 -67.94 -61.73 16.08
C GLN J 95 -68.11 -63.11 15.45
N PHE J 96 -67.00 -63.71 15.00
CA PHE J 96 -67.07 -65.01 14.34
C PHE J 96 -67.36 -66.16 15.31
N ILE J 97 -66.62 -66.21 16.41
CA ILE J 97 -66.71 -67.34 17.32
C ILE J 97 -68.08 -67.47 17.98
N LYS J 98 -68.44 -68.69 18.34
CA LYS J 98 -69.75 -68.97 18.93
C LYS J 98 -69.92 -68.41 20.35
N PRO J 99 -68.88 -68.52 21.18
CA PRO J 99 -68.99 -67.99 22.54
C PRO J 99 -69.20 -66.47 22.57
N ASP J 100 -70.02 -65.99 23.49
CA ASP J 100 -70.13 -64.57 23.76
C ASP J 100 -68.79 -64.08 24.29
N VAL J 101 -68.32 -62.95 23.79
CA VAL J 101 -67.12 -62.33 24.36
C VAL J 101 -67.53 -61.16 25.24
N SER J 102 -67.40 -61.34 26.55
CA SER J 102 -67.70 -60.29 27.52
C SER J 102 -66.48 -59.39 27.70
N THR J 103 -66.69 -58.08 27.59
CA THR J 103 -65.58 -57.13 27.67
C THR J 103 -65.61 -56.30 28.94
N ILE J 104 -64.44 -56.07 29.52
CA ILE J 104 -64.30 -55.28 30.74
C ILE J 104 -63.22 -54.22 30.58
N CYS J 105 -63.59 -52.97 30.85
CA CYS J 105 -62.64 -51.87 30.78
C CYS J 105 -62.07 -51.56 32.16
N MET J 106 -60.75 -51.73 32.29
CA MET J 106 -60.04 -51.38 33.51
C MET J 106 -58.93 -50.39 33.19
N GLY J 107 -58.89 -49.27 33.93
CA GLY J 107 -57.93 -48.22 33.65
C GLY J 107 -58.43 -47.32 32.53
N GLN J 108 -58.21 -47.75 31.30
CA GLN J 108 -58.70 -47.00 30.15
C GLN J 108 -58.94 -47.88 28.93
N ALA J 109 -59.84 -47.43 28.07
CA ALA J 109 -60.02 -48.02 26.76
C ALA J 109 -60.19 -46.86 25.79
N ALA J 110 -59.14 -46.56 25.06
CA ALA J 110 -59.16 -45.43 24.15
C ALA J 110 -59.04 -45.88 22.70
N SER J 111 -59.74 -45.17 21.82
CA SER J 111 -59.67 -45.42 20.38
C SER J 111 -60.04 -46.87 20.05
N MET J 112 -59.12 -47.60 19.42
CA MET J 112 -59.38 -48.99 19.09
C MET J 112 -59.68 -49.83 20.34
N GLY J 113 -59.10 -49.43 21.47
CA GLY J 113 -59.39 -50.08 22.73
C GLY J 113 -60.86 -49.91 23.09
N ALA J 114 -61.36 -48.69 22.90
CA ALA J 114 -62.76 -48.37 23.18
C ALA J 114 -63.66 -49.08 22.17
N PHE J 115 -63.18 -49.19 20.95
CA PHE J 115 -63.93 -49.87 19.91
C PHE J 115 -64.14 -51.35 20.23
N LEU J 116 -63.08 -52.02 20.66
CA LEU J 116 -63.18 -53.43 21.00
C LEU J 116 -64.01 -53.66 22.26
N LEU J 117 -63.97 -52.68 23.17
CA LEU J 117 -64.80 -52.72 24.36
C LEU J 117 -66.29 -52.75 24.00
N THR J 118 -66.70 -51.86 23.10
CA THR J 118 -68.12 -51.76 22.74
C THR J 118 -68.54 -52.91 21.83
N ALA J 119 -67.55 -53.61 21.27
CA ALA J 119 -67.81 -54.72 20.36
C ALA J 119 -68.18 -56.01 21.10
N GLY J 120 -68.11 -55.96 22.43
CA GLY J 120 -68.43 -57.11 23.25
C GLY J 120 -69.89 -57.51 23.11
N ALA J 121 -70.22 -58.72 23.57
CA ALA J 121 -71.59 -59.22 23.51
C ALA J 121 -72.52 -58.29 24.26
N LYS J 122 -73.64 -57.92 23.64
CA LYS J 122 -74.55 -56.98 24.28
C LYS J 122 -75.06 -57.54 25.62
N GLY J 123 -75.03 -56.69 26.64
CA GLY J 123 -75.42 -57.11 27.97
C GLY J 123 -74.22 -57.50 28.81
N LYS J 124 -73.09 -57.75 28.15
CA LYS J 124 -71.90 -58.24 28.84
C LYS J 124 -70.67 -57.35 28.65
N ARG J 125 -70.91 -56.07 28.41
CA ARG J 125 -69.83 -55.09 28.32
C ARG J 125 -69.82 -54.24 29.59
N PHE J 126 -68.66 -54.15 30.24
CA PHE J 126 -68.56 -53.49 31.54
C PHE J 126 -67.47 -52.44 31.60
N CYS J 127 -67.68 -51.44 32.44
CA CYS J 127 -66.63 -50.51 32.84
C CYS J 127 -66.44 -50.63 34.35
N LEU J 128 -65.19 -50.57 34.81
CA LEU J 128 -64.94 -50.41 36.23
C LEU J 128 -65.25 -48.95 36.56
N PRO J 129 -65.63 -48.66 37.81
CA PRO J 129 -66.18 -47.35 38.16
C PRO J 129 -65.32 -46.15 37.72
N ASN J 130 -64.00 -46.27 37.86
CA ASN J 130 -63.13 -45.14 37.56
C ASN J 130 -62.29 -45.30 36.30
N SER J 131 -62.61 -46.30 35.49
CA SER J 131 -62.00 -46.43 34.19
C SER J 131 -62.55 -45.31 33.32
N ARG J 132 -61.83 -44.94 32.28
CA ARG J 132 -62.34 -43.95 31.36
C ARG J 132 -62.14 -44.37 29.91
N VAL J 133 -63.00 -43.84 29.04
CA VAL J 133 -63.01 -44.24 27.65
C VAL J 133 -62.82 -42.99 26.79
N MET J 134 -62.15 -43.17 25.65
CA MET J 134 -61.99 -42.06 24.72
C MET J 134 -62.27 -42.56 23.31
N ILE J 135 -63.03 -41.79 22.55
CA ILE J 135 -63.31 -42.14 21.16
C ILE J 135 -62.90 -41.00 20.24
N HIS J 136 -62.53 -41.35 19.02
CA HIS J 136 -62.14 -40.35 18.02
C HIS J 136 -62.09 -40.96 16.63
N GLN J 137 -61.71 -40.17 15.64
CA GLN J 137 -61.64 -40.66 14.26
C GLN J 137 -60.24 -41.18 13.95
N PRO J 138 -60.10 -41.92 12.84
CA PRO J 138 -58.82 -42.53 12.47
C PRO J 138 -57.71 -41.51 12.28
N LEU J 139 -56.51 -41.89 12.67
CA LEU J 139 -55.32 -41.09 12.45
C LEU J 139 -54.46 -41.79 11.39
N GLY J 140 -53.82 -41.01 10.54
CA GLY J 140 -52.99 -41.59 9.49
C GLY J 140 -52.01 -40.60 8.91
N GLY J 141 -51.46 -40.94 7.77
CA GLY J 141 -50.48 -40.09 7.12
C GLY J 141 -49.79 -40.81 5.99
N TYR J 142 -49.54 -40.08 4.91
CA TYR J 142 -48.81 -40.63 3.77
C TYR J 142 -47.90 -39.54 3.22
N GLN J 143 -46.82 -39.96 2.60
CA GLN J 143 -45.92 -39.04 1.90
C GLN J 143 -45.62 -39.59 0.52
N GLY J 144 -45.73 -38.75 -0.50
CA GLY J 144 -45.43 -39.16 -1.86
C GLY J 144 -46.12 -38.30 -2.89
N GLN J 145 -46.36 -38.88 -4.06
CA GLN J 145 -47.01 -38.17 -5.16
C GLN J 145 -48.47 -37.88 -4.86
N ALA J 146 -48.95 -36.77 -5.41
CA ALA J 146 -50.35 -36.39 -5.26
C ALA J 146 -51.31 -37.54 -5.56
N THR J 147 -51.02 -38.29 -6.63
CA THR J 147 -51.88 -39.41 -7.01
C THR J 147 -52.00 -40.43 -5.89
N ASP J 148 -50.87 -40.74 -5.25
CA ASP J 148 -50.85 -41.74 -4.19
C ASP J 148 -51.44 -41.18 -2.90
N ILE J 149 -51.26 -39.88 -2.70
CA ILE J 149 -51.87 -39.21 -1.55
C ILE J 149 -53.39 -39.35 -1.60
N GLU J 150 -53.95 -39.19 -2.80
CA GLU J 150 -55.39 -39.33 -3.00
C GLU J 150 -55.84 -40.76 -2.69
N ILE J 151 -55.10 -41.74 -3.21
CA ILE J 151 -55.42 -43.14 -2.98
C ILE J 151 -55.52 -43.44 -1.49
N HIS J 152 -54.52 -43.01 -0.74
CA HIS J 152 -54.47 -43.30 0.69
C HIS J 152 -55.42 -42.43 1.52
N ALA J 153 -55.69 -41.21 1.06
CA ALA J 153 -56.68 -40.36 1.71
C ALA J 153 -58.06 -40.98 1.56
N ARG J 154 -58.36 -41.41 0.34
CA ARG J 154 -59.63 -42.08 0.05
C ARG J 154 -59.82 -43.31 0.93
N GLU J 155 -58.75 -44.08 1.10
CA GLU J 155 -58.83 -45.31 1.90
C GLU J 155 -59.11 -45.02 3.37
N ILE J 156 -58.40 -44.07 3.96
CA ILE J 156 -58.61 -43.80 5.38
C ILE J 156 -60.00 -43.21 5.63
N LEU J 157 -60.56 -42.54 4.63
CA LEU J 157 -61.92 -42.02 4.73
C LEU J 157 -62.93 -43.17 4.70
N LYS J 158 -62.67 -44.19 3.89
CA LYS J 158 -63.50 -45.39 3.88
C LYS J 158 -63.42 -46.09 5.23
N VAL J 159 -62.21 -46.20 5.76
CA VAL J 159 -62.00 -46.78 7.08
C VAL J 159 -62.82 -46.04 8.12
N LYS J 160 -62.72 -44.72 8.10
CA LYS J 160 -63.47 -43.86 9.01
C LYS J 160 -64.96 -44.18 8.92
N GLY J 161 -65.46 -44.32 7.70
CA GLY J 161 -66.87 -44.62 7.48
C GLY J 161 -67.27 -45.95 8.11
N ARG J 162 -66.46 -46.97 7.91
CA ARG J 162 -66.74 -48.31 8.45
C ARG J 162 -66.76 -48.31 9.98
N MET J 163 -65.74 -47.72 10.59
CA MET J 163 -65.63 -47.67 12.04
C MET J 163 -66.83 -46.95 12.66
N ASN J 164 -67.28 -45.88 12.01
CA ASN J 164 -68.44 -45.14 12.50
C ASN J 164 -69.72 -45.97 12.39
N GLU J 165 -69.89 -46.68 11.28
CA GLU J 165 -71.03 -47.58 11.10
C GLU J 165 -71.09 -48.61 12.22
N LEU J 166 -69.94 -49.24 12.48
CA LEU J 166 -69.87 -50.29 13.48
C LEU J 166 -70.05 -49.74 14.89
N MET J 167 -69.59 -48.52 15.11
CA MET J 167 -69.83 -47.85 16.38
C MET J 167 -71.32 -47.60 16.57
N ALA J 168 -71.98 -47.14 15.51
CA ALA J 168 -73.42 -46.92 15.54
C ALA J 168 -74.14 -48.23 15.85
N LEU J 169 -73.73 -49.30 15.18
CA LEU J 169 -74.35 -50.61 15.34
C LEU J 169 -74.29 -51.11 16.79
N HIS J 170 -73.12 -50.99 17.40
CA HIS J 170 -72.90 -51.53 18.74
C HIS J 170 -73.42 -50.64 19.88
N THR J 171 -73.45 -49.33 19.65
CA THR J 171 -73.88 -48.40 20.68
C THR J 171 -75.39 -48.14 20.62
N GLY J 172 -75.95 -48.24 19.41
CA GLY J 172 -77.36 -47.92 19.22
C GLY J 172 -77.56 -46.47 18.85
N GLN J 173 -76.47 -45.70 18.85
CA GLN J 173 -76.52 -44.31 18.41
C GLN J 173 -76.71 -44.26 16.90
N SER J 174 -77.23 -43.15 16.41
CA SER J 174 -77.36 -42.95 14.97
C SER J 174 -75.98 -42.72 14.39
N LEU J 175 -75.81 -43.05 13.11
CA LEU J 175 -74.55 -42.81 12.42
C LEU J 175 -74.16 -41.35 12.53
N GLU J 176 -75.14 -40.47 12.37
CA GLU J 176 -74.91 -39.03 12.42
C GLU J 176 -74.38 -38.60 13.79
N GLN J 177 -74.93 -39.18 14.85
CA GLN J 177 -74.48 -38.85 16.20
C GLN J 177 -73.05 -39.31 16.43
N ILE J 178 -72.74 -40.54 15.99
CA ILE J 178 -71.39 -41.05 16.11
C ILE J 178 -70.40 -40.16 15.37
N GLU J 179 -70.77 -39.78 14.15
CA GLU J 179 -69.94 -38.88 13.34
C GLU J 179 -69.66 -37.58 14.08
N ARG J 180 -70.71 -36.99 14.65
CA ARG J 180 -70.58 -35.75 15.42
C ARG J 180 -69.60 -35.91 16.58
N ASP J 181 -69.75 -36.98 17.33
CA ASP J 181 -69.01 -37.17 18.57
C ASP J 181 -67.58 -37.67 18.41
N THR J 182 -67.21 -38.09 17.20
CA THR J 182 -65.88 -38.63 16.98
C THR J 182 -64.94 -37.75 16.13
N GLU J 183 -65.45 -36.62 15.65
CA GLU J 183 -64.61 -35.71 14.87
C GLU J 183 -63.37 -35.28 15.66
N ARG J 184 -63.54 -35.06 16.95
CA ARG J 184 -62.42 -34.76 17.84
C ARG J 184 -62.46 -35.69 19.05
N ASP J 185 -61.32 -35.79 19.73
CA ASP J 185 -61.22 -36.63 20.93
C ASP J 185 -62.40 -36.40 21.86
N ARG J 186 -63.04 -37.49 22.28
CA ARG J 186 -64.17 -37.41 23.20
C ARG J 186 -64.01 -38.39 24.35
N PHE J 187 -63.94 -37.86 25.57
CA PHE J 187 -63.82 -38.72 26.75
C PHE J 187 -65.18 -39.04 27.34
N LEU J 188 -65.30 -40.23 27.93
CA LEU J 188 -66.50 -40.62 28.64
C LEU J 188 -66.14 -41.30 29.95
N SER J 189 -66.76 -40.86 31.04
CA SER J 189 -66.63 -41.56 32.31
C SER J 189 -67.38 -42.89 32.19
N ALA J 190 -67.26 -43.74 33.20
CA ALA J 190 -67.98 -45.00 33.20
C ALA J 190 -69.49 -44.80 33.06
N PRO J 191 -70.07 -43.92 33.89
CA PRO J 191 -71.52 -43.67 33.81
C PRO J 191 -71.93 -43.12 32.45
N GLU J 192 -71.10 -42.24 31.88
CA GLU J 192 -71.38 -41.69 30.56
C GLU J 192 -71.30 -42.75 29.48
N ALA J 193 -70.41 -43.72 29.67
CA ALA J 193 -70.25 -44.82 28.72
C ALA J 193 -71.49 -45.71 28.74
N VAL J 194 -72.06 -45.92 29.92
CA VAL J 194 -73.30 -46.68 30.03
C VAL J 194 -74.43 -45.93 29.33
N GLU J 195 -74.56 -44.64 29.64
CA GLU J 195 -75.60 -43.81 29.03
C GLU J 195 -75.49 -43.75 27.50
N TYR J 196 -74.26 -43.80 27.00
CA TYR J 196 -74.00 -43.66 25.57
C TYR J 196 -74.28 -44.96 24.80
N GLY J 197 -74.35 -46.07 25.53
CA GLY J 197 -74.54 -47.37 24.92
C GLY J 197 -73.23 -48.03 24.54
N LEU J 198 -72.14 -47.47 25.05
CA LEU J 198 -70.81 -47.99 24.76
C LEU J 198 -70.57 -49.28 25.57
N VAL J 199 -70.97 -49.26 26.83
CA VAL J 199 -70.99 -50.46 27.65
C VAL J 199 -72.38 -50.61 28.26
N ASP J 200 -72.62 -51.76 28.89
CA ASP J 200 -73.95 -52.05 29.42
C ASP J 200 -74.11 -51.69 30.89
N SER J 201 -73.02 -51.77 31.64
CA SER J 201 -73.09 -51.43 33.06
C SER J 201 -71.72 -51.28 33.71
N ILE J 202 -71.73 -50.73 34.92
CA ILE J 202 -70.53 -50.57 35.71
C ILE J 202 -70.39 -51.72 36.69
N LEU J 203 -69.21 -52.33 36.72
CA LEU J 203 -68.95 -53.43 37.65
C LEU J 203 -68.53 -52.91 39.01
N THR J 204 -69.31 -53.26 40.03
CA THR J 204 -69.00 -52.88 41.40
C THR J 204 -69.04 -54.10 42.32
N HIS J 205 -68.54 -53.93 43.53
CA HIS J 205 -68.46 -55.00 44.53
C HIS J 205 -69.38 -56.18 44.19
N ARG J 206 -70.68 -55.94 44.28
CA ARG J 206 -71.69 -56.95 43.95
C ARG J 206 -71.60 -58.20 44.85
N ASN J 207 -72.71 -58.55 45.46
CA ASN J 207 -72.75 -59.66 46.40
C ASN J 207 -73.60 -60.81 45.88
N LEU K 16 -30.77 -62.15 39.47
CA LEU K 16 -32.05 -62.86 39.31
C LEU K 16 -32.88 -62.95 40.60
N VAL K 17 -34.07 -63.56 40.52
CA VAL K 17 -34.91 -63.79 41.69
C VAL K 17 -34.63 -65.15 42.31
N PRO K 18 -34.24 -65.17 43.60
CA PRO K 18 -33.87 -66.40 44.29
C PRO K 18 -34.99 -67.43 44.25
N MET K 19 -34.62 -68.71 44.15
CA MET K 19 -35.59 -69.79 44.21
C MET K 19 -35.68 -70.29 45.64
N VAL K 20 -36.86 -70.75 46.03
CA VAL K 20 -37.08 -71.24 47.38
C VAL K 20 -37.83 -72.57 47.37
N PHE K 31 -40.32 -72.70 43.76
CA PHE K 31 -40.86 -71.37 43.52
C PHE K 31 -39.77 -70.30 43.51
N ASP K 32 -40.08 -69.17 42.88
CA ASP K 32 -39.26 -67.97 43.04
C ASP K 32 -39.86 -67.16 44.19
N ILE K 33 -39.05 -66.32 44.82
CA ILE K 33 -39.44 -65.66 46.07
C ILE K 33 -40.82 -64.97 46.02
N TYR K 34 -41.10 -64.26 44.94
CA TYR K 34 -42.35 -63.51 44.84
C TYR K 34 -43.57 -64.43 44.68
N SER K 35 -43.42 -65.49 43.91
CA SER K 35 -44.48 -66.50 43.79
C SER K 35 -44.72 -67.13 45.16
N ARG K 36 -43.64 -67.32 45.91
CA ARG K 36 -43.73 -67.92 47.23
C ARG K 36 -44.53 -67.06 48.18
N LEU K 37 -44.34 -65.75 48.10
CA LEU K 37 -45.07 -64.82 48.95
C LEU K 37 -46.51 -64.64 48.46
N LEU K 38 -46.72 -64.75 47.16
CA LEU K 38 -48.06 -64.69 46.60
C LEU K 38 -48.93 -65.81 47.15
N LYS K 39 -48.31 -66.95 47.43
CA LYS K 39 -49.02 -68.09 47.99
C LYS K 39 -49.61 -67.73 49.35
N GLU K 40 -49.02 -66.74 50.00
CA GLU K 40 -49.51 -66.27 51.29
C GLU K 40 -50.29 -64.96 51.14
N ARG K 41 -50.74 -64.68 49.91
CA ARG K 41 -51.60 -63.55 49.63
C ARG K 41 -50.92 -62.19 49.77
N VAL K 42 -49.61 -62.17 49.54
CA VAL K 42 -48.85 -60.92 49.53
C VAL K 42 -48.48 -60.51 48.11
N ILE K 43 -48.85 -59.29 47.75
CA ILE K 43 -48.53 -58.74 46.43
C ILE K 43 -47.63 -57.52 46.60
N PHE K 44 -46.64 -57.39 45.73
CA PHE K 44 -45.75 -56.23 45.76
C PHE K 44 -46.08 -55.21 44.69
N LEU K 45 -46.15 -53.95 45.09
CA LEU K 45 -46.26 -52.84 44.17
C LEU K 45 -44.93 -52.08 44.28
N THR K 46 -44.08 -52.24 43.28
CA THR K 46 -42.70 -51.80 43.39
C THR K 46 -42.28 -50.88 42.24
N GLY K 47 -41.83 -49.68 42.58
CA GLY K 47 -41.34 -48.75 41.57
C GLY K 47 -42.44 -48.06 40.79
N GLN K 48 -42.10 -47.63 39.58
CA GLN K 48 -43.01 -46.87 38.73
C GLN K 48 -44.33 -47.57 38.45
N VAL K 49 -45.43 -46.85 38.62
CA VAL K 49 -46.74 -47.35 38.25
C VAL K 49 -46.97 -47.16 36.75
N GLU K 50 -47.18 -48.27 36.05
CA GLU K 50 -47.49 -48.23 34.63
C GLU K 50 -48.26 -49.47 34.23
N ASP K 51 -48.78 -49.47 33.00
CA ASP K 51 -49.73 -50.49 32.55
C ASP K 51 -49.34 -51.94 32.88
N HIS K 52 -48.14 -52.35 32.51
CA HIS K 52 -47.77 -53.76 32.63
C HIS K 52 -47.59 -54.24 34.08
N MET K 53 -46.91 -53.46 34.90
CA MET K 53 -46.78 -53.82 36.32
C MET K 53 -48.15 -53.76 36.99
N ALA K 54 -49.00 -52.84 36.52
CA ALA K 54 -50.33 -52.67 37.08
C ALA K 54 -51.25 -53.83 36.73
N ASN K 55 -51.25 -54.20 35.46
CA ASN K 55 -52.08 -55.32 35.01
C ASN K 55 -51.70 -56.61 35.71
N LEU K 56 -50.41 -56.76 35.99
CA LEU K 56 -49.92 -57.93 36.70
C LEU K 56 -50.47 -57.94 38.13
N ILE K 57 -50.57 -56.77 38.74
CA ILE K 57 -51.12 -56.66 40.08
C ILE K 57 -52.62 -56.98 40.08
N VAL K 58 -53.31 -56.48 39.07
CA VAL K 58 -54.73 -56.78 38.91
C VAL K 58 -54.95 -58.29 38.80
N ALA K 59 -54.16 -58.94 37.94
CA ALA K 59 -54.26 -60.38 37.75
C ALA K 59 -54.03 -61.14 39.04
N GLN K 60 -53.05 -60.69 39.83
CA GLN K 60 -52.76 -61.31 41.11
C GLN K 60 -53.92 -61.19 42.08
N MET K 61 -54.55 -60.02 42.13
CA MET K 61 -55.67 -59.78 43.01
C MET K 61 -56.86 -60.67 42.66
N LEU K 62 -57.19 -60.72 41.37
CA LEU K 62 -58.29 -61.56 40.90
C LEU K 62 -58.04 -63.03 41.22
N PHE K 63 -56.78 -63.46 41.03
CA PHE K 63 -56.40 -64.84 41.31
C PHE K 63 -56.60 -65.16 42.79
N LEU K 64 -56.13 -64.25 43.65
CA LEU K 64 -56.27 -64.45 45.09
C LEU K 64 -57.74 -64.49 45.52
N GLU K 65 -58.57 -63.62 44.95
CA GLU K 65 -59.99 -63.65 45.27
C GLU K 65 -60.61 -65.00 44.89
N ALA K 66 -60.20 -65.53 43.75
CA ALA K 66 -60.70 -66.81 43.27
C ALA K 66 -60.34 -67.94 44.23
N GLU K 67 -59.09 -67.95 44.69
CA GLU K 67 -58.63 -68.95 45.66
C GLU K 67 -59.43 -68.87 46.94
N ASN K 68 -59.40 -67.70 47.58
CA ASN K 68 -60.24 -67.44 48.76
C ASN K 68 -60.83 -66.04 48.70
N PRO K 69 -62.16 -65.96 48.58
CA PRO K 69 -62.90 -64.70 48.48
C PRO K 69 -63.00 -63.94 49.80
N GLU K 70 -62.74 -64.58 50.94
CA GLU K 70 -62.92 -63.92 52.23
C GLU K 70 -61.62 -63.40 52.87
N LYS K 71 -60.53 -64.10 52.63
CA LYS K 71 -59.27 -63.81 53.31
C LYS K 71 -58.65 -62.49 52.86
N ASP K 72 -58.01 -61.81 53.80
CA ASP K 72 -57.33 -60.55 53.51
C ASP K 72 -56.24 -60.73 52.46
N ILE K 73 -56.07 -59.73 51.62
CA ILE K 73 -54.96 -59.67 50.67
C ILE K 73 -54.02 -58.55 51.09
N TYR K 74 -52.73 -58.71 50.84
CA TYR K 74 -51.76 -57.72 51.28
C TYR K 74 -50.99 -57.08 50.14
N LEU K 75 -51.04 -55.75 50.08
CA LEU K 75 -50.37 -54.99 49.04
C LEU K 75 -49.23 -54.16 49.63
N TYR K 76 -47.99 -54.62 49.42
CA TYR K 76 -46.82 -53.92 49.92
C TYR K 76 -46.34 -52.88 48.92
N ILE K 77 -46.42 -51.62 49.31
CA ILE K 77 -46.19 -50.51 48.40
C ILE K 77 -44.86 -49.78 48.66
N ASN K 78 -44.00 -49.79 47.65
CA ASN K 78 -42.80 -48.94 47.61
C ASN K 78 -42.70 -48.32 46.23
N SER K 79 -43.29 -47.13 46.07
CA SER K 79 -43.46 -46.55 44.74
C SER K 79 -43.48 -45.02 44.73
N PRO K 80 -42.90 -44.42 43.69
CA PRO K 80 -42.90 -42.97 43.48
C PRO K 80 -44.16 -42.51 42.75
N GLY K 81 -45.05 -43.46 42.45
CA GLY K 81 -46.26 -43.16 41.71
C GLY K 81 -46.09 -43.48 40.24
N GLY K 82 -46.94 -42.89 39.40
CA GLY K 82 -46.86 -43.12 37.97
C GLY K 82 -48.13 -42.79 37.21
N VAL K 83 -48.45 -43.61 36.21
CA VAL K 83 -49.58 -43.37 35.32
C VAL K 83 -50.92 -43.53 36.06
N ILE K 84 -51.78 -42.52 35.94
CA ILE K 84 -53.03 -42.52 36.68
C ILE K 84 -54.01 -43.61 36.26
N THR K 85 -54.23 -43.77 34.96
CA THR K 85 -55.16 -44.81 34.50
C THR K 85 -54.68 -46.20 34.94
N ALA K 86 -53.38 -46.43 34.89
CA ALA K 86 -52.80 -47.68 35.35
C ALA K 86 -53.09 -47.89 36.83
N GLY K 87 -52.90 -46.84 37.62
CA GLY K 87 -53.18 -46.91 39.04
C GLY K 87 -54.64 -47.15 39.33
N MET K 88 -55.52 -46.54 38.53
CA MET K 88 -56.95 -46.66 38.74
C MET K 88 -57.47 -48.06 38.42
N SER K 89 -56.76 -48.79 37.57
CA SER K 89 -57.11 -50.17 37.30
C SER K 89 -56.90 -50.99 38.57
N ILE K 90 -55.86 -50.65 39.31
CA ILE K 90 -55.59 -51.31 40.58
C ILE K 90 -56.58 -50.88 41.66
N TYR K 91 -56.86 -49.58 41.72
CA TYR K 91 -57.81 -49.06 42.70
C TYR K 91 -59.18 -49.73 42.55
N ASP K 92 -59.71 -49.73 41.32
CA ASP K 92 -61.02 -50.30 41.06
C ASP K 92 -61.06 -51.79 41.36
N THR K 93 -59.96 -52.49 41.09
CA THR K 93 -59.88 -53.91 41.41
C THR K 93 -59.91 -54.12 42.92
N MET K 94 -59.18 -53.26 43.64
CA MET K 94 -59.17 -53.30 45.10
C MET K 94 -60.58 -53.15 45.66
N GLN K 95 -61.32 -52.18 45.13
CA GLN K 95 -62.67 -51.90 45.62
C GLN K 95 -63.66 -52.98 45.18
N PHE K 96 -63.41 -53.60 44.03
CA PHE K 96 -64.34 -54.60 43.51
C PHE K 96 -64.33 -55.91 44.30
N ILE K 97 -63.14 -56.47 44.49
CA ILE K 97 -63.02 -57.80 45.11
C ILE K 97 -63.51 -57.83 46.55
N LYS K 98 -64.00 -58.99 46.97
CA LYS K 98 -64.54 -59.16 48.33
C LYS K 98 -63.49 -59.07 49.43
N PRO K 99 -62.31 -59.67 49.21
CA PRO K 99 -61.28 -59.58 50.25
C PRO K 99 -60.93 -58.12 50.57
N ASP K 100 -60.67 -57.84 51.84
CA ASP K 100 -60.10 -56.57 52.23
C ASP K 100 -58.67 -56.52 51.70
N VAL K 101 -58.30 -55.41 51.06
CA VAL K 101 -56.91 -55.24 50.65
C VAL K 101 -56.18 -54.38 51.68
N SER K 102 -55.32 -55.03 52.46
CA SER K 102 -54.52 -54.35 53.46
C SER K 102 -53.26 -53.81 52.80
N THR K 103 -52.94 -52.54 53.06
CA THR K 103 -51.81 -51.90 52.43
C THR K 103 -50.71 -51.53 53.42
N ILE K 104 -49.46 -51.70 53.00
CA ILE K 104 -48.32 -51.33 53.82
C ILE K 104 -47.33 -50.47 53.01
N CYS K 105 -46.96 -49.32 53.59
CA CYS K 105 -46.00 -48.44 52.96
C CYS K 105 -44.59 -48.75 53.43
N MET K 106 -43.74 -49.18 52.51
CA MET K 106 -42.33 -49.42 52.81
C MET K 106 -41.47 -48.48 51.98
N GLY K 107 -40.61 -47.72 52.65
CA GLY K 107 -39.76 -46.76 51.96
C GLY K 107 -40.54 -45.50 51.61
N GLN K 108 -41.26 -45.56 50.49
CA GLN K 108 -42.10 -44.44 50.10
C GLN K 108 -43.38 -44.87 49.38
N ALA K 109 -44.40 -44.04 49.51
CA ALA K 109 -45.60 -44.13 48.71
C ALA K 109 -45.95 -42.71 48.27
N ALA K 110 -45.62 -42.38 47.03
CA ALA K 110 -45.80 -41.03 46.54
C ALA K 110 -46.78 -40.97 45.38
N SER K 111 -47.56 -39.90 45.33
CA SER K 111 -48.52 -39.68 44.25
C SER K 111 -49.49 -40.85 44.16
N MET K 112 -49.64 -41.42 42.97
CA MET K 112 -50.52 -42.57 42.79
C MET K 112 -50.22 -43.68 43.81
N GLY K 113 -48.95 -43.79 44.20
CA GLY K 113 -48.56 -44.75 45.20
C GLY K 113 -49.22 -44.43 46.54
N ALA K 114 -49.24 -43.14 46.88
CA ALA K 114 -49.89 -42.68 48.10
C ALA K 114 -51.39 -42.93 48.01
N PHE K 115 -51.93 -42.70 46.82
CA PHE K 115 -53.35 -42.91 46.59
C PHE K 115 -53.76 -44.35 46.83
N LEU K 116 -52.99 -45.29 46.30
CA LEU K 116 -53.31 -46.71 46.46
C LEU K 116 -53.11 -47.17 47.90
N LEU K 117 -52.17 -46.55 48.59
CA LEU K 117 -51.94 -46.84 50.01
C LEU K 117 -53.19 -46.50 50.84
N THR K 118 -53.70 -45.30 50.65
CA THR K 118 -54.85 -44.83 51.41
C THR K 118 -56.13 -45.54 50.97
N ALA K 119 -56.09 -46.15 49.78
CA ALA K 119 -57.25 -46.84 49.23
C ALA K 119 -57.48 -48.19 49.89
N GLY K 120 -56.52 -48.62 50.70
CA GLY K 120 -56.63 -49.89 51.40
C GLY K 120 -57.82 -49.94 52.35
N ALA K 121 -58.18 -51.15 52.77
CA ALA K 121 -59.32 -51.35 53.67
C ALA K 121 -59.12 -50.59 54.97
N LYS K 122 -60.14 -49.83 55.37
CA LYS K 122 -60.06 -49.00 56.58
C LYS K 122 -59.68 -49.84 57.79
N GLY K 123 -58.72 -49.35 58.57
CA GLY K 123 -58.23 -50.06 59.73
C GLY K 123 -57.06 -50.95 59.40
N LYS K 124 -56.83 -51.20 58.11
CA LYS K 124 -55.80 -52.12 57.68
C LYS K 124 -54.75 -51.46 56.77
N ARG K 125 -54.58 -50.14 56.94
CA ARG K 125 -53.58 -49.40 56.19
C ARG K 125 -52.42 -49.03 57.11
N PHE K 126 -51.20 -49.40 56.73
CA PHE K 126 -50.04 -49.21 57.60
C PHE K 126 -48.90 -48.45 56.94
N CYS K 127 -48.15 -47.73 57.76
CA CYS K 127 -46.85 -47.18 57.37
C CYS K 127 -45.80 -47.82 58.24
N LEU K 128 -44.68 -48.23 57.64
CA LEU K 128 -43.52 -48.63 58.43
C LEU K 128 -42.94 -47.35 59.04
N PRO K 129 -42.30 -47.47 60.21
CA PRO K 129 -41.90 -46.32 61.03
C PRO K 129 -41.17 -45.20 60.28
N ASN K 130 -40.33 -45.56 59.30
CA ASN K 130 -39.53 -44.54 58.62
C ASN K 130 -39.86 -44.40 57.13
N SER K 131 -41.02 -44.92 56.72
CA SER K 131 -41.50 -44.71 55.38
C SER K 131 -42.08 -43.31 55.29
N ARG K 132 -42.20 -42.77 54.09
CA ARG K 132 -42.81 -41.46 53.93
C ARG K 132 -43.85 -41.45 52.82
N VAL K 133 -44.73 -40.46 52.85
CA VAL K 133 -45.77 -40.32 51.86
C VAL K 133 -45.69 -38.94 51.24
N MET K 134 -46.08 -38.84 49.97
CA MET K 134 -46.19 -37.54 49.32
C MET K 134 -47.43 -37.50 48.44
N ILE K 135 -48.20 -36.42 48.57
CA ILE K 135 -49.40 -36.26 47.77
C ILE K 135 -49.28 -35.00 46.91
N HIS K 136 -50.00 -34.98 45.80
CA HIS K 136 -50.08 -33.81 44.94
C HIS K 136 -51.21 -33.97 43.91
N GLN K 137 -51.26 -33.07 42.94
CA GLN K 137 -52.31 -33.11 41.91
C GLN K 137 -51.79 -33.74 40.62
N PRO K 138 -52.71 -34.14 39.73
CA PRO K 138 -52.31 -34.80 38.48
C PRO K 138 -51.36 -33.96 37.64
N LEU K 139 -50.42 -34.64 36.98
CA LEU K 139 -49.53 -34.01 36.02
C LEU K 139 -49.92 -34.48 34.62
N GLY K 140 -49.86 -33.57 33.65
CA GLY K 140 -50.24 -33.93 32.30
C GLY K 140 -49.57 -33.06 31.25
N GLY K 141 -49.95 -33.25 30.01
CA GLY K 141 -49.37 -32.50 28.91
C GLY K 141 -50.04 -32.82 27.59
N TYR K 142 -50.28 -31.79 26.81
CA TYR K 142 -50.83 -31.96 25.48
C TYR K 142 -50.32 -30.86 24.58
N GLN K 143 -50.37 -31.10 23.28
CA GLN K 143 -50.03 -30.06 22.32
C GLN K 143 -50.85 -30.26 21.05
N GLY K 144 -51.21 -29.15 20.42
CA GLY K 144 -52.07 -29.17 19.25
C GLY K 144 -52.96 -27.95 19.18
N GLN K 145 -54.07 -28.06 18.45
CA GLN K 145 -55.01 -26.95 18.32
C GLN K 145 -55.62 -26.56 19.66
N ALA K 146 -55.99 -25.30 19.79
CA ALA K 146 -56.59 -24.80 21.02
C ALA K 146 -57.84 -25.60 21.38
N THR K 147 -58.63 -25.96 20.39
CA THR K 147 -59.85 -26.73 20.62
C THR K 147 -59.52 -28.03 21.33
N ASP K 148 -58.48 -28.71 20.85
CA ASP K 148 -58.06 -29.99 21.43
C ASP K 148 -57.40 -29.78 22.78
N ILE K 149 -56.66 -28.68 22.92
CA ILE K 149 -56.06 -28.35 24.20
C ILE K 149 -57.15 -28.23 25.27
N GLU K 150 -58.25 -27.57 24.94
CA GLU K 150 -59.33 -27.41 25.91
C GLU K 150 -59.98 -28.75 26.26
N ILE K 151 -60.15 -29.60 25.25
CA ILE K 151 -60.74 -30.92 25.48
C ILE K 151 -59.91 -31.71 26.49
N HIS K 152 -58.60 -31.71 26.29
CA HIS K 152 -57.70 -32.49 27.15
C HIS K 152 -57.46 -31.82 28.51
N ALA K 153 -57.50 -30.50 28.53
CA ALA K 153 -57.40 -29.77 29.79
C ALA K 153 -58.61 -30.07 30.66
N ARG K 154 -59.79 -30.01 30.05
CA ARG K 154 -61.03 -30.32 30.76
C ARG K 154 -61.00 -31.75 31.31
N GLU K 155 -60.42 -32.67 30.55
CA GLU K 155 -60.33 -34.06 30.99
C GLU K 155 -59.42 -34.24 32.21
N ILE K 156 -58.23 -33.66 32.18
CA ILE K 156 -57.32 -33.83 33.31
C ILE K 156 -57.87 -33.12 34.56
N LEU K 157 -58.65 -32.07 34.35
CA LEU K 157 -59.28 -31.37 35.46
C LEU K 157 -60.39 -32.24 36.07
N LYS K 158 -61.09 -32.99 35.24
CA LYS K 158 -62.05 -33.98 35.73
C LYS K 158 -61.35 -35.01 36.59
N VAL K 159 -60.24 -35.53 36.08
CA VAL K 159 -59.44 -36.50 36.81
C VAL K 159 -59.04 -35.95 38.18
N LYS K 160 -58.56 -34.72 38.17
CA LYS K 160 -58.16 -34.05 39.40
C LYS K 160 -59.32 -34.02 40.41
N GLY K 161 -60.50 -33.67 39.91
CA GLY K 161 -61.69 -33.61 40.76
C GLY K 161 -62.02 -34.96 41.37
N ARG K 162 -61.97 -36.01 40.55
CA ARG K 162 -62.27 -37.36 41.02
C ARG K 162 -61.26 -37.83 42.05
N MET K 163 -59.98 -37.58 41.79
CA MET K 163 -58.93 -37.99 42.72
C MET K 163 -59.09 -37.29 44.06
N ASN K 164 -59.45 -36.01 44.02
CA ASN K 164 -59.69 -35.25 45.25
C ASN K 164 -60.89 -35.83 46.02
N GLU K 165 -61.95 -36.16 45.30
CA GLU K 165 -63.12 -36.77 45.92
C GLU K 165 -62.76 -38.07 46.63
N LEU K 166 -61.99 -38.92 45.96
CA LEU K 166 -61.63 -40.22 46.51
C LEU K 166 -60.65 -40.10 47.67
N MET K 167 -59.77 -39.10 47.61
CA MET K 167 -58.85 -38.85 48.71
C MET K 167 -59.62 -38.39 49.95
N ALA K 168 -60.60 -37.52 49.74
CA ALA K 168 -61.45 -37.04 50.83
C ALA K 168 -62.16 -38.24 51.47
N LEU K 169 -62.73 -39.09 50.62
CA LEU K 169 -63.45 -40.28 51.09
C LEU K 169 -62.58 -41.17 51.97
N HIS K 170 -61.37 -41.49 51.49
CA HIS K 170 -60.52 -42.46 52.16
C HIS K 170 -59.75 -41.92 53.37
N THR K 171 -59.49 -40.61 53.37
CA THR K 171 -58.73 -40.01 54.48
C THR K 171 -59.66 -39.52 55.59
N GLY K 172 -60.84 -39.06 55.21
CA GLY K 172 -61.77 -38.49 56.18
C GLY K 172 -61.65 -36.98 56.22
N GLN K 173 -60.67 -36.45 55.48
CA GLN K 173 -60.51 -35.00 55.36
C GLN K 173 -61.64 -34.46 54.50
N SER K 174 -61.97 -33.19 54.70
CA SER K 174 -62.97 -32.55 53.85
C SER K 174 -62.43 -32.42 52.44
N LEU K 175 -63.32 -32.30 51.46
CA LEU K 175 -62.91 -32.11 50.08
C LEU K 175 -62.07 -30.84 49.98
N GLU K 176 -62.50 -29.80 50.70
CA GLU K 176 -61.84 -28.51 50.69
C GLU K 176 -60.40 -28.62 51.20
N GLN K 177 -60.22 -29.36 52.29
CA GLN K 177 -58.89 -29.54 52.86
C GLN K 177 -57.99 -30.30 51.89
N ILE K 178 -58.53 -31.34 51.28
CA ILE K 178 -57.79 -32.10 50.27
C ILE K 178 -57.39 -31.18 49.12
N GLU K 179 -58.33 -30.39 48.64
CA GLU K 179 -58.07 -29.44 47.56
C GLU K 179 -56.88 -28.54 47.91
N ARG K 180 -56.90 -27.98 49.11
CA ARG K 180 -55.82 -27.10 49.55
C ARG K 180 -54.48 -27.81 49.67
N ASP K 181 -54.51 -29.03 50.21
CA ASP K 181 -53.29 -29.73 50.56
C ASP K 181 -52.57 -30.40 49.39
N THR K 182 -53.24 -30.51 48.25
CA THR K 182 -52.66 -31.22 47.11
C THR K 182 -52.32 -30.33 45.91
N GLU K 183 -52.46 -29.02 46.06
CA GLU K 183 -52.08 -28.10 44.99
C GLU K 183 -50.59 -28.22 44.70
N ARG K 184 -49.81 -28.40 45.75
CA ARG K 184 -48.37 -28.59 45.61
C ARG K 184 -47.92 -29.83 46.37
N ASP K 185 -46.75 -30.36 45.99
CA ASP K 185 -46.19 -31.51 46.66
C ASP K 185 -46.26 -31.33 48.18
N ARG K 186 -46.79 -32.34 48.85
CA ARG K 186 -46.90 -32.34 50.31
C ARG K 186 -46.37 -33.65 50.86
N PHE K 187 -45.33 -33.57 51.68
CA PHE K 187 -44.75 -34.76 52.29
C PHE K 187 -45.38 -35.01 53.65
N LEU K 188 -45.58 -36.29 53.97
CA LEU K 188 -46.04 -36.69 55.29
C LEU K 188 -45.18 -37.82 55.83
N SER K 189 -44.65 -37.62 57.03
CA SER K 189 -43.96 -38.70 57.73
C SER K 189 -45.00 -39.73 58.13
N ALA K 190 -44.55 -40.88 58.62
CA ALA K 190 -45.47 -41.93 59.02
C ALA K 190 -46.49 -41.45 60.07
N PRO K 191 -46.00 -40.80 61.15
CA PRO K 191 -46.92 -40.31 62.18
C PRO K 191 -47.88 -39.27 61.62
N GLU K 192 -47.38 -38.44 60.70
CA GLU K 192 -48.22 -37.43 60.07
C GLU K 192 -49.26 -38.09 59.17
N ALA K 193 -48.87 -39.19 58.54
CA ALA K 193 -49.78 -39.93 57.67
C ALA K 193 -50.93 -40.53 58.49
N VAL K 194 -50.61 -41.03 59.67
CA VAL K 194 -51.64 -41.53 60.58
C VAL K 194 -52.59 -40.41 60.95
N GLU K 195 -52.03 -39.28 61.38
CA GLU K 195 -52.82 -38.13 61.81
C GLU K 195 -53.71 -37.59 60.70
N TYR K 196 -53.26 -37.71 59.46
CA TYR K 196 -53.98 -37.15 58.32
C TYR K 196 -55.13 -38.06 57.89
N GLY K 197 -55.05 -39.32 58.30
CA GLY K 197 -56.06 -40.30 57.92
C GLY K 197 -55.68 -41.06 56.66
N LEU K 198 -54.46 -40.85 56.19
CA LEU K 198 -53.95 -41.54 55.02
C LEU K 198 -53.75 -43.03 55.32
N VAL K 199 -53.19 -43.32 56.49
CA VAL K 199 -53.10 -44.69 56.97
C VAL K 199 -53.74 -44.78 58.35
N ASP K 200 -53.87 -46.00 58.85
CA ASP K 200 -54.53 -46.23 60.13
C ASP K 200 -53.55 -46.28 61.30
N SER K 201 -52.35 -46.80 61.04
CA SER K 201 -51.35 -46.88 62.10
C SER K 201 -49.95 -47.20 61.57
N ILE K 202 -48.97 -47.04 62.45
CA ILE K 202 -47.59 -47.39 62.14
C ILE K 202 -47.31 -48.82 62.60
N LEU K 203 -46.68 -49.61 61.72
CA LEU K 203 -46.33 -50.99 62.06
C LEU K 203 -45.17 -51.03 63.04
N THR K 204 -45.44 -51.43 64.28
CA THR K 204 -44.40 -51.60 65.28
C THR K 204 -44.13 -53.08 65.51
N HIS K 205 -42.96 -53.38 66.07
CA HIS K 205 -42.54 -54.76 66.32
C HIS K 205 -43.69 -55.62 66.84
N VAL L 17 -24.60 -67.50 36.90
CA VAL L 17 -24.71 -68.05 38.25
C VAL L 17 -24.61 -69.57 38.24
N PRO L 18 -23.54 -70.10 38.85
CA PRO L 18 -23.33 -71.56 38.89
C PRO L 18 -24.42 -72.27 39.68
N MET L 19 -24.58 -73.55 39.43
CA MET L 19 -25.57 -74.34 40.14
C MET L 19 -24.87 -75.32 41.09
N VAL L 20 -25.54 -75.72 42.15
CA VAL L 20 -24.93 -76.60 43.13
C VAL L 20 -25.88 -77.73 43.55
N ILE L 21 -25.31 -78.83 44.02
CA ILE L 21 -26.11 -79.98 44.48
C ILE L 21 -26.21 -80.04 46.01
N GLU L 22 -27.29 -80.65 46.49
CA GLU L 22 -27.56 -80.76 47.91
C GLU L 22 -27.68 -82.23 48.34
N ARG L 29 -30.74 -82.83 44.60
CA ARG L 29 -31.38 -81.57 44.22
C ARG L 29 -30.35 -80.58 43.68
N SER L 30 -30.83 -79.60 42.91
CA SER L 30 -29.95 -78.60 42.30
C SER L 30 -30.45 -77.17 42.50
N PHE L 31 -29.54 -76.27 42.82
CA PHE L 31 -29.87 -74.89 43.10
C PHE L 31 -28.86 -73.93 42.48
N ASP L 32 -29.29 -72.73 42.11
CA ASP L 32 -28.33 -71.68 41.82
C ASP L 32 -27.72 -71.30 43.16
N ILE L 33 -26.47 -70.82 43.14
CA ILE L 33 -25.70 -70.70 44.37
C ILE L 33 -26.28 -69.71 45.39
N TYR L 34 -26.93 -68.66 44.91
CA TYR L 34 -27.52 -67.68 45.82
C TYR L 34 -28.75 -68.24 46.54
N SER L 35 -29.55 -69.00 45.82
CA SER L 35 -30.71 -69.66 46.42
C SER L 35 -30.26 -70.65 47.48
N ARG L 36 -29.14 -71.32 47.22
CA ARG L 36 -28.58 -72.28 48.16
C ARG L 36 -28.16 -71.59 49.45
N LEU L 37 -27.46 -70.47 49.34
CA LEU L 37 -27.03 -69.72 50.50
C LEU L 37 -28.21 -69.14 51.26
N LEU L 38 -29.26 -68.76 50.54
CA LEU L 38 -30.49 -68.28 51.16
C LEU L 38 -31.07 -69.38 52.04
N LYS L 39 -30.92 -70.63 51.60
CA LYS L 39 -31.37 -71.77 52.38
C LYS L 39 -30.73 -71.75 53.76
N GLU L 40 -29.49 -71.24 53.83
CA GLU L 40 -28.79 -71.14 55.11
C GLU L 40 -28.98 -69.77 55.75
N ARG L 41 -29.99 -69.05 55.28
CA ARG L 41 -30.39 -67.77 55.86
C ARG L 41 -29.38 -66.64 55.60
N VAL L 42 -28.70 -66.73 54.46
CA VAL L 42 -27.77 -65.69 54.03
C VAL L 42 -28.36 -64.88 52.88
N ILE L 43 -28.44 -63.56 53.08
CA ILE L 43 -28.94 -62.65 52.04
C ILE L 43 -27.83 -61.69 51.63
N PHE L 44 -27.64 -61.53 50.31
CA PHE L 44 -26.64 -60.62 49.80
C PHE L 44 -27.23 -59.26 49.41
N LEU L 45 -26.58 -58.20 49.87
CA LEU L 45 -26.89 -56.84 49.42
C LEU L 45 -25.69 -56.37 48.62
N THR L 46 -25.82 -56.37 47.30
CA THR L 46 -24.69 -56.15 46.42
C THR L 46 -24.93 -55.02 45.43
N GLY L 47 -24.02 -54.06 45.39
CA GLY L 47 -24.10 -52.96 44.45
C GLY L 47 -25.07 -51.86 44.87
N GLN L 48 -25.54 -51.12 43.87
CA GLN L 48 -26.35 -49.93 44.08
C GLN L 48 -27.71 -50.22 44.72
N VAL L 49 -28.02 -49.49 45.79
CA VAL L 49 -29.31 -49.64 46.45
C VAL L 49 -30.42 -48.92 45.69
N GLU L 50 -31.44 -49.67 45.28
CA GLU L 50 -32.59 -49.09 44.60
C GLU L 50 -33.83 -49.94 44.81
N ASP L 51 -34.98 -49.41 44.40
CA ASP L 51 -36.29 -50.01 44.69
C ASP L 51 -36.39 -51.52 44.51
N HIS L 52 -35.97 -52.01 43.35
CA HIS L 52 -36.20 -53.41 43.01
C HIS L 52 -35.29 -54.38 43.76
N MET L 53 -34.01 -54.06 43.86
CA MET L 53 -33.07 -54.89 44.60
C MET L 53 -33.40 -54.85 46.09
N ALA L 54 -33.89 -53.70 46.54
CA ALA L 54 -34.26 -53.52 47.94
C ALA L 54 -35.48 -54.38 48.27
N ASN L 55 -36.49 -54.32 47.41
CA ASN L 55 -37.71 -55.08 47.60
C ASN L 55 -37.43 -56.58 47.62
N LEU L 56 -36.47 -57.01 46.81
CA LEU L 56 -36.08 -58.40 46.75
C LEU L 56 -35.48 -58.83 48.09
N ILE L 57 -34.77 -57.91 48.73
CA ILE L 57 -34.17 -58.18 50.03
C ILE L 57 -35.24 -58.22 51.11
N VAL L 58 -36.20 -57.31 51.03
CA VAL L 58 -37.32 -57.31 51.96
C VAL L 58 -38.07 -58.64 51.91
N ALA L 59 -38.39 -59.08 50.68
CA ALA L 59 -39.10 -60.34 50.48
C ALA L 59 -38.32 -61.51 51.09
N GLN L 60 -37.01 -61.54 50.85
CA GLN L 60 -36.16 -62.59 51.40
C GLN L 60 -36.20 -62.61 52.92
N MET L 61 -36.17 -61.42 53.52
CA MET L 61 -36.20 -61.31 54.98
C MET L 61 -37.52 -61.83 55.55
N LEU L 62 -38.63 -61.44 54.95
CA LEU L 62 -39.94 -61.87 55.41
C LEU L 62 -40.08 -63.38 55.25
N PHE L 63 -39.51 -63.93 54.18
CA PHE L 63 -39.55 -65.36 53.93
C PHE L 63 -38.78 -66.13 55.00
N LEU L 64 -37.59 -65.64 55.35
CA LEU L 64 -36.76 -66.29 56.35
C LEU L 64 -37.38 -66.23 57.74
N GLU L 65 -38.09 -65.14 58.03
CA GLU L 65 -38.75 -65.00 59.33
C GLU L 65 -39.92 -65.96 59.46
N ALA L 66 -40.69 -66.09 58.40
CA ALA L 66 -41.85 -66.99 58.39
C ALA L 66 -41.36 -68.43 58.46
N GLU L 67 -40.13 -68.64 58.01
CA GLU L 67 -39.53 -69.96 57.97
C GLU L 67 -38.98 -70.38 59.33
N ASN L 68 -38.31 -69.45 60.00
CA ASN L 68 -38.01 -69.60 61.43
C ASN L 68 -37.81 -68.23 62.06
N PRO L 69 -38.75 -67.84 62.92
CA PRO L 69 -38.77 -66.54 63.60
C PRO L 69 -37.66 -66.41 64.65
N GLU L 70 -36.98 -67.51 64.96
CA GLU L 70 -36.03 -67.49 66.08
C GLU L 70 -34.57 -67.39 65.64
N LYS L 71 -34.27 -67.90 64.45
CA LYS L 71 -32.87 -68.01 64.00
C LYS L 71 -32.38 -66.72 63.34
N ASP L 72 -31.10 -66.42 63.51
CA ASP L 72 -30.51 -65.21 62.95
C ASP L 72 -30.55 -65.22 61.43
N ILE L 73 -30.65 -64.03 60.84
CA ILE L 73 -30.54 -63.85 59.40
C ILE L 73 -29.26 -63.09 59.12
N TYR L 74 -28.60 -63.41 58.02
CA TYR L 74 -27.34 -62.75 57.70
C TYR L 74 -27.42 -61.92 56.44
N LEU L 75 -27.00 -60.66 56.55
CA LEU L 75 -27.02 -59.75 55.42
C LEU L 75 -25.59 -59.36 55.06
N TYR L 76 -25.09 -59.93 53.97
CA TYR L 76 -23.73 -59.66 53.52
C TYR L 76 -23.73 -58.44 52.60
N ILE L 77 -23.05 -57.39 53.02
CA ILE L 77 -23.12 -56.10 52.35
C ILE L 77 -21.85 -55.69 51.60
N ASN L 78 -22.02 -55.43 50.31
CA ASN L 78 -20.97 -54.84 49.48
C ASN L 78 -21.61 -53.84 48.53
N SER L 79 -21.61 -52.57 48.93
CA SER L 79 -22.43 -51.57 48.25
C SER L 79 -21.90 -50.15 48.42
N PRO L 80 -22.06 -49.33 47.38
CA PRO L 80 -21.72 -47.90 47.43
C PRO L 80 -22.90 -47.07 47.95
N GLY L 81 -23.99 -47.76 48.29
CA GLY L 81 -25.18 -47.08 48.76
C GLY L 81 -26.17 -46.82 47.64
N GLY L 82 -26.98 -45.78 47.80
CA GLY L 82 -27.95 -45.42 46.79
C GLY L 82 -29.18 -44.69 47.33
N VAL L 83 -30.34 -45.02 46.78
CA VAL L 83 -31.58 -44.34 47.11
C VAL L 83 -31.99 -44.55 48.57
N ILE L 84 -32.20 -43.45 49.29
CA ILE L 84 -32.51 -43.53 50.71
C ILE L 84 -33.84 -44.24 51.01
N THR L 85 -34.91 -43.87 50.31
CA THR L 85 -36.21 -44.50 50.56
C THR L 85 -36.16 -46.01 50.32
N ALA L 86 -35.46 -46.41 49.26
CA ALA L 86 -35.27 -47.83 48.98
C ALA L 86 -34.55 -48.50 50.14
N GLY L 87 -33.46 -47.89 50.60
CA GLY L 87 -32.72 -48.42 51.72
C GLY L 87 -33.56 -48.52 52.97
N MET L 88 -34.43 -47.54 53.19
CA MET L 88 -35.24 -47.49 54.40
C MET L 88 -36.30 -48.59 54.46
N SER L 89 -36.71 -49.09 53.30
CA SER L 89 -37.63 -50.22 53.26
C SER L 89 -36.94 -51.42 53.86
N ILE L 90 -35.64 -51.55 53.59
CA ILE L 90 -34.82 -52.61 54.16
C ILE L 90 -34.60 -52.39 55.65
N TYR L 91 -34.33 -51.14 56.04
CA TYR L 91 -34.09 -50.82 57.44
C TYR L 91 -35.28 -51.16 58.32
N ASP L 92 -36.47 -50.72 57.92
CA ASP L 92 -37.67 -50.96 58.69
C ASP L 92 -38.03 -52.44 58.75
N THR L 93 -37.67 -53.17 57.69
CA THR L 93 -37.91 -54.61 57.67
C THR L 93 -36.97 -55.31 58.64
N MET L 94 -35.71 -54.90 58.64
CA MET L 94 -34.72 -55.45 59.57
C MET L 94 -35.19 -55.25 61.01
N GLN L 95 -35.69 -54.06 61.32
CA GLN L 95 -36.08 -53.73 62.67
C GLN L 95 -37.39 -54.43 63.09
N PHE L 96 -38.28 -54.66 62.12
CA PHE L 96 -39.59 -55.24 62.42
C PHE L 96 -39.54 -56.73 62.75
N ILE L 97 -38.81 -57.50 61.95
CA ILE L 97 -38.79 -58.96 62.09
C ILE L 97 -38.14 -59.41 63.39
N LYS L 98 -38.65 -60.49 63.96
CA LYS L 98 -38.15 -61.00 65.24
C LYS L 98 -36.67 -61.44 65.19
N PRO L 99 -36.27 -62.14 64.11
CA PRO L 99 -34.88 -62.61 64.03
C PRO L 99 -33.88 -61.46 64.04
N ASP L 100 -32.76 -61.63 64.73
CA ASP L 100 -31.67 -60.67 64.66
C ASP L 100 -31.10 -60.68 63.25
N VAL L 101 -30.87 -59.50 62.68
CA VAL L 101 -30.22 -59.42 61.40
C VAL L 101 -28.74 -59.08 61.60
N SER L 102 -27.88 -60.08 61.39
CA SER L 102 -26.45 -59.89 61.50
C SER L 102 -25.90 -59.38 60.17
N THR L 103 -25.10 -58.32 60.23
CA THR L 103 -24.59 -57.70 59.01
C THR L 103 -23.08 -57.84 58.87
N ILE L 104 -22.62 -58.08 57.65
CA ILE L 104 -21.21 -58.22 57.36
C ILE L 104 -20.79 -57.30 56.21
N CYS L 105 -19.75 -56.51 56.44
CA CYS L 105 -19.22 -55.63 55.40
C CYS L 105 -18.08 -56.31 54.66
N MET L 106 -18.27 -56.55 53.37
CA MET L 106 -17.21 -57.06 52.52
C MET L 106 -16.97 -56.11 51.35
N GLY L 107 -15.71 -55.80 51.10
CA GLY L 107 -15.36 -54.81 50.10
C GLY L 107 -15.60 -53.40 50.62
N GLN L 108 -16.85 -52.96 50.55
CA GLN L 108 -17.21 -51.64 51.05
C GLN L 108 -18.66 -51.56 51.47
N ALA L 109 -18.95 -50.65 52.40
CA ALA L 109 -20.31 -50.27 52.73
C ALA L 109 -20.32 -48.75 52.82
N ALA L 110 -20.81 -48.10 51.77
CA ALA L 110 -20.78 -46.64 51.70
C ALA L 110 -22.18 -46.06 51.73
N SER L 111 -22.33 -44.94 52.43
CA SER L 111 -23.60 -44.22 52.49
C SER L 111 -24.71 -45.13 53.00
N MET L 112 -25.81 -45.23 52.25
CA MET L 112 -26.92 -46.09 52.67
C MET L 112 -26.42 -47.51 52.97
N GLY L 113 -25.37 -47.92 52.28
CA GLY L 113 -24.75 -49.22 52.56
C GLY L 113 -24.18 -49.27 53.97
N ALA L 114 -23.46 -48.21 54.35
CA ALA L 114 -22.91 -48.13 55.69
C ALA L 114 -24.04 -48.06 56.71
N PHE L 115 -25.12 -47.37 56.33
CA PHE L 115 -26.26 -47.20 57.22
C PHE L 115 -26.92 -48.54 57.55
N LEU L 116 -27.13 -49.36 56.54
CA LEU L 116 -27.75 -50.67 56.74
C LEU L 116 -26.83 -51.61 57.49
N LEU L 117 -25.52 -51.45 57.28
CA LEU L 117 -24.52 -52.21 58.02
C LEU L 117 -24.67 -51.98 59.53
N THR L 118 -24.68 -50.71 59.93
CA THR L 118 -24.73 -50.36 61.33
C THR L 118 -26.12 -50.63 61.94
N ALA L 119 -27.10 -50.83 61.07
CA ALA L 119 -28.46 -51.09 61.52
C ALA L 119 -28.65 -52.54 61.96
N GLY L 120 -27.62 -53.35 61.76
CA GLY L 120 -27.69 -54.76 62.12
C GLY L 120 -27.85 -54.97 63.60
N ALA L 121 -28.21 -56.19 64.00
CA ALA L 121 -28.38 -56.53 65.42
C ALA L 121 -27.14 -56.21 66.27
N LYS L 122 -27.32 -55.52 67.38
CA LYS L 122 -26.21 -55.21 68.26
C LYS L 122 -25.36 -56.42 68.65
N GLY L 123 -24.05 -56.32 68.44
CA GLY L 123 -23.12 -57.39 68.75
C GLY L 123 -22.92 -58.32 67.57
N LYS L 124 -23.71 -58.16 66.50
CA LYS L 124 -23.65 -59.05 65.35
C LYS L 124 -23.37 -58.27 64.06
N ARG L 125 -22.66 -57.15 64.19
CA ARG L 125 -22.24 -56.36 63.03
C ARG L 125 -20.73 -56.48 62.83
N PHE L 126 -20.31 -56.95 61.66
CA PHE L 126 -18.90 -57.23 61.42
C PHE L 126 -18.34 -56.52 60.18
N CYS L 127 -17.05 -56.22 60.25
CA CYS L 127 -16.29 -55.81 59.07
C CYS L 127 -15.25 -56.87 58.78
N LEU L 128 -15.08 -57.23 57.51
CA LEU L 128 -13.92 -58.02 57.12
C LEU L 128 -12.70 -57.11 57.26
N PRO L 129 -11.53 -57.70 57.52
CA PRO L 129 -10.33 -56.94 57.90
C PRO L 129 -9.96 -55.80 56.96
N ASN L 130 -10.17 -55.96 55.67
CA ASN L 130 -9.77 -54.94 54.69
C ASN L 130 -10.94 -54.27 53.99
N SER L 131 -12.15 -54.48 54.50
CA SER L 131 -13.31 -53.77 54.01
C SER L 131 -13.23 -52.34 54.55
N ARG L 132 -13.99 -51.43 53.95
CA ARG L 132 -14.00 -50.06 54.42
C ARG L 132 -15.40 -49.47 54.38
N VAL L 133 -15.60 -48.40 55.13
CA VAL L 133 -16.90 -47.75 55.24
C VAL L 133 -16.77 -46.27 54.91
N MET L 134 -17.83 -45.69 54.37
CA MET L 134 -17.90 -44.25 54.18
C MET L 134 -19.26 -43.72 54.57
N ILE L 135 -19.30 -42.59 55.26
CA ILE L 135 -20.55 -42.00 55.67
C ILE L 135 -20.62 -40.54 55.22
N HIS L 136 -21.82 -40.05 55.02
CA HIS L 136 -22.03 -38.68 54.59
C HIS L 136 -23.51 -38.32 54.63
N GLN L 137 -23.82 -37.06 54.35
CA GLN L 137 -25.20 -36.60 54.42
C GLN L 137 -25.95 -36.87 53.12
N PRO L 138 -27.28 -36.74 53.16
CA PRO L 138 -28.14 -36.94 51.98
C PRO L 138 -27.79 -36.05 50.80
N LEU L 139 -27.86 -36.62 49.62
CA LEU L 139 -27.70 -35.88 48.37
C LEU L 139 -29.03 -35.83 47.65
N GLY L 140 -29.31 -34.71 47.00
CA GLY L 140 -30.56 -34.58 46.29
C GLY L 140 -30.52 -33.50 45.25
N GLY L 141 -31.67 -33.18 44.69
CA GLY L 141 -31.76 -32.15 43.66
C GLY L 141 -33.21 -31.94 43.29
N TYR L 142 -33.52 -30.71 42.90
CA TYR L 142 -34.85 -30.38 42.41
C TYR L 142 -34.76 -29.18 41.49
N GLN L 143 -35.76 -29.06 40.61
CA GLN L 143 -35.83 -27.93 39.70
C GLN L 143 -37.27 -27.46 39.57
N GLY L 144 -37.47 -26.14 39.62
CA GLY L 144 -38.80 -25.59 39.46
C GLY L 144 -38.98 -24.27 40.20
N GLN L 145 -40.23 -23.97 40.56
CA GLN L 145 -40.55 -22.73 41.24
C GLN L 145 -39.97 -22.68 42.65
N ALA L 146 -39.62 -21.48 43.09
CA ALA L 146 -39.06 -21.26 44.42
C ALA L 146 -39.92 -21.92 45.52
N THR L 147 -41.23 -21.80 45.40
CA THR L 147 -42.13 -22.40 46.37
C THR L 147 -41.89 -23.90 46.49
N ASP L 148 -41.79 -24.57 45.34
CA ASP L 148 -41.57 -26.01 45.32
C ASP L 148 -40.16 -26.37 45.75
N ILE L 149 -39.21 -25.51 45.42
CA ILE L 149 -37.83 -25.70 45.86
C ILE L 149 -37.77 -25.71 47.38
N GLU L 150 -38.52 -24.81 48.01
CA GLU L 150 -38.56 -24.74 49.46
CA GLU L 150 -38.57 -24.74 49.47
C GLU L 150 -39.14 -26.03 50.04
N ILE L 151 -40.22 -26.51 49.45
CA ILE L 151 -40.88 -27.73 49.92
C ILE L 151 -39.91 -28.90 49.93
N HIS L 152 -39.18 -29.09 48.82
CA HIS L 152 -38.28 -30.22 48.70
C HIS L 152 -36.98 -30.05 49.48
N ALA L 153 -36.53 -28.81 49.63
CA ALA L 153 -35.35 -28.53 50.44
C ALA L 153 -35.65 -28.84 51.91
N ARG L 154 -36.81 -28.39 52.35
CA ARG L 154 -37.26 -28.63 53.71
C ARG L 154 -37.35 -30.13 54.00
N GLU L 155 -37.84 -30.88 53.03
CA GLU L 155 -37.99 -32.33 53.20
C GLU L 155 -36.64 -33.04 53.31
N ILE L 156 -35.69 -32.70 52.45
CA ILE L 156 -34.40 -33.38 52.50
C ILE L 156 -33.65 -33.04 53.79
N LEU L 157 -33.92 -31.88 54.36
CA LEU L 157 -33.36 -31.50 55.64
C LEU L 157 -33.95 -32.39 56.74
N LYS L 158 -35.24 -32.68 56.64
CA LYS L 158 -35.89 -33.59 57.57
C LYS L 158 -35.31 -35.01 57.45
N VAL L 159 -35.10 -35.45 56.21
CA VAL L 159 -34.48 -36.74 55.97
C VAL L 159 -33.10 -36.79 56.62
N LYS L 160 -32.31 -35.73 56.40
CA LYS L 160 -30.98 -35.63 56.95
C LYS L 160 -31.00 -35.76 58.47
N GLY L 161 -31.96 -35.10 59.11
CA GLY L 161 -32.10 -35.15 60.55
C GLY L 161 -32.42 -36.54 61.05
N ARG L 162 -33.39 -37.19 60.42
CA ARG L 162 -33.78 -38.55 60.80
C ARG L 162 -32.61 -39.52 60.66
N MET L 163 -31.92 -39.43 59.53
CA MET L 163 -30.79 -40.32 59.26
C MET L 163 -29.71 -40.16 60.32
N ASN L 164 -29.46 -38.92 60.74
CA ASN L 164 -28.49 -38.65 61.78
C ASN L 164 -28.94 -39.20 63.14
N GLU L 165 -30.22 -39.04 63.44
CA GLU L 165 -30.79 -39.58 64.67
C GLU L 165 -30.62 -41.10 64.73
N LEU L 166 -30.88 -41.76 63.61
CA LEU L 166 -30.78 -43.22 63.56
C LEU L 166 -29.34 -43.70 63.63
N MET L 167 -28.43 -42.95 63.02
CA MET L 167 -27.01 -43.27 63.11
C MET L 167 -26.50 -43.12 64.55
N ALA L 168 -26.99 -42.09 65.22
CA ALA L 168 -26.64 -41.87 66.62
C ALA L 168 -27.13 -43.07 67.45
N LEU L 169 -28.37 -43.47 67.18
CA LEU L 169 -28.97 -44.60 67.87
C LEU L 169 -28.11 -45.86 67.77
N HIS L 170 -27.71 -46.20 66.55
CA HIS L 170 -27.02 -47.47 66.30
C HIS L 170 -25.52 -47.46 66.63
N THR L 171 -24.89 -46.29 66.54
CA THR L 171 -23.46 -46.19 66.83
C THR L 171 -23.19 -45.90 68.29
N GLY L 172 -24.10 -45.19 68.94
CA GLY L 172 -23.92 -44.79 70.32
C GLY L 172 -23.25 -43.44 70.43
N GLN L 173 -22.91 -42.85 69.29
CA GLN L 173 -22.36 -41.51 69.26
C GLN L 173 -23.47 -40.51 69.52
N SER L 174 -23.12 -39.31 69.96
CA SER L 174 -24.11 -38.25 70.16
C SER L 174 -24.63 -37.81 68.79
N LEU L 175 -25.80 -37.18 68.78
CA LEU L 175 -26.35 -36.64 67.55
C LEU L 175 -25.38 -35.63 66.97
N GLU L 176 -24.87 -34.75 67.82
CA GLU L 176 -23.96 -33.69 67.41
C GLU L 176 -22.67 -34.23 66.80
N GLN L 177 -22.16 -35.33 67.34
CA GLN L 177 -20.96 -35.95 66.80
C GLN L 177 -21.23 -36.50 65.40
N ILE L 178 -22.35 -37.21 65.27
CA ILE L 178 -22.76 -37.75 63.97
C ILE L 178 -22.88 -36.63 62.94
N GLU L 179 -23.55 -35.55 63.34
CA GLU L 179 -23.72 -34.39 62.46
C GLU L 179 -22.38 -33.86 61.97
N ARG L 180 -21.43 -33.69 62.88
CA ARG L 180 -20.11 -33.18 62.53
C ARG L 180 -19.40 -34.13 61.59
N ASP L 181 -19.53 -35.42 61.83
CA ASP L 181 -18.77 -36.42 61.07
C ASP L 181 -19.38 -36.74 59.70
N THR L 182 -20.60 -36.26 59.45
CA THR L 182 -21.28 -36.60 58.20
C THR L 182 -21.52 -35.42 57.26
N GLU L 183 -21.12 -34.21 57.68
CA GLU L 183 -21.26 -33.04 56.81
C GLU L 183 -20.53 -33.24 55.49
N ARG L 184 -19.39 -33.94 55.54
CA ARG L 184 -18.64 -34.29 54.34
C ARG L 184 -18.27 -35.77 54.36
N ASP L 185 -17.91 -36.31 53.21
CA ASP L 185 -17.48 -37.70 53.10
C ASP L 185 -16.45 -38.05 54.18
N ARG L 186 -16.72 -39.13 54.90
CA ARG L 186 -15.83 -39.59 55.96
CA ARG L 186 -15.82 -39.58 55.97
C ARG L 186 -15.57 -41.08 55.83
N PHE L 187 -14.31 -41.44 55.59
CA PHE L 187 -13.94 -42.84 55.47
C PHE L 187 -13.55 -43.43 56.82
N LEU L 188 -13.91 -44.69 57.04
CA LEU L 188 -13.50 -45.43 58.22
C LEU L 188 -12.97 -46.79 57.81
N SER L 189 -11.77 -47.12 58.27
CA SER L 189 -11.23 -48.46 58.08
C SER L 189 -11.99 -49.40 59.00
N ALA L 190 -11.75 -50.71 58.85
CA ALA L 190 -12.41 -51.69 59.69
C ALA L 190 -12.20 -51.41 61.19
N PRO L 191 -10.94 -51.17 61.60
CA PRO L 191 -10.68 -50.88 63.01
C PRO L 191 -11.38 -49.60 63.46
N GLU L 192 -11.39 -48.59 62.61
CA GLU L 192 -12.03 -47.32 62.93
C GLU L 192 -13.55 -47.46 63.04
N ALA L 193 -14.12 -48.33 62.20
CA ALA L 193 -15.54 -48.58 62.24
C ALA L 193 -15.95 -49.21 63.57
N VAL L 194 -15.12 -50.14 64.05
CA VAL L 194 -15.34 -50.76 65.35
C VAL L 194 -15.26 -49.70 66.43
N GLU L 195 -14.20 -48.90 66.38
CA GLU L 195 -13.99 -47.82 67.34
C GLU L 195 -15.17 -46.85 67.40
N TYR L 196 -15.76 -46.59 66.23
CA TYR L 196 -16.84 -45.61 66.11
C TYR L 196 -18.17 -46.17 66.59
N GLY L 197 -18.24 -47.49 66.72
CA GLY L 197 -19.47 -48.15 67.12
C GLY L 197 -20.34 -48.45 65.92
N LEU L 198 -19.75 -48.33 64.74
CA LEU L 198 -20.45 -48.57 63.49
C LEU L 198 -20.72 -50.07 63.34
N VAL L 199 -19.69 -50.86 63.62
CA VAL L 199 -19.84 -52.31 63.73
C VAL L 199 -19.31 -52.73 65.10
N ASP L 200 -19.42 -54.01 65.42
CA ASP L 200 -19.02 -54.50 66.74
C ASP L 200 -17.62 -55.09 66.77
N SER L 201 -17.20 -55.69 65.66
CA SER L 201 -15.87 -56.29 65.60
C SER L 201 -15.44 -56.62 64.18
N ILE L 202 -14.16 -56.96 64.04
CA ILE L 202 -13.60 -57.42 62.78
C ILE L 202 -13.56 -58.94 62.77
N LEU L 203 -13.90 -59.54 61.63
CA LEU L 203 -13.94 -60.98 61.51
C LEU L 203 -12.54 -61.60 61.42
N THR L 204 -12.16 -62.35 62.45
CA THR L 204 -10.86 -63.02 62.47
C THR L 204 -10.98 -64.47 61.99
N HIS L 205 -9.98 -64.90 61.23
CA HIS L 205 -9.94 -66.24 60.64
C HIS L 205 -10.72 -67.27 61.46
N LEU M 16 -23.24 -69.12 25.22
CA LEU M 16 -23.67 -70.47 25.58
C LEU M 16 -22.63 -71.18 26.43
N VAL M 17 -23.08 -71.75 27.55
CA VAL M 17 -22.23 -72.58 28.38
C VAL M 17 -22.64 -74.04 28.20
N PRO M 18 -21.71 -74.88 27.72
CA PRO M 18 -22.02 -76.28 27.44
C PRO M 18 -22.45 -77.06 28.69
N MET M 19 -23.39 -77.98 28.51
CA MET M 19 -23.82 -78.85 29.60
C MET M 19 -23.07 -80.18 29.53
N VAL M 20 -23.00 -80.89 30.66
CA VAL M 20 -22.32 -82.17 30.69
C VAL M 20 -23.04 -83.14 31.62
N ILE M 21 -22.82 -84.42 31.42
CA ILE M 21 -23.45 -85.41 32.28
C ILE M 21 -22.44 -86.09 33.19
N SER M 30 -26.76 -83.53 35.23
CA SER M 30 -26.54 -82.66 34.07
C SER M 30 -26.14 -81.26 34.53
N PHE M 31 -24.87 -80.91 34.29
CA PHE M 31 -24.30 -79.65 34.77
C PHE M 31 -23.82 -78.77 33.63
N ASP M 32 -23.84 -77.46 33.83
CA ASP M 32 -23.12 -76.56 32.95
C ASP M 32 -21.63 -76.70 33.31
N ILE M 33 -20.77 -76.48 32.32
CA ILE M 33 -19.35 -76.76 32.49
C ILE M 33 -18.74 -76.14 33.75
N TYR M 34 -19.09 -74.90 34.06
CA TYR M 34 -18.53 -74.22 35.22
C TYR M 34 -19.04 -74.80 36.54
N SER M 35 -20.33 -75.12 36.59
CA SER M 35 -20.88 -75.78 37.77
C SER M 35 -20.22 -77.13 37.95
N ARG M 36 -19.90 -77.78 36.84
CA ARG M 36 -19.22 -79.07 36.87
C ARG M 36 -17.86 -78.96 37.54
N LEU M 37 -17.08 -77.97 37.12
CA LEU M 37 -15.75 -77.77 37.70
C LEU M 37 -15.82 -77.28 39.14
N LEU M 38 -16.87 -76.51 39.46
CA LEU M 38 -17.09 -76.06 40.82
C LEU M 38 -17.25 -77.26 41.75
N LYS M 39 -17.69 -78.38 41.20
CA LYS M 39 -17.89 -79.59 41.98
C LYS M 39 -16.54 -80.18 42.40
N GLU M 40 -15.53 -79.98 41.56
CA GLU M 40 -14.17 -80.38 41.89
C GLU M 40 -13.47 -79.23 42.60
N ARG M 41 -14.26 -78.30 43.11
CA ARG M 41 -13.76 -77.19 43.91
C ARG M 41 -12.87 -76.23 43.10
N VAL M 42 -13.22 -76.06 41.82
CA VAL M 42 -12.52 -75.10 40.97
C VAL M 42 -13.40 -73.89 40.68
N ILE M 43 -12.90 -72.71 41.02
CA ILE M 43 -13.60 -71.46 40.75
C ILE M 43 -12.83 -70.66 39.71
N PHE M 44 -13.55 -70.04 38.78
CA PHE M 44 -12.92 -69.20 37.76
C PHE M 44 -13.06 -67.72 38.08
N LEU M 45 -11.97 -66.98 37.94
CA LEU M 45 -12.01 -65.53 37.99
C LEU M 45 -11.66 -65.02 36.60
N THR M 46 -12.67 -64.55 35.88
CA THR M 46 -12.52 -64.26 34.46
C THR M 46 -12.82 -62.80 34.13
N GLY M 47 -11.91 -62.16 33.40
CA GLY M 47 -12.11 -60.81 32.94
C GLY M 47 -12.09 -59.77 34.05
N GLN M 48 -12.82 -58.67 33.82
CA GLN M 48 -12.80 -57.51 34.71
C GLN M 48 -13.30 -57.83 36.12
N VAL M 49 -12.58 -57.33 37.12
CA VAL M 49 -13.02 -57.47 38.50
C VAL M 49 -14.03 -56.39 38.89
N GLU M 50 -15.23 -56.82 39.26
CA GLU M 50 -16.27 -55.89 39.68
C GLU M 50 -17.21 -56.54 40.71
N ASP M 51 -18.00 -55.72 41.38
CA ASP M 51 -18.83 -56.16 42.51
C ASP M 51 -19.56 -57.49 42.32
N HIS M 52 -20.27 -57.62 41.20
CA HIS M 52 -21.13 -58.77 41.00
C HIS M 52 -20.38 -60.07 40.67
N MET M 53 -19.40 -60.00 39.77
CA MET M 53 -18.59 -61.17 39.46
C MET M 53 -17.79 -61.58 40.70
N ALA M 54 -17.42 -60.60 41.52
CA ALA M 54 -16.64 -60.85 42.73
C ALA M 54 -17.51 -61.48 43.80
N ASN M 55 -18.72 -60.97 43.95
CA ASN M 55 -19.65 -61.50 44.95
C ASN M 55 -19.98 -62.97 44.66
N LEU M 56 -20.04 -63.31 43.38
CA LEU M 56 -20.30 -64.68 42.95
C LEU M 56 -19.15 -65.58 43.37
N ILE M 57 -17.92 -65.05 43.27
CA ILE M 57 -16.74 -65.78 43.68
C ILE M 57 -16.72 -65.97 45.20
N VAL M 58 -17.17 -64.95 45.92
CA VAL M 58 -17.28 -65.05 47.37
C VAL M 58 -18.28 -66.12 47.78
N ALA M 59 -19.42 -66.16 47.11
CA ALA M 59 -20.45 -67.16 47.38
C ALA M 59 -19.90 -68.57 47.14
N GLN M 60 -19.16 -68.73 46.05
CA GLN M 60 -18.58 -70.03 45.70
C GLN M 60 -17.58 -70.50 46.76
N MET M 61 -16.80 -69.57 47.28
CA MET M 61 -15.80 -69.91 48.30
C MET M 61 -16.45 -70.32 49.63
N LEU M 62 -17.47 -69.58 50.04
CA LEU M 62 -18.17 -69.89 51.27
C LEU M 62 -18.88 -71.23 51.19
N PHE M 63 -19.50 -71.50 50.04
CA PHE M 63 -20.20 -72.76 49.80
C PHE M 63 -19.23 -73.94 49.86
N LEU M 64 -18.12 -73.83 49.13
CA LEU M 64 -17.11 -74.88 49.11
C LEU M 64 -16.60 -75.18 50.51
N GLU M 65 -16.34 -74.12 51.29
CA GLU M 65 -15.87 -74.28 52.65
C GLU M 65 -16.84 -75.13 53.46
N ALA M 66 -18.13 -74.79 53.35
CA ALA M 66 -19.17 -75.53 54.04
C ALA M 66 -19.17 -77.00 53.65
N GLU M 67 -19.04 -77.28 52.36
CA GLU M 67 -19.01 -78.65 51.86
C GLU M 67 -17.85 -79.45 52.43
N ASN M 68 -16.64 -78.90 52.34
CA ASN M 68 -15.49 -79.49 53.01
C ASN M 68 -14.51 -78.42 53.47
N PRO M 69 -14.46 -78.17 54.78
CA PRO M 69 -13.58 -77.19 55.40
C PRO M 69 -12.11 -77.56 55.31
N GLU M 70 -11.82 -78.82 54.95
CA GLU M 70 -10.45 -79.32 54.97
C GLU M 70 -9.82 -79.40 53.58
N LYS M 71 -10.66 -79.43 52.55
CA LYS M 71 -10.19 -79.59 51.18
C LYS M 71 -9.76 -78.26 50.55
N ASP M 72 -8.67 -78.31 49.79
CA ASP M 72 -8.19 -77.14 49.07
C ASP M 72 -9.23 -76.62 48.10
N ILE M 73 -9.21 -75.31 47.88
CA ILE M 73 -10.05 -74.67 46.87
C ILE M 73 -9.12 -74.09 45.81
N TYR M 74 -9.57 -74.11 44.55
CA TYR M 74 -8.73 -73.61 43.47
C TYR M 74 -9.36 -72.42 42.76
N LEU M 75 -8.55 -71.39 42.53
CA LEU M 75 -9.01 -70.17 41.88
C LEU M 75 -8.19 -69.95 40.61
N TYR M 76 -8.83 -70.16 39.47
CA TYR M 76 -8.17 -70.00 38.19
C TYR M 76 -8.38 -68.58 37.68
N ILE M 77 -7.28 -67.84 37.57
CA ILE M 77 -7.34 -66.41 37.28
C ILE M 77 -6.85 -66.05 35.88
N ASN M 78 -7.73 -65.39 35.12
CA ASN M 78 -7.38 -64.77 33.85
C ASN M 78 -8.04 -63.40 33.80
N SER M 79 -7.32 -62.37 34.20
CA SER M 79 -7.94 -61.08 34.46
C SER M 79 -7.01 -59.89 34.29
N PRO M 80 -7.54 -58.77 33.78
CA PRO M 80 -6.80 -57.51 33.64
C PRO M 80 -6.92 -56.66 34.90
N GLY M 81 -7.65 -57.18 35.89
CA GLY M 81 -7.86 -56.47 37.14
C GLY M 81 -9.21 -55.78 37.18
N GLY M 82 -9.36 -54.80 38.07
CA GLY M 82 -10.61 -54.08 38.22
C GLY M 82 -10.76 -53.34 39.53
N VAL M 83 -11.99 -53.25 40.01
CA VAL M 83 -12.32 -52.47 41.19
C VAL M 83 -11.68 -53.03 42.45
N ILE M 84 -10.96 -52.18 43.16
CA ILE M 84 -10.22 -52.61 44.35
C ILE M 84 -11.11 -53.15 45.47
N THR M 85 -12.15 -52.42 45.83
CA THR M 85 -13.04 -52.86 46.91
C THR M 85 -13.67 -54.22 46.59
N ALA M 86 -14.02 -54.44 45.33
CA ALA M 86 -14.59 -55.71 44.91
C ALA M 86 -13.56 -56.83 45.07
N GLY M 87 -12.34 -56.56 44.65
CA GLY M 87 -11.26 -57.53 44.76
C GLY M 87 -10.98 -57.87 46.20
N MET M 88 -11.11 -56.88 47.08
CA MET M 88 -10.82 -57.07 48.50
C MET M 88 -11.87 -57.91 49.21
N SER M 89 -13.10 -57.89 48.71
CA SER M 89 -14.12 -58.78 49.24
C SER M 89 -13.68 -60.21 49.00
N ILE M 90 -13.06 -60.45 47.85
CA ILE M 90 -12.51 -61.76 47.52
C ILE M 90 -11.30 -62.07 48.39
N TYR M 91 -10.38 -61.12 48.50
CA TYR M 91 -9.16 -61.32 49.28
C TYR M 91 -9.48 -61.71 50.72
N ASP M 92 -10.34 -60.93 51.36
CA ASP M 92 -10.69 -61.17 52.76
C ASP M 92 -11.36 -62.53 52.94
N THR M 93 -12.15 -62.94 51.97
CA THR M 93 -12.80 -64.25 52.02
C THR M 93 -11.77 -65.36 51.93
N MET M 94 -10.83 -65.22 51.00
CA MET M 94 -9.75 -66.19 50.83
C MET M 94 -8.99 -66.38 52.14
N GLN M 95 -8.77 -65.28 52.85
CA GLN M 95 -8.03 -65.30 54.10
C GLN M 95 -8.84 -65.87 55.25
N PHE M 96 -10.16 -65.65 55.22
CA PHE M 96 -11.03 -66.07 56.32
C PHE M 96 -11.30 -67.57 56.35
N ILE M 97 -11.69 -68.13 55.20
CA ILE M 97 -12.07 -69.54 55.14
C ILE M 97 -10.90 -70.45 55.50
N LYS M 98 -11.22 -71.62 56.05
CA LYS M 98 -10.20 -72.57 56.50
C LYS M 98 -9.42 -73.23 55.37
N PRO M 99 -10.10 -73.57 54.26
CA PRO M 99 -9.38 -74.19 53.14
C PRO M 99 -8.30 -73.28 52.58
N ASP M 100 -7.15 -73.86 52.24
CA ASP M 100 -6.15 -73.14 51.46
C ASP M 100 -6.77 -72.80 50.12
N VAL M 101 -6.54 -71.59 49.64
CA VAL M 101 -6.96 -71.24 48.29
C VAL M 101 -5.75 -71.25 47.35
N SER M 102 -5.67 -72.26 46.51
CA SER M 102 -4.61 -72.34 45.52
C SER M 102 -4.99 -71.46 44.32
N THR M 103 -4.01 -70.70 43.82
CA THR M 103 -4.28 -69.79 42.71
C THR M 103 -3.45 -70.16 41.48
N ILE M 104 -4.07 -70.06 40.31
CA ILE M 104 -3.40 -70.36 39.05
C ILE M 104 -3.57 -69.23 38.04
N CYS M 105 -2.46 -68.70 37.57
CA CYS M 105 -2.49 -67.66 36.56
C CYS M 105 -2.54 -68.26 35.16
N MET M 106 -3.64 -68.00 34.45
CA MET M 106 -3.82 -68.46 33.08
C MET M 106 -3.90 -67.26 32.15
N GLY M 107 -2.95 -67.15 31.23
CA GLY M 107 -2.93 -66.04 30.29
C GLY M 107 -2.36 -64.79 30.91
N GLN M 108 -3.15 -64.12 31.74
CA GLN M 108 -2.67 -62.94 32.44
C GLN M 108 -3.36 -62.73 33.79
N ALA M 109 -2.62 -62.16 34.72
CA ALA M 109 -3.19 -61.67 35.97
C ALA M 109 -2.57 -60.30 36.22
N ALA M 110 -3.34 -59.25 35.96
CA ALA M 110 -2.84 -57.89 36.07
C ALA M 110 -3.59 -57.12 37.15
N SER M 111 -2.87 -56.23 37.83
CA SER M 111 -3.45 -55.37 38.85
C SER M 111 -4.13 -56.19 39.95
N MET M 112 -5.38 -55.87 40.24
CA MET M 112 -6.12 -56.60 41.28
C MET M 112 -6.11 -58.10 41.00
N GLY M 113 -6.00 -58.47 39.73
CA GLY M 113 -5.89 -59.87 39.37
C GLY M 113 -4.59 -60.46 39.89
N ALA M 114 -3.51 -59.71 39.69
CA ALA M 114 -2.19 -60.12 40.19
C ALA M 114 -2.20 -60.18 41.71
N PHE M 115 -2.89 -59.23 42.32
CA PHE M 115 -2.97 -59.16 43.77
C PHE M 115 -3.61 -60.43 44.35
N LEU M 116 -4.73 -60.84 43.76
CA LEU M 116 -5.42 -62.03 44.24
C LEU M 116 -4.62 -63.29 43.95
N LEU M 117 -3.87 -63.27 42.85
CA LEU M 117 -2.99 -64.38 42.53
C LEU M 117 -1.96 -64.61 43.64
N THR M 118 -1.25 -63.54 44.01
CA THR M 118 -0.22 -63.63 45.03
C THR M 118 -0.81 -63.91 46.41
N ALA M 119 -2.10 -63.66 46.56
CA ALA M 119 -2.78 -63.82 47.85
C ALA M 119 -3.14 -65.27 48.15
N GLY M 120 -2.87 -66.17 47.21
CA GLY M 120 -3.15 -67.58 47.41
C GLY M 120 -2.31 -68.16 48.53
N ALA M 121 -2.67 -69.37 48.98
CA ALA M 121 -1.93 -70.04 50.03
C ALA M 121 -0.48 -70.25 49.61
N LYS M 122 0.46 -69.98 50.51
CA LYS M 122 1.87 -70.10 50.15
C LYS M 122 2.20 -71.52 49.72
N GLY M 123 3.03 -71.64 48.68
CA GLY M 123 3.41 -72.93 48.14
C GLY M 123 2.40 -73.45 47.12
N LYS M 124 1.24 -72.80 47.04
CA LYS M 124 0.17 -73.27 46.17
C LYS M 124 -0.28 -72.20 45.16
N ARG M 125 0.65 -71.32 44.79
CA ARG M 125 0.37 -70.30 43.78
C ARG M 125 1.16 -70.62 42.51
N PHE M 126 0.46 -70.67 41.38
CA PHE M 126 1.08 -71.12 40.14
C PHE M 126 0.91 -70.15 38.97
N CYS M 127 1.87 -70.22 38.05
CA CYS M 127 1.75 -69.58 36.74
C CYS M 127 1.86 -70.67 35.69
N LEU M 128 1.02 -70.61 34.67
CA LEU M 128 1.24 -71.42 33.49
C LEU M 128 2.45 -70.82 32.77
N PRO M 129 3.19 -71.63 32.00
CA PRO M 129 4.52 -71.25 31.51
C PRO M 129 4.55 -69.95 30.70
N ASN M 130 3.47 -69.65 29.98
CA ASN M 130 3.45 -68.48 29.11
C ASN M 130 2.46 -67.40 29.57
N SER M 131 1.96 -67.56 30.78
CA SER M 131 1.12 -66.53 31.38
C SER M 131 2.03 -65.39 31.82
N ARG M 132 1.45 -64.21 32.02
CA ARG M 132 2.23 -63.09 32.51
C ARG M 132 1.47 -62.34 33.60
N VAL M 133 2.20 -61.53 34.36
CA VAL M 133 1.62 -60.77 35.46
C VAL M 133 2.00 -59.31 35.33
N MET M 134 1.11 -58.41 35.75
CA MET M 134 1.44 -57.00 35.79
C MET M 134 0.96 -56.38 37.09
N ILE M 135 1.80 -55.53 37.68
CA ILE M 135 1.45 -54.84 38.91
C ILE M 135 1.61 -53.33 38.75
N HIS M 136 0.82 -52.58 39.51
CA HIS M 136 0.94 -51.13 39.55
C HIS M 136 0.22 -50.56 40.76
N GLN M 137 -0.01 -49.25 40.78
CA GLN M 137 -0.65 -48.61 41.92
C GLN M 137 -2.11 -48.31 41.64
N PRO M 138 -2.88 -47.97 42.69
CA PRO M 138 -4.31 -47.67 42.55
C PRO M 138 -4.55 -46.48 41.63
N LEU M 139 -5.57 -46.63 40.77
CA LEU M 139 -6.03 -45.55 39.94
C LEU M 139 -7.35 -45.06 40.49
N GLY M 140 -7.60 -43.76 40.38
CA GLY M 140 -8.82 -43.19 40.88
C GLY M 140 -9.04 -41.80 40.33
N GLY M 141 -9.87 -41.03 41.00
CA GLY M 141 -10.16 -39.68 40.58
C GLY M 141 -11.35 -39.13 41.31
N TYR M 142 -11.40 -37.81 41.41
CA TYR M 142 -12.52 -37.15 42.05
C TYR M 142 -12.70 -35.78 41.42
N GLN M 143 -13.88 -35.20 41.62
CA GLN M 143 -14.17 -33.88 41.11
C GLN M 143 -15.08 -33.17 42.10
N GLY M 144 -14.74 -31.93 42.44
CA GLY M 144 -15.52 -31.15 43.38
C GLY M 144 -14.68 -30.14 44.13
N GLN M 145 -15.13 -29.77 45.32
CA GLN M 145 -14.44 -28.79 46.14
C GLN M 145 -13.07 -29.30 46.61
N ALA M 146 -12.14 -28.38 46.80
CA ALA M 146 -10.81 -28.71 47.28
C ALA M 146 -10.85 -29.54 48.56
N THR M 147 -11.75 -29.19 49.47
CA THR M 147 -11.88 -29.91 50.73
C THR M 147 -12.21 -31.38 50.50
N ASP M 148 -13.13 -31.64 49.57
CA ASP M 148 -13.54 -33.00 49.27
C ASP M 148 -12.46 -33.73 48.48
N ILE M 149 -11.75 -33.00 47.62
CA ILE M 149 -10.64 -33.55 46.87
C ILE M 149 -9.56 -34.06 47.82
N GLU M 150 -9.29 -33.31 48.87
CA GLU M 150 -8.29 -33.72 49.86
C GLU M 150 -8.74 -35.01 50.55
N ILE M 151 -10.00 -35.06 50.92
CA ILE M 151 -10.56 -36.24 51.59
C ILE M 151 -10.35 -37.51 50.77
N HIS M 152 -10.73 -37.48 49.50
CA HIS M 152 -10.61 -38.65 48.64
C HIS M 152 -9.17 -38.94 48.21
N ALA M 153 -8.36 -37.91 48.10
CA ALA M 153 -6.94 -38.09 47.80
C ALA M 153 -6.27 -38.82 48.97
N ARG M 154 -6.59 -38.37 50.18
CA ARG M 154 -6.04 -38.98 51.39
C ARG M 154 -6.44 -40.45 51.48
N GLU M 155 -7.68 -40.75 51.09
CA GLU M 155 -8.17 -42.13 51.13
C GLU M 155 -7.44 -43.04 50.14
N ILE M 156 -7.32 -42.61 48.89
CA ILE M 156 -6.67 -43.47 47.90
C ILE M 156 -5.20 -43.70 48.25
N LEU M 157 -4.60 -42.73 48.92
CA LEU M 157 -3.22 -42.89 49.40
C LEU M 157 -3.15 -43.96 50.49
N LYS M 158 -4.16 -43.98 51.36
CA LYS M 158 -4.24 -45.02 52.38
C LYS M 158 -4.45 -46.40 51.74
N VAL M 159 -5.34 -46.46 50.76
CA VAL M 159 -5.57 -47.70 50.03
C VAL M 159 -4.28 -48.20 49.41
N LYS M 160 -3.55 -47.30 48.76
CA LYS M 160 -2.29 -47.64 48.13
C LYS M 160 -1.31 -48.22 49.16
N GLY M 161 -1.26 -47.60 50.33
CA GLY M 161 -0.39 -48.06 51.40
C GLY M 161 -0.73 -49.48 51.82
N ARG M 162 -2.02 -49.74 52.02
CA ARG M 162 -2.47 -51.07 52.43
C ARG M 162 -2.14 -52.13 51.38
N MET M 163 -2.40 -51.81 50.12
CA MET M 163 -2.14 -52.76 49.04
C MET M 163 -0.66 -53.11 48.95
N ASN M 164 0.20 -52.11 49.14
CA ASN M 164 1.64 -52.35 49.10
C ASN M 164 2.12 -53.20 50.28
N GLU M 165 1.59 -52.93 51.46
CA GLU M 165 1.93 -53.70 52.66
C GLU M 165 1.54 -55.17 52.49
N LEU M 166 0.33 -55.40 51.97
CA LEU M 166 -0.14 -56.77 51.75
C LEU M 166 0.66 -57.47 50.68
N MET M 167 1.04 -56.74 49.64
CA MET M 167 1.88 -57.28 48.58
C MET M 167 3.24 -57.68 49.14
N ALA M 168 3.81 -56.81 49.97
CA ALA M 168 5.07 -57.12 50.64
C ALA M 168 4.94 -58.40 51.45
N LEU M 169 3.86 -58.48 52.22
CA LEU M 169 3.60 -59.64 53.07
C LEU M 169 3.57 -60.94 52.29
N HIS M 170 2.85 -60.95 51.17
CA HIS M 170 2.65 -62.17 50.39
C HIS M 170 3.84 -62.55 49.50
N THR M 171 4.62 -61.56 49.06
CA THR M 171 5.74 -61.83 48.16
C THR M 171 7.05 -62.10 48.91
N GLY M 172 7.20 -61.50 50.08
CA GLY M 172 8.45 -61.59 50.82
C GLY M 172 9.37 -60.44 50.50
N GLN M 173 8.96 -59.59 49.57
CA GLN M 173 9.71 -58.39 49.24
C GLN M 173 9.54 -57.37 50.35
N SER M 174 10.49 -56.45 50.46
CA SER M 174 10.36 -55.35 51.41
C SER M 174 9.30 -54.37 50.91
N LEU M 175 8.63 -53.70 51.84
CA LEU M 175 7.64 -52.69 51.48
C LEU M 175 8.27 -51.68 50.54
N GLU M 176 9.52 -51.32 50.82
CA GLU M 176 10.24 -50.35 50.00
CA GLU M 176 10.23 -50.35 49.99
C GLU M 176 10.36 -50.83 48.55
N GLN M 177 10.70 -52.11 48.38
CA GLN M 177 10.87 -52.67 47.04
C GLN M 177 9.53 -52.72 46.31
N ILE M 178 8.48 -53.10 47.03
CA ILE M 178 7.13 -53.13 46.45
C ILE M 178 6.74 -51.74 45.98
N GLU M 179 6.88 -50.75 46.86
CA GLU M 179 6.56 -49.37 46.53
C GLU M 179 7.27 -48.93 45.26
N ARG M 180 8.56 -49.23 45.17
CA ARG M 180 9.36 -48.85 44.03
C ARG M 180 8.87 -49.52 42.75
N ASP M 181 8.47 -50.79 42.85
CA ASP M 181 8.12 -51.59 41.68
C ASP M 181 6.67 -51.39 41.23
N THR M 182 5.87 -50.65 41.99
CA THR M 182 4.47 -50.44 41.62
C THR M 182 4.11 -49.00 41.28
N GLU M 183 5.08 -48.10 41.35
CA GLU M 183 4.83 -46.70 40.99
C GLU M 183 4.34 -46.60 39.54
N ARG M 184 4.87 -47.46 38.69
CA ARG M 184 4.42 -47.54 37.30
C ARG M 184 4.19 -48.99 36.91
N ASP M 185 3.42 -49.19 35.84
CA ASP M 185 3.16 -50.52 35.33
C ASP M 185 4.44 -51.34 35.27
N ARG M 186 4.38 -52.56 35.77
CA ARG M 186 5.54 -53.45 35.78
C ARG M 186 5.11 -54.86 35.39
N PHE M 187 5.65 -55.35 34.28
CA PHE M 187 5.32 -56.69 33.79
C PHE M 187 6.29 -57.73 34.35
N LEU M 188 5.79 -58.94 34.54
CA LEU M 188 6.63 -60.06 34.95
C LEU M 188 6.23 -61.33 34.21
N SER M 189 7.19 -61.95 33.53
CA SER M 189 6.98 -63.25 32.94
C SER M 189 6.71 -64.25 34.07
N ALA M 190 6.36 -65.47 33.71
CA ALA M 190 6.12 -66.51 34.71
C ALA M 190 7.36 -66.76 35.59
N PRO M 191 8.53 -66.95 34.97
CA PRO M 191 9.74 -67.15 35.77
C PRO M 191 10.08 -65.96 36.66
N GLU M 192 9.85 -64.75 36.15
CA GLU M 192 10.11 -63.55 36.94
C GLU M 192 9.15 -63.44 38.12
N ALA M 193 7.92 -63.90 37.92
CA ALA M 193 6.92 -63.90 38.97
C ALA M 193 7.34 -64.86 40.08
N VAL M 194 7.89 -66.01 39.70
CA VAL M 194 8.43 -66.96 40.66
C VAL M 194 9.57 -66.32 41.43
N GLU M 195 10.53 -65.77 40.71
CA GLU M 195 11.70 -65.15 41.33
C GLU M 195 11.31 -64.00 42.25
N TYR M 196 10.20 -63.34 41.94
CA TYR M 196 9.75 -62.17 42.69
C TYR M 196 8.98 -62.57 43.95
N GLY M 197 8.50 -63.81 43.97
CA GLY M 197 7.73 -64.29 45.11
C GLY M 197 6.23 -64.08 44.92
N LEU M 198 5.84 -63.69 43.72
CA LEU M 198 4.43 -63.49 43.40
C LEU M 198 3.70 -64.83 43.35
N VAL M 199 4.34 -65.81 42.73
CA VAL M 199 3.84 -67.18 42.74
C VAL M 199 4.97 -68.10 43.17
N ASP M 200 4.64 -69.36 43.45
CA ASP M 200 5.61 -70.29 44.02
C ASP M 200 6.33 -71.12 42.96
N SER M 201 5.63 -71.40 41.86
CA SER M 201 6.24 -72.18 40.78
C SER M 201 5.44 -72.10 39.48
N ILE M 202 6.04 -72.62 38.41
CA ILE M 202 5.39 -72.69 37.12
C ILE M 202 4.80 -74.08 36.91
N LEU M 203 3.54 -74.13 36.47
CA LEU M 203 2.88 -75.40 36.16
C LEU M 203 3.49 -76.04 34.93
N THR M 204 4.02 -77.26 35.08
CA THR M 204 4.61 -77.99 33.96
C THR M 204 3.78 -79.24 33.64
N HIS M 205 3.77 -79.62 32.36
CA HIS M 205 2.84 -80.64 31.88
C HIS M 205 2.91 -81.95 32.68
N ARG M 206 1.74 -82.57 32.87
CA ARG M 206 1.60 -83.87 33.49
C ARG M 206 2.73 -84.80 33.04
N LEU N 16 -31.28 -69.56 18.63
CA LEU N 16 -31.67 -70.95 18.89
C LEU N 16 -30.56 -71.94 18.52
N VAL N 17 -30.03 -72.65 19.52
CA VAL N 17 -29.16 -73.80 19.26
C VAL N 17 -30.03 -75.06 19.24
N PRO N 18 -30.03 -75.76 18.09
CA PRO N 18 -30.84 -77.00 17.95
C PRO N 18 -30.54 -77.99 19.07
N MET N 19 -31.55 -78.78 19.43
CA MET N 19 -31.37 -79.83 20.42
C MET N 19 -31.34 -81.16 19.70
N VAL N 20 -30.64 -82.13 20.28
CA VAL N 20 -30.56 -83.44 19.66
C VAL N 20 -30.82 -84.53 20.68
N ILE N 21 -31.26 -85.68 20.20
CA ILE N 21 -31.46 -86.81 21.07
C ILE N 21 -30.20 -87.62 21.13
N GLU N 22 -29.73 -87.87 22.35
CA GLU N 22 -28.71 -88.89 22.50
C GLU N 22 -29.22 -90.18 23.13
N GLN N 23 -28.82 -91.29 22.54
CA GLN N 23 -29.04 -92.62 23.12
C GLN N 23 -27.91 -93.10 24.03
N THR N 24 -27.98 -92.79 25.31
CA THR N 24 -26.99 -93.26 26.26
C THR N 24 -27.51 -94.57 26.83
N SER N 25 -26.64 -95.36 27.47
CA SER N 25 -27.02 -96.68 27.96
C SER N 25 -28.07 -96.61 29.07
N ARG N 26 -28.32 -95.39 29.54
CA ARG N 26 -29.30 -95.16 30.61
C ARG N 26 -30.66 -94.73 30.06
N GLY N 27 -30.85 -94.93 28.76
CA GLY N 27 -32.01 -94.40 28.08
C GLY N 27 -31.55 -93.16 27.32
N GLU N 28 -32.45 -92.52 26.59
CA GLU N 28 -32.05 -91.40 25.75
C GLU N 28 -32.17 -90.04 26.46
N ARG N 29 -31.39 -89.06 25.98
CA ARG N 29 -31.33 -87.74 26.61
C ARG N 29 -31.22 -86.60 25.60
N SER N 30 -31.42 -85.37 26.06
CA SER N 30 -31.44 -84.21 25.19
C SER N 30 -30.29 -83.22 25.47
N PHE N 31 -29.57 -82.87 24.42
CA PHE N 31 -28.46 -81.92 24.49
C PHE N 31 -28.62 -80.85 23.43
N ASP N 32 -28.07 -79.66 23.68
CA ASP N 32 -27.90 -78.69 22.61
C ASP N 32 -26.75 -79.20 21.74
N ILE N 33 -26.69 -78.77 20.50
CA ILE N 33 -25.76 -79.34 19.52
C ILE N 33 -24.29 -79.26 19.96
N TYR N 34 -23.92 -78.16 20.59
CA TYR N 34 -22.53 -77.99 21.02
C TYR N 34 -22.17 -78.86 22.21
N SER N 35 -23.10 -79.00 23.15
CA SER N 35 -22.90 -79.92 24.27
C SER N 35 -22.78 -81.35 23.74
N ARG N 36 -23.60 -81.67 22.74
CA ARG N 36 -23.57 -83.00 22.14
C ARG N 36 -22.20 -83.30 21.53
N LEU N 37 -21.66 -82.34 20.79
CA LEU N 37 -20.36 -82.51 20.15
C LEU N 37 -19.24 -82.54 21.18
N LEU N 38 -19.42 -81.84 22.29
CA LEU N 38 -18.44 -81.86 23.36
C LEU N 38 -18.28 -83.27 23.92
N LYS N 39 -19.40 -83.99 24.00
CA LYS N 39 -19.38 -85.36 24.49
C LYS N 39 -18.54 -86.26 23.58
N GLU N 40 -18.47 -85.91 22.30
CA GLU N 40 -17.60 -86.61 21.37
C GLU N 40 -16.22 -85.95 21.29
N ARG N 41 -15.93 -85.13 22.29
CA ARG N 41 -14.60 -84.54 22.48
C ARG N 41 -14.23 -83.49 21.43
N VAL N 42 -15.24 -82.84 20.85
CA VAL N 42 -15.01 -81.73 19.94
C VAL N 42 -15.27 -80.39 20.63
N ILE N 43 -14.29 -79.50 20.53
CA ILE N 43 -14.42 -78.14 21.07
C ILE N 43 -14.29 -77.13 19.95
N PHE N 44 -15.21 -76.16 19.93
CA PHE N 44 -15.17 -75.13 18.91
C PHE N 44 -14.49 -73.87 19.42
N LEU N 45 -13.51 -73.42 18.64
CA LEU N 45 -12.88 -72.13 18.87
C LEU N 45 -13.29 -71.21 17.72
N THR N 46 -14.23 -70.32 18.00
CA THR N 46 -14.90 -69.57 16.94
C THR N 46 -14.96 -68.08 17.23
N GLY N 47 -14.66 -67.28 16.21
CA GLY N 47 -14.75 -65.84 16.33
C GLY N 47 -13.57 -65.22 17.06
N GLN N 48 -13.80 -64.05 17.64
CA GLN N 48 -12.75 -63.29 18.32
CA GLN N 48 -12.76 -63.29 18.32
C GLN N 48 -12.22 -64.00 19.56
N VAL N 49 -10.89 -64.09 19.67
CA VAL N 49 -10.27 -64.66 20.85
C VAL N 49 -10.21 -63.64 21.97
N GLU N 50 -10.85 -63.96 23.09
CA GLU N 50 -10.83 -63.09 24.25
C GLU N 50 -11.04 -63.89 25.55
N ASP N 51 -10.99 -63.19 26.68
CA ASP N 51 -10.99 -63.83 28.00
C ASP N 51 -12.07 -64.87 28.24
N HIS N 52 -13.31 -64.52 27.92
CA HIS N 52 -14.43 -65.37 28.28
C HIS N 52 -14.56 -66.63 27.42
N MET N 53 -14.47 -66.48 26.10
CA MET N 53 -14.51 -67.64 25.23
C MET N 53 -13.29 -68.53 25.46
N ALA N 54 -12.18 -67.92 25.87
CA ALA N 54 -10.94 -68.65 26.12
C ALA N 54 -11.05 -69.53 27.36
N ASN N 55 -11.47 -68.94 28.47
CA ASN N 55 -11.64 -69.69 29.71
C ASN N 55 -12.68 -70.80 29.57
N LEU N 56 -13.66 -70.58 28.71
CA LEU N 56 -14.68 -71.59 28.43
C LEU N 56 -14.04 -72.79 27.73
N ILE N 57 -13.13 -72.49 26.80
CA ILE N 57 -12.40 -73.53 26.09
C ILE N 57 -11.46 -74.27 27.05
N VAL N 58 -10.80 -73.51 27.93
CA VAL N 58 -9.94 -74.11 28.95
C VAL N 58 -10.72 -75.08 29.84
N ALA N 59 -11.89 -74.64 30.29
CA ALA N 59 -12.74 -75.48 31.13
C ALA N 59 -13.10 -76.77 30.40
N GLN N 60 -13.46 -76.65 29.13
CA GLN N 60 -13.83 -77.80 28.31
C GLN N 60 -12.69 -78.79 28.17
N MET N 61 -11.47 -78.28 27.97
CA MET N 61 -10.30 -79.13 27.82
C MET N 61 -10.02 -79.91 29.10
N LEU N 62 -10.08 -79.23 30.23
CA LEU N 62 -9.85 -79.87 31.52
C LEU N 62 -10.91 -80.95 31.78
N PHE N 63 -12.15 -80.65 31.43
CA PHE N 63 -13.23 -81.61 31.58
C PHE N 63 -12.99 -82.86 30.75
N LEU N 64 -12.72 -82.66 29.46
CA LEU N 64 -12.48 -83.77 28.54
C LEU N 64 -11.33 -84.66 29.02
N GLU N 65 -10.28 -84.04 29.56
CA GLU N 65 -9.15 -84.80 30.08
C GLU N 65 -9.58 -85.64 31.28
N ALA N 66 -10.26 -85.01 32.22
CA ALA N 66 -10.80 -85.70 33.38
C ALA N 66 -11.64 -86.91 32.98
N GLU N 67 -12.34 -86.78 31.86
CA GLU N 67 -13.24 -87.84 31.39
C GLU N 67 -12.45 -88.99 30.75
N ASN N 68 -11.56 -88.63 29.82
CA ASN N 68 -10.57 -89.57 29.30
C ASN N 68 -9.24 -88.86 29.07
N PRO N 69 -8.23 -89.21 29.87
CA PRO N 69 -6.87 -88.66 29.77
C PRO N 69 -6.11 -89.17 28.55
N GLU N 70 -6.60 -90.24 27.92
CA GLU N 70 -5.91 -90.84 26.77
C GLU N 70 -6.47 -90.43 25.42
N LYS N 71 -7.79 -90.27 25.34
CA LYS N 71 -8.45 -89.98 24.07
C LYS N 71 -8.09 -88.61 23.52
N ASP N 72 -7.93 -88.52 22.20
CA ASP N 72 -7.64 -87.27 21.54
C ASP N 72 -8.76 -86.26 21.75
N ILE N 73 -8.40 -84.99 21.87
CA ILE N 73 -9.37 -83.91 21.91
C ILE N 73 -9.27 -83.15 20.59
N TYR N 74 -10.42 -82.74 20.06
CA TYR N 74 -10.44 -82.08 18.78
C TYR N 74 -10.86 -80.62 18.88
N LEU N 75 -9.95 -79.74 18.47
CA LEU N 75 -10.19 -78.31 18.54
C LEU N 75 -10.40 -77.76 17.14
N TYR N 76 -11.66 -77.43 16.83
CA TYR N 76 -11.99 -76.91 15.51
C TYR N 76 -11.89 -75.39 15.52
N ILE N 77 -11.07 -74.87 14.61
CA ILE N 77 -10.74 -73.45 14.63
C ILE N 77 -11.26 -72.70 13.41
N ASN N 78 -12.11 -71.70 13.68
CA ASN N 78 -12.54 -70.74 12.67
C ASN N 78 -12.53 -69.36 13.33
N SER N 79 -11.40 -68.67 13.20
CA SER N 79 -11.18 -67.47 13.99
C SER N 79 -10.23 -66.50 13.31
N PRO N 80 -10.50 -65.19 13.45
CA PRO N 80 -9.61 -64.13 12.96
C PRO N 80 -8.54 -63.80 14.00
N GLY N 81 -8.57 -64.49 15.13
CA GLY N 81 -7.61 -64.24 16.20
C GLY N 81 -8.18 -63.34 17.28
N GLY N 82 -7.30 -62.63 17.98
CA GLY N 82 -7.72 -61.73 19.02
C GLY N 82 -6.65 -61.48 20.08
N VAL N 83 -7.09 -61.37 21.33
CA VAL N 83 -6.19 -61.04 22.44
C VAL N 83 -5.16 -62.13 22.69
N ILE N 84 -3.89 -61.76 22.67
CA ILE N 84 -2.79 -62.71 22.83
C ILE N 84 -2.81 -63.43 24.19
N THR N 85 -2.96 -62.68 25.27
CA THR N 85 -2.98 -63.29 26.60
C THR N 85 -4.10 -64.32 26.73
N ALA N 86 -5.26 -64.01 26.16
CA ALA N 86 -6.39 -64.93 26.18
C ALA N 86 -6.04 -66.20 25.41
N GLY N 87 -5.46 -66.03 24.22
CA GLY N 87 -5.01 -67.14 23.42
C GLY N 87 -4.01 -68.01 24.15
N MET N 88 -3.12 -67.38 24.92
CA MET N 88 -2.06 -68.11 25.60
C MET N 88 -2.58 -68.96 26.76
N SER N 89 -3.71 -68.58 27.33
CA SER N 89 -4.32 -69.43 28.36
C SER N 89 -4.79 -70.74 27.73
N ILE N 90 -5.21 -70.66 26.46
CA ILE N 90 -5.56 -71.84 25.71
C ILE N 90 -4.31 -72.65 25.35
N TYR N 91 -3.30 -71.95 24.84
CA TYR N 91 -2.04 -72.60 24.46
C TYR N 91 -1.46 -73.43 25.59
N ASP N 92 -1.34 -72.81 26.77
CA ASP N 92 -0.73 -73.48 27.92
C ASP N 92 -1.57 -74.66 28.40
N THR N 93 -2.88 -74.54 28.29
CA THR N 93 -3.77 -75.64 28.65
C THR N 93 -3.60 -76.80 27.68
N MET N 94 -3.52 -76.48 26.38
CA MET N 94 -3.28 -77.50 25.36
C MET N 94 -2.02 -78.31 25.66
N GLN N 95 -0.95 -77.62 26.05
CA GLN N 95 0.32 -78.30 26.31
C GLN N 95 0.31 -79.05 27.64
N PHE N 96 -0.40 -78.52 28.63
CA PHE N 96 -0.41 -79.13 29.95
C PHE N 96 -1.16 -80.46 30.00
N ILE N 97 -2.36 -80.50 29.45
CA ILE N 97 -3.19 -81.70 29.55
C ILE N 97 -2.57 -82.91 28.85
N LYS N 98 -2.93 -84.09 29.33
CA LYS N 98 -2.39 -85.35 28.84
C LYS N 98 -2.83 -85.70 27.42
N PRO N 99 -4.12 -85.54 27.12
CA PRO N 99 -4.61 -85.88 25.77
C PRO N 99 -3.93 -85.04 24.70
N ASP N 100 -3.73 -85.62 23.52
CA ASP N 100 -3.30 -84.85 22.36
C ASP N 100 -4.45 -83.94 21.93
N VAL N 101 -4.16 -82.67 21.70
CA VAL N 101 -5.17 -81.79 21.13
C VAL N 101 -4.98 -81.67 19.62
N SER N 102 -5.84 -82.36 18.88
CA SER N 102 -5.83 -82.30 17.43
C SER N 102 -6.54 -81.03 16.97
N THR N 103 -5.88 -80.24 16.13
CA THR N 103 -6.45 -78.99 15.65
C THR N 103 -6.89 -79.09 14.19
N ILE N 104 -8.03 -78.47 13.88
CA ILE N 104 -8.56 -78.46 12.52
C ILE N 104 -8.98 -77.06 12.11
N CYS N 105 -8.39 -76.56 11.03
CA CYS N 105 -8.75 -75.24 10.51
C CYS N 105 -9.88 -75.35 9.49
N MET N 106 -10.96 -74.62 9.76
CA MET N 106 -12.08 -74.52 8.83
C MET N 106 -12.40 -73.05 8.60
N GLY N 107 -12.58 -72.65 7.35
CA GLY N 107 -12.81 -71.26 7.01
C GLY N 107 -11.52 -70.47 7.10
N GLN N 108 -11.16 -70.06 8.30
CA GLN N 108 -9.91 -69.32 8.49
C GLN N 108 -9.30 -69.54 9.87
N ALA N 109 -7.97 -69.43 9.92
CA ALA N 109 -7.24 -69.36 11.18
C ALA N 109 -6.19 -68.28 11.01
N ALA N 110 -6.44 -67.11 11.59
CA ALA N 110 -5.55 -65.96 11.43
C ALA N 110 -5.03 -65.47 12.77
N SER N 111 -3.81 -64.93 12.76
CA SER N 111 -3.20 -64.39 13.97
C SER N 111 -3.22 -65.44 15.07
N MET N 112 -3.78 -65.10 16.23
CA MET N 112 -3.81 -66.04 17.35
C MET N 112 -4.49 -67.34 16.96
N GLY N 113 -5.40 -67.28 15.99
CA GLY N 113 -6.06 -68.47 15.51
C GLY N 113 -5.09 -69.40 14.81
N ALA N 114 -4.22 -68.83 13.99
CA ALA N 114 -3.19 -69.61 13.30
C ALA N 114 -2.19 -70.19 14.30
N PHE N 115 -1.87 -69.41 15.33
CA PHE N 115 -0.92 -69.85 16.35
C PHE N 115 -1.44 -71.06 17.12
N LEU N 116 -2.71 -71.01 17.52
CA LEU N 116 -3.31 -72.13 18.24
C LEU N 116 -3.46 -73.34 17.33
N LEU N 117 -3.71 -73.09 16.05
CA LEU N 117 -3.75 -74.16 15.05
C LEU N 117 -2.43 -74.91 15.01
N THR N 118 -1.33 -74.19 14.85
CA THR N 118 -0.01 -74.81 14.74
C THR N 118 0.46 -75.41 16.06
N ALA N 119 -0.21 -75.03 17.15
CA ALA N 119 0.17 -75.49 18.48
C ALA N 119 -0.42 -76.87 18.81
N GLY N 120 -1.22 -77.40 17.89
CA GLY N 120 -1.81 -78.71 18.08
C GLY N 120 -0.76 -79.81 18.13
N ALA N 121 -1.18 -81.00 18.54
CA ALA N 121 -0.27 -82.14 18.64
C ALA N 121 0.37 -82.48 17.29
N LYS N 122 1.69 -82.61 17.29
CA LYS N 122 2.44 -82.94 16.08
C LYS N 122 1.82 -84.16 15.38
N GLY N 123 1.53 -83.98 14.09
CA GLY N 123 0.93 -85.05 13.30
C GLY N 123 -0.58 -84.99 13.23
N LYS N 124 -1.18 -84.21 14.13
CA LYS N 124 -2.63 -84.15 14.24
C LYS N 124 -3.19 -82.74 14.02
N ARG N 125 -2.47 -81.93 13.25
CA ARG N 125 -2.92 -80.59 12.88
C ARG N 125 -3.37 -80.62 11.42
N PHE N 126 -4.60 -80.16 11.17
CA PHE N 126 -5.18 -80.28 9.84
C PHE N 126 -5.73 -78.97 9.30
N CYS N 127 -5.64 -78.81 7.97
CA CYS N 127 -6.35 -77.77 7.25
C CYS N 127 -7.37 -78.43 6.33
N LEU N 128 -8.55 -77.83 6.22
CA LEU N 128 -9.48 -78.23 5.18
C LEU N 128 -9.01 -77.58 3.88
N PRO N 129 -9.36 -78.18 2.73
CA PRO N 129 -8.77 -77.81 1.44
C PRO N 129 -8.87 -76.32 1.12
N ASN N 130 -9.96 -75.67 1.53
CA ASN N 130 -10.18 -74.27 1.18
C ASN N 130 -10.14 -73.31 2.36
N SER N 131 -9.68 -73.79 3.50
CA SER N 131 -9.44 -72.91 4.63
C SER N 131 -8.17 -72.13 4.31
N ARG N 132 -8.03 -70.96 4.91
CA ARG N 132 -6.80 -70.21 4.74
C ARG N 132 -6.25 -69.77 6.09
N VAL N 133 -4.93 -69.56 6.13
CA VAL N 133 -4.25 -69.17 7.33
C VAL N 133 -3.55 -67.85 7.07
N MET N 134 -3.50 -67.00 8.07
CA MET N 134 -2.73 -65.76 7.99
C MET N 134 -1.93 -65.58 9.25
N ILE N 135 -0.66 -65.22 9.09
CA ILE N 135 0.21 -64.98 10.23
C ILE N 135 0.76 -63.58 10.18
N HIS N 136 1.07 -63.02 11.35
CA HIS N 136 1.71 -61.72 11.46
C HIS N 136 2.18 -61.46 12.89
N GLN N 137 2.70 -60.26 13.13
CA GLN N 137 3.23 -59.90 14.44
C GLN N 137 2.14 -59.28 15.31
N PRO N 138 2.40 -59.18 16.63
CA PRO N 138 1.43 -58.59 17.56
C PRO N 138 1.03 -57.16 17.20
N LEU N 139 -0.24 -56.86 17.43
CA LEU N 139 -0.76 -55.51 17.29
C LEU N 139 -1.02 -54.96 18.68
N GLY N 140 -0.80 -53.68 18.87
CA GLY N 140 -1.01 -53.07 20.17
C GLY N 140 -1.21 -51.58 20.10
N GLY N 141 -1.29 -50.96 21.27
CA GLY N 141 -1.48 -49.53 21.36
C GLY N 141 -1.48 -49.08 22.80
N TYR N 142 -0.72 -48.03 23.09
CA TYR N 142 -0.77 -47.40 24.40
C TYR N 142 -0.82 -45.88 24.24
N GLN N 143 -1.22 -45.20 25.30
CA GLN N 143 -1.37 -43.76 25.27
C GLN N 143 -1.04 -43.21 26.65
N GLY N 144 -0.14 -42.22 26.69
CA GLY N 144 0.25 -41.62 27.96
C GLY N 144 1.66 -41.04 27.97
N GLN N 145 2.27 -41.01 29.15
CA GLN N 145 3.62 -40.49 29.32
C GLN N 145 4.67 -41.33 28.60
N ALA N 146 5.72 -40.67 28.13
CA ALA N 146 6.80 -41.36 27.43
C ALA N 146 7.36 -42.52 28.25
N THR N 147 7.50 -42.33 29.56
CA THR N 147 8.02 -43.39 30.41
C THR N 147 7.13 -44.63 30.33
N ASP N 148 5.82 -44.41 30.40
CA ASP N 148 4.87 -45.52 30.33
C ASP N 148 4.81 -46.12 28.93
N ILE N 149 4.95 -45.27 27.92
CA ILE N 149 4.99 -45.74 26.53
C ILE N 149 6.14 -46.71 26.34
N GLU N 150 7.28 -46.40 26.94
CA GLU N 150 8.46 -47.25 26.83
C GLU N 150 8.21 -48.59 27.52
N ILE N 151 7.61 -48.56 28.70
CA ILE N 151 7.30 -49.78 29.43
C ILE N 151 6.45 -50.73 28.58
N HIS N 152 5.40 -50.21 27.98
CA HIS N 152 4.49 -51.05 27.20
C HIS N 152 5.05 -51.44 25.84
N ALA N 153 5.85 -50.56 25.24
CA ALA N 153 6.53 -50.90 24.00
C ALA N 153 7.49 -52.07 24.22
N ARG N 154 8.28 -51.97 25.29
CA ARG N 154 9.22 -53.03 25.64
C ARG N 154 8.48 -54.37 25.82
N GLU N 155 7.34 -54.32 26.50
CA GLU N 155 6.58 -55.54 26.77
C GLU N 155 6.03 -56.21 25.51
N ILE N 156 5.49 -55.42 24.58
CA ILE N 156 4.94 -56.01 23.35
C ILE N 156 6.04 -56.59 22.47
N LEU N 157 7.24 -56.02 22.57
CA LEU N 157 8.38 -56.56 21.82
C LEU N 157 8.82 -57.90 22.43
N LYS N 158 8.68 -58.02 23.75
CA LYS N 158 8.96 -59.29 24.42
C LYS N 158 7.94 -60.34 24.02
N VAL N 159 6.69 -59.93 23.95
CA VAL N 159 5.61 -60.82 23.52
C VAL N 159 5.87 -61.30 22.11
N LYS N 160 6.23 -60.36 21.23
CA LYS N 160 6.53 -60.68 19.84
C LYS N 160 7.63 -61.74 19.75
N GLY N 161 8.69 -61.56 20.53
CA GLY N 161 9.80 -62.49 20.53
C GLY N 161 9.40 -63.89 20.95
N ARG N 162 8.59 -63.98 22.00
CA ARG N 162 8.11 -65.26 22.50
C ARG N 162 7.24 -65.97 21.46
N MET N 163 6.28 -65.24 20.90
CA MET N 163 5.40 -65.80 19.88
C MET N 163 6.23 -66.36 18.72
N ASN N 164 7.26 -65.63 18.32
CA ASN N 164 8.12 -66.06 17.23
C ASN N 164 8.90 -67.33 17.57
N GLU N 165 9.38 -67.42 18.81
CA GLU N 165 10.11 -68.59 19.27
C GLU N 165 9.20 -69.82 19.28
N LEU N 166 7.98 -69.63 19.74
CA LEU N 166 7.02 -70.73 19.78
C LEU N 166 6.59 -71.17 18.39
N MET N 167 6.40 -70.19 17.50
CA MET N 167 6.09 -70.49 16.10
C MET N 167 7.21 -71.31 15.47
N ALA N 168 8.44 -70.91 15.73
CA ALA N 168 9.60 -71.65 15.24
C ALA N 168 9.55 -73.09 15.77
N LEU N 169 9.32 -73.22 17.07
CA LEU N 169 9.23 -74.52 17.72
C LEU N 169 8.22 -75.43 17.04
N HIS N 170 7.00 -74.93 16.84
CA HIS N 170 5.92 -75.77 16.34
C HIS N 170 5.97 -76.02 14.82
N THR N 171 6.52 -75.07 14.08
CA THR N 171 6.59 -75.22 12.62
C THR N 171 7.87 -75.93 12.18
N GLY N 172 8.92 -75.83 12.98
CA GLY N 172 10.20 -76.41 12.62
C GLY N 172 11.03 -75.45 11.79
N GLN N 173 10.45 -74.29 11.47
CA GLN N 173 11.18 -73.25 10.76
C GLN N 173 12.14 -72.56 11.70
N SER N 174 13.20 -71.96 11.16
CA SER N 174 14.16 -71.25 11.98
C SER N 174 13.53 -69.97 12.52
N LEU N 175 14.05 -69.48 13.64
CA LEU N 175 13.55 -68.24 14.23
C LEU N 175 13.71 -67.09 13.24
N GLU N 176 14.79 -67.10 12.47
CA GLU N 176 15.06 -66.06 11.49
C GLU N 176 14.00 -66.05 10.38
N GLN N 177 13.62 -67.24 9.94
CA GLN N 177 12.61 -67.36 8.89
C GLN N 177 11.26 -66.86 9.39
N ILE N 178 10.90 -67.27 10.60
CA ILE N 178 9.64 -66.83 11.22
C ILE N 178 9.59 -65.32 11.35
N GLU N 179 10.66 -64.74 11.88
CA GLU N 179 10.75 -63.29 12.01
C GLU N 179 10.51 -62.61 10.67
N ARG N 180 11.24 -63.04 9.66
CA ARG N 180 11.13 -62.47 8.32
C ARG N 180 9.72 -62.62 7.77
N ASP N 181 9.10 -63.75 8.03
CA ASP N 181 7.79 -64.07 7.44
C ASP N 181 6.60 -63.45 8.16
N THR N 182 6.81 -62.91 9.36
CA THR N 182 5.70 -62.40 10.15
C THR N 182 5.70 -60.88 10.35
N GLU N 183 6.67 -60.19 9.75
CA GLU N 183 6.73 -58.73 9.88
C GLU N 183 5.50 -58.07 9.27
N ARG N 184 4.97 -58.68 8.20
CA ARG N 184 3.71 -58.22 7.61
C ARG N 184 2.76 -59.40 7.43
N ASP N 185 1.47 -59.10 7.27
CA ASP N 185 0.46 -60.13 7.04
C ASP N 185 0.94 -61.11 5.96
N ARG N 186 0.84 -62.39 6.26
CA ARG N 186 1.26 -63.43 5.32
C ARG N 186 0.18 -64.51 5.22
N PHE N 187 -0.40 -64.66 4.04
CA PHE N 187 -1.42 -65.69 3.83
C PHE N 187 -0.80 -67.01 3.39
N LEU N 188 -1.34 -68.11 3.91
CA LEU N 188 -0.94 -69.44 3.46
C LEU N 188 -2.18 -70.25 3.08
N SER N 189 -2.19 -70.78 1.87
CA SER N 189 -3.21 -71.72 1.46
C SER N 189 -3.00 -73.02 2.23
N ALA N 190 -3.97 -73.92 2.17
CA ALA N 190 -3.85 -75.19 2.88
C ALA N 190 -2.57 -75.95 2.51
N PRO N 191 -2.30 -76.11 1.21
CA PRO N 191 -1.07 -76.78 0.80
C PRO N 191 0.17 -76.04 1.28
N GLU N 192 0.11 -74.71 1.27
CA GLU N 192 1.23 -73.90 1.73
C GLU N 192 1.48 -74.05 3.22
N ALA N 193 0.40 -74.18 3.99
CA ALA N 193 0.50 -74.36 5.44
C ALA N 193 1.17 -75.69 5.77
N VAL N 194 0.90 -76.70 4.97
CA VAL N 194 1.56 -77.99 5.12
C VAL N 194 3.05 -77.86 4.83
N GLU N 195 3.38 -77.25 3.69
CA GLU N 195 4.78 -77.03 3.32
C GLU N 195 5.52 -76.26 4.40
N TYR N 196 4.85 -75.28 4.99
CA TYR N 196 5.49 -74.39 5.96
C TYR N 196 5.72 -75.10 7.29
N GLY N 197 4.97 -76.17 7.54
CA GLY N 197 5.08 -76.90 8.78
C GLY N 197 4.11 -76.40 9.82
N LEU N 198 3.18 -75.56 9.39
CA LEU N 198 2.18 -74.97 10.29
C LEU N 198 1.10 -76.00 10.59
N VAL N 199 0.79 -76.83 9.60
CA VAL N 199 -0.14 -77.93 9.74
C VAL N 199 0.50 -79.17 9.13
N ASP N 200 0.03 -80.35 9.54
CA ASP N 200 0.64 -81.61 9.08
C ASP N 200 0.06 -82.13 7.76
N SER N 201 -1.24 -81.96 7.56
CA SER N 201 -1.85 -82.40 6.31
C SER N 201 -3.20 -81.73 6.04
N ILE N 202 -3.67 -81.90 4.81
CA ILE N 202 -4.99 -81.41 4.41
C ILE N 202 -6.00 -82.53 4.57
N LEU N 203 -7.14 -82.22 5.19
CA LEU N 203 -8.22 -83.19 5.33
C LEU N 203 -9.02 -83.29 4.05
N THR N 204 -9.09 -84.50 3.51
CA THR N 204 -9.99 -84.77 2.39
C THR N 204 -11.00 -85.86 2.78
N HIS N 205 -12.08 -85.91 2.02
CA HIS N 205 -13.15 -86.89 2.21
C HIS N 205 -12.88 -87.92 3.30
N LEU O 16 7.10 30.54 -41.40
CA LEU O 16 6.61 29.99 -42.66
C LEU O 16 5.19 30.46 -42.96
N VAL O 17 5.01 31.06 -44.14
CA VAL O 17 3.69 31.52 -44.57
C VAL O 17 3.18 30.67 -45.72
N PRO O 18 1.97 30.11 -45.56
CA PRO O 18 1.40 29.25 -46.60
C PRO O 18 1.31 29.96 -47.95
N MET O 19 1.49 29.20 -49.03
CA MET O 19 1.33 29.74 -50.37
C MET O 19 0.01 29.25 -50.97
N VAL O 20 -0.62 30.12 -51.74
CA VAL O 20 -1.88 29.79 -52.40
C VAL O 20 -1.82 30.23 -53.87
N ILE O 21 -2.55 29.54 -54.72
CA ILE O 21 -2.54 29.85 -56.15
C ILE O 21 -3.86 30.45 -56.61
N GLU O 22 -3.75 31.54 -57.36
CA GLU O 22 -4.92 32.17 -57.98
C GLU O 22 -4.92 31.87 -59.48
N GLN O 23 -5.92 31.12 -59.93
CA GLN O 23 -6.04 30.76 -61.33
C GLN O 23 -6.57 31.93 -62.14
N THR O 24 -6.01 32.14 -63.33
CA THR O 24 -6.51 33.18 -64.23
C THR O 24 -6.73 32.62 -65.62
N SER O 25 -7.11 33.48 -66.56
CA SER O 25 -7.29 33.08 -67.94
C SER O 25 -5.92 32.86 -68.58
N ARG O 26 -5.06 33.85 -68.43
CA ARG O 26 -3.71 33.79 -68.96
C ARG O 26 -2.96 32.58 -68.40
N GLY O 27 -3.08 32.36 -67.10
CA GLY O 27 -2.38 31.27 -66.46
C GLY O 27 -2.62 31.18 -64.96
N GLU O 28 -1.59 31.48 -64.19
CA GLU O 28 -1.65 31.37 -62.73
C GLU O 28 -0.90 32.48 -62.01
N ARG O 29 -1.15 32.59 -60.72
CA ARG O 29 -0.41 33.50 -59.85
C ARG O 29 -0.19 32.81 -58.50
N SER O 30 1.04 32.91 -57.98
CA SER O 30 1.33 32.35 -56.67
C SER O 30 1.42 33.46 -55.63
N PHE O 31 0.96 33.17 -54.41
CA PHE O 31 0.88 34.17 -53.36
C PHE O 31 1.14 33.57 -51.98
N ASP O 32 1.86 34.29 -51.13
CA ASP O 32 1.82 33.98 -49.71
C ASP O 32 0.44 34.43 -49.23
N ILE O 33 -0.05 33.84 -48.14
CA ILE O 33 -1.43 34.06 -47.74
C ILE O 33 -1.78 35.54 -47.47
N TYR O 34 -0.85 36.28 -46.88
CA TYR O 34 -1.11 37.68 -46.57
C TYR O 34 -1.18 38.55 -47.83
N SER O 35 -0.31 38.28 -48.80
CA SER O 35 -0.36 38.98 -50.07
C SER O 35 -1.66 38.66 -50.81
N ARG O 36 -2.09 37.41 -50.70
CA ARG O 36 -3.35 36.98 -51.33
C ARG O 36 -4.51 37.78 -50.75
N LEU O 37 -4.53 37.96 -49.43
CA LEU O 37 -5.59 38.73 -48.80
C LEU O 37 -5.49 40.22 -49.08
N LEU O 38 -4.26 40.72 -49.24
CA LEU O 38 -4.06 42.11 -49.62
C LEU O 38 -4.68 42.33 -50.99
N LYS O 39 -4.61 41.30 -51.84
CA LYS O 39 -5.19 41.35 -53.17
C LYS O 39 -6.69 41.63 -53.07
N GLU O 40 -7.30 41.21 -51.97
CA GLU O 40 -8.72 41.46 -51.72
C GLU O 40 -8.93 42.70 -50.87
N ARG O 41 -7.89 43.51 -50.75
CA ARG O 41 -7.95 44.78 -50.02
C ARG O 41 -8.07 44.60 -48.51
N VAL O 42 -7.53 43.50 -48.00
CA VAL O 42 -7.48 43.27 -46.57
C VAL O 42 -6.06 43.51 -46.03
N ILE O 43 -5.95 44.42 -45.07
CA ILE O 43 -4.66 44.70 -44.43
C ILE O 43 -4.70 44.29 -42.97
N PHE O 44 -3.67 43.57 -42.53
CA PHE O 44 -3.57 43.15 -41.13
C PHE O 44 -2.75 44.13 -40.30
N LEU O 45 -3.30 44.52 -39.15
CA LEU O 45 -2.55 45.29 -38.16
C LEU O 45 -2.41 44.43 -36.91
N THR O 46 -1.22 43.90 -36.69
CA THR O 46 -1.02 42.89 -35.67
C THR O 46 0.16 43.22 -34.77
N GLY O 47 0.00 43.01 -33.47
CA GLY O 47 1.06 43.25 -32.52
C GLY O 47 1.33 44.72 -32.26
N GLN O 48 2.54 45.01 -31.80
CA GLN O 48 2.90 46.36 -31.35
C GLN O 48 2.98 47.39 -32.48
N VAL O 49 2.39 48.56 -32.23
CA VAL O 49 2.42 49.64 -33.19
C VAL O 49 3.75 50.40 -33.11
N GLU O 50 4.49 50.40 -34.22
CA GLU O 50 5.73 51.16 -34.31
C GLU O 50 6.01 51.57 -35.76
N ASP O 51 7.05 52.37 -35.94
CA ASP O 51 7.33 53.01 -37.23
C ASP O 51 7.27 52.10 -38.46
N HIS O 52 7.91 50.95 -38.37
CA HIS O 52 8.08 50.10 -39.55
C HIS O 52 6.81 49.35 -39.96
N MET O 53 6.19 48.66 -39.00
CA MET O 53 4.93 47.99 -39.27
C MET O 53 3.87 49.00 -39.70
N ALA O 54 3.99 50.22 -39.19
CA ALA O 54 3.04 51.29 -39.48
C ALA O 54 3.21 51.84 -40.90
N ASN O 55 4.45 52.15 -41.27
CA ASN O 55 4.72 52.62 -42.62
C ASN O 55 4.39 51.57 -43.66
N LEU O 56 4.51 50.30 -43.29
CA LEU O 56 4.12 49.22 -44.18
C LEU O 56 2.62 49.25 -44.41
N ILE O 57 1.88 49.62 -43.37
CA ILE O 57 0.43 49.72 -43.48
C ILE O 57 0.03 50.93 -44.32
N VAL O 58 0.72 52.05 -44.13
CA VAL O 58 0.49 53.21 -44.97
C VAL O 58 0.71 52.87 -46.44
N ALA O 59 1.81 52.18 -46.72
CA ALA O 59 2.15 51.79 -48.09
C ALA O 59 1.03 50.95 -48.71
N GLN O 60 0.54 49.98 -47.96
CA GLN O 60 -0.54 49.13 -48.43
C GLN O 60 -1.80 49.94 -48.75
N MET O 61 -2.14 50.88 -47.87
CA MET O 61 -3.32 51.72 -48.04
C MET O 61 -3.22 52.60 -49.28
N LEU O 62 -2.06 53.23 -49.46
CA LEU O 62 -1.84 54.08 -50.62
C LEU O 62 -1.94 53.26 -51.91
N PHE O 63 -1.32 52.09 -51.91
CA PHE O 63 -1.38 51.21 -53.05
C PHE O 63 -2.82 50.85 -53.39
N LEU O 64 -3.59 50.48 -52.36
CA LEU O 64 -4.98 50.08 -52.56
C LEU O 64 -5.83 51.22 -53.10
N GLU O 65 -5.63 52.44 -52.60
CA GLU O 65 -6.37 53.59 -53.13
C GLU O 65 -6.05 53.78 -54.61
N ALA O 66 -4.78 53.64 -54.95
CA ALA O 66 -4.34 53.77 -56.33
C ALA O 66 -5.00 52.72 -57.22
N GLU O 67 -5.02 51.47 -56.75
CA GLU O 67 -5.64 50.38 -57.49
C GLU O 67 -7.12 50.64 -57.74
N ASN O 68 -7.83 51.05 -56.69
CA ASN O 68 -9.25 51.38 -56.79
C ASN O 68 -9.68 52.36 -55.70
N PRO O 69 -9.93 53.61 -56.08
CA PRO O 69 -10.29 54.72 -55.17
C PRO O 69 -11.67 54.60 -54.54
N GLU O 70 -12.53 53.72 -55.04
CA GLU O 70 -13.89 53.66 -54.50
C GLU O 70 -14.18 52.44 -53.63
N LYS O 71 -13.47 51.35 -53.87
CA LYS O 71 -13.63 50.13 -53.07
C LYS O 71 -13.12 50.32 -51.64
N ASP O 72 -13.88 49.79 -50.68
CA ASP O 72 -13.47 49.85 -49.29
C ASP O 72 -12.14 49.14 -49.05
N ILE O 73 -11.45 49.56 -48.00
CA ILE O 73 -10.25 48.85 -47.54
C ILE O 73 -10.55 48.28 -46.16
N TYR O 74 -10.05 47.08 -45.90
CA TYR O 74 -10.38 46.41 -44.64
C TYR O 74 -9.16 46.24 -43.75
N LEU O 75 -9.23 46.83 -42.57
CA LEU O 75 -8.12 46.83 -41.62
C LEU O 75 -8.44 45.93 -40.44
N TYR O 76 -7.79 44.77 -40.40
CA TYR O 76 -8.03 43.79 -39.35
C TYR O 76 -7.07 44.04 -38.19
N ILE O 77 -7.63 44.45 -37.05
CA ILE O 77 -6.82 44.88 -35.92
C ILE O 77 -6.78 43.85 -34.78
N ASN O 78 -5.57 43.42 -34.45
CA ASN O 78 -5.30 42.65 -33.24
C ASN O 78 -4.00 43.16 -32.64
N SER O 79 -4.12 44.09 -31.69
CA SER O 79 -2.95 44.83 -31.23
C SER O 79 -3.11 45.42 -29.83
N PRO O 80 -2.00 45.46 -29.06
CA PRO O 80 -1.95 46.07 -27.74
C PRO O 80 -1.71 47.57 -27.83
N GLY O 81 -1.54 48.07 -29.04
CA GLY O 81 -1.21 49.47 -29.26
C GLY O 81 0.28 49.67 -29.43
N GLY O 82 0.76 50.85 -29.07
CA GLY O 82 2.17 51.17 -29.17
C GLY O 82 2.45 52.65 -29.36
N VAL O 83 3.45 52.94 -30.19
CA VAL O 83 3.91 54.31 -30.38
C VAL O 83 2.84 55.20 -31.03
N ILE O 84 2.53 56.31 -30.39
CA ILE O 84 1.46 57.19 -30.85
C ILE O 84 1.74 57.83 -32.21
N THR O 85 2.90 58.44 -32.38
CA THR O 85 3.23 59.07 -33.65
C THR O 85 3.14 58.07 -34.80
N ALA O 86 3.59 56.84 -34.55
CA ALA O 86 3.51 55.78 -35.55
C ALA O 86 2.06 55.48 -35.90
N GLY O 87 1.22 55.40 -34.87
CA GLY O 87 -0.19 55.16 -35.09
C GLY O 87 -0.84 56.29 -35.87
N MET O 88 -0.41 57.52 -35.61
CA MET O 88 -1.00 58.68 -36.26
C MET O 88 -0.68 58.78 -37.75
N SER O 89 0.41 58.14 -38.18
CA SER O 89 0.72 58.08 -39.60
C SER O 89 -0.35 57.24 -40.29
N ILE O 90 -0.77 56.17 -39.62
CA ILE O 90 -1.85 55.33 -40.12
C ILE O 90 -3.17 56.07 -40.08
N TYR O 91 -3.43 56.75 -38.96
CA TYR O 91 -4.67 57.50 -38.81
C TYR O 91 -4.86 58.52 -39.93
N ASP O 92 -3.85 59.35 -40.14
CA ASP O 92 -3.92 60.39 -41.15
C ASP O 92 -4.07 59.83 -42.55
N THR O 93 -3.46 58.67 -42.79
CA THR O 93 -3.58 58.02 -44.09
C THR O 93 -5.01 57.51 -44.29
N MET O 94 -5.58 56.95 -43.22
CA MET O 94 -6.95 56.47 -43.26
C MET O 94 -7.93 57.58 -43.62
N GLN O 95 -7.77 58.75 -43.00
CA GLN O 95 -8.67 59.86 -43.24
C GLN O 95 -8.40 60.55 -44.58
N PHE O 96 -7.15 60.53 -45.02
CA PHE O 96 -6.80 61.18 -46.28
C PHE O 96 -7.37 60.46 -47.50
N ILE O 97 -7.20 59.15 -47.54
CA ILE O 97 -7.55 58.38 -48.73
C ILE O 97 -9.06 58.36 -49.02
N LYS O 98 -9.38 58.23 -50.30
CA LYS O 98 -10.76 58.24 -50.76
C LYS O 98 -11.57 57.04 -50.23
N PRO O 99 -11.01 55.83 -50.33
CA PRO O 99 -11.75 54.65 -49.86
C PRO O 99 -12.10 54.75 -48.37
N ASP O 100 -13.28 54.26 -48.02
CA ASP O 100 -13.63 54.05 -46.62
C ASP O 100 -12.70 52.97 -46.08
N VAL O 101 -12.14 53.20 -44.91
CA VAL O 101 -11.39 52.13 -44.24
C VAL O 101 -12.27 51.47 -43.19
N SER O 102 -12.72 50.26 -43.49
CA SER O 102 -13.50 49.47 -42.55
C SER O 102 -12.57 48.78 -41.57
N THR O 103 -12.87 48.87 -40.28
CA THR O 103 -12.02 48.28 -39.25
C THR O 103 -12.70 47.13 -38.52
N ILE O 104 -11.93 46.10 -38.19
CA ILE O 104 -12.45 44.94 -37.48
C ILE O 104 -11.52 44.56 -36.34
N CYS O 105 -12.07 44.52 -35.13
CA CYS O 105 -11.31 44.13 -33.96
C CYS O 105 -11.39 42.62 -33.75
N MET O 106 -10.25 41.95 -33.82
CA MET O 106 -10.18 40.52 -33.53
C MET O 106 -9.16 40.26 -32.43
N GLY O 107 -9.58 39.55 -31.39
CA GLY O 107 -8.73 39.32 -30.24
C GLY O 107 -8.79 40.51 -29.31
N GLN O 108 -8.01 41.53 -29.62
CA GLN O 108 -8.02 42.76 -28.84
C GLN O 108 -7.62 43.98 -29.66
N ALA O 109 -8.13 45.14 -29.24
CA ALA O 109 -7.66 46.41 -29.73
C ALA O 109 -7.50 47.31 -28.53
N ALA O 110 -6.26 47.50 -28.08
CA ALA O 110 -5.99 48.28 -26.88
C ALA O 110 -5.18 49.53 -27.20
N SER O 111 -5.47 50.61 -26.49
CA SER O 111 -4.72 51.85 -26.65
C SER O 111 -4.75 52.31 -28.10
N MET O 112 -3.58 52.57 -28.69
CA MET O 112 -3.52 53.05 -30.07
C MET O 112 -4.28 52.10 -31.00
N GLY O 113 -4.32 50.82 -30.65
CA GLY O 113 -5.06 49.85 -31.42
C GLY O 113 -6.55 50.15 -31.39
N ALA O 114 -7.06 50.49 -30.22
CA ALA O 114 -8.47 50.85 -30.06
C ALA O 114 -8.76 52.17 -30.78
N PHE O 115 -7.79 53.07 -30.74
CA PHE O 115 -7.94 54.37 -31.39
C PHE O 115 -8.09 54.20 -32.90
N LEU O 116 -7.24 53.37 -33.49
CA LEU O 116 -7.31 53.12 -34.94
C LEU O 116 -8.58 52.36 -35.30
N LEU O 117 -9.06 51.54 -34.37
CA LEU O 117 -10.33 50.82 -34.55
C LEU O 117 -11.46 51.83 -34.70
N THR O 118 -11.54 52.79 -33.78
CA THR O 118 -12.63 53.77 -33.77
C THR O 118 -12.51 54.73 -34.95
N ALA O 119 -11.30 54.89 -35.46
CA ALA O 119 -11.05 55.83 -36.56
C ALA O 119 -11.54 55.33 -37.90
N GLY O 120 -12.08 54.11 -37.92
CA GLY O 120 -12.62 53.54 -39.14
C GLY O 120 -13.82 54.32 -39.65
N ALA O 121 -14.20 54.07 -40.89
CA ALA O 121 -15.35 54.74 -41.49
C ALA O 121 -16.63 54.48 -40.71
N LYS O 122 -17.39 55.54 -40.48
CA LYS O 122 -18.66 55.44 -39.75
C LYS O 122 -19.55 54.35 -40.36
N GLY O 123 -20.03 53.46 -39.52
CA GLY O 123 -20.91 52.39 -39.96
C GLY O 123 -20.17 51.16 -40.44
N LYS O 124 -18.84 51.26 -40.50
CA LYS O 124 -18.02 50.17 -41.01
C LYS O 124 -16.93 49.75 -40.02
N ARG O 125 -17.22 49.92 -38.74
CA ARG O 125 -16.30 49.50 -37.67
C ARG O 125 -16.94 48.35 -36.90
N PHE O 126 -16.24 47.22 -36.81
CA PHE O 126 -16.80 46.01 -36.23
C PHE O 126 -15.97 45.44 -35.08
N CYS O 127 -16.66 44.81 -34.13
CA CYS O 127 -16.03 44.00 -33.10
C CYS O 127 -16.48 42.56 -33.27
N LEU O 128 -15.56 41.62 -33.16
CA LEU O 128 -15.95 40.22 -33.04
C LEU O 128 -16.49 40.03 -31.63
N PRO O 129 -17.40 39.07 -31.45
CA PRO O 129 -18.20 38.93 -30.21
C PRO O 129 -17.37 38.86 -28.93
N ASN O 130 -16.23 38.18 -28.96
CA ASN O 130 -15.41 38.02 -27.77
C ASN O 130 -14.10 38.80 -27.81
N SER O 131 -14.03 39.76 -28.72
CA SER O 131 -12.86 40.62 -28.81
C SER O 131 -12.88 41.62 -27.66
N ARG O 132 -11.71 42.14 -27.31
CA ARG O 132 -11.57 43.01 -26.15
C ARG O 132 -11.01 44.37 -26.54
N VAL O 133 -11.59 45.43 -25.99
CA VAL O 133 -11.11 46.78 -26.22
C VAL O 133 -10.68 47.42 -24.91
N MET O 134 -9.59 48.18 -24.96
CA MET O 134 -9.15 48.93 -23.79
C MET O 134 -8.69 50.32 -24.21
N ILE O 135 -9.09 51.32 -23.46
CA ILE O 135 -8.69 52.69 -23.75
C ILE O 135 -8.03 53.32 -22.53
N HIS O 136 -7.14 54.26 -22.76
CA HIS O 136 -6.49 54.99 -21.68
C HIS O 136 -5.78 56.23 -22.23
N GLN O 137 -4.97 56.87 -21.39
CA GLN O 137 -4.29 58.09 -21.79
C GLN O 137 -2.85 57.80 -22.21
N PRO O 138 -2.19 58.78 -22.85
CA PRO O 138 -0.80 58.59 -23.30
C PRO O 138 0.15 58.24 -22.16
N LEU O 139 1.11 57.36 -22.46
CA LEU O 139 2.19 57.05 -21.55
C LEU O 139 3.47 57.61 -22.14
N GLY O 140 4.37 58.06 -21.29
CA GLY O 140 5.62 58.61 -21.76
C GLY O 140 6.69 58.62 -20.69
N GLY O 141 7.82 59.21 -21.01
CA GLY O 141 8.92 59.30 -20.08
C GLY O 141 10.01 60.18 -20.63
N TYR O 142 10.62 60.96 -19.76
CA TYR O 142 11.79 61.75 -20.14
C TYR O 142 12.71 61.88 -18.95
N GLN O 143 13.99 62.08 -19.24
CA GLN O 143 14.98 62.26 -18.19
CA GLN O 143 14.99 62.25 -18.19
C GLN O 143 15.94 63.37 -18.59
N GLY O 144 16.25 64.25 -17.64
CA GLY O 144 17.16 65.36 -17.91
C GLY O 144 16.88 66.59 -17.09
N GLN O 145 17.24 67.75 -17.64
CA GLN O 145 17.06 69.02 -16.94
C GLN O 145 15.60 69.39 -16.77
N ALA O 146 15.29 70.09 -15.69
CA ALA O 146 13.94 70.53 -15.42
C ALA O 146 13.33 71.28 -16.61
N THR O 147 14.11 72.15 -17.24
CA THR O 147 13.61 72.91 -18.38
C THR O 147 13.13 71.99 -19.49
N ASP O 148 13.91 70.95 -19.76
CA ASP O 148 13.57 69.99 -20.82
C ASP O 148 12.40 69.10 -20.41
N ILE O 149 12.37 68.72 -19.14
CA ILE O 149 11.25 67.94 -18.60
C ILE O 149 9.94 68.68 -18.86
N GLU O 150 9.95 70.00 -18.64
CA GLU O 150 8.77 70.82 -18.85
C GLU O 150 8.36 70.80 -20.32
N ILE O 151 9.34 70.95 -21.21
CA ILE O 151 9.09 70.94 -22.64
C ILE O 151 8.36 69.66 -23.06
N HIS O 152 8.88 68.53 -22.61
CA HIS O 152 8.31 67.24 -22.99
C HIS O 152 7.02 66.90 -22.26
N ALA O 153 6.88 67.39 -21.03
CA ALA O 153 5.64 67.22 -20.29
C ALA O 153 4.51 67.99 -20.98
N ARG O 154 4.82 69.23 -21.36
CA ARG O 154 3.84 70.06 -22.07
C ARG O 154 3.41 69.40 -23.37
N GLU O 155 4.35 68.80 -24.08
CA GLU O 155 4.05 68.16 -25.35
C GLU O 155 3.13 66.95 -25.22
N ILE O 156 3.40 66.08 -24.24
CA ILE O 156 2.56 64.89 -24.07
C ILE O 156 1.16 65.26 -23.60
N LEU O 157 1.05 66.37 -22.89
CA LEU O 157 -0.26 66.88 -22.48
C LEU O 157 -1.05 67.33 -23.71
N LYS O 158 -0.35 67.97 -24.65
CA LYS O 158 -0.98 68.36 -25.91
C LYS O 158 -1.40 67.14 -26.71
N VAL O 159 -0.54 66.15 -26.76
CA VAL O 159 -0.86 64.89 -27.44
C VAL O 159 -2.11 64.28 -26.81
N LYS O 160 -2.15 64.24 -25.49
CA LYS O 160 -3.29 63.71 -24.76
C LYS O 160 -4.57 64.45 -25.16
N GLY O 161 -4.48 65.77 -25.22
CA GLY O 161 -5.61 66.60 -25.59
C GLY O 161 -6.13 66.26 -26.98
N ARG O 162 -5.22 66.11 -27.93
CA ARG O 162 -5.62 65.83 -29.30
C ARG O 162 -6.26 64.44 -29.45
N MET O 163 -5.66 63.45 -28.80
CA MET O 163 -6.19 62.09 -28.86
C MET O 163 -7.62 62.05 -28.31
N ASN O 164 -7.87 62.80 -27.24
CA ASN O 164 -9.20 62.88 -26.66
C ASN O 164 -10.20 63.57 -27.57
N GLU O 165 -9.76 64.65 -28.22
CA GLU O 165 -10.61 65.35 -29.18
C GLU O 165 -11.01 64.42 -30.32
N LEU O 166 -10.05 63.67 -30.84
CA LEU O 166 -10.31 62.76 -31.94
C LEU O 166 -11.19 61.59 -31.52
N MET O 167 -10.98 61.09 -30.31
CA MET O 167 -11.83 60.03 -29.76
C MET O 167 -13.28 60.51 -29.65
N ALA O 168 -13.48 61.72 -29.14
CA ALA O 168 -14.81 62.30 -29.04
C ALA O 168 -15.44 62.39 -30.42
N LEU O 169 -14.66 62.89 -31.38
CA LEU O 169 -15.12 63.04 -32.75
C LEU O 169 -15.65 61.73 -33.33
N HIS O 170 -14.85 60.67 -33.21
CA HIS O 170 -15.19 59.39 -33.84
C HIS O 170 -16.24 58.57 -33.07
N THR O 171 -16.32 58.76 -31.76
CA THR O 171 -17.30 58.02 -30.96
C THR O 171 -18.63 58.75 -30.84
N GLY O 172 -18.58 60.08 -30.94
CA GLY O 172 -19.78 60.89 -30.76
C GLY O 172 -19.99 61.24 -29.31
N GLN O 173 -19.10 60.75 -28.44
CA GLN O 173 -19.13 61.13 -27.03
C GLN O 173 -18.59 62.54 -26.89
N SER O 174 -18.89 63.18 -25.76
CA SER O 174 -18.37 64.52 -25.50
C SER O 174 -16.91 64.43 -25.11
N LEU O 175 -16.20 65.54 -25.23
CA LEU O 175 -14.80 65.60 -24.82
C LEU O 175 -14.67 65.25 -23.35
N GLU O 176 -15.58 65.79 -22.54
CA GLU O 176 -15.58 65.56 -21.10
C GLU O 176 -15.75 64.08 -20.77
N GLN O 177 -16.65 63.40 -21.48
CA GLN O 177 -16.87 61.97 -21.29
C GLN O 177 -15.60 61.18 -21.60
N ILE O 178 -14.99 61.45 -22.75
CA ILE O 178 -13.76 60.78 -23.14
C ILE O 178 -12.67 61.01 -22.10
N GLU O 179 -12.57 62.24 -21.60
CA GLU O 179 -11.56 62.60 -20.61
C GLU O 179 -11.71 61.78 -19.32
N ARG O 180 -12.94 61.64 -18.84
CA ARG O 180 -13.18 60.88 -17.62
C ARG O 180 -12.87 59.40 -17.79
N ASP O 181 -13.21 58.86 -18.96
CA ASP O 181 -13.11 57.43 -19.20
C ASP O 181 -11.71 56.95 -19.57
N THR O 182 -10.80 57.89 -19.83
CA THR O 182 -9.45 57.51 -20.26
C THR O 182 -8.35 57.84 -19.25
N GLU O 183 -8.71 58.46 -18.13
CA GLU O 183 -7.72 58.77 -17.10
C GLU O 183 -7.01 57.50 -16.63
N ARG O 184 -7.76 56.41 -16.54
CA ARG O 184 -7.18 55.12 -16.20
C ARG O 184 -7.66 54.06 -17.18
N ASP O 185 -6.93 52.95 -17.24
CA ASP O 185 -7.30 51.84 -18.11
C ASP O 185 -8.79 51.55 -18.00
N ARG O 186 -9.46 51.46 -19.15
CA ARG O 186 -10.89 51.20 -19.19
C ARG O 186 -11.21 50.12 -20.22
N PHE O 187 -11.74 49.00 -19.76
CA PHE O 187 -12.08 47.91 -20.66
C PHE O 187 -13.51 48.03 -21.18
N LEU O 188 -13.69 47.66 -22.45
CA LEU O 188 -15.03 47.57 -23.03
C LEU O 188 -15.20 46.24 -23.75
N SER O 189 -16.25 45.52 -23.37
CA SER O 189 -16.64 44.32 -24.11
C SER O 189 -17.15 44.77 -25.48
N ALA O 190 -17.35 43.83 -26.39
CA ALA O 190 -17.85 44.16 -27.71
C ALA O 190 -19.16 44.93 -27.67
N PRO O 191 -20.16 44.43 -26.90
CA PRO O 191 -21.44 45.15 -26.78
C PRO O 191 -21.25 46.56 -26.22
N GLU O 192 -20.37 46.70 -25.24
CA GLU O 192 -20.12 48.01 -24.64
C GLU O 192 -19.46 48.95 -25.62
N ALA O 193 -18.62 48.40 -26.51
CA ALA O 193 -17.96 49.20 -27.54
C ALA O 193 -18.97 49.76 -28.54
N VAL O 194 -19.98 48.95 -28.88
CA VAL O 194 -21.06 49.41 -29.75
C VAL O 194 -21.84 50.53 -29.08
N GLU O 195 -22.25 50.29 -27.83
CA GLU O 195 -23.00 51.28 -27.07
C GLU O 195 -22.22 52.59 -26.93
N TYR O 196 -20.91 52.48 -26.80
CA TYR O 196 -20.06 53.64 -26.55
C TYR O 196 -19.81 54.44 -27.82
N GLY O 197 -20.07 53.82 -28.98
CA GLY O 197 -19.85 54.47 -30.25
C GLY O 197 -18.43 54.25 -30.76
N LEU O 198 -17.73 53.33 -30.12
CA LEU O 198 -16.36 53.01 -30.51
C LEU O 198 -16.34 52.18 -31.80
N VAL O 199 -17.26 51.23 -31.88
CA VAL O 199 -17.52 50.52 -33.13
C VAL O 199 -19.00 50.62 -33.43
N ASP O 200 -19.40 50.18 -34.62
CA ASP O 200 -20.79 50.34 -35.06
C ASP O 200 -21.64 49.10 -34.78
N SER O 201 -21.03 47.92 -34.91
CA SER O 201 -21.76 46.68 -34.67
C SER O 201 -20.83 45.52 -34.35
N ILE O 202 -21.43 44.42 -33.90
CA ILE O 202 -20.70 43.19 -33.64
C ILE O 202 -20.85 42.24 -34.80
N LEU O 203 -19.74 41.66 -35.25
CA LEU O 203 -19.78 40.66 -36.31
C LEU O 203 -20.18 39.30 -35.75
N THR O 204 -21.36 38.84 -36.13
CA THR O 204 -21.85 37.53 -35.69
C THR O 204 -22.13 36.64 -36.88
N HIS O 205 -22.06 35.33 -36.65
CA HIS O 205 -22.26 34.34 -37.71
C HIS O 205 -23.35 34.73 -38.69
N LEU P 16 7.67 40.02 -43.06
CA LEU P 16 7.30 39.84 -44.46
C LEU P 16 6.88 41.16 -45.11
N VAL P 17 7.27 41.35 -46.36
CA VAL P 17 6.79 42.47 -47.14
C VAL P 17 5.85 41.94 -48.22
N PRO P 18 4.59 42.41 -48.20
CA PRO P 18 3.56 41.94 -49.12
C PRO P 18 3.97 42.10 -50.59
N MET P 19 3.54 41.16 -51.43
CA MET P 19 3.78 41.25 -52.86
C MET P 19 2.51 41.74 -53.55
N VAL P 20 2.69 42.44 -54.66
CA VAL P 20 1.56 42.93 -55.45
C VAL P 20 1.83 42.74 -56.95
N ILE P 21 0.78 42.82 -57.75
CA ILE P 21 0.91 42.62 -59.19
C ILE P 21 0.81 43.92 -60.00
N GLU P 22 1.70 44.06 -60.97
CA GLU P 22 1.58 45.15 -61.95
C GLU P 22 1.43 44.58 -63.35
N GLN P 23 0.40 45.04 -64.06
CA GLN P 23 0.21 44.68 -65.46
C GLN P 23 -0.06 45.92 -66.30
N GLY P 27 2.03 41.70 -70.53
CA GLY P 27 2.50 40.82 -69.48
C GLY P 27 2.43 41.47 -68.11
N GLU P 28 2.44 40.64 -67.07
CA GLU P 28 2.34 41.14 -65.70
C GLU P 28 3.56 40.78 -64.87
N ARG P 29 3.77 41.49 -63.77
CA ARG P 29 4.93 41.30 -62.91
C ARG P 29 4.56 41.33 -61.43
N SER P 30 5.50 40.94 -60.59
CA SER P 30 5.27 40.91 -59.14
C SER P 30 6.35 41.71 -58.40
N PHE P 31 5.91 42.50 -57.41
CA PHE P 31 6.83 43.35 -56.66
C PHE P 31 6.43 43.44 -55.19
N ASP P 32 7.41 43.57 -54.32
CA ASP P 32 7.13 43.92 -52.93
C ASP P 32 6.54 45.32 -52.93
N ILE P 33 5.77 45.64 -51.90
CA ILE P 33 4.99 46.87 -51.87
C ILE P 33 5.82 48.15 -52.01
N TYR P 34 7.02 48.15 -51.43
CA TYR P 34 7.88 49.35 -51.50
C TYR P 34 8.46 49.54 -52.90
N SER P 35 8.88 48.45 -53.53
CA SER P 35 9.36 48.51 -54.90
C SER P 35 8.26 48.98 -55.83
N ARG P 36 7.02 48.58 -55.54
CA ARG P 36 5.88 48.99 -56.34
C ARG P 36 5.68 50.50 -56.27
N LEU P 37 5.77 51.06 -55.07
CA LEU P 37 5.62 52.50 -54.91
C LEU P 37 6.80 53.28 -55.48
N LEU P 38 7.99 52.68 -55.42
CA LEU P 38 9.17 53.30 -56.02
C LEU P 38 8.94 53.49 -57.52
N LYS P 39 8.22 52.54 -58.12
CA LYS P 39 7.86 52.62 -59.52
C LYS P 39 7.09 53.92 -59.81
N GLU P 40 6.38 54.41 -58.79
CA GLU P 40 5.63 55.65 -58.92
C GLU P 40 6.40 56.84 -58.35
N ARG P 41 7.71 56.66 -58.18
CA ARG P 41 8.60 57.72 -57.74
C ARG P 41 8.39 58.14 -56.28
N VAL P 42 7.97 57.17 -55.46
CA VAL P 42 7.79 57.40 -54.04
C VAL P 42 8.85 56.66 -53.23
N ILE P 43 9.55 57.40 -52.38
CA ILE P 43 10.58 56.83 -51.53
C ILE P 43 10.22 57.04 -50.06
N PHE P 44 10.38 55.99 -49.27
CA PHE P 44 10.12 56.08 -47.84
C PHE P 44 11.40 56.32 -47.04
N LEU P 45 11.30 57.23 -46.08
CA LEU P 45 12.37 57.43 -45.10
C LEU P 45 11.77 57.08 -43.74
N THR P 46 12.17 55.93 -43.21
CA THR P 46 11.51 55.35 -42.04
C THR P 46 12.47 55.06 -40.88
N GLY P 47 12.11 55.53 -39.69
CA GLY P 47 12.91 55.28 -38.50
C GLY P 47 14.19 56.08 -38.47
N GLN P 48 15.17 55.57 -37.73
CA GLN P 48 16.42 56.30 -37.50
C GLN P 48 17.29 56.46 -38.74
N VAL P 49 17.78 57.69 -38.93
CA VAL P 49 18.67 58.00 -40.03
C VAL P 49 20.08 57.50 -39.74
N GLU P 50 20.60 56.67 -40.63
CA GLU P 50 21.97 56.20 -40.53
C GLU P 50 22.51 55.85 -41.93
N ASP P 51 23.79 55.58 -42.01
CA ASP P 51 24.48 55.41 -43.30
C ASP P 51 23.77 54.50 -44.30
N HIS P 52 23.43 53.30 -43.88
CA HIS P 52 22.90 52.30 -44.80
C HIS P 52 21.52 52.65 -45.37
N MET P 53 20.59 53.03 -44.51
CA MET P 53 19.26 53.43 -44.98
C MET P 53 19.34 54.71 -45.79
N ALA P 54 20.26 55.59 -45.42
CA ALA P 54 20.44 56.87 -46.10
C ALA P 54 20.96 56.65 -47.53
N ASN P 55 22.00 55.84 -47.64
CA ASN P 55 22.57 55.55 -48.96
C ASN P 55 21.58 54.83 -49.87
N LEU P 56 20.72 54.00 -49.28
CA LEU P 56 19.67 53.34 -50.04
C LEU P 56 18.72 54.38 -50.63
N ILE P 57 18.44 55.41 -49.85
CA ILE P 57 17.59 56.50 -50.31
C ILE P 57 18.28 57.31 -51.40
N VAL P 58 19.58 57.54 -51.24
CA VAL P 58 20.37 58.22 -52.27
C VAL P 58 20.30 57.46 -53.58
N ALA P 59 20.50 56.14 -53.51
CA ALA P 59 20.46 55.30 -54.71
C ALA P 59 19.11 55.37 -55.40
N GLN P 60 18.04 55.42 -54.61
CA GLN P 60 16.69 55.52 -55.16
C GLN P 60 16.49 56.86 -55.87
N MET P 61 16.98 57.92 -55.26
CA MET P 61 16.85 59.25 -55.85
C MET P 61 17.59 59.34 -57.17
N LEU P 62 18.83 58.86 -57.18
CA LEU P 62 19.64 58.88 -58.40
C LEU P 62 18.97 58.07 -59.51
N PHE P 63 18.49 56.89 -59.16
CA PHE P 63 17.80 56.04 -60.12
C PHE P 63 16.59 56.74 -60.73
N LEU P 64 15.78 57.36 -59.88
CA LEU P 64 14.58 58.05 -60.33
C LEU P 64 14.92 59.23 -61.25
N GLU P 65 15.92 60.02 -60.88
CA GLU P 65 16.34 61.12 -61.74
C GLU P 65 16.72 60.59 -63.11
N ALA P 66 17.54 59.54 -63.11
CA ALA P 66 17.98 58.92 -64.35
C ALA P 66 16.79 58.45 -65.19
N GLU P 67 15.78 57.89 -64.54
CA GLU P 67 14.60 57.38 -65.24
C GLU P 67 13.77 58.50 -65.86
N ASN P 68 13.51 59.54 -65.08
CA ASN P 68 12.92 60.77 -65.60
C ASN P 68 13.43 61.97 -64.83
N PRO P 69 14.32 62.74 -65.46
CA PRO P 69 14.97 63.92 -64.88
C PRO P 69 13.95 65.04 -64.63
N GLU P 70 12.75 64.90 -65.18
CA GLU P 70 11.76 65.98 -65.14
C GLU P 70 10.63 65.79 -64.14
N LYS P 71 10.23 64.54 -63.90
CA LYS P 71 9.13 64.24 -62.99
C LYS P 71 9.51 64.39 -61.52
N ASP P 72 8.57 64.92 -60.74
CA ASP P 72 8.77 65.08 -59.30
C ASP P 72 9.07 63.75 -58.63
N ILE P 73 9.76 63.82 -57.50
CA ILE P 73 10.05 62.64 -56.69
C ILE P 73 9.45 62.88 -55.30
N TYR P 74 8.99 61.82 -54.66
CA TYR P 74 8.31 61.97 -53.38
C TYR P 74 9.01 61.25 -52.24
N LEU P 75 9.30 61.99 -51.18
CA LEU P 75 9.97 61.46 -50.00
C LEU P 75 9.03 61.49 -48.80
N TYR P 76 8.54 60.31 -48.43
CA TYR P 76 7.62 60.19 -47.30
C TYR P 76 8.38 59.93 -46.01
N ILE P 77 8.28 60.87 -45.08
CA ILE P 77 9.13 60.86 -43.90
C ILE P 77 8.38 60.52 -42.61
N ASN P 78 8.85 59.48 -41.93
CA ASN P 78 8.42 59.14 -40.57
C ASN P 78 9.64 58.72 -39.76
N SER P 79 10.24 59.68 -39.08
CA SER P 79 11.57 59.47 -38.49
C SER P 79 11.79 60.30 -37.25
N PRO P 80 12.50 59.73 -36.25
CA PRO P 80 12.93 60.45 -35.06
C PRO P 80 14.26 61.18 -35.28
N GLY P 81 14.77 61.10 -36.51
CA GLY P 81 16.05 61.69 -36.85
C GLY P 81 17.19 60.70 -36.78
N GLY P 82 18.41 61.19 -36.59
CA GLY P 82 19.56 60.31 -36.50
C GLY P 82 20.88 60.99 -36.83
N VAL P 83 21.78 60.23 -37.44
CA VAL P 83 23.14 60.69 -37.74
C VAL P 83 23.15 61.83 -38.75
N ILE P 84 23.80 62.93 -38.40
CA ILE P 84 23.78 64.12 -39.25
C ILE P 84 24.48 63.93 -40.61
N THR P 85 25.68 63.36 -40.62
CA THR P 85 26.37 63.16 -41.89
C THR P 85 25.57 62.25 -42.81
N ALA P 86 24.97 61.21 -42.24
CA ALA P 86 24.09 60.33 -43.01
C ALA P 86 22.95 61.15 -43.62
N GLY P 87 22.34 62.00 -42.80
CA GLY P 87 21.26 62.86 -43.27
C GLY P 87 21.71 63.77 -44.40
N MET P 88 22.94 64.26 -44.32
CA MET P 88 23.43 65.22 -45.30
C MET P 88 23.72 64.60 -46.67
N SER P 89 23.98 63.29 -46.70
CA SER P 89 24.13 62.62 -47.98
C SER P 89 22.81 62.71 -48.73
N ILE P 90 21.71 62.55 -47.99
CA ILE P 90 20.38 62.66 -48.55
C ILE P 90 20.09 64.11 -48.95
N TYR P 91 20.36 65.04 -48.04
CA TYR P 91 20.12 66.45 -48.31
C TYR P 91 20.80 66.90 -49.61
N ASP P 92 22.09 66.62 -49.73
CA ASP P 92 22.85 67.06 -50.89
C ASP P 92 22.36 66.40 -52.17
N THR P 93 21.91 65.16 -52.07
CA THR P 93 21.36 64.47 -53.23
C THR P 93 20.05 65.13 -53.66
N MET P 94 19.21 65.47 -52.68
CA MET P 94 17.96 66.17 -52.95
C MET P 94 18.20 67.46 -53.73
N GLN P 95 19.18 68.23 -53.29
CA GLN P 95 19.47 69.52 -53.93
C GLN P 95 20.18 69.35 -55.26
N PHE P 96 20.98 68.30 -55.39
CA PHE P 96 21.71 68.07 -56.64
C PHE P 96 20.80 67.71 -57.80
N ILE P 97 19.97 66.69 -57.61
CA ILE P 97 19.15 66.16 -58.71
C ILE P 97 18.19 67.20 -59.26
N LYS P 98 17.84 67.03 -60.53
CA LYS P 98 16.97 67.97 -61.23
C LYS P 98 15.50 67.93 -60.79
N PRO P 99 14.95 66.74 -60.59
CA PRO P 99 13.57 66.64 -60.13
C PRO P 99 13.36 67.36 -58.80
N ASP P 100 12.23 68.04 -58.66
CA ASP P 100 11.81 68.53 -57.37
C ASP P 100 11.60 67.34 -56.45
N VAL P 101 12.08 67.43 -55.22
CA VAL P 101 11.77 66.40 -54.23
C VAL P 101 10.70 66.91 -53.28
N SER P 102 9.49 66.40 -53.45
CA SER P 102 8.38 66.76 -52.57
C SER P 102 8.45 65.93 -51.30
N THR P 103 8.27 66.58 -50.15
CA THR P 103 8.37 65.87 -48.87
C THR P 103 7.04 65.87 -48.11
N ILE P 104 6.76 64.74 -47.47
CA ILE P 104 5.54 64.59 -46.68
C ILE P 104 5.85 64.05 -45.30
N CYS P 105 5.43 64.79 -44.27
CA CYS P 105 5.60 64.34 -42.89
C CYS P 105 4.43 63.46 -42.46
N MET P 106 4.72 62.21 -42.13
CA MET P 106 3.71 61.29 -41.61
C MET P 106 4.09 60.84 -40.21
N GLY P 107 3.21 61.07 -39.24
CA GLY P 107 3.51 60.71 -37.87
C GLY P 107 4.43 61.73 -37.21
N GLN P 108 5.71 61.63 -37.49
CA GLN P 108 6.68 62.58 -36.97
C GLN P 108 7.88 62.78 -37.88
N ALA P 109 8.39 64.00 -37.87
CA ALA P 109 9.70 64.30 -38.46
C ALA P 109 10.47 65.09 -37.40
N ALA P 110 11.37 64.41 -36.70
CA ALA P 110 12.12 65.04 -35.63
C ALA P 110 13.60 65.14 -35.98
N SER P 111 14.22 66.25 -35.58
CA SER P 111 15.66 66.45 -35.76
C SER P 111 16.06 66.37 -37.23
N MET P 112 16.98 65.46 -37.56
CA MET P 112 17.40 65.32 -38.95
C MET P 112 16.22 65.00 -39.86
N GLY P 113 15.20 64.36 -39.30
CA GLY P 113 13.99 64.08 -40.03
C GLY P 113 13.26 65.35 -40.39
N ALA P 114 13.20 66.28 -39.43
CA ALA P 114 12.57 67.58 -39.66
C ALA P 114 13.38 68.40 -40.66
N PHE P 115 14.69 68.28 -40.58
CA PHE P 115 15.58 69.00 -41.49
C PHE P 115 15.38 68.58 -42.93
N LEU P 116 15.32 67.27 -43.17
CA LEU P 116 15.12 66.75 -44.51
C LEU P 116 13.72 67.08 -45.03
N LEU P 117 12.76 67.13 -44.11
CA LEU P 117 11.40 67.53 -44.47
C LEU P 117 11.37 68.95 -45.03
N THR P 118 11.96 69.89 -44.29
CA THR P 118 11.95 71.28 -44.69
C THR P 118 12.86 71.54 -45.90
N ALA P 119 13.72 70.56 -46.20
CA ALA P 119 14.65 70.68 -47.31
C ALA P 119 14.00 70.37 -48.65
N GLY P 120 12.74 69.95 -48.61
CA GLY P 120 12.00 69.64 -49.82
C GLY P 120 11.79 70.86 -50.71
N ALA P 121 11.41 70.61 -51.96
CA ALA P 121 11.18 71.69 -52.92
C ALA P 121 10.15 72.69 -52.39
N LYS P 122 10.49 73.96 -52.46
CA LYS P 122 9.59 75.03 -52.01
C LYS P 122 8.20 74.85 -52.61
N GLY P 123 7.18 74.92 -51.77
CA GLY P 123 5.80 74.78 -52.23
C GLY P 123 5.32 73.34 -52.29
N LYS P 124 6.24 72.40 -52.06
CA LYS P 124 5.90 70.99 -52.17
C LYS P 124 6.27 70.21 -50.90
N ARG P 125 6.27 70.90 -49.77
CA ARG P 125 6.52 70.27 -48.48
C ARG P 125 5.23 70.22 -47.68
N PHE P 126 4.86 69.03 -47.20
CA PHE P 126 3.57 68.83 -46.56
C PHE P 126 3.65 68.18 -45.19
N CYS P 127 2.71 68.55 -44.33
CA CYS P 127 2.44 67.82 -43.09
C CYS P 127 1.07 67.18 -43.19
N LEU P 128 0.96 65.93 -42.73
CA LEU P 128 -0.35 65.35 -42.51
C LEU P 128 -0.94 66.04 -41.28
N PRO P 129 -2.28 66.13 -41.21
CA PRO P 129 -2.96 66.97 -40.22
C PRO P 129 -2.54 66.74 -38.77
N ASN P 130 -2.25 65.50 -38.39
CA ASN P 130 -1.89 65.21 -37.01
C ASN P 130 -0.45 64.73 -36.85
N SER P 131 0.36 64.95 -37.88
CA SER P 131 1.79 64.71 -37.78
C SER P 131 2.39 65.81 -36.93
N ARG P 132 3.61 65.62 -36.46
CA ARG P 132 4.27 66.65 -35.68
C ARG P 132 5.76 66.72 -36.01
N VAL P 133 6.36 67.85 -35.68
CA VAL P 133 7.75 68.10 -35.99
C VAL P 133 8.50 68.50 -34.72
N MET P 134 9.77 68.15 -34.63
CA MET P 134 10.60 68.62 -33.53
C MET P 134 11.96 69.03 -34.05
N ILE P 135 12.45 70.17 -33.58
CA ILE P 135 13.77 70.65 -33.97
C ILE P 135 14.64 70.90 -32.75
N HIS P 136 15.94 70.80 -32.93
CA HIS P 136 16.89 71.04 -31.86
C HIS P 136 18.30 71.07 -32.41
N GLN P 137 19.28 71.30 -31.55
CA GLN P 137 20.66 71.40 -31.99
C GLN P 137 21.36 70.04 -32.00
N PRO P 138 22.51 69.95 -32.67
CA PRO P 138 23.26 68.68 -32.76
C PRO P 138 23.64 68.13 -31.38
N LEU P 139 23.63 66.81 -31.28
CA LEU P 139 24.11 66.12 -30.11
C LEU P 139 25.37 65.37 -30.48
N GLY P 140 26.30 65.28 -29.55
CA GLY P 140 27.54 64.59 -29.81
C GLY P 140 28.26 64.22 -28.52
N GLY P 141 29.52 63.85 -28.65
CA GLY P 141 30.29 63.47 -27.50
C GLY P 141 31.66 62.98 -27.91
N TYR P 142 32.65 63.25 -27.07
CA TYR P 142 34.00 62.76 -27.30
C TYR P 142 34.69 62.58 -25.96
N GLN P 143 35.61 61.63 -25.90
CA GLN P 143 36.43 61.45 -24.72
C GLN P 143 37.89 61.27 -25.14
N GLY P 144 38.79 61.87 -24.38
CA GLY P 144 40.20 61.82 -24.68
C GLY P 144 40.94 63.05 -24.17
N GLN P 145 42.04 63.38 -24.83
CA GLN P 145 42.85 64.52 -24.42
C GLN P 145 42.13 65.85 -24.67
N ALA P 146 42.41 66.83 -23.83
CA ALA P 146 41.82 68.16 -23.97
C ALA P 146 42.00 68.69 -25.39
N THR P 147 43.19 68.49 -25.96
CA THR P 147 43.46 68.96 -27.31
C THR P 147 42.45 68.40 -28.30
N ASP P 148 42.19 67.10 -28.19
CA ASP P 148 41.26 66.43 -29.09
C ASP P 148 39.81 66.80 -28.77
N ILE P 149 39.51 66.97 -27.50
CA ILE P 149 38.18 67.43 -27.10
C ILE P 149 37.86 68.75 -27.79
N GLU P 150 38.86 69.62 -27.84
CA GLU P 150 38.70 70.94 -28.43
C GLU P 150 38.50 70.82 -29.94
N ILE P 151 39.24 69.92 -30.57
CA ILE P 151 39.09 69.68 -32.01
C ILE P 151 37.66 69.26 -32.35
N HIS P 152 37.12 68.32 -31.57
CA HIS P 152 35.80 67.78 -31.86
C HIS P 152 34.67 68.71 -31.41
N ALA P 153 34.91 69.50 -30.36
CA ALA P 153 33.94 70.48 -29.90
C ALA P 153 33.82 71.60 -30.94
N ARG P 154 34.96 72.03 -31.47
CA ARG P 154 34.96 73.03 -32.52
C ARG P 154 34.20 72.55 -33.76
N GLU P 155 34.38 71.28 -34.12
CA GLU P 155 33.73 70.73 -35.30
C GLU P 155 32.21 70.69 -35.16
N ILE P 156 31.71 70.20 -34.03
CA ILE P 156 30.26 70.10 -33.85
C ILE P 156 29.63 71.50 -33.79
N LEU P 157 30.40 72.48 -33.34
CA LEU P 157 29.91 73.85 -33.33
C LEU P 157 29.77 74.38 -34.76
N LYS P 158 30.70 73.99 -35.63
CA LYS P 158 30.62 74.36 -37.04
C LYS P 158 29.44 73.65 -37.72
N VAL P 159 29.23 72.38 -37.35
CA VAL P 159 28.09 71.64 -37.85
C VAL P 159 26.80 72.33 -37.44
N LYS P 160 26.69 72.66 -36.15
CA LYS P 160 25.54 73.38 -35.62
C LYS P 160 25.29 74.64 -36.42
N GLY P 161 26.36 75.38 -36.72
CA GLY P 161 26.25 76.60 -37.49
C GLY P 161 25.67 76.39 -38.87
N ARG P 162 26.15 75.36 -39.56
CA ARG P 162 25.68 75.06 -40.91
C ARG P 162 24.22 74.64 -40.92
N MET P 163 23.85 73.78 -39.99
CA MET P 163 22.47 73.31 -39.91
C MET P 163 21.51 74.48 -39.66
N ASN P 164 21.90 75.39 -38.78
CA ASN P 164 21.10 76.57 -38.51
C ASN P 164 20.98 77.46 -39.74
N GLU P 165 22.09 77.62 -40.45
CA GLU P 165 22.11 78.42 -41.68
C GLU P 165 21.17 77.82 -42.73
N LEU P 166 21.20 76.51 -42.87
CA LEU P 166 20.36 75.83 -43.87
C LEU P 166 18.89 75.88 -43.47
N MET P 167 18.62 75.79 -42.18
CA MET P 167 17.25 75.89 -41.67
C MET P 167 16.67 77.27 -41.95
N ALA P 168 17.48 78.30 -41.74
CA ALA P 168 17.06 79.67 -42.04
C ALA P 168 16.71 79.81 -43.52
N LEU P 169 17.57 79.27 -44.37
CA LEU P 169 17.38 79.32 -45.82
C LEU P 169 16.05 78.70 -46.23
N HIS P 170 15.76 77.51 -45.70
CA HIS P 170 14.58 76.76 -46.13
C HIS P 170 13.27 77.21 -45.49
N THR P 171 13.33 77.76 -44.29
CA THR P 171 12.13 78.22 -43.59
C THR P 171 11.82 79.67 -43.92
N GLY P 172 12.86 80.46 -44.16
CA GLY P 172 12.69 81.88 -44.39
C GLY P 172 12.79 82.65 -43.09
N GLN P 173 12.99 81.93 -41.99
CA GLN P 173 13.24 82.56 -40.70
C GLN P 173 14.65 83.16 -40.72
N SER P 174 14.90 84.14 -39.85
CA SER P 174 16.23 84.69 -39.72
C SER P 174 17.13 83.67 -39.03
N LEU P 175 18.42 83.77 -39.28
CA LEU P 175 19.39 82.88 -38.63
C LEU P 175 19.26 83.01 -37.12
N GLU P 176 19.08 84.24 -36.65
CA GLU P 176 18.98 84.52 -35.23
C GLU P 176 17.76 83.85 -34.60
N GLN P 177 16.65 83.82 -35.34
CA GLN P 177 15.44 83.18 -34.85
C GLN P 177 15.61 81.67 -34.75
N ILE P 178 16.21 81.09 -35.79
CA ILE P 178 16.49 79.65 -35.80
C ILE P 178 17.37 79.24 -34.64
N GLU P 179 18.44 79.99 -34.41
CA GLU P 179 19.36 79.74 -33.31
C GLU P 179 18.61 79.72 -31.99
N ARG P 180 17.72 80.70 -31.81
CA ARG P 180 16.94 80.84 -30.60
C ARG P 180 15.98 79.68 -30.38
N ASP P 181 15.38 79.21 -31.48
CA ASP P 181 14.35 78.19 -31.40
C ASP P 181 14.88 76.76 -31.33
N THR P 182 16.18 76.59 -31.55
CA THR P 182 16.76 75.25 -31.61
C THR P 182 17.72 74.94 -30.45
N GLU P 183 17.95 75.91 -29.57
CA GLU P 183 18.83 75.67 -28.42
C GLU P 183 18.34 74.50 -27.59
N ARG P 184 17.02 74.37 -27.48
CA ARG P 184 16.41 73.21 -26.81
C ARG P 184 15.33 72.60 -27.68
N ASP P 185 14.93 71.37 -27.37
CA ASP P 185 13.88 70.68 -28.11
C ASP P 185 12.67 71.59 -28.29
N ARG P 186 12.18 71.67 -29.52
CA ARG P 186 11.03 72.51 -29.84
C ARG P 186 10.05 71.73 -30.71
N PHE P 187 8.85 71.50 -30.20
CA PHE P 187 7.82 70.79 -30.94
C PHE P 187 6.95 71.74 -31.75
N LEU P 188 6.57 71.32 -32.94
CA LEU P 188 5.62 72.08 -33.75
C LEU P 188 4.53 71.17 -34.29
N SER P 189 3.28 71.57 -34.07
CA SER P 189 2.15 70.88 -34.68
C SER P 189 2.19 71.14 -36.18
N ALA P 190 1.37 70.43 -36.93
CA ALA P 190 1.30 70.65 -38.37
C ALA P 190 1.02 72.11 -38.73
N PRO P 191 0.00 72.72 -38.09
CA PRO P 191 -0.30 74.12 -38.39
C PRO P 191 0.86 75.05 -38.02
N GLU P 192 1.50 74.77 -36.89
CA GLU P 192 2.63 75.58 -36.46
C GLU P 192 3.81 75.44 -37.42
N ALA P 193 3.96 74.26 -38.00
CA ALA P 193 5.03 74.01 -38.98
C ALA P 193 4.82 74.82 -40.25
N VAL P 194 3.55 74.96 -40.66
CA VAL P 194 3.22 75.80 -41.81
C VAL P 194 3.54 77.25 -41.48
N GLU P 195 3.08 77.70 -40.32
CA GLU P 195 3.31 79.07 -39.87
C GLU P 195 4.80 79.40 -39.80
N TYR P 196 5.61 78.41 -39.45
CA TYR P 196 7.04 78.61 -39.23
C TYR P 196 7.84 78.59 -40.53
N GLY P 197 7.23 78.02 -41.58
CA GLY P 197 7.90 77.90 -42.86
C GLY P 197 8.65 76.60 -43.02
N LEU P 198 8.46 75.69 -42.07
CA LEU P 198 9.06 74.36 -42.14
C LEU P 198 8.45 73.56 -43.28
N VAL P 199 7.13 73.61 -43.40
CA VAL P 199 6.44 73.05 -44.56
C VAL P 199 5.53 74.11 -45.18
N ASP P 200 4.98 73.79 -46.34
CA ASP P 200 4.18 74.76 -47.08
C ASP P 200 2.69 74.68 -46.75
N SER P 201 2.21 73.48 -46.44
CA SER P 201 0.80 73.31 -46.11
C SER P 201 0.49 71.96 -45.50
N ILE P 202 -0.70 71.84 -44.95
CA ILE P 202 -1.18 70.58 -44.41
C ILE P 202 -1.90 69.82 -45.53
N LEU P 203 -1.57 68.55 -45.68
CA LEU P 203 -2.26 67.71 -46.65
C LEU P 203 -3.69 67.48 -46.22
N THR P 204 -4.62 68.26 -46.80
CA THR P 204 -6.06 68.01 -46.63
C THR P 204 -6.59 67.22 -47.83
N HIS P 205 -7.67 66.49 -47.62
CA HIS P 205 -8.34 65.73 -48.67
C HIS P 205 -9.70 66.35 -49.04
N LEU Q 16 15.95 45.48 -46.59
CA LEU Q 16 15.17 45.38 -47.81
C LEU Q 16 15.67 46.33 -48.89
N VAL Q 17 16.21 45.78 -49.97
CA VAL Q 17 16.65 46.58 -51.10
C VAL Q 17 15.61 46.51 -52.22
N PRO Q 18 15.06 47.67 -52.60
CA PRO Q 18 14.01 47.71 -53.63
C PRO Q 18 14.48 47.06 -54.93
N MET Q 19 13.55 46.49 -55.67
CA MET Q 19 13.83 45.95 -57.00
C MET Q 19 13.35 46.94 -58.04
N VAL Q 20 14.07 47.03 -59.16
CA VAL Q 20 13.68 47.89 -60.26
C VAL Q 20 13.79 47.16 -61.59
N ILE Q 21 13.11 47.69 -62.61
CA ILE Q 21 13.10 47.07 -63.93
C ILE Q 21 13.95 47.85 -64.91
N GLU Q 22 14.67 47.13 -65.77
CA GLU Q 22 15.46 47.76 -66.83
C GLU Q 22 15.02 47.26 -68.19
N GLN Q 23 14.57 48.17 -69.05
CA GLN Q 23 14.25 47.82 -70.43
C GLN Q 23 15.57 47.61 -71.17
N THR Q 24 16.04 46.37 -71.21
CA THR Q 24 17.37 46.07 -71.75
C THR Q 24 17.33 45.14 -72.96
N GLY Q 27 14.59 42.29 -74.12
CA GLY Q 27 13.75 41.97 -72.99
C GLY Q 27 13.96 42.90 -71.82
N GLU Q 28 13.15 42.75 -70.77
CA GLU Q 28 13.31 43.56 -69.57
C GLU Q 28 13.67 42.69 -68.37
N ARG Q 29 14.59 43.18 -67.55
CA ARG Q 29 15.10 42.40 -66.42
C ARG Q 29 14.83 43.10 -65.09
N SER Q 30 14.91 42.35 -64.00
CA SER Q 30 14.66 42.89 -62.67
C SER Q 30 15.90 42.78 -61.79
N PHE Q 31 16.32 43.92 -61.23
CA PHE Q 31 17.51 43.98 -60.39
C PHE Q 31 17.21 44.67 -59.06
N ASP Q 32 17.95 44.32 -58.02
CA ASP Q 32 17.97 45.14 -56.83
C ASP Q 32 18.64 46.46 -57.23
N ILE Q 33 18.33 47.54 -56.51
CA ILE Q 33 18.74 48.86 -56.97
C ILE Q 33 20.26 49.03 -57.03
N TYR Q 34 20.99 48.37 -56.15
CA TYR Q 34 22.44 48.45 -56.17
C TYR Q 34 23.04 47.75 -57.39
N SER Q 35 22.53 46.56 -57.70
CA SER Q 35 22.96 45.85 -58.90
C SER Q 35 22.62 46.67 -60.14
N ARG Q 36 21.50 47.39 -60.08
CA ARG Q 36 21.08 48.23 -61.19
C ARG Q 36 22.06 49.37 -61.44
N LEU Q 37 22.50 50.02 -60.36
CA LEU Q 37 23.49 51.08 -60.48
C LEU Q 37 24.87 50.53 -60.88
N LEU Q 38 25.18 49.32 -60.42
CA LEU Q 38 26.43 48.69 -60.81
C LEU Q 38 26.50 48.54 -62.33
N LYS Q 39 25.33 48.35 -62.94
CA LYS Q 39 25.22 48.25 -64.39
C LYS Q 39 25.72 49.53 -65.07
N GLU Q 40 25.55 50.65 -64.38
CA GLU Q 40 26.01 51.94 -64.89
C GLU Q 40 27.39 52.27 -64.33
N ARG Q 41 28.09 51.25 -63.84
CA ARG Q 41 29.47 51.38 -63.38
C ARG Q 41 29.60 52.20 -62.10
N VAL Q 42 28.53 52.21 -61.30
CA VAL Q 42 28.55 52.88 -60.01
C VAL Q 42 28.68 51.87 -58.86
N ILE Q 43 29.68 52.08 -58.02
CA ILE Q 43 29.91 51.25 -56.85
C ILE Q 43 29.77 52.07 -55.58
N PHE Q 44 29.11 51.51 -54.57
CA PHE Q 44 28.97 52.18 -53.29
C PHE Q 44 29.95 51.66 -52.25
N LEU Q 45 30.61 52.58 -51.56
CA LEU Q 45 31.39 52.24 -50.39
C LEU Q 45 30.69 52.81 -49.15
N THR Q 46 30.06 51.94 -48.36
CA THR Q 46 29.13 52.40 -47.33
C THR Q 46 29.49 51.89 -45.93
N GLY Q 47 29.57 52.80 -44.97
CA GLY Q 47 29.87 52.45 -43.60
C GLY Q 47 31.32 52.01 -43.38
N GLN Q 48 31.54 51.25 -42.32
CA GLN Q 48 32.89 50.85 -41.93
C GLN Q 48 33.63 50.03 -42.97
N VAL Q 49 34.92 50.31 -43.12
CA VAL Q 49 35.77 49.54 -44.02
C VAL Q 49 36.29 48.29 -43.31
N GLU Q 50 35.97 47.13 -43.87
CA GLU Q 50 36.49 45.87 -43.37
C GLU Q 50 36.59 44.85 -44.50
N ASP Q 51 37.27 43.74 -44.25
CA ASP Q 51 37.62 42.77 -45.28
C ASP Q 51 36.51 42.45 -46.27
N HIS Q 52 35.35 42.07 -45.76
CA HIS Q 52 34.29 41.54 -46.62
C HIS Q 52 33.62 42.59 -47.52
N MET Q 53 33.27 43.74 -46.97
CA MET Q 53 32.71 44.81 -47.79
C MET Q 53 33.76 45.29 -48.80
N ALA Q 54 35.02 45.25 -48.38
CA ALA Q 54 36.13 45.70 -49.22
C ALA Q 54 36.35 44.74 -50.39
N ASN Q 55 36.37 43.44 -50.09
CA ASN Q 55 36.56 42.43 -51.12
CA ASN Q 55 36.57 42.44 -51.13
C ASN Q 55 35.47 42.49 -52.17
N LEU Q 56 34.26 42.82 -51.73
CA LEU Q 56 33.12 42.94 -52.62
C LEU Q 56 33.32 44.12 -53.57
N ILE Q 57 33.90 45.20 -53.05
CA ILE Q 57 34.18 46.37 -53.87
C ILE Q 57 35.27 46.04 -54.90
N VAL Q 58 36.28 45.31 -54.46
CA VAL Q 58 37.35 44.87 -55.37
C VAL Q 58 36.77 44.01 -56.51
N ALA Q 59 35.87 43.10 -56.17
CA ALA Q 59 35.26 42.23 -57.18
C ALA Q 59 34.47 43.05 -58.20
N GLN Q 60 33.71 44.02 -57.70
CA GLN Q 60 32.95 44.92 -58.58
C GLN Q 60 33.87 45.70 -59.52
N MET Q 61 35.00 46.19 -58.99
CA MET Q 61 35.94 46.94 -59.81
C MET Q 61 36.54 46.07 -60.91
N LEU Q 62 36.97 44.86 -60.54
CA LEU Q 62 37.55 43.94 -61.51
C LEU Q 62 36.54 43.56 -62.59
N PHE Q 63 35.30 43.34 -62.19
CA PHE Q 63 34.25 42.98 -63.13
C PHE Q 63 33.98 44.13 -64.11
N LEU Q 64 33.93 45.34 -63.58
CA LEU Q 64 33.67 46.51 -64.43
C LEU Q 64 34.80 46.73 -65.44
N GLU Q 65 36.05 46.56 -65.01
CA GLU Q 65 37.16 46.69 -65.93
C GLU Q 65 37.04 45.67 -67.06
N ALA Q 66 36.75 44.43 -66.68
CA ALA Q 66 36.58 43.36 -67.66
C ALA Q 66 35.45 43.67 -68.63
N GLU Q 67 34.39 44.31 -68.13
CA GLU Q 67 33.29 44.73 -68.98
C GLU Q 67 33.73 45.79 -69.98
N ASN Q 68 34.34 46.85 -69.49
CA ASN Q 68 34.94 47.86 -70.36
C ASN Q 68 36.13 48.52 -69.67
N PRO Q 69 37.34 48.20 -70.15
CA PRO Q 69 38.60 48.72 -69.62
C PRO Q 69 38.75 50.22 -69.91
N GLU Q 70 37.86 50.77 -70.73
CA GLU Q 70 37.99 52.17 -71.15
C GLU Q 70 37.11 53.14 -70.36
N LYS Q 71 35.90 52.70 -70.00
CA LYS Q 71 34.94 53.58 -69.34
C LYS Q 71 35.26 53.83 -67.88
N ASP Q 72 35.02 55.06 -67.43
CA ASP Q 72 35.23 55.43 -66.04
C ASP Q 72 34.38 54.56 -65.11
N ILE Q 73 34.87 54.38 -63.89
CA ILE Q 73 34.11 53.72 -62.84
C ILE Q 73 33.85 54.75 -61.74
N TYR Q 74 32.72 54.62 -61.06
CA TYR Q 74 32.36 55.59 -60.02
C TYR Q 74 32.24 54.95 -58.65
N LEU Q 75 32.97 55.51 -57.69
CA LEU Q 75 32.95 55.02 -56.32
C LEU Q 75 32.32 56.08 -55.42
N TYR Q 76 31.10 55.81 -54.96
CA TYR Q 76 30.38 56.72 -54.08
C TYR Q 76 30.65 56.38 -52.62
N ILE Q 77 31.28 57.31 -51.91
CA ILE Q 77 31.79 57.05 -50.57
C ILE Q 77 31.01 57.76 -49.47
N ASN Q 78 30.54 56.98 -48.49
CA ASN Q 78 30.00 57.50 -47.25
C ASN Q 78 30.44 56.61 -46.10
N SER Q 79 31.57 56.96 -45.50
CA SER Q 79 32.25 56.05 -44.59
C SER Q 79 33.06 56.74 -43.50
N PRO Q 80 33.08 56.17 -42.30
CA PRO Q 80 33.91 56.66 -41.19
C PRO Q 80 35.33 56.05 -41.25
N GLY Q 81 35.60 55.26 -42.27
CA GLY Q 81 36.87 54.58 -42.39
C GLY Q 81 36.83 53.18 -41.81
N GLY Q 82 37.99 52.66 -41.43
CA GLY Q 82 38.06 51.31 -40.86
C GLY Q 82 39.44 50.69 -40.98
N VAL Q 83 39.46 49.38 -41.19
CA VAL Q 83 40.70 48.61 -41.24
C VAL Q 83 41.57 49.03 -42.41
N ILE Q 84 42.83 49.36 -42.13
CA ILE Q 84 43.74 49.84 -43.16
C ILE Q 84 44.04 48.81 -44.25
N THR Q 85 44.34 47.57 -43.87
CA THR Q 85 44.65 46.56 -44.88
C THR Q 85 43.49 46.32 -45.83
N ALA Q 86 42.26 46.32 -45.31
CA ALA Q 86 41.08 46.18 -46.14
C ALA Q 86 40.97 47.35 -47.12
N GLY Q 87 41.18 48.56 -46.61
CA GLY Q 87 41.14 49.74 -47.44
C GLY Q 87 42.18 49.71 -48.54
N MET Q 88 43.37 49.19 -48.21
CA MET Q 88 44.47 49.15 -49.17
C MET Q 88 44.22 48.13 -50.29
N SER Q 89 43.38 47.13 -50.02
CA SER Q 89 43.01 46.20 -51.08
C SER Q 89 42.19 46.94 -52.13
N ILE Q 90 41.37 47.88 -51.67
CA ILE Q 90 40.59 48.72 -52.59
C ILE Q 90 41.51 49.72 -53.29
N TYR Q 91 42.39 50.35 -52.53
CA TYR Q 91 43.31 51.34 -53.09
C TYR Q 91 44.13 50.76 -54.23
N ASP Q 92 44.79 49.62 -53.98
CA ASP Q 92 45.63 48.99 -54.99
C ASP Q 92 44.83 48.57 -56.22
N THR Q 93 43.60 48.13 -56.01
CA THR Q 93 42.74 47.77 -57.13
C THR Q 93 42.42 48.99 -57.97
N MET Q 94 42.11 50.10 -57.30
CA MET Q 94 41.83 51.36 -57.98
C MET Q 94 43.00 51.77 -58.88
N GLN Q 95 44.21 51.68 -58.36
CA GLN Q 95 45.39 52.09 -59.12
C GLN Q 95 45.75 51.09 -60.21
N PHE Q 96 45.48 49.81 -59.97
CA PHE Q 96 45.82 48.78 -60.95
C PHE Q 96 44.97 48.85 -62.22
N ILE Q 97 43.65 48.89 -62.06
CA ILE Q 97 42.75 48.80 -63.21
C ILE Q 97 42.90 49.97 -64.16
N LYS Q 98 42.64 49.71 -65.44
CA LYS Q 98 42.79 50.71 -66.50
C LYS Q 98 41.81 51.89 -66.39
N PRO Q 99 40.54 51.60 -66.10
CA PRO Q 99 39.56 52.68 -65.96
C PRO Q 99 39.94 53.68 -64.87
N ASP Q 100 39.67 54.95 -65.12
CA ASP Q 100 39.77 55.96 -64.08
C ASP Q 100 38.69 55.66 -63.04
N VAL Q 101 39.04 55.75 -61.76
CA VAL Q 101 38.02 55.63 -60.72
C VAL Q 101 37.68 57.01 -60.17
N SER Q 102 36.50 57.50 -60.55
CA SER Q 102 36.00 58.77 -60.04
C SER Q 102 35.37 58.56 -58.66
N THR Q 103 35.75 59.40 -57.71
CA THR Q 103 35.27 59.26 -56.33
C THR Q 103 34.37 60.41 -55.92
N ILE Q 104 33.32 60.10 -55.17
CA ILE Q 104 32.40 61.13 -54.71
C ILE Q 104 32.14 60.98 -53.20
N CYS Q 105 32.34 62.07 -52.46
CA CYS Q 105 32.10 62.07 -51.03
C CYS Q 105 30.68 62.51 -50.72
N MET Q 106 29.89 61.60 -50.15
CA MET Q 106 28.53 61.90 -49.73
C MET Q 106 28.42 61.75 -48.22
N GLY Q 107 28.01 62.81 -47.54
CA GLY Q 107 27.88 62.78 -46.09
C GLY Q 107 29.22 62.96 -45.43
N GLN Q 108 30.01 61.88 -45.39
CA GLN Q 108 31.36 61.96 -44.85
C GLN Q 108 32.31 60.94 -45.47
N ALA Q 109 33.58 61.31 -45.52
CA ALA Q 109 34.65 60.37 -45.83
C ALA Q 109 35.75 60.62 -44.81
N ALA Q 110 35.84 59.75 -43.81
CA ALA Q 110 36.79 59.94 -42.71
C ALA Q 110 37.83 58.83 -42.69
N SER Q 111 39.07 59.20 -42.35
CA SER Q 111 40.16 58.24 -42.21
C SER Q 111 40.37 57.47 -43.50
N MET Q 112 40.32 56.15 -43.44
CA MET Q 112 40.52 55.34 -44.63
C MET Q 112 39.53 55.75 -45.73
N GLY Q 113 38.37 56.23 -45.32
CA GLY Q 113 37.39 56.73 -46.26
C GLY Q 113 37.88 57.97 -46.99
N ALA Q 114 38.52 58.87 -46.25
CA ALA Q 114 39.11 60.06 -46.85
C ALA Q 114 40.26 59.67 -47.76
N PHE Q 115 41.02 58.66 -47.34
CA PHE Q 115 42.16 58.19 -48.13
C PHE Q 115 41.71 57.67 -49.49
N LEU Q 116 40.69 56.81 -49.50
CA LEU Q 116 40.18 56.26 -50.75
C LEU Q 116 39.50 57.33 -51.61
N LEU Q 117 38.93 58.34 -50.97
CA LEU Q 117 38.36 59.46 -51.71
C LEU Q 117 39.43 60.18 -52.52
N THR Q 118 40.54 60.52 -51.87
CA THR Q 118 41.60 61.27 -52.53
C THR Q 118 42.39 60.39 -53.50
N ALA Q 119 42.23 59.07 -53.39
CA ALA Q 119 42.90 58.12 -54.25
C ALA Q 119 42.27 58.08 -55.65
N GLY Q 120 41.14 58.75 -55.81
CA GLY Q 120 40.45 58.78 -57.10
C GLY Q 120 41.29 59.42 -58.19
N ALA Q 121 40.89 59.19 -59.45
CA ALA Q 121 41.60 59.77 -60.58
C ALA Q 121 41.64 61.29 -60.48
N LYS Q 122 42.82 61.87 -60.68
CA LYS Q 122 42.97 63.32 -60.59
C LYS Q 122 42.03 64.02 -61.55
N GLY Q 123 41.31 65.03 -61.04
CA GLY Q 123 40.32 65.74 -61.81
C GLY Q 123 38.91 65.19 -61.65
N LYS Q 124 38.81 63.99 -61.09
CA LYS Q 124 37.53 63.32 -61.00
C LYS Q 124 37.16 62.94 -59.57
N ARG Q 125 37.64 63.73 -58.61
CA ARG Q 125 37.30 63.53 -57.20
C ARG Q 125 36.40 64.67 -56.72
N PHE Q 126 35.25 64.33 -56.15
CA PHE Q 126 34.24 65.32 -55.80
C PHE Q 126 33.78 65.24 -54.36
N CYS Q 127 33.40 66.40 -53.82
CA CYS Q 127 32.67 66.46 -52.56
C CYS Q 127 31.30 67.06 -52.85
N LEU Q 128 30.26 66.47 -52.26
CA LEU Q 128 28.97 67.12 -52.24
C LEU Q 128 29.10 68.34 -51.32
N PRO Q 129 28.32 69.39 -51.58
CA PRO Q 129 28.49 70.70 -50.93
C PRO Q 129 28.53 70.66 -49.39
N ASN Q 130 27.80 69.76 -48.76
CA ASN Q 130 27.76 69.71 -47.31
C ASN Q 130 28.35 68.43 -46.72
N SER Q 131 29.07 67.69 -47.55
CA SER Q 131 29.81 66.54 -47.07
C SER Q 131 31.04 67.05 -46.33
N ARG Q 132 31.66 66.19 -45.54
CA ARG Q 132 32.90 66.58 -44.88
C ARG Q 132 33.90 65.44 -44.86
N VAL Q 133 35.14 65.79 -44.53
CA VAL Q 133 36.24 64.85 -44.55
C VAL Q 133 37.02 64.97 -43.25
N MET Q 134 37.57 63.86 -42.78
CA MET Q 134 38.46 63.90 -41.62
C MET Q 134 39.68 63.03 -41.89
N ILE Q 135 40.84 63.53 -41.52
CA ILE Q 135 42.08 62.78 -41.70
C ILE Q 135 42.83 62.67 -40.39
N HIS Q 136 43.60 61.59 -40.23
CA HIS Q 136 44.41 61.39 -39.05
C HIS Q 136 45.45 60.29 -39.27
N GLN Q 137 46.12 59.87 -38.21
CA GLN Q 137 47.15 58.85 -38.33
C GLN Q 137 46.59 57.47 -37.92
N PRO Q 138 47.30 56.40 -38.28
CA PRO Q 138 46.86 55.05 -37.97
C PRO Q 138 46.66 54.81 -36.47
N LEU Q 139 45.66 54.01 -36.15
CA LEU Q 139 45.41 53.58 -34.78
C LEU Q 139 45.69 52.10 -34.70
N GLY Q 140 46.27 51.66 -33.59
CA GLY Q 140 46.59 50.27 -33.43
C GLY Q 140 46.67 49.88 -31.97
N GLY Q 141 47.12 48.66 -31.72
CA GLY Q 141 47.23 48.18 -30.36
C GLY Q 141 47.77 46.77 -30.37
N TYR Q 142 48.58 46.46 -29.37
CA TYR Q 142 49.13 45.14 -29.21
C TYR Q 142 49.47 44.96 -27.74
N GLN Q 143 49.62 43.72 -27.32
CA GLN Q 143 50.07 43.45 -25.96
C GLN Q 143 50.76 42.11 -25.87
N GLY Q 144 51.75 42.03 -25.00
CA GLY Q 144 52.58 40.84 -24.88
C GLY Q 144 53.99 41.27 -24.52
N GLN Q 145 54.96 40.48 -24.94
CA GLN Q 145 56.36 40.75 -24.62
C GLN Q 145 56.90 42.03 -25.26
N ALA Q 146 57.83 42.67 -24.58
CA ALA Q 146 58.47 43.88 -25.08
C ALA Q 146 59.02 43.67 -26.50
N THR Q 147 59.63 42.52 -26.74
CA THR Q 147 60.20 42.22 -28.05
C THR Q 147 59.14 42.29 -29.15
N ASP Q 148 57.97 41.71 -28.87
CA ASP Q 148 56.88 41.69 -29.84
C ASP Q 148 56.22 43.05 -29.95
N ILE Q 149 56.18 43.77 -28.84
CA ILE Q 149 55.65 45.13 -28.85
C ILE Q 149 56.47 46.00 -29.80
N GLU Q 150 57.79 45.82 -29.78
CA GLU Q 150 58.68 46.58 -30.65
C GLU Q 150 58.45 46.23 -32.12
N ILE Q 151 58.26 44.95 -32.40
CA ILE Q 151 58.00 44.49 -33.75
C ILE Q 151 56.74 45.13 -34.31
N HIS Q 152 55.68 45.15 -33.51
CA HIS Q 152 54.40 45.69 -33.96
C HIS Q 152 54.37 47.21 -33.96
N ALA Q 153 55.12 47.84 -33.06
CA ALA Q 153 55.23 49.30 -33.03
C ALA Q 153 55.95 49.78 -34.29
N ARG Q 154 57.04 49.09 -34.61
CA ARG Q 154 57.82 49.43 -35.80
C ARG Q 154 56.98 49.30 -37.06
N GLU Q 155 56.14 48.27 -37.12
CA GLU Q 155 55.30 48.03 -38.30
C GLU Q 155 54.25 49.12 -38.50
N ILE Q 156 53.56 49.53 -37.43
CA ILE Q 156 52.54 50.57 -37.58
C ILE Q 156 53.16 51.91 -37.93
N LEU Q 157 54.39 52.14 -37.50
CA LEU Q 157 55.09 53.36 -37.86
C LEU Q 157 55.40 53.36 -39.35
N LYS Q 158 55.75 52.20 -39.89
CA LYS Q 158 55.98 52.06 -41.32
C LYS Q 158 54.70 52.28 -42.12
N VAL Q 159 53.60 51.74 -41.61
CA VAL Q 159 52.30 51.95 -42.25
C VAL Q 159 51.95 53.44 -42.27
N LYS Q 160 52.17 54.10 -41.14
CA LYS Q 160 51.93 55.52 -41.03
C LYS Q 160 52.75 56.31 -42.06
N GLY Q 161 54.00 55.93 -42.23
CA GLY Q 161 54.87 56.58 -43.20
C GLY Q 161 54.36 56.42 -44.62
N ARG Q 162 53.93 55.21 -44.96
CA ARG Q 162 53.42 54.92 -46.29
C ARG Q 162 52.12 55.66 -46.58
N MET Q 163 51.21 55.68 -45.60
CA MET Q 163 49.95 56.39 -45.75
C MET Q 163 50.20 57.88 -45.96
N ASN Q 164 51.16 58.42 -45.23
CA ASN Q 164 51.52 59.83 -45.37
C ASN Q 164 52.12 60.14 -46.74
N GLU Q 165 52.99 59.26 -47.22
CA GLU Q 165 53.59 59.42 -48.55
C GLU Q 165 52.54 59.41 -49.65
N LEU Q 166 51.60 58.47 -49.55
CA LEU Q 166 50.55 58.35 -50.54
C LEU Q 166 49.58 59.53 -50.47
N MET Q 167 49.32 60.01 -49.26
CA MET Q 167 48.51 61.22 -49.09
C MET Q 167 49.17 62.42 -49.75
N ALA Q 168 50.48 62.55 -49.56
CA ALA Q 168 51.24 63.61 -50.19
C ALA Q 168 51.11 63.52 -51.71
N LEU Q 169 51.29 62.30 -52.22
CA LEU Q 169 51.19 62.06 -53.66
C LEU Q 169 49.87 62.52 -54.26
N HIS Q 170 48.77 62.12 -53.65
CA HIS Q 170 47.44 62.39 -54.21
C HIS Q 170 46.93 63.80 -53.99
N THR Q 171 47.35 64.44 -52.90
CA THR Q 171 46.89 65.79 -52.58
C THR Q 171 47.77 66.88 -53.20
N GLY Q 172 49.04 66.56 -53.42
CA GLY Q 172 49.98 67.54 -53.92
C GLY Q 172 50.67 68.28 -52.80
N GLN Q 173 50.25 68.02 -51.56
CA GLN Q 173 50.87 68.60 -50.39
C GLN Q 173 52.25 67.96 -50.17
N SER Q 174 53.14 68.67 -49.49
CA SER Q 174 54.45 68.09 -49.17
C SER Q 174 54.27 67.03 -48.09
N LEU Q 175 55.22 66.10 -48.02
CA LEU Q 175 55.18 65.06 -47.00
C LEU Q 175 55.19 65.69 -45.62
N GLU Q 176 55.98 66.74 -45.45
CA GLU Q 176 56.08 67.43 -44.17
C GLU Q 176 54.74 68.04 -43.75
N GLN Q 177 54.01 68.59 -44.71
CA GLN Q 177 52.71 69.18 -44.41
C GLN Q 177 51.70 68.10 -43.99
N ILE Q 178 51.65 67.01 -44.76
CA ILE Q 178 50.77 65.90 -44.44
C ILE Q 178 51.08 65.35 -43.05
N GLU Q 179 52.37 65.12 -42.78
CA GLU Q 179 52.81 64.64 -41.48
C GLU Q 179 52.28 65.52 -40.35
N ARG Q 180 52.40 66.82 -40.53
CA ARG Q 180 51.98 67.77 -39.50
C ARG Q 180 50.46 67.80 -39.34
N ASP Q 181 49.74 67.69 -40.46
CA ASP Q 181 48.30 67.82 -40.44
C ASP Q 181 47.55 66.57 -39.98
N THR Q 182 48.25 65.44 -39.91
CA THR Q 182 47.58 64.17 -39.60
C THR Q 182 47.93 63.60 -38.24
N GLU Q 183 48.79 64.29 -37.48
CA GLU Q 183 49.13 63.84 -36.12
C GLU Q 183 47.88 63.75 -35.25
N ARG Q 184 46.92 64.63 -35.48
CA ARG Q 184 45.65 64.60 -34.75
C ARG Q 184 44.48 64.73 -35.71
N ASP Q 185 43.30 64.34 -35.23
CA ASP Q 185 42.08 64.44 -36.04
C ASP Q 185 41.97 65.82 -36.65
N ARG Q 186 41.66 65.86 -37.94
CA ARG Q 186 41.59 67.11 -38.67
C ARG Q 186 40.42 67.07 -39.64
N PHE Q 187 39.43 67.94 -39.40
CA PHE Q 187 38.25 68.00 -40.24
C PHE Q 187 38.44 68.99 -41.38
N LEU Q 188 37.90 68.64 -42.55
CA LEU Q 188 37.88 69.55 -43.67
C LEU Q 188 36.48 69.61 -44.27
N SER Q 189 35.94 70.82 -44.38
CA SER Q 189 34.69 71.02 -45.10
C SER Q 189 34.94 70.75 -46.58
N ALA Q 190 33.86 70.70 -47.36
CA ALA Q 190 33.99 70.47 -48.80
C ALA Q 190 34.94 71.46 -49.48
N PRO Q 191 34.76 72.77 -49.24
CA PRO Q 191 35.64 73.75 -49.87
C PRO Q 191 37.08 73.57 -49.41
N GLU Q 192 37.26 73.29 -48.13
CA GLU Q 192 38.59 73.07 -47.57
C GLU Q 192 39.26 71.84 -48.18
N ALA Q 193 38.46 70.81 -48.47
CA ALA Q 193 38.96 69.60 -49.10
C ALA Q 193 39.48 69.91 -50.50
N VAL Q 194 38.76 70.75 -51.23
CA VAL Q 194 39.20 71.20 -52.54
C VAL Q 194 40.49 71.99 -52.42
N GLU Q 195 40.52 72.92 -51.47
CA GLU Q 195 41.67 73.78 -51.27
C GLU Q 195 42.92 72.99 -50.83
N TYR Q 196 42.69 71.84 -50.20
CA TYR Q 196 43.77 71.01 -49.69
C TYR Q 196 44.33 70.09 -50.78
N GLY Q 197 43.59 69.95 -51.87
CA GLY Q 197 43.97 69.06 -52.95
C GLY Q 197 43.49 67.64 -52.70
N LEU Q 198 42.61 67.49 -51.71
CA LEU Q 198 42.07 66.18 -51.36
C LEU Q 198 41.03 65.72 -52.37
N VAL Q 199 40.20 66.66 -52.82
CA VAL Q 199 39.32 66.43 -53.96
C VAL Q 199 39.54 67.56 -54.97
N ASP Q 200 38.96 67.41 -56.15
CA ASP Q 200 39.21 68.36 -57.23
C ASP Q 200 38.17 69.47 -57.30
N SER Q 201 36.94 69.17 -56.89
CA SER Q 201 35.87 70.16 -56.91
C SER Q 201 34.65 69.74 -56.12
N ILE Q 202 33.75 70.69 -55.94
CA ILE Q 202 32.47 70.44 -55.29
C ILE Q 202 31.41 70.23 -56.35
N LEU Q 203 30.67 69.14 -56.25
CA LEU Q 203 29.58 68.86 -57.18
C LEU Q 203 28.42 69.80 -56.94
N THR Q 204 28.12 70.65 -57.92
CA THR Q 204 27.02 71.60 -57.80
C THR Q 204 25.84 71.24 -58.71
N HIS Q 205 24.64 71.49 -58.21
CA HIS Q 205 23.39 71.15 -58.91
C HIS Q 205 23.59 70.57 -60.30
N LEU R 16 24.25 41.72 -48.95
CA LEU R 16 23.88 41.80 -50.35
C LEU R 16 25.09 41.63 -51.28
N VAL R 17 25.02 40.63 -52.15
CA VAL R 17 26.00 40.48 -53.20
C VAL R 17 25.35 40.88 -54.52
N PRO R 18 25.92 41.88 -55.21
CA PRO R 18 25.32 42.37 -56.45
C PRO R 18 25.17 41.25 -57.47
N MET R 19 24.15 41.34 -58.31
CA MET R 19 23.94 40.40 -59.41
C MET R 19 24.41 41.04 -60.70
N VAL R 20 25.03 40.24 -61.57
CA VAL R 20 25.49 40.72 -62.86
C VAL R 20 25.01 39.79 -63.97
N ILE R 21 25.20 40.20 -65.21
CA ILE R 21 24.71 39.43 -66.35
C ILE R 21 25.81 39.01 -67.33
N GLU R 22 25.72 37.77 -67.80
CA GLU R 22 26.63 37.25 -68.80
C GLU R 22 25.84 36.88 -70.05
N GLN R 23 26.24 37.43 -71.19
CA GLN R 23 25.58 37.12 -72.45
C GLN R 23 26.16 35.86 -73.07
N THR R 24 25.32 35.10 -73.75
CA THR R 24 25.77 33.94 -74.49
C THR R 24 25.12 33.96 -75.88
N SER R 25 25.40 32.95 -76.68
CA SER R 25 24.82 32.82 -78.02
C SER R 25 23.32 32.64 -77.93
N ARG R 26 22.87 31.95 -76.89
CA ARG R 26 21.49 31.49 -76.82
C ARG R 26 20.65 32.27 -75.81
N GLY R 27 21.30 33.08 -74.98
CA GLY R 27 20.57 33.82 -73.95
C GLY R 27 21.44 34.47 -72.89
N GLU R 28 20.82 34.95 -71.82
CA GLU R 28 21.56 35.61 -70.74
C GLU R 28 21.66 34.74 -69.50
N ARG R 29 22.68 35.01 -68.68
CA ARG R 29 22.84 34.35 -67.40
C ARG R 29 22.90 35.38 -66.28
N SER R 30 22.28 35.06 -65.15
CA SER R 30 22.35 35.92 -63.99
C SER R 30 23.22 35.27 -62.92
N PHE R 31 24.19 36.02 -62.41
CA PHE R 31 25.14 35.52 -61.43
C PHE R 31 25.30 36.53 -60.30
N ASP R 32 25.48 36.04 -59.08
CA ASP R 32 26.02 36.90 -58.04
C ASP R 32 27.47 37.15 -58.45
N ILE R 33 28.04 38.28 -58.05
CA ILE R 33 29.35 38.69 -58.55
C ILE R 33 30.45 37.65 -58.30
N TYR R 34 30.39 36.98 -57.16
CA TYR R 34 31.41 35.98 -56.83
C TYR R 34 31.31 34.74 -57.72
N SER R 35 30.10 34.26 -57.95
CA SER R 35 29.89 33.13 -58.86
C SER R 35 30.35 33.50 -60.27
N ARG R 36 30.16 34.76 -60.64
CA ARG R 36 30.56 35.23 -61.96
C ARG R 36 32.07 35.17 -62.13
N LEU R 37 32.80 35.62 -61.11
CA LEU R 37 34.27 35.57 -61.15
C LEU R 37 34.77 34.12 -61.08
N LEU R 38 34.04 33.28 -60.36
CA LEU R 38 34.37 31.87 -60.28
C LEU R 38 34.30 31.24 -61.67
N LYS R 39 33.35 31.70 -62.47
CA LYS R 39 33.23 31.22 -63.84
C LYS R 39 34.48 31.55 -64.65
N GLU R 40 35.17 32.62 -64.24
CA GLU R 40 36.43 33.00 -64.88
C GLU R 40 37.61 32.43 -64.11
N ARG R 41 37.36 31.40 -63.31
CA ARG R 41 38.40 30.66 -62.60
C ARG R 41 39.09 31.48 -61.52
N VAL R 42 38.36 32.43 -60.95
CA VAL R 42 38.87 33.23 -59.84
C VAL R 42 38.20 32.84 -58.52
N ILE R 43 39.00 32.47 -57.53
CA ILE R 43 38.50 32.10 -56.22
C ILE R 43 38.99 33.10 -55.18
N PHE R 44 38.11 33.52 -54.29
CA PHE R 44 38.49 34.42 -53.21
C PHE R 44 38.74 33.68 -51.90
N LEU R 45 39.83 34.03 -51.23
CA LEU R 45 40.10 33.55 -49.88
C LEU R 45 40.10 34.78 -48.97
N THR R 46 39.06 34.90 -48.17
CA THR R 46 38.76 36.16 -47.48
C THR R 46 38.54 35.96 -45.99
N GLY R 47 39.24 36.75 -45.18
CA GLY R 47 39.07 36.69 -43.74
C GLY R 47 39.67 35.43 -43.15
N GLN R 48 39.22 35.07 -41.96
CA GLN R 48 39.83 33.98 -41.22
C GLN R 48 39.72 32.61 -41.90
N VAL R 49 40.79 31.83 -41.80
CA VAL R 49 40.82 30.48 -42.34
C VAL R 49 40.22 29.51 -41.31
N GLU R 50 39.21 28.77 -41.74
CA GLU R 50 38.60 27.75 -40.90
C GLU R 50 37.90 26.72 -41.78
N ASP R 51 37.51 25.60 -41.18
CA ASP R 51 37.02 24.42 -41.93
C ASP R 51 36.04 24.71 -43.05
N HIS R 52 34.99 25.50 -42.76
CA HIS R 52 33.90 25.66 -43.71
C HIS R 52 34.26 26.53 -44.91
N MET R 53 34.90 27.67 -44.67
CA MET R 53 35.36 28.50 -45.77
C MET R 53 36.45 27.78 -46.56
N ALA R 54 37.25 26.97 -45.86
CA ALA R 54 38.33 26.24 -46.49
C ALA R 54 37.81 25.12 -47.38
N ASN R 55 36.83 24.38 -46.90
CA ASN R 55 36.26 23.31 -47.72
C ASN R 55 35.51 23.86 -48.92
N LEU R 56 35.00 25.08 -48.80
CA LEU R 56 34.34 25.74 -49.91
C LEU R 56 35.37 26.02 -51.02
N ILE R 57 36.57 26.41 -50.60
CA ILE R 57 37.64 26.69 -51.55
C ILE R 57 38.14 25.40 -52.22
N VAL R 58 38.24 24.34 -51.43
CA VAL R 58 38.60 23.03 -51.98
C VAL R 58 37.62 22.61 -53.07
N ALA R 59 36.33 22.79 -52.80
CA ALA R 59 35.29 22.43 -53.75
C ALA R 59 35.41 23.24 -55.05
N GLN R 60 35.68 24.53 -54.91
CA GLN R 60 35.86 25.40 -56.06
C GLN R 60 37.04 24.95 -56.91
N MET R 61 38.15 24.62 -56.25
CA MET R 61 39.35 24.17 -56.95
C MET R 61 39.13 22.87 -57.72
N LEU R 62 38.46 21.92 -57.08
CA LEU R 62 38.19 20.63 -57.72
C LEU R 62 37.25 20.80 -58.90
N PHE R 63 36.23 21.63 -58.72
CA PHE R 63 35.30 21.93 -59.80
C PHE R 63 36.02 22.53 -61.00
N LEU R 64 36.88 23.50 -60.74
CA LEU R 64 37.60 24.19 -61.82
C LEU R 64 38.56 23.25 -62.55
N GLU R 65 39.21 22.35 -61.83
CA GLU R 65 40.10 21.39 -62.47
C GLU R 65 39.31 20.48 -63.40
N ALA R 66 38.13 20.06 -62.95
CA ALA R 66 37.26 19.20 -63.75
C ALA R 66 36.81 19.93 -65.02
N GLU R 67 36.45 21.21 -64.87
CA GLU R 67 36.04 22.02 -66.01
C GLU R 67 37.17 22.13 -67.03
N ASN R 68 38.35 22.47 -66.55
CA ASN R 68 39.52 22.52 -67.41
C ASN R 68 40.77 22.28 -66.59
N PRO R 69 41.39 21.11 -66.78
CA PRO R 69 42.58 20.69 -66.04
C PRO R 69 43.83 21.41 -66.53
N GLU R 70 43.70 22.16 -67.62
CA GLU R 70 44.83 22.84 -68.24
C GLU R 70 44.99 24.31 -67.85
N LYS R 71 43.87 25.01 -67.72
CA LYS R 71 43.88 26.45 -67.45
C LYS R 71 44.23 26.79 -66.01
N ASP R 72 44.96 27.88 -65.83
CA ASP R 72 45.34 28.36 -64.51
C ASP R 72 44.12 28.65 -63.65
N ILE R 73 44.30 28.55 -62.34
CA ILE R 73 43.30 28.99 -61.37
C ILE R 73 43.88 30.15 -60.59
N TYR R 74 43.02 31.09 -60.20
CA TYR R 74 43.49 32.23 -59.44
C TYR R 74 42.89 32.25 -58.04
N LEU R 75 43.76 32.44 -57.04
CA LEU R 75 43.35 32.51 -55.66
C LEU R 75 43.70 33.89 -55.11
N TYR R 76 42.70 34.74 -54.95
CA TYR R 76 42.90 36.09 -54.46
C TYR R 76 42.78 36.09 -52.94
N ILE R 77 43.89 36.40 -52.27
CA ILE R 77 43.99 36.27 -50.82
C ILE R 77 43.97 37.61 -50.08
N ASN R 78 43.05 37.72 -49.13
CA ASN R 78 43.04 38.80 -48.15
C ASN R 78 42.63 38.21 -46.81
N SER R 79 43.62 37.84 -46.00
CA SER R 79 43.36 37.03 -44.83
C SER R 79 44.39 37.22 -43.73
N PRO R 80 43.94 37.18 -42.46
CA PRO R 80 44.84 37.23 -41.30
C PRO R 80 45.33 35.83 -40.92
N GLY R 81 44.93 34.83 -41.70
CA GLY R 81 45.30 33.45 -41.42
C GLY R 81 44.22 32.75 -40.62
N GLY R 82 44.61 31.72 -39.88
CA GLY R 82 43.67 30.97 -39.06
C GLY R 82 44.08 29.53 -38.80
N VAL R 83 43.11 28.63 -38.80
CA VAL R 83 43.33 27.23 -38.42
C VAL R 83 44.23 26.50 -39.40
N ILE R 84 45.31 25.92 -38.88
CA ILE R 84 46.31 25.27 -39.72
C ILE R 84 45.77 24.08 -40.53
N THR R 85 45.08 23.15 -39.85
CA THR R 85 44.55 21.98 -40.56
C THR R 85 43.61 22.39 -41.69
N ALA R 86 42.77 23.39 -41.44
CA ALA R 86 41.88 23.89 -42.47
C ALA R 86 42.68 24.45 -43.64
N GLY R 87 43.72 25.22 -43.32
CA GLY R 87 44.59 25.77 -44.35
C GLY R 87 45.27 24.68 -45.15
N MET R 88 45.68 23.60 -44.49
CA MET R 88 46.41 22.52 -45.16
C MET R 88 45.54 21.72 -46.12
N SER R 89 44.22 21.77 -45.94
CA SER R 89 43.33 21.11 -46.89
C SER R 89 43.35 21.86 -48.20
N ILE R 90 43.43 23.19 -48.12
CA ILE R 90 43.56 24.02 -49.31
C ILE R 90 44.94 23.82 -49.93
N TYR R 91 45.97 23.80 -49.10
CA TYR R 91 47.33 23.62 -49.58
C TYR R 91 47.49 22.33 -50.37
N ASP R 92 47.04 21.22 -49.80
CA ASP R 92 47.18 19.93 -50.47
C ASP R 92 46.37 19.87 -51.77
N THR R 93 45.22 20.53 -51.77
CA THR R 93 44.39 20.57 -52.98
C THR R 93 45.10 21.36 -54.06
N MET R 94 45.71 22.48 -53.68
CA MET R 94 46.47 23.30 -54.63
C MET R 94 47.56 22.50 -55.32
N GLN R 95 48.32 21.73 -54.54
CA GLN R 95 49.42 20.96 -55.09
C GLN R 95 48.94 19.75 -55.89
N PHE R 96 47.82 19.17 -55.48
CA PHE R 96 47.30 17.97 -56.14
C PHE R 96 46.79 18.25 -57.55
N ILE R 97 45.96 19.28 -57.70
CA ILE R 97 45.32 19.54 -58.98
C ILE R 97 46.33 19.91 -60.07
N LYS R 98 45.99 19.58 -61.31
CA LYS R 98 46.88 19.82 -62.45
C LYS R 98 47.12 21.30 -62.72
N PRO R 99 46.04 22.11 -62.77
CA PRO R 99 46.21 23.54 -63.04
C PRO R 99 47.19 24.24 -62.11
N ASP R 100 47.94 25.19 -62.64
CA ASP R 100 48.72 26.10 -61.82
C ASP R 100 47.74 26.95 -61.02
N VAL R 101 47.97 27.07 -59.72
CA VAL R 101 47.18 28.00 -58.93
C VAL R 101 47.99 29.27 -58.71
N SER R 102 47.62 30.32 -59.42
CA SER R 102 48.25 31.63 -59.28
C SER R 102 47.65 32.33 -58.07
N THR R 103 48.50 32.90 -57.23
CA THR R 103 48.03 33.55 -56.01
C THR R 103 48.32 35.05 -56.02
N ILE R 104 47.39 35.82 -55.46
CA ILE R 104 47.54 37.27 -55.38
C ILE R 104 47.18 37.75 -53.98
N CYS R 105 48.09 38.53 -53.40
CA CYS R 105 47.86 39.12 -52.07
C CYS R 105 47.24 40.52 -52.19
N MET R 106 46.05 40.67 -51.63
CA MET R 106 45.38 41.96 -51.60
C MET R 106 45.17 42.38 -50.15
N GLY R 107 45.66 43.56 -49.78
CA GLY R 107 45.52 44.03 -48.41
C GLY R 107 46.54 43.37 -47.50
N GLN R 108 46.28 42.12 -47.14
CA GLN R 108 47.22 41.37 -46.32
C GLN R 108 47.10 39.86 -46.51
N ALA R 109 48.22 39.18 -46.32
CA ALA R 109 48.24 37.73 -46.20
C ALA R 109 49.13 37.41 -45.01
N ALA R 110 48.52 37.08 -43.88
CA ALA R 110 49.27 36.83 -42.66
C ALA R 110 49.13 35.39 -42.21
N SER R 111 50.20 34.85 -41.65
CA SER R 111 50.20 33.50 -41.09
C SER R 111 49.78 32.48 -42.15
N MET R 112 48.74 31.69 -41.87
CA MET R 112 48.30 30.70 -42.86
C MET R 112 47.97 31.35 -44.19
N GLY R 113 47.53 32.61 -44.15
CA GLY R 113 47.28 33.35 -45.37
C GLY R 113 48.55 33.55 -46.18
N ALA R 114 49.64 33.88 -45.49
CA ALA R 114 50.94 34.04 -46.14
C ALA R 114 51.43 32.70 -46.68
N PHE R 115 51.15 31.63 -45.95
CA PHE R 115 51.58 30.30 -46.34
C PHE R 115 50.93 29.88 -47.65
N LEU R 116 49.62 30.07 -47.75
CA LEU R 116 48.90 29.70 -48.97
C LEU R 116 49.29 30.61 -50.14
N LEU R 117 49.63 31.85 -49.83
CA LEU R 117 50.14 32.78 -50.84
C LEU R 117 51.40 32.23 -51.49
N THR R 118 52.37 31.83 -50.66
CA THR R 118 53.65 31.36 -51.18
C THR R 118 53.53 29.97 -51.80
N ALA R 119 52.42 29.29 -51.51
CA ALA R 119 52.19 27.94 -52.02
C ALA R 119 51.73 27.94 -53.48
N GLY R 120 51.47 29.13 -54.02
CA GLY R 120 51.07 29.25 -55.41
C GLY R 120 52.17 28.79 -56.36
N ALA R 121 51.78 28.58 -57.62
CA ALA R 121 52.73 28.12 -58.64
C ALA R 121 53.89 29.11 -58.75
N LYS R 122 55.11 28.59 -58.68
CA LYS R 122 56.29 29.46 -58.80
C LYS R 122 56.23 30.25 -60.10
N GLY R 123 56.44 31.55 -59.99
CA GLY R 123 56.37 32.44 -61.14
C GLY R 123 55.02 33.14 -61.26
N LYS R 124 54.03 32.64 -60.53
CA LYS R 124 52.68 33.18 -60.61
C LYS R 124 52.12 33.61 -59.26
N ARG R 125 53.01 34.02 -58.36
CA ARG R 125 52.61 34.54 -57.05
C ARG R 125 52.86 36.04 -57.02
N PHE R 126 51.82 36.81 -56.67
CA PHE R 126 51.89 38.26 -56.73
C PHE R 126 51.49 38.95 -55.43
N CYS R 127 52.09 40.11 -55.20
CA CYS R 127 51.63 41.05 -54.19
C CYS R 127 51.17 42.32 -54.89
N LEU R 128 50.05 42.88 -54.45
CA LEU R 128 49.70 44.24 -54.84
C LEU R 128 50.70 45.16 -54.14
N PRO R 129 50.98 46.32 -54.74
CA PRO R 129 52.08 47.19 -54.29
C PRO R 129 52.02 47.56 -52.81
N ASN R 130 50.82 47.75 -52.26
CA ASN R 130 50.69 48.18 -50.88
C ASN R 130 50.11 47.12 -49.95
N SER R 131 50.03 45.89 -50.44
CA SER R 131 49.64 44.77 -49.59
C SER R 131 50.83 44.44 -48.71
N ARG R 132 50.57 43.71 -47.63
CA ARG R 132 51.67 43.30 -46.76
C ARG R 132 51.51 41.85 -46.32
N VAL R 133 52.62 41.26 -45.90
CA VAL R 133 52.65 39.87 -45.50
C VAL R 133 53.20 39.77 -44.09
N MET R 134 52.73 38.77 -43.33
CA MET R 134 53.31 38.49 -42.03
C MET R 134 53.45 36.99 -41.82
N ILE R 135 54.60 36.57 -41.31
CA ILE R 135 54.83 35.16 -41.03
C ILE R 135 55.23 34.96 -39.57
N HIS R 136 54.89 33.78 -39.04
CA HIS R 136 55.32 33.41 -37.70
C HIS R 136 55.16 31.90 -37.48
N GLN R 137 55.27 31.47 -36.24
CA GLN R 137 55.18 30.04 -35.93
C GLN R 137 53.79 29.66 -35.44
N PRO R 138 53.49 28.35 -35.43
CA PRO R 138 52.16 27.89 -35.01
C PRO R 138 51.82 28.30 -33.58
N LEU R 139 50.54 28.58 -33.37
CA LEU R 139 50.02 28.89 -32.05
C LEU R 139 49.13 27.75 -31.61
N GLY R 140 49.08 27.49 -30.31
CA GLY R 140 48.26 26.43 -29.79
C GLY R 140 48.16 26.46 -28.28
N GLY R 141 47.88 25.31 -27.70
CA GLY R 141 47.74 25.22 -26.26
C GLY R 141 46.87 24.04 -25.90
N TYR R 142 47.09 23.52 -24.70
CA TYR R 142 46.33 22.38 -24.21
C TYR R 142 46.19 22.49 -22.70
N GLN R 143 45.18 21.85 -22.16
CA GLN R 143 45.00 21.80 -20.72
C GLN R 143 44.74 20.36 -20.32
N GLY R 144 45.45 19.88 -19.30
CA GLY R 144 45.22 18.54 -18.81
C GLY R 144 46.42 17.93 -18.12
N GLN R 145 46.48 16.60 -18.12
CA GLN R 145 47.58 15.87 -17.51
C GLN R 145 48.89 16.09 -18.25
N ALA R 146 49.99 16.04 -17.51
CA ALA R 146 51.32 16.20 -18.08
C ALA R 146 51.56 15.24 -19.24
N THR R 147 51.13 13.99 -19.10
CA THR R 147 51.29 13.02 -20.17
C THR R 147 50.65 13.51 -21.47
N ASP R 148 49.45 14.08 -21.36
CA ASP R 148 48.72 14.56 -22.52
C ASP R 148 49.30 15.88 -23.05
N ILE R 149 49.79 16.71 -22.14
CA ILE R 149 50.44 17.95 -22.53
C ILE R 149 51.65 17.61 -23.41
N GLU R 150 52.40 16.60 -23.02
CA GLU R 150 53.56 16.19 -23.81
C GLU R 150 53.17 15.70 -25.19
N ILE R 151 52.11 14.88 -25.27
CA ILE R 151 51.61 14.40 -26.56
C ILE R 151 51.29 15.56 -27.50
N HIS R 152 50.57 16.55 -26.99
CA HIS R 152 50.13 17.67 -27.80
C HIS R 152 51.25 18.67 -28.11
N ALA R 153 52.19 18.83 -27.17
CA ALA R 153 53.35 19.68 -27.42
C ALA R 153 54.21 19.08 -28.53
N ARG R 154 54.42 17.77 -28.46
CA ARG R 154 55.20 17.07 -29.48
C ARG R 154 54.56 17.25 -30.85
N GLU R 155 53.23 17.16 -30.92
CA GLU R 155 52.53 17.29 -32.18
C GLU R 155 52.65 18.69 -32.79
N ILE R 156 52.46 19.73 -31.99
CA ILE R 156 52.56 21.07 -32.52
C ILE R 156 53.98 21.37 -32.98
N LEU R 157 54.96 20.78 -32.32
CA LEU R 157 56.36 20.92 -32.73
C LEU R 157 56.59 20.27 -34.09
N LYS R 158 55.94 19.13 -34.32
CA LYS R 158 56.00 18.45 -35.60
C LYS R 158 55.33 19.26 -36.69
N VAL R 159 54.17 19.83 -36.38
CA VAL R 159 53.48 20.70 -37.31
C VAL R 159 54.35 21.89 -37.68
N LYS R 160 54.97 22.50 -36.67
CA LYS R 160 55.88 23.62 -36.87
C LYS R 160 57.02 23.23 -37.81
N GLY R 161 57.59 22.05 -37.57
CA GLY R 161 58.67 21.53 -38.41
C GLY R 161 58.26 21.38 -39.86
N ARG R 162 57.09 20.81 -40.09
CA ARG R 162 56.58 20.60 -41.44
C ARG R 162 56.30 21.94 -42.13
N MET R 163 55.66 22.86 -41.41
CA MET R 163 55.34 24.16 -41.97
C MET R 163 56.61 24.89 -42.40
N ASN R 164 57.66 24.81 -41.57
CA ASN R 164 58.92 25.46 -41.89
C ASN R 164 59.60 24.84 -43.11
N GLU R 165 59.55 23.52 -43.22
CA GLU R 165 60.11 22.82 -44.37
C GLU R 165 59.40 23.24 -45.67
N LEU R 166 58.08 23.32 -45.62
CA LEU R 166 57.31 23.71 -46.78
C LEU R 166 57.57 25.17 -47.17
N MET R 167 57.71 26.02 -46.16
CA MET R 167 58.08 27.42 -46.42
C MET R 167 59.43 27.49 -47.11
N ALA R 168 60.40 26.73 -46.61
CA ALA R 168 61.72 26.65 -47.23
C ALA R 168 61.61 26.22 -48.68
N LEU R 169 60.80 25.19 -48.92
CA LEU R 169 60.57 24.66 -50.26
C LEU R 169 60.05 25.74 -51.22
N HIS R 170 59.00 26.45 -50.80
CA HIS R 170 58.33 27.40 -51.69
C HIS R 170 59.04 28.75 -51.82
N THR R 171 59.68 29.22 -50.75
CA THR R 171 60.36 30.50 -50.81
C THR R 171 61.77 30.40 -51.40
N GLY R 172 62.39 29.25 -51.23
CA GLY R 172 63.76 29.03 -51.68
C GLY R 172 64.76 29.40 -50.59
N GLN R 173 64.24 29.88 -49.46
CA GLN R 173 65.08 30.18 -48.31
C GLN R 173 65.53 28.89 -47.64
N SER R 174 66.66 28.94 -46.94
CA SER R 174 67.12 27.79 -46.19
C SER R 174 66.15 27.49 -45.07
N LEU R 175 66.01 26.22 -44.71
CA LEU R 175 65.20 25.86 -43.55
C LEU R 175 65.64 26.69 -42.34
N GLU R 176 66.95 26.88 -42.21
CA GLU R 176 67.48 27.63 -41.09
C GLU R 176 67.01 29.09 -41.07
N GLN R 177 66.98 29.73 -42.23
CA GLN R 177 66.51 31.09 -42.31
C GLN R 177 65.03 31.20 -41.93
N ILE R 178 64.23 30.27 -42.45
CA ILE R 178 62.81 30.24 -42.14
C ILE R 178 62.57 30.07 -40.64
N GLU R 179 63.27 29.11 -40.04
CA GLU R 179 63.14 28.83 -38.61
C GLU R 179 63.42 30.06 -37.76
N ARG R 180 64.50 30.77 -38.09
CA ARG R 180 64.87 31.95 -37.33
C ARG R 180 63.92 33.12 -37.57
N ASP R 181 63.48 33.27 -38.81
CA ASP R 181 62.61 34.39 -39.18
C ASP R 181 61.18 34.24 -38.68
N THR R 182 60.77 33.02 -38.32
CA THR R 182 59.38 32.78 -37.93
C THR R 182 59.19 32.53 -36.43
N GLU R 183 60.28 32.59 -35.66
CA GLU R 183 60.17 32.45 -34.20
C GLU R 183 59.26 33.52 -33.62
N ARG R 184 59.31 34.71 -34.21
CA ARG R 184 58.42 35.80 -33.82
C ARG R 184 57.79 36.44 -35.06
N ASP R 185 56.68 37.14 -34.85
CA ASP R 185 56.01 37.86 -35.94
C ASP R 185 57.02 38.60 -36.80
N ARG R 186 56.93 38.39 -38.11
CA ARG R 186 57.83 39.04 -39.05
CA ARG R 186 57.84 39.04 -39.05
C ARG R 186 57.04 39.62 -40.20
N PHE R 187 57.05 40.94 -40.32
CA PHE R 187 56.31 41.62 -41.39
C PHE R 187 57.17 41.79 -42.64
N LEU R 188 56.53 41.66 -43.80
CA LEU R 188 57.19 41.91 -45.07
C LEU R 188 56.33 42.78 -45.96
N SER R 189 56.89 43.91 -46.40
CA SER R 189 56.23 44.73 -47.40
C SER R 189 56.23 43.94 -48.71
N ALA R 190 55.53 44.47 -49.72
CA ALA R 190 55.48 43.80 -51.01
C ALA R 190 56.87 43.58 -51.60
N PRO R 191 57.70 44.63 -51.65
CA PRO R 191 59.05 44.47 -52.19
C PRO R 191 59.88 43.47 -51.38
N GLU R 192 59.71 43.49 -50.06
CA GLU R 192 60.45 42.56 -49.19
C GLU R 192 59.98 41.12 -49.42
N ALA R 193 58.69 40.94 -49.69
CA ALA R 193 58.14 39.62 -49.96
C ALA R 193 58.72 39.06 -51.26
N VAL R 194 58.92 39.94 -52.24
CA VAL R 194 59.55 39.53 -53.48
C VAL R 194 61.00 39.13 -53.22
N GLU R 195 61.72 39.97 -52.49
CA GLU R 195 63.10 39.68 -52.15
C GLU R 195 63.23 38.36 -51.39
N TYR R 196 62.24 38.07 -50.56
CA TYR R 196 62.26 36.89 -49.69
C TYR R 196 62.00 35.61 -50.46
N GLY R 197 61.38 35.74 -51.63
CA GLY R 197 60.99 34.58 -52.42
C GLY R 197 59.61 34.09 -52.04
N LEU R 198 58.91 34.86 -51.22
CA LEU R 198 57.57 34.49 -50.80
C LEU R 198 56.59 34.69 -51.95
N VAL R 199 56.76 35.77 -52.70
CA VAL R 199 56.04 35.94 -53.97
C VAL R 199 57.05 36.20 -55.07
N ASP R 200 56.58 36.19 -56.31
CA ASP R 200 57.47 36.32 -57.46
C ASP R 200 57.60 37.76 -57.95
N SER R 201 56.53 38.53 -57.81
CA SER R 201 56.58 39.93 -58.25
C SER R 201 55.41 40.76 -57.70
N ILE R 202 55.51 42.06 -57.91
CA ILE R 202 54.45 42.99 -57.54
C ILE R 202 53.61 43.29 -58.77
N LEU R 203 52.29 43.20 -58.62
CA LEU R 203 51.38 43.57 -59.69
C LEU R 203 51.41 45.08 -59.90
N THR R 204 51.88 45.51 -61.06
CA THR R 204 51.95 46.93 -61.38
C THR R 204 50.89 47.26 -62.43
N HIS R 205 50.27 48.43 -62.26
CA HIS R 205 49.15 48.88 -63.10
C HIS R 205 48.94 48.00 -64.34
N LEU S 16 27.85 32.69 -48.42
CA LEU S 16 27.34 32.36 -49.74
C LEU S 16 27.98 31.10 -50.31
N VAL S 17 27.15 30.27 -50.95
CA VAL S 17 27.66 29.12 -51.68
C VAL S 17 27.59 29.44 -53.17
N PRO S 18 28.75 29.47 -53.84
CA PRO S 18 28.81 29.86 -55.25
C PRO S 18 27.95 28.95 -56.10
N MET S 19 27.35 29.51 -57.15
CA MET S 19 26.59 28.73 -58.11
C MET S 19 27.49 28.44 -59.31
N VAL S 20 27.26 27.30 -59.96
CA VAL S 20 28.01 26.95 -61.15
C VAL S 20 27.04 26.42 -62.21
N ILE S 21 27.47 26.45 -63.47
CA ILE S 21 26.64 25.96 -64.56
C ILE S 21 27.06 24.57 -65.00
N GLU S 22 26.09 23.74 -65.31
CA GLU S 22 26.36 22.50 -66.02
C GLU S 22 25.71 22.54 -67.39
N GLN S 23 26.54 22.44 -68.43
CA GLN S 23 26.05 22.39 -69.79
C GLN S 23 25.75 20.94 -70.15
N THR S 24 24.59 20.72 -70.74
CA THR S 24 24.24 19.39 -71.23
C THR S 24 23.80 19.48 -72.69
N SER S 25 23.64 18.33 -73.33
CA SER S 25 23.17 18.29 -74.71
C SER S 25 21.81 18.97 -74.84
N ARG S 26 21.03 18.92 -73.77
CA ARG S 26 19.65 19.39 -73.79
C ARG S 26 19.43 20.67 -72.99
N GLY S 27 20.48 21.48 -72.84
CA GLY S 27 20.36 22.73 -72.13
C GLY S 27 21.37 22.86 -71.00
N GLU S 28 21.20 23.88 -70.16
CA GLU S 28 22.10 24.09 -69.02
C GLU S 28 21.32 24.35 -67.74
N ARG S 29 21.90 23.93 -66.62
CA ARG S 29 21.27 24.12 -65.32
C ARG S 29 22.24 24.74 -64.32
N SER S 30 21.70 25.25 -63.22
CA SER S 30 22.51 25.93 -62.21
C SER S 30 22.48 25.16 -60.89
N PHE S 31 23.66 24.90 -60.34
CA PHE S 31 23.79 24.21 -59.05
C PHE S 31 24.58 25.09 -58.09
N ASP S 32 24.25 25.02 -56.81
CA ASP S 32 25.21 25.46 -55.81
C ASP S 32 26.35 24.46 -55.92
N ILE S 33 27.56 24.86 -55.57
CA ILE S 33 28.73 24.03 -55.87
C ILE S 33 28.73 22.67 -55.17
N TYR S 34 28.16 22.60 -53.97
CA TYR S 34 28.08 21.32 -53.27
C TYR S 34 27.11 20.34 -53.93
N SER S 35 25.97 20.86 -54.39
CA SER S 35 25.02 20.04 -55.12
C SER S 35 25.62 19.57 -56.44
N ARG S 36 26.46 20.42 -57.04
CA ARG S 36 27.13 20.05 -58.27
C ARG S 36 28.06 18.86 -58.06
N LEU S 37 28.80 18.88 -56.95
CA LEU S 37 29.73 17.79 -56.65
C LEU S 37 29.01 16.53 -56.20
N LEU S 38 27.88 16.71 -55.52
CA LEU S 38 27.04 15.57 -55.14
C LEU S 38 26.60 14.82 -56.38
N LYS S 39 26.30 15.56 -57.44
CA LYS S 39 25.90 14.93 -58.69
C LYS S 39 27.00 14.02 -59.21
N GLU S 40 28.25 14.37 -58.93
CA GLU S 40 29.40 13.54 -59.31
C GLU S 40 29.73 12.50 -58.24
N ARG S 41 28.80 12.30 -57.30
CA ARG S 41 28.92 11.28 -56.25
C ARG S 41 29.95 11.63 -55.18
N VAL S 42 30.20 12.92 -55.00
CA VAL S 42 31.08 13.41 -53.95
C VAL S 42 30.29 14.00 -52.79
N ILE S 43 30.52 13.46 -51.60
CA ILE S 43 29.88 13.95 -50.38
C ILE S 43 30.92 14.53 -49.44
N PHE S 44 30.63 15.68 -48.85
CA PHE S 44 31.54 16.30 -47.90
C PHE S 44 31.12 16.04 -46.46
N LEU S 45 32.09 15.68 -45.62
CA LEU S 45 31.89 15.57 -44.19
C LEU S 45 32.79 16.61 -43.55
N THR S 46 32.20 17.71 -43.08
CA THR S 46 32.97 18.87 -42.66
C THR S 46 32.63 19.32 -41.25
N GLY S 47 33.66 19.58 -40.46
CA GLY S 47 33.45 20.07 -39.10
C GLY S 47 32.97 18.98 -38.17
N GLN S 48 32.41 19.39 -37.02
CA GLN S 48 32.06 18.43 -36.00
C GLN S 48 30.86 17.55 -36.37
N VAL S 49 30.93 16.29 -35.94
CA VAL S 49 29.90 15.30 -36.23
C VAL S 49 28.76 15.40 -35.23
N GLU S 50 27.55 15.58 -35.76
CA GLU S 50 26.34 15.58 -34.94
C GLU S 50 25.12 15.13 -35.76
N ASP S 51 24.02 14.90 -35.06
CA ASP S 51 22.84 14.28 -35.67
C ASP S 51 22.43 14.83 -37.03
N HIS S 52 22.26 16.14 -37.13
CA HIS S 52 21.70 16.74 -38.34
C HIS S 52 22.64 16.70 -39.55
N MET S 53 23.90 17.06 -39.35
CA MET S 53 24.87 16.98 -40.45
C MET S 53 25.08 15.51 -40.86
N ALA S 54 25.08 14.62 -39.88
CA ALA S 54 25.26 13.19 -40.12
C ALA S 54 24.07 12.62 -40.89
N ASN S 55 22.86 13.03 -40.50
CA ASN S 55 21.67 12.56 -41.18
C ASN S 55 21.64 13.01 -42.63
N LEU S 56 22.14 14.22 -42.88
CA LEU S 56 22.23 14.74 -44.24
C LEU S 56 23.15 13.87 -45.08
N ILE S 57 24.24 13.42 -44.48
CA ILE S 57 25.20 12.55 -45.16
C ILE S 57 24.57 11.18 -45.46
N VAL S 58 23.79 10.66 -44.51
CA VAL S 58 23.09 9.40 -44.72
C VAL S 58 22.14 9.49 -45.90
N ALA S 59 21.39 10.59 -45.97
CA ALA S 59 20.42 10.79 -47.04
C ALA S 59 21.12 10.88 -48.39
N GLN S 60 22.28 11.54 -48.42
CA GLN S 60 23.06 11.65 -49.66
C GLN S 60 23.55 10.28 -50.12
N MET S 61 23.98 9.45 -49.17
CA MET S 61 24.47 8.11 -49.50
C MET S 61 23.36 7.21 -50.05
N LEU S 62 22.20 7.26 -49.40
CA LEU S 62 21.06 6.47 -49.85
C LEU S 62 20.62 6.92 -51.23
N PHE S 63 20.58 8.23 -51.44
CA PHE S 63 20.22 8.78 -52.75
C PHE S 63 21.18 8.30 -53.83
N LEU S 64 22.48 8.39 -53.55
CA LEU S 64 23.49 7.99 -54.54
C LEU S 64 23.41 6.51 -54.87
N GLU S 65 23.18 5.67 -53.86
CA GLU S 65 23.02 4.23 -54.11
C GLU S 65 21.88 4.00 -55.08
N ALA S 66 20.74 4.63 -54.81
CA ALA S 66 19.56 4.49 -55.67
C ALA S 66 19.88 4.92 -57.10
N GLU S 67 20.53 6.07 -57.25
CA GLU S 67 20.93 6.56 -58.56
C GLU S 67 21.75 5.51 -59.31
N ASN S 68 22.79 5.02 -58.65
CA ASN S 68 23.62 3.97 -59.24
C ASN S 68 24.25 3.09 -58.17
N PRO S 69 23.71 1.88 -57.98
CA PRO S 69 24.17 0.92 -56.96
C PRO S 69 25.56 0.39 -57.27
N GLU S 70 26.09 0.66 -58.45
CA GLU S 70 27.37 0.08 -58.85
C GLU S 70 28.58 1.02 -58.74
N LYS S 71 28.34 2.32 -58.88
CA LYS S 71 29.41 3.31 -58.87
C LYS S 71 29.88 3.66 -57.47
N ASP S 72 31.19 3.86 -57.32
CA ASP S 72 31.75 4.27 -56.05
C ASP S 72 31.15 5.59 -55.58
N ILE S 73 31.10 5.77 -54.27
CA ILE S 73 30.72 7.04 -53.67
C ILE S 73 31.95 7.59 -52.96
N TYR S 74 32.09 8.91 -52.95
CA TYR S 74 33.26 9.52 -52.34
C TYR S 74 32.90 10.38 -51.14
N LEU S 75 33.61 10.15 -50.04
CA LEU S 75 33.39 10.89 -48.81
C LEU S 75 34.64 11.67 -48.44
N TYR S 76 34.57 12.99 -48.61
CA TYR S 76 35.70 13.87 -48.33
C TYR S 76 35.61 14.39 -46.91
N ILE S 77 36.55 13.97 -46.07
CA ILE S 77 36.47 14.20 -44.64
C ILE S 77 37.46 15.26 -44.14
N ASN S 78 36.91 16.29 -43.51
CA ASN S 78 37.68 17.29 -42.78
C ASN S 78 36.97 17.61 -41.46
N SER S 79 37.35 16.90 -40.41
CA SER S 79 36.55 16.91 -39.19
C SER S 79 37.39 16.60 -37.95
N PRO S 80 37.07 17.28 -36.83
CA PRO S 80 37.66 16.99 -35.51
C PRO S 80 36.90 15.87 -34.79
N GLY S 81 35.89 15.31 -35.43
CA GLY S 81 35.08 14.27 -34.82
C GLY S 81 33.79 14.82 -34.23
N GLY S 82 33.27 14.11 -33.23
CA GLY S 82 32.03 14.53 -32.59
C GLY S 82 31.24 13.40 -31.95
N VAL S 83 29.92 13.53 -32.00
CA VAL S 83 29.03 12.57 -31.35
C VAL S 83 29.12 11.17 -31.96
N ILE S 84 29.41 10.18 -31.12
CA ILE S 84 29.61 8.80 -31.59
C ILE S 84 28.37 8.19 -32.25
N THR S 85 27.22 8.28 -31.60
CA THR S 85 26.00 7.69 -32.19
C THR S 85 25.68 8.32 -33.55
N ALA S 86 25.90 9.62 -33.68
CA ALA S 86 25.68 10.31 -34.94
C ALA S 86 26.65 9.77 -35.99
N GLY S 87 27.90 9.60 -35.60
CA GLY S 87 28.89 9.03 -36.48
C GLY S 87 28.51 7.62 -36.92
N MET S 88 27.94 6.85 -36.00
CA MET S 88 27.62 5.46 -36.29
C MET S 88 26.46 5.30 -37.27
N SER S 89 25.60 6.33 -37.37
CA SER S 89 24.54 6.29 -38.35
C SER S 89 25.17 6.34 -39.75
N ILE S 90 26.23 7.12 -39.88
CA ILE S 90 26.99 7.18 -41.11
C ILE S 90 27.73 5.87 -41.35
N TYR S 91 28.41 5.38 -40.33
CA TYR S 91 29.16 4.13 -40.46
C TYR S 91 28.31 2.98 -40.98
N ASP S 92 27.16 2.75 -40.34
CA ASP S 92 26.30 1.64 -40.72
C ASP S 92 25.73 1.82 -42.12
N THR S 93 25.50 3.07 -42.53
CA THR S 93 25.01 3.34 -43.86
C THR S 93 26.09 3.01 -44.90
N MET S 94 27.33 3.37 -44.58
CA MET S 94 28.46 3.07 -45.45
C MET S 94 28.58 1.57 -45.69
N GLN S 95 28.43 0.78 -44.64
CA GLN S 95 28.59 -0.67 -44.74
C GLN S 95 27.38 -1.33 -45.39
N PHE S 96 26.20 -0.73 -45.23
CA PHE S 96 24.98 -1.31 -45.76
C PHE S 96 24.87 -1.21 -47.29
N ILE S 97 25.12 -0.02 -47.81
CA ILE S 97 24.91 0.24 -49.23
C ILE S 97 25.87 -0.55 -50.12
N LYS S 98 25.42 -0.85 -51.34
CA LYS S 98 26.18 -1.67 -52.26
C LYS S 98 27.48 -1.01 -52.76
N PRO S 99 27.41 0.29 -53.13
CA PRO S 99 28.61 0.95 -53.64
C PRO S 99 29.73 1.02 -52.61
N ASP S 100 30.98 0.89 -53.06
CA ASP S 100 32.13 1.16 -52.22
C ASP S 100 32.11 2.64 -51.85
N VAL S 101 32.38 2.94 -50.59
CA VAL S 101 32.55 4.32 -50.18
C VAL S 101 34.03 4.63 -50.00
N SER S 102 34.60 5.33 -50.96
CA SER S 102 35.98 5.76 -50.91
C SER S 102 36.10 6.98 -50.00
N THR S 103 37.08 6.96 -49.11
CA THR S 103 37.26 8.06 -48.17
C THR S 103 38.55 8.83 -48.40
N ILE S 104 38.49 10.14 -48.22
CA ILE S 104 39.67 10.99 -48.37
C ILE S 104 39.80 11.94 -47.21
N CYS S 105 40.97 11.96 -46.59
CA CYS S 105 41.24 12.86 -45.47
C CYS S 105 41.90 14.15 -45.98
N MET S 106 41.21 15.27 -45.76
CA MET S 106 41.75 16.59 -46.05
C MET S 106 41.85 17.43 -44.78
N GLY S 107 43.05 17.94 -44.51
CA GLY S 107 43.28 18.74 -43.33
C GLY S 107 43.46 17.84 -42.13
N GLN S 108 42.34 17.32 -41.62
CA GLN S 108 42.37 16.43 -40.48
C GLN S 108 41.15 15.51 -40.46
N ALA S 109 41.38 14.31 -39.94
CA ALA S 109 40.31 13.42 -39.54
C ALA S 109 40.65 12.93 -38.13
N ALA S 110 39.93 13.45 -37.14
CA ALA S 110 40.22 13.12 -35.75
C ALA S 110 39.03 12.46 -35.07
N SER S 111 39.32 11.52 -34.19
CA SER S 111 38.29 10.82 -33.42
C SER S 111 37.27 10.17 -34.35
N MET S 112 36.00 10.50 -34.19
CA MET S 112 34.98 9.91 -35.06
C MET S 112 35.29 10.18 -36.53
N GLY S 113 35.93 11.32 -36.79
CA GLY S 113 36.37 11.64 -38.13
C GLY S 113 37.33 10.59 -38.68
N ALA S 114 38.30 10.21 -37.84
CA ALA S 114 39.27 9.18 -38.22
C ALA S 114 38.62 7.81 -38.35
N PHE S 115 37.64 7.55 -37.49
CA PHE S 115 36.95 6.26 -37.55
C PHE S 115 36.21 6.10 -38.89
N LEU S 116 35.50 7.15 -39.29
CA LEU S 116 34.77 7.11 -40.56
C LEU S 116 35.72 7.06 -41.76
N LEU S 117 36.88 7.67 -41.62
CA LEU S 117 37.90 7.61 -42.67
C LEU S 117 38.35 6.17 -42.88
N THR S 118 38.67 5.48 -41.79
CA THR S 118 39.17 4.11 -41.89
C THR S 118 38.06 3.13 -42.25
N ALA S 119 36.82 3.58 -42.10
CA ALA S 119 35.66 2.73 -42.38
C ALA S 119 35.39 2.61 -43.88
N GLY S 120 36.13 3.36 -44.69
CA GLY S 120 35.95 3.33 -46.13
C GLY S 120 36.30 1.99 -46.74
N ALA S 121 35.88 1.78 -47.98
CA ALA S 121 36.19 0.54 -48.70
C ALA S 121 37.69 0.28 -48.72
N LYS S 122 38.06 -0.97 -48.48
CA LYS S 122 39.48 -1.35 -48.46
C LYS S 122 40.11 -1.07 -49.82
N GLY S 123 41.28 -0.45 -49.80
CA GLY S 123 41.99 -0.09 -51.02
C GLY S 123 41.63 1.30 -51.52
N LYS S 124 40.56 1.87 -50.97
CA LYS S 124 40.07 3.16 -51.44
C LYS S 124 39.97 4.21 -50.35
N ARG S 125 40.84 4.09 -49.34
CA ARG S 125 40.94 5.09 -48.28
C ARG S 125 42.22 5.89 -48.46
N PHE S 126 42.11 7.22 -48.50
CA PHE S 126 43.25 8.06 -48.82
C PHE S 126 43.52 9.16 -47.81
N CYS S 127 44.79 9.51 -47.66
CA CYS S 127 45.21 10.71 -46.93
C CYS S 127 45.89 11.64 -47.92
N LEU S 128 45.53 12.92 -47.88
CA LEU S 128 46.31 13.92 -48.58
C LEU S 128 47.65 14.06 -47.85
N PRO S 129 48.71 14.38 -48.60
CA PRO S 129 50.10 14.35 -48.12
C PRO S 129 50.33 15.02 -46.76
N ASN S 130 49.67 16.15 -46.51
CA ASN S 130 49.90 16.89 -45.28
C ASN S 130 48.70 16.90 -44.33
N SER S 131 47.73 16.04 -44.61
CA SER S 131 46.62 15.84 -43.68
C SER S 131 47.14 15.04 -42.51
N ARG S 132 46.41 15.06 -41.40
CA ARG S 132 46.80 14.26 -40.25
C ARG S 132 45.58 13.60 -39.62
N VAL S 133 45.85 12.61 -38.78
CA VAL S 133 44.80 11.85 -38.13
C VAL S 133 45.06 11.78 -36.64
N MET S 134 43.99 11.70 -35.84
CA MET S 134 44.14 11.47 -34.41
C MET S 134 43.11 10.46 -33.95
N ILE S 135 43.53 9.51 -33.12
CA ILE S 135 42.63 8.52 -32.56
C ILE S 135 42.70 8.54 -31.05
N HIS S 136 41.62 8.11 -30.41
CA HIS S 136 41.56 8.04 -28.96
C HIS S 136 40.29 7.32 -28.51
N GLN S 137 40.06 7.27 -27.21
CA GLN S 137 38.90 6.55 -26.68
C GLN S 137 37.71 7.49 -26.45
N PRO S 138 36.51 6.92 -26.25
CA PRO S 138 35.30 7.73 -26.05
C PRO S 138 35.42 8.68 -24.87
N LEU S 139 34.78 9.84 -25.00
CA LEU S 139 34.68 10.80 -23.93
C LEU S 139 33.22 10.90 -23.54
N GLY S 140 32.97 11.07 -22.25
CA GLY S 140 31.60 11.21 -21.77
C GLY S 140 31.55 11.85 -20.41
N GLY S 141 30.37 11.82 -19.82
CA GLY S 141 30.19 12.37 -18.50
C GLY S 141 28.77 12.15 -18.07
N TYR S 142 28.59 11.87 -16.79
CA TYR S 142 27.24 11.75 -16.24
C TYR S 142 27.21 12.36 -14.84
N GLN S 143 26.01 12.63 -14.36
CA GLN S 143 25.84 13.20 -13.04
C GLN S 143 24.56 12.66 -12.44
N GLY S 144 24.63 12.21 -11.19
CA GLY S 144 23.45 11.71 -10.49
C GLY S 144 23.76 10.64 -9.47
N GLN S 145 22.79 9.75 -9.24
CA GLN S 145 22.93 8.67 -8.27
C GLN S 145 23.98 7.65 -8.70
N ALA S 146 24.64 7.05 -7.71
CA ALA S 146 25.64 6.03 -7.96
C ALA S 146 25.12 4.92 -8.86
N THR S 147 23.88 4.49 -8.63
CA THR S 147 23.28 3.43 -9.45
C THR S 147 23.27 3.82 -10.92
N ASP S 148 22.90 5.07 -11.20
CA ASP S 148 22.81 5.56 -12.58
C ASP S 148 24.19 5.81 -13.15
N ILE S 149 25.11 6.28 -12.31
CA ILE S 149 26.49 6.46 -12.73
C ILE S 149 27.06 5.13 -13.24
N GLU S 150 26.73 4.05 -12.54
CA GLU S 150 27.18 2.72 -12.94
CA GLU S 150 27.18 2.72 -12.94
C GLU S 150 26.60 2.32 -14.30
N ILE S 151 25.30 2.56 -14.46
CA ILE S 151 24.63 2.22 -15.71
C ILE S 151 25.30 2.91 -16.90
N HIS S 152 25.60 4.20 -16.75
CA HIS S 152 26.17 4.98 -17.84
C HIS S 152 27.66 4.72 -18.05
N ALA S 153 28.38 4.43 -16.95
CA ALA S 153 29.78 4.05 -17.06
C ALA S 153 29.89 2.73 -17.81
N ARG S 154 29.04 1.76 -17.45
CA ARG S 154 29.00 0.48 -18.12
C ARG S 154 28.77 0.66 -19.62
N GLU S 155 27.85 1.55 -19.95
CA GLU S 155 27.50 1.78 -21.36
C GLU S 155 28.65 2.36 -22.17
N ILE S 156 29.31 3.39 -21.64
CA ILE S 156 30.41 4.00 -22.39
C ILE S 156 31.58 3.03 -22.54
N LEU S 157 31.74 2.13 -21.56
CA LEU S 157 32.77 1.09 -21.66
C LEU S 157 32.43 0.08 -22.76
N LYS S 158 31.14 -0.20 -22.93
CA LYS S 158 30.68 -1.06 -24.03
C LYS S 158 30.93 -0.38 -25.36
N VAL S 159 30.66 0.92 -25.42
CA VAL S 159 30.89 1.70 -26.63
C VAL S 159 32.37 1.68 -27.00
N LYS S 160 33.23 1.92 -26.01
CA LYS S 160 34.67 1.88 -26.22
C LYS S 160 35.09 0.55 -26.81
N GLY S 161 34.56 -0.53 -26.25
CA GLY S 161 34.87 -1.87 -26.72
C GLY S 161 34.48 -2.07 -28.18
N ARG S 162 33.28 -1.65 -28.53
CA ARG S 162 32.78 -1.79 -29.90
CA ARG S 162 32.78 -1.80 -29.89
C ARG S 162 33.63 -1.00 -30.88
N MET S 163 33.96 0.23 -30.52
CA MET S 163 34.78 1.07 -31.39
C MET S 163 36.16 0.45 -31.63
N ASN S 164 36.74 -0.13 -30.58
CA ASN S 164 38.04 -0.79 -30.70
C ASN S 164 37.97 -2.04 -31.58
N GLU S 165 36.89 -2.79 -31.45
CA GLU S 165 36.69 -3.99 -32.26
C GLU S 165 36.59 -3.63 -33.74
N LEU S 166 35.84 -2.57 -34.03
CA LEU S 166 35.67 -2.12 -35.41
C LEU S 166 36.95 -1.50 -35.97
N MET S 167 37.71 -0.83 -35.12
CA MET S 167 39.00 -0.28 -35.53
C MET S 167 39.96 -1.40 -35.90
N ALA S 168 39.93 -2.49 -35.13
CA ALA S 168 40.77 -3.64 -35.44
C ALA S 168 40.41 -4.18 -36.81
N LEU S 169 39.11 -4.38 -37.05
CA LEU S 169 38.62 -4.85 -38.33
C LEU S 169 39.16 -4.03 -39.50
N HIS S 170 38.97 -2.72 -39.45
CA HIS S 170 39.31 -1.86 -40.58
C HIS S 170 40.81 -1.57 -40.75
N THR S 171 41.56 -1.57 -39.64
CA THR S 171 42.99 -1.26 -39.71
C THR S 171 43.83 -2.53 -39.95
N GLY S 172 43.31 -3.67 -39.50
CA GLY S 172 44.06 -4.91 -39.59
C GLY S 172 44.93 -5.13 -38.37
N GLN S 173 44.90 -4.18 -37.43
CA GLN S 173 45.61 -4.34 -36.17
C GLN S 173 44.79 -5.25 -35.26
N SER S 174 45.47 -5.88 -34.29
CA SER S 174 44.77 -6.71 -33.31
C SER S 174 44.03 -5.82 -32.32
N LEU S 175 43.07 -6.40 -31.61
CA LEU S 175 42.30 -5.67 -30.62
C LEU S 175 43.21 -5.10 -29.53
N GLU S 176 44.19 -5.89 -29.10
CA GLU S 176 45.08 -5.46 -28.02
C GLU S 176 45.99 -4.32 -28.45
N GLN S 177 46.33 -4.27 -29.73
CA GLN S 177 47.14 -3.17 -30.24
C GLN S 177 46.32 -1.89 -30.31
N ILE S 178 45.09 -2.01 -30.81
CA ILE S 178 44.18 -0.87 -30.89
C ILE S 178 43.94 -0.30 -29.50
N GLU S 179 43.66 -1.18 -28.55
CA GLU S 179 43.43 -0.76 -27.16
C GLU S 179 44.60 0.06 -26.62
N ARG S 180 45.82 -0.45 -26.79
CA ARG S 180 47.00 0.24 -26.29
C ARG S 180 47.20 1.60 -26.96
N ASP S 181 46.88 1.67 -28.24
CA ASP S 181 47.14 2.88 -29.03
C ASP S 181 46.08 3.97 -28.87
N THR S 182 44.93 3.62 -28.32
CA THR S 182 43.83 4.58 -28.22
C THR S 182 43.53 5.04 -26.79
N GLU S 183 44.27 4.52 -25.82
CA GLU S 183 44.05 4.92 -24.41
C GLU S 183 44.25 6.43 -24.23
N ARG S 184 45.19 6.99 -24.98
CA ARG S 184 45.41 8.43 -24.99
C ARG S 184 45.48 8.96 -26.42
N ASP S 185 45.26 10.26 -26.58
CA ASP S 185 45.34 10.89 -27.90
C ASP S 185 46.57 10.41 -28.64
N ARG S 186 46.39 10.00 -29.89
CA ARG S 186 47.48 9.50 -30.71
C ARG S 186 47.39 10.10 -32.11
N PHE S 187 48.41 10.88 -32.48
CA PHE S 187 48.44 11.49 -33.80
C PHE S 187 49.14 10.60 -34.81
N LEU S 188 48.64 10.61 -36.04
CA LEU S 188 49.31 9.91 -37.13
C LEU S 188 49.44 10.82 -38.34
N SER S 189 50.67 10.98 -38.83
CA SER S 189 50.89 11.67 -40.09
C SER S 189 50.31 10.80 -41.19
N ALA S 190 50.23 11.35 -42.40
CA ALA S 190 49.71 10.59 -43.53
C ALA S 190 50.46 9.27 -43.74
N PRO S 191 51.80 9.33 -43.77
CA PRO S 191 52.56 8.09 -43.96
C PRO S 191 52.37 7.10 -42.82
N GLU S 192 52.23 7.62 -41.60
CA GLU S 192 52.02 6.75 -40.44
C GLU S 192 50.63 6.10 -40.50
N ALA S 193 49.65 6.82 -41.03
CA ALA S 193 48.30 6.31 -41.19
C ALA S 193 48.29 5.16 -42.19
N VAL S 194 49.09 5.29 -43.24
CA VAL S 194 49.23 4.21 -44.21
C VAL S 194 49.87 2.98 -43.56
N GLU S 195 50.96 3.20 -42.82
CA GLU S 195 51.66 2.11 -42.17
C GLU S 195 50.81 1.42 -41.11
N TYR S 196 49.88 2.16 -40.51
CA TYR S 196 49.05 1.63 -39.44
C TYR S 196 47.85 0.86 -39.99
N GLY S 197 47.54 1.08 -41.27
CA GLY S 197 46.42 0.42 -41.90
C GLY S 197 45.14 1.22 -41.78
N LEU S 198 45.29 2.46 -41.31
CA LEU S 198 44.14 3.34 -41.14
C LEU S 198 43.63 3.80 -42.51
N VAL S 199 44.55 4.08 -43.41
CA VAL S 199 44.21 4.34 -44.81
C VAL S 199 45.10 3.49 -45.70
N ASP S 200 44.82 3.48 -47.00
CA ASP S 200 45.52 2.60 -47.92
C ASP S 200 46.72 3.25 -48.59
N SER S 201 46.60 4.53 -48.90
CA SER S 201 47.70 5.24 -49.54
C SER S 201 47.59 6.74 -49.40
N ILE S 202 48.68 7.42 -49.72
CA ILE S 202 48.70 8.87 -49.74
C ILE S 202 48.34 9.32 -51.15
N LEU S 203 47.38 10.22 -51.25
CA LEU S 203 47.03 10.78 -52.54
C LEU S 203 48.17 11.62 -53.10
N THR S 204 49.06 10.98 -53.84
CA THR S 204 50.07 11.68 -54.63
C THR S 204 49.53 11.97 -56.04
N HIS S 205 50.01 13.06 -56.63
CA HIS S 205 49.72 13.42 -58.01
C HIS S 205 50.92 13.21 -58.94
N ALA T 15 23.35 24.74 -42.75
CA ALA T 15 21.97 25.03 -43.13
C ALA T 15 21.70 24.60 -44.57
N LEU T 16 22.76 24.33 -45.31
CA LEU T 16 22.64 24.03 -46.72
C LEU T 16 22.16 22.60 -46.98
N VAL T 17 21.00 22.47 -47.60
CA VAL T 17 20.49 21.18 -48.03
C VAL T 17 20.71 21.02 -49.53
N PRO T 18 21.48 20.01 -49.91
CA PRO T 18 21.83 19.77 -51.32
C PRO T 18 20.60 19.57 -52.19
N MET T 19 20.68 19.98 -53.45
CA MET T 19 19.61 19.80 -54.41
C MET T 19 19.96 18.64 -55.35
N VAL T 20 18.95 17.88 -55.77
CA VAL T 20 19.18 16.75 -56.66
C VAL T 20 18.22 16.79 -57.86
N ILE T 21 18.62 16.12 -58.93
CA ILE T 21 17.81 16.06 -60.15
C ILE T 21 17.10 14.72 -60.31
N GLU T 22 15.81 14.76 -60.62
CA GLU T 22 15.08 13.54 -60.95
C GLU T 22 14.59 13.58 -62.39
N GLU T 28 12.19 16.84 -66.23
CA GLU T 28 13.02 16.73 -65.04
C GLU T 28 12.63 17.77 -64.00
N ARG T 29 12.86 17.45 -62.73
CA ARG T 29 12.53 18.37 -61.64
C ARG T 29 13.67 18.48 -60.64
N SER T 30 13.59 19.51 -59.80
CA SER T 30 14.61 19.74 -58.77
C SER T 30 14.01 19.56 -57.38
N PHE T 31 14.74 18.85 -56.52
CA PHE T 31 14.33 18.64 -55.14
C PHE T 31 15.50 18.84 -54.20
N ASP T 32 15.24 19.37 -53.02
CA ASP T 32 16.19 19.24 -51.94
C ASP T 32 16.20 17.75 -51.58
N ILE T 33 17.28 17.28 -51.00
CA ILE T 33 17.47 15.84 -50.82
C ILE T 33 16.38 15.18 -49.96
N TYR T 34 15.89 15.88 -48.95
CA TYR T 34 14.86 15.31 -48.08
C TYR T 34 13.51 15.19 -48.78
N SER T 35 13.17 16.20 -49.58
CA SER T 35 11.95 16.15 -50.37
C SER T 35 12.02 15.01 -51.37
N ARG T 36 13.22 14.76 -51.89
CA ARG T 36 13.45 13.68 -52.85
C ARG T 36 13.20 12.31 -52.20
N LEU T 37 13.66 12.15 -50.96
CA LEU T 37 13.47 10.89 -50.24
C LEU T 37 12.01 10.70 -49.81
N LEU T 38 11.34 11.80 -49.50
CA LEU T 38 9.93 11.75 -49.14
C LEU T 38 9.12 11.23 -50.33
N LYS T 39 9.59 11.52 -51.53
CA LYS T 39 8.95 11.05 -52.74
C LYS T 39 8.93 9.53 -52.76
N GLU T 40 9.92 8.91 -52.13
CA GLU T 40 9.97 7.46 -52.03
C GLU T 40 9.40 6.98 -50.70
N ARG T 41 8.63 7.85 -50.06
CA ARG T 41 7.90 7.51 -48.84
C ARG T 41 8.83 7.29 -47.63
N VAL T 42 9.95 7.99 -47.63
CA VAL T 42 10.87 7.97 -46.50
C VAL T 42 10.77 9.26 -45.70
N ILE T 43 10.53 9.12 -44.40
CA ILE T 43 10.46 10.27 -43.50
C ILE T 43 11.56 10.16 -42.46
N PHE T 44 12.24 11.27 -42.20
CA PHE T 44 13.29 11.29 -41.18
C PHE T 44 12.77 11.87 -39.87
N LEU T 45 13.09 11.19 -38.77
CA LEU T 45 12.87 11.73 -37.43
C LEU T 45 14.25 11.93 -36.82
N THR T 46 14.70 13.17 -36.72
CA THR T 46 16.08 13.45 -36.39
C THR T 46 16.22 14.37 -35.20
N GLY T 47 17.11 14.01 -34.29
CA GLY T 47 17.33 14.80 -33.09
C GLY T 47 16.14 14.80 -32.13
N GLN T 48 16.04 15.84 -31.32
CA GLN T 48 15.06 15.86 -30.24
C GLN T 48 13.59 16.03 -30.66
N VAL T 49 12.73 15.28 -29.99
CA VAL T 49 11.29 15.32 -30.25
C VAL T 49 10.60 16.50 -29.57
N GLU T 50 9.94 17.33 -30.37
CA GLU T 50 9.15 18.44 -29.85
C GLU T 50 8.02 18.75 -30.84
N ASP T 51 7.09 19.60 -30.41
CA ASP T 51 5.86 19.86 -31.15
C ASP T 51 6.05 20.11 -32.65
N HIS T 52 6.99 20.96 -33.01
CA HIS T 52 7.10 21.39 -34.40
C HIS T 52 7.69 20.35 -35.35
N MET T 53 8.76 19.69 -34.95
CA MET T 53 9.33 18.61 -35.76
C MET T 53 8.37 17.42 -35.79
N ALA T 54 7.62 17.24 -34.71
CA ALA T 54 6.65 16.15 -34.64
C ALA T 54 5.50 16.43 -35.59
N ASN T 55 5.00 17.65 -35.58
CA ASN T 55 3.91 18.04 -36.45
C ASN T 55 4.27 17.87 -37.93
N LEU T 56 5.51 18.20 -38.25
CA LEU T 56 6.00 18.04 -39.62
C LEU T 56 5.97 16.59 -40.05
N ILE T 57 6.31 15.70 -39.12
CA ILE T 57 6.27 14.26 -39.39
C ILE T 57 4.84 13.80 -39.57
N VAL T 58 3.94 14.31 -38.74
CA VAL T 58 2.52 13.98 -38.87
C VAL T 58 1.99 14.39 -40.24
N ALA T 59 2.34 15.60 -40.67
CA ALA T 59 1.92 16.11 -41.97
C ALA T 59 2.42 15.20 -43.10
N GLN T 60 3.67 14.76 -43.00
CA GLN T 60 4.27 13.89 -44.01
C GLN T 60 3.57 12.53 -44.07
N MET T 61 3.20 11.99 -42.92
CA MET T 61 2.51 10.71 -42.86
C MET T 61 1.13 10.80 -43.49
N LEU T 62 0.39 11.85 -43.14
CA LEU T 62 -0.95 12.07 -43.70
C LEU T 62 -0.88 12.24 -45.22
N PHE T 63 0.11 13.00 -45.67
CA PHE T 63 0.29 13.23 -47.10
C PHE T 63 0.57 11.93 -47.84
N LEU T 64 1.50 11.14 -47.31
CA LEU T 64 1.85 9.88 -47.94
C LEU T 64 0.68 8.90 -47.98
N GLU T 65 -0.15 8.90 -46.93
CA GLU T 65 -1.32 8.03 -46.93
C GLU T 65 -2.26 8.40 -48.07
N ALA T 66 -2.49 9.70 -48.22
CA ALA T 66 -3.36 10.21 -49.28
C ALA T 66 -2.86 9.79 -50.66
N GLU T 67 -1.57 9.97 -50.91
CA GLU T 67 -0.96 9.57 -52.18
C GLU T 67 -1.23 8.11 -52.47
N ASN T 68 -0.74 7.22 -51.61
CA ASN T 68 -1.05 5.80 -51.73
C ASN T 68 -1.33 5.19 -50.35
N PRO T 69 -2.61 4.89 -50.10
CA PRO T 69 -3.08 4.30 -48.84
C PRO T 69 -2.58 2.87 -48.65
N GLU T 70 -1.99 2.29 -49.70
CA GLU T 70 -1.62 0.88 -49.69
C GLU T 70 -0.13 0.62 -49.50
N LYS T 71 0.70 1.59 -49.88
CA LYS T 71 2.15 1.41 -49.81
C LYS T 71 2.71 1.69 -48.42
N ASP T 72 3.75 0.95 -48.06
CA ASP T 72 4.42 1.16 -46.78
C ASP T 72 5.05 2.54 -46.71
N ILE T 73 5.13 3.07 -45.49
CA ILE T 73 5.83 4.33 -45.23
C ILE T 73 7.02 3.99 -44.35
N TYR T 74 8.12 4.72 -44.51
CA TYR T 74 9.32 4.42 -43.74
C TYR T 74 9.73 5.59 -42.85
N LEU T 75 9.99 5.29 -41.58
CA LEU T 75 10.39 6.29 -40.61
C LEU T 75 11.81 6.01 -40.12
N TYR T 76 12.76 6.84 -40.53
CA TYR T 76 14.15 6.66 -40.17
C TYR T 76 14.47 7.47 -38.93
N ILE T 77 14.80 6.77 -37.84
CA ILE T 77 14.90 7.39 -36.54
C ILE T 77 16.35 7.50 -36.02
N ASN T 78 16.74 8.73 -35.71
CA ASN T 78 17.99 9.01 -35.01
C ASN T 78 17.73 10.12 -33.99
N SER T 79 17.39 9.73 -32.76
CA SER T 79 16.86 10.67 -31.80
C SER T 79 17.16 10.29 -30.35
N PRO T 80 17.44 11.29 -29.51
CA PRO T 80 17.64 11.07 -28.07
C PRO T 80 16.32 11.12 -27.30
N GLY T 81 15.22 11.28 -28.04
CA GLY T 81 13.91 11.36 -27.42
C GLY T 81 13.44 12.80 -27.28
N GLY T 82 12.52 13.04 -26.34
CA GLY T 82 12.01 14.37 -26.11
C GLY T 82 10.62 14.39 -25.50
N VAL T 83 9.84 15.41 -25.84
CA VAL T 83 8.52 15.63 -25.25
C VAL T 83 7.57 14.47 -25.56
N ILE T 84 6.99 13.90 -24.52
CA ILE T 84 6.11 12.74 -24.67
C ILE T 84 4.84 13.04 -25.48
N THR T 85 4.14 14.11 -25.16
CA THR T 85 2.92 14.45 -25.89
C THR T 85 3.19 14.69 -27.38
N ALA T 86 4.34 15.30 -27.70
CA ALA T 86 4.73 15.52 -29.08
C ALA T 86 4.95 14.18 -29.78
N GLY T 87 5.60 13.26 -29.08
CA GLY T 87 5.84 11.94 -29.63
C GLY T 87 4.55 11.17 -29.85
N MET T 88 3.60 11.35 -28.94
CA MET T 88 2.32 10.63 -29.06
C MET T 88 1.48 11.11 -30.24
N SER T 89 1.73 12.34 -30.69
CA SER T 89 1.04 12.83 -31.88
C SER T 89 1.50 11.99 -33.06
N ILE T 90 2.78 11.64 -33.08
CA ILE T 90 3.33 10.78 -34.12
C ILE T 90 2.82 9.35 -33.95
N TYR T 91 2.88 8.84 -32.71
CA TYR T 91 2.44 7.48 -32.43
C TYR T 91 1.01 7.22 -32.92
N ASP T 92 0.09 8.09 -32.49
CA ASP T 92 -1.32 7.93 -32.87
C ASP T 92 -1.52 8.04 -34.38
N THR T 93 -0.73 8.88 -35.02
CA THR T 93 -0.81 9.02 -36.47
C THR T 93 -0.36 7.73 -37.14
N MET T 94 0.72 7.15 -36.62
CA MET T 94 1.24 5.89 -37.15
C MET T 94 0.21 4.78 -37.08
N GLN T 95 -0.53 4.71 -35.98
CA GLN T 95 -1.50 3.66 -35.79
C GLN T 95 -2.79 3.91 -36.57
N PHE T 96 -3.13 5.18 -36.78
CA PHE T 96 -4.36 5.52 -37.49
C PHE T 96 -4.30 5.21 -38.98
N ILE T 97 -3.24 5.67 -39.65
CA ILE T 97 -3.16 5.54 -41.10
C ILE T 97 -3.09 4.09 -41.57
N LYS T 98 -3.58 3.83 -42.77
CA LYS T 98 -3.66 2.47 -43.31
C LYS T 98 -2.29 1.86 -43.64
N PRO T 99 -1.39 2.64 -44.24
CA PRO T 99 -0.07 2.09 -44.57
C PRO T 99 0.68 1.59 -43.33
N ASP T 100 1.38 0.48 -43.47
CA ASP T 100 2.31 0.04 -42.44
C ASP T 100 3.40 1.11 -42.32
N VAL T 101 3.75 1.47 -41.10
CA VAL T 101 4.89 2.36 -40.89
C VAL T 101 6.08 1.54 -40.45
N SER T 102 7.03 1.36 -41.36
CA SER T 102 8.27 0.64 -41.06
C SER T 102 9.26 1.58 -40.39
N THR T 103 9.86 1.13 -39.30
CA THR T 103 10.79 1.97 -38.55
C THR T 103 12.22 1.43 -38.61
N ILE T 104 13.18 2.32 -38.78
CA ILE T 104 14.59 1.95 -38.77
C ILE T 104 15.37 2.82 -37.79
N CYS T 105 16.12 2.17 -36.91
CA CYS T 105 16.96 2.88 -35.96
C CYS T 105 18.36 3.10 -36.51
N MET T 106 18.76 4.37 -36.64
CA MET T 106 20.09 4.72 -37.11
C MET T 106 20.82 5.53 -36.05
N GLY T 107 21.98 5.05 -35.62
CA GLY T 107 22.74 5.71 -34.58
C GLY T 107 22.15 5.40 -33.22
N GLN T 108 21.07 6.07 -32.87
CA GLN T 108 20.40 5.81 -31.61
C GLN T 108 18.90 6.10 -31.65
N ALA T 109 18.16 5.35 -30.85
CA ALA T 109 16.76 5.65 -30.58
C ALA T 109 16.57 5.55 -29.08
N ALA T 110 16.49 6.69 -28.42
CA ALA T 110 16.41 6.71 -26.96
C ALA T 110 15.09 7.32 -26.47
N SER T 111 14.55 6.75 -25.41
CA SER T 111 13.34 7.26 -24.79
C SER T 111 12.18 7.30 -25.78
N MET T 112 11.61 8.48 -26.02
CA MET T 112 10.49 8.59 -26.95
C MET T 112 10.92 8.12 -28.35
N GLY T 113 12.19 8.29 -28.67
CA GLY T 113 12.73 7.78 -29.91
C GLY T 113 12.62 6.27 -29.98
N ALA T 114 12.92 5.61 -28.86
CA ALA T 114 12.83 4.16 -28.78
C ALA T 114 11.38 3.70 -28.86
N PHE T 115 10.50 4.48 -28.23
CA PHE T 115 9.08 4.16 -28.23
C PHE T 115 8.52 4.14 -29.66
N LEU T 116 8.81 5.20 -30.41
CA LEU T 116 8.33 5.30 -31.77
C LEU T 116 8.95 4.22 -32.67
N LEU T 117 10.18 3.84 -32.37
CA LEU T 117 10.82 2.74 -33.07
C LEU T 117 10.03 1.45 -32.91
N THR T 118 9.71 1.12 -31.67
CA THR T 118 9.00 -0.13 -31.37
C THR T 118 7.55 -0.09 -31.82
N ALA T 119 7.03 1.11 -32.03
CA ALA T 119 5.64 1.29 -32.43
C ALA T 119 5.44 0.99 -33.92
N GLY T 120 6.53 0.73 -34.63
CA GLY T 120 6.45 0.38 -36.03
C GLY T 120 5.66 -0.88 -36.29
N ALA T 121 5.23 -1.09 -37.52
CA ALA T 121 4.47 -2.28 -37.89
C ALA T 121 5.26 -3.54 -37.55
N LYS T 122 4.59 -4.52 -36.95
CA LYS T 122 5.27 -5.75 -36.56
C LYS T 122 5.90 -6.43 -37.77
N GLY T 123 7.14 -6.86 -37.61
CA GLY T 123 7.89 -7.49 -38.70
C GLY T 123 8.66 -6.48 -39.53
N LYS T 124 8.36 -5.20 -39.35
CA LYS T 124 8.97 -4.16 -40.15
C LYS T 124 9.71 -3.10 -39.30
N ARG T 125 10.23 -3.54 -38.16
CA ARG T 125 11.02 -2.66 -37.31
C ARG T 125 12.46 -3.15 -37.32
N PHE T 126 13.39 -2.24 -37.64
CA PHE T 126 14.78 -2.62 -37.83
C PHE T 126 15.74 -1.79 -36.99
N CYS T 127 16.88 -2.39 -36.67
CA CYS T 127 18.03 -1.67 -36.14
C CYS T 127 19.20 -1.83 -37.11
N LEU T 128 19.91 -0.74 -37.38
CA LEU T 128 21.21 -0.88 -38.03
C LEU T 128 22.14 -1.58 -37.05
N PRO T 129 23.13 -2.32 -37.55
CA PRO T 129 23.96 -3.23 -36.75
C PRO T 129 24.58 -2.58 -35.51
N ASN T 130 25.02 -1.33 -35.63
CA ASN T 130 25.71 -0.67 -34.53
C ASN T 130 24.92 0.49 -33.95
N SER T 131 23.61 0.51 -34.21
CA SER T 131 22.74 1.47 -33.55
C SER T 131 22.51 0.97 -32.14
N ARG T 132 22.01 1.84 -31.27
CA ARG T 132 21.67 1.41 -29.93
C ARG T 132 20.37 2.06 -29.49
N VAL T 133 19.76 1.47 -28.46
CA VAL T 133 18.48 1.92 -27.97
C VAL T 133 18.57 2.16 -26.47
N MET T 134 17.78 3.09 -25.95
CA MET T 134 17.68 3.27 -24.51
C MET T 134 16.24 3.51 -24.11
N ILE T 135 15.84 2.89 -23.01
CA ILE T 135 14.48 3.04 -22.51
C ILE T 135 14.49 3.45 -21.05
N HIS T 136 13.47 4.20 -20.63
CA HIS T 136 13.33 4.61 -19.24
C HIS T 136 11.93 5.15 -18.98
N GLN T 137 11.71 5.69 -17.79
CA GLN T 137 10.39 6.19 -17.42
C GLN T 137 10.30 7.71 -17.63
N PRO T 138 9.07 8.24 -17.62
CA PRO T 138 8.85 9.67 -17.85
C PRO T 138 9.61 10.56 -16.86
N LEU T 139 10.11 11.68 -17.38
CA LEU T 139 10.74 12.70 -16.55
C LEU T 139 9.82 13.91 -16.54
N GLY T 140 9.80 14.63 -15.43
CA GLY T 140 8.96 15.81 -15.34
C GLY T 140 9.29 16.64 -14.11
N GLY T 141 8.33 17.45 -13.71
CA GLY T 141 8.52 18.30 -12.55
C GLY T 141 7.48 19.39 -12.50
N TYR T 142 7.06 19.72 -11.29
CA TYR T 142 6.12 20.81 -11.09
C TYR T 142 6.53 21.60 -9.87
N GLN T 143 6.16 22.88 -9.83
CA GLN T 143 6.48 23.75 -8.72
C GLN T 143 5.23 24.52 -8.32
N GLY T 144 4.88 24.47 -7.04
CA GLY T 144 3.73 25.21 -6.55
C GLY T 144 3.10 24.62 -5.30
N GLN T 145 1.80 24.83 -5.15
CA GLN T 145 1.05 24.33 -3.99
C GLN T 145 1.00 22.81 -3.97
N ALA T 146 0.96 22.24 -2.77
CA ALA T 146 0.86 20.80 -2.60
C ALA T 146 -0.32 20.22 -3.39
N THR T 147 -1.47 20.88 -3.35
CA THR T 147 -2.63 20.41 -4.08
C THR T 147 -2.32 20.24 -5.57
N ASP T 148 -1.67 21.25 -6.16
CA ASP T 148 -1.34 21.22 -7.58
C ASP T 148 -0.24 20.21 -7.85
N ILE T 149 0.72 20.09 -6.94
CA ILE T 149 1.77 19.10 -7.06
C ILE T 149 1.16 17.71 -7.19
N GLU T 150 0.16 17.42 -6.36
CA GLU T 150 -0.51 16.12 -6.41
C GLU T 150 -1.22 15.89 -7.73
N ILE T 151 -1.87 16.93 -8.25
CA ILE T 151 -2.55 16.84 -9.54
C ILE T 151 -1.58 16.42 -10.64
N HIS T 152 -0.44 17.10 -10.70
CA HIS T 152 0.55 16.83 -11.75
C HIS T 152 1.34 15.55 -11.51
N ALA T 153 1.55 15.21 -10.24
CA ALA T 153 2.19 13.94 -9.91
C ALA T 153 1.30 12.80 -10.36
N ARG T 154 0.01 12.92 -10.08
CA ARG T 154 -0.99 11.93 -10.49
CA ARG T 154 -0.96 11.91 -10.48
C ARG T 154 -0.94 11.72 -11.99
N GLU T 155 -0.88 12.82 -12.73
CA GLU T 155 -0.91 12.76 -14.19
C GLU T 155 0.31 12.07 -14.78
N ILE T 156 1.51 12.42 -14.32
CA ILE T 156 2.71 11.80 -14.88
C ILE T 156 2.76 10.32 -14.54
N LEU T 157 2.15 9.93 -13.42
CA LEU T 157 2.07 8.52 -13.07
C LEU T 157 1.12 7.79 -14.01
N LYS T 158 0.09 8.48 -14.47
CA LYS T 158 -0.83 7.93 -15.47
C LYS T 158 -0.14 7.79 -16.81
N VAL T 159 0.66 8.80 -17.17
CA VAL T 159 1.41 8.77 -18.41
C VAL T 159 2.41 7.61 -18.39
N LYS T 160 3.11 7.46 -17.27
CA LYS T 160 4.06 6.37 -17.10
C LYS T 160 3.38 5.01 -17.31
N GLY T 161 2.20 4.85 -16.72
CA GLY T 161 1.47 3.60 -16.84
C GLY T 161 1.05 3.30 -18.26
N ARG T 162 0.54 4.30 -18.97
CA ARG T 162 0.14 4.14 -20.35
C ARG T 162 1.33 3.76 -21.22
N MET T 163 2.45 4.45 -21.03
CA MET T 163 3.64 4.20 -21.81
C MET T 163 4.14 2.77 -21.61
N ASN T 164 4.09 2.30 -20.36
CA ASN T 164 4.51 0.93 -20.06
C ASN T 164 3.56 -0.10 -20.69
N GLU T 165 2.27 0.18 -20.62
CA GLU T 165 1.27 -0.69 -21.24
C GLU T 165 1.52 -0.84 -22.74
N LEU T 166 1.77 0.28 -23.42
CA LEU T 166 2.00 0.27 -24.85
C LEU T 166 3.32 -0.41 -25.21
N MET T 167 4.33 -0.21 -24.37
CA MET T 167 5.61 -0.88 -24.57
C MET T 167 5.43 -2.39 -24.49
N ALA T 168 4.67 -2.82 -23.49
CA ALA T 168 4.37 -4.25 -23.33
C ALA T 168 3.66 -4.78 -24.58
N LEU T 169 2.68 -4.03 -25.06
CA LEU T 169 1.91 -4.42 -26.24
C LEU T 169 2.81 -4.63 -27.45
N HIS T 170 3.71 -3.67 -27.70
CA HIS T 170 4.54 -3.71 -28.90
C HIS T 170 5.72 -4.67 -28.81
N THR T 171 6.23 -4.89 -27.60
CA THR T 171 7.39 -5.77 -27.43
C THR T 171 6.99 -7.22 -27.21
N GLY T 172 5.84 -7.43 -26.60
CA GLY T 172 5.40 -8.77 -26.24
C GLY T 172 5.84 -9.15 -24.84
N GLN T 173 6.59 -8.27 -24.19
CA GLN T 173 6.99 -8.46 -22.80
C GLN T 173 5.79 -8.24 -21.90
N SER T 174 5.81 -8.85 -20.73
CA SER T 174 4.77 -8.60 -19.73
C SER T 174 4.87 -7.17 -19.23
N LEU T 175 3.77 -6.65 -18.70
CA LEU T 175 3.78 -5.30 -18.14
C LEU T 175 4.76 -5.21 -16.98
N GLU T 176 4.79 -6.25 -16.16
CA GLU T 176 5.68 -6.29 -15.01
C GLU T 176 7.14 -6.21 -15.41
N GLN T 177 7.49 -6.90 -16.50
CA GLN T 177 8.86 -6.89 -17.01
C GLN T 177 9.23 -5.50 -17.53
N ILE T 178 8.36 -4.90 -18.31
CA ILE T 178 8.58 -3.55 -18.82
C ILE T 178 8.78 -2.55 -17.69
N GLU T 179 7.93 -2.64 -16.67
CA GLU T 179 8.01 -1.75 -15.52
C GLU T 179 9.37 -1.86 -14.85
N ARG T 180 9.78 -3.09 -14.59
CA ARG T 180 11.06 -3.35 -13.93
C ARG T 180 12.22 -2.82 -14.76
N ASP T 181 12.14 -2.97 -16.08
CA ASP T 181 13.24 -2.62 -16.95
C ASP T 181 13.34 -1.12 -17.28
N THR T 182 12.30 -0.36 -16.98
CA THR T 182 12.29 1.05 -17.34
C THR T 182 12.37 2.00 -16.13
N GLU T 183 12.43 1.43 -14.93
CA GLU T 183 12.57 2.24 -13.72
C GLU T 183 13.82 3.12 -13.80
N ARG T 184 14.87 2.59 -14.42
CA ARG T 184 16.08 3.36 -14.65
C ARG T 184 16.54 3.18 -16.09
N ASP T 185 17.39 4.10 -16.56
CA ASP T 185 17.95 4.03 -17.89
C ASP T 185 18.43 2.63 -18.22
N ARG T 186 17.96 2.09 -19.34
CA ARG T 186 18.34 0.75 -19.78
CA ARG T 186 18.33 0.76 -19.78
C ARG T 186 18.78 0.78 -21.23
N PHE T 187 20.03 0.42 -21.48
CA PHE T 187 20.57 0.40 -22.83
C PHE T 187 20.44 -0.98 -23.48
N LEU T 188 20.10 -0.99 -24.76
CA LEU T 188 20.02 -2.22 -25.53
C LEU T 188 20.81 -2.09 -26.83
N SER T 189 21.74 -3.02 -27.05
CA SER T 189 22.41 -3.09 -28.33
C SER T 189 21.41 -3.55 -29.38
N ALA T 190 21.80 -3.49 -30.65
CA ALA T 190 20.93 -3.95 -31.72
C ALA T 190 20.42 -5.38 -31.48
N PRO T 191 21.35 -6.33 -31.24
CA PRO T 191 20.92 -7.71 -31.00
C PRO T 191 20.03 -7.84 -29.77
N GLU T 192 20.32 -7.07 -28.74
CA GLU T 192 19.50 -7.10 -27.53
C GLU T 192 18.11 -6.55 -27.79
N ALA T 193 18.03 -5.55 -28.67
CA ALA T 193 16.76 -4.97 -29.07
C ALA T 193 15.88 -6.01 -29.76
N VAL T 194 16.52 -6.85 -30.57
CA VAL T 194 15.82 -7.94 -31.25
C VAL T 194 15.30 -8.96 -30.24
N GLU T 195 16.18 -9.39 -29.34
CA GLU T 195 15.82 -10.36 -28.30
C GLU T 195 14.65 -9.87 -27.47
N TYR T 196 14.65 -8.57 -27.18
CA TYR T 196 13.67 -7.97 -26.28
C TYR T 196 12.32 -7.77 -26.96
N GLY T 197 12.31 -7.75 -28.29
CA GLY T 197 11.10 -7.52 -29.04
C GLY T 197 10.87 -6.06 -29.37
N LEU T 198 11.87 -5.23 -29.11
CA LEU T 198 11.81 -3.81 -29.47
C LEU T 198 11.77 -3.64 -30.98
N VAL T 199 12.62 -4.39 -31.68
CA VAL T 199 12.62 -4.40 -33.14
C VAL T 199 12.56 -5.85 -33.60
N ASP T 200 12.34 -6.06 -34.88
CA ASP T 200 12.15 -7.40 -35.42
C ASP T 200 13.45 -8.03 -35.94
N SER T 201 14.34 -7.21 -36.48
CA SER T 201 15.62 -7.72 -36.95
C SER T 201 16.66 -6.62 -37.14
N ILE T 202 17.89 -7.03 -37.37
CA ILE T 202 18.99 -6.12 -37.68
C ILE T 202 19.14 -6.04 -39.19
N LEU T 203 19.34 -4.84 -39.71
CA LEU T 203 19.55 -4.66 -41.14
C LEU T 203 20.93 -5.12 -41.57
N THR T 204 20.98 -6.12 -42.44
CA THR T 204 22.24 -6.68 -42.91
C THR T 204 22.42 -6.41 -44.40
N HIS T 205 23.68 -6.34 -44.84
CA HIS T 205 23.98 -6.16 -46.25
C HIS T 205 24.51 -7.46 -46.87
N LEU U 16 13.47 23.58 -42.19
CA LEU U 16 13.24 23.08 -43.54
C LEU U 16 11.93 22.32 -43.65
N VAL U 17 11.07 22.76 -44.57
CA VAL U 17 9.80 22.08 -44.82
C VAL U 17 9.85 21.42 -46.19
N PRO U 18 9.51 20.12 -46.25
CA PRO U 18 9.64 19.35 -47.49
C PRO U 18 8.70 19.89 -48.56
N MET U 19 9.11 19.77 -49.81
CA MET U 19 8.26 20.12 -50.94
C MET U 19 7.60 18.84 -51.46
N VAL U 20 6.39 18.98 -52.00
CA VAL U 20 5.68 17.86 -52.60
C VAL U 20 5.02 18.31 -53.90
N ILE U 21 4.72 17.35 -54.76
CA ILE U 21 4.17 17.66 -56.08
C ILE U 21 2.69 17.30 -56.18
N GLU U 22 1.91 18.20 -56.75
CA GLU U 22 0.48 17.97 -56.98
C GLU U 22 0.22 17.73 -58.46
N GLN U 23 -0.46 16.62 -58.76
CA GLN U 23 -0.76 16.27 -60.15
C GLN U 23 -1.88 17.14 -60.70
N GLY U 27 -1.19 20.47 -65.67
CA GLY U 27 0.06 19.82 -65.32
C GLY U 27 0.27 19.69 -63.83
N GLU U 28 1.50 19.47 -63.42
CA GLU U 28 1.83 19.27 -62.01
C GLU U 28 2.48 20.50 -61.38
N ARG U 29 2.30 20.66 -60.08
CA ARG U 29 2.80 21.82 -59.35
C ARG U 29 3.63 21.40 -58.11
N SER U 30 4.31 22.37 -57.50
CA SER U 30 5.17 22.08 -56.36
C SER U 30 4.84 22.96 -55.15
N PHE U 31 4.60 22.34 -54.01
CA PHE U 31 4.21 23.06 -52.79
C PHE U 31 4.91 22.52 -51.54
N ASP U 32 5.15 23.38 -50.57
CA ASP U 32 5.62 22.93 -49.27
C ASP U 32 4.50 22.12 -48.62
N ILE U 33 4.88 21.20 -47.72
CA ILE U 33 3.92 20.25 -47.15
C ILE U 33 2.69 20.90 -46.53
N TYR U 34 2.90 21.99 -45.80
CA TYR U 34 1.78 22.64 -45.11
C TYR U 34 0.82 23.35 -46.07
N SER U 35 1.37 24.00 -47.10
CA SER U 35 0.54 24.62 -48.13
C SER U 35 -0.27 23.55 -48.84
N ARG U 36 0.35 22.38 -49.03
CA ARG U 36 -0.30 21.27 -49.70
C ARG U 36 -1.51 20.78 -48.91
N LEU U 37 -1.36 20.70 -47.60
CA LEU U 37 -2.47 20.29 -46.74
C LEU U 37 -3.54 21.36 -46.63
N LEU U 38 -3.13 22.62 -46.67
CA LEU U 38 -4.08 23.72 -46.70
C LEU U 38 -5.00 23.59 -47.90
N LYS U 39 -4.45 23.06 -48.99
CA LYS U 39 -5.22 22.82 -50.21
C LYS U 39 -6.39 21.89 -49.93
N GLU U 40 -6.19 20.96 -48.99
CA GLU U 40 -7.25 20.03 -48.60
C GLU U 40 -8.00 20.55 -47.37
N ARG U 41 -7.86 21.84 -47.11
CA ARG U 41 -8.61 22.51 -46.05
C ARG U 41 -8.20 22.06 -44.65
N VAL U 42 -6.93 21.68 -44.51
CA VAL U 42 -6.37 21.33 -43.21
C VAL U 42 -5.47 22.44 -42.68
N ILE U 43 -5.76 22.92 -41.47
CA ILE U 43 -4.95 23.95 -40.82
C ILE U 43 -4.36 23.42 -39.54
N PHE U 44 -3.08 23.71 -39.31
CA PHE U 44 -2.41 23.27 -38.09
C PHE U 44 -2.30 24.37 -37.05
N LEU U 45 -2.64 24.02 -35.82
CA LEU U 45 -2.42 24.89 -34.67
C LEU U 45 -1.39 24.20 -33.79
N THR U 46 -0.16 24.69 -33.81
CA THR U 46 0.96 23.97 -33.21
C THR U 46 1.73 24.82 -32.22
N GLY U 47 1.96 24.30 -31.01
CA GLY U 47 2.72 25.00 -30.01
C GLY U 47 1.93 26.11 -29.34
N GLN U 48 2.64 27.02 -28.69
CA GLN U 48 2.01 28.09 -27.93
C GLN U 48 1.12 29.02 -28.77
N VAL U 49 -0.04 29.35 -28.23
CA VAL U 49 -0.95 30.30 -28.86
C VAL U 49 -0.51 31.74 -28.60
N GLU U 50 -0.25 32.47 -29.67
CA GLU U 50 0.10 33.89 -29.56
C GLU U 50 -0.29 34.61 -30.85
N ASP U 51 -0.23 35.94 -30.82
CA ASP U 51 -0.80 36.76 -31.88
C ASP U 51 -0.45 36.35 -33.32
N HIS U 52 0.83 36.11 -33.57
CA HIS U 52 1.28 35.89 -34.94
C HIS U 52 0.85 34.55 -35.53
N MET U 53 1.03 33.47 -34.78
CA MET U 53 0.56 32.17 -35.25
C MET U 53 -0.97 32.15 -35.30
N ALA U 54 -1.60 32.90 -34.40
CA ALA U 54 -3.06 32.96 -34.35
C ALA U 54 -3.61 33.73 -35.54
N ASN U 55 -3.00 34.87 -35.84
CA ASN U 55 -3.38 35.65 -37.01
C ASN U 55 -3.23 34.86 -38.30
N LEU U 56 -2.21 34.01 -38.36
CA LEU U 56 -1.97 33.17 -39.52
C LEU U 56 -3.11 32.15 -39.67
N ILE U 57 -3.61 31.66 -38.55
CA ILE U 57 -4.71 30.70 -38.59
C ILE U 57 -6.01 31.39 -39.02
N VAL U 58 -6.23 32.60 -38.51
CA VAL U 58 -7.40 33.37 -38.93
C VAL U 58 -7.38 33.62 -40.43
N ALA U 59 -6.20 33.96 -40.95
CA ALA U 59 -6.03 34.22 -42.38
C ALA U 59 -6.38 32.99 -43.20
N GLN U 60 -5.87 31.83 -42.79
CA GLN U 60 -6.13 30.58 -43.50
C GLN U 60 -7.62 30.24 -43.49
N MET U 61 -8.28 30.44 -42.36
CA MET U 61 -9.70 30.16 -42.24
C MET U 61 -10.51 31.03 -43.18
N LEU U 62 -10.23 32.33 -43.19
CA LEU U 62 -10.93 33.26 -44.07
C LEU U 62 -10.71 32.89 -45.53
N PHE U 63 -9.50 32.50 -45.87
CA PHE U 63 -9.17 32.08 -47.23
C PHE U 63 -9.98 30.85 -47.61
N LEU U 64 -10.00 29.86 -46.73
CA LEU U 64 -10.73 28.62 -47.00
C LEU U 64 -12.23 28.87 -47.18
N GLU U 65 -12.80 29.73 -46.34
CA GLU U 65 -14.22 30.05 -46.49
C GLU U 65 -14.50 30.62 -47.87
N ALA U 66 -13.64 31.52 -48.32
CA ALA U 66 -13.77 32.10 -49.65
C ALA U 66 -13.75 31.02 -50.73
N GLU U 67 -12.76 30.15 -50.68
CA GLU U 67 -12.63 29.06 -51.66
C GLU U 67 -13.90 28.22 -51.74
N ASN U 68 -14.41 27.79 -50.58
CA ASN U 68 -15.69 27.09 -50.51
C ASN U 68 -16.39 27.33 -49.19
N PRO U 69 -17.47 28.11 -49.21
CA PRO U 69 -18.25 28.46 -48.03
C PRO U 69 -18.98 27.26 -47.43
N GLU U 70 -19.07 26.16 -48.17
CA GLU U 70 -19.85 25.01 -47.73
C GLU U 70 -19.01 23.88 -47.14
N LYS U 71 -17.78 23.73 -47.63
CA LYS U 71 -16.93 22.61 -47.23
C LYS U 71 -16.35 22.77 -45.84
N ASP U 72 -16.33 21.68 -45.08
CA ASP U 72 -15.74 21.67 -43.75
C ASP U 72 -14.28 22.09 -43.78
N ILE U 73 -13.85 22.73 -42.70
CA ILE U 73 -12.45 23.05 -42.49
C ILE U 73 -11.94 22.22 -41.32
N TYR U 74 -10.66 21.86 -41.34
CA TYR U 74 -10.11 21.02 -40.29
C TYR U 74 -8.98 21.73 -39.54
N LEU U 75 -9.07 21.72 -38.21
CA LEU U 75 -8.07 22.35 -37.37
C LEU U 75 -7.40 21.29 -36.50
N TYR U 76 -6.15 20.98 -36.82
CA TYR U 76 -5.41 19.96 -36.08
C TYR U 76 -4.61 20.62 -34.96
N ILE U 77 -4.99 20.32 -33.73
CA ILE U 77 -4.46 21.01 -32.56
C ILE U 77 -3.45 20.19 -31.76
N ASN U 78 -2.23 20.72 -31.65
CA ASN U 78 -1.24 20.20 -30.71
C ASN U 78 -0.59 21.37 -29.99
N SER U 79 -1.15 21.73 -28.83
CA SER U 79 -0.81 22.98 -28.17
C SER U 79 -0.99 22.92 -26.66
N PRO U 80 -0.09 23.61 -25.93
CA PRO U 80 -0.20 23.76 -24.48
C PRO U 80 -1.01 25.00 -24.11
N GLY U 81 -1.54 25.69 -25.11
CA GLY U 81 -2.31 26.90 -24.88
C GLY U 81 -1.47 28.15 -25.05
N GLY U 82 -1.92 29.25 -24.45
CA GLY U 82 -1.20 30.51 -24.54
C GLY U 82 -2.04 31.73 -24.27
N VAL U 83 -1.79 32.79 -25.03
CA VAL U 83 -2.47 34.08 -24.84
C VAL U 83 -3.97 33.98 -25.14
N ILE U 84 -4.78 34.39 -24.18
CA ILE U 84 -6.23 34.31 -24.32
C ILE U 84 -6.78 35.12 -25.49
N THR U 85 -6.43 36.39 -25.57
CA THR U 85 -6.96 37.25 -26.63
C THR U 85 -6.61 36.70 -28.01
N ALA U 86 -5.39 36.19 -28.16
CA ALA U 86 -4.98 35.58 -29.42
C ALA U 86 -5.87 34.39 -29.76
N GLY U 87 -6.12 33.54 -28.77
CA GLY U 87 -6.96 32.38 -28.95
C GLY U 87 -8.38 32.75 -29.30
N MET U 88 -8.87 33.85 -28.73
CA MET U 88 -10.24 34.28 -28.97
C MET U 88 -10.44 34.83 -30.39
N SER U 89 -9.37 35.34 -31.00
CA SER U 89 -9.46 35.77 -32.39
C SER U 89 -9.72 34.54 -33.26
N ILE U 90 -9.11 33.42 -32.89
CA ILE U 90 -9.35 32.16 -33.59
C ILE U 90 -10.78 31.66 -33.31
N TYR U 91 -11.15 31.64 -32.04
CA TYR U 91 -12.49 31.19 -31.66
C TYR U 91 -13.58 31.95 -32.42
N ASP U 92 -13.51 33.27 -32.38
CA ASP U 92 -14.52 34.10 -33.03
C ASP U 92 -14.57 33.88 -34.54
N THR U 93 -13.40 33.65 -35.14
CA THR U 93 -13.35 33.38 -36.57
C THR U 93 -14.00 32.04 -36.88
N MET U 94 -13.74 31.05 -36.04
CA MET U 94 -14.35 29.73 -36.19
C MET U 94 -15.87 29.83 -36.21
N GLN U 95 -16.42 30.61 -35.29
CA GLN U 95 -17.87 30.72 -35.16
C GLN U 95 -18.48 31.57 -36.26
N PHE U 96 -17.74 32.58 -36.73
CA PHE U 96 -18.27 33.47 -37.76
C PHE U 96 -18.43 32.82 -39.13
N ILE U 97 -17.38 32.14 -39.59
CA ILE U 97 -17.36 31.57 -40.93
C ILE U 97 -18.42 30.47 -41.10
N LYS U 98 -18.95 30.35 -42.31
CA LYS U 98 -20.02 29.40 -42.58
C LYS U 98 -19.58 27.93 -42.50
N PRO U 99 -18.37 27.61 -43.01
CA PRO U 99 -17.93 26.21 -42.89
C PRO U 99 -17.89 25.75 -41.45
N ASP U 100 -18.27 24.51 -41.20
CA ASP U 100 -18.02 23.87 -39.91
C ASP U 100 -16.52 23.74 -39.73
N VAL U 101 -16.04 24.02 -38.52
CA VAL U 101 -14.62 23.76 -38.24
C VAL U 101 -14.48 22.52 -37.37
N SER U 102 -14.05 21.44 -37.98
CA SER U 102 -13.80 20.19 -37.28
C SER U 102 -12.45 20.26 -36.59
N THR U 103 -12.39 19.85 -35.33
CA THR U 103 -11.15 19.93 -34.55
C THR U 103 -10.63 18.55 -34.17
N ILE U 104 -9.31 18.38 -34.25
CA ILE U 104 -8.68 17.13 -33.85
C ILE U 104 -7.53 17.40 -32.87
N CYS U 105 -7.55 16.69 -31.75
CA CYS U 105 -6.49 16.81 -30.76
C CYS U 105 -5.41 15.76 -30.99
N MET U 106 -4.19 16.22 -31.27
CA MET U 106 -3.04 15.34 -31.45
C MET U 106 -2.02 15.66 -30.38
N GLY U 107 -1.62 14.65 -29.60
CA GLY U 107 -0.66 14.85 -28.53
C GLY U 107 -1.31 15.47 -27.31
N GLN U 108 -1.53 16.78 -27.37
CA GLN U 108 -2.20 17.47 -26.27
C GLN U 108 -2.97 18.71 -26.73
N ALA U 109 -4.02 19.03 -25.98
CA ALA U 109 -4.70 20.30 -26.12
C ALA U 109 -4.96 20.81 -24.71
N ALA U 110 -4.15 21.77 -24.27
CA ALA U 110 -4.24 22.25 -22.89
C ALA U 110 -4.63 23.72 -22.86
N SER U 111 -5.43 24.10 -21.86
CA SER U 111 -5.81 25.49 -21.66
C SER U 111 -6.47 26.05 -22.91
N MET U 112 -5.96 27.14 -23.46
CA MET U 112 -6.57 27.73 -24.64
C MET U 112 -6.64 26.71 -25.79
N GLY U 113 -5.70 25.78 -25.81
CA GLY U 113 -5.72 24.71 -26.80
C GLY U 113 -6.94 23.82 -26.62
N ALA U 114 -7.24 23.47 -25.38
CA ALA U 114 -8.41 22.67 -25.07
C ALA U 114 -9.69 23.44 -25.38
N PHE U 115 -9.66 24.75 -25.15
CA PHE U 115 -10.82 25.59 -25.41
C PHE U 115 -11.17 25.59 -26.90
N LEU U 116 -10.16 25.78 -27.74
CA LEU U 116 -10.39 25.82 -29.18
C LEU U 116 -10.80 24.44 -29.72
N LEU U 117 -10.28 23.38 -29.11
CA LEU U 117 -10.68 22.02 -29.47
C LEU U 117 -12.19 21.82 -29.26
N THR U 118 -12.67 22.20 -28.09
CA THR U 118 -14.08 22.03 -27.77
C THR U 118 -14.96 23.00 -28.55
N ALA U 119 -14.34 24.05 -29.10
CA ALA U 119 -15.06 25.07 -29.85
C ALA U 119 -15.43 24.62 -31.26
N GLY U 120 -14.95 23.45 -31.66
CA GLY U 120 -15.23 22.92 -32.98
C GLY U 120 -16.70 22.61 -33.18
N ALA U 121 -17.11 22.45 -34.43
CA ALA U 121 -18.51 22.16 -34.76
C ALA U 121 -18.98 20.90 -34.04
N LYS U 122 -20.13 20.98 -33.39
CA LYS U 122 -20.62 19.83 -32.63
C LYS U 122 -20.72 18.58 -33.50
N GLY U 123 -20.26 17.47 -32.96
CA GLY U 123 -20.25 16.21 -33.68
C GLY U 123 -18.99 16.00 -34.49
N LYS U 124 -18.17 17.05 -34.60
CA LYS U 124 -16.96 16.98 -35.41
C LYS U 124 -15.70 17.35 -34.63
N ARG U 125 -15.70 17.05 -33.34
CA ARG U 125 -14.53 17.27 -32.49
C ARG U 125 -13.96 15.92 -32.07
N PHE U 126 -12.66 15.73 -32.29
CA PHE U 126 -12.03 14.43 -32.05
C PHE U 126 -10.78 14.50 -31.19
N CYS U 127 -10.55 13.42 -30.43
CA CYS U 127 -9.25 13.17 -29.81
C CYS U 127 -8.63 11.96 -30.46
N LEU U 128 -7.32 11.98 -30.68
CA LEU U 128 -6.59 10.77 -31.04
C LEU U 128 -6.50 9.92 -29.78
N PRO U 129 -6.40 8.59 -29.95
CA PRO U 129 -6.57 7.64 -28.84
C PRO U 129 -5.69 7.93 -27.61
N ASN U 130 -4.49 8.45 -27.82
CA ASN U 130 -3.57 8.70 -26.71
C ASN U 130 -3.25 10.17 -26.47
N SER U 131 -4.02 11.05 -27.10
CA SER U 131 -3.88 12.47 -26.85
C SER U 131 -4.50 12.78 -25.49
N ARG U 132 -4.17 13.94 -24.93
CA ARG U 132 -4.77 14.32 -23.66
C ARG U 132 -5.15 15.79 -23.66
N VAL U 133 -5.99 16.15 -22.70
CA VAL U 133 -6.52 17.50 -22.58
C VAL U 133 -6.34 17.99 -21.15
N MET U 134 -6.10 19.29 -20.99
CA MET U 134 -6.07 19.90 -19.67
C MET U 134 -6.85 21.20 -19.69
N ILE U 135 -7.68 21.41 -18.67
CA ILE U 135 -8.43 22.66 -18.55
C ILE U 135 -8.11 23.33 -17.23
N HIS U 136 -8.28 24.65 -17.19
CA HIS U 136 -8.06 25.41 -15.97
C HIS U 136 -8.53 26.85 -16.16
N GLN U 137 -8.35 27.68 -15.15
CA GLN U 137 -8.82 29.06 -15.22
C GLN U 137 -7.75 30.00 -15.78
N PRO U 138 -8.16 31.23 -16.15
CA PRO U 138 -7.26 32.24 -16.70
C PRO U 138 -6.10 32.58 -15.76
N LEU U 139 -4.94 32.80 -16.36
CA LEU U 139 -3.77 33.24 -15.62
C LEU U 139 -3.46 34.68 -16.00
N GLY U 140 -2.95 35.44 -15.05
CA GLY U 140 -2.64 36.82 -15.33
C GLY U 140 -1.78 37.45 -14.24
N GLY U 141 -1.79 38.77 -14.22
CA GLY U 141 -0.99 39.51 -13.27
C GLY U 141 -0.89 40.96 -13.68
N TYR U 142 -0.68 41.82 -12.70
CA TYR U 142 -0.50 43.22 -12.94
C TYR U 142 0.26 43.79 -11.75
N GLN U 143 0.94 44.90 -11.95
CA GLN U 143 1.58 45.58 -10.83
C GLN U 143 1.48 47.09 -11.01
N GLY U 144 1.30 47.78 -9.89
CA GLY U 144 1.12 49.22 -9.90
C GLY U 144 0.21 49.64 -8.76
N GLN U 145 -0.50 50.75 -8.95
CA GLN U 145 -1.40 51.27 -7.93
C GLN U 145 -2.56 50.33 -7.64
N ALA U 146 -3.03 50.34 -6.39
CA ALA U 146 -4.17 49.52 -5.99
C ALA U 146 -5.37 49.75 -6.90
N THR U 147 -5.61 51.00 -7.29
CA THR U 147 -6.72 51.31 -8.16
C THR U 147 -6.64 50.56 -9.49
N ASP U 148 -5.44 50.52 -10.07
CA ASP U 148 -5.24 49.86 -11.35
C ASP U 148 -5.24 48.34 -11.20
N ILE U 149 -4.71 47.86 -10.08
CA ILE U 149 -4.76 46.43 -9.77
C ILE U 149 -6.22 45.98 -9.74
N GLU U 150 -7.08 46.80 -9.16
CA GLU U 150 -8.50 46.48 -9.06
C GLU U 150 -9.15 46.47 -10.43
N ILE U 151 -8.81 47.44 -11.27
CA ILE U 151 -9.34 47.50 -12.62
C ILE U 151 -9.01 46.22 -13.41
N HIS U 152 -7.75 45.81 -13.34
CA HIS U 152 -7.32 44.62 -14.09
C HIS U 152 -7.78 43.32 -13.45
N ALA U 153 -7.95 43.31 -12.13
CA ALA U 153 -8.49 42.13 -11.45
C ALA U 153 -9.95 41.89 -11.85
N ARG U 154 -10.74 42.96 -11.86
CA ARG U 154 -12.14 42.85 -12.24
C ARG U 154 -12.26 42.37 -13.69
N GLU U 155 -11.37 42.84 -14.55
CA GLU U 155 -11.39 42.43 -15.96
C GLU U 155 -11.12 40.95 -16.13
N ILE U 156 -10.10 40.42 -15.45
CA ILE U 156 -9.78 39.00 -15.62
C ILE U 156 -10.84 38.11 -15.01
N LEU U 157 -11.60 38.64 -14.06
CA LEU U 157 -12.73 37.90 -13.50
C LEU U 157 -13.86 37.82 -14.54
N LYS U 158 -14.08 38.93 -15.25
CA LYS U 158 -15.05 38.93 -16.35
C LYS U 158 -14.62 37.95 -17.43
N VAL U 159 -13.33 37.94 -17.75
CA VAL U 159 -12.79 37.00 -18.74
C VAL U 159 -13.05 35.57 -18.31
N LYS U 160 -12.68 35.26 -17.07
CA LYS U 160 -12.91 33.94 -16.50
C LYS U 160 -14.37 33.53 -16.62
N GLY U 161 -15.28 34.45 -16.28
CA GLY U 161 -16.70 34.21 -16.38
C GLY U 161 -17.14 33.86 -17.79
N ARG U 162 -16.66 34.63 -18.76
CA ARG U 162 -17.03 34.40 -20.15
C ARG U 162 -16.50 33.06 -20.66
N MET U 163 -15.25 32.74 -20.30
CA MET U 163 -14.65 31.48 -20.73
C MET U 163 -15.42 30.29 -20.16
N ASN U 164 -15.84 30.40 -18.91
CA ASN U 164 -16.60 29.33 -18.27
C ASN U 164 -17.99 29.17 -18.90
N GLU U 165 -18.62 30.29 -19.26
CA GLU U 165 -19.92 30.24 -19.94
C GLU U 165 -19.80 29.56 -21.30
N LEU U 166 -18.75 29.91 -22.04
CA LEU U 166 -18.53 29.33 -23.36
C LEU U 166 -18.18 27.85 -23.25
N MET U 167 -17.43 27.48 -22.22
CA MET U 167 -17.11 26.08 -21.98
C MET U 167 -18.37 25.28 -21.66
N ALA U 168 -19.26 25.87 -20.87
CA ALA U 168 -20.54 25.23 -20.55
C ALA U 168 -21.35 25.00 -21.81
N LEU U 169 -21.44 26.04 -22.64
CA LEU U 169 -22.16 25.97 -23.90
C LEU U 169 -21.67 24.83 -24.80
N HIS U 170 -20.36 24.75 -24.97
CA HIS U 170 -19.80 23.78 -25.91
C HIS U 170 -19.76 22.34 -25.39
N THR U 171 -19.62 22.18 -24.07
CA THR U 171 -19.53 20.85 -23.48
C THR U 171 -20.90 20.25 -23.15
N GLY U 172 -21.84 21.11 -22.79
CA GLY U 172 -23.15 20.64 -22.34
C GLY U 172 -23.21 20.53 -20.83
N GLN U 173 -22.09 20.83 -20.17
CA GLN U 173 -22.02 20.84 -18.72
C GLN U 173 -22.67 22.11 -18.19
N SER U 174 -23.14 22.06 -16.94
CA SER U 174 -23.67 23.25 -16.30
C SER U 174 -22.54 24.24 -16.05
N LEU U 175 -22.89 25.53 -15.99
CA LEU U 175 -21.90 26.55 -15.69
C LEU U 175 -21.22 26.25 -14.35
N GLU U 176 -22.02 25.82 -13.38
CA GLU U 176 -21.51 25.55 -12.05
C GLU U 176 -20.51 24.38 -12.05
N GLN U 177 -20.78 23.37 -12.88
CA GLN U 177 -19.88 22.24 -13.00
C GLN U 177 -18.55 22.67 -13.62
N ILE U 178 -18.62 23.47 -14.68
CA ILE U 178 -17.42 23.99 -15.32
C ILE U 178 -16.58 24.81 -14.33
N GLU U 179 -17.24 25.68 -13.58
CA GLU U 179 -16.56 26.52 -12.59
C GLU U 179 -15.79 25.68 -11.59
N ARG U 180 -16.41 24.60 -11.11
CA ARG U 180 -15.79 23.75 -10.10
C ARG U 180 -14.62 22.95 -10.68
N ASP U 181 -14.74 22.56 -11.95
CA ASP U 181 -13.74 21.71 -12.57
C ASP U 181 -12.53 22.48 -13.11
N THR U 182 -12.64 23.80 -13.18
CA THR U 182 -11.56 24.61 -13.77
C THR U 182 -10.81 25.48 -12.77
N GLU U 183 -11.19 25.41 -11.50
CA GLU U 183 -10.48 26.17 -10.47
C GLU U 183 -9.01 25.77 -10.41
N ARG U 184 -8.75 24.49 -10.64
CA ARG U 184 -7.38 23.99 -10.69
C ARG U 184 -7.17 23.13 -11.94
N ASP U 185 -5.90 22.98 -12.34
CA ASP U 185 -5.55 22.15 -13.48
C ASP U 185 -6.29 20.81 -13.41
N ARG U 186 -6.96 20.46 -14.50
CA ARG U 186 -7.69 19.20 -14.57
C ARG U 186 -7.38 18.51 -15.89
N PHE U 187 -6.78 17.33 -15.80
CA PHE U 187 -6.44 16.54 -16.98
C PHE U 187 -7.57 15.61 -17.38
N LEU U 188 -7.78 15.44 -18.68
CA LEU U 188 -8.74 14.47 -19.18
C LEU U 188 -8.10 13.61 -20.26
N SER U 189 -8.21 12.30 -20.11
CA SER U 189 -7.79 11.38 -21.16
C SER U 189 -8.80 11.49 -22.30
N ALA U 190 -8.48 10.86 -23.43
CA ALA U 190 -9.38 10.88 -24.58
C ALA U 190 -10.80 10.42 -24.23
N PRO U 191 -10.92 9.23 -23.60
CA PRO U 191 -12.24 8.74 -23.22
C PRO U 191 -12.95 9.68 -22.24
N GLU U 192 -12.18 10.29 -21.34
CA GLU U 192 -12.73 11.22 -20.38
C GLU U 192 -13.20 12.50 -21.06
N ALA U 193 -12.46 12.95 -22.07
CA ALA U 193 -12.84 14.13 -22.83
C ALA U 193 -14.17 13.91 -23.55
N VAL U 194 -14.35 12.73 -24.11
CA VAL U 194 -15.61 12.39 -24.76
C VAL U 194 -16.75 12.40 -23.74
N GLU U 195 -16.52 11.72 -22.63
CA GLU U 195 -17.52 11.64 -21.56
C GLU U 195 -17.91 13.03 -21.04
N TYR U 196 -16.95 13.96 -21.06
CA TYR U 196 -17.17 15.27 -20.49
C TYR U 196 -17.93 16.17 -21.47
N GLY U 197 -18.00 15.74 -22.73
CA GLY U 197 -18.64 16.55 -23.76
C GLY U 197 -17.67 17.55 -24.38
N LEU U 198 -16.39 17.40 -24.07
CA LEU U 198 -15.38 18.29 -24.61
C LEU U 198 -15.07 17.97 -26.07
N VAL U 199 -15.01 16.69 -26.41
CA VAL U 199 -14.98 16.26 -27.81
C VAL U 199 -16.10 15.26 -28.01
N ASP U 200 -16.33 14.87 -29.26
CA ASP U 200 -17.46 14.02 -29.59
C ASP U 200 -17.10 12.54 -29.67
N SER U 201 -15.87 12.25 -30.08
CA SER U 201 -15.43 10.85 -30.16
C SER U 201 -13.92 10.71 -30.33
N ILE U 202 -13.45 9.47 -30.22
CA ILE U 202 -12.04 9.14 -30.41
C ILE U 202 -11.82 8.63 -31.82
N LEU U 203 -10.71 9.02 -32.44
CA LEU U 203 -10.41 8.58 -33.80
C LEU U 203 -9.85 7.15 -33.82
N THR U 204 -10.55 6.27 -34.53
CA THR U 204 -10.13 4.88 -34.64
C THR U 204 -9.60 4.55 -36.01
N HIS U 205 -8.59 3.69 -36.05
CA HIS U 205 -7.95 3.27 -37.29
C HIS U 205 -8.83 3.48 -38.52
N LEU V 16 41.58 51.47 4.84
CA LEU V 16 41.86 51.73 6.24
C LEU V 16 41.83 53.22 6.57
N VAL V 17 41.28 53.54 7.74
CA VAL V 17 41.37 54.89 8.27
C VAL V 17 42.40 54.89 9.40
N PRO V 18 43.43 55.73 9.26
CA PRO V 18 44.54 55.77 10.23
C PRO V 18 44.04 56.18 11.61
N MET V 19 44.65 55.61 12.64
CA MET V 19 44.33 55.99 14.02
C MET V 19 45.38 56.98 14.53
N VAL V 20 44.93 57.93 15.33
CA VAL V 20 45.83 58.90 15.93
C VAL V 20 45.56 59.02 17.42
N ILE V 21 46.48 59.66 18.14
CA ILE V 21 46.38 59.76 19.60
C ILE V 21 46.07 61.17 20.08
N GLU V 22 45.14 61.27 21.02
CA GLU V 22 44.83 62.54 21.65
C GLU V 22 45.15 62.48 23.15
N GLN V 23 45.59 63.61 23.69
CA GLN V 23 45.81 63.72 25.13
C GLN V 23 44.51 64.14 25.80
N THR V 24 43.84 63.19 26.46
CA THR V 24 42.59 63.47 27.14
C THR V 24 42.82 63.71 28.63
N SER V 25 41.75 64.11 29.32
CA SER V 25 41.83 64.40 30.75
C SER V 25 42.25 63.18 31.56
N ARG V 26 41.90 61.99 31.06
CA ARG V 26 42.10 60.75 31.81
C ARG V 26 43.03 59.78 31.10
N GLY V 27 44.03 60.32 30.42
CA GLY V 27 44.99 59.51 29.69
C GLY V 27 45.05 59.88 28.22
N GLU V 28 45.43 58.92 27.38
CA GLU V 28 45.42 59.14 25.94
C GLU V 28 44.44 58.19 25.23
N ARG V 29 43.62 58.76 24.36
CA ARG V 29 42.64 57.98 23.61
C ARG V 29 43.06 57.85 22.16
N SER V 30 42.77 56.70 21.56
CA SER V 30 43.02 56.50 20.13
C SER V 30 41.73 56.69 19.34
N PHE V 31 41.79 57.54 18.32
CA PHE V 31 40.65 57.79 17.46
C PHE V 31 41.04 57.60 16.01
N ASP V 32 40.07 57.22 15.17
CA ASP V 32 40.29 57.27 13.73
C ASP V 32 40.42 58.75 13.37
N ILE V 33 41.11 59.04 12.28
CA ILE V 33 41.46 60.41 11.95
C ILE V 33 40.25 61.35 11.85
N TYR V 34 39.15 60.84 11.29
CA TYR V 34 37.94 61.66 11.13
C TYR V 34 37.26 61.95 12.46
N SER V 35 37.20 60.93 13.33
CA SER V 35 36.66 61.14 14.67
C SER V 35 37.51 62.15 15.43
N ARG V 36 38.82 62.10 15.21
CA ARG V 36 39.73 63.04 15.85
C ARG V 36 39.44 64.46 15.40
N LEU V 37 39.21 64.64 14.10
CA LEU V 37 38.90 65.96 13.57
C LEU V 37 37.51 66.42 14.00
N LEU V 38 36.58 65.48 14.14
CA LEU V 38 35.24 65.82 14.62
C LEU V 38 35.30 66.46 15.99
N LYS V 39 36.27 66.06 16.81
CA LYS V 39 36.40 66.63 18.13
C LYS V 39 36.73 68.12 18.05
N GLU V 40 37.39 68.51 16.97
CA GLU V 40 37.71 69.92 16.75
C GLU V 40 36.60 70.60 15.96
N ARG V 41 35.46 69.93 15.89
CA ARG V 41 34.26 70.48 15.25
C ARG V 41 34.40 70.59 13.73
N VAL V 42 35.18 69.68 13.15
CA VAL V 42 35.33 69.62 11.71
C VAL V 42 34.58 68.42 11.13
N ILE V 43 33.72 68.69 10.16
CA ILE V 43 32.94 67.64 9.50
C ILE V 43 33.28 67.63 8.01
N PHE V 44 33.49 66.44 7.47
CA PHE V 44 33.79 66.31 6.04
C PHE V 44 32.57 65.91 5.24
N LEU V 45 32.38 66.56 4.10
CA LEU V 45 31.38 66.16 3.12
C LEU V 45 32.12 65.71 1.88
N THR V 46 32.14 64.40 1.65
CA THR V 46 33.01 63.81 0.65
C THR V 46 32.24 62.98 -0.37
N GLY V 47 32.45 63.26 -1.65
CA GLY V 47 31.84 62.50 -2.72
C GLY V 47 30.36 62.80 -2.91
N GLN V 48 29.65 61.87 -3.53
CA GLN V 48 28.24 62.06 -3.89
C GLN V 48 27.32 62.26 -2.68
N VAL V 49 26.41 63.22 -2.82
CA VAL V 49 25.42 63.48 -1.79
C VAL V 49 24.26 62.51 -1.90
N GLU V 50 24.00 61.77 -0.83
CA GLU V 50 22.86 60.87 -0.77
C GLU V 50 22.43 60.64 0.68
N ASP V 51 21.27 60.01 0.85
CA ASP V 51 20.60 59.91 2.15
C ASP V 51 21.51 59.55 3.33
N HIS V 52 22.32 58.50 3.17
CA HIS V 52 23.06 57.97 4.32
C HIS V 52 24.28 58.82 4.72
N MET V 53 25.06 59.27 3.73
CA MET V 53 26.19 60.14 4.03
C MET V 53 25.68 61.48 4.54
N ALA V 54 24.53 61.91 4.06
CA ALA V 54 23.93 63.17 4.47
C ALA V 54 23.40 63.09 5.89
N ASN V 55 22.71 62.00 6.21
CA ASN V 55 22.17 61.81 7.55
C ASN V 55 23.28 61.75 8.58
N LEU V 56 24.44 61.22 8.17
CA LEU V 56 25.60 61.17 9.06
C LEU V 56 26.09 62.58 9.38
N ILE V 57 26.05 63.45 8.38
CA ILE V 57 26.47 64.83 8.57
C ILE V 57 25.50 65.58 9.47
N VAL V 58 24.20 65.34 9.28
CA VAL V 58 23.19 65.91 10.16
C VAL V 58 23.44 65.48 11.60
N ALA V 59 23.69 64.19 11.79
CA ALA V 59 23.97 63.65 13.12
C ALA V 59 25.16 64.37 13.77
N GLN V 60 26.23 64.52 13.00
CA GLN V 60 27.43 65.19 13.50
C GLN V 60 27.17 66.65 13.88
N MET V 61 26.37 67.33 13.07
CA MET V 61 26.04 68.73 13.33
C MET V 61 25.23 68.88 14.61
N LEU V 62 24.21 68.04 14.76
CA LEU V 62 23.38 68.06 15.96
C LEU V 62 24.22 67.77 17.20
N PHE V 63 25.14 66.81 17.07
CA PHE V 63 26.02 66.48 18.19
C PHE V 63 26.89 67.66 18.60
N LEU V 64 27.48 68.32 17.60
CA LEU V 64 28.37 69.45 17.86
C LEU V 64 27.61 70.64 18.48
N GLU V 65 26.39 70.89 18.02
CA GLU V 65 25.59 71.96 18.61
C GLU V 65 25.35 71.68 20.09
N ALA V 66 25.04 70.42 20.40
CA ALA V 66 24.78 70.03 21.77
C ALA V 66 26.01 70.21 22.66
N GLU V 67 27.17 69.82 22.16
CA GLU V 67 28.41 70.01 22.90
C GLU V 67 28.63 71.47 23.25
N ASN V 68 28.68 72.31 22.23
CA ASN V 68 28.76 73.74 22.44
C ASN V 68 27.95 74.49 21.39
N PRO V 69 26.81 75.05 21.82
CA PRO V 69 25.88 75.80 20.97
C PRO V 69 26.53 77.10 20.46
N GLU V 70 27.65 77.50 21.06
CA GLU V 70 28.27 78.79 20.73
C GLU V 70 29.39 78.71 19.70
N LYS V 71 30.19 77.65 19.72
CA LYS V 71 31.36 77.57 18.86
C LYS V 71 31.03 77.22 17.41
N ASP V 72 31.76 77.81 16.48
CA ASP V 72 31.58 77.55 15.06
C ASP V 72 31.77 76.08 14.73
N ILE V 73 31.09 75.63 13.67
CA ILE V 73 31.30 74.30 13.13
C ILE V 73 31.87 74.44 11.73
N TYR V 74 32.70 73.48 11.32
CA TYR V 74 33.35 73.57 10.02
C TYR V 74 32.98 72.41 9.11
N LEU V 75 32.55 72.76 7.91
CA LEU V 75 32.13 71.76 6.92
C LEU V 75 33.07 71.84 5.72
N TYR V 76 33.90 70.81 5.57
CA TYR V 76 34.86 70.76 4.47
C TYR V 76 34.27 69.96 3.31
N ILE V 77 34.08 70.63 2.19
CA ILE V 77 33.33 70.08 1.07
C ILE V 77 34.19 69.73 -0.15
N ASN V 78 34.16 68.45 -0.54
CA ASN V 78 34.71 67.99 -1.81
C ASN V 78 33.71 67.03 -2.44
N SER V 79 32.85 67.55 -3.31
CA SER V 79 31.70 66.80 -3.79
C SER V 79 31.20 67.23 -5.16
N PRO V 80 30.75 66.25 -5.98
CA PRO V 80 30.15 66.53 -7.29
C PRO V 80 28.65 66.80 -7.16
N GLY V 81 28.15 66.79 -5.94
CA GLY V 81 26.73 67.00 -5.69
C GLY V 81 26.00 65.68 -5.55
N GLY V 82 24.70 65.69 -5.82
CA GLY V 82 23.91 64.48 -5.71
C GLY V 82 22.44 64.74 -5.44
N VAL V 83 21.82 63.85 -4.68
CA VAL V 83 20.38 63.91 -4.42
C VAL V 83 19.97 65.18 -3.67
N ILE V 84 19.01 65.90 -4.21
CA ILE V 84 18.60 67.19 -3.67
C ILE V 84 17.96 67.10 -2.27
N THR V 85 17.02 66.16 -2.09
CA THR V 85 16.37 66.04 -0.79
C THR V 85 17.37 65.69 0.32
N ALA V 86 18.35 64.86 -0.01
CA ALA V 86 19.40 64.51 0.95
C ALA V 86 20.22 65.75 1.28
N GLY V 87 20.54 66.54 0.26
CA GLY V 87 21.29 67.76 0.45
C GLY V 87 20.52 68.76 1.30
N MET V 88 19.20 68.79 1.14
CA MET V 88 18.37 69.74 1.84
C MET V 88 18.20 69.39 3.32
N SER V 89 18.36 68.12 3.67
CA SER V 89 18.36 67.74 5.08
C SER V 89 19.57 68.37 5.75
N ILE V 90 20.67 68.43 5.03
CA ILE V 90 21.88 69.08 5.52
C ILE V 90 21.67 70.59 5.58
N TYR V 91 21.14 71.17 4.51
CA TYR V 91 20.91 72.61 4.45
C TYR V 91 20.10 73.09 5.64
N ASP V 92 18.93 72.50 5.84
CA ASP V 92 18.03 72.93 6.92
C ASP V 92 18.67 72.77 8.29
N THR V 93 19.47 71.73 8.47
CA THR V 93 20.18 71.53 9.73
C THR V 93 21.18 72.66 9.94
N MET V 94 21.90 73.00 8.88
CA MET V 94 22.88 74.09 8.94
C MET V 94 22.24 75.39 9.40
N GLN V 95 21.05 75.67 8.88
CA GLN V 95 20.37 76.93 9.18
C GLN V 95 19.70 76.89 10.55
N PHE V 96 19.31 75.70 11.00
CA PHE V 96 18.62 75.56 12.29
C PHE V 96 19.53 75.73 13.49
N ILE V 97 20.66 75.03 13.50
CA ILE V 97 21.53 75.04 14.67
C ILE V 97 22.10 76.43 14.95
N LYS V 98 22.39 76.71 16.22
CA LYS V 98 22.86 78.02 16.64
C LYS V 98 24.26 78.36 16.13
N PRO V 99 25.18 77.37 16.13
CA PRO V 99 26.53 77.66 15.65
C PRO V 99 26.54 78.09 14.19
N ASP V 100 27.42 79.03 13.86
CA ASP V 100 27.71 79.32 12.46
C ASP V 100 28.34 78.09 11.85
N VAL V 101 27.92 77.73 10.65
CA VAL V 101 28.59 76.65 9.93
C VAL V 101 29.49 77.24 8.85
N SER V 102 30.80 77.17 9.10
CA SER V 102 31.79 77.66 8.15
C SER V 102 32.06 76.57 7.10
N THR V 103 32.03 76.97 5.83
CA THR V 103 32.21 76.00 4.75
C THR V 103 33.49 76.25 3.97
N ILE V 104 34.17 75.17 3.59
CA ILE V 104 35.38 75.27 2.78
C ILE V 104 35.32 74.35 1.57
N CYS V 105 35.52 74.92 0.39
CA CYS V 105 35.57 74.13 -0.83
C CYS V 105 36.98 73.62 -1.09
N MET V 106 37.14 72.31 -1.10
CA MET V 106 38.43 71.68 -1.40
C MET V 106 38.28 70.84 -2.66
N GLY V 107 39.07 71.15 -3.68
CA GLY V 107 39.00 70.42 -4.94
C GLY V 107 37.84 70.89 -5.79
N GLN V 108 36.63 70.44 -5.45
CA GLN V 108 35.44 70.87 -6.17
C GLN V 108 34.20 70.87 -5.28
N ALA V 109 33.29 71.79 -5.57
CA ALA V 109 31.95 71.76 -5.02
C ALA V 109 30.98 72.02 -6.17
N ALA V 110 30.33 70.96 -6.64
CA ALA V 110 29.45 71.07 -7.80
C ALA V 110 28.01 70.76 -7.44
N SER V 111 27.09 71.46 -8.10
CA SER V 111 25.66 71.23 -7.91
C SER V 111 25.26 71.33 -6.44
N MET V 112 24.66 70.27 -5.90
CA MET V 112 24.26 70.30 -4.49
C MET V 112 25.44 70.59 -3.58
N GLY V 113 26.64 70.20 -4.02
CA GLY V 113 27.85 70.51 -3.28
C GLY V 113 28.10 72.01 -3.25
N ALA V 114 27.88 72.67 -4.38
CA ALA V 114 28.06 74.12 -4.47
C ALA V 114 26.97 74.82 -3.65
N PHE V 115 25.78 74.24 -3.65
CA PHE V 115 24.66 74.81 -2.90
C PHE V 115 24.96 74.86 -1.41
N LEU V 116 25.44 73.75 -0.87
CA LEU V 116 25.75 73.66 0.54
C LEU V 116 26.95 74.52 0.92
N LEU V 117 27.88 74.70 -0.01
CA LEU V 117 29.03 75.58 0.22
C LEU V 117 28.56 77.02 0.45
N THR V 118 27.69 77.51 -0.43
CA THR V 118 27.22 78.87 -0.34
C THR V 118 26.27 79.06 0.84
N ALA V 119 25.73 77.95 1.34
CA ALA V 119 24.78 77.98 2.45
C ALA V 119 25.48 78.26 3.78
N GLY V 120 26.81 78.25 3.76
CA GLY V 120 27.59 78.48 4.96
C GLY V 120 27.35 79.86 5.57
N ALA V 121 27.81 80.04 6.81
CA ALA V 121 27.64 81.32 7.50
C ALA V 121 28.29 82.48 6.75
N LYS V 122 27.55 83.57 6.61
CA LYS V 122 28.08 84.74 5.92
C LYS V 122 29.44 85.17 6.48
N GLY V 123 30.41 85.39 5.59
CA GLY V 123 31.73 85.82 5.99
C GLY V 123 32.64 84.65 6.29
N LYS V 124 32.07 83.44 6.35
CA LYS V 124 32.81 82.25 6.76
C LYS V 124 32.76 81.15 5.71
N ARG V 125 32.58 81.54 4.46
CA ARG V 125 32.59 80.60 3.35
C ARG V 125 33.87 80.78 2.54
N PHE V 126 34.60 79.69 2.31
CA PHE V 126 35.93 79.77 1.71
C PHE V 126 36.11 78.84 0.50
N CYS V 127 36.96 79.27 -0.42
CA CYS V 127 37.46 78.41 -1.49
C CYS V 127 38.96 78.29 -1.37
N LEU V 128 39.49 77.07 -1.50
CA LEU V 128 40.93 76.91 -1.65
C LEU V 128 41.31 77.47 -3.01
N PRO V 129 42.55 77.98 -3.13
CA PRO V 129 42.96 78.76 -4.30
C PRO V 129 42.70 78.08 -5.65
N ASN V 130 42.79 76.76 -5.70
CA ASN V 130 42.62 76.04 -6.97
C ASN V 130 41.40 75.13 -7.01
N SER V 131 40.53 75.26 -6.01
CA SER V 131 39.26 74.54 -6.03
C SER V 131 38.37 75.21 -7.06
N ARG V 132 37.32 74.51 -7.48
CA ARG V 132 36.37 75.09 -8.42
C ARG V 132 34.94 74.74 -8.05
N VAL V 133 34.00 75.52 -8.58
CA VAL V 133 32.59 75.33 -8.31
C VAL V 133 31.83 75.21 -9.62
N MET V 134 30.75 74.46 -9.59
CA MET V 134 29.84 74.40 -10.73
C MET V 134 28.40 74.45 -10.25
N ILE V 135 27.58 75.21 -10.95
CA ILE V 135 26.17 75.30 -10.62
C ILE V 135 25.31 74.95 -11.83
N HIS V 136 24.12 74.42 -11.58
CA HIS V 136 23.17 74.12 -12.63
C HIS V 136 21.79 73.87 -12.05
N GLN V 137 20.82 73.56 -12.90
CA GLN V 137 19.47 73.33 -12.44
C GLN V 137 19.23 71.85 -12.10
N PRO V 138 18.12 71.57 -11.39
CA PRO V 138 17.82 70.19 -11.00
C PRO V 138 17.66 69.25 -12.19
N LEU V 139 18.13 68.03 -12.02
CA LEU V 139 17.95 66.97 -13.01
C LEU V 139 16.95 65.98 -12.43
N GLY V 140 16.14 65.40 -13.30
CA GLY V 140 15.16 64.43 -12.86
C GLY V 140 14.65 63.60 -14.02
N GLY V 141 13.51 62.97 -13.79
CA GLY V 141 12.91 62.14 -14.82
C GLY V 141 11.77 61.34 -14.24
N TYR V 142 10.76 61.10 -15.07
CA TYR V 142 9.65 60.27 -14.66
C TYR V 142 9.15 59.48 -15.86
N GLN V 143 8.39 58.44 -15.58
CA GLN V 143 7.89 57.55 -16.62
C GLN V 143 6.52 57.05 -16.21
N GLY V 144 5.53 57.25 -17.07
CA GLY V 144 4.18 56.79 -16.79
C GLY V 144 3.10 57.58 -17.50
N GLN V 145 1.94 57.66 -16.87
CA GLN V 145 0.79 58.36 -17.44
C GLN V 145 1.04 59.86 -17.54
N ALA V 146 0.47 60.48 -18.57
CA ALA V 146 0.58 61.92 -18.77
C ALA V 146 0.20 62.69 -17.50
N THR V 147 -0.87 62.26 -16.83
CA THR V 147 -1.32 62.92 -15.61
C THR V 147 -0.24 62.91 -14.53
N ASP V 148 0.45 61.78 -14.40
CA ASP V 148 1.51 61.63 -13.40
C ASP V 148 2.78 62.37 -13.83
N ILE V 149 3.03 62.37 -15.13
CA ILE V 149 4.15 63.13 -15.68
C ILE V 149 4.00 64.61 -15.34
N GLU V 150 2.80 65.14 -15.49
CA GLU V 150 2.51 66.53 -15.16
C GLU V 150 2.76 66.80 -13.67
N ILE V 151 2.27 65.89 -12.81
CA ILE V 151 2.46 66.04 -11.37
C ILE V 151 3.94 66.16 -11.01
N HIS V 152 4.76 65.29 -11.57
CA HIS V 152 6.17 65.27 -11.25
C HIS V 152 6.97 66.37 -11.96
N ALA V 153 6.49 66.79 -13.13
CA ALA V 153 7.09 67.92 -13.82
C ALA V 153 6.85 69.18 -13.01
N ARG V 154 5.62 69.37 -12.56
CA ARG V 154 5.29 70.52 -11.72
C ARG V 154 6.16 70.56 -10.47
N GLU V 155 6.34 69.41 -9.83
CA GLU V 155 7.12 69.34 -8.61
C GLU V 155 8.57 69.75 -8.82
N ILE V 156 9.22 69.21 -9.84
CA ILE V 156 10.63 69.52 -10.05
C ILE V 156 10.83 70.99 -10.42
N LEU V 157 9.83 71.60 -11.06
CA LEU V 157 9.90 73.02 -11.36
C LEU V 157 9.80 73.84 -10.07
N LYS V 158 9.03 73.35 -9.11
CA LYS V 158 8.95 74.00 -7.80
C LYS V 158 10.27 73.85 -7.02
N VAL V 159 10.88 72.67 -7.11
CA VAL V 159 12.17 72.45 -6.47
C VAL V 159 13.21 73.38 -7.09
N LYS V 160 13.18 73.49 -8.42
CA LYS V 160 14.06 74.39 -9.15
C LYS V 160 13.90 75.82 -8.65
N GLY V 161 12.65 76.26 -8.55
CA GLY V 161 12.34 77.60 -8.09
C GLY V 161 12.87 77.88 -6.69
N ARG V 162 12.68 76.93 -5.79
CA ARG V 162 13.14 77.07 -4.42
C ARG V 162 14.66 77.12 -4.32
N MET V 163 15.32 76.22 -5.04
CA MET V 163 16.77 76.18 -5.03
C MET V 163 17.36 77.48 -5.55
N ASN V 164 16.73 78.04 -6.59
CA ASN V 164 17.18 79.31 -7.14
C ASN V 164 16.96 80.46 -6.16
N GLU V 165 15.84 80.44 -5.44
CA GLU V 165 15.55 81.45 -4.44
C GLU V 165 16.60 81.44 -3.32
N LEU V 166 16.94 80.26 -2.84
CA LEU V 166 17.92 80.13 -1.77
C LEU V 166 19.31 80.54 -2.25
N MET V 167 19.65 80.16 -3.47
CA MET V 167 20.93 80.57 -4.07
C MET V 167 21.03 82.08 -4.16
N ALA V 168 19.94 82.72 -4.60
CA ALA V 168 19.91 84.17 -4.71
C ALA V 168 20.12 84.83 -3.34
N LEU V 169 19.44 84.31 -2.33
CA LEU V 169 19.52 84.85 -0.98
C LEU V 169 20.94 84.75 -0.41
N HIS V 170 21.57 83.60 -0.58
CA HIS V 170 22.91 83.39 -0.03
C HIS V 170 24.01 84.10 -0.82
N THR V 171 23.83 84.23 -2.13
CA THR V 171 24.84 84.88 -2.97
C THR V 171 24.65 86.40 -3.03
N GLY V 172 23.41 86.85 -2.87
CA GLY V 172 23.10 88.27 -3.00
C GLY V 172 22.78 88.66 -4.42
N GLN V 173 22.87 87.69 -5.33
CA GLN V 173 22.48 87.90 -6.72
C GLN V 173 20.96 88.03 -6.79
N SER V 174 20.46 88.59 -7.87
CA SER V 174 19.02 88.63 -8.09
C SER V 174 18.53 87.24 -8.47
N LEU V 175 17.26 86.96 -8.19
CA LEU V 175 16.69 85.68 -8.56
C LEU V 175 16.83 85.44 -10.06
N GLU V 176 16.57 86.48 -10.84
CA GLU V 176 16.66 86.38 -12.30
C GLU V 176 18.07 86.03 -12.76
N GLN V 177 19.07 86.60 -12.09
CA GLN V 177 20.46 86.34 -12.42
C GLN V 177 20.81 84.87 -12.16
N ILE V 178 20.39 84.37 -11.00
CA ILE V 178 20.61 82.97 -10.65
C ILE V 178 19.93 82.04 -11.66
N GLU V 179 18.67 82.33 -11.97
CA GLU V 179 17.93 81.56 -12.95
C GLU V 179 18.68 81.48 -14.26
N ARG V 180 19.16 82.63 -14.72
CA ARG V 180 19.86 82.74 -15.98
C ARG V 180 21.17 81.96 -15.97
N ASP V 181 21.90 82.06 -14.86
CA ASP V 181 23.23 81.48 -14.76
C ASP V 181 23.23 79.97 -14.50
N THR V 182 22.07 79.42 -14.18
CA THR V 182 21.98 78.00 -13.83
C THR V 182 21.20 77.16 -14.84
N GLU V 183 20.69 77.79 -15.88
CA GLU V 183 19.97 77.05 -16.92
C GLU V 183 20.87 75.97 -17.50
N ARG V 184 22.15 76.28 -17.62
CA ARG V 184 23.14 75.30 -18.07
C ARG V 184 24.32 75.29 -17.10
N ASP V 185 25.08 74.19 -17.14
CA ASP V 185 26.27 74.07 -16.30
C ASP V 185 27.11 75.34 -16.38
N ARG V 186 27.45 75.88 -15.22
CA ARG V 186 28.26 77.09 -15.13
C ARG V 186 29.40 76.88 -14.15
N PHE V 187 30.62 76.93 -14.65
CA PHE V 187 31.80 76.76 -13.81
C PHE V 187 32.29 78.09 -13.25
N LEU V 188 32.76 78.08 -12.01
CA LEU V 188 33.36 79.25 -11.40
C LEU V 188 34.67 78.89 -10.72
N SER V 189 35.74 79.62 -11.07
CA SER V 189 37.01 79.49 -10.38
C SER V 189 36.85 80.08 -9.00
N ALA V 190 37.83 79.85 -8.13
CA ALA V 190 37.79 80.41 -6.78
C ALA V 190 37.58 81.92 -6.79
N PRO V 191 38.35 82.65 -7.60
CA PRO V 191 38.17 84.11 -7.69
C PRO V 191 36.77 84.49 -8.17
N GLU V 192 36.26 83.77 -9.16
CA GLU V 192 34.93 84.04 -9.69
C GLU V 192 33.84 83.74 -8.66
N ALA V 193 34.07 82.69 -7.87
CA ALA V 193 33.13 82.33 -6.82
C ALA V 193 33.02 83.45 -5.79
N VAL V 194 34.16 84.04 -5.43
CA VAL V 194 34.17 85.18 -4.53
C VAL V 194 33.40 86.34 -5.14
N GLU V 195 33.70 86.62 -6.41
CA GLU V 195 33.05 87.71 -7.13
C GLU V 195 31.53 87.53 -7.22
N TYR V 196 31.10 86.28 -7.37
CA TYR V 196 29.69 85.96 -7.56
C TYR V 196 28.92 85.99 -6.24
N GLY V 197 29.64 85.93 -5.13
CA GLY V 197 29.01 85.90 -3.82
C GLY V 197 28.74 84.49 -3.31
N LEU V 198 29.26 83.50 -4.03
CA LEU V 198 29.10 82.10 -3.64
C LEU V 198 29.88 81.81 -2.36
N VAL V 199 31.10 82.33 -2.30
CA VAL V 199 31.90 82.28 -1.07
C VAL V 199 32.39 83.69 -0.74
N ASP V 200 32.99 83.84 0.43
CA ASP V 200 33.39 85.16 0.90
C ASP V 200 34.84 85.50 0.59
N SER V 201 35.70 84.48 0.57
CA SER V 201 37.10 84.70 0.26
C SER V 201 37.84 83.42 -0.12
N ILE V 202 39.02 83.60 -0.71
CA ILE V 202 39.90 82.49 -1.02
C ILE V 202 40.82 82.26 0.17
N LEU V 203 40.99 81.00 0.53
CA LEU V 203 41.83 80.66 1.67
C LEU V 203 43.31 80.82 1.32
N THR V 204 43.94 81.83 1.91
CA THR V 204 45.37 82.03 1.76
C THR V 204 46.06 81.65 3.05
N HIS V 205 47.24 81.06 2.93
CA HIS V 205 47.98 80.51 4.08
C HIS V 205 47.66 81.25 5.38
N LEU W 16 45.15 41.90 5.41
CA LEU W 16 45.57 42.18 6.77
C LEU W 16 46.64 43.26 6.82
N VAL W 17 46.50 44.19 7.76
CA VAL W 17 47.52 45.20 8.00
C VAL W 17 48.24 44.87 9.30
N PRO W 18 49.55 44.64 9.23
CA PRO W 18 50.33 44.22 10.42
C PRO W 18 50.26 45.25 11.55
N MET W 19 50.25 44.76 12.78
CA MET W 19 50.27 45.62 13.95
C MET W 19 51.68 45.63 14.55
N VAL W 20 52.10 46.78 15.08
CA VAL W 20 53.38 46.89 15.74
C VAL W 20 53.22 47.55 17.10
N ILE W 21 54.20 47.36 17.98
CA ILE W 21 54.17 47.93 19.31
C ILE W 21 55.28 48.97 19.51
N GLU W 22 54.96 50.04 20.23
CA GLU W 22 55.92 51.09 20.55
C GLU W 22 55.96 51.31 22.06
N GLN W 23 57.16 51.33 22.64
CA GLN W 23 57.32 51.51 24.08
C GLN W 23 57.56 52.97 24.45
N THR W 24 56.75 53.49 25.38
CA THR W 24 57.06 54.77 26.03
C THR W 24 56.95 54.63 27.55
N GLY W 27 53.82 54.19 28.53
CA GLY W 27 54.12 52.79 28.84
C GLY W 27 54.42 51.99 27.59
N GLU W 28 53.39 51.77 26.78
CA GLU W 28 53.55 51.20 25.45
C GLU W 28 52.29 51.45 24.60
N ARG W 29 52.44 51.29 23.29
CA ARG W 29 51.34 51.59 22.36
C ARG W 29 51.28 50.56 21.24
N SER W 30 50.09 50.38 20.67
CA SER W 30 49.90 49.45 19.57
C SER W 30 49.29 50.16 18.36
N PHE W 31 49.94 50.02 17.21
CA PHE W 31 49.49 50.65 15.98
C PHE W 31 49.42 49.65 14.83
N ASP W 32 48.48 49.84 13.91
CA ASP W 32 48.62 49.21 12.61
C ASP W 32 49.79 49.95 11.97
N ILE W 33 50.46 49.31 11.02
CA ILE W 33 51.72 49.85 10.53
C ILE W 33 51.62 51.23 9.88
N TYR W 34 50.52 51.50 9.19
CA TYR W 34 50.35 52.81 8.56
C TYR W 34 50.14 53.91 9.59
N SER W 35 49.36 53.62 10.62
CA SER W 35 49.17 54.57 11.72
C SER W 35 50.48 54.83 12.44
N ARG W 36 51.31 53.79 12.55
CA ARG W 36 52.61 53.92 13.18
C ARG W 36 53.49 54.92 12.42
N LEU W 37 53.48 54.81 11.08
CA LEU W 37 54.26 55.72 10.26
C LEU W 37 53.66 57.12 10.24
N LEU W 38 52.35 57.21 10.33
CA LEU W 38 51.69 58.51 10.41
C LEU W 38 52.16 59.28 11.65
N LYS W 39 52.39 58.55 12.73
CA LYS W 39 52.88 59.14 13.97
C LYS W 39 54.23 59.81 13.76
N GLU W 40 55.00 59.30 12.79
CA GLU W 40 56.29 59.91 12.45
C GLU W 40 56.13 60.89 11.28
N ARG W 41 54.90 61.31 11.04
CA ARG W 41 54.59 62.33 10.05
C ARG W 41 54.78 61.87 8.61
N VAL W 42 54.64 60.57 8.39
CA VAL W 42 54.68 60.00 7.04
C VAL W 42 53.27 59.68 6.55
N ILE W 43 52.93 60.21 5.38
CA ILE W 43 51.64 59.91 4.75
C ILE W 43 51.86 59.19 3.43
N PHE W 44 51.04 58.18 3.16
CA PHE W 44 51.13 57.44 1.91
C PHE W 44 50.05 57.87 0.93
N LEU W 45 50.45 58.16 -0.30
CA LEU W 45 49.51 58.39 -1.39
C LEU W 45 49.69 57.25 -2.38
N THR W 46 48.76 56.31 -2.36
CA THR W 46 48.92 55.07 -3.11
C THR W 46 47.75 54.78 -4.04
N GLY W 47 48.06 54.34 -5.25
CA GLY W 47 47.03 53.98 -6.21
C GLY W 47 46.32 55.18 -6.80
N GLN W 48 45.11 54.95 -7.30
CA GLN W 48 44.36 55.97 -8.01
C GLN W 48 43.89 57.13 -7.15
N VAL W 49 44.13 58.34 -7.65
CA VAL W 49 43.70 59.55 -6.96
C VAL W 49 42.21 59.79 -7.18
N GLU W 50 41.48 59.89 -6.08
CA GLU W 50 40.05 60.18 -6.12
C GLU W 50 39.58 60.77 -4.80
N ASP W 51 38.32 61.22 -4.76
CA ASP W 51 37.78 61.99 -3.64
C ASP W 51 38.08 61.45 -2.25
N HIS W 52 37.86 60.15 -2.05
CA HIS W 52 37.93 59.58 -0.69
C HIS W 52 39.35 59.39 -0.18
N MET W 53 40.22 58.81 -1.01
CA MET W 53 41.62 58.65 -0.63
C MET W 53 42.26 60.03 -0.48
N ALA W 54 41.75 61.01 -1.23
CA ALA W 54 42.29 62.36 -1.23
C ALA W 54 41.93 63.13 0.03
N ASN W 55 40.66 63.08 0.42
CA ASN W 55 40.23 63.74 1.64
C ASN W 55 40.90 63.14 2.88
N LEU W 56 41.20 61.85 2.82
CA LEU W 56 41.90 61.19 3.91
C LEU W 56 43.32 61.75 4.04
N ILE W 57 43.94 62.04 2.90
CA ILE W 57 45.27 62.64 2.90
C ILE W 57 45.20 64.09 3.39
N VAL W 58 44.16 64.81 2.99
CA VAL W 58 43.94 66.15 3.50
C VAL W 58 43.81 66.14 5.02
N ALA W 59 43.00 65.22 5.54
CA ALA W 59 42.79 65.10 6.97
C ALA W 59 44.09 64.82 7.73
N GLN W 60 44.90 63.92 7.21
CA GLN W 60 46.18 63.60 7.82
C GLN W 60 47.11 64.81 7.86
N MET W 61 47.15 65.56 6.76
CA MET W 61 47.99 66.75 6.68
C MET W 61 47.56 67.81 7.67
N LEU W 62 46.26 68.06 7.75
CA LEU W 62 45.72 69.03 8.69
C LEU W 62 46.04 68.61 10.13
N PHE W 63 45.86 67.33 10.42
CA PHE W 63 46.15 66.80 11.73
C PHE W 63 47.62 66.99 12.10
N LEU W 64 48.50 66.63 11.18
CA LEU W 64 49.93 66.77 11.42
C LEU W 64 50.34 68.22 11.65
N GLU W 65 49.77 69.14 10.89
CA GLU W 65 50.07 70.55 11.09
C GLU W 65 49.69 70.98 12.50
N ALA W 66 48.50 70.57 12.94
CA ALA W 66 48.01 70.90 14.27
C ALA W 66 48.95 70.36 15.35
N GLU W 67 49.37 69.11 15.20
CA GLU W 67 50.28 68.51 16.17
C GLU W 67 51.56 69.33 16.28
N ASN W 68 52.17 69.62 15.15
CA ASN W 68 53.33 70.51 15.08
C ASN W 68 53.41 71.25 13.75
N PRO W 69 53.19 72.57 13.79
CA PRO W 69 53.19 73.44 12.61
C PRO W 69 54.58 73.64 12.02
N GLU W 70 55.63 73.23 12.75
CA GLU W 70 57.00 73.52 12.33
C GLU W 70 57.70 72.36 11.63
N LYS W 71 57.38 71.14 12.03
CA LYS W 71 58.09 69.96 11.53
C LYS W 71 57.64 69.51 10.15
N ASP W 72 58.59 69.04 9.35
CA ASP W 72 58.29 68.57 8.00
C ASP W 72 57.27 67.44 8.00
N ILE W 73 56.51 67.36 6.92
CA ILE W 73 55.60 66.26 6.68
C ILE W 73 56.08 65.52 5.45
N TYR W 74 55.90 64.19 5.43
CA TYR W 74 56.39 63.40 4.31
C TYR W 74 55.27 62.70 3.56
N LEU W 75 55.26 62.88 2.24
CA LEU W 75 54.25 62.28 1.38
C LEU W 75 54.91 61.29 0.43
N TYR W 76 54.67 60.01 0.66
CA TYR W 76 55.25 58.96 -0.16
C TYR W 76 54.29 58.57 -1.28
N ILE W 77 54.72 58.82 -2.51
CA ILE W 77 53.82 58.69 -3.67
C ILE W 77 54.12 57.48 -4.54
N ASN W 78 53.12 56.62 -4.69
CA ASN W 78 53.14 55.54 -5.67
C ASN W 78 51.77 55.49 -6.34
N SER W 79 51.64 56.19 -7.46
CA SER W 79 50.33 56.41 -8.05
C SER W 79 50.39 56.64 -9.56
N PRO W 80 49.38 56.12 -10.29
CA PRO W 80 49.25 56.39 -11.72
C PRO W 80 48.44 57.65 -11.99
N GLY W 81 48.09 58.37 -10.93
CA GLY W 81 47.32 59.59 -11.05
C GLY W 81 45.83 59.34 -10.86
N GLY W 82 45.01 60.22 -11.42
CA GLY W 82 43.56 60.09 -11.32
C GLY W 82 42.83 61.41 -11.45
N VAL W 83 41.80 61.59 -10.63
CA VAL W 83 40.90 62.74 -10.75
C VAL W 83 41.58 64.05 -10.36
N ILE W 84 41.54 65.03 -11.26
CA ILE W 84 42.24 66.28 -11.05
C ILE W 84 41.73 67.09 -9.86
N THR W 85 40.41 67.25 -9.75
CA THR W 85 39.85 68.01 -8.63
C THR W 85 40.22 67.39 -7.28
N ALA W 86 40.19 66.06 -7.22
CA ALA W 86 40.60 65.36 -6.00
C ALA W 86 42.07 65.61 -5.72
N GLY W 87 42.87 65.61 -6.78
CA GLY W 87 44.29 65.89 -6.65
C GLY W 87 44.54 67.30 -6.14
N MET W 88 43.72 68.24 -6.58
CA MET W 88 43.91 69.65 -6.22
C MET W 88 43.50 69.96 -4.78
N SER W 89 42.65 69.12 -4.19
CA SER W 89 42.34 69.27 -2.77
C SER W 89 43.61 68.99 -1.98
N ILE W 90 44.37 68.00 -2.43
CA ILE W 90 45.66 67.71 -1.81
C ILE W 90 46.68 68.81 -2.08
N TYR W 91 46.78 69.26 -3.33
CA TYR W 91 47.74 70.29 -3.70
C TYR W 91 47.55 71.55 -2.85
N ASP W 92 46.33 72.03 -2.77
CA ASP W 92 46.03 73.26 -2.04
C ASP W 92 46.30 73.12 -0.56
N THR W 93 46.04 71.93 -0.02
CA THR W 93 46.32 71.67 1.39
C THR W 93 47.82 71.70 1.64
N MET W 94 48.57 71.10 0.73
CA MET W 94 50.03 71.11 0.81
C MET W 94 50.59 72.52 0.89
N GLN W 95 50.08 73.41 0.03
CA GLN W 95 50.57 74.78 -0.01
C GLN W 95 50.07 75.59 1.19
N PHE W 96 48.87 75.28 1.66
CA PHE W 96 48.28 76.03 2.76
C PHE W 96 48.99 75.84 4.10
N ILE W 97 49.24 74.59 4.47
CA ILE W 97 49.81 74.28 5.77
C ILE W 97 51.22 74.83 5.92
N LYS W 98 51.62 75.11 7.15
CA LYS W 98 52.93 75.72 7.39
C LYS W 98 54.10 74.75 7.18
N PRO W 99 53.97 73.50 7.66
CA PRO W 99 55.06 72.54 7.46
C PRO W 99 55.42 72.39 6.00
N ASP W 100 56.70 72.21 5.70
CA ASP W 100 57.12 71.81 4.37
C ASP W 100 56.59 70.41 4.13
N VAL W 101 56.05 70.17 2.94
CA VAL W 101 55.69 68.80 2.56
C VAL W 101 56.75 68.24 1.63
N SER W 102 57.53 67.31 2.15
CA SER W 102 58.55 66.64 1.36
C SER W 102 57.90 65.48 0.62
N THR W 103 58.20 65.36 -0.66
CA THR W 103 57.60 64.31 -1.47
C THR W 103 58.63 63.29 -1.94
N ILE W 104 58.19 62.03 -2.03
CA ILE W 104 59.06 60.94 -2.46
C ILE W 104 58.34 60.05 -3.46
N CYS W 105 58.97 59.84 -4.62
CA CYS W 105 58.39 58.97 -5.63
C CYS W 105 58.94 57.56 -5.50
N MET W 106 58.07 56.60 -5.23
CA MET W 106 58.45 55.18 -5.19
C MET W 106 57.63 54.43 -6.23
N GLY W 107 58.31 53.64 -7.05
CA GLY W 107 57.66 52.90 -8.11
C GLY W 107 57.33 53.80 -9.28
N GLN W 108 56.23 54.54 -9.16
CA GLN W 108 55.85 55.50 -10.20
C GLN W 108 55.08 56.68 -9.63
N ALA W 109 55.21 57.83 -10.31
CA ALA W 109 54.36 58.97 -10.08
C ALA W 109 53.92 59.47 -11.44
N ALA W 110 52.70 59.13 -11.84
CA ALA W 110 52.22 59.47 -13.17
C ALA W 110 51.04 60.44 -13.11
N SER W 111 51.01 61.36 -14.08
CA SER W 111 49.91 62.32 -14.20
C SER W 111 49.73 63.12 -12.91
N MET W 112 48.54 63.08 -12.33
CA MET W 112 48.29 63.83 -11.10
C MET W 112 49.28 63.43 -10.00
N GLY W 113 49.74 62.18 -10.05
CA GLY W 113 50.74 61.71 -9.12
C GLY W 113 52.05 62.45 -9.30
N ALA W 114 52.44 62.67 -10.55
CA ALA W 114 53.66 63.41 -10.87
C ALA W 114 53.50 64.87 -10.49
N PHE W 115 52.29 65.39 -10.63
CA PHE W 115 52.01 66.78 -10.29
C PHE W 115 52.17 67.03 -8.80
N LEU W 116 51.61 66.14 -7.99
CA LEU W 116 51.71 66.28 -6.54
C LEU W 116 53.14 66.06 -6.06
N LEU W 117 53.90 65.24 -6.79
CA LEU W 117 55.32 65.03 -6.49
C LEU W 117 56.10 66.33 -6.64
N THR W 118 55.91 67.01 -7.77
CA THR W 118 56.65 68.24 -8.03
C THR W 118 56.15 69.38 -7.17
N ALA W 119 54.96 69.23 -6.59
CA ALA W 119 54.36 70.25 -5.75
C ALA W 119 54.97 70.29 -4.36
N GLY W 120 55.84 69.33 -4.07
CA GLY W 120 56.50 69.27 -2.78
C GLY W 120 57.38 70.48 -2.52
N ALA W 121 57.79 70.67 -1.27
CA ALA W 121 58.64 71.79 -0.89
C ALA W 121 59.95 71.79 -1.67
N LYS W 122 60.29 72.93 -2.27
CA LYS W 122 61.55 73.06 -3.00
C LYS W 122 62.73 72.52 -2.19
N GLY W 123 63.53 71.66 -2.81
CA GLY W 123 64.70 71.09 -2.17
C GLY W 123 64.40 69.79 -1.43
N LYS W 124 63.12 69.46 -1.29
CA LYS W 124 62.73 68.28 -0.52
C LYS W 124 61.86 67.34 -1.34
N ARG W 125 62.06 67.34 -2.66
CA ARG W 125 61.35 66.42 -3.55
C ARG W 125 62.33 65.38 -4.06
N PHE W 126 62.00 64.10 -3.88
CA PHE W 126 62.92 63.01 -4.18
C PHE W 126 62.33 61.93 -5.09
N CYS W 127 63.21 61.32 -5.89
CA CYS W 127 62.87 60.11 -6.64
C CYS W 127 63.75 58.97 -6.16
N LEU W 128 63.18 57.79 -5.96
CA LEU W 128 63.99 56.60 -5.76
C LEU W 128 64.66 56.29 -7.10
N PRO W 129 65.85 55.68 -7.06
CA PRO W 129 66.70 55.53 -8.24
C PRO W 129 66.00 54.92 -9.45
N ASN W 130 65.16 53.91 -9.25
CA ASN W 130 64.50 53.23 -10.35
C ASN W 130 63.01 53.52 -10.45
N SER W 131 62.57 54.58 -9.78
CA SER W 131 61.20 55.04 -9.94
C SER W 131 61.14 55.81 -11.24
N ARG W 132 59.94 56.03 -11.75
CA ARG W 132 59.78 56.82 -12.97
C ARG W 132 58.56 57.72 -12.89
N VAL W 133 58.55 58.74 -13.72
CA VAL W 133 57.49 59.72 -13.73
C VAL W 133 56.92 59.81 -15.14
N MET W 134 55.64 60.14 -15.25
CA MET W 134 55.04 60.43 -16.55
C MET W 134 54.16 61.66 -16.42
N ILE W 135 54.24 62.55 -17.41
CA ILE W 135 53.42 63.75 -17.39
C ILE W 135 52.63 63.85 -18.70
N HIS W 136 51.49 64.51 -18.64
CA HIS W 136 50.64 64.68 -19.80
C HIS W 136 49.52 65.67 -19.51
N GLN W 137 48.68 65.92 -20.51
CA GLN W 137 47.60 66.89 -20.36
C GLN W 137 46.33 66.22 -19.84
N PRO W 138 45.37 67.04 -19.37
CA PRO W 138 44.13 66.51 -18.80
C PRO W 138 43.35 65.62 -19.76
N LEU W 139 42.70 64.61 -19.21
CA LEU W 139 41.81 63.76 -19.99
C LEU W 139 40.39 64.02 -19.52
N GLY W 140 39.45 64.00 -20.45
CA GLY W 140 38.06 64.25 -20.11
C GLY W 140 37.12 63.68 -21.15
N GLY W 141 35.86 64.06 -21.04
CA GLY W 141 34.86 63.58 -21.96
C GLY W 141 33.50 64.08 -21.55
N TYR W 142 32.71 64.48 -22.53
CA TYR W 142 31.34 64.89 -22.29
C TYR W 142 30.50 64.47 -23.48
N GLN W 143 29.21 64.27 -23.24
CA GLN W 143 28.27 64.04 -24.33
C GLN W 143 26.95 64.72 -24.03
N GLY W 144 26.34 65.27 -25.07
CA GLY W 144 25.11 66.02 -24.93
C GLY W 144 25.03 67.06 -26.04
N GLN W 145 24.31 68.14 -25.76
CA GLN W 145 24.13 69.20 -26.74
C GLN W 145 25.42 69.94 -27.05
N ALA W 146 25.54 70.42 -28.29
CA ALA W 146 26.71 71.19 -28.69
C ALA W 146 26.98 72.33 -27.70
N THR W 147 25.92 73.01 -27.27
CA THR W 147 26.08 74.11 -26.33
C THR W 147 26.80 73.67 -25.06
N ASP W 148 26.41 72.53 -24.52
CA ASP W 148 27.00 72.01 -23.30
C ASP W 148 28.39 71.43 -23.56
N ILE W 149 28.59 70.87 -24.75
CA ILE W 149 29.90 70.37 -25.14
C ILE W 149 30.92 71.51 -25.12
N GLU W 150 30.50 72.66 -25.64
CA GLU W 150 31.35 73.85 -25.64
C GLU W 150 31.68 74.28 -24.22
N ILE W 151 30.67 74.31 -23.36
CA ILE W 151 30.86 74.68 -21.96
C ILE W 151 31.92 73.82 -21.28
N HIS W 152 31.82 72.50 -21.44
CA HIS W 152 32.75 71.60 -20.79
C HIS W 152 34.12 71.56 -21.48
N ALA W 153 34.15 71.81 -22.78
CA ALA W 153 35.42 71.88 -23.50
C ALA W 153 36.20 73.12 -23.04
N ARG W 154 35.51 74.25 -22.96
CA ARG W 154 36.12 75.47 -22.43
C ARG W 154 36.75 75.22 -21.08
N GLU W 155 36.01 74.54 -20.20
CA GLU W 155 36.46 74.33 -18.83
C GLU W 155 37.70 73.44 -18.75
N ILE W 156 37.75 72.36 -19.52
CA ILE W 156 38.91 71.48 -19.45
C ILE W 156 40.14 72.15 -20.03
N LEU W 157 39.94 73.04 -21.00
CA LEU W 157 41.03 73.82 -21.54
C LEU W 157 41.57 74.78 -20.48
N LYS W 158 40.66 75.33 -19.67
CA LYS W 158 41.07 76.19 -18.57
C LYS W 158 41.80 75.41 -17.49
N VAL W 159 41.34 74.19 -17.21
CA VAL W 159 42.03 73.32 -16.27
C VAL W 159 43.43 72.99 -16.76
N LYS W 160 43.53 72.69 -18.05
CA LYS W 160 44.81 72.40 -18.68
C LYS W 160 45.79 73.56 -18.49
N GLY W 161 45.32 74.78 -18.74
CA GLY W 161 46.13 75.97 -18.59
C GLY W 161 46.66 76.14 -17.19
N ARG W 162 45.80 75.95 -16.20
CA ARG W 162 46.19 76.11 -14.80
C ARG W 162 47.22 75.07 -14.39
N MET W 163 47.02 73.82 -14.83
CA MET W 163 47.97 72.75 -14.50
C MET W 163 49.34 73.05 -15.10
N ASN W 164 49.35 73.55 -16.33
CA ASN W 164 50.61 73.89 -16.98
C ASN W 164 51.31 75.07 -16.30
N GLU W 165 50.52 76.04 -15.86
CA GLU W 165 51.06 77.17 -15.11
C GLU W 165 51.71 76.71 -13.80
N LEU W 166 51.02 75.84 -13.08
CA LEU W 166 51.53 75.34 -11.80
C LEU W 166 52.73 74.43 -11.99
N MET W 167 52.74 73.66 -13.08
CA MET W 167 53.89 72.83 -13.43
C MET W 167 55.11 73.71 -13.72
N ALA W 168 54.88 74.78 -14.47
CA ALA W 168 55.94 75.74 -14.77
C ALA W 168 56.48 76.33 -13.48
N LEU W 169 55.58 76.73 -12.60
CA LEU W 169 55.94 77.31 -11.31
C LEU W 169 56.88 76.41 -10.52
N HIS W 170 56.49 75.15 -10.37
CA HIS W 170 57.24 74.22 -9.52
C HIS W 170 58.51 73.63 -10.17
N THR W 171 58.52 73.51 -11.50
CA THR W 171 59.67 72.93 -12.18
C THR W 171 60.73 73.97 -12.54
N GLY W 172 60.31 75.20 -12.78
CA GLY W 172 61.22 76.24 -13.22
C GLY W 172 61.29 76.32 -14.73
N GLN W 173 60.58 75.42 -15.40
CA GLN W 173 60.47 75.46 -16.85
C GLN W 173 59.53 76.59 -17.24
N SER W 174 59.68 77.09 -18.47
CA SER W 174 58.77 78.10 -18.97
C SER W 174 57.40 77.48 -19.25
N LEU W 175 56.36 78.31 -19.26
CA LEU W 175 55.03 77.83 -19.55
C LEU W 175 54.97 77.15 -20.92
N GLU W 176 55.59 77.79 -21.92
CA GLU W 176 55.59 77.25 -23.27
C GLU W 176 56.27 75.88 -23.32
N GLN W 177 57.35 75.72 -22.58
CA GLN W 177 58.08 74.46 -22.55
C GLN W 177 57.23 73.35 -21.92
N ILE W 178 56.53 73.69 -20.84
CA ILE W 178 55.62 72.74 -20.21
C ILE W 178 54.52 72.34 -21.17
N GLU W 179 53.95 73.32 -21.86
CA GLU W 179 52.90 73.07 -22.85
C GLU W 179 53.37 72.07 -23.91
N ARG W 180 54.55 72.30 -24.46
CA ARG W 180 55.08 71.44 -25.51
C ARG W 180 55.38 70.04 -25.01
N ASP W 181 55.84 69.94 -23.76
CA ASP W 181 56.28 68.66 -23.21
C ASP W 181 55.12 67.78 -22.70
N THR W 182 53.93 68.36 -22.59
CA THR W 182 52.80 67.63 -22.00
C THR W 182 51.64 67.38 -22.97
N GLU W 183 51.78 67.79 -24.22
CA GLU W 183 50.75 67.53 -25.21
C GLU W 183 50.52 66.03 -25.33
N ARG W 184 51.59 65.25 -25.22
CA ARG W 184 51.50 63.80 -25.22
C ARG W 184 52.24 63.19 -24.04
N ASP W 185 51.91 61.96 -23.71
CA ASP W 185 52.59 61.23 -22.63
C ASP W 185 54.10 61.39 -22.75
N ARG W 186 54.74 61.73 -21.64
CA ARG W 186 56.19 61.91 -21.60
C ARG W 186 56.74 61.26 -20.35
N PHE W 187 57.65 60.31 -20.53
CA PHE W 187 58.24 59.60 -19.40
C PHE W 187 59.56 60.26 -18.99
N LEU W 188 59.82 60.27 -17.69
CA LEU W 188 61.09 60.76 -17.17
C LEU W 188 61.65 59.77 -16.17
N SER W 189 62.89 59.35 -16.39
CA SER W 189 63.60 58.54 -15.41
C SER W 189 63.93 59.44 -14.22
N ALA W 190 64.38 58.85 -13.13
CA ALA W 190 64.73 59.63 -11.95
C ALA W 190 65.73 60.74 -12.27
N PRO W 191 66.84 60.39 -12.95
CA PRO W 191 67.83 61.42 -13.33
C PRO W 191 67.22 62.51 -14.22
N GLU W 192 66.37 62.11 -15.15
CA GLU W 192 65.72 63.08 -16.04
C GLU W 192 64.77 63.98 -15.27
N ALA W 193 64.14 63.43 -14.25
CA ALA W 193 63.22 64.19 -13.42
C ALA W 193 63.97 65.29 -12.64
N VAL W 194 65.17 64.96 -12.18
CA VAL W 194 66.01 65.95 -11.51
C VAL W 194 66.41 67.04 -12.48
N GLU W 195 66.88 66.63 -13.66
CA GLU W 195 67.31 67.59 -14.69
C GLU W 195 66.16 68.51 -15.12
N TYR W 196 64.94 67.97 -15.12
CA TYR W 196 63.79 68.73 -15.58
C TYR W 196 63.33 69.71 -14.50
N GLY W 197 63.73 69.47 -13.26
CA GLY W 197 63.32 70.32 -12.16
C GLY W 197 62.04 69.82 -11.51
N LEU W 198 61.66 68.59 -11.87
CA LEU W 198 60.45 67.97 -11.35
C LEU W 198 60.66 67.53 -9.90
N VAL W 199 61.83 66.96 -9.64
CA VAL W 199 62.27 66.70 -8.28
C VAL W 199 63.65 67.30 -8.09
N ASP W 200 64.13 67.33 -6.85
CA ASP W 200 65.39 67.98 -6.54
C ASP W 200 66.56 67.00 -6.53
N SER W 201 66.30 65.78 -6.10
CA SER W 201 67.37 64.81 -5.97
C SER W 201 66.86 63.39 -6.08
N ILE W 202 67.75 62.48 -6.47
CA ILE W 202 67.48 61.06 -6.38
C ILE W 202 67.85 60.63 -4.98
N LEU W 203 67.00 59.82 -4.37
CA LEU W 203 67.30 59.31 -3.03
C LEU W 203 68.40 58.28 -3.08
N THR W 204 69.62 58.72 -2.79
CA THR W 204 70.77 57.84 -2.76
C THR W 204 70.95 57.24 -1.37
N HIS W 205 71.59 56.08 -1.32
CA HIS W 205 71.66 55.29 -0.10
C HIS W 205 72.98 55.43 0.65
N LEU X 16 40.78 33.63 8.22
CA LEU X 16 41.22 33.92 9.59
C LEU X 16 42.72 33.76 9.76
N VAL X 17 43.34 34.72 10.43
CA VAL X 17 44.74 34.62 10.79
C VAL X 17 44.85 34.29 12.27
N PRO X 18 45.51 33.18 12.61
CA PRO X 18 45.59 32.74 14.00
C PRO X 18 46.27 33.77 14.89
N MET X 19 45.85 33.85 16.14
CA MET X 19 46.51 34.72 17.11
C MET X 19 47.46 33.89 17.96
N VAL X 20 48.60 34.47 18.32
CA VAL X 20 49.56 33.81 19.18
C VAL X 20 49.93 34.75 20.32
N ILE X 21 50.54 34.20 21.36
CA ILE X 21 50.92 35.00 22.52
C ILE X 21 52.43 35.06 22.69
N GLU X 22 52.94 36.28 22.93
CA GLU X 22 54.36 36.44 23.20
C GLU X 22 54.59 36.91 24.63
N GLN X 23 55.60 36.34 25.28
CA GLN X 23 55.94 36.68 26.66
C GLN X 23 56.81 37.93 26.70
N THR X 24 56.43 38.87 27.56
CA THR X 24 57.21 40.10 27.73
C THR X 24 57.28 40.49 29.20
N GLY X 27 54.50 41.86 30.27
CA GLY X 27 53.54 40.81 30.54
C GLY X 27 53.27 39.95 29.32
N GLU X 28 52.00 39.67 29.05
CA GLU X 28 51.61 38.88 27.89
C GLU X 28 50.92 39.74 26.84
N ARG X 29 51.29 39.53 25.58
CA ARG X 29 50.68 40.28 24.48
C ARG X 29 50.17 39.36 23.36
N SER X 30 49.12 39.79 22.69
CA SER X 30 48.48 38.99 21.65
C SER X 30 48.69 39.60 20.26
N PHE X 31 49.17 38.77 19.32
CA PHE X 31 49.41 39.20 17.95
C PHE X 31 48.82 38.22 16.95
N ASP X 32 48.38 38.72 15.80
CA ASP X 32 48.11 37.84 14.67
C ASP X 32 49.48 37.29 14.26
N ILE X 33 49.51 36.10 13.66
CA ILE X 33 50.79 35.42 13.45
C ILE X 33 51.77 36.18 12.56
N TYR X 34 51.27 36.92 11.57
CA TYR X 34 52.16 37.68 10.70
C TYR X 34 52.82 38.85 11.44
N SER X 35 52.05 39.53 12.27
CA SER X 35 52.59 40.62 13.08
C SER X 35 53.63 40.08 14.05
N ARG X 36 53.39 38.87 14.55
CA ARG X 36 54.33 38.22 15.45
C ARG X 36 55.65 37.96 14.76
N LEU X 37 55.59 37.48 13.52
CA LEU X 37 56.81 37.21 12.76
C LEU X 37 57.51 38.51 12.34
N LEU X 38 56.72 39.55 12.08
CA LEU X 38 57.31 40.86 11.76
C LEU X 38 58.15 41.35 12.94
N LYS X 39 57.74 40.99 14.15
CA LYS X 39 58.48 41.34 15.35
C LYS X 39 59.89 40.76 15.29
N GLU X 40 60.04 39.61 14.62
CA GLU X 40 61.34 38.99 14.46
C GLU X 40 61.97 39.38 13.12
N ARG X 41 61.46 40.45 12.54
CA ARG X 41 62.04 41.05 11.32
C ARG X 41 61.84 40.16 10.09
N VAL X 42 60.74 39.41 10.07
CA VAL X 42 60.36 38.60 8.93
C VAL X 42 59.17 39.22 8.19
N ILE X 43 59.36 39.49 6.90
CA ILE X 43 58.28 40.03 6.07
C ILE X 43 57.90 39.02 4.98
N PHE X 44 56.60 38.85 4.76
CA PHE X 44 56.13 37.93 3.72
C PHE X 44 55.77 38.67 2.44
N LEU X 45 56.24 38.13 1.32
CA LEU X 45 55.80 38.62 0.00
C LEU X 45 55.09 37.46 -0.68
N THR X 46 53.76 37.52 -0.69
CA THR X 46 52.96 36.36 -1.05
C THR X 46 51.99 36.69 -2.18
N GLY X 47 52.05 35.88 -3.23
CA GLY X 47 51.14 36.05 -4.35
C GLY X 47 51.51 37.18 -5.28
N GLN X 48 50.51 37.64 -6.02
CA GLN X 48 50.70 38.64 -7.07
CA GLN X 48 50.69 38.64 -7.08
C GLN X 48 51.24 39.97 -6.55
N VAL X 49 52.28 40.48 -7.20
CA VAL X 49 52.84 41.78 -6.85
C VAL X 49 52.01 42.92 -7.43
N GLU X 50 51.50 43.79 -6.56
CA GLU X 50 50.73 44.95 -6.97
C GLU X 50 50.87 46.09 -5.95
N ASP X 51 50.43 47.27 -6.34
CA ASP X 51 50.66 48.49 -5.55
C ASP X 51 50.46 48.36 -4.04
N HIS X 52 49.35 47.75 -3.64
CA HIS X 52 48.97 47.76 -2.22
C HIS X 52 49.75 46.78 -1.34
N MET X 53 49.91 45.55 -1.81
CA MET X 53 50.73 44.59 -1.07
C MET X 53 52.19 45.06 -1.05
N ALA X 54 52.60 45.72 -2.13
CA ALA X 54 53.97 46.22 -2.26
C ALA X 54 54.24 47.37 -1.30
N ASN X 55 53.31 48.32 -1.24
CA ASN X 55 53.46 49.45 -0.34
C ASN X 55 53.47 49.01 1.13
N LEU X 56 52.74 47.93 1.42
CA LEU X 56 52.71 47.38 2.76
C LEU X 56 54.08 46.80 3.10
N ILE X 57 54.71 46.18 2.12
CA ILE X 57 56.06 45.63 2.30
C ILE X 57 57.06 46.75 2.52
N VAL X 58 56.93 47.82 1.74
CA VAL X 58 57.79 48.99 1.89
C VAL X 58 57.65 49.57 3.30
N ALA X 59 56.41 49.70 3.77
CA ALA X 59 56.16 50.23 5.11
C ALA X 59 56.82 49.36 6.17
N GLN X 60 56.70 48.04 6.01
CA GLN X 60 57.32 47.10 6.94
C GLN X 60 58.83 47.23 6.96
N MET X 61 59.44 47.33 5.79
CA MET X 61 60.89 47.49 5.70
C MET X 61 61.35 48.77 6.38
N LEU X 62 60.67 49.87 6.09
CA LEU X 62 61.01 51.16 6.67
C LEU X 62 60.89 51.11 8.19
N PHE X 63 59.83 50.47 8.68
CA PHE X 63 59.63 50.34 10.12
C PHE X 63 60.76 49.54 10.77
N LEU X 64 61.09 48.41 10.17
CA LEU X 64 62.13 47.54 10.73
C LEU X 64 63.48 48.25 10.78
N GLU X 65 63.79 49.04 9.76
CA GLU X 65 65.04 49.80 9.77
C GLU X 65 65.05 50.79 10.94
N ALA X 66 63.92 51.45 11.17
CA ALA X 66 63.82 52.42 12.25
C ALA X 66 63.98 51.74 13.61
N GLU X 67 63.43 50.53 13.74
CA GLU X 67 63.56 49.76 14.98
C GLU X 67 65.02 49.40 15.26
N ASN X 68 65.66 48.76 14.29
CA ASN X 68 67.10 48.51 14.34
C ASN X 68 67.72 48.58 12.96
N PRO X 69 68.51 49.63 12.72
CA PRO X 69 69.12 49.89 11.42
C PRO X 69 70.29 48.95 11.14
N GLU X 70 70.68 48.14 12.11
CA GLU X 70 71.86 47.28 11.95
C GLU X 70 71.51 45.80 11.72
N LYS X 71 70.29 45.43 12.13
CA LYS X 71 69.86 44.03 12.09
C LYS X 71 69.29 43.62 10.73
N ASP X 72 69.64 42.41 10.29
CA ASP X 72 69.13 41.88 9.03
C ASP X 72 67.61 41.85 9.01
N ILE X 73 67.04 42.02 7.82
CA ILE X 73 65.61 41.87 7.60
C ILE X 73 65.42 40.69 6.68
N TYR X 74 64.34 39.93 6.87
CA TYR X 74 64.09 38.75 6.06
C TYR X 74 62.82 38.89 5.22
N LEU X 75 62.96 38.61 3.93
CA LEU X 75 61.84 38.68 3.00
C LEU X 75 61.58 37.30 2.42
N TYR X 76 60.48 36.67 2.85
CA TYR X 76 60.12 35.34 2.38
C TYR X 76 59.19 35.45 1.18
N ILE X 77 59.67 34.96 0.03
CA ILE X 77 59.01 35.17 -1.24
C ILE X 77 58.35 33.91 -1.79
N ASN X 78 57.04 34.03 -2.05
CA ASN X 78 56.29 33.02 -2.78
C ASN X 78 55.34 33.75 -3.72
N SER X 79 55.79 33.98 -4.95
CA SER X 79 55.08 34.88 -5.85
C SER X 79 55.30 34.53 -7.33
N PRO X 80 54.25 34.74 -8.15
CA PRO X 80 54.34 34.59 -9.60
C PRO X 80 54.78 35.88 -10.27
N GLY X 81 55.03 36.90 -9.47
CA GLY X 81 55.42 38.21 -9.98
C GLY X 81 54.23 39.15 -10.05
N GLY X 82 54.30 40.14 -10.93
CA GLY X 82 53.25 41.12 -11.07
C GLY X 82 53.71 42.44 -11.66
N VAL X 83 53.10 43.53 -11.19
CA VAL X 83 53.39 44.86 -11.72
C VAL X 83 54.82 45.33 -11.45
N ILE X 84 55.50 45.75 -12.50
CA ILE X 84 56.91 46.13 -12.38
C ILE X 84 57.14 47.34 -11.48
N THR X 85 56.40 48.41 -11.69
CA THR X 85 56.60 49.62 -10.89
C THR X 85 56.38 49.33 -9.41
N ALA X 86 55.38 48.51 -9.09
CA ALA X 86 55.13 48.12 -7.72
C ALA X 86 56.31 47.31 -7.16
N GLY X 87 56.83 46.40 -7.97
CA GLY X 87 57.99 45.62 -7.60
C GLY X 87 59.20 46.51 -7.38
N MET X 88 59.34 47.55 -8.21
CA MET X 88 60.51 48.42 -8.12
C MET X 88 60.47 49.30 -6.88
N SER X 89 59.28 49.59 -6.36
CA SER X 89 59.18 50.31 -5.11
C SER X 89 59.79 49.48 -3.99
N ILE X 90 59.58 48.17 -4.05
CA ILE X 90 60.19 47.26 -3.08
C ILE X 90 61.70 47.17 -3.31
N TYR X 91 62.09 47.03 -4.58
CA TYR X 91 63.50 46.93 -4.92
C TYR X 91 64.30 48.11 -4.38
N ASP X 92 63.86 49.32 -4.72
CA ASP X 92 64.57 50.53 -4.30
C ASP X 92 64.63 50.66 -2.78
N THR X 93 63.57 50.22 -2.10
CA THR X 93 63.54 50.26 -0.64
C THR X 93 64.58 49.31 -0.06
N MET X 94 64.64 48.09 -0.62
CA MET X 94 65.62 47.11 -0.19
C MET X 94 67.04 47.67 -0.29
N GLN X 95 67.35 48.31 -1.41
CA GLN X 95 68.69 48.84 -1.63
C GLN X 95 68.97 50.07 -0.76
N PHE X 96 67.94 50.87 -0.52
CA PHE X 96 68.12 52.11 0.24
C PHE X 96 68.40 51.89 1.72
N ILE X 97 67.60 51.06 2.37
CA ILE X 97 67.70 50.88 3.81
C ILE X 97 69.05 50.27 4.22
N LYS X 98 69.48 50.56 5.44
CA LYS X 98 70.78 50.11 5.91
C LYS X 98 70.88 48.60 6.16
N PRO X 99 69.84 48.01 6.77
CA PRO X 99 69.89 46.56 7.02
C PRO X 99 70.01 45.76 5.73
N ASP X 100 70.78 44.68 5.77
CA ASP X 100 70.79 43.71 4.68
C ASP X 100 69.39 43.11 4.60
N VAL X 101 68.89 42.91 3.38
CA VAL X 101 67.64 42.18 3.21
C VAL X 101 67.93 40.78 2.70
N SER X 102 67.76 39.79 3.58
CA SER X 102 67.97 38.40 3.23
C SER X 102 66.68 37.88 2.59
N THR X 103 66.81 37.21 1.45
CA THR X 103 65.65 36.71 0.72
C THR X 103 65.60 35.19 0.71
N ILE X 104 64.39 34.65 0.81
CA ILE X 104 64.18 33.21 0.75
C ILE X 104 63.05 32.88 -0.21
N CYS X 105 63.33 32.00 -1.16
CA CYS X 105 62.33 31.55 -2.12
C CYS X 105 61.62 30.31 -1.60
N MET X 106 60.31 30.45 -1.38
CA MET X 106 59.47 29.33 -0.95
C MET X 106 58.44 29.04 -2.03
N GLY X 107 58.43 27.80 -2.52
CA GLY X 107 57.49 27.43 -3.56
C GLY X 107 57.95 27.91 -4.92
N GLN X 108 57.75 29.19 -5.18
CA GLN X 108 58.21 29.79 -6.44
C GLN X 108 58.53 31.28 -6.30
N ALA X 109 59.48 31.72 -7.11
CA ALA X 109 59.72 33.14 -7.31
C ALA X 109 59.86 33.37 -8.82
N ALA X 110 58.80 33.89 -9.43
CA ALA X 110 58.76 34.05 -10.89
C ALA X 110 58.67 35.51 -11.29
N SER X 111 59.35 35.86 -12.39
CA SER X 111 59.30 37.20 -12.92
C SER X 111 59.73 38.23 -11.88
N MET X 112 58.87 39.20 -11.57
CA MET X 112 59.22 40.22 -10.58
C MET X 112 59.59 39.57 -9.24
N GLY X 113 58.98 38.44 -8.95
CA GLY X 113 59.29 37.70 -7.73
C GLY X 113 60.73 37.21 -7.75
N ALA X 114 61.17 36.73 -8.91
CA ALA X 114 62.54 36.27 -9.09
C ALA X 114 63.51 37.44 -9.00
N PHE X 115 63.08 38.58 -9.54
CA PHE X 115 63.91 39.78 -9.51
C PHE X 115 64.17 40.21 -8.07
N LEU X 116 63.12 40.24 -7.26
CA LEU X 116 63.25 40.67 -5.87
C LEU X 116 64.03 39.66 -5.03
N LEU X 117 63.94 38.39 -5.40
CA LEU X 117 64.71 37.34 -4.74
C LEU X 117 66.20 37.59 -4.92
N THR X 118 66.61 37.84 -6.16
CA THR X 118 68.03 38.01 -6.45
C THR X 118 68.54 39.38 -5.99
N ALA X 119 67.61 40.29 -5.71
CA ALA X 119 67.96 41.63 -5.25
C ALA X 119 68.39 41.65 -3.78
N GLY X 120 68.25 40.51 -3.11
CA GLY X 120 68.65 40.39 -1.72
C GLY X 120 70.14 40.59 -1.52
N ALA X 121 70.55 40.78 -0.26
CA ALA X 121 71.96 40.96 0.07
C ALA X 121 72.80 39.77 -0.40
N LYS X 122 73.93 40.05 -1.03
CA LYS X 122 74.77 38.96 -1.51
C LYS X 122 75.21 38.06 -0.37
N GLY X 123 75.09 36.75 -0.57
CA GLY X 123 75.44 35.79 0.47
C GLY X 123 74.24 35.42 1.32
N LYS X 124 73.15 36.18 1.20
CA LYS X 124 71.98 35.95 2.04
C LYS X 124 70.70 35.74 1.23
N ARG X 125 70.86 35.21 0.01
CA ARG X 125 69.72 34.85 -0.83
C ARG X 125 69.63 33.33 -0.91
N PHE X 126 68.45 32.79 -0.59
CA PHE X 126 68.28 31.34 -0.49
C PHE X 126 67.10 30.81 -1.31
N CYS X 127 67.23 29.56 -1.76
CA CYS X 127 66.11 28.79 -2.28
C CYS X 127 65.85 27.62 -1.36
N LEU X 128 64.58 27.33 -1.08
CA LEU X 128 64.25 26.06 -0.45
C LEU X 128 64.47 24.96 -1.48
N PRO X 129 64.80 23.75 -1.02
CA PRO X 129 65.30 22.68 -1.90
C PRO X 129 64.43 22.38 -3.12
N ASN X 130 63.11 22.51 -2.98
CA ASN X 130 62.20 22.17 -4.08
C ASN X 130 61.46 23.37 -4.62
N SER X 131 61.89 24.57 -4.22
CA SER X 131 61.32 25.79 -4.79
C SER X 131 61.88 25.93 -6.20
N ARG X 132 61.24 26.76 -7.01
CA ARG X 132 61.74 27.00 -8.35
C ARG X 132 61.63 28.48 -8.70
N VAL X 133 62.39 28.88 -9.71
CA VAL X 133 62.41 30.27 -10.15
C VAL X 133 62.14 30.32 -11.64
N MET X 134 61.55 31.42 -12.11
CA MET X 134 61.39 31.65 -13.53
C MET X 134 61.69 33.10 -13.86
N ILE X 135 62.38 33.32 -14.97
CA ILE X 135 62.70 34.67 -15.40
C ILE X 135 62.28 34.90 -16.84
N HIS X 136 62.01 36.16 -17.18
CA HIS X 136 61.61 36.52 -18.52
C HIS X 136 61.62 38.03 -18.67
N GLN X 137 61.11 38.54 -19.79
CA GLN X 137 61.16 39.97 -20.06
C GLN X 137 59.82 40.66 -19.75
N PRO X 138 59.84 42.00 -19.63
CA PRO X 138 58.65 42.79 -19.32
C PRO X 138 57.50 42.50 -20.28
N LEU X 139 56.29 42.50 -19.74
CA LEU X 139 55.09 42.38 -20.53
C LEU X 139 54.32 43.69 -20.45
N GLY X 140 53.64 44.04 -21.54
CA GLY X 140 52.88 45.27 -21.55
C GLY X 140 51.92 45.32 -22.70
N GLY X 141 51.44 46.51 -23.00
CA GLY X 141 50.49 46.68 -24.07
C GLY X 141 49.92 48.09 -24.05
N TYR X 142 49.63 48.60 -25.24
CA TYR X 142 49.04 49.91 -25.37
C TYR X 142 48.10 49.89 -26.57
N GLN X 143 47.23 50.89 -26.66
CA GLN X 143 46.40 51.04 -27.85
C GLN X 143 46.07 52.52 -28.04
N GLY X 144 46.12 52.95 -29.29
CA GLY X 144 45.88 54.34 -29.62
C GLY X 144 46.63 54.74 -30.87
N GLN X 145 46.92 56.03 -31.01
CA GLN X 145 47.63 56.55 -32.17
C GLN X 145 49.05 56.01 -32.26
N ALA X 146 49.54 55.86 -33.49
CA ALA X 146 50.90 55.40 -33.74
C ALA X 146 51.94 56.20 -32.94
N THR X 147 51.75 57.51 -32.85
CA THR X 147 52.69 58.35 -32.13
C THR X 147 52.81 57.93 -30.67
N ASP X 148 51.66 57.68 -30.04
CA ASP X 148 51.62 57.27 -28.63
C ASP X 148 52.10 55.84 -28.45
N ILE X 149 51.82 54.99 -29.43
CA ILE X 149 52.32 53.62 -29.40
C ILE X 149 53.85 53.64 -29.38
N GLU X 150 54.44 54.54 -30.16
CA GLU X 150 55.89 54.68 -30.20
C GLU X 150 56.44 55.10 -28.84
N ILE X 151 55.78 56.07 -28.23
CA ILE X 151 56.19 56.57 -26.92
C ILE X 151 56.19 55.47 -25.87
N HIS X 152 55.14 54.67 -25.86
CA HIS X 152 55.01 53.62 -24.85
C HIS X 152 55.88 52.40 -25.16
N ALA X 153 56.10 52.14 -26.45
CA ALA X 153 56.99 51.06 -26.85
C ALA X 153 58.42 51.40 -26.48
N ARG X 154 58.82 52.64 -26.74
CA ARG X 154 60.13 53.12 -26.35
C ARG X 154 60.36 52.95 -24.86
N GLU X 155 59.35 53.29 -24.07
CA GLU X 155 59.46 53.24 -22.61
C GLU X 155 59.61 51.81 -22.08
N ILE X 156 58.82 50.87 -22.58
CA ILE X 156 58.94 49.50 -22.09
C ILE X 156 60.29 48.88 -22.49
N LEU X 157 60.85 49.32 -23.60
CA LEU X 157 62.16 48.83 -24.00
C LEU X 157 63.25 49.35 -23.06
N LYS X 158 63.07 50.58 -22.59
CA LYS X 158 63.98 51.16 -21.60
C LYS X 158 63.87 50.42 -20.26
N VAL X 159 62.64 50.08 -19.89
CA VAL X 159 62.39 49.32 -18.67
C VAL X 159 63.08 47.96 -18.77
N LYS X 160 62.88 47.30 -19.90
CA LYS X 160 63.52 46.01 -20.16
C LYS X 160 65.03 46.13 -20.03
N GLY X 161 65.57 47.19 -20.59
CA GLY X 161 67.00 47.46 -20.52
C GLY X 161 67.49 47.60 -19.09
N ARG X 162 66.76 48.36 -18.29
CA ARG X 162 67.13 48.57 -16.89
C ARG X 162 67.01 47.29 -16.08
N MET X 163 65.94 46.53 -16.30
CA MET X 163 65.75 45.26 -15.59
C MET X 163 66.88 44.29 -15.89
N ASN X 164 67.30 44.23 -17.16
CA ASN X 164 68.39 43.35 -17.54
C ASN X 164 69.73 43.78 -16.93
N GLU X 165 69.96 45.09 -16.89
CA GLU X 165 71.18 45.63 -16.28
C GLU X 165 71.26 45.27 -14.80
N LEU X 166 70.12 45.38 -14.10
CA LEU X 166 70.07 45.07 -12.68
C LEU X 166 70.19 43.58 -12.42
N MET X 167 69.61 42.77 -13.29
CA MET X 167 69.77 41.31 -13.20
C MET X 167 71.23 40.92 -13.35
N ALA X 168 71.92 41.55 -14.29
CA ALA X 168 73.34 41.30 -14.48
C ALA X 168 74.11 41.66 -13.21
N LEU X 169 73.82 42.84 -12.67
CA LEU X 169 74.46 43.32 -11.45
C LEU X 169 74.35 42.31 -10.31
N HIS X 170 73.14 41.82 -10.07
CA HIS X 170 72.88 40.96 -8.92
C HIS X 170 73.27 39.50 -9.11
N THR X 171 73.20 39.00 -10.34
CA THR X 171 73.56 37.61 -10.61
C THR X 171 75.06 37.47 -10.88
N GLY X 172 75.67 38.53 -11.38
CA GLY X 172 77.08 38.47 -11.75
C GLY X 172 77.27 38.00 -13.18
N GLN X 173 76.17 37.66 -13.85
CA GLN X 173 76.22 37.29 -15.26
C GLN X 173 76.44 38.55 -16.09
N SER X 174 76.97 38.38 -17.29
CA SER X 174 77.13 39.51 -18.20
C SER X 174 75.76 39.98 -18.68
N LEU X 175 75.68 41.25 -19.07
CA LEU X 175 74.43 41.78 -19.60
C LEU X 175 73.97 40.95 -20.80
N GLU X 176 74.94 40.57 -21.64
CA GLU X 176 74.64 39.78 -22.84
C GLU X 176 74.01 38.44 -22.50
N GLN X 177 74.51 37.78 -21.46
CA GLN X 177 73.98 36.49 -21.03
C GLN X 177 72.55 36.64 -20.52
N ILE X 178 72.31 37.70 -19.74
CA ILE X 178 70.98 37.98 -19.23
C ILE X 178 69.99 38.23 -20.38
N GLU X 179 70.40 39.08 -21.32
CA GLU X 179 69.56 39.39 -22.47
C GLU X 179 69.19 38.12 -23.23
N ARG X 180 70.18 37.26 -23.42
CA ARG X 180 69.98 36.00 -24.14
C ARG X 180 69.00 35.08 -23.41
N ASP X 181 69.08 35.08 -22.08
CA ASP X 181 68.33 34.12 -21.27
C ASP X 181 66.92 34.57 -20.89
N THR X 182 66.61 35.84 -21.10
CA THR X 182 65.32 36.38 -20.64
C THR X 182 64.34 36.72 -21.76
N GLU X 183 64.73 36.46 -23.00
CA GLU X 183 63.85 36.70 -24.13
C GLU X 183 62.57 35.87 -24.02
N ARG X 184 62.69 34.65 -23.53
CA ARG X 184 61.53 33.80 -23.29
C ARG X 184 61.56 33.23 -21.88
N ASP X 185 60.41 32.77 -21.41
CA ASP X 185 60.31 32.14 -20.10
C ASP X 185 61.43 31.12 -19.90
N ARG X 186 62.14 31.26 -18.79
CA ARG X 186 63.23 30.35 -18.46
C ARG X 186 63.10 29.89 -17.02
N PHE X 187 62.93 28.58 -16.83
CA PHE X 187 62.82 28.02 -15.49
C PHE X 187 64.18 27.62 -14.94
N LEU X 188 64.35 27.78 -13.63
CA LEU X 188 65.56 27.33 -12.95
C LEU X 188 65.18 26.63 -11.65
N SER X 189 65.65 25.39 -11.51
CA SER X 189 65.49 24.67 -10.26
C SER X 189 66.34 25.38 -9.20
N ALA X 190 66.20 24.95 -7.95
CA ALA X 190 66.99 25.54 -6.88
C ALA X 190 68.50 25.46 -7.17
N PRO X 191 69.00 24.27 -7.50
CA PRO X 191 70.44 24.15 -7.79
C PRO X 191 70.86 25.01 -8.97
N GLU X 192 70.01 25.09 -10.00
CA GLU X 192 70.30 25.90 -11.18
C GLU X 192 70.34 27.40 -10.84
N ALA X 193 69.47 27.82 -9.93
CA ALA X 193 69.44 29.20 -9.49
C ALA X 193 70.74 29.56 -8.76
N VAL X 194 71.28 28.62 -8.01
CA VAL X 194 72.56 28.82 -7.35
C VAL X 194 73.67 28.96 -8.40
N GLU X 195 73.71 28.02 -9.32
CA GLU X 195 74.70 28.04 -10.41
C GLU X 195 74.64 29.34 -11.20
N TYR X 196 73.42 29.84 -11.42
CA TYR X 196 73.23 31.03 -12.24
C TYR X 196 73.67 32.30 -11.53
N GLY X 197 73.78 32.23 -10.20
CA GLY X 197 74.15 33.37 -9.39
C GLY X 197 72.92 34.15 -8.93
N LEU X 198 71.75 33.55 -9.12
CA LEU X 198 70.50 34.20 -8.76
C LEU X 198 70.27 34.16 -7.24
N VAL X 199 70.65 33.05 -6.62
CA VAL X 199 70.71 32.96 -5.18
C VAL X 199 72.07 32.42 -4.78
N ASP X 200 72.36 32.42 -3.48
CA ASP X 200 73.68 32.05 -3.00
C ASP X 200 73.78 30.59 -2.59
N SER X 201 72.67 30.05 -2.09
CA SER X 201 72.67 28.64 -1.67
C SER X 201 71.26 28.11 -1.49
N ILE X 202 71.17 26.79 -1.34
CA ILE X 202 69.92 26.12 -1.02
C ILE X 202 69.86 25.92 0.48
N LEU X 203 68.72 26.26 1.08
CA LEU X 203 68.55 26.10 2.53
C LEU X 203 68.38 24.63 2.89
N THR X 204 69.20 24.16 3.82
CA THR X 204 69.17 22.75 4.23
C THR X 204 68.79 22.59 5.69
N HIS X 205 67.86 21.69 5.95
CA HIS X 205 67.38 21.36 7.30
C HIS X 205 67.95 22.27 8.39
N LEU Y 16 31.41 32.30 11.44
CA LEU Y 16 31.76 32.54 12.83
C LEU Y 16 32.66 31.43 13.37
N VAL Y 17 33.76 31.83 14.01
CA VAL Y 17 34.64 30.88 14.68
C VAL Y 17 34.44 31.02 16.18
N PRO Y 18 34.06 29.92 16.85
CA PRO Y 18 33.76 29.97 18.28
C PRO Y 18 34.96 30.45 19.09
N MET Y 19 34.67 31.11 20.21
CA MET Y 19 35.71 31.54 21.13
C MET Y 19 35.72 30.63 22.35
N VAL Y 20 36.92 30.30 22.84
CA VAL Y 20 37.06 29.47 24.02
C VAL Y 20 37.98 30.14 25.02
N ILE Y 21 37.84 29.78 26.29
CA ILE Y 21 38.72 30.31 27.33
C ILE Y 21 39.72 29.28 27.80
N GLU Y 22 40.99 29.69 27.87
CA GLU Y 22 42.03 28.85 28.44
C GLU Y 22 42.36 29.33 29.84
N GLN Y 23 42.30 28.43 30.81
CA GLN Y 23 42.63 28.76 32.19
C GLN Y 23 44.15 28.82 32.34
N THR Y 24 44.65 29.92 32.92
CA THR Y 24 46.08 30.06 33.15
C THR Y 24 46.37 30.24 34.63
N GLY Y 27 46.04 34.82 34.76
CA GLY Y 27 44.60 34.92 34.82
C GLY Y 27 43.91 33.95 33.87
N GLU Y 28 43.52 34.47 32.70
CA GLU Y 28 42.93 33.65 31.64
C GLU Y 28 42.89 34.45 30.34
N ARG Y 29 42.73 33.75 29.23
CA ARG Y 29 42.58 34.43 27.94
C ARG Y 29 41.52 33.78 27.06
N SER Y 30 41.17 34.46 25.97
CA SER Y 30 40.16 33.98 25.04
C SER Y 30 40.76 33.80 23.65
N PHE Y 31 40.64 32.59 23.12
CA PHE Y 31 41.12 32.30 21.77
C PHE Y 31 39.95 31.93 20.88
N ASP Y 32 40.05 32.23 19.59
CA ASP Y 32 39.20 31.57 18.63
C ASP Y 32 39.68 30.13 18.64
N ILE Y 33 38.80 29.19 18.30
CA ILE Y 33 39.11 27.77 18.49
C ILE Y 33 40.37 27.29 17.74
N TYR Y 34 40.63 27.87 16.57
CA TYR Y 34 41.80 27.47 15.79
C TYR Y 34 43.11 27.96 16.41
N SER Y 35 43.10 29.17 16.96
CA SER Y 35 44.26 29.68 17.67
C SER Y 35 44.52 28.87 18.94
N ARG Y 36 43.44 28.39 19.56
CA ARG Y 36 43.56 27.58 20.77
C ARG Y 36 44.26 26.26 20.46
N LEU Y 37 43.90 25.65 19.33
CA LEU Y 37 44.54 24.39 18.95
C LEU Y 37 45.98 24.59 18.48
N LEU Y 38 46.24 25.75 17.88
CA LEU Y 38 47.60 26.09 17.49
C LEU Y 38 48.50 26.12 18.71
N LYS Y 39 47.93 26.54 19.84
CA LYS Y 39 48.66 26.57 21.10
C LYS Y 39 49.13 25.18 21.49
N GLU Y 40 48.38 24.15 21.09
CA GLU Y 40 48.77 22.78 21.35
C GLU Y 40 49.54 22.20 20.15
N ARG Y 41 50.02 23.09 19.30
CA ARG Y 41 50.87 22.72 18.17
C ARG Y 41 50.13 21.96 17.08
N VAL Y 42 48.83 22.26 16.94
CA VAL Y 42 48.01 21.67 15.90
C VAL Y 42 47.69 22.66 14.79
N ILE Y 43 48.02 22.31 13.56
CA ILE Y 43 47.76 23.16 12.41
C ILE Y 43 46.79 22.46 11.46
N PHE Y 44 45.82 23.20 10.95
CA PHE Y 44 44.85 22.65 9.99
C PHE Y 44 45.20 23.03 8.56
N LEU Y 45 45.13 22.05 7.67
CA LEU Y 45 45.24 22.28 6.23
C LEU Y 45 43.88 21.89 5.64
N THR Y 46 43.07 22.90 5.35
CA THR Y 46 41.68 22.66 4.98
C THR Y 46 41.34 23.20 3.61
N GLY Y 47 40.71 22.37 2.78
CA GLY Y 47 40.27 22.80 1.46
C GLY Y 47 41.41 22.95 0.47
N GLN Y 48 41.22 23.81 -0.53
CA GLN Y 48 42.14 23.89 -1.66
C GLN Y 48 43.48 24.54 -1.33
N VAL Y 49 44.56 23.92 -1.80
CA VAL Y 49 45.91 24.42 -1.60
C VAL Y 49 46.22 25.55 -2.57
N GLU Y 50 46.56 26.71 -2.02
CA GLU Y 50 46.98 27.86 -2.81
C GLU Y 50 47.88 28.74 -1.94
N ASP Y 51 48.51 29.74 -2.57
CA ASP Y 51 49.54 30.54 -1.94
C ASP Y 51 49.22 31.06 -0.55
N HIS Y 52 48.05 31.66 -0.38
CA HIS Y 52 47.74 32.36 0.86
C HIS Y 52 47.51 31.41 2.04
N MET Y 53 46.69 30.38 1.84
CA MET Y 53 46.49 29.39 2.90
C MET Y 53 47.79 28.64 3.17
N ALA Y 54 48.60 28.46 2.12
CA ALA Y 54 49.86 27.73 2.24
C ALA Y 54 50.87 28.51 3.07
N ASN Y 55 51.02 29.81 2.79
CA ASN Y 55 51.95 30.64 3.54
C ASN Y 55 51.55 30.80 4.99
N LEU Y 56 50.25 30.77 5.27
CA LEU Y 56 49.76 30.83 6.63
C LEU Y 56 50.21 29.57 7.39
N ILE Y 57 50.19 28.44 6.70
CA ILE Y 57 50.66 27.19 7.29
C ILE Y 57 52.16 27.25 7.52
N VAL Y 58 52.89 27.79 6.55
CA VAL Y 58 54.33 27.97 6.71
C VAL Y 58 54.64 28.83 7.93
N ALA Y 59 53.92 29.94 8.06
CA ALA Y 59 54.12 30.85 9.18
C ALA Y 59 53.90 30.13 10.51
N GLN Y 60 52.84 29.33 10.57
CA GLN Y 60 52.51 28.58 11.78
C GLN Y 60 53.61 27.58 12.14
N MET Y 61 54.13 26.88 11.15
CA MET Y 61 55.19 25.90 11.37
C MET Y 61 56.46 26.56 11.89
N LEU Y 62 56.81 27.70 11.32
CA LEU Y 62 58.01 28.43 11.75
C LEU Y 62 57.82 28.96 13.16
N PHE Y 63 56.63 29.45 13.46
CA PHE Y 63 56.33 29.94 14.80
C PHE Y 63 56.43 28.83 15.85
N LEU Y 64 55.79 27.69 15.57
CA LEU Y 64 55.85 26.56 16.48
C LEU Y 64 57.28 26.06 16.67
N GLU Y 65 58.05 26.10 15.59
CA GLU Y 65 59.43 25.66 15.66
C GLU Y 65 60.21 26.52 16.66
N ALA Y 66 59.98 27.83 16.61
CA ALA Y 66 60.64 28.77 17.50
C ALA Y 66 60.22 28.62 18.96
N GLU Y 67 58.93 28.37 19.20
CA GLU Y 67 58.45 28.18 20.57
C GLU Y 67 59.12 26.96 21.19
N ASN Y 68 59.13 25.87 20.45
CA ASN Y 68 59.81 24.66 20.88
C ASN Y 68 60.31 23.84 19.70
N PRO Y 69 61.65 23.79 19.53
CA PRO Y 69 62.28 23.05 18.44
C PRO Y 69 62.23 21.54 18.63
N GLU Y 70 61.92 21.08 19.85
CA GLU Y 70 61.92 19.65 20.13
C GLU Y 70 60.56 18.96 20.00
N LYS Y 71 59.48 19.68 20.32
CA LYS Y 71 58.14 19.11 20.37
C LYS Y 71 57.53 18.90 18.97
N ASP Y 72 56.89 17.75 18.79
CA ASP Y 72 56.23 17.43 17.53
C ASP Y 72 55.22 18.50 17.14
N ILE Y 73 54.99 18.63 15.84
CA ILE Y 73 53.93 19.49 15.31
C ILE Y 73 52.92 18.62 14.58
N TYR Y 74 51.66 19.00 14.65
CA TYR Y 74 50.61 18.19 14.02
C TYR Y 74 49.90 18.93 12.89
N LEU Y 75 49.81 18.26 11.75
CA LEU Y 75 49.15 18.82 10.58
C LEU Y 75 47.95 17.98 10.22
N TYR Y 76 46.75 18.52 10.46
CA TYR Y 76 45.52 17.82 10.17
C TYR Y 76 45.01 18.19 8.78
N ILE Y 77 44.94 17.20 7.90
CA ILE Y 77 44.71 17.44 6.49
C ILE Y 77 43.32 16.98 6.01
N ASN Y 78 42.56 17.92 5.45
CA ASN Y 78 41.33 17.64 4.74
C ASN Y 78 41.26 18.52 3.50
N SER Y 79 41.72 17.98 2.38
CA SER Y 79 41.97 18.81 1.20
C SER Y 79 41.88 18.02 -0.09
N PRO Y 80 41.38 18.67 -1.17
CA PRO Y 80 41.34 18.05 -2.49
C PRO Y 80 42.64 18.33 -3.25
N GLY Y 81 43.60 18.96 -2.58
CA GLY Y 81 44.86 19.34 -3.20
C GLY Y 81 44.81 20.74 -3.77
N GLY Y 82 45.61 21.00 -4.80
CA GLY Y 82 45.68 22.32 -5.40
C GLY Y 82 47.02 22.64 -6.03
N VAL Y 83 47.43 23.90 -5.93
CA VAL Y 83 48.62 24.40 -6.60
C VAL Y 83 49.90 23.73 -6.08
N ILE Y 84 50.69 23.18 -7.01
CA ILE Y 84 51.90 22.45 -6.64
C ILE Y 84 52.95 23.32 -5.94
N THR Y 85 53.29 24.47 -6.53
CA THR Y 85 54.31 25.33 -5.93
C THR Y 85 53.90 25.76 -4.52
N ALA Y 86 52.63 26.07 -4.34
CA ALA Y 86 52.11 26.43 -3.03
C ALA Y 86 52.31 25.27 -2.04
N GLY Y 87 51.99 24.07 -2.50
CA GLY Y 87 52.17 22.89 -1.68
C GLY Y 87 53.63 22.62 -1.35
N MET Y 88 54.52 22.91 -2.29
CA MET Y 88 55.95 22.66 -2.07
C MET Y 88 56.56 23.61 -1.05
N SER Y 89 55.96 24.78 -0.88
CA SER Y 89 56.42 25.70 0.15
C SER Y 89 56.17 25.08 1.52
N ILE Y 90 55.04 24.38 1.65
CA ILE Y 90 54.73 23.67 2.87
C ILE Y 90 55.63 22.45 3.04
N TYR Y 91 55.79 21.68 1.98
CA TYR Y 91 56.65 20.50 2.02
C TYR Y 91 58.06 20.84 2.47
N ASP Y 92 58.65 21.86 1.85
CA ASP Y 92 60.03 22.25 2.17
C ASP Y 92 60.16 22.77 3.59
N THR Y 93 59.10 23.40 4.10
CA THR Y 93 59.11 23.88 5.47
C THR Y 93 59.04 22.71 6.44
N MET Y 94 58.18 21.74 6.14
CA MET Y 94 58.06 20.53 6.95
C MET Y 94 59.41 19.83 7.11
N GLN Y 95 60.15 19.72 6.01
CA GLN Y 95 61.42 19.01 6.04
C GLN Y 95 62.54 19.84 6.68
N PHE Y 96 62.43 21.17 6.59
CA PHE Y 96 63.47 22.04 7.14
C PHE Y 96 63.45 22.08 8.66
N ILE Y 97 62.29 22.34 9.25
CA ILE Y 97 62.17 22.54 10.69
C ILE Y 97 62.57 21.30 11.47
N LYS Y 98 63.12 21.52 12.67
CA LYS Y 98 63.61 20.42 13.49
C LYS Y 98 62.50 19.49 14.01
N PRO Y 99 61.37 20.07 14.44
CA PRO Y 99 60.30 19.20 14.95
C PRO Y 99 59.78 18.22 13.90
N ASP Y 100 59.45 17.01 14.34
CA ASP Y 100 58.73 16.08 13.50
C ASP Y 100 57.37 16.68 13.18
N VAL Y 101 56.96 16.59 11.92
CA VAL Y 101 55.60 16.99 11.55
C VAL Y 101 54.74 15.75 11.34
N SER Y 102 53.92 15.45 12.33
CA SER Y 102 53.00 14.33 12.24
C SER Y 102 51.78 14.74 11.43
N THR Y 103 51.36 13.88 10.51
CA THR Y 103 50.25 14.20 9.62
C THR Y 103 49.05 13.28 9.83
N ILE Y 104 47.86 13.85 9.77
CA ILE Y 104 46.63 13.08 9.95
C ILE Y 104 45.63 13.40 8.83
N CYS Y 105 45.17 12.37 8.14
CA CYS Y 105 44.18 12.54 7.09
C CYS Y 105 42.76 12.41 7.64
N MET Y 106 41.97 13.47 7.50
CA MET Y 106 40.57 13.46 7.90
C MET Y 106 39.70 13.75 6.69
N GLY Y 107 38.75 12.86 6.41
CA GLY Y 107 37.86 13.03 5.27
C GLY Y 107 38.55 12.58 4.00
N GLN Y 108 39.40 13.44 3.45
CA GLN Y 108 40.16 13.11 2.26
C GLN Y 108 41.49 13.86 2.22
N ALA Y 109 42.47 13.25 1.57
CA ALA Y 109 43.69 13.93 1.19
C ALA Y 109 43.99 13.52 -0.24
N ALA Y 110 43.71 14.41 -1.18
CA ALA Y 110 43.87 14.10 -2.60
C ALA Y 110 44.95 14.96 -3.23
N SER Y 111 45.68 14.37 -4.18
CA SER Y 111 46.68 15.08 -4.95
C SER Y 111 47.73 15.71 -4.03
N MET Y 112 47.91 17.03 -4.12
CA MET Y 112 48.89 17.69 -3.28
C MET Y 112 48.59 17.45 -1.80
N GLY Y 113 47.31 17.25 -1.49
CA GLY Y 113 46.93 16.91 -0.14
C GLY Y 113 47.50 15.58 0.30
N ALA Y 114 47.44 14.59 -0.60
CA ALA Y 114 48.01 13.28 -0.34
C ALA Y 114 49.53 13.36 -0.26
N PHE Y 115 50.11 14.21 -1.08
CA PHE Y 115 51.56 14.37 -1.10
C PHE Y 115 52.07 14.88 0.25
N LEU Y 116 51.41 15.91 0.77
CA LEU Y 116 51.81 16.48 2.05
C LEU Y 116 51.55 15.51 3.19
N LEU Y 117 50.51 14.69 3.04
CA LEU Y 117 50.20 13.66 4.03
C LEU Y 117 51.35 12.66 4.15
N THR Y 118 51.81 12.14 3.01
CA THR Y 118 52.88 11.14 3.03
C THR Y 118 54.23 11.79 3.36
N ALA Y 119 54.28 13.12 3.30
CA ALA Y 119 55.51 13.86 3.58
C ALA Y 119 55.79 13.95 5.08
N GLY Y 120 54.84 13.51 5.89
CA GLY Y 120 54.98 13.56 7.34
C GLY Y 120 56.12 12.71 7.86
N ALA Y 121 56.54 12.98 9.09
CA ALA Y 121 57.62 12.21 9.72
C ALA Y 121 57.28 10.72 9.72
N LYS Y 122 58.26 9.90 9.35
CA LYS Y 122 58.01 8.46 9.28
C LYS Y 122 57.56 7.92 10.64
N GLY Y 123 56.53 7.08 10.61
CA GLY Y 123 55.96 6.52 11.81
C GLY Y 123 54.87 7.38 12.42
N LYS Y 124 54.73 8.60 11.91
CA LYS Y 124 53.79 9.56 12.47
C LYS Y 124 52.78 10.10 11.45
N ARG Y 125 52.51 9.31 10.44
CA ARG Y 125 51.49 9.67 9.44
C ARG Y 125 50.28 8.76 9.63
N PHE Y 126 49.10 9.36 9.76
CA PHE Y 126 47.89 8.61 10.09
C PHE Y 126 46.74 8.87 9.12
N CYS Y 127 45.90 7.86 8.93
CA CYS Y 127 44.62 8.01 8.28
C CYS Y 127 43.53 7.71 9.30
N LEU Y 128 42.48 8.50 9.32
CA LEU Y 128 41.28 8.12 10.06
C LEU Y 128 40.63 6.97 9.31
N PRO Y 129 39.93 6.08 10.04
CA PRO Y 129 39.43 4.81 9.50
C PRO Y 129 38.69 4.93 8.17
N ASN Y 130 37.89 5.98 8.01
CA ASN Y 130 37.07 6.12 6.80
C ASN Y 130 37.49 7.26 5.88
N SER Y 131 38.67 7.82 6.14
CA SER Y 131 39.21 8.82 5.24
C SER Y 131 39.70 8.11 3.99
N ARG Y 132 39.94 8.87 2.93
CA ARG Y 132 40.48 8.27 1.72
C ARG Y 132 41.54 9.16 1.09
N VAL Y 133 42.35 8.56 0.23
CA VAL Y 133 43.44 9.26 -0.41
C VAL Y 133 43.32 9.09 -1.92
N MET Y 134 43.75 10.10 -2.68
CA MET Y 134 43.82 9.96 -4.13
C MET Y 134 45.13 10.55 -4.64
N ILE Y 135 45.81 9.81 -5.50
CA ILE Y 135 47.05 10.29 -6.09
C ILE Y 135 46.94 10.31 -7.60
N HIS Y 136 47.69 11.22 -8.21
CA HIS Y 136 47.71 11.35 -9.66
C HIS Y 136 48.88 12.23 -10.10
N GLN Y 137 48.96 12.49 -11.40
CA GLN Y 137 50.07 13.28 -11.92
C GLN Y 137 49.69 14.76 -12.07
N PRO Y 138 50.70 15.63 -12.21
CA PRO Y 138 50.44 17.07 -12.34
C PRO Y 138 49.49 17.42 -13.48
N LEU Y 139 48.65 18.43 -13.24
CA LEU Y 139 47.78 18.99 -14.25
C LEU Y 139 48.29 20.37 -14.59
N GLY Y 140 48.16 20.75 -15.85
CA GLY Y 140 48.63 22.06 -16.27
C GLY Y 140 47.96 22.51 -17.55
N GLY Y 141 48.43 23.65 -18.04
CA GLY Y 141 47.89 24.21 -19.26
C GLY Y 141 48.69 25.43 -19.63
N TYR Y 142 48.88 25.61 -20.94
CA TYR Y 142 49.51 26.81 -21.45
C TYR Y 142 48.98 27.06 -22.85
N GLN Y 143 48.98 28.31 -23.27
CA GLN Y 143 48.65 28.63 -24.64
C GLN Y 143 49.55 29.74 -25.17
N GLY Y 144 49.94 29.61 -26.43
CA GLY Y 144 50.84 30.56 -27.05
C GLY Y 144 51.62 29.94 -28.18
N GLN Y 145 52.80 30.47 -28.45
CA GLN Y 145 53.66 29.96 -29.51
C GLN Y 145 54.21 28.57 -29.18
N ALA Y 146 54.46 27.78 -30.21
CA ALA Y 146 55.00 26.43 -30.04
C ALA Y 146 56.29 26.43 -29.21
N THR Y 147 57.14 27.44 -29.43
CA THR Y 147 58.38 27.52 -28.66
C THR Y 147 58.10 27.61 -27.17
N ASP Y 148 57.13 28.43 -26.80
CA ASP Y 148 56.76 28.61 -25.40
C ASP Y 148 56.02 27.40 -24.85
N ILE Y 149 55.21 26.78 -25.70
CA ILE Y 149 54.54 25.55 -25.33
C ILE Y 149 55.55 24.48 -24.92
N GLU Y 150 56.63 24.35 -25.70
CA GLU Y 150 57.66 23.37 -25.40
C GLU Y 150 58.35 23.69 -24.08
N ILE Y 151 58.63 24.97 -23.84
CA ILE Y 151 59.26 25.39 -22.60
C ILE Y 151 58.42 24.96 -21.40
N HIS Y 152 57.13 25.25 -21.44
CA HIS Y 152 56.26 24.94 -20.31
C HIS Y 152 55.94 23.46 -20.19
N ALA Y 153 55.88 22.77 -21.34
CA ALA Y 153 55.66 21.32 -21.33
C ALA Y 153 56.84 20.63 -20.67
N ARG Y 154 58.05 21.04 -21.05
CA ARG Y 154 59.25 20.45 -20.50
C ARG Y 154 59.30 20.64 -18.98
N GLU Y 155 58.89 21.82 -18.51
CA GLU Y 155 58.92 22.12 -17.09
C GLU Y 155 57.94 21.26 -16.29
N ILE Y 156 56.72 21.09 -16.78
CA ILE Y 156 55.75 20.31 -16.04
C ILE Y 156 56.17 18.84 -15.98
N LEU Y 157 56.88 18.39 -17.02
CA LEU Y 157 57.40 17.03 -17.00
C LEU Y 157 58.50 16.87 -15.95
N LYS Y 158 59.31 17.92 -15.77
CA LYS Y 158 60.33 17.93 -14.72
C LYS Y 158 59.67 17.92 -13.35
N VAL Y 159 58.62 18.70 -13.19
CA VAL Y 159 57.85 18.74 -11.94
C VAL Y 159 57.31 17.35 -11.63
N LYS Y 160 56.71 16.72 -12.64
CA LYS Y 160 56.16 15.38 -12.51
C LYS Y 160 57.22 14.40 -12.03
N GLY Y 161 58.42 14.49 -12.60
CA GLY Y 161 59.51 13.62 -12.22
C GLY Y 161 59.91 13.79 -10.77
N ARG Y 162 60.01 15.04 -10.33
CA ARG Y 162 60.37 15.34 -8.94
C ARG Y 162 59.32 14.83 -7.96
N MET Y 163 58.06 15.06 -8.27
CA MET Y 163 56.97 14.63 -7.40
C MET Y 163 56.97 13.11 -7.26
N ASN Y 164 57.20 12.42 -8.37
CA ASN Y 164 57.25 10.95 -8.35
C ASN Y 164 58.45 10.46 -7.55
N GLU Y 165 59.59 11.11 -7.72
CA GLU Y 165 60.78 10.76 -6.96
C GLU Y 165 60.55 10.93 -5.46
N LEU Y 166 59.90 12.02 -5.07
CA LEU Y 166 59.64 12.29 -3.66
C LEU Y 166 58.58 11.34 -3.10
N MET Y 167 57.60 10.97 -3.92
CA MET Y 167 56.62 9.97 -3.52
C MET Y 167 57.28 8.63 -3.26
N ALA Y 168 58.18 8.24 -4.17
CA ALA Y 168 58.93 6.99 -4.01
C ALA Y 168 59.70 7.02 -2.70
N LEU Y 169 60.35 8.14 -2.42
CA LEU Y 169 61.14 8.30 -1.21
C LEU Y 169 60.30 8.09 0.05
N HIS Y 170 59.17 8.78 0.14
CA HIS Y 170 58.35 8.75 1.35
C HIS Y 170 57.52 7.47 1.53
N THR Y 171 57.12 6.84 0.43
CA THR Y 171 56.28 5.64 0.51
C THR Y 171 57.11 4.36 0.60
N GLY Y 172 58.32 4.39 0.05
CA GLY Y 172 59.16 3.21 0.01
C GLY Y 172 58.91 2.38 -1.25
N GLN Y 173 58.01 2.86 -2.09
CA GLN Y 173 57.75 2.22 -3.38
C GLN Y 173 58.87 2.56 -4.34
N SER Y 174 59.05 1.74 -5.37
CA SER Y 174 60.02 2.03 -6.41
C SER Y 174 59.51 3.18 -7.26
N LEU Y 175 60.42 3.90 -7.90
CA LEU Y 175 60.02 5.00 -8.77
C LEU Y 175 59.10 4.49 -9.88
N GLU Y 176 59.44 3.34 -10.44
CA GLU Y 176 58.64 2.75 -11.51
C GLU Y 176 57.21 2.45 -11.03
N GLN Y 177 57.09 1.97 -9.81
CA GLN Y 177 55.78 1.66 -9.25
C GLN Y 177 54.96 2.95 -9.09
N ILE Y 178 55.58 3.99 -8.53
CA ILE Y 178 54.93 5.27 -8.37
C ILE Y 178 54.46 5.82 -9.72
N GLU Y 179 55.35 5.76 -10.71
CA GLU Y 179 55.03 6.23 -12.05
C GLU Y 179 53.80 5.52 -12.62
N ARG Y 180 53.79 4.19 -12.52
CA ARG Y 180 52.68 3.39 -13.03
C ARG Y 180 51.35 3.73 -12.34
N ASP Y 181 51.42 4.03 -11.05
CA ASP Y 181 50.22 4.21 -10.24
C ASP Y 181 49.66 5.64 -10.27
N THR Y 182 50.42 6.58 -10.83
CA THR Y 182 50.00 7.97 -10.82
C THR Y 182 49.65 8.53 -12.19
N GLU Y 183 49.78 7.70 -13.23
CA GLU Y 183 49.43 8.13 -14.59
C GLU Y 183 47.97 8.55 -14.67
N ARG Y 184 47.12 7.86 -13.92
CA ARG Y 184 45.71 8.24 -13.82
C ARG Y 184 45.30 8.28 -12.35
N ASP Y 185 44.17 8.93 -12.07
CA ASP Y 185 43.63 9.00 -10.72
C ASP Y 185 43.61 7.63 -10.06
N ARG Y 186 44.15 7.55 -8.85
CA ARG Y 186 44.20 6.30 -8.10
C ARG Y 186 43.73 6.52 -6.67
N PHE Y 187 42.62 5.91 -6.30
CA PHE Y 187 42.09 6.04 -4.94
C PHE Y 187 42.68 4.98 -4.03
N LEU Y 188 42.95 5.36 -2.79
CA LEU Y 188 43.35 4.41 -1.76
C LEU Y 188 42.50 4.60 -0.51
N SER Y 189 41.93 3.51 -0.01
CA SER Y 189 41.27 3.52 1.27
C SER Y 189 42.33 3.64 2.36
N ALA Y 190 41.90 3.90 3.60
CA ALA Y 190 42.84 4.01 4.71
C ALA Y 190 43.76 2.78 4.81
N PRO Y 191 43.18 1.57 4.82
CA PRO Y 191 44.00 0.36 4.90
C PRO Y 191 44.93 0.23 3.70
N GLU Y 192 44.45 0.60 2.53
CA GLU Y 192 45.26 0.55 1.31
C GLU Y 192 46.40 1.57 1.37
N ALA Y 193 46.15 2.70 2.01
CA ALA Y 193 47.16 3.75 2.14
C ALA Y 193 48.27 3.28 3.09
N VAL Y 194 47.89 2.52 4.11
CA VAL Y 194 48.87 1.95 5.03
C VAL Y 194 49.76 0.95 4.29
N GLU Y 195 49.13 0.04 3.56
CA GLU Y 195 49.89 -0.98 2.84
C GLU Y 195 50.75 -0.41 1.72
N TYR Y 196 50.36 0.73 1.17
CA TYR Y 196 51.11 1.36 0.08
C TYR Y 196 52.32 2.10 0.63
N GLY Y 197 52.38 2.24 1.95
CA GLY Y 197 53.47 2.96 2.59
C GLY Y 197 53.27 4.47 2.56
N LEU Y 198 52.05 4.89 2.30
CA LEU Y 198 51.72 6.31 2.21
C LEU Y 198 51.44 6.93 3.59
N VAL Y 199 50.81 6.17 4.49
CA VAL Y 199 50.73 6.54 5.89
C VAL Y 199 51.23 5.33 6.69
N ASP Y 200 51.43 5.50 7.98
CA ASP Y 200 52.01 4.43 8.80
C ASP Y 200 50.95 3.56 9.48
N SER Y 201 49.83 4.17 9.85
CA SER Y 201 48.75 3.40 10.46
C SER Y 201 47.41 4.12 10.39
N ILE Y 202 46.36 3.38 10.73
CA ILE Y 202 45.02 3.94 10.84
C ILE Y 202 44.81 4.35 12.29
N LEU Y 203 44.28 5.55 12.49
CA LEU Y 203 43.99 6.03 13.84
C LEU Y 203 42.79 5.29 14.43
N THR Y 204 43.08 4.37 15.35
CA THR Y 204 42.03 3.67 16.08
C THR Y 204 41.79 4.37 17.42
N HIS Y 205 40.51 4.48 17.81
CA HIS Y 205 40.09 5.27 18.97
C HIS Y 205 41.21 5.59 19.95
N ALA Z 15 25.53 39.22 9.49
CA ALA Z 15 24.82 38.20 10.25
C ALA Z 15 25.15 38.32 11.74
N LEU Z 16 24.34 39.09 12.46
CA LEU Z 16 24.60 39.36 13.86
C LEU Z 16 24.29 38.17 14.76
N VAL Z 17 25.28 37.77 15.56
CA VAL Z 17 25.07 36.75 16.58
C VAL Z 17 25.08 37.42 17.96
N PRO Z 18 23.96 37.31 18.68
CA PRO Z 18 23.80 37.99 19.97
C PRO Z 18 24.85 37.60 21.00
N MET Z 19 25.19 38.54 21.87
CA MET Z 19 26.15 38.30 22.94
C MET Z 19 25.42 38.03 24.25
N VAL Z 20 25.96 37.14 25.06
CA VAL Z 20 25.39 36.83 26.36
C VAL Z 20 26.45 36.89 27.45
N ILE Z 21 26.00 36.95 28.71
CA ILE Z 21 26.92 37.02 29.84
C ILE Z 21 26.91 35.76 30.68
N GLU Z 22 28.09 35.33 31.10
CA GLU Z 22 28.22 34.29 32.10
C GLU Z 22 28.86 34.88 33.35
N GLN Z 23 28.19 34.72 34.49
CA GLN Z 23 28.75 35.12 35.77
C GLN Z 23 29.63 33.97 36.24
N THR Z 24 30.89 34.26 36.54
CA THR Z 24 31.87 33.19 36.76
C THR Z 24 32.59 33.30 38.10
N GLU Z 28 32.37 38.10 35.46
CA GLU Z 28 31.52 37.81 34.30
C GLU Z 28 32.27 38.03 32.98
N ARG Z 29 31.97 37.19 32.00
CA ARG Z 29 32.55 37.32 30.66
C ARG Z 29 31.45 37.48 29.62
N SER Z 30 31.81 38.01 28.46
CA SER Z 30 30.85 38.16 27.38
C SER Z 30 31.16 37.19 26.24
N PHE Z 31 30.16 36.40 25.87
CA PHE Z 31 30.31 35.41 24.81
C PHE Z 31 29.26 35.62 23.73
N ASP Z 32 29.62 35.32 22.48
CA ASP Z 32 28.59 35.16 21.46
C ASP Z 32 27.83 33.91 21.84
N ILE Z 33 26.56 33.81 21.46
CA ILE Z 33 25.71 32.76 22.00
C ILE Z 33 26.16 31.34 21.66
N TYR Z 34 26.78 31.16 20.49
CA TYR Z 34 27.26 29.84 20.11
C TYR Z 34 28.48 29.41 20.93
N SER Z 35 29.37 30.35 21.21
CA SER Z 35 30.51 30.07 22.07
C SER Z 35 30.05 29.77 23.49
N ARG Z 36 28.99 30.44 23.93
CA ARG Z 36 28.42 30.19 25.25
C ARG Z 36 27.89 28.76 25.35
N LEU Z 37 27.21 28.31 24.30
CA LEU Z 37 26.66 26.96 24.28
C LEU Z 37 27.76 25.91 24.12
N LEU Z 38 28.83 26.26 23.42
CA LEU Z 38 29.98 25.36 23.32
C LEU Z 38 30.59 25.12 24.70
N LYS Z 39 30.52 26.13 25.55
CA LYS Z 39 31.02 26.02 26.92
C LYS Z 39 30.30 24.90 27.67
N GLU Z 40 29.04 24.65 27.30
CA GLU Z 40 28.27 23.57 27.90
C GLU Z 40 28.34 22.31 27.04
N ARG Z 41 29.35 22.25 26.18
CA ARG Z 41 29.62 21.07 25.36
C ARG Z 41 28.54 20.83 24.30
N VAL Z 42 27.96 21.90 23.79
CA VAL Z 42 26.98 21.81 22.71
C VAL Z 42 27.54 22.36 21.41
N ILE Z 43 27.53 21.53 20.37
CA ILE Z 43 27.99 21.92 19.05
C ILE Z 43 26.84 21.88 18.06
N PHE Z 44 26.74 22.92 17.23
CA PHE Z 44 25.71 22.94 16.19
C PHE Z 44 26.24 22.50 14.83
N LEU Z 45 25.44 21.68 14.14
CA LEU Z 45 25.71 21.32 12.76
C LEU Z 45 24.55 21.86 11.94
N THR Z 46 24.79 22.94 11.23
CA THR Z 46 23.71 23.71 10.62
C THR Z 46 23.94 23.93 9.12
N GLY Z 47 22.92 23.59 8.32
CA GLY Z 47 23.00 23.80 6.88
C GLY Z 47 23.87 22.78 6.17
N GLN Z 48 24.30 23.14 4.96
CA GLN Z 48 25.05 22.22 4.11
C GLN Z 48 26.38 21.76 4.72
N VAL Z 49 26.64 20.46 4.63
CA VAL Z 49 27.90 19.90 5.08
C VAL Z 49 28.98 20.13 4.03
N GLU Z 50 30.05 20.82 4.44
CA GLU Z 50 31.20 21.05 3.57
C GLU Z 50 32.47 21.22 4.40
N ASP Z 51 33.62 21.17 3.73
CA ASP Z 51 34.93 21.12 4.39
C ASP Z 51 35.10 22.07 5.57
N HIS Z 52 34.77 23.34 5.37
CA HIS Z 52 35.09 24.35 6.39
C HIS Z 52 34.20 24.29 7.63
N MET Z 53 32.89 24.18 7.43
CA MET Z 53 31.97 24.01 8.55
C MET Z 53 32.26 22.70 9.27
N ALA Z 54 32.63 21.68 8.51
CA ALA Z 54 32.92 20.36 9.06
C ALA Z 54 34.20 20.40 9.90
N ASN Z 55 35.23 21.04 9.38
CA ASN Z 55 36.50 21.14 10.10
C ASN Z 55 36.32 21.89 11.42
N LEU Z 56 35.45 22.88 11.41
CA LEU Z 56 35.15 23.65 12.61
C LEU Z 56 34.51 22.75 13.67
N ILE Z 57 33.64 21.86 13.22
CA ILE Z 57 32.99 20.90 14.12
C ILE Z 57 34.01 19.93 14.69
N VAL Z 58 34.91 19.43 13.85
CA VAL Z 58 35.98 18.56 14.30
C VAL Z 58 36.82 19.25 15.40
N ALA Z 59 37.17 20.51 15.16
CA ALA Z 59 37.98 21.26 16.11
C ALA Z 59 37.26 21.41 17.45
N GLN Z 60 35.95 21.68 17.39
CA GLN Z 60 35.16 21.80 18.60
C GLN Z 60 35.11 20.48 19.38
N MET Z 61 34.97 19.38 18.65
CA MET Z 61 34.94 18.06 19.29
C MET Z 61 36.27 17.73 19.95
N LEU Z 62 37.37 18.01 19.25
CA LEU Z 62 38.70 17.77 19.81
C LEU Z 62 38.94 18.63 21.04
N PHE Z 63 38.51 19.87 20.97
CA PHE Z 63 38.65 20.80 22.10
C PHE Z 63 37.89 20.28 23.31
N LEU Z 64 36.64 19.89 23.10
CA LEU Z 64 35.80 19.40 24.20
C LEU Z 64 36.37 18.14 24.86
N GLU Z 65 36.91 17.23 24.05
CA GLU Z 65 37.51 16.00 24.61
C GLU Z 65 38.71 16.32 25.48
N ALA Z 66 39.60 17.17 24.99
CA ALA Z 66 40.75 17.58 25.76
C ALA Z 66 40.28 18.27 27.05
N GLU Z 67 39.20 19.03 26.92
CA GLU Z 67 38.62 19.74 28.05
C GLU Z 67 38.10 18.80 29.13
N ASN Z 68 37.43 17.73 28.70
CA ASN Z 68 36.99 16.69 29.62
C ASN Z 68 36.64 15.45 28.82
N PRO Z 69 37.52 14.43 28.89
CA PRO Z 69 37.39 13.19 28.14
C PRO Z 69 36.22 12.35 28.62
N GLU Z 70 35.60 12.74 29.72
CA GLU Z 70 34.54 11.93 30.34
C GLU Z 70 33.11 12.38 30.05
N LYS Z 71 32.91 13.70 29.94
CA LYS Z 71 31.55 14.22 29.77
C LYS Z 71 31.06 14.08 28.35
N ASP Z 72 29.75 13.83 28.21
CA ASP Z 72 29.12 13.72 26.92
C ASP Z 72 29.29 15.01 26.12
N ILE Z 73 29.24 14.88 24.81
CA ILE Z 73 29.23 16.02 23.90
C ILE Z 73 27.93 15.98 23.10
N TYR Z 74 27.37 17.16 22.81
CA TYR Z 74 26.09 17.22 22.13
C TYR Z 74 26.22 17.86 20.75
N LEU Z 75 25.67 17.18 19.75
CA LEU Z 75 25.69 17.65 18.38
C LEU Z 75 24.26 17.86 17.90
N TYR Z 76 23.89 19.13 17.74
CA TYR Z 76 22.54 19.50 17.33
C TYR Z 76 22.50 19.69 15.82
N ILE Z 77 21.76 18.80 15.15
CA ILE Z 77 21.78 18.72 13.69
C ILE Z 77 20.52 19.29 13.03
N ASN Z 78 20.72 20.27 12.15
CA ASN Z 78 19.68 20.75 11.24
C ASN Z 78 20.31 20.97 9.87
N SER Z 79 20.24 19.94 9.02
CA SER Z 79 21.01 19.93 7.79
C SER Z 79 20.39 19.10 6.68
N PRO Z 80 20.51 19.58 5.42
CA PRO Z 80 20.09 18.86 4.22
C PRO Z 80 21.17 17.90 3.75
N GLY Z 81 22.28 17.83 4.49
CA GLY Z 81 23.40 16.99 4.11
C GLY Z 81 24.44 17.77 3.35
N GLY Z 82 25.23 17.07 2.54
CA GLY Z 82 26.27 17.70 1.74
C GLY Z 82 27.41 16.76 1.37
N VAL Z 83 28.62 17.30 1.33
CA VAL Z 83 29.79 16.55 0.86
C VAL Z 83 30.14 15.39 1.78
N ILE Z 84 30.27 14.19 1.19
CA ILE Z 84 30.50 12.98 1.97
C ILE Z 84 31.84 12.97 2.71
N THR Z 85 32.93 13.29 2.02
CA THR Z 85 34.24 13.27 2.67
C THR Z 85 34.27 14.24 3.86
N ALA Z 86 33.66 15.40 3.70
CA ALA Z 86 33.55 16.38 4.79
C ALA Z 86 32.76 15.80 5.96
N GLY Z 87 31.70 15.08 5.64
CA GLY Z 87 30.88 14.43 6.65
C GLY Z 87 31.67 13.36 7.39
N MET Z 88 32.48 12.62 6.65
CA MET Z 88 33.21 11.50 7.23
C MET Z 88 34.33 11.96 8.17
N SER Z 89 34.80 13.19 8.00
CA SER Z 89 35.78 13.73 8.94
C SER Z 89 35.11 13.93 10.29
N ILE Z 90 33.86 14.35 10.26
CA ILE Z 90 33.07 14.46 11.49
C ILE Z 90 32.78 13.07 12.05
N TYR Z 91 32.34 12.16 11.19
CA TYR Z 91 32.02 10.80 11.63
C TYR Z 91 33.18 10.15 12.36
N ASP Z 92 34.35 10.16 11.72
CA ASP Z 92 35.53 9.51 12.29
C ASP Z 92 35.96 10.16 13.59
N THR Z 93 35.80 11.48 13.68
CA THR Z 93 36.13 12.20 14.90
C THR Z 93 35.17 11.79 16.02
N MET Z 94 33.89 11.71 15.69
CA MET Z 94 32.88 11.27 16.65
C MET Z 94 33.23 9.92 17.26
N GLN Z 95 33.63 8.98 16.41
CA GLN Z 95 33.95 7.63 16.86
C GLN Z 95 35.28 7.58 17.62
N PHE Z 96 36.24 8.41 17.22
CA PHE Z 96 37.56 8.38 17.83
C PHE Z 96 37.55 8.86 19.29
N ILE Z 97 36.99 10.04 19.52
CA ILE Z 97 37.06 10.67 20.84
C ILE Z 97 36.35 9.83 21.91
N LYS Z 98 36.83 9.94 23.14
CA LYS Z 98 36.31 9.14 24.25
C LYS Z 98 34.87 9.51 24.64
N PRO Z 99 34.55 10.81 24.69
CA PRO Z 99 33.19 11.20 25.05
C PRO Z 99 32.13 10.63 24.12
N ASP Z 100 31.01 10.18 24.67
CA ASP Z 100 29.85 9.85 23.86
C ASP Z 100 29.40 11.11 23.13
N VAL Z 101 29.10 10.98 21.85
CA VAL Z 101 28.49 12.11 21.15
C VAL Z 101 26.99 11.87 21.02
N SER Z 102 26.21 12.65 21.75
CA SER Z 102 24.75 12.58 21.68
C SER Z 102 24.26 13.50 20.58
N THR Z 103 23.41 12.98 19.70
CA THR Z 103 22.92 13.74 18.57
C THR Z 103 21.42 14.04 18.68
N ILE Z 104 21.05 15.25 18.29
CA ILE Z 104 19.64 15.65 18.28
C ILE Z 104 19.28 16.21 16.92
N CYS Z 105 18.22 15.69 16.33
CA CYS Z 105 17.72 16.17 15.04
C CYS Z 105 16.67 17.26 15.26
N MET Z 106 16.95 18.45 14.75
CA MET Z 106 16.02 19.56 14.82
C MET Z 106 15.66 20.00 13.41
N GLY Z 107 14.36 20.08 13.12
CA GLY Z 107 13.90 20.45 11.78
C GLY Z 107 14.07 19.29 10.82
N GLN Z 108 15.29 19.08 10.35
CA GLN Z 108 15.57 17.95 9.47
C GLN Z 108 17.03 17.48 9.56
N ALA Z 109 17.23 16.20 9.27
CA ALA Z 109 18.55 15.64 9.08
C ALA Z 109 18.46 14.76 7.85
N ALA Z 110 18.94 15.28 6.72
CA ALA Z 110 18.83 14.56 5.46
C ALA Z 110 20.19 14.15 4.93
N SER Z 111 20.25 12.97 4.31
CA SER Z 111 21.47 12.49 3.68
C SER Z 111 22.62 12.41 4.67
N MET Z 112 23.74 13.10 4.39
CA MET Z 112 24.87 13.07 5.31
C MET Z 112 24.47 13.54 6.70
N GLY Z 113 23.47 14.43 6.75
CA GLY Z 113 22.93 14.89 8.01
C GLY Z 113 22.28 13.76 8.79
N ALA Z 114 21.57 12.89 8.08
CA ALA Z 114 20.93 11.73 8.68
C ALA Z 114 21.97 10.72 9.13
N PHE Z 115 23.04 10.60 8.35
CA PHE Z 115 24.12 9.66 8.67
C PHE Z 115 24.79 10.04 9.97
N LEU Z 116 25.11 11.33 10.13
CA LEU Z 116 25.76 11.81 11.34
C LEU Z 116 24.83 11.73 12.54
N LEU Z 117 23.53 11.88 12.30
CA LEU Z 117 22.55 11.72 13.36
C LEU Z 117 22.59 10.30 13.93
N THR Z 118 22.51 9.31 13.05
CA THR Z 118 22.46 7.93 13.49
C THR Z 118 23.81 7.45 14.02
N ALA Z 119 24.86 8.23 13.73
CA ALA Z 119 26.21 7.88 14.15
C ALA Z 119 26.48 8.24 15.61
N GLY Z 120 25.51 8.88 16.25
CA GLY Z 120 25.65 9.22 17.66
C GLY Z 120 25.72 7.98 18.54
N ALA Z 121 26.09 8.17 19.79
CA ALA Z 121 26.20 7.04 20.73
C ALA Z 121 24.84 6.39 20.90
N LYS Z 122 24.79 5.06 20.84
CA LYS Z 122 23.53 4.35 21.00
C LYS Z 122 22.87 4.73 22.32
N GLY Z 123 21.57 5.02 22.27
CA GLY Z 123 20.82 5.40 23.44
C GLY Z 123 20.77 6.91 23.64
N LYS Z 124 21.60 7.63 22.89
CA LYS Z 124 21.70 9.08 23.05
C LYS Z 124 21.46 9.83 21.73
N ARG Z 125 20.69 9.22 20.84
CA ARG Z 125 20.30 9.84 19.59
C ARG Z 125 18.82 10.19 19.64
N PHE Z 126 18.49 11.46 19.41
CA PHE Z 126 17.12 11.93 19.56
C PHE Z 126 16.58 12.66 18.32
N CYS Z 127 15.26 12.57 18.13
CA CYS Z 127 14.55 13.42 17.19
C CYS Z 127 13.59 14.30 17.97
N LEU Z 128 13.47 15.56 17.55
CA LEU Z 128 12.37 16.38 18.05
C LEU Z 128 11.10 15.88 17.38
N PRO Z 129 9.94 16.07 18.03
CA PRO Z 129 8.69 15.42 17.63
C PRO Z 129 8.29 15.64 16.17
N ASN Z 130 8.56 16.82 15.62
CA ASN Z 130 8.15 17.14 14.25
C ASN Z 130 9.30 17.29 13.27
N SER Z 131 10.48 16.86 13.68
CA SER Z 131 11.63 16.84 12.77
C SER Z 131 11.44 15.66 11.83
N ARG Z 132 12.17 15.66 10.73
CA ARG Z 132 12.11 14.53 9.81
C ARG Z 132 13.50 14.16 9.30
N VAL Z 133 13.60 12.96 8.75
CA VAL Z 133 14.86 12.43 8.26
C VAL Z 133 14.67 11.96 6.83
N MET Z 134 15.71 12.10 6.02
CA MET Z 134 15.70 11.52 4.68
C MET Z 134 17.02 10.82 4.42
N ILE Z 135 16.94 9.64 3.82
CA ILE Z 135 18.14 8.90 3.46
C ILE Z 135 18.13 8.55 1.98
N HIS Z 136 19.31 8.41 1.40
CA HIS Z 136 19.44 7.95 0.03
C HIS Z 136 20.87 7.50 -0.25
N GLN Z 137 21.20 7.34 -1.53
CA GLN Z 137 22.54 6.89 -1.91
C GLN Z 137 23.40 8.06 -2.37
N PRO Z 138 24.72 7.84 -2.48
CA PRO Z 138 25.63 8.92 -2.89
C PRO Z 138 25.31 9.49 -4.26
N LEU Z 139 25.50 10.79 -4.40
CA LEU Z 139 25.40 11.47 -5.67
C LEU Z 139 26.78 11.89 -6.11
N GLY Z 140 27.05 11.79 -7.40
CA GLY Z 140 28.34 12.17 -7.92
C GLY Z 140 28.27 12.50 -9.39
N GLY Z 141 29.43 12.54 -10.02
CA GLY Z 141 29.49 12.88 -11.42
C GLY Z 141 30.92 13.09 -11.84
N TYR Z 142 31.20 12.75 -13.08
CA TYR Z 142 32.54 12.93 -13.63
C TYR Z 142 32.42 13.15 -15.12
N GLN Z 143 33.48 13.67 -15.71
CA GLN Z 143 33.47 13.95 -17.14
C GLN Z 143 34.89 13.72 -17.64
N GLY Z 144 35.02 12.99 -18.75
CA GLY Z 144 36.34 12.72 -19.31
C GLY Z 144 36.40 11.40 -20.06
N GLN Z 145 37.59 10.82 -20.12
CA GLN Z 145 37.81 9.56 -20.83
C GLN Z 145 37.10 8.39 -20.16
N ALA Z 146 36.67 7.42 -20.96
CA ALA Z 146 36.01 6.23 -20.44
C ALA Z 146 36.84 5.58 -19.33
N THR Z 147 38.15 5.48 -19.53
CA THR Z 147 39.03 4.89 -18.52
C THR Z 147 38.89 5.59 -17.17
N ASP Z 148 38.84 6.91 -17.19
CA ASP Z 148 38.74 7.70 -15.97
C ASP Z 148 37.33 7.65 -15.39
N ILE Z 149 36.34 7.61 -16.28
CA ILE Z 149 34.96 7.44 -15.85
C ILE Z 149 34.82 6.16 -15.04
N GLU Z 150 35.44 5.09 -15.54
CA GLU Z 150 35.41 3.80 -14.88
C GLU Z 150 36.03 3.91 -13.48
N ILE Z 151 37.17 4.57 -13.39
CA ILE Z 151 37.87 4.74 -12.12
C ILE Z 151 36.99 5.43 -11.07
N HIS Z 152 36.35 6.52 -11.47
CA HIS Z 152 35.53 7.29 -10.54
C HIS Z 152 34.19 6.64 -10.23
N ALA Z 153 33.65 5.89 -11.20
CA ALA Z 153 32.43 5.14 -10.98
C ALA Z 153 32.66 4.03 -9.96
N ARG Z 154 33.78 3.32 -10.10
CA ARG Z 154 34.15 2.30 -9.14
C ARG Z 154 34.27 2.89 -7.74
N GLU Z 155 34.90 4.06 -7.65
CA GLU Z 155 35.11 4.69 -6.36
C GLU Z 155 33.80 5.05 -5.65
N ILE Z 156 32.89 5.71 -6.35
CA ILE Z 156 31.62 6.08 -5.72
C ILE Z 156 30.80 4.86 -5.32
N LEU Z 157 30.94 3.77 -6.06
CA LEU Z 157 30.27 2.53 -5.72
C LEU Z 157 30.85 1.94 -4.43
N LYS Z 158 32.16 2.08 -4.26
CA LYS Z 158 32.80 1.66 -3.02
C LYS Z 158 32.34 2.53 -1.85
N VAL Z 159 32.22 3.84 -2.12
CA VAL Z 159 31.73 4.77 -1.11
C VAL Z 159 30.31 4.40 -0.70
N LYS Z 160 29.47 4.14 -1.69
CA LYS Z 160 28.09 3.73 -1.45
C LYS Z 160 28.06 2.47 -0.57
N GLY Z 161 28.90 1.51 -0.89
CA GLY Z 161 28.97 0.27 -0.13
C GLY Z 161 29.30 0.54 1.34
N ARG Z 162 30.31 1.37 1.58
CA ARG Z 162 30.73 1.69 2.93
C ARG Z 162 29.64 2.41 3.72
N MET Z 163 29.00 3.40 3.09
CA MET Z 163 27.95 4.15 3.76
C MET Z 163 26.80 3.23 4.16
N ASN Z 164 26.45 2.30 3.28
CA ASN Z 164 25.40 1.33 3.57
C ASN Z 164 25.78 0.40 4.71
N GLU Z 165 27.03 -0.06 4.72
CA GLU Z 165 27.53 -0.93 5.80
C GLU Z 165 27.46 -0.21 7.14
N LEU Z 166 27.85 1.06 7.16
CA LEU Z 166 27.84 1.84 8.39
C LEU Z 166 26.42 2.15 8.84
N MET Z 167 25.53 2.40 7.88
CA MET Z 167 24.12 2.62 8.20
C MET Z 167 23.49 1.38 8.86
N ALA Z 168 23.82 0.21 8.31
CA ALA Z 168 23.33 -1.04 8.88
C ALA Z 168 23.83 -1.21 10.31
N LEU Z 169 25.11 -0.91 10.52
CA LEU Z 169 25.74 -1.04 11.82
C LEU Z 169 25.06 -0.16 12.87
N HIS Z 170 24.86 1.11 12.54
CA HIS Z 170 24.32 2.07 13.49
C HIS Z 170 22.81 1.94 13.71
N THR Z 171 22.07 1.57 12.67
CA THR Z 171 20.63 1.41 12.78
C THR Z 171 20.25 0.02 13.32
N GLY Z 172 21.07 -0.97 12.99
CA GLY Z 172 20.79 -2.34 13.36
C GLY Z 172 20.00 -3.08 12.30
N GLN Z 173 19.64 -2.37 11.24
CA GLN Z 173 18.97 -3.01 10.11
C GLN Z 173 19.97 -3.82 9.31
N SER Z 174 19.48 -4.79 8.53
CA SER Z 174 20.35 -5.59 7.70
C SER Z 174 20.90 -4.75 6.57
N LEU Z 175 22.05 -5.16 6.02
CA LEU Z 175 22.63 -4.46 4.88
C LEU Z 175 21.65 -4.45 3.72
N GLU Z 176 20.96 -5.57 3.51
CA GLU Z 176 20.01 -5.69 2.42
C GLU Z 176 18.83 -4.73 2.59
N GLN Z 177 18.38 -4.56 3.82
CA GLN Z 177 17.28 -3.62 4.08
C GLN Z 177 17.73 -2.19 3.83
N ILE Z 178 18.93 -1.86 4.31
CA ILE Z 178 19.49 -0.53 4.08
C ILE Z 178 19.60 -0.28 2.57
N GLU Z 179 20.15 -1.24 1.85
CA GLU Z 179 20.29 -1.12 0.41
C GLU Z 179 18.95 -0.84 -0.27
N ARG Z 180 17.92 -1.57 0.12
CA ARG Z 180 16.58 -1.36 -0.44
C ARG Z 180 16.09 0.05 -0.14
N ASP Z 181 16.30 0.51 1.08
CA ASP Z 181 15.72 1.76 1.54
C ASP Z 181 16.49 3.00 1.11
N THR Z 182 17.68 2.84 0.55
CA THR Z 182 18.50 3.98 0.15
C THR Z 182 18.66 4.14 -1.36
N GLU Z 183 18.15 3.19 -2.13
CA GLU Z 183 18.24 3.28 -3.59
C GLU Z 183 17.60 4.56 -4.10
N ARG Z 184 16.53 4.98 -3.44
CA ARG Z 184 15.88 6.25 -3.76
C ARG Z 184 15.58 7.01 -2.48
N ASP Z 185 15.35 8.31 -2.62
CA ASP Z 185 15.01 9.16 -1.48
C ASP Z 185 13.96 8.50 -0.60
N ARG Z 186 14.24 8.43 0.70
CA ARG Z 186 13.33 7.80 1.63
C ARG Z 186 13.15 8.66 2.87
N PHE Z 187 11.93 9.11 3.10
CA PHE Z 187 11.63 9.96 4.25
C PHE Z 187 11.18 9.14 5.44
N LEU Z 188 11.62 9.55 6.63
CA LEU Z 188 11.14 8.95 7.88
C LEU Z 188 10.71 10.06 8.83
N SER Z 189 9.51 9.93 9.38
CA SER Z 189 9.07 10.84 10.42
C SER Z 189 9.86 10.50 11.68
N ALA Z 190 9.76 11.35 12.70
CA ALA Z 190 10.46 11.10 13.95
C ALA Z 190 10.12 9.73 14.53
N PRO Z 191 8.81 9.42 14.65
CA PRO Z 191 8.42 8.09 15.17
C PRO Z 191 8.98 6.97 14.30
N GLU Z 192 8.96 7.16 12.98
CA GLU Z 192 9.50 6.15 12.08
C GLU Z 192 11.00 5.98 12.24
N ALA Z 193 11.69 7.08 12.52
CA ALA Z 193 13.13 7.05 12.74
C ALA Z 193 13.49 6.22 13.98
N VAL Z 194 12.66 6.33 15.01
CA VAL Z 194 12.84 5.51 16.21
C VAL Z 194 12.60 4.04 15.87
N GLU Z 195 11.48 3.76 15.21
CA GLU Z 195 11.14 2.39 14.82
C GLU Z 195 12.24 1.74 13.99
N TYR Z 196 12.88 2.54 13.14
CA TYR Z 196 13.89 2.04 12.20
C TYR Z 196 15.23 1.81 12.89
N GLY Z 197 15.41 2.42 14.06
CA GLY Z 197 16.67 2.31 14.79
C GLY Z 197 17.65 3.40 14.39
N LEU Z 198 17.16 4.39 13.65
CA LEU Z 198 18.00 5.49 13.21
C LEU Z 198 18.31 6.44 14.37
N VAL Z 199 17.30 6.70 15.20
CA VAL Z 199 17.53 7.36 16.49
C VAL Z 199 16.93 6.49 17.58
N ASP Z 200 17.15 6.87 18.84
CA ASP Z 200 16.74 6.04 19.97
C ASP Z 200 15.38 6.44 20.54
N SER Z 201 15.07 7.72 20.51
CA SER Z 201 13.79 8.18 21.02
C SER Z 201 13.45 9.60 20.56
N ILE Z 202 12.22 10.00 20.82
CA ILE Z 202 11.78 11.35 20.55
C ILE Z 202 11.84 12.17 21.83
N LEU Z 203 12.36 13.38 21.74
CA LEU Z 203 12.39 14.30 22.88
C LEU Z 203 11.00 14.80 23.21
N THR Z 204 10.60 14.72 24.48
CA THR Z 204 9.27 15.21 24.88
C THR Z 204 9.32 16.10 26.14
N HIS Z 205 8.89 17.35 25.98
CA HIS Z 205 8.70 18.28 27.10
C HIS Z 205 9.45 17.90 28.36
N LEU AA 16 24.26 49.05 10.40
CA LEU AA 16 24.80 49.19 11.75
C LEU AA 16 23.74 48.90 12.82
N VAL AA 17 24.14 48.17 13.85
CA VAL AA 17 23.26 47.92 14.99
C VAL AA 17 23.70 48.82 16.14
N PRO AA 18 22.78 49.65 16.63
CA PRO AA 18 23.11 50.62 17.69
C PRO AA 18 23.60 49.90 18.94
N MET AA 19 24.52 50.54 19.66
CA MET AA 19 24.98 50.04 20.94
C MET AA 19 24.26 50.79 22.06
N VAL AA 20 23.87 50.06 23.10
CA VAL AA 20 23.24 50.68 24.26
C VAL AA 20 23.95 50.27 25.52
N ILE AA 21 23.76 51.04 26.59
CA ILE AA 21 24.38 50.73 27.87
C ILE AA 21 23.43 49.97 28.77
N GLU AA 22 23.84 48.78 29.20
CA GLU AA 22 23.09 48.07 30.22
C GLU AA 22 23.65 48.44 31.59
N GLN AA 23 22.77 48.85 32.48
CA GLN AA 23 23.17 49.12 33.85
C GLN AA 23 23.16 47.83 34.65
N THR AA 24 24.31 47.48 35.21
CA THR AA 24 24.45 46.24 35.96
C THR AA 24 24.78 46.55 37.41
N SER AA 25 24.76 45.52 38.26
CA SER AA 25 25.10 45.70 39.67
C SER AA 25 26.54 46.18 39.84
N ARG AA 26 27.38 45.88 38.86
CA ARG AA 26 28.79 46.24 38.95
C ARG AA 26 29.13 47.55 38.26
N GLY AA 27 28.20 48.05 37.45
CA GLY AA 27 28.42 49.29 36.74
C GLY AA 27 27.61 49.34 35.46
N GLU AA 28 28.31 49.37 34.33
CA GLU AA 28 27.61 49.38 33.04
C GLU AA 28 28.40 48.68 31.93
N ARG AA 29 27.67 47.99 31.07
CA ARG AA 29 28.28 47.31 29.92
C ARG AA 29 27.65 47.80 28.62
N SER AA 30 28.44 47.77 27.55
CA SER AA 30 27.93 48.16 26.24
C SER AA 30 27.44 46.93 25.48
N PHE AA 31 26.25 47.05 24.90
CA PHE AA 31 25.60 45.93 24.22
C PHE AA 31 24.95 46.40 22.94
N ASP AA 32 25.01 45.58 21.89
CA ASP AA 32 24.16 45.84 20.72
C ASP AA 32 22.71 45.69 21.20
N ILE AA 33 21.80 46.45 20.59
CA ILE AA 33 20.44 46.54 21.12
C ILE AA 33 19.68 45.20 21.15
N TYR AA 34 19.96 44.34 20.17
CA TYR AA 34 19.31 43.03 20.16
C TYR AA 34 19.78 42.15 21.32
N SER AA 35 21.08 42.19 21.60
CA SER AA 35 21.63 41.47 22.74
C SER AA 35 21.04 42.03 24.04
N ARG AA 36 20.85 43.34 24.08
CA ARG AA 36 20.26 43.99 25.25
C ARG AA 36 18.85 43.46 25.52
N LEU AA 37 18.06 43.34 24.47
CA LEU AA 37 16.69 42.87 24.60
C LEU AA 37 16.62 41.37 24.92
N LEU AA 38 17.56 40.61 24.38
CA LEU AA 38 17.66 39.19 24.70
C LEU AA 38 17.85 39.02 26.20
N LYS AA 39 18.53 39.99 26.81
CA LYS AA 39 18.75 39.98 28.25
C LYS AA 39 17.43 40.03 29.01
N GLU AA 40 16.42 40.65 28.41
CA GLU AA 40 15.10 40.70 29.01
C GLU AA 40 14.20 39.60 28.44
N ARG AA 41 14.83 38.59 27.86
CA ARG AA 41 14.14 37.40 27.37
C ARG AA 41 13.27 37.67 26.14
N VAL AA 42 13.66 38.66 25.36
CA VAL AA 42 12.99 38.96 24.10
C VAL AA 42 13.81 38.48 22.91
N ILE AA 43 13.20 37.65 22.06
CA ILE AA 43 13.84 37.15 20.86
C ILE AA 43 13.09 37.66 19.64
N PHE AA 44 13.83 38.13 18.64
CA PHE AA 44 13.22 38.59 17.40
C PHE AA 44 13.26 37.53 16.31
N LEU AA 45 12.15 37.35 15.63
CA LEU AA 45 12.09 36.52 14.44
C LEU AA 45 11.76 37.46 13.29
N THR AA 46 12.77 37.80 12.50
CA THR AA 46 12.63 38.87 11.51
C THR AA 46 12.88 38.41 10.08
N GLY AA 47 11.92 38.69 9.20
CA GLY AA 47 12.06 38.35 7.79
C GLY AA 47 12.01 36.86 7.46
N GLN AA 48 12.72 36.49 6.40
CA GLN AA 48 12.72 35.13 5.88
C GLN AA 48 13.12 34.02 6.85
N VAL AA 49 12.26 33.01 7.00
CA VAL AA 49 12.60 31.85 7.82
C VAL AA 49 13.50 30.87 7.07
N GLU AA 50 14.68 30.60 7.64
CA GLU AA 50 15.62 29.64 7.07
C GLU AA 50 16.55 29.09 8.16
N ASP AA 51 17.30 28.05 7.80
CA ASP AA 51 18.12 27.29 8.75
C ASP AA 51 18.93 28.12 9.74
N HIS AA 52 19.65 29.11 9.25
CA HIS AA 52 20.60 29.83 10.10
C HIS AA 52 19.96 30.80 11.07
N MET AA 53 19.02 31.62 10.59
CA MET AA 53 18.27 32.50 11.48
C MET AA 53 17.45 31.65 12.45
N ALA AA 54 16.99 30.50 11.98
CA ALA AA 54 16.16 29.63 12.80
C ALA AA 54 16.96 28.98 13.92
N ASN AA 55 18.12 28.43 13.58
CA ASN AA 55 18.96 27.81 14.60
C ASN AA 55 19.46 28.83 15.63
N LEU AA 56 19.62 30.08 15.23
CA LEU AA 56 20.00 31.12 16.16
C LEU AA 56 18.88 31.37 17.17
N ILE AA 57 17.64 31.32 16.70
CA ILE AA 57 16.49 31.47 17.56
C ILE AA 57 16.40 30.29 18.53
N VAL AA 58 16.69 29.10 18.03
CA VAL AA 58 16.75 27.91 18.86
C VAL AA 58 17.77 28.08 19.98
N ALA AA 59 18.97 28.55 19.62
CA ALA AA 59 20.03 28.75 20.59
C ALA AA 59 19.63 29.74 21.68
N GLN AA 60 18.96 30.82 21.27
CA GLN AA 60 18.49 31.81 22.22
C GLN AA 60 17.45 31.24 23.18
N MET AA 61 16.54 30.43 22.66
CA MET AA 61 15.51 29.81 23.47
C MET AA 61 16.10 28.86 24.50
N LEU AA 62 17.05 28.04 24.07
CA LEU AA 62 17.70 27.10 24.98
C LEU AA 62 18.48 27.85 26.07
N PHE AA 63 19.20 28.90 25.66
CA PHE AA 63 19.96 29.71 26.61
C PHE AA 63 19.05 30.35 27.66
N LEU AA 64 17.93 30.88 27.22
CA LEU AA 64 16.98 31.53 28.13
C LEU AA 64 16.38 30.53 29.12
N GLU AA 65 15.98 29.36 28.63
CA GLU AA 65 15.47 28.33 29.53
C GLU AA 65 16.49 28.01 30.61
N ALA AA 66 17.75 27.84 30.20
CA ALA AA 66 18.83 27.54 31.12
C ALA AA 66 19.02 28.66 32.15
N GLU AA 67 18.88 29.90 31.72
CA GLU AA 67 18.97 31.04 32.64
C GLU AA 67 17.85 30.99 33.67
N ASN AA 68 16.62 30.89 33.19
CA ASN AA 68 15.48 30.74 34.08
C ASN AA 68 14.41 29.88 33.42
N PRO AA 69 14.26 28.65 33.92
CA PRO AA 69 13.28 27.70 33.41
C PRO AA 69 11.85 28.11 33.72
N GLU AA 70 11.66 29.12 34.57
CA GLU AA 70 10.32 29.49 35.01
C GLU AA 70 9.75 30.72 34.31
N LYS AA 71 10.61 31.66 33.97
CA LYS AA 71 10.19 32.93 33.37
C LYS AA 71 9.77 32.78 31.92
N ASP AA 72 8.75 33.55 31.51
CA ASP AA 72 8.29 33.53 30.13
C ASP AA 72 9.38 34.01 29.18
N ILE AA 73 9.30 33.55 27.94
CA ILE AA 73 10.18 34.04 26.87
C ILE AA 73 9.29 34.70 25.82
N TYR AA 74 9.80 35.73 25.17
CA TYR AA 74 9.00 36.46 24.20
C TYR AA 74 9.58 36.38 22.80
N LEU AA 75 8.74 36.00 21.84
CA LEU AA 75 9.14 35.89 20.46
C LEU AA 75 8.41 36.93 19.63
N TYR AA 76 9.13 37.97 19.22
CA TYR AA 76 8.54 39.04 18.42
C TYR AA 76 8.67 38.72 16.94
N ILE AA 77 7.54 38.53 16.27
CA ILE AA 77 7.51 38.02 14.91
C ILE AA 77 7.14 39.07 13.87
N ASN AA 78 8.03 39.23 12.88
CA ASN AA 78 7.73 40.01 11.68
C ASN AA 78 8.32 39.30 10.47
N SER AA 79 7.52 38.46 9.83
CA SER AA 79 8.04 37.53 8.84
C SER AA 79 7.02 37.18 7.77
N PRO AA 80 7.49 36.98 6.53
CA PRO AA 80 6.69 36.49 5.40
C PRO AA 80 6.64 34.97 5.37
N GLY AA 81 7.30 34.33 6.33
CA GLY AA 81 7.37 32.87 6.37
C GLY AA 81 8.69 32.36 5.82
N GLY AA 82 8.69 31.12 5.35
CA GLY AA 82 9.89 30.54 4.79
C GLY AA 82 9.94 29.02 4.84
N VAL AA 83 11.14 28.48 5.00
CA VAL AA 83 11.37 27.04 4.98
C VAL AA 83 10.68 26.34 6.15
N ILE AA 84 9.89 25.32 5.83
CA ILE AA 84 9.09 24.64 6.84
C ILE AA 84 9.92 23.88 7.88
N THR AA 85 10.89 23.08 7.43
CA THR AA 85 11.72 22.33 8.36
C THR AA 85 12.48 23.26 9.32
N ALA AA 86 12.92 24.40 8.80
CA ALA AA 86 13.61 25.40 9.63
C ALA AA 86 12.65 25.94 10.69
N GLY AA 87 11.42 26.24 10.28
CA GLY AA 87 10.42 26.74 11.20
C GLY AA 87 10.07 25.72 12.26
N MET AA 88 10.08 24.44 11.88
CA MET AA 88 9.70 23.38 12.81
C MET AA 88 10.77 23.13 13.88
N SER AA 89 12.01 23.52 13.61
CA SER AA 89 13.04 23.44 14.62
C SER AA 89 12.70 24.43 15.72
N ILE AA 90 12.18 25.58 15.32
CA ILE AA 90 11.72 26.59 16.27
C ILE AA 90 10.47 26.10 17.00
N TYR AA 91 9.52 25.57 16.26
CA TYR AA 91 8.27 25.10 16.85
C TYR AA 91 8.52 24.04 17.92
N ASP AA 92 9.32 23.04 17.60
CA ASP AA 92 9.60 21.96 18.54
C ASP AA 92 10.37 22.45 19.76
N THR AA 93 11.24 23.43 19.56
CA THR AA 93 11.96 24.02 20.68
C THR AA 93 11.00 24.77 21.59
N MET AA 94 10.06 25.50 20.99
CA MET AA 94 9.05 26.23 21.76
C MET AA 94 8.26 25.30 22.66
N GLN AA 95 7.87 24.15 22.13
CA GLN AA 95 7.04 23.22 22.90
C GLN AA 95 7.87 22.43 23.92
N PHE AA 96 9.14 22.20 23.63
CA PHE AA 96 10.00 21.43 24.54
C PHE AA 96 10.34 22.17 25.83
N ILE AA 97 10.84 23.39 25.70
CA ILE AA 97 11.34 24.14 26.85
C ILE AA 97 10.24 24.43 27.86
N LYS AA 98 10.61 24.54 29.12
CA LYS AA 98 9.62 24.74 30.18
C LYS AA 98 8.92 26.09 30.11
N PRO AA 99 9.68 27.17 29.88
CA PRO AA 99 9.05 28.50 29.83
C PRO AA 99 7.94 28.59 28.79
N ASP AA 100 6.86 29.29 29.14
CA ASP AA 100 5.86 29.66 28.15
C ASP AA 100 6.54 30.56 27.13
N VAL AA 101 6.26 30.33 25.85
CA VAL AA 101 6.75 31.25 24.82
C VAL AA 101 5.61 32.14 24.36
N SER AA 102 5.66 33.40 24.77
CA SER AA 102 4.67 34.38 24.35
C SER AA 102 5.05 34.96 23.00
N THR AA 103 4.09 35.00 22.08
CA THR AA 103 4.36 35.49 20.73
C THR AA 103 3.61 36.79 20.43
N ILE AA 104 4.28 37.67 19.69
CA ILE AA 104 3.68 38.94 19.27
C ILE AA 104 3.89 39.16 17.77
N CYS AA 105 2.79 39.39 17.07
CA CYS AA 105 2.86 39.72 15.65
C CYS AA 105 2.94 41.22 15.43
N MET AA 106 4.02 41.67 14.80
CA MET AA 106 4.18 43.07 14.45
CA MET AA 106 4.18 43.07 14.45
C MET AA 106 4.49 43.21 12.96
N GLY AA 107 3.70 44.00 12.27
CA GLY AA 107 3.82 44.12 10.83
C GLY AA 107 3.04 43.01 10.16
N GLN AA 108 3.66 41.83 10.08
CA GLN AA 108 3.00 40.67 9.52
C GLN AA 108 3.59 39.37 10.03
N ALA AA 109 2.77 38.33 10.02
CA ALA AA 109 3.21 36.96 10.25
C ALA AA 109 2.51 36.11 9.20
N ALA AA 110 3.24 35.73 8.17
CA ALA AA 110 2.65 34.97 7.07
C ALA AA 110 3.24 33.58 6.98
N SER AA 111 2.40 32.62 6.63
CA SER AA 111 2.83 31.24 6.42
C SER AA 111 3.49 30.67 7.67
N MET AA 112 4.72 30.20 7.55
CA MET AA 112 5.43 29.67 8.72
C MET AA 112 5.48 30.72 9.84
N GLY AA 113 5.50 31.99 9.48
CA GLY AA 113 5.45 33.06 10.46
C GLY AA 113 4.15 33.02 11.25
N ALA AA 114 3.04 32.81 10.54
CA ALA AA 114 1.73 32.72 11.18
C ALA AA 114 1.64 31.47 12.03
N PHE AA 115 2.23 30.37 11.55
CA PHE AA 115 2.22 29.11 12.28
C PHE AA 115 2.94 29.25 13.63
N LEU AA 116 4.12 29.86 13.60
CA LEU AA 116 4.89 30.06 14.82
C LEU AA 116 4.20 31.04 15.77
N LEU AA 117 3.51 32.02 15.20
CA LEU AA 117 2.73 32.95 16.00
C LEU AA 117 1.65 32.22 16.82
N THR AA 118 0.89 31.36 16.14
CA THR AA 118 -0.20 30.64 16.79
C THR AA 118 0.31 29.53 17.70
N ALA AA 119 1.59 29.17 17.52
CA ALA AA 119 2.21 28.11 18.30
C ALA AA 119 2.57 28.57 19.71
N GLY AA 120 2.41 29.87 19.97
CA GLY AA 120 2.75 30.44 21.25
C GLY AA 120 1.88 29.90 22.38
N ALA AA 121 2.30 30.14 23.61
CA ALA AA 121 1.55 29.70 24.78
C ALA AA 121 0.12 30.24 24.77
N LYS AA 122 -0.85 29.37 25.04
CA LYS AA 122 -2.24 29.77 25.05
C LYS AA 122 -2.48 30.94 26.00
N GLY AA 123 -3.14 31.98 25.51
CA GLY AA 123 -3.41 33.16 26.31
C GLY AA 123 -2.33 34.21 26.19
N LYS AA 124 -1.21 33.84 25.59
CA LYS AA 124 -0.07 34.75 25.48
C LYS AA 124 0.39 34.98 24.04
N ARG AA 125 -0.56 34.88 23.11
CA ARG AA 125 -0.31 35.19 21.71
C ARG AA 125 -1.01 36.50 21.36
N PHE AA 126 -0.26 37.45 20.82
CA PHE AA 126 -0.80 38.78 20.55
C PHE AA 126 -0.58 39.25 19.12
N CYS AA 127 -1.50 40.07 18.63
CA CYS AA 127 -1.31 40.84 17.41
C CYS AA 127 -1.27 42.31 17.78
N LEU AA 128 -0.42 43.09 17.12
CA LEU AA 128 -0.52 44.54 17.21
C LEU AA 128 -1.73 44.94 16.37
N PRO AA 129 -2.35 46.09 16.69
CA PRO AA 129 -3.66 46.45 16.14
C PRO AA 129 -3.74 46.49 14.61
N ASN AA 130 -2.65 46.83 13.93
CA ASN AA 130 -2.66 46.93 12.48
C ASN AA 130 -1.78 45.89 11.79
N SER AA 131 -1.31 44.92 12.56
CA SER AA 131 -0.56 43.81 11.99
C SER AA 131 -1.51 42.91 11.23
N ARG AA 132 -0.98 42.09 10.33
CA ARG AA 132 -1.84 41.17 9.59
C ARG AA 132 -1.21 39.79 9.52
N VAL AA 133 -2.06 38.79 9.31
CA VAL AA 133 -1.64 37.40 9.26
C VAL AA 133 -2.09 36.79 7.94
N MET AA 134 -1.30 35.87 7.41
CA MET AA 134 -1.71 35.11 6.23
C MET AA 134 -1.40 33.64 6.42
N ILE AA 135 -2.35 32.79 6.05
CA ILE AA 135 -2.15 31.35 6.13
C ILE AA 135 -2.41 30.71 4.77
N HIS AA 136 -1.69 29.63 4.49
CA HIS AA 136 -1.96 28.83 3.30
C HIS AA 136 -1.40 27.42 3.45
N GLN AA 137 -1.20 26.73 2.32
CA GLN AA 137 -0.69 25.36 2.34
C GLN AA 137 0.76 25.34 1.86
N PRO AA 138 1.47 24.24 2.14
CA PRO AA 138 2.89 24.16 1.77
C PRO AA 138 3.11 24.33 0.26
N LEU AA 139 4.19 25.03 -0.07
CA LEU AA 139 4.63 25.16 -1.45
C LEU AA 139 5.89 24.32 -1.63
N GLY AA 140 6.05 23.74 -2.82
CA GLY AA 140 7.23 22.94 -3.07
C GLY AA 140 7.40 22.67 -4.54
N GLY AA 141 8.09 21.57 -4.84
CA GLY AA 141 8.35 21.23 -6.21
C GLY AA 141 9.56 20.31 -6.30
N TYR AA 142 9.53 19.45 -7.31
CA TYR AA 142 10.64 18.54 -7.54
C TYR AA 142 10.75 18.33 -9.05
N GLN AA 143 11.90 17.85 -9.48
CA GLN AA 143 12.14 17.61 -10.89
C GLN AA 143 12.94 16.33 -11.04
N GLY AA 144 12.46 15.41 -11.87
CA GLY AA 144 13.15 14.15 -12.09
C GLY AA 144 12.22 13.05 -12.57
N GLN AA 145 12.57 11.81 -12.27
CA GLN AA 145 11.78 10.65 -12.67
C GLN AA 145 10.43 10.61 -11.97
N ALA AA 146 9.44 10.04 -12.65
CA ALA AA 146 8.10 9.92 -12.10
C ALA AA 146 8.12 9.25 -10.72
N THR AA 147 8.94 8.22 -10.57
CA THR AA 147 9.04 7.52 -9.30
C THR AA 147 9.44 8.45 -8.16
N ASP AA 148 10.42 9.31 -8.42
CA ASP AA 148 10.91 10.25 -7.41
C ASP AA 148 9.92 11.39 -7.18
N ILE AA 149 9.25 11.80 -8.25
CA ILE AA 149 8.22 12.82 -8.15
C ILE AA 149 7.11 12.35 -7.21
N GLU AA 150 6.76 11.08 -7.32
CA GLU AA 150 5.74 10.48 -6.46
C GLU AA 150 6.18 10.50 -5.00
N ILE AA 151 7.43 10.12 -4.76
CA ILE AA 151 7.98 10.10 -3.40
C ILE AA 151 7.91 11.48 -2.75
N HIS AA 152 8.31 12.51 -3.48
CA HIS AA 152 8.34 13.87 -2.94
C HIS AA 152 6.95 14.51 -2.84
N ALA AA 153 6.06 14.15 -3.77
CA ALA AA 153 4.68 14.62 -3.69
C ALA AA 153 4.02 14.01 -2.47
N ARG AA 154 4.23 12.72 -2.27
CA ARG AA 154 3.67 12.03 -1.11
C ARG AA 154 4.13 12.70 0.18
N GLU AA 155 5.41 13.07 0.23
CA GLU AA 155 5.97 13.69 1.41
C GLU AA 155 5.38 15.07 1.70
N ILE AA 156 5.30 15.92 0.68
CA ILE AA 156 4.77 17.27 0.92
C ILE AA 156 3.31 17.21 1.34
N LEU AA 157 2.60 16.19 0.86
CA LEU AA 157 1.22 15.99 1.29
C LEU AA 157 1.13 15.59 2.76
N LYS AA 158 2.11 14.82 3.21
CA LYS AA 158 2.19 14.46 4.63
C LYS AA 158 2.52 15.68 5.48
N VAL AA 159 3.42 16.52 4.99
CA VAL AA 159 3.76 17.76 5.67
C VAL AA 159 2.52 18.64 5.78
N LYS AA 160 1.80 18.77 4.68
CA LYS AA 160 0.56 19.54 4.65
C LYS AA 160 -0.42 19.04 5.71
N GLY AA 161 -0.56 17.73 5.80
CA GLY AA 161 -1.45 17.11 6.78
C GLY AA 161 -1.06 17.44 8.20
N ARG AA 162 0.24 17.35 8.49
CA ARG AA 162 0.74 17.62 9.84
C ARG AA 162 0.56 19.09 10.22
N MET AA 163 0.89 19.99 9.30
CA MET AA 163 0.75 21.41 9.54
C MET AA 163 -0.71 21.77 9.85
N ASN AA 164 -1.63 21.16 9.12
CA ASN AA 164 -3.05 21.41 9.33
C ASN AA 164 -3.54 20.88 10.68
N GLU AA 165 -3.05 19.69 11.05
CA GLU AA 165 -3.40 19.12 12.35
C GLU AA 165 -2.92 20.03 13.47
N LEU AA 166 -1.69 20.53 13.34
CA LEU AA 166 -1.12 21.40 14.35
C LEU AA 166 -1.84 22.75 14.40
N MET AA 167 -2.21 23.27 13.24
CA MET AA 167 -2.98 24.51 13.18
C MET AA 167 -4.33 24.34 13.89
N ALA AA 168 -4.99 23.22 13.63
CA ALA AA 168 -6.26 22.92 14.29
C ALA AA 168 -6.08 22.89 15.80
N LEU AA 169 -5.03 22.21 16.25
CA LEU AA 169 -4.75 22.09 17.68
C LEU AA 169 -4.60 23.43 18.36
N HIS AA 170 -3.82 24.33 17.75
CA HIS AA 170 -3.51 25.62 18.36
C HIS AA 170 -4.63 26.66 18.24
N THR AA 171 -5.43 26.57 17.18
CA THR AA 171 -6.51 27.52 16.98
C THR AA 171 -7.82 27.07 17.63
N GLY AA 172 -7.99 25.76 17.76
CA GLY AA 172 -9.22 25.21 18.28
C GLY AA 172 -10.24 24.99 17.18
N GLN AA 173 -9.85 25.34 15.95
CA GLN AA 173 -10.69 25.09 14.79
C GLN AA 173 -10.66 23.60 14.46
N SER AA 174 -11.68 23.13 13.77
CA SER AA 174 -11.70 21.75 13.33
C SER AA 174 -10.66 21.55 12.23
N LEU AA 175 -10.18 20.33 12.07
CA LEU AA 175 -9.23 20.02 11.01
C LEU AA 175 -9.83 20.36 9.66
N GLU AA 176 -11.10 20.01 9.47
CA GLU AA 176 -11.78 20.28 8.22
C GLU AA 176 -11.83 21.77 7.90
N GLN AA 177 -12.05 22.61 8.92
CA GLN AA 177 -12.10 24.05 8.73
C GLN AA 177 -10.73 24.59 8.31
N ILE AA 178 -9.69 24.16 9.02
CA ILE AA 178 -8.32 24.55 8.69
C ILE AA 178 -8.00 24.17 7.25
N GLU AA 179 -8.32 22.94 6.88
CA GLU AA 179 -8.12 22.46 5.52
C GLU AA 179 -8.81 23.36 4.49
N ARG AA 180 -10.07 23.68 4.74
CA ARG AA 180 -10.83 24.54 3.85
C ARG AA 180 -10.22 25.92 3.72
N ASP AA 181 -9.77 26.48 4.84
CA ASP AA 181 -9.31 27.86 4.88
C ASP AA 181 -7.87 28.04 4.40
N THR AA 182 -7.15 26.94 4.20
CA THR AA 182 -5.74 27.03 3.83
C THR AA 182 -5.42 26.55 2.42
N GLU AA 183 -6.43 26.13 1.68
CA GLU AA 183 -6.21 25.70 0.30
C GLU AA 183 -5.63 26.83 -0.54
N ARG AA 184 -6.07 28.05 -0.27
CA ARG AA 184 -5.51 29.23 -0.92
C ARG AA 184 -5.12 30.29 0.11
N ASP AA 185 -4.25 31.20 -0.30
CA ASP AA 185 -3.85 32.32 0.56
C ASP AA 185 -5.06 32.92 1.24
N ARG AA 186 -4.97 33.08 2.55
CA ARG AA 186 -6.06 33.63 3.34
C ARG AA 186 -5.51 34.64 4.32
N PHE AA 187 -5.90 35.90 4.14
CA PHE AA 187 -5.45 36.97 5.01
C PHE AA 187 -6.39 37.17 6.19
N LEU AA 188 -5.83 37.50 7.34
CA LEU AA 188 -6.62 37.84 8.52
C LEU AA 188 -6.11 39.11 9.15
N SER AA 189 -7.02 40.04 9.42
CA SER AA 189 -6.69 41.23 10.19
C SER AA 189 -6.47 40.80 11.64
N ALA AA 190 -5.98 41.71 12.46
CA ALA AA 190 -5.75 41.39 13.87
C ALA AA 190 -7.04 40.91 14.57
N PRO AA 191 -8.13 41.67 14.44
CA PRO AA 191 -9.39 41.21 15.05
C PRO AA 191 -9.82 39.85 14.52
N GLU AA 192 -9.69 39.63 13.22
CA GLU AA 192 -10.05 38.35 12.63
C GLU AA 192 -9.17 37.22 13.16
N ALA AA 193 -7.90 37.52 13.41
CA ALA AA 193 -6.98 36.53 13.97
C ALA AA 193 -7.41 36.12 15.37
N VAL AA 194 -7.90 37.09 16.15
CA VAL AA 194 -8.43 36.81 17.46
C VAL AA 194 -9.67 35.92 17.36
N GLU AA 195 -10.57 36.30 16.46
CA GLU AA 195 -11.81 35.55 16.24
C GLU AA 195 -11.53 34.12 15.81
N TYR AA 196 -10.47 33.94 15.02
CA TYR AA 196 -10.16 32.63 14.44
C TYR AA 196 -9.47 31.72 15.45
N GLY AA 197 -8.94 32.29 16.52
CA GLY AA 197 -8.22 31.53 17.51
C GLY AA 197 -6.74 31.42 17.21
N LEU AA 198 -6.27 32.20 16.24
CA LEU AA 198 -4.86 32.23 15.89
C LEU AA 198 -4.02 32.95 16.95
N VAL AA 199 -4.55 34.04 17.48
CA VAL AA 199 -3.95 34.70 18.64
C VAL AA 199 -5.04 34.92 19.68
N ASP AA 200 -4.63 35.35 20.87
CA ASP AA 200 -5.56 35.46 21.98
C ASP AA 200 -6.14 36.86 22.11
N SER AA 201 -5.35 37.87 21.76
CA SER AA 201 -5.82 39.25 21.85
C SER AA 201 -4.94 40.25 21.13
N ILE AA 202 -5.41 41.48 21.05
CA ILE AA 202 -4.69 42.57 20.40
C ILE AA 202 -4.04 43.45 21.45
N LEU AA 203 -2.78 43.79 21.24
CA LEU AA 203 -2.08 44.71 22.15
C LEU AA 203 -2.30 46.16 21.73
N THR AA 204 -2.76 46.98 22.67
CA THR AA 204 -2.97 48.40 22.41
C THR AA 204 -2.27 49.25 23.48
N HIS AA 205 -2.40 50.56 23.37
CA HIS AA 205 -1.66 51.49 24.23
C HIS AA 205 -1.62 51.04 25.69
N ARG AA 206 -0.40 51.07 26.24
CA ARG AA 206 -0.16 50.63 27.61
C ARG AA 206 -0.38 51.76 28.62
N ASN AA 207 -0.90 51.39 29.79
CA ASN AA 207 -1.23 52.36 30.83
C ASN AA 207 -0.01 52.88 31.58
N LEU BA 16 31.41 54.77 6.98
CA LEU BA 16 32.17 54.78 8.22
C LEU BA 16 31.56 55.74 9.24
N VAL BA 17 31.32 55.26 10.45
CA VAL BA 17 30.61 56.04 11.46
C VAL BA 17 31.54 56.61 12.50
N PRO BA 18 31.57 57.94 12.64
CA PRO BA 18 32.44 58.63 13.59
C PRO BA 18 32.19 58.18 15.03
N MET BA 19 33.26 58.13 15.81
CA MET BA 19 33.14 57.79 17.22
C MET BA 19 33.27 59.05 18.06
N VAL BA 20 32.49 59.12 19.14
CA VAL BA 20 32.56 60.23 20.07
C VAL BA 20 32.66 59.65 21.48
N ILE BA 21 33.06 60.49 22.44
CA ILE BA 21 33.15 60.04 23.82
C ILE BA 21 32.26 60.86 24.74
N GLU BA 22 31.62 60.18 25.68
CA GLU BA 22 30.81 60.85 26.69
C GLU BA 22 31.44 60.71 28.06
N GLN BA 23 31.65 61.83 28.72
CA GLN BA 23 32.22 61.83 30.06
C GLN BA 23 31.15 61.51 31.10
N THR BA 24 31.44 60.52 31.95
CA THR BA 24 30.54 60.14 33.03
C THR BA 24 31.25 60.26 34.37
N SER BA 25 30.52 59.99 35.45
CA SER BA 25 31.11 60.00 36.78
C SER BA 25 32.16 58.91 36.90
N ARG BA 26 31.92 57.78 36.24
CA ARG BA 26 32.84 56.66 36.28
C ARG BA 26 33.62 56.46 34.98
N GLY BA 27 34.00 57.55 34.34
CA GLY BA 27 34.86 57.49 33.17
C GLY BA 27 34.22 57.90 31.87
N GLU BA 28 34.81 57.45 30.76
CA GLU BA 28 34.34 57.82 29.43
C GLU BA 28 33.59 56.68 28.77
N ARG BA 29 32.61 57.03 27.95
CA ARG BA 29 31.91 56.05 27.12
C ARG BA 29 32.30 56.28 25.66
N SER BA 30 32.49 55.20 24.92
CA SER BA 30 32.75 55.31 23.49
C SER BA 30 31.50 54.99 22.68
N PHE BA 31 31.06 55.94 21.86
CA PHE BA 31 29.84 55.78 21.07
C PHE BA 31 30.08 56.09 19.60
N ASP BA 32 29.56 55.25 18.72
CA ASP BA 32 29.39 55.69 17.34
C ASP BA 32 28.33 56.78 17.41
N ILE BA 33 28.34 57.71 16.46
CA ILE BA 33 27.50 58.89 16.54
C ILE BA 33 26.01 58.57 16.72
N TYR BA 34 25.54 57.53 16.04
CA TYR BA 34 24.12 57.18 16.11
C TYR BA 34 23.72 56.62 17.47
N SER BA 35 24.57 55.77 18.03
CA SER BA 35 24.34 55.24 19.36
C SER BA 35 24.36 56.37 20.38
N ARG BA 36 25.19 57.38 20.11
CA ARG BA 36 25.28 58.55 20.99
C ARG BA 36 23.95 59.31 21.00
N LEU BA 37 23.36 59.49 19.83
CA LEU BA 37 22.09 60.22 19.74
C LEU BA 37 20.92 59.39 20.27
N LEU BA 38 20.99 58.07 20.07
CA LEU BA 38 19.98 57.17 20.64
C LEU BA 38 19.92 57.33 22.14
N LYS BA 39 21.08 57.54 22.77
CA LYS BA 39 21.16 57.70 24.20
C LYS BA 39 20.40 58.94 24.67
N GLU BA 40 20.28 59.92 23.76
CA GLU BA 40 19.48 61.11 24.05
C GLU BA 40 18.07 60.97 23.48
N ARG BA 41 17.68 59.74 23.22
CA ARG BA 41 16.32 59.40 22.82
C ARG BA 41 15.96 59.85 21.39
N VAL BA 42 16.97 59.96 20.54
CA VAL BA 42 16.75 60.28 19.13
C VAL BA 42 16.95 59.03 18.28
N ILE BA 43 15.93 58.69 17.48
CA ILE BA 43 16.00 57.55 16.58
C ILE BA 43 15.91 58.02 15.13
N PHE BA 44 16.76 57.46 14.28
CA PHE BA 44 16.76 57.83 12.86
C PHE BA 44 16.04 56.82 12.00
N LEU BA 45 15.15 57.32 11.13
CA LEU BA 45 14.51 56.50 10.12
C LEU BA 45 15.01 57.00 8.78
N THR BA 46 15.92 56.25 8.17
CA THR BA 46 16.63 56.74 6.99
C THR BA 46 16.54 55.77 5.81
N GLY BA 47 16.27 56.30 4.63
CA GLY BA 47 16.18 55.49 3.44
C GLY BA 47 14.94 54.64 3.40
N GLN BA 48 14.99 53.56 2.63
CA GLN BA 48 13.79 52.76 2.40
C GLN BA 48 13.32 51.97 3.62
N VAL BA 49 12.00 51.91 3.77
CA VAL BA 49 11.37 51.15 4.84
C VAL BA 49 11.30 49.67 4.46
N GLU BA 50 11.88 48.83 5.31
CA GLU BA 50 11.78 47.38 5.13
C GLU BA 50 11.96 46.66 6.47
N ASP BA 51 11.69 45.36 6.48
CA ASP BA 51 11.64 44.59 7.73
C ASP BA 51 12.78 44.84 8.71
N HIS BA 52 14.00 44.76 8.22
CA HIS BA 52 15.17 44.81 9.10
C HIS BA 52 15.44 46.19 9.71
N MET BA 53 15.38 47.24 8.90
CA MET BA 53 15.55 48.59 9.41
C MET BA 53 14.36 48.95 10.31
N ALA BA 54 13.20 48.41 9.99
CA ALA BA 54 11.98 48.68 10.75
C ALA BA 54 12.03 48.04 12.13
N ASN BA 55 12.40 46.77 12.19
CA ASN BA 55 12.49 46.07 13.46
C ASN BA 55 13.55 46.68 14.37
N LEU BA 56 14.59 47.24 13.77
CA LEU BA 56 15.62 47.93 14.52
C LEU BA 56 15.02 49.16 15.22
N ILE BA 57 14.14 49.86 14.50
CA ILE BA 57 13.48 51.04 15.05
C ILE BA 57 12.51 50.63 16.17
N VAL BA 58 11.78 49.55 15.96
CA VAL BA 58 10.90 49.01 16.98
C VAL BA 58 11.69 48.69 18.25
N ALA BA 59 12.82 48.01 18.09
CA ALA BA 59 13.67 47.64 19.22
C ALA BA 59 14.15 48.88 19.96
N GLN BA 60 14.53 49.92 19.22
CA GLN BA 60 14.98 51.17 19.81
C GLN BA 60 13.88 51.84 20.64
N MET BA 61 12.66 51.85 20.10
CA MET BA 61 11.52 52.46 20.79
C MET BA 61 11.19 51.73 22.08
N LEU BA 62 11.13 50.40 22.01
CA LEU BA 62 10.86 49.59 23.19
C LEU BA 62 11.93 49.79 24.25
N PHE BA 63 13.17 49.92 23.80
CA PHE BA 63 14.29 50.14 24.71
C PHE BA 63 14.19 51.49 25.42
N LEU BA 64 13.88 52.54 24.66
CA LEU BA 64 13.78 53.87 25.24
C LEU BA 64 12.61 53.96 26.20
N GLU BA 65 11.52 53.27 25.89
CA GLU BA 65 10.36 53.23 26.79
C GLU BA 65 10.76 52.61 28.12
N ALA BA 66 11.53 51.54 28.06
CA ALA BA 66 12.03 50.87 29.25
C ALA BA 66 12.91 51.81 30.08
N GLU BA 67 13.79 52.54 29.41
CA GLU BA 67 14.71 53.45 30.05
C GLU BA 67 13.97 54.56 30.79
N ASN BA 68 13.17 55.33 30.05
CA ASN BA 68 12.26 56.31 30.63
C ASN BA 68 10.92 56.26 29.91
N PRO BA 69 9.86 55.84 30.63
CA PRO BA 69 8.50 55.73 30.08
C PRO BA 69 7.77 57.07 29.98
N GLU BA 70 8.35 58.11 30.57
CA GLU BA 70 7.71 59.42 30.60
C GLU BA 70 8.31 60.42 29.60
N LYS BA 71 9.60 60.26 29.31
CA LYS BA 71 10.29 61.19 28.40
C LYS BA 71 9.94 60.95 26.95
N ASP BA 72 9.80 62.04 26.20
CA ASP BA 72 9.50 61.97 24.77
C ASP BA 72 10.59 61.22 24.01
N ILE BA 73 10.19 60.54 22.94
CA ILE BA 73 11.14 59.94 22.02
C ILE BA 73 11.08 60.72 20.71
N TYR BA 74 12.20 60.84 20.03
CA TYR BA 74 12.25 61.60 18.79
C TYR BA 74 12.59 60.71 17.60
N LEU BA 75 11.84 60.87 16.52
CA LEU BA 75 12.01 60.07 15.32
C LEU BA 75 12.28 60.97 14.13
N TYR BA 76 13.54 61.05 13.73
CA TYR BA 76 13.94 61.90 12.61
C TYR BA 76 13.82 61.12 11.31
N ILE BA 77 12.93 61.58 10.44
CA ILE BA 77 12.58 60.86 9.23
C ILE BA 77 13.14 61.50 7.96
N ASN BA 78 13.91 60.70 7.21
CA ASN BA 78 14.33 61.05 5.86
C ASN BA 78 14.20 59.81 4.99
N SER BA 79 13.04 59.66 4.34
CA SER BA 79 12.70 58.41 3.69
C SER BA 79 11.72 58.56 2.53
N PRO BA 80 11.91 57.77 1.46
CA PRO BA 80 11.02 57.72 0.30
C PRO BA 80 9.88 56.74 0.50
N GLY BA 81 9.83 56.11 1.67
CA GLY BA 81 8.81 55.13 1.97
C GLY BA 81 9.31 53.72 1.79
N GLY BA 82 8.40 52.77 1.59
CA GLY BA 82 8.77 51.37 1.41
C GLY BA 82 7.67 50.41 1.78
N VAL BA 83 8.08 49.25 2.32
CA VAL BA 83 7.14 48.17 2.61
C VAL BA 83 6.13 48.56 3.68
N ILE BA 84 4.85 48.39 3.37
CA ILE BA 84 3.79 48.84 4.26
C ILE BA 84 3.73 48.07 5.59
N THR BA 85 3.78 46.74 5.52
CA THR BA 85 3.74 45.94 6.75
C THR BA 85 4.90 46.30 7.68
N ALA BA 86 6.07 46.57 7.10
CA ALA BA 86 7.23 46.97 7.88
C ALA BA 86 6.96 48.31 8.57
N GLY BA 87 6.42 49.26 7.80
CA GLY BA 87 6.07 50.54 8.35
C GLY BA 87 5.06 50.45 9.48
N MET BA 88 4.09 49.55 9.32
CA MET BA 88 3.03 49.39 10.32
C MET BA 88 3.54 48.82 11.64
N SER BA 89 4.63 48.05 11.60
CA SER BA 89 5.22 47.56 12.83
C SER BA 89 5.72 48.75 13.64
N ILE BA 90 6.29 49.73 12.95
CA ILE BA 90 6.73 50.96 13.58
C ILE BA 90 5.53 51.77 14.07
N TYR BA 91 4.52 51.89 13.21
CA TYR BA 91 3.32 52.64 13.57
C TYR BA 91 2.69 52.12 14.88
N ASP BA 92 2.42 50.82 14.92
CA ASP BA 92 1.78 50.21 16.07
C ASP BA 92 2.63 50.34 17.34
N THR BA 93 3.94 50.30 17.19
CA THR BA 93 4.83 50.46 18.32
C THR BA 93 4.76 51.90 18.84
N MET BA 94 4.76 52.87 17.92
CA MET BA 94 4.62 54.27 18.29
C MET BA 94 3.37 54.50 19.13
N GLN BA 95 2.26 53.90 18.70
CA GLN BA 95 0.99 54.09 19.40
C GLN BA 95 0.94 53.34 20.72
N PHE BA 96 1.59 52.19 20.79
CA PHE BA 96 1.56 51.37 21.99
C PHE BA 96 2.33 51.98 23.15
N ILE BA 97 3.58 52.34 22.91
CA ILE BA 97 4.46 52.79 23.98
C ILE BA 97 3.94 54.04 24.69
N LYS BA 98 4.34 54.21 25.95
CA LYS BA 98 3.87 55.31 26.78
C LYS BA 98 4.35 56.68 26.31
N PRO BA 99 5.67 56.82 26.05
CA PRO BA 99 6.20 58.13 25.66
C PRO BA 99 5.56 58.66 24.38
N ASP BA 100 5.45 59.99 24.28
CA ASP BA 100 5.09 60.62 23.02
C ASP BA 100 6.23 60.41 22.04
N VAL BA 101 5.90 60.03 20.81
CA VAL BA 101 6.92 59.99 19.76
C VAL BA 101 6.81 61.23 18.88
N SER BA 102 7.76 62.14 19.05
CA SER BA 102 7.82 63.35 18.23
C SER BA 102 8.50 63.05 16.92
N THR BA 103 7.90 63.46 15.82
CA THR BA 103 8.45 63.17 14.49
C THR BA 103 8.95 64.43 13.79
N ILE BA 104 10.08 64.29 13.11
CA ILE BA 104 10.66 65.41 12.36
C ILE BA 104 11.03 64.99 10.95
N CYS BA 105 10.53 65.73 9.97
CA CYS BA 105 10.81 65.45 8.57
C CYS BA 105 12.04 66.23 8.11
N MET BA 106 13.07 65.51 7.68
CA MET BA 106 14.27 66.13 7.14
C MET BA 106 14.47 65.65 5.71
N GLY BA 107 14.61 66.58 4.78
CA GLY BA 107 14.78 66.25 3.37
C GLY BA 107 13.45 65.84 2.75
N GLN BA 108 13.04 64.59 2.99
CA GLN BA 108 11.76 64.12 2.51
C GLN BA 108 11.14 63.06 3.42
N ALA BA 109 9.81 63.06 3.45
CA ALA BA 109 9.06 61.96 4.02
C ALA BA 109 7.99 61.61 3.00
N ALA BA 110 8.20 60.52 2.26
CA ALA BA 110 7.30 60.15 1.18
C ALA BA 110 6.63 58.81 1.47
N SER BA 111 5.36 58.70 1.09
CA SER BA 111 4.61 57.46 1.22
C SER BA 111 4.62 56.97 2.68
N MET BA 112 5.07 55.75 2.91
CA MET BA 112 5.11 55.24 4.29
C MET BA 112 5.88 56.19 5.19
N GLY BA 113 6.88 56.87 4.62
CA GLY BA 113 7.62 57.87 5.35
C GLY BA 113 6.73 58.99 5.83
N ALA BA 114 5.87 59.48 4.93
CA ALA BA 114 4.92 60.53 5.27
C ALA BA 114 3.91 60.01 6.29
N PHE BA 115 3.50 58.76 6.13
CA PHE BA 115 2.54 58.14 7.04
C PHE BA 115 3.07 58.15 8.47
N LEU BA 116 4.29 57.67 8.65
CA LEU BA 116 4.89 57.62 9.97
C LEU BA 116 5.13 59.02 10.55
N LEU BA 117 5.39 59.98 9.69
CA LEU BA 117 5.56 61.37 10.10
C LEU BA 117 4.28 61.92 10.75
N THR BA 118 3.15 61.71 10.08
CA THR BA 118 1.87 62.23 10.57
C THR BA 118 1.39 61.41 11.77
N ALA BA 119 1.94 60.21 11.94
CA ALA BA 119 1.56 59.33 13.03
C ALA BA 119 2.14 59.78 14.37
N GLY BA 120 3.02 60.78 14.32
CA GLY BA 120 3.65 61.29 15.52
C GLY BA 120 2.64 61.84 16.52
N ALA BA 121 3.07 62.04 17.75
CA ALA BA 121 2.20 62.58 18.80
C ALA BA 121 1.67 63.94 18.39
N LYS BA 122 0.36 64.11 18.48
CA LYS BA 122 -0.28 65.37 18.10
C LYS BA 122 0.40 66.56 18.76
N GLY BA 123 0.74 67.56 17.94
CA GLY BA 123 1.39 68.75 18.44
C GLY BA 123 2.90 68.66 18.44
N LYS BA 124 3.42 67.47 18.14
CA LYS BA 124 4.86 67.26 18.17
C LYS BA 124 5.39 66.69 16.85
N ARG BA 125 4.71 67.01 15.76
CA ARG BA 125 5.13 66.60 14.43
C ARG BA 125 5.67 67.82 13.67
N PHE BA 126 6.89 67.73 13.18
CA PHE BA 126 7.57 68.87 12.57
C PHE BA 126 8.09 68.61 11.16
N CYS BA 127 8.14 69.68 10.37
CA CYS BA 127 8.85 69.68 9.10
C CYS BA 127 9.96 70.71 9.17
N LEU BA 128 11.15 70.36 8.70
CA LEU BA 128 12.18 71.37 8.49
C LEU BA 128 11.71 72.24 7.33
N PRO BA 129 12.13 73.51 7.31
CA PRO BA 129 11.55 74.51 6.39
C PRO BA 129 11.53 74.07 4.93
N ASN BA 130 12.56 73.37 4.48
CA ASN BA 130 12.66 72.99 3.07
C ASN BA 130 12.51 71.50 2.82
N SER BA 131 12.01 70.78 3.81
CA SER BA 131 11.67 69.38 3.64
C SER BA 131 10.39 69.30 2.83
N ARG BA 132 10.15 68.18 2.20
CA ARG BA 132 8.90 68.00 1.47
C ARG BA 132 8.26 66.66 1.79
N VAL BA 133 6.97 66.57 1.54
CA VAL BA 133 6.21 65.36 1.82
C VAL BA 133 5.48 64.91 0.56
N MET BA 134 5.34 63.61 0.39
CA MET BA 134 4.53 63.08 -0.69
C MET BA 134 3.62 61.98 -0.18
N ILE BA 135 2.38 61.98 -0.64
CA ILE BA 135 1.44 60.94 -0.25
C ILE BA 135 0.80 60.32 -1.49
N HIS BA 136 0.41 59.06 -1.36
CA HIS BA 136 -0.23 58.35 -2.44
C HIS BA 136 -0.84 57.05 -1.93
N GLN BA 137 -1.35 56.22 -2.83
CA GLN BA 137 -1.98 54.96 -2.44
C GLN BA 137 -1.00 53.80 -2.51
N PRO BA 138 -1.40 52.64 -1.95
CA PRO BA 138 -0.52 51.46 -1.95
C PRO BA 138 -0.17 50.98 -3.36
N LEU BA 139 1.06 50.52 -3.51
CA LEU BA 139 1.51 49.89 -4.74
C LEU BA 139 1.71 48.42 -4.47
N GLY BA 140 1.45 47.58 -5.47
CA GLY BA 140 1.63 46.16 -5.30
C GLY BA 140 1.63 45.46 -6.65
N GLY BA 141 1.33 44.17 -6.62
CA GLY BA 141 1.29 43.38 -7.82
C GLY BA 141 1.24 41.91 -7.46
N TYR BA 142 0.57 41.14 -8.29
CA TYR BA 142 0.51 39.70 -8.11
C TYR BA 142 0.38 39.04 -9.48
N GLN BA 143 0.73 37.76 -9.54
CA GLN BA 143 0.77 37.03 -10.78
C GLN BA 143 0.32 35.60 -10.51
N GLY BA 144 -0.63 35.11 -11.29
CA GLY BA 144 -1.12 33.75 -11.13
C GLY BA 144 -2.56 33.54 -11.57
N GLN BA 145 -3.23 32.59 -10.92
CA GLN BA 145 -4.62 32.27 -11.23
C GLN BA 145 -5.55 33.43 -10.90
N ALA BA 146 -6.62 33.57 -11.69
CA ALA BA 146 -7.61 34.60 -11.46
C ALA BA 146 -8.10 34.61 -10.02
N THR BA 147 -8.36 33.42 -9.49
CA THR BA 147 -8.85 33.29 -8.11
C THR BA 147 -7.89 33.95 -7.13
N ASP BA 148 -6.60 33.69 -7.31
CA ASP BA 148 -5.58 34.23 -6.40
C ASP BA 148 -5.37 35.73 -6.65
N ILE BA 149 -5.49 36.14 -7.90
CA ILE BA 149 -5.42 37.56 -8.23
C ILE BA 149 -6.49 38.32 -7.45
N GLU BA 150 -7.71 37.78 -7.42
CA GLU BA 150 -8.80 38.40 -6.69
CA GLU BA 150 -8.79 38.41 -6.69
C GLU BA 150 -8.50 38.48 -5.19
N ILE BA 151 -7.98 37.38 -4.65
CA ILE BA 151 -7.64 37.32 -3.24
C ILE BA 151 -6.65 38.43 -2.86
N HIS BA 152 -5.59 38.58 -3.65
CA HIS BA 152 -4.57 39.57 -3.33
C HIS BA 152 -5.00 40.99 -3.68
N ALA BA 153 -5.89 41.13 -4.67
CA ALA BA 153 -6.46 42.43 -4.99
C ALA BA 153 -7.31 42.94 -3.83
N ARG BA 154 -8.15 42.05 -3.30
CA ARG BA 154 -8.99 42.41 -2.16
C ARG BA 154 -8.16 42.84 -0.96
N GLU BA 155 -7.05 42.15 -0.71
CA GLU BA 155 -6.19 42.47 0.43
C GLU BA 155 -5.53 43.86 0.30
N ILE BA 156 -5.00 44.18 -0.86
CA ILE BA 156 -4.37 45.48 -1.02
C ILE BA 156 -5.38 46.62 -0.95
N LEU BA 157 -6.61 46.33 -1.39
CA LEU BA 157 -7.68 47.31 -1.29
C LEU BA 157 -8.06 47.53 0.18
N LYS BA 158 -8.04 46.46 0.97
CA LYS BA 158 -8.26 46.56 2.40
C LYS BA 158 -7.17 47.41 3.05
N VAL BA 159 -5.92 47.17 2.64
CA VAL BA 159 -4.80 47.92 3.17
C VAL BA 159 -4.95 49.39 2.81
N LYS BA 160 -5.35 49.64 1.56
CA LYS BA 160 -5.59 51.00 1.10
C LYS BA 160 -6.61 51.71 1.98
N GLY BA 161 -7.71 51.03 2.25
CA GLY BA 161 -8.76 51.57 3.10
C GLY BA 161 -8.27 51.91 4.49
N ARG BA 162 -7.52 50.99 5.10
CA ARG BA 162 -7.01 51.20 6.44
C ARG BA 162 -6.04 52.38 6.49
N MET BA 163 -5.15 52.46 5.51
CA MET BA 163 -4.18 53.54 5.46
C MET BA 163 -4.87 54.89 5.36
N ASN BA 164 -5.91 54.95 4.53
CA ASN BA 164 -6.68 56.18 4.36
C ASN BA 164 -7.44 56.57 5.62
N GLU BA 165 -8.00 55.59 6.31
CA GLU BA 165 -8.68 55.83 7.58
C GLU BA 165 -7.73 56.43 8.60
N LEU BA 166 -6.54 55.86 8.71
CA LEU BA 166 -5.56 56.32 9.69
C LEU BA 166 -4.98 57.67 9.32
N MET BA 167 -4.84 57.93 8.02
CA MET BA 167 -4.39 59.23 7.54
C MET BA 167 -5.43 60.30 7.91
N ALA BA 168 -6.69 60.00 7.67
CA ALA BA 168 -7.77 60.93 8.03
C ALA BA 168 -7.72 61.20 9.53
N LEU BA 169 -7.57 60.13 10.30
CA LEU BA 169 -7.52 60.23 11.76
C LEU BA 169 -6.44 61.20 12.22
N HIS BA 170 -5.23 61.03 11.71
CA HIS BA 170 -4.09 61.81 12.19
C HIS BA 170 -4.00 63.22 11.59
N THR BA 171 -4.54 63.41 10.39
CA THR BA 171 -4.50 64.73 9.75
C THR BA 171 -5.69 65.60 10.16
N GLY BA 172 -6.83 64.97 10.42
CA GLY BA 172 -8.04 65.71 10.71
C GLY BA 172 -8.82 65.98 9.44
N GLN BA 173 -8.30 65.53 8.32
CA GLN BA 173 -9.02 65.60 7.05
C GLN BA 173 -10.10 64.54 7.06
N SER BA 174 -11.14 64.74 6.25
CA SER BA 174 -12.19 63.75 6.13
C SER BA 174 -11.66 62.56 5.34
N LEU BA 175 -12.27 61.39 5.53
CA LEU BA 175 -11.87 60.21 4.79
C LEU BA 175 -12.01 60.42 3.29
N GLU BA 176 -13.13 61.03 2.89
CA GLU BA 176 -13.36 61.33 1.48
C GLU BA 176 -12.26 62.20 0.90
N GLN BA 177 -11.83 63.20 1.67
CA GLN BA 177 -10.78 64.11 1.23
C GLN BA 177 -9.45 63.37 1.06
N ILE BA 178 -9.13 62.53 2.04
CA ILE BA 178 -7.91 61.73 1.99
C ILE BA 178 -7.90 60.83 0.75
N GLU BA 179 -9.04 60.20 0.49
CA GLU BA 179 -9.17 59.31 -0.65
C GLU BA 179 -8.94 60.02 -1.98
N ARG BA 180 -9.55 61.19 -2.13
CA ARG BA 180 -9.41 61.94 -3.37
C ARG BA 180 -7.97 62.41 -3.57
N ASP BA 181 -7.32 62.80 -2.48
CA ASP BA 181 -5.99 63.39 -2.53
C ASP BA 181 -4.86 62.37 -2.69
N THR BA 182 -5.15 61.10 -2.45
CA THR BA 182 -4.11 60.08 -2.50
C THR BA 182 -4.23 59.09 -3.66
N GLU BA 183 -5.21 59.31 -4.53
CA GLU BA 183 -5.35 58.45 -5.71
C GLU BA 183 -4.10 58.53 -6.59
N ARG BA 184 -3.50 59.72 -6.64
CA ARG BA 184 -2.25 59.92 -7.37
C ARG BA 184 -1.24 60.64 -6.50
N ASP BA 185 0.04 60.51 -6.85
CA ASP BA 185 1.11 61.20 -6.14
C ASP BA 185 0.73 62.64 -5.86
N ARG BA 186 0.88 63.04 -4.60
CA ARG BA 186 0.55 64.39 -4.16
C ARG BA 186 1.66 64.95 -3.28
N PHE BA 187 2.34 65.99 -3.76
CA PHE BA 187 3.42 66.60 -3.00
C PHE BA 187 2.91 67.73 -2.13
N LEU BA 188 3.50 67.87 -0.94
CA LEU BA 188 3.23 69.02 -0.08
C LEU BA 188 4.52 69.62 0.45
N SER BA 189 4.66 70.93 0.27
CA SER BA 189 5.76 71.66 0.88
C SER BA 189 5.54 71.65 2.38
N ALA BA 190 6.51 72.15 3.13
CA ALA BA 190 6.39 72.20 4.58
C ALA BA 190 5.17 72.99 5.05
N PRO BA 191 4.99 74.22 4.52
CA PRO BA 191 3.81 75.00 4.89
C PRO BA 191 2.51 74.30 4.52
N GLU BA 192 2.51 73.60 3.37
CA GLU BA 192 1.33 72.89 2.93
C GLU BA 192 1.02 71.70 3.84
N ALA BA 193 2.06 71.03 4.32
CA ALA BA 193 1.89 69.92 5.25
C ALA BA 193 1.23 70.39 6.55
N VAL BA 194 1.65 71.55 7.03
CA VAL BA 194 1.06 72.14 8.23
C VAL BA 194 -0.42 72.44 7.97
N GLU BA 195 -0.68 73.10 6.85
CA GLU BA 195 -2.05 73.45 6.46
C GLU BA 195 -2.93 72.20 6.33
N TYR BA 196 -2.34 71.11 5.89
CA TYR BA 196 -3.09 69.88 5.62
C TYR BA 196 -3.34 69.06 6.88
N GLY BA 197 -2.57 69.35 7.93
CA GLY BA 197 -2.68 68.62 9.18
C GLY BA 197 -1.73 67.45 9.27
N LEU BA 198 -0.85 67.32 8.27
CA LEU BA 198 0.16 66.26 8.26
C LEU BA 198 1.13 66.44 9.41
N VAL BA 199 1.60 67.67 9.60
CA VAL BA 199 2.45 68.01 10.73
C VAL BA 199 1.86 69.23 11.43
N ASP BA 200 2.41 69.56 12.59
CA ASP BA 200 1.86 70.63 13.41
C ASP BA 200 2.53 71.97 13.16
N SER BA 201 3.82 71.96 12.86
CA SER BA 201 4.54 73.21 12.60
C SER BA 201 5.88 73.00 11.89
N ILE BA 202 6.45 74.11 11.43
CA ILE BA 202 7.75 74.12 10.80
C ILE BA 202 8.80 74.49 11.83
N LEU BA 203 9.90 73.75 11.87
CA LEU BA 203 10.99 74.07 12.79
C LEU BA 203 11.78 75.27 12.31
N THR BA 204 11.78 76.32 13.14
CA THR BA 204 12.49 77.55 12.81
C THR BA 204 13.47 77.89 13.91
N HIS BA 205 14.76 77.76 13.63
CA HIS BA 205 15.81 78.02 14.59
C HIS BA 205 15.52 79.21 15.51
N PHE CA 2 6.93 44.75 24.72
CA PHE CA 2 5.57 45.32 24.75
C PHE CA 2 4.88 45.21 26.13
N SER CA 3 5.46 46.03 27.07
CA SER CA 3 4.89 45.94 28.54
C SER CA 3 3.93 47.08 29.15
N PRO CA 4 2.77 47.16 30.01
CA PRO CA 4 2.05 45.89 30.44
C PRO CA 4 1.63 44.69 29.44
N ALA CA 6 3.52 41.05 27.68
CA ALA CA 6 4.45 40.53 26.67
C ALA CA 6 5.84 41.15 26.66
N PHE DA 2 18.93 20.79 25.08
CA PHE DA 2 17.64 20.09 25.25
C PHE DA 2 17.57 19.25 26.55
N SER DA 3 17.41 20.06 27.65
CA SER DA 3 17.44 19.37 29.08
C SER DA 3 16.11 19.28 29.98
N PRO DA 4 15.36 18.29 30.73
CA PRO DA 4 15.89 16.85 30.83
C PRO DA 4 16.39 15.98 29.55
N ALA DA 6 19.94 15.34 27.01
CA ALA DA 6 20.69 15.86 25.85
C ALA DA 6 21.18 17.29 25.97
N PHE EA 2 44.00 14.56 18.02
CA PHE EA 2 43.69 13.13 18.04
C PHE EA 2 44.57 12.33 19.03
N SER EA 3 44.23 12.58 20.34
CA SER EA 3 45.08 11.82 21.44
C SER EA 3 44.48 10.56 22.24
N PRO EA 4 44.88 9.23 22.60
CA PRO EA 4 46.29 8.72 22.26
C PRO EA 4 46.92 8.73 20.77
N ALA EA 6 48.94 11.58 18.11
CA ALA EA 6 48.74 12.69 17.18
C ALA EA 6 48.13 13.96 17.76
N PHE FA 2 63.34 30.81 9.08
CA PHE FA 2 64.19 29.68 8.67
C PHE FA 2 65.57 29.65 9.39
N SER FA 3 65.45 29.30 10.72
CA SER FA 3 66.77 29.27 11.59
C SER FA 3 67.43 27.87 12.03
N PRO FA 4 68.76 27.28 12.12
CA PRO FA 4 69.99 28.00 11.56
C PRO FA 4 70.01 28.77 10.14
N ALA FA 6 68.82 32.56 8.26
CA ALA FA 6 67.71 33.29 7.66
C ALA FA 6 66.50 33.51 8.55
N PHE GA 2 62.11 57.17 4.62
CA PHE GA 2 63.34 57.16 3.82
C PHE GA 2 64.45 58.08 4.40
N SER GA 3 64.98 57.57 5.57
CA SER GA 3 66.08 58.44 6.29
C SER GA 3 67.65 58.07 6.14
N PRO GA 4 68.89 58.71 5.80
CA PRO GA 4 68.95 60.23 5.54
C PRO GA 4 68.04 61.01 4.45
N ALA GA 6 64.10 62.70 4.29
CA ALA GA 6 62.72 62.37 3.97
C ALA GA 6 62.04 61.39 4.90
N PHE HA 2 41.76 74.06 8.65
CA PHE HA 2 42.41 75.10 7.84
C PHE HA 2 42.67 76.41 8.64
N SER HA 3 43.67 76.24 9.56
CA SER HA 3 43.94 77.44 10.54
C SER HA 3 45.33 78.27 10.47
N PRO HA 4 45.76 79.64 10.37
CA PRO HA 4 44.72 80.78 10.44
C PRO HA 4 43.33 80.82 9.61
N ALA HA 6 39.18 79.06 9.71
CA ALA HA 6 38.34 77.89 9.40
C ALA HA 6 38.73 76.60 10.09
N PHE IA 2 17.03 68.45 17.18
CA PHE IA 2 16.55 69.80 16.86
C PHE IA 2 15.96 70.55 18.10
N SER IA 3 16.97 71.01 18.92
CA SER IA 3 16.53 71.88 20.18
C SER IA 3 16.78 73.47 20.22
N PRO IA 4 16.05 74.68 20.56
CA PRO IA 4 14.60 74.56 21.08
C PRO IA 4 13.42 73.74 20.34
N ALA IA 6 12.09 69.54 19.97
CA ALA IA 6 12.31 68.26 19.28
C ALA IA 6 13.65 67.59 19.52
N PHE JA 2 16.95 2.11 -46.98
CA PHE JA 2 17.67 0.85 -46.70
C PHE JA 2 17.07 -0.39 -47.41
N SER JA 3 17.43 -0.44 -48.74
CA SER JA 3 16.86 -1.64 -49.60
C SER JA 3 17.83 -2.82 -50.13
N PRO JA 4 17.91 -4.26 -50.11
CA PRO JA 4 16.76 -5.10 -49.52
C PRO JA 4 16.08 -4.83 -48.06
N ALA JA 6 13.08 -2.11 -46.20
CA ALA JA 6 12.84 -0.81 -45.57
C ALA JA 6 13.13 0.40 -46.45
N PHE KA 2 39.09 14.33 -56.31
CA PHE KA 2 40.54 14.04 -56.32
C PHE KA 2 40.95 12.98 -57.38
N SER KA 3 40.81 13.49 -58.65
CA SER KA 3 41.10 12.50 -59.85
C SER KA 3 42.43 12.66 -60.75
N PRO KA 4 43.53 11.84 -61.20
CA PRO KA 4 43.49 10.32 -60.93
C PRO KA 4 43.28 9.65 -59.46
N ALA KA 6 39.89 8.75 -56.73
CA ALA KA 6 38.97 9.28 -55.74
C ALA KA 6 38.00 10.34 -56.22
N PHE LA 2 42.86 40.43 -61.88
CA PHE LA 2 43.99 41.35 -62.12
C PHE LA 2 44.70 41.10 -63.48
N SER LA 3 43.95 41.50 -64.55
CA SER LA 3 44.59 41.31 -65.98
C SER LA 3 45.17 42.56 -66.81
N PRO LA 4 46.38 42.93 -67.51
CA PRO LA 4 47.48 41.88 -67.70
C PRO LA 4 48.15 41.00 -66.50
N ALA LA 6 47.35 37.42 -64.20
CA ALA LA 6 46.63 36.89 -63.04
C ALA LA 6 45.11 36.98 -63.11
N PHE MA 2 25.62 60.79 -59.99
CA PHE MA 2 25.64 62.25 -59.96
C PHE MA 2 25.98 62.90 -61.32
N SER MA 3 24.92 62.83 -62.21
CA SER MA 3 25.16 63.44 -63.65
C SER MA 3 24.49 64.85 -64.07
N PRO MA 4 24.87 66.09 -64.70
CA PRO MA 4 26.31 66.34 -65.17
C PRO MA 4 27.62 66.03 -64.29
N ALA MA 6 30.23 62.73 -63.04
CA ALA MA 6 30.34 61.65 -62.06
C ALA MA 6 29.26 60.58 -62.12
N PHE NA 2 0.18 60.10 -51.65
CA PHE NA 2 -0.85 61.05 -51.22
C PHE NA 2 -1.43 61.94 -52.35
N SER NA 3 -2.22 61.22 -53.23
CA SER NA 3 -2.90 62.02 -54.42
C SER NA 3 -4.44 62.48 -54.32
N PRO NA 4 -5.26 63.64 -54.56
CA PRO NA 4 -4.64 64.95 -55.08
C PRO NA 4 -3.39 65.70 -54.39
N ALA NA 6 0.98 65.32 -54.11
CA ALA NA 6 2.06 64.57 -53.47
C ALA NA 6 2.16 63.10 -53.82
N PHE OA 2 -13.92 38.99 -43.45
CA PHE OA 2 -15.14 38.73 -42.66
C PHE OA 2 -16.43 39.11 -43.42
N SER OA 3 -16.71 38.21 -44.43
CA SER OA 3 -17.97 38.51 -45.34
C SER OA 3 -19.35 37.71 -45.16
N PRO OA 4 -20.76 37.98 -45.19
CA PRO OA 4 -21.29 39.42 -45.25
C PRO OA 4 -20.70 40.63 -44.35
N ALA OA 6 -17.31 43.42 -44.28
CA ALA OA 6 -15.88 43.54 -43.95
C ALA OA 6 -14.95 42.65 -44.74
N PHE PA 2 -7.04 13.18 -41.23
CA PHE PA 2 -7.42 11.93 -40.55
C PHE PA 2 -8.69 11.27 -41.16
N SER PA 3 -8.41 10.67 -42.38
CA SER PA 3 -9.62 10.06 -43.18
C SER PA 3 -9.84 8.47 -43.27
N PRO PA 4 -10.86 7.48 -43.02
CA PRO PA 4 -12.28 7.91 -42.58
C PRO PA 4 -12.58 8.96 -41.37
N ALA PA 6 -12.66 13.31 -40.59
CA ALA PA 6 -11.85 14.49 -40.26
C ALA PA 6 -10.76 14.85 -41.24
N PHE QA 2 -41.95 4.69 18.32
CA PHE QA 2 -43.42 4.83 18.40
C PHE QA 2 -43.88 6.29 18.67
N SER QA 3 -43.80 7.07 17.54
CA SER QA 3 -44.17 8.59 17.70
C SER QA 3 -45.43 9.26 16.95
N PRO QA 4 -46.41 10.27 17.23
CA PRO QA 4 -46.56 10.83 18.65
C PRO QA 4 -46.50 9.90 19.99
N ALA QA 6 -43.42 8.13 22.77
CA ALA QA 6 -42.44 7.09 23.00
C ALA QA 6 -41.38 6.92 21.93
N PHE RA 2 -20.82 4.56 34.94
CA PHE RA 2 -21.67 4.94 36.09
C PHE RA 2 -21.19 6.24 36.79
N SER RA 3 -21.53 7.36 36.06
CA SER RA 3 -21.12 8.77 36.63
C SER RA 3 -22.23 9.78 37.23
N PRO RA 4 -22.47 10.56 38.41
CA PRO RA 4 -21.43 10.60 39.55
C PRO RA 4 -20.72 9.29 40.18
N ALA RA 6 -17.42 6.45 39.13
CA ALA RA 6 -17.00 5.26 38.40
C ALA RA 6 -17.16 5.32 36.88
N PHE SA 2 3.80 -4.69 29.79
CA PHE SA 2 4.24 -4.60 31.19
C PHE SA 2 5.49 -3.71 31.39
N SER SA 3 5.18 -2.37 31.27
CA SER SA 3 6.34 -1.34 31.54
C SER SA 3 6.35 -0.42 32.87
N PRO SA 4 7.25 -0.06 33.93
CA PRO SA 4 8.71 -0.58 33.90
C PRO SA 4 9.12 -2.13 33.66
N ALA SA 6 9.53 -5.12 30.32
CA ALA SA 6 8.83 -6.05 29.44
C ALA SA 6 7.76 -5.45 28.54
N PHE TA 2 12.87 -15.97 7.32
CA PHE TA 2 14.05 -16.47 8.07
C PHE TA 2 15.38 -15.90 7.53
N SER TA 3 15.55 -14.58 7.88
CA SER TA 3 16.78 -13.82 7.26
C SER TA 3 18.02 -13.35 8.19
N PRO TA 4 19.45 -13.46 8.23
CA PRO TA 4 20.21 -14.13 7.08
C PRO TA 4 19.85 -15.57 6.43
N ALA TA 6 17.01 -17.36 3.48
CA ALA TA 6 15.64 -17.84 3.26
C ALA TA 6 14.53 -16.84 3.54
N PHE UA 2 0.36 -20.74 -16.03
CA PHE UA 2 1.40 -21.69 -16.46
C PHE UA 2 2.09 -21.26 -17.78
N SER UA 3 2.91 -20.16 -17.57
CA SER UA 3 3.51 -19.46 -18.86
C SER UA 3 5.07 -19.64 -19.23
N PRO UA 4 5.89 -19.98 -20.37
CA PRO UA 4 5.26 -20.35 -21.72
C PRO UA 4 4.07 -21.44 -21.91
N ALA UA 6 -0.31 -21.68 -21.60
CA ALA UA 6 -1.43 -21.77 -20.66
C ALA UA 6 -1.52 -20.68 -19.61
N PHE VA 2 -25.30 -15.39 -22.19
CA PHE VA 2 -25.15 -16.28 -23.36
C PHE VA 2 -25.42 -15.57 -24.71
N SER VA 3 -24.43 -14.64 -24.99
CA SER VA 3 -24.67 -13.78 -26.30
C SER VA 3 -23.86 -14.10 -27.65
N PRO VA 4 -24.15 -14.35 -29.04
CA PRO VA 4 -25.58 -14.15 -29.57
C PRO VA 4 -26.91 -14.82 -28.95
N ALA VA 6 -29.64 -14.01 -25.65
CA ALA VA 6 -29.89 -14.27 -24.24
C ALA VA 6 -28.91 -13.64 -23.26
N PHE WA 2 -19.89 -66.73 56.76
CA PHE WA 2 -18.64 -66.47 57.51
C PHE WA 2 -18.60 -67.17 58.90
N SER WA 3 -18.44 -68.54 58.76
CA SER WA 3 -18.51 -69.41 60.08
C SER WA 3 -17.16 -69.89 60.81
N PRO WA 4 -16.51 -69.82 62.09
CA PRO WA 4 -17.23 -69.23 63.31
C PRO WA 4 -17.81 -67.72 63.42
N ALA WA 6 -21.38 -65.51 62.19
CA ALA WA 6 -22.04 -64.89 61.05
C ALA WA 6 -22.37 -65.80 59.89
N PHE XA 2 -5.80 -78.23 36.82
CA PHE XA 2 -4.39 -78.44 36.41
C PHE XA 2 -3.65 -79.43 37.33
N SER XA 3 -3.92 -80.75 37.02
CA SER XA 3 -3.26 -81.85 37.94
C SER XA 3 -2.08 -82.81 37.40
N PRO XA 4 -0.87 -83.41 37.88
CA PRO XA 4 -0.28 -83.00 39.24
C PRO XA 4 -0.14 -81.46 39.74
N ALA XA 6 -2.73 -78.43 41.63
CA ALA XA 6 -3.73 -77.39 41.39
C ALA XA 6 -5.06 -77.86 40.83
N PHE YA 2 -14.44 -84.52 12.38
CA PHE YA 2 -13.90 -84.74 11.03
C PHE YA 2 -13.23 -86.14 10.85
N SER YA 3 -14.17 -87.16 10.74
CA SER YA 3 -13.62 -88.65 10.77
C SER YA 3 -13.54 -89.52 9.41
N PRO YA 4 -12.63 -90.40 8.70
CA PRO YA 4 -11.21 -90.68 9.23
C PRO YA 4 -10.18 -89.52 9.68
N ALA YA 6 -9.53 -86.93 13.10
CA ALA YA 6 -9.97 -85.71 13.79
C ALA YA 6 -11.41 -85.70 14.28
N PHE ZA 2 -38.77 -81.48 1.55
CA PHE ZA 2 -39.31 -81.62 0.19
C PHE ZA 2 -39.31 -83.07 -0.35
N SER ZA 3 -40.32 -83.82 0.20
CA SER ZA 3 -40.48 -85.32 -0.28
C SER ZA 3 -41.75 -85.77 -1.16
N PRO ZA 4 -42.02 -86.46 -2.40
CA PRO ZA 4 -40.85 -87.06 -3.22
C PRO ZA 4 -39.50 -86.26 -3.62
N ALA ZA 6 -35.63 -85.19 -1.84
CA ALA ZA 6 -34.92 -84.23 -0.99
C ALA ZA 6 -35.45 -84.10 0.43
N PHE AB 2 -60.79 -71.16 12.45
CA PHE AB 2 -62.05 -70.52 12.06
C PHE AB 2 -63.12 -71.54 11.59
N SER AB 3 -63.51 -72.36 12.63
CA SER AB 3 -64.55 -73.52 12.31
C SER AB 3 -66.11 -73.31 12.63
N PRO AB 4 -67.38 -73.57 12.00
CA PRO AB 4 -67.45 -74.07 10.55
C PRO AB 4 -66.53 -73.47 9.35
N ALA AB 6 -62.46 -73.67 7.60
CA ALA AB 6 -61.07 -73.22 7.74
C ALA AB 6 -60.40 -73.49 9.07
N PHE BB 2 -63.35 -60.84 37.16
CA PHE BB 2 -64.25 -59.97 37.94
C PHE BB 2 -65.60 -60.64 38.28
N SER BB 3 -65.50 -61.55 39.32
CA SER BB 3 -66.81 -62.34 39.70
C SER BB 3 -67.56 -62.13 41.11
N PRO BB 4 -68.92 -62.03 41.60
CA PRO BB 4 -70.10 -62.04 40.62
C PRO BB 4 -70.12 -61.22 39.22
N ALA BB 6 -68.65 -61.52 34.98
CA ALA BB 6 -67.53 -61.37 34.06
C ALA BB 6 -66.31 -62.21 34.38
N PHE CB 2 -45.75 -58.92 56.92
CA PHE CB 2 -45.45 -58.18 58.16
C PHE CB 2 -46.27 -58.67 59.36
N SER CB 3 -45.87 -59.93 59.77
CA SER CB 3 -46.75 -60.62 60.89
C SER CB 3 -46.27 -60.56 62.43
N PRO CB 4 -46.77 -60.14 63.72
CA PRO CB 4 -48.25 -59.76 63.91
C PRO CB 4 -49.01 -58.52 63.19
N ALA CB 6 -50.81 -57.73 59.35
CA ALA CB 6 -50.49 -57.46 57.95
C ALA CB 6 -49.75 -58.57 57.21
N PHE DB 2 -44.05 -4.21 -6.83
CA PHE DB 2 -45.09 -4.50 -7.83
C PHE DB 2 -45.83 -3.25 -8.35
N SER DB 3 -45.10 -2.58 -9.32
CA SER DB 3 -45.71 -1.25 -9.93
C SER DB 3 -46.18 -1.18 -11.48
N PRO DB 4 -47.28 -0.66 -12.26
CA PRO DB 4 -48.55 -0.14 -11.58
C PRO DB 4 -49.17 -0.79 -10.23
N ALA DB 6 -48.76 -0.96 -5.79
CA ALA DB 6 -48.07 -1.64 -4.69
C ALA DB 6 -46.56 -1.49 -4.68
#